data_4WZ7
#
_entry.id   4WZ7
#
_cell.length_a   317.740
_cell.length_b   317.740
_cell.length_c   818.970
_cell.angle_alpha   90.00
_cell.angle_beta   90.00
_cell.angle_gamma   120.00
#
_symmetry.space_group_name_H-M   'H 3 2'
#
loop_
_entity.id
_entity.type
_entity.pdbx_description
1 polymer 'NADH-ubiquinone oxidoreductase chain 1'
2 polymer 'NADH dehydrogenase subunit 2'
3 polymer 'NADH-ubiquinone oxidoreductase chain 3'
4 polymer 'NADH-ubiquinone oxidoreductase chain 4'
5 polymer 'NADH-ubiquinone oxidoreductase chain 5'
6 polymer 'NADH-ubiquinone oxidoreductase chain 6'
7 polymer 'NUAM protein'
8 polymer 'NUBM protein'
9 polymer 'NUCM protein'
10 polymer '39-kDa subunit'
11 polymer 'NUGM protein'
12 polymer 'Subunit NUHM of protein NADH:Ubiquinone Oxidoreductase (Complex I)'
13 polymer 'Subunit NUIM of protein NADH:Ubiquinone Oxidoreductase (Complex I)'
14 polymer 'Subunit NUKM of protein NADH:Ubiquinone Oxidoreductase (Complex I)'
15 polymer 'NADH-ubiquinone oxidoreductase chain 4L'
16 polymer 'unknown subunits 1'
17 polymer 'unknown subunits 2'
18 polymer 'unknown subunits'
19 polymer 'unknown subunits'
20 polymer 'unknown subunits'
21 polymer 'unknown subunits'
22 polymer 'unknown subunits'
23 polymer 'unknown subunits'
24 polymer 'unknown subunits'
25 polymer 'unknown subunits'
26 polymer 'unknown subunits'
27 polymer 'unknown subunits'
28 polymer 'unknown subunits'
29 polymer 'unknown subunits'
30 polymer 'unknown subunits'
31 polymer 'unknown subunits'
32 polymer 'unknown subunits'
33 polymer 'unknown subunits'
34 polymer 'unknown subunits'
35 polymer 'unknown subunits'
36 polymer 'unknown subunits'
37 polymer 'unknown subunits'
38 polymer 'unknown subunits'
39 polymer 'unknown subunits'
40 polymer 'unknown subunits'
41 polymer 'unknown subunits'
42 polymer 'unknown subunits'
43 polymer 'unknown subunits'
44 polymer 'unknown subunits'
45 polymer 'unknown subunits'
46 polymer 'unknown subunits'
47 polymer 'unknown subunits'
48 polymer 'unknown subunits'
49 non-polymer 'FE2/S2 (INORGANIC) CLUSTER'
50 non-polymer 'IRON/SULFUR CLUSTER'
#
loop_
_entity_poly.entity_id
_entity_poly.type
_entity_poly.pdbx_seq_one_letter_code
_entity_poly.pdbx_strand_id
1 'polypeptide(L)'
;MIINIVEILIFLVCVLFSVAYLTVAERKTLAYMQRRLGPNFVGYYGLLQAFADAVKLLL(UNK)(UNK)(UNK)(UNK)
(UNK)(UNK)(UNK)(UNK)(UNK)(UNK)(UNK)(UNK)(UNK)(UNK)(UNK)(UNK)(UNK)(UNK)(UNK)(UNK)
(UNK)(UNK)(UNK)(UNK)(UNK)(UNK)(UNK)(UNK)(UNK)(UNK)(UNK)(UNK)(UNK)(UNK)(UNK)(UNK)
(UNK)(UNK)(UNK)(UNK)(UNK)(UNK)(UNK)(UNK)(UNK)(UNK)(UNK)(UNK)(UNK)(UNK)(UNK)(UNK)
(UNK)(UNK)(UNK)(UNK)(UNK)(UNK)(UNK)(UNK)(UNK)SLLGSIRSTAQLISYELILTSIFIIIIMFVSSLNI
TTII(UNK)(UNK)(UNK)(UNK)(UNK)(UNK)(UNK)(UNK)(UNK)(UNK)(UNK)(UNK)(UNK)(UNK)(UNK)
(UNK)FIASVAETARPPFDLTESESELVAGYFTE(UNK)(UNK)(UNK)(UNK)(UNK)(UNK)VFFFLAEYSNIILISA
FNGYLLLGG(UNK)(UNK)(UNK)(UNK)(UNK)(UNK)(UNK)(UNK)(UNK)(UNK)(UNK)(UNK)(UNK)(UNK)
(UNK)(UNK)(UNK)(UNK)(UNK)(UNK)(UNK)(UNK)(UNK)(UNK)(UNK)GLINSSAYAIKLVFLMFSFIWVRAA
(UNK)(UNK)(UNK)(UNK)(UNK)(UNK)DNLINFCWIILLPLLFGIFLIIPSTLYIFDSFPTLI
;
1
2 'polypeptide(L)'
;MLILAIISLITFVSMSKLSDNRAII(UNK)(UNK)(UNK)(UNK)(UNK)(UNK)(UNK)(UNK)(UNK)(UNK)(UNK)
(UNK)(UNK)(UNK)(UNK)(UNK)(UNK)YLLFLNNQTYTVMGELLIFNSFTFYIDMLIYFIMIVISSLYG(UNK)
(UNK)(UNK)(UNK)(UNK)(UNK)(UNK)(UNK)(UNK)(UNK)(UNK)(UNK)(UNK)(UNK)(UNK)(UNK)(UNK)
(UNK)(UNK)(UNK)(UNK)(UNK)(UNK)SNDFITLFVAIELQSYSIYLITAIYNSSYKASKASMLYFFMGGILSILIA
YSINTYYSVLNSYTLHSLDSLIINTLDLNLILIALSLGLLFKIGIAPLHKWLISIYENTPILITIYISLIPKISILSYLV
L(UNK)(UNK)(UNK)(UNK)(UNK)(UNK)(UNK)(UNK)(UNK)(UNK)SILAILTLLVGSVGGLLQIKIKRLLAFSG
LTNAGYMMLLLLLNNNEFSYLYYITQYSISHLAIFMIII(UNK)(UNK)(UNK)(UNK)(UNK)(UNK)(UNK)(UNK)
(UNK)(UNK)(UNK)(UNK)(UNK)(UNK)(UNK)(UNK)(UNK)(UNK)(UNK)(UNK)(UNK)(UNK)(UNK)(UNK)
(UNK)LVLSMAIVVFSFIGIPPLLGFFGKLNILMSILNNGYYFISIVLIVASLISALYYLY(UNK)(UNK)(UNK)
(UNK)(UNK)(UNK)(UNK)(UNK)(UNK)(UNK)(UNK)(UNK)(UNK)(UNK)(UNK)(UNK)(UNK)(UNK)(UNK)
(UNK)(UNK)(UNK)(UNK)(UNK)(UNK)(UNK)(UNK)(UNK)(UNK)(UNK)(UNK)(UNK)(UNK)(UNK)(UNK)
(UNK)(UNK)(UNK)(UNK)(UNK)(UNK)
;
2
3 'polypeptide(L)'
;MNTFIIFIILIPIVGFAL(UNK)(UNK)(UNK)(UNK)(UNK)(UNK)(UNK)(UNK)(UNK)(UNK)(UNK)(UNK)
(UNK)(UNK)(UNK)(UNK)ILVAILFLPFDLEISTLLPYVMSIYLVSNYGFTIVLLFLLILIIGFV(UNK)(UNK)
(UNK)(UNK)(UNK)(UNK)(UNK)(UNK)
;
3
4 'polypeptide(L)'
;(UNK)(UNK)(UNK)(UNK)(UNK)(UNK)(UNK)(UNK)(UNK)(UNK)(UNK)(UNK)(UNK)(UNK)(UNK)(UNK)
(UNK)(UNK)(UNK)(UNK)(UNK)(UNK)(UNK)(UNK)(UNK)(UNK)(UNK)(UNK)(UNK)(UNK)(UNK)(UNK)
(UNK)(UNK)(UNK)(UNK)(UNK)(UNK)(UNK)(UNK)(UNK)(UNK)(UNK)(UNK)(UNK)(UNK)(UNK)(UNK)
(UNK)(UNK)(UNK)(UNK)(UNK)(UNK)(UNK)(UNK)(UNK)(UNK)(UNK)(UNK)(UNK)(UNK)(UNK)(UNK)
(UNK)(UNK)(UNK)(UNK)(UNK)(UNK)(UNK)(UNK)(UNK)(UNK)(UNK)(UNK)(UNK)(UNK)(UNK)(UNK)
(UNK)(UNK)(UNK)(UNK)(UNK)(UNK)(UNK)(UNK)(UNK)(UNK)(UNK)(UNK)(UNK)(UNK)(UNK)(UNK)
(UNK)(UNK)(UNK)(UNK)(UNK)(UNK)(UNK)(UNK)(UNK)(UNK)(UNK)(UNK)(UNK)(UNK)(UNK)(UNK)
(UNK)(UNK)(UNK)(UNK)(UNK)(UNK)(UNK)(UNK)SFYILFEATLPLLFILIHIYGSSDSERASFYVLMFTLSGS
LFMLLSIVVIS(UNK)(UNK)(UNK)(UNK)(UNK)(UNK)(UNK)(UNK)(UNK)(UNK)(UNK)(UNK)(UNK)
(UNK)VLSLDLQTIIWLGLFIAIMVKTPLFPIHVWLPVVHSESPLAGSMILAGLILKLALYAILRLLLPLLCEAQILYTP
MIYIISLLTIILTSLATLRQIDLKVIIAYSSISHMGIAILGVCSNTSLGI(UNK)(UNK)(UNK)(UNK)(UNK)(UNK)
(UNK)(UNK)(UNK)(UNK)(UNK)(UNK)(UNK)(UNK)(UNK)(UNK)(UNK)(UNK)(UNK)(UNK)(UNK)(UNK)
(UNK)(UNK)(UNK)(UNK)(UNK)(UNK)(UNK)(UNK)(UNK)(UNK)(UNK)(UNK)(UNK)(UNK)YKGLTTYMPQ
LATYIIILSFANIGTPLTGNFTGEFLSLQGGFIRNPI(UNK)(UNK)(UNK)(UNK)(UNK)(UNK)(UNK)(UNK)
(UNK)(UNK)(UNK)(UNK)(UNK)(UNK)(UNK)(UNK)(UNK)(UNK)(UNK)(UNK)(UNK)(UNK)(UNK)(UNK)
(UNK)(UNK)(UNK)(UNK)(UNK)(UNK)(UNK)(UNK)(UNK)(UNK)(UNK)(UNK)(UNK)(UNK)(UNK)(UNK)
(UNK)(UNK)FIMNILIISTLIIGICPQIM(UNK)(UNK)(UNK)(UNK)(UNK)(UNK)(UNK)(UNK)(UNK)(UNK)
(UNK)(UNK)(UNK)(UNK)(UNK)
;
4
5 'polypeptide(L)'
;(UNK)(UNK)(UNK)(UNK)(UNK)(UNK)(UNK)(UNK)(UNK)(UNK)(UNK)(UNK)(UNK)(UNK)(UNK)(UNK)
(UNK)(UNK)(UNK)(UNK)(UNK)(UNK)(UNK)(UNK)(UNK)(UNK)(UNK)(UNK)(UNK)(UNK)(UNK)(UNK)
(UNK)(UNK)(UNK)(UNK)(UNK)(UNK)(UNK)(UNK)(UNK)(UNK)(UNK)(UNK)(UNK)(UNK)(UNK)(UNK)
(UNK)(UNK)(UNK)(UNK)(UNK)(UNK)(UNK)(UNK)(UNK)(UNK)(UNK)(UNK)(UNK)(UNK)(UNK)(UNK)
(UNK)(UNK)(UNK)(UNK)(UNK)(UNK)LDINYNFEIDALTITMLLAITTISSMVHIYSIGYMETDPHQVRFFSLLSM
FTFWMIILVTGSNYFVLFVGWEFIGVTSYLLISFWVTRLQAMKSALSAVLMNRFGDAFFVLGLCVIAYVFG(UNK)
(UNK)(UNK)(UNK)(UNK)(UNK)(UNK)(UNK)(UNK)(UNK)(UNK)(UNK)(UNK)TDLLVLIMLALFIAAMAKSA
QFGLHNWLTLAMEGPTPVSSLLHAAT(UNK)(UNK)(UNK)(UNK)(UNK)(UNK)(UNK)(UNK)(UNK)(UNK)
(UNK)(UNK)(UNK)(UNK)(UNK)(UNK)(UNK)(UNK)(UNK)(UNK)(UNK)(UNK)(UNK)(UNK)(UNK)(UNK)
(UNK)(UNK)(UNK)(UNK)(UNK)(UNK)(UNK)(UNK)(UNK)(UNK)(UNK)(UNK)(UNK)(UNK)(UNK)(UNK)
(UNK)(UNK)KRIIALSTMSQLGMMTIAIGLSAYNLALFHLLGHAFFKALLFMSAGSIIHSIL(UNK)(UNK)(UNK)
(UNK)(UNK)(UNK)(UNK)(UNK)(UNK)(UNK)(UNK)(UNK)(UNK)(UNK)(UNK)LPYTYICITIASLSLMAMPG
LTGYYTKDIIIESTYGS(UNK)(UNK)(UNK)(UNK)(UNK)(UNK)(UNK)AYLSAVLTCVYSMKILYLTF(UNK)
(UNK)(UNK)(UNK)(UNK)(UNK)(UNK)(UNK)(UNK)(UNK)(UNK)(UNK)(UNK)(UNK)TLPMFILAIFAMFAG
W(UNK)(UNK)(UNK)(UNK)(UNK)(UNK)(UNK)(UNK)(UNK)(UNK)(UNK)(UNK)(UNK)(UNK)(UNK)
(UNK)(UNK)(UNK)(UNK)(UNK)(UNK)(UNK)(UNK)(UNK)(UNK)(UNK)(UNK)(UNK)(UNK)(UNK)(UNK)
(UNK)(UNK)(UNK)(UNK)(UNK)(UNK)(UNK)(UNK)(UNK)(UNK)(UNK)(UNK)(UNK)(UNK)(UNK)(UNK)
(UNK)(UNK)(UNK)(UNK)(UNK)(UNK)(UNK)(UNK)(UNK)(UNK)(UNK)(UNK)(UNK)(UNK)(UNK)(UNK)
(UNK)(UNK)(UNK)(UNK)(UNK)(UNK)(UNK)(UNK)(UNK)(UNK)(UNK)(UNK)(UNK)(UNK)(UNK)(UNK)
(UNK)(UNK)(UNK)(UNK)(UNK)GLVTSGNIAHHVDKGSLYRLGPVGI(UNK)(UNK)(UNK)(UNK)(UNK)(UNK)
(UNK)(UNK)(UNK)(UNK)(UNK)(UNK)(UNK)(UNK)(UNK)MNSMLILITIVSLLLLVLVMNVNFIIVIPVLISIL
YILF
;
5
6 'polypeptide(L)'
;MMYLTYYFIEITIFLAILCTIFIISAKNPMVSILYMIALFVIAAMYLYLIGLGIFSLLYIMIYIGAIAVLFLFIITLLDI
NSTELSVKSNIRDLPLVLISLIVLTISGLMIYSNDSILINKLLEAFGNDYNTIITQDWFNIENTTLLTTIGNVLLTNNAF
ILLVLAIVLLLGIIGPISITMKHKE
;
6
7 'polypeptide(L)'
;(UNK)(UNK)(UNK)(UNK)(UNK)(UNK)(UNK)(UNK)(UNK)(UNK)(UNK)(UNK)(UNK)(UNK)(UNK)(UNK)
(UNK)(UNK)(UNK)(UNK)(UNK)(UNK)(UNK)(UNK)(UNK)(UNK)(UNK)(UNK)(UNK)(UNK)(UNK)(UNK)
(UNK)C(UNK)(UNK)(UNK)(UNK)LAIAGNC(UNK)(UNK)(UNK)(UNK)(UNK)(UNK)(UNK)(UNK)(UNK)PV
ASCA(UNK)(UNK)(UNK)APGMVV(UNK)(UNK)(UNK)(UNK)(UNK)(UNK)(UNK)(UNK)(UNK)(UNK)(UNK)
ENVMEMMLAAACAACAAGGAC(UNK)(UNK)(UNK)(UNK)(UNK)(UNK)(UNK)(UNK)(UNK)(UNK)(UNK)
(UNK)(UNK)(UNK)(UNK)(UNK)(UNK)(UNK)(UNK)(UNK)(UNK)(UNK)(UNK)(UNK)(UNK)(UNK)(UNK)
(UNK)(UNK)(UNK)(UNK)(UNK)(UNK)(UNK)(UNK)(UNK)CIHCTRCVRFANDIAGA(UNK)(UNK)(UNK)
(UNK)(UNK)(UNK)(UNK)(UNK)(UNK)(UNK)(UNK)(UNK)(UNK)(UNK)(UNK)(UNK)(UNK)(UNK)(UNK)
(UNK)G(UNK)(UNK)(UNK)G(UNK)(UNK)G(UNK)(UNK)(UNK)(UNK)(UNK)C(UNK)(UNK)G(UNK)(UNK)
(UNK)(UNK)(UNK)(UNK)(UNK)(UNK)(UNK)(UNK)(UNK)(UNK)(UNK)(UNK)(UNK)(UNK)(UNK)(UNK)
G(UNK)(UNK)(UNK)(UNK)(UNK)(UNK)(UNK)(UNK)(UNK)VM(UNK)(UNK)(UNK)(UNK)(UNK)(UNK)
(UNK)(UNK)(UNK)(UNK)(UNK)(UNK)(UNK)(UNK)(UNK)(UNK)(UNK)(UNK)(UNK)(UNK)(UNK)(UNK)
(UNK)(UNK)(UNK)(UNK)(UNK)(UNK)(UNK)(UNK)(UNK)(UNK)(UNK)(UNK)(UNK)(UNK)(UNK)(UNK)
(UNK)(UNK)(UNK)(UNK)(UNK)(UNK)(UNK)(UNK)(UNK)(UNK)(UNK)(UNK)(UNK)(UNK)(UNK)(UNK)
(UNK)(UNK)(UNK)G(UNK)(UNK)(UNK)(UNK)(UNK)(UNK)(UNK)(UNK)(UNK)(UNK)(UNK)(UNK)
(UNK)(UNK)(UNK)(UNK)(UNK)(UNK)(UNK)(UNK)(UNK)(UNK)(UNK)(UNK)(UNK)(UNK)(UNK)(UNK)
(UNK)(UNK)(UNK)(UNK)(UNK)(UNK)(UNK)(UNK)(UNK)(UNK)(UNK)(UNK)(UNK)(UNK)(UNK)(UNK)
(UNK)(UNK)(UNK)(UNK)(UNK)(UNK)(UNK)(UNK)(UNK)(UNK)(UNK)(UNK)(UNK)(UNK)(UNK)(UNK)
(UNK)(UNK)(UNK)(UNK)(UNK)(UNK)(UNK)(UNK)(UNK)(UNK)(UNK)(UNK)(UNK)(UNK)(UNK)(UNK)
(UNK)(UNK)(UNK)(UNK)(UNK)(UNK)(UNK)(UNK)(UNK)(UNK)(UNK)(UNK)(UNK)(UNK)(UNK)(UNK)
(UNK)(UNK)(UNK)(UNK)(UNK)(UNK)(UNK)(UNK)(UNK)(UNK)(UNK)(UNK)(UNK)(UNK)(UNK)(UNK)
(UNK)(UNK)(UNK)(UNK)(UNK)(UNK)(UNK)(UNK)(UNK)(UNK)(UNK)(UNK)(UNK)(UNK)(UNK)(UNK)
(UNK)(UNK)(UNK)(UNK)(UNK)(UNK)(UNK)(UNK)(UNK)(UNK)(UNK)(UNK)(UNK)(UNK)(UNK)(UNK)
(UNK)(UNK)(UNK)(UNK)(UNK)(UNK)(UNK)(UNK)(UNK)(UNK)(UNK)(UNK)(UNK)(UNK)(UNK)(UNK)
(UNK)(UNK)(UNK)(UNK)(UNK)(UNK)(UNK)(UNK)(UNK)(UNK)(UNK)(UNK)(UNK)(UNK)(UNK)(UNK)
(UNK)(UNK)(UNK)(UNK)(UNK)(UNK)(UNK)(UNK)(UNK)(UNK)(UNK)(UNK)(UNK)(UNK)(UNK)(UNK)
(UNK)(UNK)(UNK)(UNK)(UNK)(UNK)(UNK)(UNK)(UNK)(UNK)(UNK)(UNK)(UNK)(UNK)(UNK)(UNK)
(UNK)(UNK)(UNK)(UNK)(UNK)(UNK)(UNK)(UNK)(UNK)(UNK)(UNK)(UNK)(UNK)(UNK)(UNK)(UNK)
(UNK)(UNK)(UNK)(UNK)(UNK)(UNK)(UNK)(UNK)(UNK)(UNK)(UNK)(UNK)(UNK)(UNK)(UNK)(UNK)
(UNK)(UNK)(UNK)(UNK)(UNK)(UNK)(UNK)(UNK)(UNK)(UNK)(UNK)(UNK)(UNK)(UNK)(UNK)(UNK)
(UNK)(UNK)(UNK)(UNK)(UNK)(UNK)(UNK)(UNK)(UNK)(UNK)(UNK)(UNK)(UNK)(UNK)(UNK)(UNK)
(UNK)(UNK)(UNK)(UNK)(UNK)(UNK)(UNK)(UNK)(UNK)(UNK)(UNK)(UNK)(UNK)(UNK)(UNK)(UNK)
(UNK)(UNK)(UNK)(UNK)(UNK)(UNK)(UNK)(UNK)(UNK)(UNK)(UNK)(UNK)(UNK)(UNK)(UNK)(UNK)
(UNK)(UNK)(UNK)(UNK)(UNK)(UNK)(UNK)(UNK)(UNK)(UNK)(UNK)(UNK)(UNK)(UNK)(UNK)(UNK)
(UNK)(UNK)(UNK)(UNK)(UNK)(UNK)(UNK)(UNK)(UNK)(UNK)(UNK)(UNK)(UNK)(UNK)(UNK)(UNK)
(UNK)(UNK)(UNK)(UNK)(UNK)(UNK)(UNK)(UNK)(UNK)(UNK)(UNK)(UNK)(UNK)(UNK)(UNK)(UNK)
(UNK)
;
A
8 'polypeptide(L)'
;(UNK)(UNK)(UNK)(UNK)(UNK)(UNK)(UNK)(UNK)(UNK)(UNK)(UNK)(UNK)(UNK)(UNK)(UNK)(UNK)
(UNK)(UNK)(UNK)(UNK)(UNK)(UNK)(UNK)(UNK)(UNK)(UNK)(UNK)(UNK)(UNK)(UNK)(UNK)(UNK)
(UNK)(UNK)(UNK)(UNK)(UNK)(UNK)(UNK)(UNK)(UNK)(UNK)(UNK)(UNK)(UNK)(UNK)PSGLKWSFM
(UNK)(UNK)(UNK)(UNK)(UNK)(UNK)(UNK)(UNK)(UNK)(UNK)(UNK)(UNK)(UNK)(UNK)(UNK)(UNK)
(UNK)(UNK)MRKDPHKLVEGCLLAGRAMNATA(UNK)(UNK)(UNK)(UNK)(UNK)(UNK)(UNK)(UNK)(UNK)
(UNK)(UNK)(UNK)(UNK)(UNK)(UNK)(UNK)(UNK)(UNK)(UNK)(UNK)(UNK)(UNK)(UNK)(UNK)(UNK)
(UNK)(UNK)(UNK)(UNK)(UNK)(UNK)(UNK)(UNK)(UNK)(UNK)(UNK)(UNK)(UNK)(UNK)(UNK)(UNK)
(UNK)(UNK)(UNK)(UNK)(UNK)(UNK)(UNK)(UNK)(UNK)(UNK)(UNK)(UNK)(UNK)(UNK)(UNK)(UNK)
(UNK)(UNK)(UNK)(UNK)(UNK)(UNK)(UNK)(UNK)(UNK)(UNK)(UNK)(UNK)(UNK)(UNK)(UNK)(UNK)
(UNK)(UNK)G(UNK)(UNK)(UNK)(UNK)(UNK)(UNK)(UNK)(UNK)(UNK)(UNK)(UNK)(UNK)(UNK)
(UNK)(UNK)(UNK)(UNK)(UNK)(UNK)(UNK)(UNK)(UNK)(UNK)(UNK)(UNK)(UNK)(UNK)(UNK)(UNK)
(UNK)(UNK)(UNK)(UNK)(UNK)(UNK)(UNK)(UNK)(UNK)(UNK)(UNK)(UNK)(UNK)(UNK)(UNK)(UNK)
(UNK)(UNK)(UNK)(UNK)(UNK)(UNK)(UNK)(UNK)(UNK)(UNK)(UNK)(UNK)(UNK)(UNK)(UNK)(UNK)
(UNK)(UNK)(UNK)(UNK)(UNK)(UNK)(UNK)(UNK)(UNK)(UNK)(UNK)(UNK)(UNK)(UNK)(UNK)(UNK)
(UNK)(UNK)(UNK)(UNK)(UNK)(UNK)(UNK)(UNK)(UNK)(UNK)(UNK)(UNK)(UNK)(UNK)(UNK)(UNK)
(UNK)(UNK)(UNK)(UNK)(UNK)(UNK)(UNK)(UNK)(UNK)(UNK)(UNK)(UNK)(UNK)(UNK)(UNK)(UNK)
(UNK)(UNK)(UNK)(UNK)(UNK)(UNK)(UNK)(UNK)CGQCTPCREGTT(UNK)(UNK)(UNK)(UNK)(UNK)
(UNK)(UNK)(UNK)(UNK)(UNK)(UNK)(UNK)(UNK)(UNK)(UNK)EREIDMLYELTKDIEGHTICALGDAAA
(UNK)(UNK)(UNK)(UNK)(UNK)(UNK)(UNK)(UNK)(UNK)(UNK)(UNK)(UNK)(UNK)(UNK)(UNK)(UNK)
(UNK)(UNK)(UNK)(UNK)(UNK)(UNK)(UNK)(UNK)(UNK)(UNK)(UNK)
;
B
9 'polypeptide(L)'
;ATTALPQDPIPSGALGQKVPHVDESHQDLLFRTSHMVEDLETYDEDSPINTSDANTRIRAFTINFGPQHPAAHGVLRLIL
ELSGEEII(UNK)(UNK)(UNK)(UNK)(UNK)(UNK)(UNK)(UNK)LHRGTEKLIEYKTYMQALPYFDRLDYVSMMTN
EQVFSLAVEKLLNVEVPLRGKYIRTMFGEITRVLNHLMSVCSHAMDVGALTPFLWGFEEREKLMEFYERVSGARLHAAYV
RPGGVSQDLPAGLLDDIYMWATQFGDRLDEIEELLTDNRIWKLRTVNIGTVTAQDALNLGLSGPMLRGSGIPFDIRKNAP
YDAYDKVDFDVPVGMNGDCYDRYLIRMAEFRQSLRIIEQCCNDMPAGAVKVEDFKINSPPRNLMKEDMEALIHHFLLYTK
GYSVPPGETYTAIEAPKGEMGVYVVSDGSERPYKCKIRAPGFAHLGAFDHIARGHFLPDAVAIIGTMDLVFGEVDR
;
C
10 'polypeptide(L)'
;(UNK)(UNK)(UNK)(UNK)(UNK)(UNK)(UNK)(UNK)(UNK)(UNK)(UNK)(UNK)(UNK)(UNK)(UNK)(UNK)
(UNK)(UNK)(UNK)(UNK)(UNK)(UNK)(UNK)(UNK)(UNK)(UNK)(UNK)(UNK)(UNK)(UNK)(UNK)(UNK)
(UNK)(UNK)(UNK)(UNK)(UNK)(UNK)(UNK)(UNK)(UNK)(UNK)(UNK)(UNK)(UNK)(UNK)(UNK)(UNK)
(UNK)(UNK)(UNK)(UNK)(UNK)(UNK)(UNK)(UNK)(UNK)(UNK)(UNK)(UNK)(UNK)(UNK)(UNK)(UNK)
(UNK)(UNK)(UNK)(UNK)(UNK)(UNK)(UNK)(UNK)(UNK)(UNK)(UNK)(UNK)(UNK)(UNK)(UNK)(UNK)
(UNK)(UNK)(UNK)(UNK)(UNK)(UNK)(UNK)(UNK)(UNK)(UNK)(UNK)(UNK)(UNK)(UNK)(UNK)(UNK)
(UNK)(UNK)(UNK)(UNK)(UNK)(UNK)(UNK)(UNK)(UNK)(UNK)(UNK)(UNK)(UNK)(UNK)(UNK)(UNK)
(UNK)(UNK)(UNK)(UNK)(UNK)(UNK)(UNK)(UNK)(UNK)(UNK)(UNK)(UNK)(UNK)(UNK)(UNK)(UNK)
(UNK)(UNK)(UNK)(UNK)(UNK)(UNK)(UNK)(UNK)(UNK)(UNK)(UNK)(UNK)(UNK)(UNK)(UNK)(UNK)
(UNK)(UNK)(UNK)(UNK)(UNK)(UNK)(UNK)(UNK)(UNK)(UNK)(UNK)(UNK)(UNK)(UNK)(UNK)(UNK)
(UNK)(UNK)(UNK)(UNK)(UNK)(UNK)(UNK)(UNK)(UNK)(UNK)(UNK)(UNK)(UNK)(UNK)(UNK)(UNK)
(UNK)(UNK)(UNK)(UNK)(UNK)(UNK)(UNK)(UNK)(UNK)(UNK)(UNK)(UNK)(UNK)(UNK)(UNK)(UNK)
(UNK)(UNK)(UNK)
;
E
11 'polypeptide(L)'
;(UNK)(UNK)(UNK)HQYAKYIMAALPKYIQGFS(UNK)(UNK)(UNK)(UNK)(UNK)(UNK)(UNK)(UNK)(UNK)
(UNK)(UNK)(UNK)(UNK)(UNK)(UNK)(UNK)(UNK)(UNK)(UNK)(UNK)(UNK)(UNK)(UNK)(UNK)(UNK)
(UNK)(UNK)(UNK)(UNK)(UNK)(UNK)(UNK)(UNK)(UNK)(UNK)(UNK)(UNK)(UNK)(UNK)(UNK)(UNK)
(UNK)(UNK)(UNK)(UNK)(UNK)(UNK)(UNK)(UNK)(UNK)(UNK)(UNK)(UNK)(UNK)(UNK)(UNK)(UNK)
(UNK)(UNK)(UNK)(UNK)(UNK)(UNK)(UNK)TPVPSITCLYEGANWFEREAYDMYGVFFEGHPDLRRIMTDYGFEG
HP
;
G
12 'polypeptide(L)'
;(UNK)(UNK)(UNK)(UNK)(UNK)(UNK)(UNK)(UNK)(UNK)(UNK)(UNK)(UNK)(UNK)(UNK)(UNK)(UNK)
(UNK)(UNK)(UNK)(UNK)(UNK)(UNK)(UNK)(UNK)M(UNK)(UNK)(UNK)(UNK)(UNK)(UNK)(UNK)
(UNK)(UNK)(UNK)(UNK)(UNK)(UNK)(UNK)(UNK)(UNK)(UNK)(UNK)(UNK)(UNK)(UNK)(UNK)(UNK)
(UNK)(UNK)(UNK)(UNK)(UNK)(UNK)(UNK)(UNK)(UNK)(UNK)(UNK)(UNK)(UNK)(UNK)(UNK)(UNK)
CTTTPCQLCGSDGIMEAVQ(UNK)(UNK)(UNK)G(UNK)G(UNK)G(UNK)(UNK)(UNK)(UNK)(UNK)G(UNK)
(UNK)(UNK)(UNK)(UNK)(UNK)C(UNK)GAC(UNK)(UNK)(UNK)(UNK)(UNK)(UNK)(UNK)(UNK)(UNK)
(UNK)(UNK)(UNK)(UNK)(UNK)(UNK)(UNK)(UNK)(UNK)(UNK)(UNK)(UNK)G(UNK)(UNK)(UNK)G
(UNK)(UNK)(UNK)(UNK)(UNK)(UNK)(UNK)(UNK)(UNK)G(UNK)(UNK)(UNK)(UNK)(UNK)(UNK)
(UNK)(UNK)(UNK)(UNK)
;
H
13 'polypeptide(L)'
;(UNK)(UNK)(UNK)(UNK)(UNK)(UNK)FLLAEMFRGLY(UNK)(UNK)(UNK)(UNK)(UNK)(UNK)(UNK)
(UNK)(UNK)(UNK)(UNK)(UNK)(UNK)(UNK)(UNK)(UNK)(UNK)(UNK)(UNK)(UNK)(UNK)(UNK)(UNK)
(UNK)CIACKLCEAICPALA(UNK)(UNK)(UNK)(UNK)(UNK)(UNK)(UNK)(UNK)(UNK)(UNK)(UNK)TTKYD
IDMTKCIYCGYCQESCPVDAIVETPNVEYATET(UNK)(UNK)(UNK)(UNK)(UNK)(UNK)(UNK)(UNK)(UNK)
(UNK)(UNK)(UNK)(UNK)(UNK)(UNK)(UNK)(UNK)(UNK)(UNK)(UNK)(UNK)(UNK)(UNK)(UNK)(UNK)
(UNK)(UNK)(UNK)(UNK)(UNK)(UNK)(UNK)
;
I
14 'polypeptide(L)'
;SAPAGTPRVSSSSMPTDFPLPSQQKPNSAVDYTLTTLDAVANWARQGSFWPVTFGLACCAVEMMHVSAPRYDQDRLGIIF
RASPRQSDIMIVAGTLTNKMAPVLRQVYDQMPEPRWVISMGSCANGGGYYHFSYSVVRGCDRIVPVDVYVPGCPPTSEAL
MYGVFQLQRKMRNTKITRMWYRK
;
K
15 'polypeptide(L)'
;MFIGTIILVLSFLGFVFNRRNIILAFICLETMLLGINLILLRNSVLFDDISGSLFAIVIIILAGVESAIGLSLLVSYYRL
RGVINSYGI
;
L
16 'polypeptide(L)'
;(UNK)(UNK)(UNK)(UNK)(UNK)(UNK)(UNK)(UNK)(UNK)(UNK)(UNK)(UNK)(UNK)(UNK)(UNK)(UNK)
(UNK)(UNK)(UNK)(UNK)(UNK)(UNK)(UNK)(UNK)(UNK)(UNK)(UNK)(UNK)(UNK)(UNK)(UNK)(UNK)
(UNK)(UNK)(UNK)(UNK)(UNK)(UNK)(UNK)(UNK)(UNK)(UNK)(UNK)(UNK)(UNK)(UNK)(UNK)(UNK)
(UNK)(UNK)(UNK)(UNK)(UNK)(UNK)(UNK)(UNK)(UNK)
;
Z,D
17 'polypeptide(L)'
;(UNK)(UNK)(UNK)(UNK)(UNK)(UNK)(UNK)(UNK)(UNK)(UNK)(UNK)(UNK)(UNK)(UNK)(UNK)(UNK)
(UNK)(UNK)(UNK)(UNK)(UNK)(UNK)(UNK)(UNK)(UNK)(UNK)(UNK)(UNK)(UNK)(UNK)(UNK)(UNK)
(UNK)(UNK)(UNK)(UNK)(UNK)(UNK)(UNK)(UNK)(UNK)(UNK)(UNK)(UNK)(UNK)(UNK)(UNK)(UNK)
(UNK)(UNK)(UNK)(UNK)(UNK)(UNK)
;
F
18 'polypeptide(L)'
;(UNK)(UNK)(UNK)(UNK)(UNK)(UNK)(UNK)(UNK)(UNK)(UNK)(UNK)(UNK)(UNK)(UNK)(UNK)(UNK)
(UNK)(UNK)(UNK)(UNK)(UNK)(UNK)(UNK)(UNK)(UNK)(UNK)(UNK)(UNK)(UNK)(UNK)(UNK)(UNK)
(UNK)(UNK)(UNK)(UNK)(UNK)(UNK)(UNK)(UNK)(UNK)(UNK)(UNK)(UNK)(UNK)(UNK)(UNK)(UNK)
(UNK)(UNK)(UNK)(UNK)(UNK)(UNK)(UNK)(UNK)(UNK)(UNK)(UNK)(UNK)(UNK)(UNK)(UNK)
;
J
19 'polypeptide(L)'
;(UNK)(UNK)(UNK)(UNK)(UNK)(UNK)(UNK)(UNK)(UNK)(UNK)(UNK)(UNK)(UNK)(UNK)(UNK)(UNK)
(UNK)(UNK)(UNK)(UNK)(UNK)(UNK)(UNK)(UNK)(UNK)(UNK)(UNK)(UNK)(UNK)
;
M
20 'polypeptide(L)'
;(UNK)(UNK)(UNK)(UNK)(UNK)(UNK)(UNK)(UNK)(UNK)(UNK)(UNK)(UNK)(UNK)(UNK)(UNK)(UNK)
(UNK)(UNK)(UNK)(UNK)(UNK)(UNK)(UNK)(UNK)(UNK)(UNK)(UNK)(UNK)(UNK)(UNK)(UNK)(UNK)
(UNK)(UNK)(UNK)(UNK)(UNK)(UNK)(UNK)(UNK)(UNK)(UNK)(UNK)(UNK)(UNK)(UNK)(UNK)(UNK)
(UNK)(UNK)
;
N
21 'polypeptide(L)'
;(UNK)(UNK)(UNK)(UNK)(UNK)(UNK)(UNK)(UNK)(UNK)(UNK)(UNK)(UNK)(UNK)(UNK)(UNK)(UNK)
(UNK)(UNK)(UNK)(UNK)(UNK)(UNK)(UNK)(UNK)(UNK)(UNK)(UNK)(UNK)(UNK)(UNK)(UNK)(UNK)
(UNK)(UNK)(UNK)(UNK)(UNK)(UNK)(UNK)(UNK)(UNK)(UNK)(UNK)(UNK)(UNK)(UNK)(UNK)(UNK)
(UNK)(UNK)(UNK)(UNK)(UNK)(UNK)(UNK)(UNK)(UNK)(UNK)(UNK)(UNK)(UNK)(UNK)(UNK)(UNK)
(UNK)(UNK)(UNK)(UNK)(UNK)(UNK)
;
O
22 'polypeptide(L)'
;(UNK)(UNK)(UNK)(UNK)(UNK)(UNK)(UNK)(UNK)(UNK)(UNK)(UNK)(UNK)(UNK)(UNK)(UNK)(UNK)
(UNK)(UNK)(UNK)(UNK)(UNK)(UNK)(UNK)(UNK)(UNK)(UNK)(UNK)(UNK)(UNK)(UNK)(UNK)(UNK)
(UNK)(UNK)(UNK)(UNK)(UNK)(UNK)(UNK)(UNK)(UNK)(UNK)(UNK)(UNK)(UNK)(UNK)
;
P
23 'polypeptide(L)'
;(UNK)(UNK)(UNK)(UNK)(UNK)(UNK)(UNK)(UNK)(UNK)(UNK)(UNK)(UNK)(UNK)(UNK)(UNK)(UNK)
(UNK)(UNK)(UNK)(UNK)(UNK)(UNK)(UNK)(UNK)(UNK)(UNK)(UNK)(UNK)(UNK)(UNK)(UNK)(UNK)
(UNK)(UNK)(UNK)(UNK)(UNK)(UNK)(UNK)(UNK)(UNK)(UNK)(UNK)(UNK)(UNK)(UNK)(UNK)(UNK)
(UNK)(UNK)(UNK)
;
Q
24 'polypeptide(L)'
;(UNK)(UNK)(UNK)(UNK)(UNK)(UNK)(UNK)(UNK)(UNK)(UNK)(UNK)(UNK)(UNK)(UNK)(UNK)(UNK)
(UNK)(UNK)(UNK)(UNK)(UNK)(UNK)(UNK)(UNK)(UNK)(UNK)(UNK)(UNK)(UNK)(UNK)
;
R
25 'polypeptide(L)'
;(UNK)(UNK)(UNK)(UNK)(UNK)(UNK)(UNK)(UNK)(UNK)(UNK)(UNK)(UNK)(UNK)(UNK)(UNK)(UNK)
(UNK)(UNK)(UNK)(UNK)(UNK)(UNK)(UNK)(UNK)(UNK)(UNK)(UNK)(UNK)(UNK)(UNK)(UNK)(UNK)
(UNK)(UNK)(UNK)(UNK)(UNK)(UNK)(UNK)(UNK)(UNK)(UNK)(UNK)(UNK)(UNK)(UNK)(UNK)(UNK)
(UNK)(UNK)(UNK)(UNK)(UNK)(UNK)(UNK)(UNK)(UNK)(UNK)(UNK)(UNK)(UNK)(UNK)(UNK)(UNK)
(UNK)(UNK)(UNK)(UNK)(UNK)
;
S
26 'polypeptide(L)' (UNK)(UNK)(UNK)(UNK)(UNK)(UNK)(UNK)(UNK)(UNK)(UNK)(UNK)(UNK)(UNK)(UNK)(UNK) T,AH
27 'polypeptide(L)'
;(UNK)(UNK)(UNK)(UNK)(UNK)(UNK)(UNK)(UNK)(UNK)(UNK)(UNK)(UNK)(UNK)(UNK)(UNK)(UNK)
(UNK)(UNK)(UNK)(UNK)(UNK)(UNK)(UNK)(UNK)(UNK)(UNK)
;
U
28 'polypeptide(L)'
;(UNK)(UNK)(UNK)(UNK)(UNK)(UNK)(UNK)(UNK)(UNK)(UNK)(UNK)(UNK)(UNK)(UNK)(UNK)(UNK)
(UNK)(UNK)(UNK)(UNK)(UNK)(UNK)
;
V
29 'polypeptide(L)' (UNK)(UNK)(UNK)(UNK)(UNK)(UNK)(UNK)(UNK)(UNK) W,AB,AY,BE
30 'polypeptide(L)' (UNK)(UNK)(UNK)(UNK)(UNK)(UNK)(UNK)(UNK)(UNK)(UNK)(UNK)(UNK)(UNK)(UNK)(UNK)(UNK) X,AJ,AV,BH
31 'polypeptide(L)' (UNK)(UNK)(UNK)(UNK)(UNK)(UNK)(UNK)(UNK)(UNK)(UNK)(UNK)(UNK)(UNK) Y,AR,AT
32 'polypeptide(L)'
;(UNK)(UNK)(UNK)(UNK)(UNK)(UNK)(UNK)(UNK)(UNK)(UNK)(UNK)(UNK)(UNK)(UNK)(UNK)(UNK)
(UNK)(UNK)
;
AA,AW,BB,BG
33 'polypeptide(L)'
;(UNK)(UNK)(UNK)(UNK)(UNK)(UNK)(UNK)(UNK)(UNK)(UNK)(UNK)(UNK)(UNK)(UNK)(UNK)(UNK)
(UNK)(UNK)(UNK)(UNK)(UNK)(UNK)(UNK)(UNK)(UNK)(UNK)(UNK)(UNK)(UNK)(UNK)(UNK)(UNK)
(UNK)(UNK)(UNK)(UNK)(UNK)(UNK)(UNK)(UNK)(UNK)(UNK)(UNK)(UNK)(UNK)(UNK)(UNK)
;
AC,AD
34 'polypeptide(L)'
;(UNK)(UNK)(UNK)(UNK)(UNK)(UNK)(UNK)(UNK)(UNK)(UNK)(UNK)(UNK)(UNK)(UNK)(UNK)(UNK)
(UNK)(UNK)(UNK)(UNK)(UNK)(UNK)(UNK)(UNK)(UNK)(UNK)(UNK)(UNK)(UNK)(UNK)(UNK)(UNK)
(UNK)(UNK)(UNK)(UNK)(UNK)(UNK)(UNK)(UNK)(UNK)(UNK)(UNK)(UNK)(UNK)(UNK)(UNK)(UNK)
;
AE
35 'polypeptide(L)'
;(UNK)(UNK)(UNK)(UNK)(UNK)(UNK)(UNK)(UNK)(UNK)(UNK)(UNK)(UNK)(UNK)(UNK)(UNK)(UNK)
(UNK)(UNK)(UNK)(UNK)(UNK)(UNK)(UNK)(UNK)(UNK)(UNK)(UNK)(UNK)(UNK)(UNK)(UNK)(UNK)
(UNK)(UNK)(UNK)
;
AF
36 'polypeptide(L)'
;(UNK)(UNK)(UNK)(UNK)(UNK)(UNK)(UNK)(UNK)(UNK)(UNK)(UNK)(UNK)(UNK)(UNK)(UNK)(UNK)
(UNK)(UNK)(UNK)(UNK)(UNK)(UNK)(UNK)(UNK)(UNK)
;
AG
37 'polypeptide(L)'
;(UNK)(UNK)(UNK)(UNK)(UNK)(UNK)(UNK)(UNK)(UNK)(UNK)(UNK)(UNK)(UNK)(UNK)(UNK)(UNK)
(UNK)(UNK)(UNK)(UNK)(UNK)(UNK)(UNK)(UNK)(UNK)(UNK)(UNK)(UNK)(UNK)(UNK)(UNK)(UNK)
(UNK)(UNK)(UNK)(UNK)
;
AI,AL
38 'polypeptide(L)'
;(UNK)(UNK)(UNK)(UNK)(UNK)(UNK)(UNK)(UNK)(UNK)(UNK)(UNK)(UNK)(UNK)(UNK)(UNK)(UNK)
(UNK)(UNK)(UNK)(UNK)(UNK)(UNK)(UNK)(UNK)(UNK)(UNK)(UNK)(UNK)(UNK)(UNK)(UNK)(UNK)
(UNK)(UNK)(UNK)(UNK)(UNK)(UNK)(UNK)(UNK)(UNK)(UNK)(UNK)(UNK)(UNK)(UNK)(UNK)(UNK)
(UNK)(UNK)(UNK)(UNK)(UNK)(UNK)(UNK)(UNK)(UNK)(UNK)(UNK)(UNK)(UNK)(UNK)(UNK)(UNK)
(UNK)(UNK)(UNK)(UNK)(UNK)(UNK)(UNK)(UNK)(UNK)(UNK)(UNK)(UNK)
;
AK,AN
39 'polypeptide(L)'
;(UNK)(UNK)(UNK)(UNK)(UNK)(UNK)(UNK)(UNK)(UNK)(UNK)(UNK)(UNK)(UNK)(UNK)(UNK)(UNK)
(UNK)
;
AM
40 'polypeptide(L)'
;(UNK)(UNK)(UNK)(UNK)(UNK)(UNK)(UNK)(UNK)(UNK)(UNK)(UNK)(UNK)(UNK)(UNK)(UNK)(UNK)
(UNK)(UNK)(UNK)(UNK)(UNK)(UNK)(UNK)(UNK)(UNK)(UNK)(UNK)(UNK)(UNK)(UNK)(UNK)(UNK)
;
AO
41 'polypeptide(L)' (UNK)(UNK)(UNK)(UNK)(UNK)(UNK)(UNK)(UNK)(UNK)(UNK)(UNK) AP,AS
42 'polypeptide(L)' (UNK)(UNK)(UNK)(UNK)(UNK)(UNK)(UNK)(UNK) AQ,BA
43 'polypeptide(L)'
;(UNK)(UNK)(UNK)(UNK)(UNK)(UNK)(UNK)(UNK)(UNK)(UNK)(UNK)(UNK)(UNK)(UNK)(UNK)(UNK)
(UNK)(UNK)(UNK)(UNK)(UNK)(UNK)(UNK)(UNK)(UNK)(UNK)(UNK)(UNK)(UNK)(UNK)(UNK)(UNK)
(UNK)(UNK)(UNK)(UNK)(UNK)(UNK)(UNK)(UNK)(UNK)(UNK)(UNK)(UNK)(UNK)(UNK)(UNK)(UNK)
(UNK)(UNK)(UNK)(UNK)(UNK)(UNK)(UNK)(UNK)(UNK)(UNK)
;
AU
44 'polypeptide(L)'
;(UNK)(UNK)(UNK)(UNK)(UNK)(UNK)(UNK)(UNK)(UNK)(UNK)(UNK)(UNK)(UNK)(UNK)(UNK)(UNK)
(UNK)(UNK)(UNK)(UNK)(UNK)(UNK)(UNK)(UNK)(UNK)(UNK)(UNK)(UNK)(UNK)(UNK)(UNK)(UNK)
(UNK)(UNK)(UNK)(UNK)(UNK)(UNK)(UNK)
;
AX
45 'polypeptide(L)'
;(UNK)(UNK)(UNK)(UNK)(UNK)(UNK)(UNK)(UNK)(UNK)(UNK)(UNK)(UNK)(UNK)(UNK)(UNK)(UNK)
(UNK)(UNK)(UNK)(UNK)(UNK)(UNK)(UNK)(UNK)(UNK)(UNK)(UNK)(UNK)(UNK)(UNK)(UNK)(UNK)
(UNK)(UNK)(UNK)(UNK)(UNK)(UNK)(UNK)(UNK)
;
AZ
46 'polypeptide(L)'
;(UNK)(UNK)(UNK)(UNK)(UNK)(UNK)(UNK)(UNK)(UNK)(UNK)(UNK)(UNK)(UNK)(UNK)(UNK)(UNK)
(UNK)(UNK)(UNK)(UNK)
;
BC
47 'polypeptide(L)'
;(UNK)(UNK)(UNK)(UNK)(UNK)(UNK)(UNK)(UNK)(UNK)(UNK)(UNK)(UNK)(UNK)(UNK)(UNK)(UNK)
(UNK)(UNK)(UNK)
;
BD,BF
48 'polypeptide(L)'
;(UNK)(UNK)(UNK)(UNK)(UNK)(UNK)(UNK)(UNK)(UNK)(UNK)(UNK)(UNK)(UNK)(UNK)(UNK)(UNK)
(UNK)(UNK)(UNK)(UNK)(UNK)(UNK)(UNK)(UNK)(UNK)(UNK)(UNK)(UNK)(UNK)(UNK)(UNK)(UNK)
(UNK)(UNK)(UNK)(UNK)(UNK)(UNK)(UNK)(UNK)(UNK)(UNK)(UNK)(UNK)(UNK)(UNK)(UNK)(UNK)
(UNK)(UNK)(UNK)(UNK)(UNK)(UNK)(UNK)(UNK)(UNK)(UNK)(UNK)(UNK)(UNK)(UNK)(UNK)(UNK)
(UNK)(UNK)(UNK)(UNK)(UNK)(UNK)(UNK)(UNK)(UNK)(UNK)(UNK)(UNK)(UNK)(UNK)(UNK)(UNK)
(UNK)(UNK)(UNK)(UNK)(UNK)(UNK)(UNK)(UNK)(UNK)(UNK)(UNK)(UNK)(UNK)(UNK)(UNK)(UNK)
(UNK)(UNK)(UNK)(UNK)(UNK)(UNK)(UNK)(UNK)(UNK)(UNK)(UNK)(UNK)(UNK)(UNK)(UNK)(UNK)
(UNK)(UNK)(UNK)(UNK)(UNK)(UNK)(UNK)(UNK)(UNK)(UNK)(UNK)(UNK)(UNK)(UNK)(UNK)(UNK)
(UNK)(UNK)(UNK)(UNK)(UNK)(UNK)(UNK)(UNK)(UNK)(UNK)(UNK)(UNK)(UNK)(UNK)(UNK)(UNK)
(UNK)(UNK)(UNK)(UNK)(UNK)(UNK)(UNK)(UNK)(UNK)(UNK)(UNK)(UNK)(UNK)(UNK)(UNK)(UNK)
(UNK)(UNK)(UNK)(UNK)(UNK)(UNK)(UNK)(UNK)(UNK)(UNK)(UNK)(UNK)(UNK)(UNK)(UNK)(UNK)
(UNK)(UNK)(UNK)(UNK)(UNK)(UNK)(UNK)(UNK)(UNK)(UNK)(UNK)(UNK)(UNK)(UNK)(UNK)(UNK)
(UNK)(UNK)(UNK)(UNK)(UNK)(UNK)(UNK)(UNK)(UNK)(UNK)(UNK)(UNK)(UNK)(UNK)(UNK)(UNK)
(UNK)(UNK)(UNK)(UNK)(UNK)(UNK)(UNK)(UNK)(UNK)(UNK)(UNK)(UNK)(UNK)(UNK)(UNK)(UNK)
(UNK)(UNK)(UNK)(UNK)(UNK)(UNK)(UNK)(UNK)(UNK)(UNK)(UNK)(UNK)(UNK)(UNK)(UNK)(UNK)
(UNK)(UNK)(UNK)(UNK)(UNK)(UNK)(UNK)(UNK)(UNK)(UNK)(UNK)(UNK)(UNK)(UNK)(UNK)(UNK)
(UNK)(UNK)(UNK)(UNK)(UNK)(UNK)(UNK)(UNK)(UNK)(UNK)(UNK)(UNK)(UNK)(UNK)(UNK)(UNK)
(UNK)(UNK)(UNK)(UNK)(UNK)(UNK)(UNK)(UNK)(UNK)(UNK)(UNK)(UNK)(UNK)(UNK)(UNK)(UNK)
(UNK)(UNK)(UNK)(UNK)(UNK)(UNK)(UNK)(UNK)(UNK)(UNK)(UNK)(UNK)(UNK)(UNK)(UNK)(UNK)
(UNK)(UNK)(UNK)(UNK)(UNK)(UNK)(UNK)(UNK)(UNK)(UNK)(UNK)(UNK)(UNK)(UNK)(UNK)(UNK)
(UNK)(UNK)(UNK)(UNK)(UNK)(UNK)(UNK)(UNK)(UNK)(UNK)(UNK)(UNK)(UNK)(UNK)(UNK)(UNK)
(UNK)(UNK)(UNK)(UNK)(UNK)(UNK)(UNK)(UNK)(UNK)(UNK)(UNK)(UNK)(UNK)(UNK)(UNK)(UNK)
(UNK)(UNK)(UNK)(UNK)(UNK)(UNK)(UNK)(UNK)(UNK)(UNK)(UNK)(UNK)(UNK)(UNK)(UNK)(UNK)
(UNK)(UNK)(UNK)(UNK)(UNK)(UNK)(UNK)(UNK)(UNK)(UNK)(UNK)(UNK)(UNK)(UNK)(UNK)(UNK)
(UNK)(UNK)(UNK)(UNK)(UNK)(UNK)(UNK)(UNK)(UNK)(UNK)(UNK)(UNK)(UNK)(UNK)(UNK)(UNK)
(UNK)(UNK)(UNK)(UNK)(UNK)(UNK)(UNK)(UNK)(UNK)(UNK)(UNK)(UNK)(UNK)(UNK)(UNK)(UNK)
(UNK)(UNK)(UNK)(UNK)(UNK)(UNK)(UNK)(UNK)(UNK)(UNK)(UNK)(UNK)(UNK)(UNK)(UNK)(UNK)
(UNK)(UNK)(UNK)(UNK)(UNK)(UNK)(UNK)(UNK)(UNK)(UNK)(UNK)(UNK)(UNK)(UNK)(UNK)(UNK)
(UNK)(UNK)(UNK)(UNK)(UNK)(UNK)(UNK)(UNK)(UNK)(UNK)(UNK)(UNK)(UNK)(UNK)(UNK)(UNK)
(UNK)(UNK)(UNK)(UNK)(UNK)(UNK)(UNK)(UNK)(UNK)(UNK)(UNK)(UNK)(UNK)(UNK)(UNK)(UNK)
(UNK)(UNK)(UNK)(UNK)(UNK)(UNK)(UNK)(UNK)(UNK)(UNK)(UNK)(UNK)(UNK)(UNK)(UNK)(UNK)
(UNK)(UNK)(UNK)(UNK)(UNK)(UNK)(UNK)(UNK)(UNK)(UNK)(UNK)(UNK)(UNK)(UNK)(UNK)(UNK)
(UNK)(UNK)(UNK)(UNK)(UNK)(UNK)(UNK)(UNK)(UNK)(UNK)(UNK)(UNK)(UNK)(UNK)(UNK)(UNK)
(UNK)(UNK)(UNK)(UNK)(UNK)(UNK)(UNK)(UNK)(UNK)(UNK)(UNK)(UNK)(UNK)(UNK)(UNK)(UNK)
(UNK)(UNK)(UNK)(UNK)(UNK)(UNK)(UNK)(UNK)(UNK)(UNK)(UNK)(UNK)(UNK)(UNK)(UNK)(UNK)
(UNK)(UNK)(UNK)(UNK)(UNK)(UNK)(UNK)(UNK)(UNK)(UNK)(UNK)(UNK)(UNK)(UNK)(UNK)(UNK)
(UNK)(UNK)(UNK)(UNK)(UNK)(UNK)(UNK)(UNK)(UNK)(UNK)(UNK)(UNK)(UNK)(UNK)(UNK)(UNK)
(UNK)(UNK)(UNK)(UNK)(UNK)(UNK)(UNK)(UNK)(UNK)(UNK)(UNK)(UNK)(UNK)(UNK)(UNK)(UNK)
(UNK)(UNK)(UNK)(UNK)(UNK)(UNK)(UNK)(UNK)(UNK)(UNK)(UNK)(UNK)(UNK)(UNK)(UNK)(UNK)
(UNK)(UNK)(UNK)(UNK)(UNK)(UNK)(UNK)(UNK)(UNK)(UNK)(UNK)(UNK)(UNK)(UNK)(UNK)(UNK)
(UNK)(UNK)(UNK)(UNK)(UNK)(UNK)(UNK)(UNK)(UNK)(UNK)(UNK)(UNK)(UNK)(UNK)(UNK)(UNK)
(UNK)(UNK)(UNK)(UNK)(UNK)(UNK)(UNK)(UNK)(UNK)(UNK)(UNK)(UNK)(UNK)(UNK)(UNK)(UNK)
(UNK)(UNK)(UNK)(UNK)(UNK)(UNK)(UNK)(UNK)(UNK)(UNK)(UNK)(UNK)(UNK)(UNK)(UNK)(UNK)
(UNK)(UNK)(UNK)(UNK)(UNK)(UNK)(UNK)(UNK)(UNK)(UNK)(UNK)(UNK)(UNK)(UNK)(UNK)(UNK)
(UNK)(UNK)(UNK)(UNK)(UNK)(UNK)(UNK)(UNK)(UNK)(UNK)(UNK)(UNK)(UNK)(UNK)(UNK)(UNK)
(UNK)(UNK)(UNK)(UNK)(UNK)(UNK)(UNK)(UNK)(UNK)(UNK)(UNK)(UNK)(UNK)(UNK)(UNK)(UNK)
(UNK)(UNK)(UNK)(UNK)(UNK)(UNK)(UNK)(UNK)(UNK)(UNK)(UNK)(UNK)(UNK)(UNK)(UNK)(UNK)
(UNK)(UNK)(UNK)(UNK)(UNK)(UNK)(UNK)(UNK)(UNK)(UNK)(UNK)(UNK)(UNK)(UNK)(UNK)(UNK)
(UNK)(UNK)(UNK)(UNK)(UNK)(UNK)(UNK)(UNK)(UNK)(UNK)(UNK)(UNK)(UNK)(UNK)(UNK)(UNK)
(UNK)(UNK)(UNK)(UNK)(UNK)(UNK)(UNK)(UNK)(UNK)(UNK)(UNK)(UNK)(UNK)(UNK)(UNK)(UNK)
(UNK)(UNK)(UNK)(UNK)(UNK)(UNK)(UNK)(UNK)(UNK)(UNK)(UNK)(UNK)(UNK)(UNK)(UNK)(UNK)
(UNK)(UNK)(UNK)(UNK)(UNK)(UNK)(UNK)(UNK)(UNK)(UNK)(UNK)(UNK)(UNK)(UNK)(UNK)(UNK)
(UNK)(UNK)(UNK)(UNK)(UNK)(UNK)(UNK)(UNK)(UNK)(UNK)(UNK)(UNK)(UNK)(UNK)(UNK)(UNK)
(UNK)(UNK)(UNK)(UNK)(UNK)(UNK)(UNK)(UNK)(UNK)(UNK)(UNK)(UNK)(UNK)(UNK)(UNK)(UNK)
(UNK)(UNK)(UNK)(UNK)(UNK)(UNK)(UNK)(UNK)(UNK)(UNK)(UNK)(UNK)(UNK)(UNK)(UNK)(UNK)
(UNK)(UNK)(UNK)(UNK)(UNK)(UNK)(UNK)(UNK)(UNK)(UNK)(UNK)(UNK)(UNK)(UNK)(UNK)(UNK)
(UNK)(UNK)(UNK)(UNK)(UNK)(UNK)(UNK)(UNK)(UNK)
;
BI
#
loop_
_chem_comp.id
_chem_comp.type
_chem_comp.name
_chem_comp.formula
FES non-polymer 'FE2/S2 (INORGANIC) CLUSTER' 'Fe2 S2'
SF4 non-polymer 'IRON/SULFUR CLUSTER' 'Fe4 S4'
#
# COMPACT_ATOMS: atom_id res chain seq x y z
N ILE A 2 22.75 -57.36 -15.68
CA ILE A 2 23.71 -58.33 -16.21
C ILE A 2 23.10 -58.94 -17.47
N ILE A 3 21.91 -59.49 -17.33
CA ILE A 3 21.08 -60.00 -18.40
C ILE A 3 20.03 -58.93 -18.55
N ASN A 4 19.58 -58.37 -17.41
CA ASN A 4 18.61 -57.29 -17.30
C ASN A 4 19.08 -56.04 -18.06
N ILE A 5 20.42 -55.81 -18.14
CA ILE A 5 21.04 -54.66 -18.83
C ILE A 5 20.68 -54.57 -20.30
N VAL A 6 20.55 -55.72 -20.98
CA VAL A 6 20.13 -55.72 -22.38
C VAL A 6 18.61 -55.48 -22.46
N GLU A 7 17.84 -56.14 -21.59
CA GLU A 7 16.40 -55.99 -21.49
C GLU A 7 15.99 -54.54 -21.25
N ILE A 8 16.69 -53.83 -20.34
CA ILE A 8 16.41 -52.42 -20.06
C ILE A 8 16.85 -51.55 -21.22
N LEU A 9 18.08 -51.75 -21.71
CA LEU A 9 18.68 -51.00 -22.81
C LEU A 9 17.77 -50.94 -24.01
N ILE A 10 17.50 -52.10 -24.68
CA ILE A 10 16.65 -52.24 -25.88
C ILE A 10 15.39 -51.43 -25.74
N PHE A 11 14.68 -51.66 -24.63
CA PHE A 11 13.42 -51.02 -24.32
C PHE A 11 13.54 -49.50 -24.36
N LEU A 12 14.55 -48.99 -23.67
CA LEU A 12 14.75 -47.55 -23.55
C LEU A 12 15.20 -46.94 -24.87
N VAL A 13 16.04 -47.67 -25.60
CA VAL A 13 16.51 -47.22 -26.91
C VAL A 13 15.28 -47.09 -27.81
N CYS A 14 14.36 -48.07 -27.72
CA CYS A 14 13.10 -48.10 -28.46
C CYS A 14 12.26 -46.90 -28.10
N VAL A 15 11.99 -46.74 -26.80
CA VAL A 15 11.18 -45.63 -26.28
C VAL A 15 11.70 -44.30 -26.81
N LEU A 16 13.01 -44.06 -26.66
CA LEU A 16 13.66 -42.85 -27.14
C LEU A 16 13.52 -42.68 -28.65
N PHE A 17 13.67 -43.77 -29.39
CA PHE A 17 13.52 -43.80 -30.85
C PHE A 17 12.12 -43.27 -31.20
N SER A 18 11.08 -43.87 -30.60
CA SER A 18 9.69 -43.50 -30.82
C SER A 18 9.41 -42.07 -30.47
N VAL A 19 9.92 -41.61 -29.32
CA VAL A 19 9.79 -40.22 -28.85
C VAL A 19 10.32 -39.29 -29.94
N ALA A 20 11.54 -39.58 -30.45
CA ALA A 20 12.16 -38.77 -31.49
C ALA A 20 11.33 -38.71 -32.76
N TYR A 21 10.77 -39.86 -33.18
CA TYR A 21 9.98 -39.95 -34.40
C TYR A 21 8.60 -39.34 -34.36
N LEU A 22 7.96 -39.36 -33.19
CA LEU A 22 6.66 -38.82 -32.87
C LEU A 22 6.59 -37.37 -33.24
N THR A 23 7.70 -36.62 -33.13
CA THR A 23 7.75 -35.20 -33.49
C THR A 23 7.39 -35.05 -34.98
N VAL A 24 8.05 -35.90 -35.78
CA VAL A 24 7.87 -35.97 -37.21
C VAL A 24 6.49 -36.52 -37.54
N ALA A 25 5.94 -37.38 -36.67
CA ALA A 25 4.61 -37.93 -36.84
C ALA A 25 3.59 -36.84 -36.76
N GLU A 26 3.58 -36.04 -35.67
CA GLU A 26 2.62 -34.96 -35.50
C GLU A 26 2.71 -34.02 -36.68
N ARG A 27 3.94 -33.81 -37.16
CA ARG A 27 4.16 -32.97 -38.30
C ARG A 27 3.45 -33.50 -39.55
N LYS A 28 3.79 -34.73 -39.93
CA LYS A 28 3.22 -35.31 -41.15
C LYS A 28 1.71 -35.43 -41.08
N THR A 29 1.19 -35.93 -39.96
CA THR A 29 -0.24 -36.13 -39.77
C THR A 29 -1.01 -34.84 -39.95
N LEU A 30 -0.63 -33.79 -39.22
CA LEU A 30 -1.32 -32.51 -39.32
C LEU A 30 -1.23 -31.92 -40.70
N ALA A 31 -0.09 -32.14 -41.38
CA ALA A 31 0.08 -31.65 -42.74
C ALA A 31 -0.91 -32.34 -43.67
N TYR A 32 -1.19 -33.62 -43.44
CA TYR A 32 -2.17 -34.34 -44.25
C TYR A 32 -3.54 -33.74 -44.05
N MET A 33 -3.87 -33.36 -42.81
CA MET A 33 -5.15 -32.73 -42.52
C MET A 33 -5.28 -31.41 -43.29
N GLN A 34 -4.21 -30.59 -43.28
CA GLN A 34 -4.14 -29.26 -43.91
C GLN A 34 -3.97 -29.30 -45.43
N ARG A 35 -3.95 -30.50 -46.04
CA ARG A 35 -3.79 -30.75 -47.48
C ARG A 35 -2.34 -30.61 -47.98
N ARG A 36 -1.39 -30.38 -47.03
CA ARG A 36 0.05 -30.26 -47.24
C ARG A 36 0.86 -31.53 -46.85
N LEU A 37 2.20 -31.46 -46.99
CA LEU A 37 3.15 -32.53 -46.65
C LEU A 37 4.13 -31.99 -45.63
N GLY A 38 4.46 -32.81 -44.63
CA GLY A 38 5.39 -32.43 -43.59
C GLY A 38 6.83 -32.48 -44.06
N PRO A 39 7.74 -33.08 -43.26
CA PRO A 39 9.16 -33.18 -43.67
C PRO A 39 9.34 -33.96 -44.97
N ASN A 40 9.33 -33.25 -46.11
CA ASN A 40 9.41 -33.91 -47.40
C ASN A 40 10.75 -34.55 -47.70
N PHE A 41 11.87 -33.84 -47.48
CA PHE A 41 13.18 -34.43 -47.80
C PHE A 41 13.79 -35.30 -46.71
N VAL A 42 14.27 -34.68 -45.62
CA VAL A 42 15.00 -35.29 -44.50
C VAL A 42 14.68 -36.74 -44.15
N GLY A 43 15.12 -37.64 -45.03
CA GLY A 43 14.94 -39.08 -44.89
C GLY A 43 15.98 -39.85 -45.70
N TYR A 44 15.64 -40.51 -46.84
CA TYR A 44 14.40 -40.73 -47.62
C TYR A 44 13.02 -40.33 -47.03
N TYR A 45 12.22 -41.33 -46.65
CA TYR A 45 10.90 -41.34 -46.00
C TYR A 45 10.56 -39.96 -45.46
N GLY A 46 11.44 -39.47 -44.59
CA GLY A 46 11.35 -38.21 -43.88
C GLY A 46 11.80 -38.48 -42.46
N LEU A 47 12.38 -39.70 -42.27
CA LEU A 47 12.88 -40.28 -41.02
C LEU A 47 13.97 -39.47 -40.34
N LEU A 48 14.81 -38.81 -41.13
CA LEU A 48 15.92 -38.04 -40.59
C LEU A 48 15.67 -36.59 -40.22
N GLN A 49 14.40 -36.17 -40.11
CA GLN A 49 14.03 -34.83 -39.65
C GLN A 49 14.12 -34.79 -38.11
N ALA A 50 13.88 -35.92 -37.43
CA ALA A 50 13.97 -36.02 -35.96
C ALA A 50 15.41 -35.83 -35.48
N PHE A 51 16.33 -36.62 -36.08
CA PHE A 51 17.74 -36.65 -35.77
C PHE A 51 18.43 -35.32 -36.16
N ALA A 52 18.54 -35.03 -37.47
CA ALA A 52 19.21 -33.85 -38.05
C ALA A 52 18.76 -32.48 -37.52
N ASP A 53 17.64 -32.48 -36.79
CA ASP A 53 17.06 -31.30 -36.13
C ASP A 53 17.56 -31.25 -34.68
N ALA A 54 17.45 -32.39 -33.96
CA ALA A 54 17.82 -32.53 -32.56
C ALA A 54 19.31 -32.52 -32.43
N VAL A 55 20.00 -32.74 -33.56
CA VAL A 55 21.45 -32.68 -33.62
C VAL A 55 21.84 -31.20 -33.78
N LYS A 56 21.00 -30.44 -34.47
CA LYS A 56 21.24 -29.03 -34.78
C LYS A 56 21.00 -28.05 -33.64
N LEU A 57 20.37 -28.50 -32.56
CA LEU A 57 20.12 -27.60 -31.45
C LEU A 57 21.26 -27.61 -30.44
N LEU A 58 21.93 -28.77 -30.36
CA LEU A 58 23.07 -29.05 -29.50
C LEU A 58 24.32 -28.36 -30.05
N LEU A 59 24.41 -28.32 -31.38
CA LEU A 59 25.50 -27.68 -32.08
C LEU A 59 25.42 -26.17 -31.94
N UNK A 60 24.18 -25.64 -31.77
CA UNK A 60 23.98 -24.21 -31.53
C UNK A 60 24.73 -23.86 -30.25
N UNK A 61 24.60 -24.69 -29.17
CA UNK A 61 25.32 -24.54 -27.89
C UNK A 61 25.53 -23.09 -27.43
N UNK A 62 24.43 -22.46 -27.01
CA UNK A 62 24.41 -21.08 -26.53
C UNK A 62 25.06 -20.98 -25.14
N UNK A 63 23.74 -15.77 -19.85
CA UNK A 63 22.50 -16.50 -20.16
C UNK A 63 21.26 -15.94 -19.41
N UNK A 64 21.36 -14.66 -18.93
CA UNK A 64 20.37 -13.87 -18.17
C UNK A 64 20.19 -14.37 -16.75
N UNK A 65 20.13 -13.41 -15.82
CA UNK A 65 19.99 -13.60 -14.39
C UNK A 65 18.53 -13.80 -13.95
N UNK A 66 17.58 -13.79 -14.92
CA UNK A 66 16.12 -13.97 -14.76
C UNK A 66 15.73 -15.29 -14.06
N UNK A 67 16.53 -16.33 -14.29
CA UNK A 67 16.46 -17.67 -13.71
C UNK A 67 17.89 -17.86 -13.22
N UNK A 68 18.05 -18.30 -11.96
CA UNK A 68 19.33 -18.51 -11.28
C UNK A 68 20.30 -19.35 -12.10
N UNK A 69 21.52 -18.82 -12.31
CA UNK A 69 22.66 -19.37 -13.05
C UNK A 69 22.56 -20.82 -13.59
N UNK A 70 22.62 -21.84 -12.69
CA UNK A 70 22.53 -23.27 -13.01
C UNK A 70 21.11 -23.85 -12.83
N UNK A 71 20.20 -23.08 -12.17
CA UNK A 71 18.79 -23.46 -11.97
C UNK A 71 18.04 -23.09 -13.24
N UNK A 72 18.69 -22.30 -14.12
CA UNK A 72 18.18 -21.93 -15.43
C UNK A 72 18.17 -23.14 -16.37
N UNK A 73 19.21 -24.01 -16.29
CA UNK A 73 19.33 -25.21 -17.13
C UNK A 73 19.15 -26.48 -16.30
N UNK A 74 18.34 -26.41 -15.25
CA UNK A 74 18.05 -27.52 -14.35
C UNK A 74 16.64 -28.09 -14.48
N UNK A 75 15.62 -27.24 -14.72
CA UNK A 75 14.24 -27.69 -14.93
C UNK A 75 14.18 -28.55 -16.23
N UNK A 76 15.07 -28.26 -17.19
CA UNK A 76 15.25 -29.01 -18.42
C UNK A 76 15.69 -30.43 -18.10
N UNK A 77 16.55 -30.60 -17.07
CA UNK A 77 17.04 -31.90 -16.65
C UNK A 77 15.95 -32.70 -15.93
N UNK A 78 15.23 -32.07 -14.99
CA UNK A 78 14.16 -32.70 -14.19
C UNK A 78 12.94 -33.13 -15.00
N UNK A 79 12.57 -32.35 -16.02
CA UNK A 79 11.44 -32.66 -16.90
C UNK A 79 11.68 -33.97 -17.64
N UNK A 80 12.92 -34.19 -18.13
CA UNK A 80 13.35 -35.41 -18.82
C UNK A 80 13.55 -36.55 -17.82
N UNK A 81 14.21 -36.27 -16.67
CA UNK A 81 14.50 -37.27 -15.62
C UNK A 81 13.21 -37.91 -15.08
N UNK A 82 12.17 -37.08 -14.84
CA UNK A 82 10.84 -37.55 -14.42
C UNK A 82 10.21 -38.43 -15.53
N UNK A 83 10.24 -37.99 -16.80
CA UNK A 83 9.75 -38.77 -17.95
C UNK A 83 10.48 -40.13 -18.08
N UNK A 84 11.78 -40.15 -17.75
CA UNK A 84 12.59 -41.37 -17.81
C UNK A 84 12.03 -42.43 -16.85
N UNK A 85 11.72 -42.04 -15.61
CA UNK A 85 11.19 -42.93 -14.60
C UNK A 85 9.85 -43.54 -14.99
N UNK A 86 8.90 -42.72 -15.49
CA UNK A 86 7.56 -43.17 -15.88
C UNK A 86 7.52 -44.30 -16.91
N UNK A 87 8.50 -44.35 -17.83
CA UNK A 87 8.59 -45.42 -18.83
C UNK A 87 9.18 -46.69 -18.22
N UNK A 88 10.25 -46.54 -17.41
CA UNK A 88 10.96 -47.61 -16.71
C UNK A 88 10.05 -48.31 -15.66
N UNK A 89 9.12 -47.56 -15.06
CA UNK A 89 8.14 -48.04 -14.09
C UNK A 89 7.00 -48.80 -14.81
N UNK A 90 6.99 -48.79 -16.16
CA UNK A 90 6.03 -49.57 -16.93
C UNK A 90 6.56 -51.02 -17.07
N UNK A 91 7.80 -51.20 -17.58
CA UNK A 91 8.49 -52.51 -17.76
C UNK A 91 8.50 -53.34 -16.50
N UNK A 92 9.01 -52.77 -15.40
CA UNK A 92 9.05 -53.47 -14.13
C UNK A 92 7.63 -53.71 -13.62
N UNK A 93 7.44 -54.72 -12.76
CA UNK A 93 6.12 -55.05 -12.21
C UNK A 93 5.64 -54.11 -11.08
N UNK A 94 6.55 -53.85 -10.09
CA UNK A 94 6.31 -53.05 -8.87
C UNK A 94 5.00 -53.41 -8.12
N UNK A 95 5.13 -54.24 -7.06
CA UNK A 95 4.04 -54.75 -6.19
C UNK A 95 2.93 -53.75 -5.79
N UNK A 96 3.29 -52.45 -5.69
CA UNK A 96 2.42 -51.30 -5.42
C UNK A 96 2.70 -50.36 -6.60
N UNK A 97 2.17 -50.68 -7.77
CA UNK A 97 2.49 -49.90 -8.97
C UNK A 97 1.69 -48.65 -9.35
N UNK A 98 0.34 -48.60 -9.18
CA UNK A 98 -0.44 -47.43 -9.61
C UNK A 98 -0.23 -46.15 -8.80
N UNK A 99 0.26 -46.25 -7.55
CA UNK A 99 0.58 -45.09 -6.70
C UNK A 99 2.08 -44.78 -6.74
N UNK A 100 2.80 -45.41 -7.71
CA UNK A 100 4.21 -45.19 -8.07
C UNK A 100 4.18 -44.32 -9.33
N UNK A 101 3.10 -44.50 -10.15
CA UNK A 101 2.80 -43.72 -11.34
C UNK A 101 2.31 -42.37 -10.86
N UNK A 102 1.50 -42.37 -9.78
CA UNK A 102 1.02 -41.15 -9.16
C UNK A 102 2.13 -40.32 -8.47
N UNK A 103 3.25 -40.94 -8.05
CA UNK A 103 4.38 -40.26 -7.39
C UNK A 103 5.19 -39.42 -8.35
N UNK A 104 5.25 -39.87 -9.60
CA UNK A 104 6.02 -39.29 -10.69
C UNK A 104 5.37 -38.05 -11.37
N UNK A 105 4.02 -38.06 -11.49
CA UNK A 105 3.21 -36.97 -12.09
C UNK A 105 2.89 -35.90 -11.05
N UNK A 106 3.19 -36.21 -9.78
CA UNK A 106 3.10 -35.30 -8.67
C UNK A 106 4.38 -34.48 -8.78
N UNK A 107 5.57 -35.18 -8.78
CA UNK A 107 6.95 -34.70 -8.88
C UNK A 107 7.37 -34.06 -10.22
N UNK A 108 6.66 -34.35 -11.32
CA UNK A 108 6.94 -33.78 -12.64
C UNK A 108 6.67 -32.26 -12.66
N UNK A 109 5.44 -31.86 -12.26
CA UNK A 109 4.93 -30.48 -12.14
C UNK A 109 5.86 -29.51 -11.41
N UNK A 110 6.59 -30.00 -10.40
CA UNK A 110 7.57 -29.25 -9.60
C UNK A 110 8.54 -28.46 -10.48
N UNK A 111 8.86 -29.00 -11.66
CA UNK A 111 9.75 -28.35 -12.63
C UNK A 111 9.15 -27.09 -13.29
N UNK A 112 7.81 -26.94 -13.28
CA UNK A 112 7.13 -25.78 -13.82
C UNK A 112 7.26 -24.62 -12.85
N UNK A 113 6.93 -24.84 -11.55
CA UNK A 113 7.06 -23.85 -10.48
C UNK A 113 8.49 -23.33 -10.41
N UNK A 114 9.46 -24.23 -10.71
CA UNK A 114 10.89 -23.96 -10.71
C UNK A 114 11.37 -23.23 -11.98
N UNK A 115 10.96 -23.73 -13.17
CA UNK A 115 11.29 -23.24 -14.52
C UNK A 115 11.66 -21.76 -14.69
N UNK A 116 10.84 -20.86 -14.13
CA UNK A 116 11.08 -19.43 -14.24
C UNK A 116 11.61 -18.79 -12.95
N UNK A 117 11.45 -19.47 -11.82
CA UNK A 117 11.88 -18.98 -10.51
C UNK A 117 13.40 -18.87 -10.40
N UNK A 118 12.72 -12.44 -14.79
CA UNK A 118 11.74 -11.38 -14.98
C UNK A 118 10.57 -11.64 -14.07
N UNK A 119 10.04 -10.60 -13.45
CA UNK A 119 8.91 -10.77 -12.54
C UNK A 119 7.67 -11.35 -13.24
N UNK A 120 7.24 -10.69 -14.32
CA UNK A 120 6.02 -11.01 -15.04
C UNK A 120 6.00 -12.33 -15.78
N SER A 121 7.13 -12.71 -16.37
CA SER A 121 7.25 -13.99 -17.07
C SER A 121 7.01 -15.11 -16.06
N LEU A 122 7.64 -14.99 -14.87
CA LEU A 122 7.51 -15.92 -13.75
C LEU A 122 6.06 -15.98 -13.35
N LEU A 123 5.38 -14.82 -13.37
CA LEU A 123 3.97 -14.81 -13.07
C LEU A 123 3.26 -15.70 -14.07
N GLY A 124 3.62 -15.58 -15.34
CA GLY A 124 3.09 -16.43 -16.38
C GLY A 124 3.36 -17.91 -16.13
N SER A 125 4.52 -18.24 -15.54
CA SER A 125 4.88 -19.63 -15.20
C SER A 125 3.95 -20.20 -14.13
N ILE A 126 3.61 -19.39 -13.10
CA ILE A 126 2.70 -19.73 -12.00
C ILE A 126 1.37 -20.14 -12.57
N ARG A 127 0.89 -19.51 -13.66
CA ARG A 127 -0.39 -19.87 -14.28
C ARG A 127 -0.43 -21.32 -14.74
N SER A 128 0.60 -21.70 -15.50
CA SER A 128 0.75 -23.06 -16.02
C SER A 128 0.94 -24.00 -14.85
N THR A 129 1.66 -23.51 -13.82
CA THR A 129 1.89 -24.27 -12.62
C THR A 129 0.53 -24.63 -12.06
N ALA A 130 -0.37 -23.65 -11.90
CA ALA A 130 -1.73 -23.89 -11.41
C ALA A 130 -2.55 -24.76 -12.35
N GLN A 131 -2.50 -24.47 -13.65
CA GLN A 131 -3.26 -25.14 -14.69
C GLN A 131 -3.05 -26.64 -14.64
N LEU A 132 -1.78 -27.05 -14.60
CA LEU A 132 -1.41 -28.46 -14.55
C LEU A 132 -1.94 -29.13 -13.30
N ILE A 133 -1.85 -28.39 -12.17
CA ILE A 133 -2.21 -28.86 -10.84
C ILE A 133 -3.66 -29.30 -10.73
N SER A 134 -4.54 -28.58 -11.43
CA SER A 134 -5.99 -28.83 -11.49
C SER A 134 -6.33 -30.21 -12.10
N TYR A 135 -5.89 -30.48 -13.35
CA TYR A 135 -6.16 -31.75 -14.05
C TYR A 135 -5.37 -32.90 -13.43
N GLU A 136 -4.21 -32.59 -12.78
CA GLU A 136 -3.46 -33.64 -12.12
C GLU A 136 -4.25 -34.18 -10.97
N LEU A 137 -5.06 -33.33 -10.34
CA LEU A 137 -5.99 -33.75 -9.30
C LEU A 137 -7.13 -34.59 -9.97
N ILE A 138 -7.56 -34.20 -11.19
CA ILE A 138 -8.63 -34.91 -11.90
C ILE A 138 -8.32 -36.36 -12.17
N LEU A 139 -7.15 -36.57 -12.77
CA LEU A 139 -6.65 -37.86 -13.16
C LEU A 139 -6.60 -38.77 -11.96
N THR A 140 -6.11 -38.27 -10.82
CA THR A 140 -6.07 -39.00 -9.54
C THR A 140 -7.45 -39.47 -9.18
N SER A 141 -8.46 -38.59 -9.32
CA SER A 141 -9.85 -38.94 -9.02
C SER A 141 -10.28 -40.14 -9.89
N ILE A 142 -9.84 -40.16 -11.15
CA ILE A 142 -10.15 -41.24 -12.08
C ILE A 142 -9.37 -42.52 -11.76
N PHE A 143 -8.06 -42.39 -11.47
CA PHE A 143 -7.21 -43.51 -11.07
C PHE A 143 -7.97 -44.17 -9.95
N ILE A 144 -8.41 -43.33 -9.01
CA ILE A 144 -9.08 -43.84 -7.86
C ILE A 144 -10.37 -44.56 -8.20
N ILE A 145 -11.16 -44.02 -9.14
CA ILE A 145 -12.37 -44.73 -9.57
C ILE A 145 -12.06 -46.12 -10.15
N ILE A 146 -11.04 -46.22 -11.02
CA ILE A 146 -10.65 -47.50 -11.57
C ILE A 146 -10.12 -48.48 -10.52
N ILE A 147 -9.48 -47.96 -9.46
CA ILE A 147 -9.05 -48.79 -8.33
C ILE A 147 -10.29 -49.26 -7.56
N MET A 148 -11.36 -48.42 -7.44
CA MET A 148 -12.61 -48.81 -6.76
C MET A 148 -13.15 -50.11 -7.39
N PHE A 149 -13.22 -50.13 -8.73
CA PHE A 149 -13.70 -51.26 -9.49
C PHE A 149 -12.77 -52.47 -9.30
N VAL A 150 -11.45 -52.21 -9.23
CA VAL A 150 -10.41 -53.24 -9.06
C VAL A 150 -10.06 -53.59 -7.60
N SER A 151 -9.50 -52.62 -6.82
CA SER A 151 -8.99 -52.67 -5.43
C SER A 151 -7.51 -53.04 -5.33
N SER A 152 -6.98 -53.69 -6.36
CA SER A 152 -5.56 -54.05 -6.40
C SER A 152 -4.72 -52.93 -7.01
N LEU A 153 -3.86 -52.33 -6.19
CA LEU A 153 -3.00 -51.24 -6.56
C LEU A 153 -1.94 -51.57 -7.62
N ASN A 154 -1.48 -52.84 -7.72
CA ASN A 154 -0.47 -53.21 -8.72
C ASN A 154 -1.03 -52.99 -10.13
N ILE A 155 -0.30 -52.21 -10.96
CA ILE A 155 -0.69 -51.87 -12.35
C ILE A 155 -1.06 -53.10 -13.17
N THR A 156 -0.26 -54.17 -13.02
CA THR A 156 -0.42 -55.43 -13.74
C THR A 156 -1.80 -56.03 -13.57
N THR A 157 -2.27 -56.18 -12.32
CA THR A 157 -3.59 -56.71 -11.99
C THR A 157 -4.65 -55.93 -12.73
N ILE A 158 -4.46 -54.59 -12.83
CA ILE A 158 -5.43 -53.79 -13.58
C ILE A 158 -5.30 -54.07 -15.06
N ILE A 159 -4.06 -54.15 -15.58
CA ILE A 159 -3.86 -54.42 -17.01
C ILE A 159 -4.54 -55.77 -17.41
N UNK A 160 -4.30 -56.83 -16.63
CA UNK A 160 -4.83 -58.19 -16.81
C UNK A 160 -6.33 -58.33 -16.52
N UNK A 161 -6.84 -57.61 -15.51
CA UNK A 161 -8.26 -57.66 -15.14
C UNK A 161 -9.21 -57.16 -16.23
N UNK A 162 -8.91 -56.01 -16.84
CA UNK A 162 -9.66 -55.32 -17.90
C UNK A 162 -10.18 -56.32 -18.97
N UNK A 163 -13.44 -58.92 -19.24
CA UNK A 163 -13.69 -58.86 -20.67
C UNK A 163 -14.25 -57.50 -21.14
N UNK A 164 -13.90 -56.40 -20.43
CA UNK A 164 -14.34 -55.03 -20.71
C UNK A 164 -13.46 -53.99 -20.01
N UNK A 165 -13.29 -52.79 -20.60
CA UNK A 165 -12.49 -51.70 -20.01
C UNK A 165 -13.02 -50.29 -20.31
N UNK A 166 -13.11 -49.95 -21.62
CA UNK A 166 -13.57 -48.66 -22.10
C UNK A 166 -14.97 -48.80 -22.67
N UNK A 167 -15.83 -49.47 -21.88
CA UNK A 167 -17.26 -49.64 -22.15
C UNK A 167 -17.99 -48.92 -20.99
N UNK A 168 -17.75 -49.35 -19.74
CA UNK A 168 -18.30 -48.74 -18.54
C UNK A 168 -17.64 -47.39 -18.31
N UNK A 169 -16.32 -47.34 -18.50
CA UNK A 169 -15.53 -46.15 -18.28
C UNK A 169 -15.36 -45.28 -19.52
N UNK A 170 -16.28 -45.33 -20.52
CA UNK A 170 -16.15 -44.51 -21.74
C UNK A 170 -16.20 -43.03 -21.46
N UNK A 171 -17.15 -42.61 -20.60
CA UNK A 171 -17.33 -41.23 -20.19
C UNK A 171 -16.09 -40.78 -19.48
N UNK A 172 -15.63 -41.60 -18.50
CA UNK A 172 -14.44 -41.35 -17.69
C UNK A 172 -13.24 -41.15 -18.59
N UNK A 173 -13.00 -42.06 -19.55
CA UNK A 173 -11.88 -42.01 -20.50
C UNK A 173 -11.93 -40.78 -21.36
N UNK A 174 -13.15 -40.41 -21.80
CA UNK A 174 -13.36 -39.20 -22.58
C UNK A 174 -12.89 -38.01 -21.74
N UNK A 175 -13.22 -38.05 -20.44
CA UNK A 175 -12.78 -37.02 -19.51
C UNK A 175 -11.30 -37.15 -19.24
N PHE A 176 -10.73 -38.35 -19.47
CA PHE A 176 -9.31 -38.54 -19.23
C PHE A 176 -8.53 -37.84 -20.31
N ILE A 177 -8.90 -38.05 -21.57
CA ILE A 177 -8.28 -37.44 -22.74
C ILE A 177 -8.46 -35.91 -22.72
N ALA A 178 -9.65 -35.42 -22.31
CA ALA A 178 -9.92 -33.98 -22.18
C ALA A 178 -8.98 -33.38 -21.14
N SER A 179 -8.59 -34.16 -20.11
CA SER A 179 -7.62 -33.74 -19.09
C SER A 179 -6.19 -34.04 -19.54
N VAL A 180 -5.91 -35.26 -20.04
CA VAL A 180 -4.61 -35.68 -20.56
C VAL A 180 -4.05 -34.71 -21.62
N ALA A 181 -4.92 -34.19 -22.51
CA ALA A 181 -4.53 -33.16 -23.46
C ALA A 181 -4.41 -31.80 -22.75
N GLU A 182 -5.37 -31.45 -21.86
CA GLU A 182 -5.39 -30.20 -21.12
C GLU A 182 -4.18 -30.02 -20.23
N THR A 183 -3.51 -31.11 -19.95
CA THR A 183 -2.30 -31.04 -19.19
C THR A 183 -1.17 -30.53 -20.12
N ALA A 184 -1.25 -30.74 -21.48
CA ALA A 184 -0.17 -30.32 -22.36
C ALA A 184 -0.40 -29.82 -23.79
N ARG A 185 -1.52 -30.14 -24.46
CA ARG A 185 -1.61 -29.70 -25.86
C ARG A 185 -2.45 -28.45 -26.25
N PRO A 186 -3.80 -28.46 -26.53
CA PRO A 186 -4.46 -27.18 -26.88
C PRO A 186 -4.34 -26.06 -25.84
N PRO A 187 -4.58 -26.29 -24.52
CA PRO A 187 -4.42 -25.18 -23.59
C PRO A 187 -2.99 -24.76 -23.42
N PHE A 188 -2.07 -25.70 -23.15
CA PHE A 188 -0.65 -25.44 -22.93
C PHE A 188 -0.01 -24.75 -24.11
N ASP A 189 -0.51 -25.05 -25.33
CA ASP A 189 -0.03 -24.36 -26.50
C ASP A 189 -0.41 -22.88 -26.36
N LEU A 190 -1.66 -22.61 -25.92
CA LEU A 190 -2.12 -21.25 -25.65
C LEU A 190 -1.66 -20.75 -24.26
N THR A 191 -1.56 -21.64 -23.25
CA THR A 191 -1.07 -21.33 -21.90
C THR A 191 0.38 -20.83 -21.94
N GLU A 192 1.18 -21.19 -22.99
CA GLU A 192 2.52 -20.66 -23.26
C GLU A 192 2.44 -19.09 -23.24
N SER A 193 1.35 -18.53 -23.85
CA SER A 193 0.90 -17.13 -23.95
C SER A 193 1.69 -16.21 -24.85
N GLU A 194 3.03 -16.18 -24.67
CA GLU A 194 3.96 -15.31 -25.39
C GLU A 194 3.60 -13.81 -25.39
N SER A 195 3.90 -13.16 -24.24
CA SER A 195 3.60 -11.75 -23.96
C SER A 195 4.72 -10.96 -23.24
N GLU A 196 5.66 -10.34 -23.96
CA GLU A 196 5.87 -10.48 -25.39
C GLU A 196 7.10 -11.36 -25.48
N LEU A 197 7.34 -12.02 -26.62
CA LEU A 197 8.44 -12.96 -26.84
C LEU A 197 8.15 -14.17 -25.95
N VAL A 198 8.22 -13.97 -24.61
CA VAL A 198 8.02 -14.95 -23.52
C VAL A 198 6.85 -15.98 -23.71
N ALA A 199 7.13 -17.23 -24.14
CA ALA A 199 8.45 -17.83 -24.36
C ALA A 199 8.66 -18.43 -25.76
N GLY A 200 8.53 -17.56 -26.77
CA GLY A 200 8.66 -17.93 -28.18
C GLY A 200 7.61 -18.97 -28.53
N TYR A 201 8.08 -20.18 -28.83
CA TYR A 201 7.19 -21.31 -29.03
C TYR A 201 7.00 -22.06 -27.74
N PHE A 202 8.10 -22.28 -26.98
CA PHE A 202 8.06 -22.96 -25.69
C PHE A 202 9.21 -22.56 -24.80
N THR A 203 8.91 -22.33 -23.51
CA THR A 203 9.73 -21.92 -22.35
C THR A 203 11.21 -21.48 -22.56
N GLU A 204 11.40 -20.41 -23.36
CA GLU A 204 12.65 -19.71 -23.68
C GLU A 204 13.81 -20.60 -24.15
N UNK A 205 13.48 -21.82 -24.68
CA UNK A 205 14.30 -22.93 -25.18
C UNK A 205 15.82 -22.85 -24.98
N UNK A 206 16.43 -21.69 -25.39
CA UNK A 206 17.82 -21.26 -25.27
C UNK A 206 18.88 -22.08 -25.99
N UNK A 207 18.60 -23.37 -26.29
CA UNK A 207 19.48 -24.37 -26.92
C UNK A 207 20.68 -24.69 -26.00
N UNK A 208 20.94 -25.97 -25.69
CA UNK A 208 20.22 -27.17 -26.15
C UNK A 208 19.41 -27.86 -25.05
N UNK A 209 18.83 -27.07 -24.15
CA UNK A 209 17.98 -27.55 -23.08
C UNK A 209 16.64 -27.96 -23.69
N UNK A 210 16.30 -27.34 -24.82
CA UNK A 210 15.08 -27.60 -25.58
C UNK A 210 15.02 -29.04 -26.03
N VAL A 211 16.19 -29.65 -26.27
CA VAL A 211 16.29 -31.03 -26.74
C VAL A 211 15.78 -32.07 -25.70
N PHE A 212 15.87 -31.72 -24.41
CA PHE A 212 15.41 -32.56 -23.30
C PHE A 212 13.97 -32.17 -22.91
N PHE A 213 13.53 -30.92 -23.27
CA PHE A 213 12.21 -30.34 -23.00
C PHE A 213 11.16 -31.04 -23.83
N PHE A 214 11.35 -31.01 -25.15
CA PHE A 214 10.49 -31.69 -26.10
C PHE A 214 10.64 -33.18 -25.91
N LEU A 215 11.78 -33.62 -25.33
CA LEU A 215 12.05 -35.01 -24.99
C LEU A 215 11.62 -35.28 -23.52
N ALA A 216 10.48 -34.70 -23.15
CA ALA A 216 9.80 -34.77 -21.87
C ALA A 216 8.36 -34.39 -22.16
N GLU A 217 8.17 -33.65 -23.28
CA GLU A 217 6.88 -33.20 -23.81
C GLU A 217 6.25 -34.42 -24.50
N TYR A 218 6.67 -34.74 -25.75
CA TYR A 218 6.22 -35.90 -26.52
C TYR A 218 6.42 -37.20 -25.76
N SER A 219 7.57 -37.29 -25.07
CA SER A 219 7.89 -38.42 -24.22
C SER A 219 6.83 -38.57 -23.17
N ASN A 220 6.40 -37.46 -22.53
CA ASN A 220 5.34 -37.46 -21.52
C ASN A 220 3.98 -37.14 -22.13
N ILE A 221 3.79 -37.66 -23.32
CA ILE A 221 2.54 -37.64 -24.08
C ILE A 221 2.31 -39.08 -24.51
N ILE A 222 3.40 -39.78 -24.87
CA ILE A 222 3.42 -41.20 -25.24
C ILE A 222 3.18 -42.00 -23.96
N LEU A 223 3.83 -41.59 -22.86
CA LEU A 223 3.66 -42.20 -21.56
C LEU A 223 2.36 -41.73 -20.97
N ILE A 224 2.00 -40.44 -21.16
CA ILE A 224 0.72 -39.96 -20.66
C ILE A 224 -0.49 -40.64 -21.30
N SER A 225 -0.42 -40.96 -22.61
CA SER A 225 -1.51 -41.67 -23.30
C SER A 225 -1.46 -43.18 -22.98
N ALA A 226 -0.25 -43.75 -22.89
CA ALA A 226 -0.04 -45.18 -22.56
C ALA A 226 -0.63 -45.53 -21.21
N PHE A 227 -0.44 -44.64 -20.26
CA PHE A 227 -0.91 -44.69 -18.90
C PHE A 227 -2.42 -44.76 -18.87
N ASN A 228 -3.05 -43.90 -19.68
CA ASN A 228 -4.50 -43.87 -19.86
C ASN A 228 -4.95 -45.19 -20.41
N GLY A 229 -4.15 -45.76 -21.31
CA GLY A 229 -4.45 -47.03 -21.93
C GLY A 229 -4.51 -48.17 -20.93
N TYR A 230 -3.53 -48.25 -20.04
CA TYR A 230 -3.57 -49.35 -19.09
C TYR A 230 -4.70 -49.25 -18.10
N LEU A 231 -5.01 -48.02 -17.66
CA LEU A 231 -6.05 -47.74 -16.71
C LEU A 231 -7.41 -47.96 -17.32
N LEU A 232 -7.70 -47.24 -18.40
CA LEU A 232 -9.03 -47.20 -18.98
C LEU A 232 -9.23 -47.99 -20.21
N LEU A 233 -8.34 -47.85 -21.18
CA LEU A 233 -8.49 -48.53 -22.45
C LEU A 233 -8.07 -50.00 -22.44
N GLY A 234 -8.12 -50.62 -23.62
CA GLY A 234 -7.72 -52.01 -23.81
C GLY A 234 -6.23 -52.17 -23.70
N GLY A 235 -5.77 -52.65 -22.55
CA GLY A 235 -4.36 -52.88 -22.27
C GLY A 235 -3.95 -54.26 -22.75
N UNK A 236 -3.97 -54.47 -24.09
CA UNK A 236 -3.64 -55.69 -24.85
C UNK A 236 -4.74 -56.73 -25.09
N UNK A 237 -4.60 -57.44 -26.26
CA UNK A 237 -5.36 -58.57 -26.82
C UNK A 237 -6.77 -58.43 -27.37
N UNK A 238 -7.13 -59.33 -28.31
CA UNK A 238 -8.44 -59.46 -28.94
C UNK A 238 -9.30 -60.23 -27.92
N UNK A 239 -10.03 -59.50 -27.05
CA UNK A 239 -10.84 -60.07 -25.97
C UNK A 239 -12.08 -60.81 -26.43
N UNK A 240 -12.70 -60.33 -27.52
CA UNK A 240 -13.86 -60.96 -28.13
C UNK A 240 -13.42 -62.34 -28.57
N UNK A 241 -12.20 -62.44 -29.13
CA UNK A 241 -11.63 -63.71 -29.54
C UNK A 241 -11.31 -64.55 -28.30
N UNK A 242 -10.70 -63.95 -27.25
CA UNK A 242 -10.38 -64.64 -25.99
C UNK A 242 -11.64 -65.20 -25.33
N UNK A 243 -12.82 -64.60 -25.66
CA UNK A 243 -14.12 -65.08 -25.20
C UNK A 243 -14.66 -66.18 -26.14
N UNK A 244 -14.44 -66.03 -27.47
CA UNK A 244 -14.94 -66.93 -28.53
C UNK A 244 -14.10 -68.20 -28.75
N UNK A 245 -12.98 -68.36 -28.01
CA UNK A 245 -11.94 -69.40 -28.06
C UNK A 245 -10.82 -69.02 -29.06
N UNK A 246 -10.02 -67.98 -28.65
CA UNK A 246 -8.88 -67.43 -29.39
C UNK A 246 -7.71 -68.38 -29.46
N UNK A 247 -7.61 -69.31 -28.48
CA UNK A 247 -6.58 -70.34 -28.38
C UNK A 247 -6.39 -71.07 -29.72
N UNK A 248 -7.48 -71.41 -30.46
CA UNK A 248 -7.45 -72.03 -31.80
C UNK A 248 -6.18 -71.65 -32.61
N UNK A 249 -5.97 -70.35 -32.89
CA UNK A 249 -4.82 -69.84 -33.64
C UNK A 249 -3.48 -70.09 -32.93
N UNK A 250 -3.42 -69.88 -31.59
CA UNK A 250 -2.22 -70.12 -30.79
C UNK A 250 -1.94 -71.65 -30.69
N UNK A 251 -2.95 -72.47 -30.32
CA UNK A 251 -2.87 -73.94 -30.17
C UNK A 251 -2.63 -74.65 -31.51
N UNK A 252 -3.19 -74.12 -32.60
CA UNK A 252 -2.96 -74.69 -33.93
C UNK A 252 -1.74 -74.03 -34.63
N UNK A 253 -1.12 -72.98 -34.01
CA UNK A 253 0.06 -72.29 -34.59
C UNK A 253 1.25 -73.21 -34.76
N UNK A 254 1.55 -74.03 -33.71
CA UNK A 254 2.57 -75.08 -33.52
C UNK A 254 3.19 -74.97 -32.12
N UNK A 255 4.37 -74.32 -32.01
CA UNK A 255 5.16 -74.03 -30.80
C UNK A 255 6.43 -73.28 -31.19
N UNK A 256 6.77 -72.23 -30.41
CA UNK A 256 7.96 -71.37 -30.57
C UNK A 256 8.11 -70.42 -29.39
N UNK A 257 7.02 -70.25 -28.59
CA UNK A 257 6.90 -69.31 -27.46
C UNK A 257 7.08 -67.84 -27.91
N UNK A 258 6.82 -67.60 -29.20
CA UNK A 258 6.97 -66.31 -29.83
C UNK A 258 5.68 -65.90 -30.52
N UNK A 259 5.60 -64.63 -30.96
CA UNK A 259 4.42 -64.00 -31.56
C UNK A 259 3.27 -63.82 -30.57
N UNK A 260 3.18 -64.64 -29.50
CA UNK A 260 2.17 -64.54 -28.43
C UNK A 260 2.51 -63.34 -27.54
N GLY A 261 3.81 -63.14 -27.29
CA GLY A 261 4.33 -61.99 -26.55
C GLY A 261 4.22 -60.74 -27.39
N LEU A 262 4.32 -60.90 -28.73
CA LEU A 262 4.21 -59.83 -29.70
C LEU A 262 2.81 -59.32 -29.90
N ILE A 263 1.82 -60.20 -30.06
CA ILE A 263 0.42 -59.84 -30.33
C ILE A 263 -0.08 -58.66 -29.48
N ASN A 264 0.13 -58.78 -28.17
CA ASN A 264 -0.24 -57.82 -27.14
C ASN A 264 0.44 -56.46 -27.32
N SER A 265 1.76 -56.47 -27.59
CA SER A 265 2.53 -55.26 -27.81
C SER A 265 2.01 -54.59 -29.06
N SER A 266 1.70 -55.37 -30.12
CA SER A 266 1.16 -54.78 -31.35
C SER A 266 -0.20 -54.13 -31.11
N ALA A 267 -1.02 -54.74 -30.24
CA ALA A 267 -2.33 -54.20 -29.86
C ALA A 267 -2.24 -52.89 -29.06
N TYR A 268 -1.33 -52.85 -28.07
CA TYR A 268 -1.08 -51.67 -27.24
C TYR A 268 -0.50 -50.58 -28.13
N ALA A 269 0.43 -50.95 -29.03
CA ALA A 269 1.01 -50.04 -30.02
C ALA A 269 -0.12 -49.43 -30.80
N ILE A 270 -1.09 -50.24 -31.22
CA ILE A 270 -2.23 -49.73 -31.95
C ILE A 270 -3.07 -48.75 -31.11
N LYS A 271 -3.21 -49.04 -29.81
CA LYS A 271 -3.99 -48.21 -28.91
C LYS A 271 -3.34 -46.83 -28.81
N LEU A 272 -2.05 -46.80 -28.42
CA LEU A 272 -1.29 -45.55 -28.30
C LEU A 272 -1.26 -44.82 -29.60
N VAL A 273 -1.20 -45.55 -30.71
CA VAL A 273 -1.21 -44.94 -32.03
C VAL A 273 -2.48 -44.12 -32.23
N PHE A 274 -3.63 -44.73 -31.91
CA PHE A 274 -4.94 -44.10 -32.03
C PHE A 274 -5.13 -42.94 -31.10
N LEU A 275 -4.71 -43.11 -29.84
CA LEU A 275 -4.78 -42.06 -28.82
C LEU A 275 -3.92 -40.88 -29.29
N MET A 276 -2.73 -41.17 -29.82
CA MET A 276 -1.82 -40.15 -30.36
C MET A 276 -2.49 -39.40 -31.51
N PHE A 277 -3.23 -40.12 -32.38
CA PHE A 277 -3.93 -39.54 -33.53
C PHE A 277 -4.98 -38.57 -33.03
N SER A 278 -5.68 -38.95 -31.95
CA SER A 278 -6.67 -38.11 -31.28
C SER A 278 -5.97 -36.84 -30.85
N PHE A 279 -4.75 -37.01 -30.33
CA PHE A 279 -3.94 -35.89 -29.91
C PHE A 279 -3.53 -35.05 -31.07
N ILE A 280 -3.31 -35.70 -32.22
CA ILE A 280 -2.94 -34.99 -33.45
C ILE A 280 -4.09 -34.08 -33.87
N TRP A 281 -5.31 -34.64 -33.95
CA TRP A 281 -6.46 -33.84 -34.35
C TRP A 281 -6.94 -32.83 -33.32
N VAL A 282 -6.91 -33.15 -32.02
CA VAL A 282 -7.35 -32.21 -30.98
C VAL A 282 -6.52 -30.90 -31.01
N ARG A 283 -5.27 -30.99 -31.48
CA ARG A 283 -4.32 -29.90 -31.69
C ARG A 283 -4.73 -29.16 -32.96
N ALA A 284 -5.31 -29.87 -33.95
CA ALA A 284 -5.79 -29.29 -35.19
C ALA A 284 -7.10 -28.53 -34.95
N ALA A 285 -8.22 -29.24 -34.65
CA ALA A 285 -9.58 -28.71 -34.39
C ALA A 285 -9.61 -27.49 -33.47
N UNK A 286 -8.71 -27.51 -32.47
CA UNK A 286 -8.42 -26.56 -31.40
C UNK A 286 -8.75 -25.07 -31.60
N UNK A 287 -9.02 -24.40 -30.49
CA UNK A 287 -9.31 -22.98 -30.41
C UNK A 287 -8.54 -22.42 -29.18
N UNK A 288 -9.08 -21.40 -28.47
CA UNK A 288 -8.46 -20.73 -27.32
C UNK A 288 -8.29 -21.59 -26.03
N UNK A 289 -7.89 -20.97 -24.89
CA UNK A 289 -7.71 -21.62 -23.58
C UNK A 289 -8.02 -20.63 -22.46
N UNK A 290 -7.58 -19.36 -22.63
CA UNK A 290 -7.72 -18.19 -21.76
C UNK A 290 -7.73 -18.50 -20.29
N UNK A 291 -6.65 -19.16 -19.82
CA UNK A 291 -6.33 -19.66 -18.47
C UNK A 291 -7.45 -19.61 -17.48
N ASP A 292 -8.02 -18.42 -17.20
CA ASP A 292 -9.19 -18.32 -16.34
C ASP A 292 -10.34 -19.15 -16.93
N ASN A 293 -10.45 -19.19 -18.28
CA ASN A 293 -11.44 -19.98 -19.03
C ASN A 293 -11.07 -21.47 -19.10
N LEU A 294 -10.09 -21.95 -18.28
CA LEU A 294 -9.65 -23.35 -18.15
C LEU A 294 -9.70 -23.76 -16.68
N ILE A 295 -9.45 -22.81 -15.78
CA ILE A 295 -9.59 -22.91 -14.33
C ILE A 295 -11.11 -23.11 -14.05
N ASN A 296 -11.98 -22.26 -14.65
CA ASN A 296 -13.45 -22.31 -14.52
C ASN A 296 -13.98 -23.67 -14.98
N PHE A 297 -13.48 -24.17 -16.15
CA PHE A 297 -13.82 -25.45 -16.78
C PHE A 297 -13.56 -26.66 -15.89
N CYS A 298 -12.41 -26.68 -15.18
CA CYS A 298 -12.07 -27.84 -14.36
C CYS A 298 -12.56 -27.78 -12.92
N TRP A 299 -12.18 -26.73 -12.17
CA TRP A 299 -12.57 -26.57 -10.77
C TRP A 299 -14.08 -26.57 -10.55
N ILE A 300 -14.77 -25.76 -11.32
CA ILE A 300 -16.21 -25.63 -11.17
C ILE A 300 -17.01 -26.72 -11.89
N ILE A 301 -16.45 -27.36 -12.94
CA ILE A 301 -17.22 -28.37 -13.67
C ILE A 301 -16.71 -29.82 -13.66
N LEU A 302 -15.57 -30.07 -14.31
CA LEU A 302 -15.02 -31.42 -14.44
C LEU A 302 -14.71 -32.05 -13.09
N LEU A 303 -14.18 -31.26 -12.16
CA LEU A 303 -13.85 -31.73 -10.82
C LEU A 303 -15.10 -32.18 -10.05
N PRO A 304 -16.21 -31.38 -9.97
CA PRO A 304 -17.39 -31.85 -9.24
C PRO A 304 -18.19 -32.91 -10.00
N LEU A 305 -17.96 -33.05 -11.32
CA LEU A 305 -18.62 -34.11 -12.10
C LEU A 305 -18.10 -35.48 -11.62
N LEU A 306 -16.77 -35.59 -11.48
CA LEU A 306 -16.11 -36.82 -11.05
C LEU A 306 -16.41 -37.12 -9.57
N PHE A 307 -16.60 -36.06 -8.79
CA PHE A 307 -16.95 -36.16 -7.38
C PHE A 307 -18.26 -36.89 -7.19
N GLY A 308 -19.26 -36.54 -8.01
CA GLY A 308 -20.57 -37.17 -7.99
C GLY A 308 -20.52 -38.62 -8.41
N ILE A 309 -19.50 -38.98 -9.21
CA ILE A 309 -19.25 -40.34 -9.67
C ILE A 309 -18.80 -41.21 -8.47
N PHE A 310 -18.00 -40.65 -7.54
CA PHE A 310 -17.59 -41.39 -6.33
C PHE A 310 -18.83 -41.70 -5.49
N LEU A 311 -19.90 -40.92 -5.69
CA LEU A 311 -21.17 -41.11 -5.01
C LEU A 311 -22.12 -41.93 -5.88
N ILE A 312 -21.54 -42.85 -6.66
CA ILE A 312 -22.21 -43.83 -7.48
C ILE A 312 -21.46 -45.11 -7.55
N ILE A 313 -20.13 -45.06 -7.66
CA ILE A 313 -19.42 -46.34 -7.80
C ILE A 313 -19.60 -47.33 -6.63
N PRO A 314 -19.43 -46.91 -5.38
CA PRO A 314 -19.60 -47.85 -4.27
C PRO A 314 -21.06 -48.18 -3.99
N SER A 315 -21.97 -47.22 -4.26
CA SER A 315 -23.41 -47.40 -4.06
C SER A 315 -23.95 -48.47 -5.00
N THR A 316 -23.50 -48.46 -6.27
CA THR A 316 -23.89 -49.45 -7.29
C THR A 316 -23.04 -50.70 -7.13
N LEU A 317 -21.99 -50.64 -6.30
CA LEU A 317 -21.20 -51.83 -6.01
C LEU A 317 -21.85 -52.61 -4.84
N TYR A 318 -22.53 -51.87 -3.93
CA TYR A 318 -23.28 -52.34 -2.76
C TYR A 318 -24.77 -52.40 -3.09
N ILE A 319 -25.07 -52.66 -4.36
CA ILE A 319 -26.42 -52.80 -4.89
C ILE A 319 -26.53 -54.17 -5.52
N MET B 1 -25.39 -31.72 19.29
CA MET B 1 -26.05 -31.19 18.10
C MET B 1 -25.26 -30.06 17.48
N LEU B 2 -23.94 -30.06 17.65
CA LEU B 2 -23.15 -29.01 17.05
C LEU B 2 -22.94 -29.33 15.60
N ILE B 3 -22.45 -30.53 15.30
CA ILE B 3 -22.22 -30.93 13.90
C ILE B 3 -23.47 -30.80 13.06
N LEU B 4 -24.59 -31.16 13.66
CA LEU B 4 -25.92 -31.12 13.08
C LEU B 4 -26.30 -29.73 12.62
N ALA B 5 -25.81 -28.71 13.30
CA ALA B 5 -26.04 -27.30 13.01
C ALA B 5 -24.99 -26.82 12.02
N ILE B 6 -23.72 -27.26 12.20
CA ILE B 6 -22.55 -26.87 11.41
C ILE B 6 -22.74 -27.14 9.95
N ILE B 7 -23.03 -28.37 9.58
CA ILE B 7 -23.18 -28.70 8.17
C ILE B 7 -24.28 -27.86 7.52
N SER B 8 -25.43 -27.81 8.20
CA SER B 8 -26.59 -27.05 7.75
C SER B 8 -26.28 -25.56 7.56
N LEU B 9 -25.78 -24.89 8.59
CA LEU B 9 -25.46 -23.47 8.56
C LEU B 9 -24.41 -23.14 7.52
N ILE B 10 -23.34 -23.95 7.41
CA ILE B 10 -22.30 -23.75 6.39
C ILE B 10 -22.90 -23.74 5.01
N THR B 11 -23.55 -24.85 4.62
CA THR B 11 -24.22 -25.01 3.33
C THR B 11 -25.16 -23.85 3.05
N PHE B 12 -26.01 -23.50 4.01
CA PHE B 12 -26.99 -22.43 3.85
C PHE B 12 -26.37 -21.05 3.62
N VAL B 13 -25.49 -20.61 4.53
CA VAL B 13 -24.82 -19.31 4.49
C VAL B 13 -24.02 -19.15 3.21
N SER B 14 -23.42 -20.24 2.77
CA SER B 14 -22.61 -20.25 1.56
C SER B 14 -23.34 -19.56 0.41
N MET B 15 -24.50 -20.08 0.05
CA MET B 15 -25.28 -19.56 -1.05
C MET B 15 -26.10 -18.34 -0.62
N SER B 16 -26.50 -18.25 0.67
CA SER B 16 -27.33 -17.14 1.19
C SER B 16 -26.67 -16.14 2.17
N LYS B 17 -26.92 -14.83 1.94
CA LYS B 17 -26.43 -13.71 2.77
C LYS B 17 -27.58 -12.73 2.92
N LEU B 18 -28.53 -13.05 3.81
CA LEU B 18 -29.71 -12.21 3.98
C LEU B 18 -29.35 -10.92 4.72
N SER B 19 -28.59 -11.06 5.80
CA SER B 19 -28.14 -9.94 6.62
C SER B 19 -26.91 -10.35 7.41
N ASP B 20 -26.50 -11.65 7.30
CA ASP B 20 -25.39 -12.30 8.01
C ASP B 20 -25.70 -12.52 9.46
N ASN B 21 -26.19 -11.47 10.14
CA ASN B 21 -26.60 -11.62 11.52
C ASN B 21 -27.86 -12.45 11.59
N ARG B 22 -28.73 -12.46 10.55
CA ARG B 22 -29.94 -13.32 10.54
C ARG B 22 -29.58 -14.78 10.84
N ALA B 23 -28.51 -15.25 10.17
CA ALA B 23 -27.99 -16.59 10.34
C ALA B 23 -27.44 -16.71 11.74
N ILE B 24 -26.74 -15.68 12.24
CA ILE B 24 -26.18 -15.64 13.59
C ILE B 24 -27.31 -15.81 14.63
N ILE B 25 -28.49 -15.23 14.36
CA ILE B 25 -29.69 -15.35 15.18
C ILE B 25 -30.19 -16.79 15.12
N UNK B 26 -30.13 -17.42 13.93
CA UNK B 26 -30.60 -18.79 13.77
C UNK B 26 -29.67 -19.73 14.55
N UNK B 27 -28.35 -19.53 14.43
CA UNK B 27 -27.34 -20.27 15.17
C UNK B 27 -27.63 -20.14 16.65
N UNK B 28 -27.93 -18.92 17.13
CA UNK B 28 -28.27 -18.65 18.52
C UNK B 28 -29.47 -19.43 19.03
N UNK B 29 -30.66 -19.23 18.40
CA UNK B 29 -31.92 -19.89 18.80
C UNK B 29 -31.76 -21.41 18.79
N UNK B 30 -31.09 -21.96 17.75
CA UNK B 30 -30.78 -23.39 17.62
C UNK B 30 -30.01 -23.85 18.84
N UNK B 31 -28.91 -23.18 19.16
CA UNK B 31 -28.08 -23.48 20.33
C UNK B 31 -28.91 -23.52 21.61
N UNK B 32 -29.78 -22.51 21.84
CA UNK B 32 -30.63 -22.44 23.02
C UNK B 32 -31.60 -23.64 23.14
N UNK B 33 -32.35 -23.93 22.06
CA UNK B 33 -33.29 -25.07 22.05
C UNK B 33 -32.54 -26.39 22.31
N UNK B 34 -31.39 -26.61 21.62
CA UNK B 34 -30.58 -27.80 21.80
C UNK B 34 -30.10 -27.93 23.22
N UNK B 35 -29.80 -26.82 23.91
CA UNK B 35 -29.39 -26.85 25.31
C UNK B 35 -30.53 -27.35 26.19
N UNK B 36 -31.78 -26.94 25.92
CA UNK B 36 -32.92 -27.43 26.67
C UNK B 36 -33.05 -28.98 26.52
N UNK B 37 -32.90 -29.50 25.28
CA UNK B 37 -32.94 -30.95 25.04
C UNK B 37 -31.76 -31.65 25.74
N UNK B 38 -30.58 -31.03 25.70
CA UNK B 38 -29.39 -31.55 26.39
C UNK B 38 -29.68 -31.70 27.86
N UNK B 39 -30.33 -30.69 28.50
CA UNK B 39 -30.69 -30.75 29.91
C UNK B 39 -31.62 -31.92 30.13
N UNK B 40 -32.48 -32.23 29.14
CA UNK B 40 -33.35 -33.40 29.25
C UNK B 40 -32.53 -34.71 29.34
N UNK B 41 -31.45 -34.83 28.55
CA UNK B 41 -30.59 -36.03 28.57
C UNK B 41 -29.46 -36.01 29.64
N UNK B 42 -29.31 -34.92 30.39
CA UNK B 42 -28.19 -34.81 31.35
C UNK B 42 -28.29 -35.71 32.55
N TYR B 43 -28.75 -35.16 33.70
CA TYR B 43 -28.94 -35.74 35.06
C TYR B 43 -29.16 -37.27 35.11
N LEU B 44 -29.75 -37.82 34.02
CA LEU B 44 -30.10 -39.20 33.74
C LEU B 44 -28.94 -40.07 33.33
N LEU B 45 -27.97 -39.57 32.56
CA LEU B 45 -26.87 -40.45 32.23
C LEU B 45 -25.77 -40.50 33.29
N PHE B 46 -25.86 -39.61 34.30
CA PHE B 46 -24.93 -39.65 35.42
C PHE B 46 -25.52 -40.21 36.72
N LEU B 47 -25.46 -41.55 36.82
CA LEU B 47 -25.94 -42.31 37.97
C LEU B 47 -24.79 -42.59 38.92
N ASN B 48 -24.22 -41.51 39.44
CA ASN B 48 -23.10 -41.43 40.40
C ASN B 48 -21.74 -42.14 40.12
N ASN B 49 -21.24 -42.30 38.86
CA ASN B 49 -21.76 -41.94 37.53
C ASN B 49 -21.46 -43.06 36.56
N GLN B 50 -22.44 -43.48 35.76
CA GLN B 50 -22.27 -44.57 34.79
C GLN B 50 -21.66 -44.09 33.47
N THR B 51 -20.34 -43.80 33.53
CA THR B 51 -19.47 -43.22 32.49
C THR B 51 -19.33 -43.98 31.14
N TYR B 52 -20.40 -43.92 30.33
CA TYR B 52 -20.60 -44.52 29.00
C TYR B 52 -19.51 -44.12 27.94
N THR B 53 -18.53 -45.02 27.76
CA THR B 53 -17.41 -44.90 26.82
C THR B 53 -17.92 -44.99 25.38
N VAL B 54 -17.51 -44.02 24.52
CA VAL B 54 -17.93 -43.87 23.10
C VAL B 54 -16.92 -44.30 22.01
N MET B 55 -17.28 -45.37 21.25
CA MET B 55 -16.55 -45.98 20.14
C MET B 55 -15.21 -46.72 20.46
N GLY B 56 -14.63 -46.42 21.61
CA GLY B 56 -13.33 -46.92 22.06
C GLY B 56 -12.28 -45.82 21.94
N GLU B 57 -12.56 -44.86 21.02
CA GLU B 57 -11.74 -43.70 20.69
C GLU B 57 -11.97 -42.62 21.72
N LEU B 58 -13.18 -42.07 21.75
CA LEU B 58 -13.62 -41.01 22.64
C LEU B 58 -14.17 -41.63 23.96
N LEU B 59 -14.79 -40.82 24.87
CA LEU B 59 -15.36 -41.28 26.16
C LEU B 59 -16.32 -40.27 26.74
N ILE B 60 -17.56 -40.69 26.99
CA ILE B 60 -18.55 -39.79 27.60
C ILE B 60 -18.65 -40.02 29.11
N PHE B 61 -17.66 -39.51 29.84
CA PHE B 61 -17.58 -39.59 31.30
C PHE B 61 -18.53 -38.55 31.88
N ASN B 62 -19.83 -38.85 31.76
CA ASN B 62 -20.99 -38.07 32.14
C ASN B 62 -20.81 -36.89 33.08
N SER B 63 -20.26 -37.15 34.30
CA SER B 63 -20.09 -36.22 35.42
C SER B 63 -19.49 -34.88 35.07
N PHE B 64 -18.37 -34.90 34.37
CA PHE B 64 -17.72 -33.66 33.95
C PHE B 64 -18.23 -33.35 32.59
N THR B 65 -18.41 -34.37 31.71
CA THR B 65 -18.73 -34.16 30.31
C THR B 65 -19.91 -33.27 30.08
N PHE B 66 -21.04 -33.60 30.69
CA PHE B 66 -22.24 -32.82 30.50
C PHE B 66 -22.15 -31.39 30.91
N TYR B 67 -21.58 -31.15 32.09
CA TYR B 67 -21.32 -29.83 32.67
C TYR B 67 -20.46 -29.02 31.69
N ILE B 68 -19.46 -29.68 31.11
CA ILE B 68 -18.58 -29.06 30.13
C ILE B 68 -19.37 -28.60 28.95
N ASP B 69 -20.24 -29.46 28.42
CA ASP B 69 -21.05 -29.08 27.28
C ASP B 69 -22.00 -27.94 27.55
N MET B 70 -22.57 -27.88 28.76
CA MET B 70 -23.44 -26.77 29.16
C MET B 70 -22.64 -25.45 29.19
N LEU B 71 -21.39 -25.48 29.71
CA LEU B 71 -20.53 -24.29 29.75
C LEU B 71 -20.24 -23.81 28.36
N ILE B 72 -19.82 -24.71 27.48
CA ILE B 72 -19.50 -24.36 26.11
C ILE B 72 -20.69 -23.75 25.39
N TYR B 73 -21.89 -24.35 25.52
CA TYR B 73 -23.07 -23.81 24.85
C TYR B 73 -23.44 -22.44 25.38
N PHE B 74 -23.32 -22.21 26.71
CA PHE B 74 -23.62 -20.92 27.31
C PHE B 74 -22.58 -19.87 26.89
N ILE B 75 -21.30 -20.27 26.73
CA ILE B 75 -20.24 -19.36 26.26
C ILE B 75 -20.56 -18.78 24.86
N MET B 76 -21.08 -19.64 23.97
CA MET B 76 -21.55 -19.37 22.62
C MET B 76 -22.81 -18.59 22.61
N ILE B 77 -23.84 -19.02 23.40
CA ILE B 77 -25.18 -18.39 23.53
C ILE B 77 -25.03 -16.86 23.81
N VAL B 78 -24.16 -16.54 24.78
CA VAL B 78 -23.83 -15.17 25.17
C VAL B 78 -22.98 -14.50 24.07
N ILE B 79 -21.98 -15.21 23.55
CA ILE B 79 -21.15 -14.73 22.45
C ILE B 79 -21.96 -14.57 21.16
N SER B 80 -22.77 -15.60 20.76
CA SER B 80 -23.62 -15.55 19.57
C SER B 80 -24.44 -14.28 19.63
N SER B 81 -25.04 -14.03 20.79
CA SER B 81 -25.81 -12.81 21.01
C SER B 81 -24.93 -11.56 21.10
N LEU B 82 -23.66 -11.65 21.52
CA LEU B 82 -22.81 -10.47 21.56
C LEU B 82 -22.38 -9.96 20.20
N TYR B 83 -22.59 -10.79 19.18
CA TYR B 83 -22.37 -10.43 17.80
C TYR B 83 -23.72 -10.36 17.09
N GLY B 84 -24.61 -9.54 17.66
CA GLY B 84 -25.95 -9.33 17.13
C GLY B 84 -27.01 -9.11 18.20
N UNK B 85 -17.84 -4.16 17.66
CA UNK B 85 -19.23 -4.55 17.47
C UNK B 85 -19.63 -4.83 16.00
N UNK B 86 -18.64 -4.83 15.10
CA UNK B 86 -18.81 -5.00 13.66
C UNK B 86 -19.13 -6.40 13.00
N UNK B 87 -18.09 -7.12 12.53
CA UNK B 87 -18.15 -8.36 11.74
C UNK B 87 -19.14 -9.46 12.05
N UNK B 88 -19.85 -9.85 10.99
CA UNK B 88 -20.81 -10.94 10.88
C UNK B 88 -20.48 -11.83 9.64
N UNK B 89 -19.20 -11.79 9.16
CA UNK B 89 -18.73 -12.55 8.01
C UNK B 89 -18.05 -13.89 8.40
N UNK B 90 -18.78 -15.02 8.13
CA UNK B 90 -18.48 -16.45 8.36
C UNK B 90 -17.79 -16.85 9.66
N UNK B 91 -17.49 -15.86 10.52
CA UNK B 91 -16.86 -16.01 11.84
C UNK B 91 -17.72 -16.91 12.72
N UNK B 92 -19.07 -16.80 12.61
CA UNK B 92 -20.02 -17.63 13.34
C UNK B 92 -19.79 -19.10 13.05
N UNK B 93 -19.49 -19.44 11.78
CA UNK B 93 -19.28 -20.82 11.36
C UNK B 93 -17.95 -21.30 11.86
N UNK B 94 -16.88 -20.49 11.73
CA UNK B 94 -15.58 -20.89 12.26
C UNK B 94 -15.72 -21.02 13.76
N UNK B 95 -16.51 -20.15 14.38
CA UNK B 95 -16.76 -20.20 15.80
C UNK B 95 -17.45 -21.51 16.14
N UNK B 96 -18.37 -21.94 15.28
CA UNK B 96 -19.10 -23.19 15.46
C UNK B 96 -18.12 -24.39 15.34
N UNK B 97 -17.28 -24.42 14.27
CA UNK B 97 -16.31 -25.48 14.04
C UNK B 97 -15.36 -25.54 15.18
N UNK B 98 -14.99 -24.38 15.75
CA UNK B 98 -14.11 -24.29 16.91
C UNK B 98 -14.79 -24.90 18.13
N UNK B 99 -16.10 -24.66 18.28
CA UNK B 99 -16.87 -25.19 19.39
C UNK B 99 -16.92 -26.70 19.36
N UNK B 100 -17.14 -27.29 18.17
CA UNK B 100 -17.13 -28.75 17.97
C UNK B 100 -15.73 -29.28 18.21
N UNK B 101 -14.72 -28.50 17.81
CA UNK B 101 -13.34 -28.89 17.99
C UNK B 101 -12.98 -29.00 19.47
N UNK B 102 -13.37 -27.99 20.27
CA UNK B 102 -13.07 -27.96 21.70
C UNK B 102 -13.90 -28.94 22.48
N UNK B 103 -15.22 -29.11 22.12
CA UNK B 103 -16.14 -30.07 22.78
C UNK B 103 -15.72 -31.58 22.56
N UNK B 104 -15.30 -31.97 21.33
CA UNK B 104 -14.73 -33.30 21.05
C UNK B 104 -13.43 -33.51 21.86
N UNK B 105 -12.57 -32.45 21.96
CA UNK B 105 -11.29 -32.44 22.70
C UNK B 105 -11.42 -32.77 24.19
N UNK B 106 -12.51 -32.31 24.84
CA UNK B 106 -12.72 -32.56 26.27
C UNK B 106 -13.14 -33.95 26.54
N UNK B 107 -13.97 -34.49 25.67
CA UNK B 107 -14.54 -35.81 25.78
C UNK B 107 -13.58 -36.89 25.28
N SER B 108 -12.51 -36.52 24.58
CA SER B 108 -11.57 -37.50 24.03
C SER B 108 -10.99 -38.54 25.02
N ASN B 109 -10.60 -39.72 24.50
CA ASN B 109 -9.97 -40.81 25.26
C ASN B 109 -8.60 -41.26 24.65
N ASP B 110 -8.61 -42.02 23.52
CA ASP B 110 -7.41 -42.53 22.81
C ASP B 110 -6.74 -41.40 22.03
N PHE B 111 -5.53 -40.99 22.42
CA PHE B 111 -4.74 -39.90 21.80
C PHE B 111 -4.94 -39.48 20.32
N ILE B 112 -5.32 -40.41 19.40
CA ILE B 112 -5.60 -40.12 17.98
C ILE B 112 -6.83 -39.21 17.98
N THR B 113 -7.78 -39.52 18.89
CA THR B 113 -9.03 -38.77 19.13
C THR B 113 -8.68 -37.40 19.69
N LEU B 114 -7.60 -37.33 20.50
CA LEU B 114 -7.13 -36.09 21.08
C LEU B 114 -6.33 -35.26 20.09
N PHE B 115 -5.13 -35.72 19.63
CA PHE B 115 -4.25 -34.96 18.73
C PHE B 115 -4.98 -34.26 17.63
N VAL B 116 -5.97 -34.94 17.04
CA VAL B 116 -6.77 -34.32 15.99
C VAL B 116 -7.55 -33.16 16.58
N ALA B 117 -8.34 -33.44 17.62
CA ALA B 117 -9.26 -32.48 18.24
C ALA B 117 -8.60 -31.19 18.71
N ILE B 118 -7.37 -31.31 19.20
CA ILE B 118 -6.60 -30.18 19.67
C ILE B 118 -6.05 -29.42 18.48
N GLU B 119 -5.64 -30.16 17.44
CA GLU B 119 -5.15 -29.54 16.23
C GLU B 119 -6.27 -28.81 15.48
N LEU B 120 -7.46 -29.43 15.41
CA LEU B 120 -8.67 -28.81 14.86
C LEU B 120 -8.97 -27.53 15.66
N GLN B 121 -9.02 -27.64 16.99
CA GLN B 121 -9.27 -26.49 17.86
C GLN B 121 -8.28 -25.37 17.55
N SER B 122 -7.01 -25.72 17.40
CA SER B 122 -5.93 -24.76 17.15
C SER B 122 -6.10 -24.00 15.83
N TYR B 123 -6.28 -24.76 14.72
CA TYR B 123 -6.45 -24.16 13.39
C TYR B 123 -7.67 -23.25 13.42
N SER B 124 -8.74 -23.74 14.09
CA SER B 124 -9.97 -23.00 14.27
C SER B 124 -9.76 -21.66 14.97
N ILE B 125 -9.03 -21.65 16.10
CA ILE B 125 -8.76 -20.43 16.86
C ILE B 125 -7.87 -19.43 16.11
N TYR B 126 -6.78 -19.94 15.49
CA TYR B 126 -5.89 -19.05 14.74
C TYR B 126 -6.62 -18.37 13.56
N LEU B 127 -7.34 -19.16 12.73
CA LEU B 127 -8.11 -18.64 11.61
C LEU B 127 -9.13 -17.66 12.15
N ILE B 128 -9.70 -17.93 13.34
CA ILE B 128 -10.67 -17.05 14.01
C ILE B 128 -10.08 -15.66 14.28
N THR B 129 -8.87 -15.59 14.87
CA THR B 129 -8.13 -14.36 15.19
C THR B 129 -7.92 -13.55 13.90
N ALA B 130 -7.56 -14.26 12.83
CA ALA B 130 -7.25 -13.74 11.51
C ALA B 130 -8.42 -13.24 10.73
N ILE B 131 -9.61 -13.77 11.02
CA ILE B 131 -10.85 -13.49 10.30
C ILE B 131 -11.12 -12.03 10.05
N TYR B 132 -10.73 -11.20 11.02
CA TYR B 132 -10.82 -9.76 10.92
C TYR B 132 -9.59 -9.29 10.09
N ASN B 133 -9.50 -9.82 8.85
CA ASN B 133 -8.40 -9.58 7.92
C ASN B 133 -8.08 -8.13 7.63
N SER B 134 -9.04 -7.23 7.86
CA SER B 134 -8.80 -5.82 7.68
C SER B 134 -7.79 -5.29 8.71
N SER B 135 -7.95 -5.61 10.00
CA SER B 135 -7.01 -5.12 11.02
C SER B 135 -5.63 -5.72 11.06
N TYR B 136 -4.64 -4.82 11.13
CA TYR B 136 -3.25 -5.19 11.14
C TYR B 136 -2.80 -5.91 12.37
N LYS B 137 -3.14 -5.40 13.55
CA LYS B 137 -2.78 -6.05 14.80
C LYS B 137 -3.33 -7.48 14.81
N ALA B 138 -4.54 -7.65 14.23
CA ALA B 138 -5.21 -8.93 14.13
C ALA B 138 -4.47 -9.88 13.21
N SER B 139 -4.00 -9.38 12.06
CA SER B 139 -3.22 -10.19 11.14
C SER B 139 -1.90 -10.59 11.82
N LYS B 140 -1.32 -9.67 12.61
CA LYS B 140 -0.07 -9.89 13.35
C LYS B 140 -0.26 -11.00 14.38
N ALA B 141 -1.43 -11.03 15.02
CA ALA B 141 -1.75 -12.02 16.04
C ALA B 141 -2.11 -13.34 15.44
N SER B 142 -2.61 -13.32 14.20
CA SER B 142 -2.96 -14.54 13.49
C SER B 142 -1.67 -15.20 13.07
N MET B 143 -0.73 -14.39 12.55
CA MET B 143 0.62 -14.83 12.25
C MET B 143 1.25 -15.27 13.54
N LEU B 144 0.75 -14.73 14.67
CA LEU B 144 1.27 -15.15 15.96
C LEU B 144 0.80 -16.53 16.45
N TYR B 145 -0.51 -16.84 16.34
CA TYR B 145 -1.07 -18.12 16.76
C TYR B 145 -0.74 -19.22 15.77
N PHE B 146 -0.20 -18.90 14.57
CA PHE B 146 0.16 -20.00 13.66
C PHE B 146 1.41 -20.71 14.12
N PHE B 147 2.42 -19.93 14.50
CA PHE B 147 3.66 -20.52 14.97
C PHE B 147 3.60 -20.93 16.41
N MET B 148 2.93 -20.15 17.23
CA MET B 148 2.83 -20.49 18.65
C MET B 148 1.82 -21.60 18.94
N GLY B 149 0.84 -21.69 18.05
CA GLY B 149 -0.15 -22.76 17.97
C GLY B 149 0.24 -23.68 16.81
N GLY B 150 1.55 -23.79 16.62
CA GLY B 150 2.25 -24.60 15.63
C GLY B 150 3.41 -25.27 16.35
N ILE B 151 4.21 -24.47 17.11
CA ILE B 151 5.37 -24.94 17.89
C ILE B 151 4.90 -25.84 19.04
N LEU B 152 4.04 -25.29 19.92
CA LEU B 152 3.57 -26.02 21.11
C LEU B 152 2.59 -27.15 20.78
N SER B 153 1.95 -27.03 19.62
CA SER B 153 1.08 -28.06 19.08
C SER B 153 2.02 -29.18 18.67
N ILE B 154 3.15 -28.83 18.00
CA ILE B 154 4.13 -29.84 17.61
C ILE B 154 4.75 -30.57 18.80
N LEU B 155 4.81 -29.89 19.98
CA LEU B 155 5.28 -30.52 21.19
C LEU B 155 4.35 -31.70 21.55
N ILE B 156 3.02 -31.54 21.37
CA ILE B 156 2.04 -32.60 21.65
C ILE B 156 2.26 -33.88 20.86
N ALA B 157 2.12 -33.86 19.51
CA ALA B 157 2.32 -35.04 18.66
C ALA B 157 3.45 -35.96 19.21
N TYR B 158 4.60 -35.33 19.48
CA TYR B 158 5.83 -35.92 20.02
C TYR B 158 5.61 -36.66 21.33
N SER B 159 4.92 -36.04 22.30
CA SER B 159 4.68 -36.66 23.60
C SER B 159 3.81 -37.87 23.53
N ILE B 160 2.80 -37.82 22.68
CA ILE B 160 1.92 -38.96 22.44
C ILE B 160 2.75 -40.06 21.82
N ASN B 161 3.63 -39.66 20.89
CA ASN B 161 4.50 -40.58 20.20
C ASN B 161 5.44 -41.22 21.16
N THR B 162 5.96 -40.45 22.12
CA THR B 162 6.82 -40.96 23.17
C THR B 162 6.08 -42.00 24.03
N TYR B 163 4.85 -41.70 24.44
CA TYR B 163 4.00 -42.60 25.24
C TYR B 163 3.77 -43.90 24.51
N TYR B 164 3.33 -43.82 23.25
CA TYR B 164 3.11 -45.00 22.42
C TYR B 164 4.41 -45.76 22.23
N SER B 165 5.55 -45.07 22.16
CA SER B 165 6.82 -45.76 22.06
C SER B 165 7.10 -46.55 23.33
N VAL B 166 6.84 -45.96 24.50
CA VAL B 166 7.09 -46.61 25.76
C VAL B 166 6.09 -47.74 26.08
N LEU B 167 4.90 -47.72 25.46
CA LEU B 167 3.82 -48.70 25.66
C LEU B 167 2.92 -48.93 24.42
N ASN B 168 2.33 -50.13 24.36
CA ASN B 168 1.42 -50.67 23.35
C ASN B 168 0.57 -49.71 22.52
N SER B 169 -0.19 -48.79 23.17
CA SER B 169 -1.13 -47.89 22.51
C SER B 169 -1.13 -46.40 22.94
N TYR B 170 -2.32 -45.73 22.88
CA TYR B 170 -2.64 -44.31 23.20
C TYR B 170 -3.67 -44.17 24.33
N THR B 171 -4.48 -45.21 24.54
CA THR B 171 -5.50 -45.20 25.57
C THR B 171 -5.00 -44.88 26.99
N LEU B 172 -5.56 -43.83 27.54
CA LEU B 172 -5.31 -43.46 28.92
C LEU B 172 -6.13 -44.39 29.84
N HIS B 173 -7.35 -44.78 29.40
CA HIS B 173 -8.29 -45.73 30.00
C HIS B 173 -7.52 -47.04 30.35
N SER B 174 -6.75 -47.54 29.38
CA SER B 174 -5.96 -48.77 29.51
C SER B 174 -4.88 -48.65 30.58
N LEU B 175 -4.41 -47.43 30.87
CA LEU B 175 -3.36 -47.19 31.86
C LEU B 175 -3.88 -47.06 33.31
N ASP B 176 -5.13 -46.60 33.50
CA ASP B 176 -5.67 -46.49 34.84
C ASP B 176 -6.22 -47.78 35.43
N SER B 177 -6.19 -48.87 34.66
CA SER B 177 -6.61 -50.20 35.10
C SER B 177 -5.43 -50.82 35.87
N LEU B 178 -4.18 -50.45 35.48
CA LEU B 178 -2.92 -50.91 36.05
C LEU B 178 -2.17 -49.79 36.81
N ILE B 179 -1.21 -50.18 37.68
CA ILE B 179 -0.33 -49.30 38.47
C ILE B 179 1.05 -49.30 37.78
N ILE B 180 1.50 -48.12 37.35
CA ILE B 180 2.71 -48.00 36.56
C ILE B 180 4.04 -47.74 37.29
N ASN B 181 4.13 -46.63 38.07
CA ASN B 181 5.30 -46.18 38.86
C ASN B 181 6.56 -45.74 38.08
N THR B 182 6.81 -46.31 36.89
CA THR B 182 7.98 -46.00 36.07
C THR B 182 8.08 -44.53 35.68
N LEU B 183 9.20 -43.91 36.05
CA LEU B 183 9.51 -42.49 35.81
C LEU B 183 9.54 -42.07 34.33
N ASP B 184 9.94 -42.98 33.42
CA ASP B 184 9.94 -42.69 31.96
C ASP B 184 8.51 -42.31 31.51
N LEU B 185 7.53 -43.08 31.98
CA LEU B 185 6.12 -42.82 31.76
C LEU B 185 5.71 -41.53 32.42
N ASN B 186 6.21 -41.25 33.63
CA ASN B 186 5.90 -40.01 34.36
C ASN B 186 6.39 -38.73 33.65
N LEU B 187 7.63 -38.73 33.14
CA LEU B 187 8.23 -37.56 32.47
C LEU B 187 7.59 -37.20 31.13
N ILE B 188 7.32 -38.23 30.30
CA ILE B 188 6.65 -38.13 28.99
C ILE B 188 5.28 -37.49 29.20
N LEU B 189 4.54 -37.97 30.21
CA LEU B 189 3.21 -37.50 30.54
C LEU B 189 3.24 -36.10 31.16
N ILE B 190 4.37 -35.68 31.84
CA ILE B 190 4.50 -34.29 32.37
C ILE B 190 4.68 -33.29 31.19
N ALA B 191 5.64 -33.59 30.30
CA ALA B 191 5.96 -32.80 29.10
C ALA B 191 4.80 -32.82 28.12
N LEU B 192 3.97 -33.88 28.19
CA LEU B 192 2.75 -33.99 27.40
C LEU B 192 1.86 -32.88 27.86
N SER B 193 1.60 -32.79 29.17
CA SER B 193 0.75 -31.76 29.74
C SER B 193 1.13 -30.33 29.38
N LEU B 194 2.42 -29.97 29.50
CA LEU B 194 2.89 -28.62 29.19
C LEU B 194 2.55 -28.16 27.77
N GLY B 195 2.73 -29.07 26.83
CA GLY B 195 2.37 -28.88 25.44
C GLY B 195 0.88 -28.66 25.32
N LEU B 196 0.06 -29.36 26.14
CA LEU B 196 -1.40 -29.17 26.15
C LEU B 196 -1.69 -27.75 26.67
N LEU B 197 -0.99 -27.35 27.74
CA LEU B 197 -1.11 -26.05 28.36
C LEU B 197 -0.73 -24.92 27.39
N PHE B 198 -0.38 -25.24 26.12
CA PHE B 198 -0.12 -24.26 25.04
C PHE B 198 -1.34 -23.41 24.80
N LYS B 199 -2.54 -23.98 24.93
CA LYS B 199 -3.79 -23.27 24.78
C LYS B 199 -3.85 -22.16 25.83
N ILE B 200 -3.84 -22.54 27.12
CA ILE B 200 -3.88 -21.64 28.28
C ILE B 200 -2.63 -20.77 28.42
N GLY B 201 -1.59 -21.09 27.64
CA GLY B 201 -0.29 -20.44 27.60
C GLY B 201 0.24 -20.04 28.95
N ILE B 202 0.50 -21.05 29.80
CA ILE B 202 0.97 -20.85 31.18
C ILE B 202 2.32 -20.09 31.29
N ALA B 203 2.61 -19.51 32.48
CA ALA B 203 3.87 -18.84 32.78
C ALA B 203 4.99 -19.88 32.66
N PRO B 204 6.14 -19.65 31.99
CA PRO B 204 6.68 -18.40 31.43
C PRO B 204 6.19 -18.02 30.04
N LEU B 205 5.58 -18.98 29.33
CA LEU B 205 5.11 -18.78 27.96
C LEU B 205 4.15 -17.61 27.80
N HIS B 206 3.09 -17.58 28.63
CA HIS B 206 2.01 -16.60 28.81
C HIS B 206 2.07 -15.33 27.98
N LYS B 207 3.27 -14.75 27.90
CA LYS B 207 3.61 -13.50 27.27
C LYS B 207 3.03 -13.34 25.86
N TRP B 208 3.25 -14.32 24.98
CA TRP B 208 2.74 -14.27 23.61
C TRP B 208 1.21 -14.31 23.64
N LEU B 209 0.67 -15.09 24.59
CA LEU B 209 -0.77 -15.18 24.74
C LEU B 209 -1.40 -13.88 25.07
N ILE B 210 -0.84 -13.12 26.02
CA ILE B 210 -1.31 -11.78 26.39
C ILE B 210 -1.12 -10.82 25.22
N SER B 211 -0.04 -11.01 24.46
CA SER B 211 0.31 -10.17 23.31
C SER B 211 -0.70 -10.26 22.15
N ILE B 212 -1.31 -11.42 21.93
CA ILE B 212 -2.32 -11.58 20.90
C ILE B 212 -3.55 -10.77 21.26
N TYR B 213 -3.85 -10.69 22.57
CA TYR B 213 -4.99 -9.99 23.13
C TYR B 213 -4.93 -8.48 22.92
N GLU B 214 -3.72 -7.90 22.92
CA GLU B 214 -3.48 -6.47 22.68
C GLU B 214 -3.79 -6.18 21.22
N ASN B 215 -3.58 -7.19 20.38
CA ASN B 215 -3.75 -7.14 18.93
C ASN B 215 -5.11 -7.65 18.45
N THR B 216 -5.95 -8.08 19.39
CA THR B 216 -7.25 -8.58 19.02
C THR B 216 -8.41 -7.73 19.43
N PRO B 217 -9.30 -7.45 18.44
CA PRO B 217 -10.55 -6.66 18.72
C PRO B 217 -11.45 -7.32 19.77
N ILE B 218 -11.91 -6.57 20.77
CA ILE B 218 -12.71 -6.96 21.93
C ILE B 218 -13.58 -8.22 21.91
N LEU B 219 -14.60 -8.25 21.06
CA LEU B 219 -15.55 -9.37 21.08
C LEU B 219 -14.94 -10.73 20.72
N ILE B 220 -14.10 -10.72 19.68
CA ILE B 220 -13.43 -11.93 19.27
C ILE B 220 -12.46 -12.38 20.36
N THR B 221 -11.79 -11.41 21.00
CA THR B 221 -10.87 -11.59 22.12
C THR B 221 -11.60 -12.33 23.21
N ILE B 222 -12.83 -11.89 23.51
CA ILE B 222 -13.71 -12.49 24.51
C ILE B 222 -13.85 -13.98 24.24
N TYR B 223 -14.21 -14.31 22.99
CA TYR B 223 -14.40 -15.69 22.57
C TYR B 223 -13.14 -16.54 22.82
N ILE B 224 -12.06 -16.18 22.11
CA ILE B 224 -10.73 -16.79 22.13
C ILE B 224 -10.24 -16.99 23.55
N SER B 225 -10.38 -15.97 24.41
CA SER B 225 -9.93 -16.09 25.79
C SER B 225 -10.57 -17.29 26.47
N LEU B 226 -11.89 -17.46 26.36
CA LEU B 226 -12.54 -18.56 27.04
C LEU B 226 -12.40 -19.94 26.53
N ILE B 227 -12.77 -20.19 25.28
CA ILE B 227 -12.73 -21.54 24.69
C ILE B 227 -11.47 -22.45 24.99
N PRO B 228 -10.23 -21.99 24.67
CA PRO B 228 -9.05 -22.80 24.96
C PRO B 228 -8.47 -22.47 26.32
N LYS B 229 -9.33 -22.41 27.31
CA LYS B 229 -9.04 -22.31 28.73
C LYS B 229 -9.92 -23.41 29.27
N ILE B 230 -11.23 -23.35 28.95
CA ILE B 230 -12.17 -24.37 29.42
C ILE B 230 -11.79 -25.76 29.01
N SER B 231 -11.80 -26.03 27.71
CA SER B 231 -11.49 -27.32 27.10
C SER B 231 -10.16 -27.86 27.60
N ILE B 232 -9.16 -26.98 27.56
CA ILE B 232 -7.85 -27.38 27.96
C ILE B 232 -7.72 -27.79 29.42
N LEU B 233 -8.23 -27.01 30.36
CA LEU B 233 -8.16 -27.37 31.77
C LEU B 233 -9.04 -28.54 32.09
N SER B 234 -10.30 -28.51 31.58
CA SER B 234 -11.29 -29.56 31.80
C SER B 234 -10.76 -30.90 31.35
N TYR B 235 -10.28 -31.00 30.09
CA TYR B 235 -9.69 -32.24 29.60
C TYR B 235 -8.50 -32.64 30.44
N LEU B 236 -7.66 -31.66 30.79
CA LEU B 236 -6.47 -31.95 31.59
C LEU B 236 -6.81 -32.57 32.94
N VAL B 237 -7.82 -32.00 33.63
CA VAL B 237 -8.20 -32.49 34.94
C VAL B 237 -8.82 -33.85 34.84
N LEU B 238 -9.67 -34.04 33.84
CA LEU B 238 -10.31 -35.34 33.70
C LEU B 238 -9.34 -36.44 33.30
N UNK B 239 -8.21 -36.06 32.67
CA UNK B 239 -7.20 -36.99 32.16
C UNK B 239 -6.32 -37.60 33.24
N UNK B 240 -6.14 -36.86 34.35
CA UNK B 240 -5.32 -37.23 35.49
C UNK B 240 -6.17 -37.83 36.59
N UNK B 241 -7.50 -37.79 36.45
CA UNK B 241 -8.46 -38.27 37.44
C UNK B 241 -9.15 -39.59 37.10
N UNK B 242 -9.21 -40.44 38.13
CA UNK B 242 -9.78 -41.79 38.25
C UNK B 242 -9.45 -42.29 39.66
N UNK B 243 -8.21 -42.01 40.14
CA UNK B 243 -7.73 -42.37 41.46
C UNK B 243 -8.50 -41.62 42.55
N UNK B 244 -1.06 -37.13 37.24
CA UNK B 244 -1.55 -36.16 38.23
C UNK B 244 -0.41 -35.46 38.97
N UNK B 245 0.60 -34.99 38.20
CA UNK B 245 1.86 -34.29 38.48
C UNK B 245 2.12 -33.77 39.90
N UNK B 246 1.70 -34.57 40.92
CA UNK B 246 1.73 -34.33 42.35
C UNK B 246 3.10 -33.88 42.85
N UNK B 247 3.21 -32.55 43.00
CA UNK B 247 4.33 -31.69 43.44
C UNK B 247 5.35 -31.31 42.35
N UNK B 248 5.39 -32.02 41.22
CA UNK B 248 6.34 -31.66 40.18
C UNK B 248 5.89 -30.36 39.53
N SER B 249 4.59 -30.27 39.23
CA SER B 249 3.98 -29.16 38.56
C SER B 249 3.93 -27.89 39.36
N ILE B 250 3.95 -28.02 40.68
CA ILE B 250 3.77 -26.94 41.66
C ILE B 250 4.64 -25.73 41.47
N LEU B 251 5.88 -25.95 41.09
CA LEU B 251 6.81 -24.86 40.90
C LEU B 251 6.44 -24.12 39.64
N ALA B 252 6.06 -24.85 38.60
CA ALA B 252 5.60 -24.23 37.37
C ALA B 252 4.34 -23.38 37.65
N ILE B 253 3.45 -23.87 38.52
CA ILE B 253 2.21 -23.19 38.88
C ILE B 253 2.43 -21.91 39.67
N LEU B 254 3.39 -21.96 40.59
CA LEU B 254 3.77 -20.81 41.37
C LEU B 254 4.28 -19.79 40.42
N THR B 255 4.96 -20.21 39.31
CA THR B 255 5.35 -19.19 38.34
C THR B 255 4.14 -18.48 37.72
N LEU B 256 2.97 -19.14 37.59
CA LEU B 256 1.77 -18.45 37.09
C LEU B 256 1.22 -17.42 38.12
N LEU B 257 1.20 -17.80 39.38
CA LEU B 257 0.71 -16.91 40.45
C LEU B 257 1.67 -15.73 40.68
N VAL B 258 2.88 -15.83 40.16
CA VAL B 258 3.89 -14.79 40.27
C VAL B 258 3.96 -14.01 38.95
N GLY B 259 4.17 -14.74 37.86
CA GLY B 259 4.39 -14.24 36.51
C GLY B 259 3.27 -13.40 36.00
N SER B 260 2.05 -13.83 36.29
CA SER B 260 0.89 -13.09 35.86
C SER B 260 0.52 -12.06 36.91
N VAL B 261 0.45 -12.50 38.18
CA VAL B 261 0.07 -11.63 39.30
C VAL B 261 0.99 -10.43 39.48
N GLY B 262 2.27 -10.66 39.27
CA GLY B 262 3.31 -9.65 39.44
C GLY B 262 3.17 -8.54 38.45
N GLY B 263 3.11 -8.92 37.17
CA GLY B 263 2.99 -8.02 36.05
C GLY B 263 1.61 -7.51 35.75
N LEU B 264 0.60 -7.91 36.54
CA LEU B 264 -0.80 -7.48 36.36
C LEU B 264 -0.96 -5.94 36.34
N LEU B 265 -0.19 -5.22 37.17
CA LEU B 265 -0.21 -3.77 37.34
C LEU B 265 0.29 -2.96 36.14
N GLN B 266 -0.58 -2.91 35.11
CA GLN B 266 -0.34 -2.32 33.80
C GLN B 266 -1.18 -1.08 33.43
N ILE B 267 -0.83 -0.48 32.28
CA ILE B 267 -1.46 0.69 31.69
C ILE B 267 -2.84 0.35 31.10
N LYS B 268 -2.96 -0.75 30.33
CA LYS B 268 -4.18 -1.11 29.56
C LYS B 268 -5.24 -1.99 30.20
N ILE B 269 -6.53 -1.70 29.91
CA ILE B 269 -7.59 -2.57 30.41
C ILE B 269 -7.65 -3.90 29.67
N LYS B 270 -7.34 -3.86 28.38
CA LYS B 270 -7.21 -5.08 27.59
C LYS B 270 -6.13 -5.99 28.25
N ARG B 271 -4.99 -5.38 28.67
CA ARG B 271 -3.91 -6.08 29.35
C ARG B 271 -4.41 -6.66 30.65
N LEU B 272 -5.03 -5.82 31.51
CA LEU B 272 -5.56 -6.27 32.78
C LEU B 272 -6.35 -7.54 32.59
N LEU B 273 -7.30 -7.54 31.66
CA LEU B 273 -8.13 -8.71 31.44
C LEU B 273 -7.38 -9.91 30.87
N ALA B 274 -6.30 -9.64 30.15
CA ALA B 274 -5.45 -10.72 29.64
C ALA B 274 -4.78 -11.42 30.82
N PHE B 275 -4.11 -10.61 31.64
CA PHE B 275 -3.42 -11.01 32.85
C PHE B 275 -4.33 -11.71 33.84
N SER B 276 -5.56 -11.19 34.04
CA SER B 276 -6.55 -11.80 34.95
C SER B 276 -6.89 -13.25 34.55
N GLY B 277 -7.08 -13.50 33.26
CA GLY B 277 -7.33 -14.84 32.75
C GLY B 277 -6.19 -15.79 33.09
N LEU B 278 -4.97 -15.30 32.90
CA LEU B 278 -3.80 -16.09 33.20
C LEU B 278 -3.61 -16.35 34.69
N THR B 279 -3.89 -15.38 35.56
CA THR B 279 -3.82 -15.62 37.01
C THR B 279 -4.79 -16.70 37.47
N ASN B 280 -6.06 -16.68 36.97
CA ASN B 280 -7.08 -17.69 37.28
C ASN B 280 -6.67 -19.09 36.77
N ALA B 281 -6.10 -19.14 35.53
CA ALA B 281 -5.50 -20.35 34.91
C ALA B 281 -4.51 -20.98 35.94
N GLY B 282 -3.71 -20.12 36.60
CA GLY B 282 -2.82 -20.52 37.68
C GLY B 282 -3.58 -21.19 38.80
N TYR B 283 -4.66 -20.56 39.28
CA TYR B 283 -5.50 -21.09 40.35
C TYR B 283 -6.05 -22.51 40.08
N MET B 284 -6.49 -22.76 38.85
CA MET B 284 -7.00 -24.08 38.44
C MET B 284 -5.86 -25.10 38.24
N MET B 285 -4.65 -24.59 37.93
CA MET B 285 -3.43 -25.39 37.75
C MET B 285 -3.14 -26.01 39.08
N LEU B 286 -3.44 -25.29 40.18
CA LEU B 286 -3.24 -25.75 41.55
C LEU B 286 -4.02 -27.03 41.79
N LEU B 287 -5.30 -27.06 41.38
CA LEU B 287 -6.15 -28.23 41.55
C LEU B 287 -5.67 -29.39 40.73
N LEU B 288 -4.89 -29.11 39.67
CA LEU B 288 -4.36 -30.12 38.77
C LEU B 288 -3.35 -31.11 39.39
N LEU B 289 -3.26 -31.19 40.74
CA LEU B 289 -2.35 -32.11 41.44
C LEU B 289 -3.11 -32.99 42.44
N LEU B 290 -4.35 -32.59 42.79
CA LEU B 290 -5.21 -33.31 43.73
C LEU B 290 -6.15 -34.30 43.07
N ASN B 291 -6.47 -35.34 43.82
CA ASN B 291 -7.42 -36.38 43.45
C ASN B 291 -8.21 -36.83 44.69
N ASN B 292 -9.52 -37.09 44.58
CA ASN B 292 -10.28 -36.99 43.35
C ASN B 292 -11.20 -35.79 43.44
N ASN B 293 -10.63 -34.61 43.24
CA ASN B 293 -11.44 -33.39 43.28
C ASN B 293 -11.84 -32.90 41.92
N GLU B 294 -12.87 -33.56 41.39
CA GLU B 294 -13.51 -33.24 40.13
C GLU B 294 -14.33 -31.98 40.43
N PHE B 295 -15.07 -32.05 41.54
CA PHE B 295 -16.02 -31.10 42.10
C PHE B 295 -15.60 -29.65 42.24
N SER B 296 -14.48 -29.34 42.91
CA SER B 296 -13.98 -27.97 43.12
C SER B 296 -13.76 -27.11 41.85
N TYR B 297 -13.03 -27.64 40.84
CA TYR B 297 -12.78 -26.85 39.62
C TYR B 297 -13.99 -26.81 38.78
N LEU B 298 -14.88 -27.80 38.87
CA LEU B 298 -16.06 -27.80 38.04
C LEU B 298 -16.90 -26.60 38.32
N TYR B 299 -17.16 -26.29 39.59
CA TYR B 299 -17.97 -25.08 39.84
C TYR B 299 -17.20 -23.84 39.44
N TYR B 300 -15.89 -23.86 39.72
CA TYR B 300 -14.95 -22.81 39.44
C TYR B 300 -14.91 -22.34 38.01
N ILE B 301 -14.98 -23.24 36.99
CA ILE B 301 -14.95 -22.72 35.62
C ILE B 301 -16.28 -22.05 35.24
N THR B 302 -17.41 -22.62 35.71
CA THR B 302 -18.76 -22.05 35.54
C THR B 302 -18.75 -20.63 36.12
N GLN B 303 -18.40 -20.54 37.40
CA GLN B 303 -18.27 -19.33 38.19
C GLN B 303 -17.30 -18.32 37.53
N TYR B 304 -16.11 -18.81 37.16
CA TYR B 304 -15.10 -17.95 36.56
C TYR B 304 -15.48 -17.43 35.21
N SER B 305 -16.07 -18.28 34.36
CA SER B 305 -16.49 -17.87 33.04
C SER B 305 -17.46 -16.68 33.14
N ILE B 306 -18.43 -16.75 34.09
CA ILE B 306 -19.40 -15.68 34.33
C ILE B 306 -18.67 -14.36 34.58
N SER B 307 -17.83 -14.31 35.65
CA SER B 307 -16.96 -13.19 36.07
C SER B 307 -16.22 -12.63 34.85
N HIS B 308 -15.68 -13.52 33.99
CA HIS B 308 -15.00 -13.18 32.74
C HIS B 308 -16.01 -12.59 31.76
N LEU B 309 -17.12 -13.28 31.55
CA LEU B 309 -18.15 -12.91 30.59
C LEU B 309 -18.76 -11.52 30.91
N ALA B 310 -19.05 -11.25 32.19
CA ALA B 310 -19.61 -9.98 32.65
C ALA B 310 -18.58 -8.86 32.53
N ILE B 311 -17.28 -9.13 32.80
CA ILE B 311 -16.25 -8.10 32.64
C ILE B 311 -15.98 -7.82 31.17
N PHE B 312 -16.30 -8.77 30.30
CA PHE B 312 -16.23 -8.51 28.89
C PHE B 312 -17.44 -7.70 28.38
N MET B 313 -18.41 -7.36 29.29
CA MET B 313 -19.54 -6.46 29.09
C MET B 313 -19.09 -5.01 29.48
N ILE B 314 -17.75 -4.79 29.52
CA ILE B 314 -17.02 -3.54 29.67
C ILE B 314 -17.42 -2.75 28.44
N ILE B 315 -17.58 -3.47 27.30
CA ILE B 315 -18.03 -3.02 25.98
C ILE B 315 -18.88 -1.79 26.08
N ILE B 316 -19.92 -1.79 26.94
CA ILE B 316 -20.76 -0.62 27.14
C ILE B 316 -19.97 0.48 27.88
N UNK B 317 -19.05 1.10 27.13
CA UNK B 317 -18.17 2.20 27.49
C UNK B 317 -18.36 3.26 26.37
N UNK B 318 -19.47 4.05 26.45
CA UNK B 318 -19.90 5.08 25.49
C UNK B 318 -20.17 4.55 24.06
N UNK B 319 -19.58 3.40 23.70
CA UNK B 319 -19.63 2.69 22.42
C UNK B 319 -21.01 2.18 22.02
N UNK B 320 -21.27 2.25 20.69
CA UNK B 320 -22.48 1.82 19.96
C UNK B 320 -22.22 1.96 18.45
N UNK B 321 -20.15 0.47 15.09
CA UNK B 321 -19.13 -0.49 14.63
C UNK B 321 -17.85 -0.57 15.49
N UNK B 322 -16.98 0.50 15.47
CA UNK B 322 -15.68 0.65 16.15
C UNK B 322 -14.60 -0.33 15.69
N UNK B 323 -13.62 0.17 14.94
CA UNK B 323 -12.50 -0.63 14.45
C UNK B 323 -11.48 -0.81 15.58
N UNK B 324 -11.37 0.22 16.46
CA UNK B 324 -10.46 0.27 17.62
C UNK B 324 -11.06 -0.24 18.97
N UNK B 325 -10.37 -1.26 19.57
CA UNK B 325 -10.75 -1.89 20.83
C UNK B 325 -10.33 -1.05 22.05
N UNK B 326 -11.29 -0.30 22.66
CA UNK B 326 -11.11 0.60 23.83
C UNK B 326 -9.98 0.19 24.80
N UNK B 327 -8.78 0.75 24.56
CA UNK B 327 -7.53 0.44 25.27
C UNK B 327 -7.39 1.01 26.66
N UNK B 328 -7.42 2.35 26.78
CA UNK B 328 -7.20 3.09 28.02
C UNK B 328 -7.97 2.66 29.26
N UNK B 329 -7.22 2.43 30.36
CA UNK B 329 -7.81 2.09 31.65
C UNK B 329 -8.50 3.36 32.20
N UNK B 330 -7.90 4.54 31.94
CA UNK B 330 -8.44 5.84 32.31
C UNK B 330 -9.75 6.09 31.61
N UNK B 331 -9.97 5.59 30.37
CA UNK B 331 -11.19 5.76 29.57
C UNK B 331 -12.47 5.52 30.34
N UNK B 332 -12.44 4.71 31.40
CA UNK B 332 -13.62 4.46 32.24
C UNK B 332 -13.70 5.44 33.42
N UNK B 333 -13.04 6.61 33.34
CA UNK B 333 -13.00 7.57 34.43
C UNK B 333 -14.36 8.01 34.90
N UNK B 334 -15.22 8.40 33.98
CA UNK B 334 -16.52 8.90 34.37
C UNK B 334 -17.65 7.93 34.14
N UNK B 335 -17.44 6.62 34.34
CA UNK B 335 -18.53 5.66 34.10
C UNK B 335 -19.65 5.85 35.10
N UNK B 336 -19.29 6.20 36.35
CA UNK B 336 -20.27 6.44 37.40
C UNK B 336 -21.13 7.63 37.00
N UNK B 337 -20.48 8.66 36.42
CA UNK B 337 -21.17 9.85 35.91
C UNK B 337 -21.95 9.52 34.64
N UNK B 338 -21.62 8.40 33.98
CA UNK B 338 -22.31 7.96 32.78
C UNK B 338 -23.49 7.08 33.21
N UNK B 339 -23.46 5.76 32.92
CA UNK B 339 -24.52 4.85 33.37
C UNK B 339 -24.00 4.13 34.60
N UNK B 340 -24.32 4.66 35.77
CA UNK B 340 -23.93 4.21 37.11
C UNK B 340 -24.18 2.72 37.44
N UNK B 341 -25.33 2.21 36.99
CA UNK B 341 -25.70 0.81 37.17
C UNK B 341 -24.64 -0.12 36.55
N LEU B 342 -24.04 0.29 35.41
CA LEU B 342 -22.97 -0.45 34.78
C LEU B 342 -21.80 -0.51 35.73
N VAL B 343 -21.38 0.65 36.26
CA VAL B 343 -20.28 0.75 37.21
C VAL B 343 -20.51 -0.24 38.33
N LEU B 344 -21.72 -0.24 38.90
CA LEU B 344 -22.09 -1.15 40.00
C LEU B 344 -21.90 -2.64 39.63
N SER B 345 -22.56 -3.09 38.57
CA SER B 345 -22.44 -4.48 38.12
C SER B 345 -20.98 -4.87 37.89
N MET B 346 -20.28 -4.04 37.11
CA MET B 346 -18.86 -4.22 36.85
C MET B 346 -18.11 -4.35 38.16
N ALA B 347 -18.42 -3.49 39.16
CA ALA B 347 -17.77 -3.49 40.47
C ALA B 347 -18.04 -4.77 41.21
N ILE B 348 -19.26 -5.31 41.14
CA ILE B 348 -19.59 -6.58 41.81
C ILE B 348 -18.72 -7.71 41.36
N VAL B 349 -18.63 -7.94 40.03
CA VAL B 349 -17.75 -8.97 39.44
C VAL B 349 -16.30 -8.65 39.75
N VAL B 350 -16.00 -7.34 39.85
CA VAL B 350 -14.65 -6.88 40.17
C VAL B 350 -14.29 -7.29 41.58
N PHE B 351 -15.27 -7.21 42.47
CA PHE B 351 -15.08 -7.64 43.83
C PHE B 351 -15.03 -9.15 43.87
N SER B 352 -15.81 -9.81 43.01
CA SER B 352 -15.79 -11.27 42.95
C SER B 352 -14.39 -11.75 42.58
N PHE B 353 -13.75 -11.08 41.61
CA PHE B 353 -12.42 -11.40 41.11
C PHE B 353 -11.30 -11.38 42.16
N ILE B 354 -11.39 -10.43 43.07
CA ILE B 354 -10.39 -10.23 44.10
C ILE B 354 -10.40 -11.33 45.18
N GLY B 355 -11.52 -12.04 45.25
CA GLY B 355 -11.73 -13.13 46.18
C GLY B 355 -12.65 -12.76 47.32
N ILE B 356 -13.74 -12.00 47.04
CA ILE B 356 -14.75 -11.56 48.01
C ILE B 356 -15.88 -12.58 48.23
N PRO B 357 -15.82 -13.28 49.37
CA PRO B 357 -16.77 -14.37 49.63
C PRO B 357 -18.27 -14.09 49.65
N PRO B 358 -18.81 -12.95 50.18
CA PRO B 358 -20.27 -12.79 50.19
C PRO B 358 -21.05 -12.93 48.88
N LEU B 359 -20.34 -13.08 47.75
CA LEU B 359 -20.91 -13.18 46.41
C LEU B 359 -20.61 -14.50 45.67
N LEU B 360 -19.33 -14.73 45.30
CA LEU B 360 -18.89 -15.87 44.50
C LEU B 360 -17.35 -16.01 44.55
N GLY B 361 -16.83 -15.78 45.74
CA GLY B 361 -15.44 -15.97 46.12
C GLY B 361 -15.43 -17.12 47.11
N PHE B 362 -16.56 -17.25 47.83
CA PHE B 362 -16.93 -18.26 48.81
C PHE B 362 -17.25 -19.56 48.05
N PHE B 363 -17.31 -19.49 46.71
CA PHE B 363 -17.69 -20.63 45.90
C PHE B 363 -16.60 -20.97 44.92
N GLY B 364 -15.96 -19.94 44.37
CA GLY B 364 -14.87 -20.08 43.42
C GLY B 364 -13.65 -20.72 44.05
N LYS B 365 -12.87 -19.89 44.75
CA LYS B 365 -11.61 -20.24 45.42
C LYS B 365 -11.74 -20.82 46.83
N LEU B 366 -12.95 -20.99 47.34
CA LEU B 366 -13.10 -21.55 48.69
C LEU B 366 -12.83 -23.02 48.58
N ASN B 367 -13.50 -23.69 47.61
CA ASN B 367 -13.37 -25.12 47.33
C ASN B 367 -11.97 -25.52 46.85
N ILE B 368 -11.17 -24.53 46.39
CA ILE B 368 -9.78 -24.70 46.00
C ILE B 368 -9.01 -24.71 47.33
N LEU B 369 -8.95 -23.56 48.04
CA LEU B 369 -8.30 -23.43 49.34
C LEU B 369 -8.60 -24.64 50.19
N MET B 370 -9.90 -24.94 50.32
CA MET B 370 -10.47 -26.05 51.07
C MET B 370 -9.83 -27.38 50.76
N SER B 371 -9.50 -27.62 49.48
CA SER B 371 -8.93 -28.87 48.98
C SER B 371 -7.41 -28.94 48.99
N ILE B 372 -6.73 -27.85 48.62
CA ILE B 372 -5.27 -27.77 48.58
C ILE B 372 -4.61 -28.17 49.92
N LEU B 373 -5.22 -27.72 51.05
CA LEU B 373 -4.81 -27.99 52.45
C LEU B 373 -4.94 -29.47 52.85
N ASN B 374 -5.87 -30.19 52.19
CA ASN B 374 -6.06 -31.62 52.40
C ASN B 374 -4.91 -32.34 51.71
N ASN B 375 -4.50 -31.85 50.53
CA ASN B 375 -3.34 -32.42 49.83
C ASN B 375 -1.98 -32.02 50.44
N GLY B 376 -1.96 -31.66 51.73
CA GLY B 376 -0.77 -31.30 52.51
C GLY B 376 0.16 -30.27 51.90
N TYR B 377 -0.37 -29.37 51.05
CA TYR B 377 0.38 -28.33 50.34
C TYR B 377 0.15 -26.96 50.98
N TYR B 378 0.92 -26.64 52.02
CA TYR B 378 0.74 -25.39 52.77
C TYR B 378 1.35 -24.11 52.19
N PHE B 379 2.61 -24.19 51.77
CA PHE B 379 3.29 -23.04 51.17
C PHE B 379 2.58 -22.57 49.89
N ILE B 380 2.06 -23.52 49.10
CA ILE B 380 1.33 -23.28 47.87
C ILE B 380 -0.06 -22.60 48.16
N SER B 381 -0.73 -22.94 49.29
CA SER B 381 -1.97 -22.26 49.71
C SER B 381 -1.63 -20.81 50.11
N ILE B 382 -0.46 -20.62 50.79
CA ILE B 382 0.08 -19.30 51.19
C ILE B 382 0.33 -18.46 49.93
N VAL B 383 0.80 -19.13 48.88
CA VAL B 383 1.05 -18.49 47.59
C VAL B 383 -0.29 -18.03 47.01
N LEU B 384 -1.30 -18.94 46.92
CA LEU B 384 -2.66 -18.69 46.46
C LEU B 384 -3.20 -17.36 47.01
N ILE B 385 -3.26 -17.27 48.35
CA ILE B 385 -3.78 -16.10 49.08
C ILE B 385 -3.01 -14.84 48.70
N VAL B 386 -1.68 -14.93 48.79
CA VAL B 386 -0.82 -13.80 48.51
C VAL B 386 -1.05 -13.28 47.10
N ALA B 387 -1.03 -14.22 46.14
CA ALA B 387 -1.21 -13.94 44.72
C ALA B 387 -2.52 -13.25 44.46
N SER B 388 -3.61 -13.69 45.13
CA SER B 388 -4.94 -13.11 44.99
C SER B 388 -4.91 -11.66 45.42
N LEU B 389 -4.30 -11.41 46.60
CA LEU B 389 -4.23 -10.06 47.16
C LEU B 389 -3.53 -9.11 46.21
N ILE B 390 -2.38 -9.56 45.72
CA ILE B 390 -1.61 -8.79 44.75
C ILE B 390 -2.37 -8.57 43.46
N SER B 391 -3.17 -9.57 43.04
CA SER B 391 -3.96 -9.45 41.81
C SER B 391 -4.99 -8.37 41.96
N ALA B 392 -5.74 -8.43 43.05
CA ALA B 392 -6.80 -7.55 43.50
C ALA B 392 -6.41 -6.08 43.43
N LEU B 393 -5.15 -5.74 43.71
CA LEU B 393 -4.71 -4.35 43.65
C LEU B 393 -4.94 -3.76 42.26
N TYR B 394 -4.54 -4.50 41.22
CA TYR B 394 -4.77 -3.98 39.90
C TYR B 394 -6.02 -4.51 39.26
N TYR B 395 -6.95 -4.98 40.09
CA TYR B 395 -8.31 -5.29 39.69
C TYR B 395 -9.09 -4.02 40.00
N LEU B 396 -8.64 -3.29 41.04
CA LEU B 396 -9.21 -2.04 41.53
C LEU B 396 -8.87 -0.83 40.70
N TYR B 397 -7.79 -0.82 39.88
CA TYR B 397 -7.56 0.34 38.99
C TYR B 397 -8.66 0.53 37.89
N UNK B 398 -9.63 -0.43 37.81
CA UNK B 398 -10.80 -0.45 36.93
C UNK B 398 -12.00 0.18 37.68
N UNK B 399 -11.95 0.13 39.02
CA UNK B 399 -12.96 0.68 39.91
C UNK B 399 -12.52 2.08 40.35
N UNK B 400 -11.24 2.23 40.70
CA UNK B 400 -10.64 3.50 41.10
C UNK B 400 -10.84 4.54 40.02
N UNK B 401 -10.79 4.12 38.73
CA UNK B 401 -10.98 5.02 37.60
C UNK B 401 -12.47 5.37 37.40
N UNK B 402 -13.35 4.35 37.45
CA UNK B 402 -14.78 4.47 37.23
C UNK B 402 -15.53 5.21 38.30
N UNK B 403 -15.34 4.82 39.57
CA UNK B 403 -16.02 5.43 40.70
C UNK B 403 -15.71 6.92 40.79
N UNK B 404 -14.47 7.30 40.44
CA UNK B 404 -13.99 8.67 40.46
C UNK B 404 -14.79 9.59 39.55
N UNK B 405 -26.87 -1.25 25.17
CA UNK B 405 -28.06 -0.99 24.37
C UNK B 405 -29.35 -1.27 25.18
N UNK B 406 -29.94 -2.49 24.99
CA UNK B 406 -31.16 -3.04 25.63
C UNK B 406 -31.39 -4.46 25.09
N UNK B 407 -30.78 -4.78 23.92
CA UNK B 407 -30.90 -6.07 23.25
C UNK B 407 -29.99 -7.18 23.85
N UNK B 408 -28.67 -6.91 23.91
CA UNK B 408 -27.65 -7.81 24.49
C UNK B 408 -27.46 -7.51 26.00
N UNK B 409 -28.36 -6.66 26.55
CA UNK B 409 -28.41 -6.22 27.94
C UNK B 409 -29.14 -7.19 28.87
N UNK B 410 -30.07 -8.02 28.33
CA UNK B 410 -30.82 -9.04 29.11
C UNK B 410 -29.86 -10.13 29.56
N UNK B 411 -29.06 -10.68 28.61
CA UNK B 411 -28.02 -11.70 28.81
C UNK B 411 -26.87 -11.11 29.66
N UNK B 412 -26.65 -9.77 29.55
CA UNK B 412 -25.66 -9.02 30.34
C UNK B 412 -26.15 -8.96 31.77
N UNK B 413 -27.48 -8.71 31.95
CA UNK B 413 -28.14 -8.63 33.26
C UNK B 413 -28.36 -10.00 33.87
N UNK B 414 -28.52 -11.06 33.04
CA UNK B 414 -28.71 -12.43 33.51
C UNK B 414 -27.43 -13.00 34.12
N UNK B 415 -26.25 -12.58 33.58
CA UNK B 415 -24.94 -13.01 34.08
C UNK B 415 -24.59 -12.22 35.33
N UNK B 416 -24.82 -10.89 35.31
CA UNK B 416 -24.55 -9.98 36.43
C UNK B 416 -25.28 -10.39 37.70
N UNK B 417 -26.49 -10.97 37.56
CA UNK B 417 -27.27 -11.46 38.68
C UNK B 417 -26.54 -12.68 39.31
N UNK B 418 -26.37 -13.77 38.54
CA UNK B 418 -25.69 -15.03 38.89
C UNK B 418 -24.44 -14.87 39.78
N UNK B 419 -23.67 -13.76 39.62
CA UNK B 419 -22.48 -13.48 40.43
C UNK B 419 -22.87 -13.35 41.92
N UNK B 420 -23.84 -12.49 42.21
CA UNK B 420 -24.34 -12.30 43.56
C UNK B 420 -25.47 -13.29 43.88
N UNK B 421 -26.38 -13.50 42.90
CA UNK B 421 -27.57 -14.33 43.01
C UNK B 421 -27.44 -15.84 43.36
N UNK B 422 -27.12 -16.73 42.36
CA UNK B 422 -27.04 -18.21 42.49
C UNK B 422 -26.21 -18.74 43.68
N UNK B 423 -25.53 -17.82 44.39
CA UNK B 423 -24.74 -18.05 45.60
C UNK B 423 -25.63 -18.63 46.70
N UNK B 424 -26.85 -18.07 46.84
CA UNK B 424 -27.88 -18.51 47.78
C UNK B 424 -28.18 -20.02 47.57
N UNK B 425 -28.22 -20.48 46.29
CA UNK B 425 -28.41 -21.88 45.90
C UNK B 425 -27.08 -22.70 46.08
N UNK B 426 -26.58 -22.74 47.34
CA UNK B 426 -25.36 -23.43 47.76
C UNK B 426 -25.64 -24.94 47.94
N UNK B 427 -26.10 -25.35 49.14
CA UNK B 427 -26.41 -26.75 49.51
C UNK B 427 -27.60 -27.37 48.73
N UNK B 428 -27.86 -26.77 47.55
CA UNK B 428 -28.84 -27.19 46.56
C UNK B 428 -28.06 -28.02 45.54
N UNK B 429 -26.73 -27.95 45.66
CA UNK B 429 -25.75 -28.60 44.81
C UNK B 429 -24.86 -29.53 45.62
N UNK B 430 -24.67 -29.22 46.91
CA UNK B 430 -23.89 -30.07 47.81
C UNK B 430 -24.77 -31.22 48.33
N UNK B 431 -26.08 -30.95 48.55
CA UNK B 431 -27.03 -31.99 48.95
C UNK B 431 -27.71 -32.49 47.64
N UNK B 432 -26.92 -32.43 46.54
CA UNK B 432 -27.25 -32.85 45.19
C UNK B 432 -25.99 -33.38 44.48
N UNK B 433 -24.93 -33.67 45.29
CA UNK B 433 -23.63 -34.20 44.87
C UNK B 433 -23.85 -35.42 43.98
N UNK B 434 -24.23 -36.58 44.60
CA UNK B 434 -24.52 -37.90 44.01
C UNK B 434 -24.00 -38.10 42.58
N UNK B 435 -24.78 -37.58 41.61
CA UNK B 435 -24.55 -37.62 40.17
C UNK B 435 -23.20 -37.01 39.70
N UNK B 436 -22.98 -35.68 39.96
CA UNK B 436 -21.77 -34.91 39.60
C UNK B 436 -20.70 -34.98 40.74
N UNK B 437 -20.52 -36.20 41.26
CA UNK B 437 -19.57 -36.62 42.30
C UNK B 437 -19.09 -38.01 41.91
N UNK B 438 -17.84 -38.06 41.40
CA UNK B 438 -17.07 -39.21 40.90
C UNK B 438 -17.61 -40.59 41.26
N MET C 1 24.17 -56.31 -10.73
CA MET C 1 23.68 -57.02 -9.55
C MET C 1 22.32 -56.51 -9.08
N ASN C 2 22.05 -55.22 -9.33
CA ASN C 2 20.87 -54.46 -8.94
C ASN C 2 19.59 -54.92 -9.62
N THR C 3 18.45 -54.68 -8.96
CA THR C 3 17.12 -55.00 -9.48
C THR C 3 16.57 -53.71 -10.12
N PHE C 4 16.23 -53.74 -11.45
CA PHE C 4 15.75 -52.58 -12.24
C PHE C 4 16.51 -51.28 -11.93
N ILE C 5 17.65 -51.13 -12.61
CA ILE C 5 18.59 -50.00 -12.45
C ILE C 5 18.06 -48.74 -13.12
N ILE C 6 17.14 -48.07 -12.45
CA ILE C 6 16.52 -46.84 -12.92
C ILE C 6 17.50 -45.65 -12.90
N PHE C 7 18.43 -45.65 -11.94
CA PHE C 7 19.42 -44.61 -11.70
C PHE C 7 20.29 -44.39 -12.93
N ILE C 8 20.62 -45.51 -13.59
CA ILE C 8 21.42 -45.58 -14.78
C ILE C 8 20.64 -45.13 -16.03
N ILE C 9 19.63 -44.30 -15.82
CA ILE C 9 18.87 -43.62 -16.85
C ILE C 9 19.11 -42.10 -16.62
N LEU C 10 19.19 -41.73 -15.34
CA LEU C 10 19.47 -40.36 -14.97
C LEU C 10 20.91 -40.03 -15.29
N ILE C 11 21.83 -40.98 -15.04
CA ILE C 11 23.25 -40.81 -15.38
C ILE C 11 23.32 -40.52 -16.89
N PRO C 12 22.65 -41.32 -17.77
CA PRO C 12 22.60 -40.96 -19.18
C PRO C 12 22.15 -39.53 -19.41
N ILE C 13 21.07 -39.08 -18.76
CA ILE C 13 20.56 -37.72 -18.95
C ILE C 13 21.66 -36.69 -18.72
N VAL C 14 22.39 -36.92 -17.63
CA VAL C 14 23.51 -36.06 -17.23
C VAL C 14 24.57 -36.07 -18.32
N GLY C 15 24.85 -37.27 -18.85
CA GLY C 15 25.82 -37.47 -19.90
C GLY C 15 25.47 -36.69 -21.15
N PHE C 16 24.19 -36.71 -21.56
CA PHE C 16 23.70 -36.00 -22.76
C PHE C 16 23.88 -34.50 -22.59
N ALA C 17 23.43 -33.99 -21.44
CA ALA C 17 23.51 -32.56 -21.13
C ALA C 17 24.94 -32.09 -21.13
N LEU C 18 25.82 -32.84 -20.45
CA LEU C 18 27.23 -32.51 -20.37
C LEU C 18 27.91 -32.55 -21.72
N UNK C 19 27.55 -33.55 -22.54
CA UNK C 19 28.11 -33.72 -23.87
C UNK C 19 27.77 -32.57 -24.79
N UNK C 20 26.54 -32.00 -24.70
CA UNK C 20 26.09 -30.90 -25.56
C UNK C 20 27.14 -29.85 -25.99
N UNK C 21 27.99 -30.24 -26.98
CA UNK C 21 29.07 -29.44 -27.55
C UNK C 21 29.21 -29.73 -29.04
N UNK C 22 20.98 -8.90 -24.38
CA UNK C 22 20.02 -8.28 -23.48
C UNK C 22 19.28 -7.09 -24.11
N UNK C 23 18.02 -6.87 -23.68
CA UNK C 23 17.11 -5.78 -24.09
C UNK C 23 16.78 -5.64 -25.60
N UNK C 24 16.01 -6.61 -26.12
CA UNK C 24 15.53 -6.63 -27.50
C UNK C 24 14.34 -5.66 -27.69
N UNK C 25 13.63 -5.29 -26.59
CA UNK C 25 12.50 -4.36 -26.55
C UNK C 25 12.42 -3.57 -25.22
N UNK C 26 11.30 -3.68 -24.47
CA UNK C 26 11.09 -2.96 -23.20
C UNK C 26 11.91 -3.50 -22.04
N UNK C 27 12.24 -2.60 -21.10
CA UNK C 27 13.00 -2.89 -19.89
C UNK C 27 12.10 -3.11 -18.65
N UNK C 28 12.02 -4.37 -18.13
CA UNK C 28 11.19 -4.74 -16.97
C UNK C 28 12.02 -4.90 -15.70
N UNK C 29 2.59 -7.69 -8.67
CA UNK C 29 1.32 -8.27 -9.08
C UNK C 29 1.08 -9.62 -8.42
N UNK C 30 -0.20 -9.95 -8.18
CA UNK C 30 -0.58 -11.19 -7.51
C UNK C 30 -1.91 -11.82 -7.93
N UNK C 31 -2.81 -11.01 -8.53
CA UNK C 31 -4.15 -11.43 -9.00
C UNK C 31 -5.06 -12.06 -7.92
N UNK C 32 -4.86 -11.66 -6.63
CA UNK C 32 -5.64 -12.09 -5.46
C UNK C 32 -6.28 -13.51 -5.43
N UNK C 33 -7.23 -13.82 -6.34
CA UNK C 33 -7.87 -15.14 -6.41
C UNK C 33 -6.98 -16.22 -7.06
N UNK C 34 -5.71 -15.89 -7.41
CA UNK C 34 -4.74 -16.83 -7.98
C UNK C 34 -4.24 -17.74 -6.85
N ILE C 35 -3.77 -17.14 -5.75
CA ILE C 35 -3.28 -17.89 -4.60
C ILE C 35 -4.40 -18.57 -3.84
N LEU C 36 -5.55 -17.88 -3.69
CA LEU C 36 -6.72 -18.44 -3.00
C LEU C 36 -7.09 -19.81 -3.53
N VAL C 37 -6.92 -20.06 -4.85
CA VAL C 37 -7.19 -21.36 -5.45
C VAL C 37 -6.02 -22.34 -5.22
N ALA C 38 -4.77 -21.86 -5.22
CA ALA C 38 -3.60 -22.72 -4.99
C ALA C 38 -3.74 -23.50 -3.67
N ILE C 39 -4.21 -22.81 -2.63
CA ILE C 39 -4.48 -23.37 -1.32
C ILE C 39 -5.59 -24.40 -1.43
N LEU C 40 -6.63 -24.09 -2.22
CA LEU C 40 -7.79 -24.93 -2.45
C LEU C 40 -7.37 -26.22 -3.08
N PHE C 41 -6.35 -26.17 -3.95
CA PHE C 41 -5.88 -27.38 -4.58
C PHE C 41 -5.48 -28.39 -3.53
N LEU C 42 -4.57 -27.99 -2.63
CA LEU C 42 -4.02 -28.87 -1.61
C LEU C 42 -5.11 -29.63 -0.91
N PRO C 43 -6.19 -29.00 -0.39
CA PRO C 43 -7.21 -29.77 0.30
C PRO C 43 -7.95 -30.72 -0.61
N PHE C 44 -8.30 -30.28 -1.83
CA PHE C 44 -9.07 -31.13 -2.75
C PHE C 44 -8.31 -32.37 -3.17
N ASP C 45 -7.05 -32.15 -3.47
CA ASP C 45 -6.09 -33.18 -3.77
C ASP C 45 -6.04 -34.12 -2.59
N LEU C 46 -5.87 -33.57 -1.37
CA LEU C 46 -5.81 -34.36 -0.15
C LEU C 46 -7.04 -35.24 0.03
N GLU C 47 -8.26 -34.73 -0.21
CA GLU C 47 -9.46 -35.56 -0.07
C GLU C 47 -9.42 -36.76 -0.99
N ILE C 48 -9.06 -36.56 -2.25
CA ILE C 48 -9.00 -37.65 -3.23
C ILE C 48 -7.94 -38.70 -2.89
N SER C 49 -6.70 -38.25 -2.65
CA SER C 49 -5.61 -39.15 -2.32
C SER C 49 -5.86 -39.86 -1.02
N THR C 50 -6.56 -39.20 -0.08
CA THR C 50 -6.93 -39.81 1.19
C THR C 50 -8.09 -40.75 1.08
N LEU C 51 -8.72 -40.79 -0.07
CA LEU C 51 -9.78 -41.74 -0.33
C LEU C 51 -9.03 -42.93 -0.89
N LEU C 52 -7.97 -42.65 -1.67
CA LEU C 52 -7.18 -43.64 -2.39
C LEU C 52 -6.90 -44.93 -1.65
N PRO C 53 -6.23 -44.92 -0.48
CA PRO C 53 -5.90 -46.21 0.16
C PRO C 53 -7.14 -46.89 0.67
N TYR C 54 -8.09 -46.12 1.13
CA TYR C 54 -9.33 -46.60 1.66
C TYR C 54 -10.13 -47.28 0.59
N VAL C 55 -9.91 -46.89 -0.67
CA VAL C 55 -10.50 -47.57 -1.80
C VAL C 55 -9.68 -48.76 -2.25
N MET C 56 -8.34 -48.70 -2.10
CA MET C 56 -7.47 -49.82 -2.47
C MET C 56 -7.68 -51.04 -1.49
N SER C 57 -7.91 -50.74 -0.21
CA SER C 57 -8.15 -51.68 0.90
C SER C 57 -9.66 -51.78 1.25
N ILE C 58 -10.49 -52.11 0.26
CA ILE C 58 -11.93 -52.25 0.50
C ILE C 58 -12.55 -53.46 -0.11
N TYR C 59 -13.89 -53.45 -0.21
CA TYR C 59 -14.77 -54.51 -0.70
C TYR C 59 -14.69 -55.67 0.37
N LEU C 60 -14.77 -55.25 1.66
CA LEU C 60 -14.78 -56.04 2.89
C LEU C 60 -16.21 -56.15 3.49
N VAL C 61 -16.93 -55.09 4.05
CA VAL C 61 -16.77 -53.65 4.44
C VAL C 61 -18.13 -52.88 4.48
N SER C 62 -18.25 -51.93 5.42
CA SER C 62 -19.43 -51.08 5.53
C SER C 62 -19.16 -49.76 4.79
N ASN C 63 -19.70 -49.67 3.57
CA ASN C 63 -19.59 -48.57 2.62
C ASN C 63 -20.28 -47.30 3.03
N TYR C 64 -21.30 -47.39 3.89
CA TYR C 64 -22.04 -46.21 4.32
C TYR C 64 -21.10 -45.20 5.00
N GLY C 65 -20.03 -45.72 5.61
CA GLY C 65 -19.00 -44.92 6.24
C GLY C 65 -18.12 -44.20 5.22
N PHE C 66 -17.91 -44.85 4.08
CA PHE C 66 -17.11 -44.42 2.92
C PHE C 66 -17.80 -43.25 2.21
N THR C 67 -19.14 -43.30 2.17
CA THR C 67 -20.01 -42.35 1.48
C THR C 67 -20.25 -41.10 2.27
N ILE C 68 -20.34 -41.19 3.60
CA ILE C 68 -20.60 -40.04 4.43
C ILE C 68 -19.53 -38.92 4.36
N VAL C 69 -18.27 -39.32 4.23
CA VAL C 69 -17.12 -38.41 4.15
C VAL C 69 -17.11 -37.70 2.81
N LEU C 70 -17.51 -38.41 1.76
CA LEU C 70 -17.64 -37.84 0.43
C LEU C 70 -18.73 -36.78 0.45
N LEU C 71 -19.86 -37.04 1.13
CA LEU C 71 -20.96 -36.07 1.31
C LEU C 71 -20.42 -34.83 2.00
N PHE C 72 -19.48 -34.98 2.96
CA PHE C 72 -18.87 -33.83 3.64
C PHE C 72 -17.97 -33.04 2.72
N LEU C 73 -17.28 -33.74 1.81
CA LEU C 73 -16.43 -33.13 0.78
C LEU C 73 -17.29 -32.40 -0.29
N LEU C 74 -18.51 -32.90 -0.62
CA LEU C 74 -19.45 -32.21 -1.52
C LEU C 74 -19.76 -30.86 -0.88
N ILE C 75 -19.80 -30.78 0.48
CA ILE C 75 -20.01 -29.53 1.22
C ILE C 75 -18.86 -28.56 0.96
N LEU C 76 -17.61 -29.05 0.95
CA LEU C 76 -16.42 -28.25 0.62
C LEU C 76 -16.64 -27.60 -0.75
N ILE C 77 -16.92 -28.44 -1.76
CA ILE C 77 -17.15 -28.01 -3.14
C ILE C 77 -18.24 -26.99 -3.19
N ILE C 78 -19.40 -27.29 -2.57
CA ILE C 78 -20.58 -26.41 -2.53
C ILE C 78 -20.22 -25.03 -2.00
N GLY C 79 -19.56 -24.98 -0.85
CA GLY C 79 -19.18 -23.71 -0.24
C GLY C 79 -18.26 -22.90 -1.13
N PHE C 80 -17.31 -23.60 -1.74
CA PHE C 80 -16.36 -23.00 -2.63
C PHE C 80 -17.06 -22.37 -3.83
N VAL C 81 -17.85 -23.17 -4.54
CA VAL C 81 -18.57 -22.75 -5.72
C VAL C 81 -19.75 -21.87 -5.42
N UNK C 82 -20.10 -21.64 -4.14
CA UNK C 82 -21.22 -20.79 -3.79
C UNK C 82 -20.94 -19.33 -4.14
N UNK C 83 -21.57 -18.38 -3.42
CA UNK C 83 -21.39 -16.94 -3.63
C UNK C 83 -19.89 -16.65 -3.58
N UNK C 84 -19.16 -17.42 -2.75
CA UNK C 84 -17.71 -17.38 -2.54
C UNK C 84 -16.96 -17.26 -3.87
N UNK C 85 -16.91 -18.35 -4.68
CA UNK C 85 -16.25 -18.49 -5.99
C UNK C 85 -14.96 -17.69 -6.29
N UNK C 86 -14.17 -18.15 -7.27
CA UNK C 86 -12.97 -17.40 -7.72
C UNK C 86 -13.45 -16.15 -8.47
N UNK C 87 -12.85 -15.02 -8.16
CA UNK C 87 -13.27 -13.74 -8.73
C UNK C 87 -13.15 -13.72 -10.25
N UNK C 88 -11.92 -13.95 -10.77
CA UNK C 88 -11.63 -13.94 -12.20
C UNK C 88 -12.35 -15.04 -12.97
N UNK C 89 -12.86 -16.05 -12.25
CA UNK C 89 -13.60 -17.14 -12.86
C UNK C 89 -15.06 -16.77 -13.02
N UNK D 1 -41.18 -15.15 54.63
CA UNK D 1 -41.60 -14.89 53.25
C UNK D 1 -43.02 -14.23 53.10
N UNK D 2 -43.61 -13.77 54.23
CA UNK D 2 -44.94 -13.15 54.21
C UNK D 2 -45.11 -11.89 53.36
N UNK D 3 -46.26 -11.84 52.67
CA UNK D 3 -46.71 -10.74 51.82
C UNK D 3 -46.85 -9.41 52.59
N UNK D 4 -46.89 -9.47 53.95
CA UNK D 4 -46.87 -8.30 54.83
C UNK D 4 -45.52 -7.56 54.63
N UNK D 5 -44.39 -8.32 54.46
CA UNK D 5 -43.08 -7.72 54.18
C UNK D 5 -43.11 -6.98 52.84
N UNK D 6 -43.93 -7.47 51.89
CA UNK D 6 -44.13 -6.82 50.61
C UNK D 6 -44.90 -5.50 50.78
N UNK D 7 -45.93 -5.45 51.70
CA UNK D 7 -46.74 -4.24 52.01
C UNK D 7 -45.91 -3.12 52.67
N UNK D 8 -45.02 -3.48 53.62
CA UNK D 8 -44.02 -2.56 54.20
C UNK D 8 -43.05 -2.06 53.09
N UNK D 9 -42.68 -2.90 52.09
CA UNK D 9 -41.82 -2.47 50.97
C UNK D 9 -42.56 -1.48 50.03
N UNK D 10 -43.87 -1.70 49.85
CA UNK D 10 -44.73 -0.87 49.01
C UNK D 10 -44.78 0.56 49.49
N UNK D 11 -45.05 0.76 50.80
CA UNK D 11 -45.13 2.09 51.40
C UNK D 11 -43.81 2.81 51.33
N UNK D 12 -42.68 2.12 51.63
CA UNK D 12 -41.34 2.69 51.59
C UNK D 12 -41.00 3.21 50.20
N UNK D 13 -41.49 2.53 49.14
CA UNK D 13 -41.31 2.95 47.74
C UNK D 13 -41.96 4.31 47.48
N UNK D 14 -43.20 4.48 47.96
CA UNK D 14 -43.96 5.72 47.82
C UNK D 14 -43.20 6.81 48.56
N UNK D 15 -42.80 6.52 49.81
CA UNK D 15 -42.01 7.40 50.66
C UNK D 15 -40.68 7.74 50.03
N UNK D 16 -40.22 6.94 49.03
CA UNK D 16 -38.98 7.21 48.28
C UNK D 16 -39.27 8.07 47.05
N UNK D 17 -40.44 7.89 46.40
CA UNK D 17 -40.87 8.69 45.24
C UNK D 17 -41.21 10.18 45.63
N UNK D 18 -41.50 10.43 46.92
CA UNK D 18 -41.83 11.73 47.50
C UNK D 18 -40.59 12.39 48.12
N UNK D 19 -32.23 9.98 48.66
CA UNK D 19 -31.07 10.64 49.26
C UNK D 19 -31.48 11.45 50.52
N UNK D 20 -31.99 12.69 50.35
CA UNK D 20 -32.46 13.53 51.47
C UNK D 20 -33.78 12.96 52.06
N UNK D 21 -34.71 12.56 51.18
CA UNK D 21 -36.01 12.01 51.52
C UNK D 21 -35.90 10.67 52.23
N UNK D 22 -34.92 9.85 51.80
CA UNK D 22 -34.63 8.53 52.33
C UNK D 22 -34.43 8.52 53.81
N UNK D 23 -34.00 9.66 54.38
CA UNK D 23 -33.68 9.83 55.78
C UNK D 23 -34.65 9.25 56.77
N UNK D 24 -35.91 9.69 56.76
CA UNK D 24 -36.94 9.24 57.69
C UNK D 24 -37.28 7.78 57.53
N UNK D 25 -37.10 7.25 56.32
CA UNK D 25 -37.36 5.85 56.05
C UNK D 25 -36.27 5.06 56.73
N UNK D 26 -35.01 5.46 56.52
CA UNK D 26 -33.88 4.80 57.16
C UNK D 26 -33.95 4.99 58.68
N UNK D 27 -34.56 6.11 59.13
CA UNK D 27 -34.74 6.37 60.55
C UNK D 27 -35.76 5.40 61.11
N UNK D 28 -36.84 5.13 60.35
CA UNK D 28 -37.89 4.20 60.76
C UNK D 28 -37.33 2.80 60.86
N UNK D 29 -36.53 2.39 59.85
CA UNK D 29 -35.88 1.09 59.84
C UNK D 29 -35.00 1.00 61.08
N UNK D 30 -34.30 2.09 61.38
CA UNK D 30 -33.44 2.16 62.55
C UNK D 30 -34.24 1.96 63.84
N UNK D 31 -35.37 2.65 63.97
CA UNK D 31 -36.23 2.54 65.13
C UNK D 31 -36.86 1.17 65.29
N UNK D 32 -37.28 0.52 64.19
CA UNK D 32 -37.87 -0.82 64.25
C UNK D 32 -36.84 -1.82 64.68
N UNK D 33 -35.61 -1.75 64.15
CA UNK D 33 -34.55 -2.68 64.53
C UNK D 33 -34.27 -2.55 66.01
N UNK D 34 -34.33 -1.31 66.53
CA UNK D 34 -34.17 -1.04 67.95
C UNK D 34 -35.37 -1.60 68.68
N UNK D 35 -36.57 -1.46 68.09
CA UNK D 35 -37.80 -1.98 68.68
C UNK D 35 -37.79 -3.48 68.80
N UNK D 36 -37.29 -4.20 67.76
CA UNK D 36 -37.21 -5.65 67.84
C UNK D 36 -36.12 -6.04 68.81
N UNK D 37 -35.12 -5.17 68.98
CA UNK D 37 -34.05 -5.42 69.93
C UNK D 37 -34.65 -5.39 71.33
N UNK D 38 -35.51 -4.41 71.59
CA UNK D 38 -36.14 -4.30 72.90
C UNK D 38 -37.25 -5.29 73.14
N UNK D 39 -37.87 -5.84 72.08
CA UNK D 39 -38.93 -6.85 72.26
C UNK D 39 -38.36 -8.25 72.59
N UNK D 40 -37.12 -8.55 72.10
CA UNK D 40 -36.39 -9.80 72.40
C UNK D 40 -35.78 -9.68 73.81
N UNK D 41 -36.41 -10.40 74.73
CA UNK D 41 -36.34 -10.58 76.20
C UNK D 41 -37.85 -10.64 76.51
N UNK D 42 -38.60 -11.38 75.63
CA UNK D 42 -40.06 -11.58 75.54
C UNK D 42 -40.70 -12.51 76.61
N UNK D 43 -41.54 -13.50 76.21
CA UNK D 43 -42.18 -14.41 77.16
C UNK D 43 -41.11 -15.30 77.79
N UNK D 44 -40.34 -15.98 76.95
CA UNK D 44 -39.26 -16.85 77.36
C UNK D 44 -38.02 -16.11 76.93
N UNK D 45 -37.52 -15.28 77.84
CA UNK D 45 -36.33 -14.48 77.62
C UNK D 45 -35.07 -15.31 77.79
N UNK D 46 -33.92 -14.62 77.83
CA UNK D 46 -32.63 -15.26 78.01
C UNK D 46 -32.51 -16.01 79.37
N UNK D 47 -32.28 -15.29 80.50
CA UNK D 47 -32.08 -15.84 81.85
C UNK D 47 -31.04 -17.01 81.92
N UNK D 48 -31.46 -18.28 81.62
CA UNK D 48 -30.63 -19.50 81.57
C UNK D 48 -29.53 -19.69 82.65
N UNK D 49 -28.25 -19.31 82.36
CA UNK D 49 -27.11 -19.45 83.26
C UNK D 49 -26.41 -18.12 83.56
N UNK D 50 -25.87 -25.70 76.08
CA UNK D 50 -26.30 -25.36 74.72
C UNK D 50 -27.56 -24.45 74.69
N UNK D 51 -27.56 -23.38 75.52
CA UNK D 51 -28.65 -22.41 75.60
C UNK D 51 -28.35 -21.30 74.61
N UNK D 52 -28.82 -21.45 73.34
CA UNK D 52 -28.65 -20.50 72.24
C UNK D 52 -30.02 -20.10 71.58
N UNK D 53 -30.11 -20.10 70.23
CA UNK D 53 -31.34 -19.77 69.47
C UNK D 53 -31.41 -20.62 68.19
N UNK D 54 -32.33 -20.30 67.24
CA UNK D 54 -32.50 -21.07 66.00
C UNK D 54 -32.76 -20.19 64.78
N UNK D 55 -32.36 -20.71 63.61
CA UNK D 55 -32.48 -20.22 62.23
C UNK D 55 -31.49 -20.97 61.38
N UNK D 56 -31.80 -21.08 60.08
CA UNK D 56 -31.01 -21.69 59.00
C UNK D 56 -31.54 -21.03 57.73
N UNK D 57 -30.64 -20.47 56.89
CA UNK D 57 -31.03 -19.74 55.69
C UNK D 57 -30.80 -20.44 54.36
N UNK D 58 -31.92 -20.94 53.78
CA UNK D 58 -32.08 -21.65 52.50
C UNK D 58 -31.09 -22.80 52.12
N UNK D 59 -30.31 -23.30 53.12
CA UNK D 59 -29.32 -24.38 52.96
C UNK D 59 -29.59 -25.59 53.89
N UNK D 60 -28.90 -26.71 53.64
CA UNK D 60 -29.02 -27.95 54.39
C UNK D 60 -28.06 -28.02 55.59
N UNK D 61 -22.04 -20.28 55.92
CA UNK D 61 -23.05 -21.26 56.30
C UNK D 61 -24.43 -20.63 56.54
N UNK D 62 -25.47 -21.50 56.58
CA UNK D 62 -26.85 -21.08 56.81
C UNK D 62 -27.04 -20.56 58.24
N UNK D 63 -26.63 -21.38 59.23
CA UNK D 63 -26.79 -21.17 60.66
C UNK D 63 -26.56 -19.80 61.31
N UNK D 64 -27.67 -19.20 61.77
CA UNK D 64 -27.74 -17.93 62.52
C UNK D 64 -28.56 -18.23 63.80
N UNK D 65 -28.15 -17.66 64.97
CA UNK D 65 -28.77 -17.85 66.29
C UNK D 65 -28.21 -16.82 67.31
N UNK D 66 -29.09 -16.06 67.99
CA UNK D 66 -28.66 -15.04 68.95
C UNK D 66 -28.46 -15.54 70.39
N UNK D 67 -27.20 -15.78 70.74
CA UNK D 67 -26.73 -16.22 72.05
C UNK D 67 -26.55 -15.03 72.98
N UNK D 68 -26.18 -15.23 74.26
CA UNK D 68 -26.02 -14.13 75.22
C UNK D 68 -24.99 -13.09 74.75
N UNK D 69 -23.82 -13.57 74.30
CA UNK D 69 -22.80 -12.69 73.76
C UNK D 69 -23.42 -11.96 72.57
N UNK D 70 -24.13 -12.72 71.72
CA UNK D 70 -24.80 -12.16 70.57
C UNK D 70 -25.88 -11.15 70.96
N UNK D 71 -26.37 -11.19 72.20
CA UNK D 71 -27.36 -10.23 72.67
C UNK D 71 -26.65 -8.99 73.13
N UNK D 72 -25.54 -9.16 73.86
CA UNK D 72 -24.79 -8.03 74.41
C UNK D 72 -24.09 -7.24 73.33
N UNK D 73 -23.06 -7.84 72.69
CA UNK D 73 -22.27 -7.24 71.61
C UNK D 73 -23.11 -6.93 70.35
N UNK D 74 -24.39 -7.34 70.34
CA UNK D 74 -25.29 -7.11 69.23
C UNK D 74 -26.36 -6.05 69.43
N UNK D 75 -26.73 -5.76 70.68
CA UNK D 75 -27.74 -4.73 70.93
C UNK D 75 -27.16 -3.32 70.75
N UNK D 76 -25.83 -3.19 70.93
CA UNK D 76 -25.11 -1.94 70.72
C UNK D 76 -25.33 -1.54 69.29
N UNK D 77 -25.15 -2.51 68.37
CA UNK D 77 -25.32 -2.32 66.94
C UNK D 77 -26.70 -1.81 66.62
N UNK D 78 -27.72 -2.27 67.37
CA UNK D 78 -29.10 -1.86 67.17
C UNK D 78 -29.31 -0.44 67.67
N UNK D 79 -28.46 -0.02 68.62
CA UNK D 79 -28.56 1.30 69.24
C UNK D 79 -27.72 2.34 68.56
N UNK D 80 -26.68 1.92 67.84
CA UNK D 80 -25.75 2.83 67.19
C UNK D 80 -26.01 2.99 65.71
N UNK D 81 -26.93 2.16 65.18
CA UNK D 81 -27.28 2.25 63.76
C UNK D 81 -28.02 3.55 63.59
N UNK D 82 -28.83 3.90 64.59
CA UNK D 82 -29.56 5.14 64.56
C UNK D 82 -28.60 6.30 64.72
N UNK D 83 -27.64 6.17 65.67
CA UNK D 83 -26.60 7.20 65.88
C UNK D 83 -25.83 7.42 64.55
N UNK D 84 -25.65 6.33 63.77
CA UNK D 84 -25.01 6.34 62.47
C UNK D 84 -25.80 7.16 61.47
N UNK D 85 -27.08 6.81 61.26
CA UNK D 85 -27.94 7.51 60.31
C UNK D 85 -28.09 8.99 60.66
N UNK D 86 -27.91 9.31 61.93
CA UNK D 86 -28.09 10.65 62.46
C UNK D 86 -27.33 11.79 61.81
N UNK D 87 -26.00 11.79 61.83
CA UNK D 87 -25.24 12.90 61.25
C UNK D 87 -25.20 12.96 59.73
N UNK D 88 -25.78 11.95 59.04
CA UNK D 88 -25.82 11.90 57.58
C UNK D 88 -26.46 13.15 57.00
N UNK D 89 -27.68 13.46 57.49
CA UNK D 89 -28.47 14.62 57.10
C UNK D 89 -27.66 15.90 57.27
N UNK D 90 -26.89 15.99 58.38
CA UNK D 90 -26.03 17.14 58.64
C UNK D 90 -24.98 17.28 57.53
N UNK D 91 -24.39 16.16 57.10
CA UNK D 91 -23.39 16.13 56.04
C UNK D 91 -24.05 15.92 54.69
N UNK D 92 -25.22 16.54 54.46
CA UNK D 92 -25.95 16.41 53.19
C UNK D 92 -25.30 17.10 51.98
N UNK D 93 -24.06 16.70 51.65
CA UNK D 93 -23.34 17.24 50.49
C UNK D 93 -23.28 16.19 49.38
N UNK D 94 -23.39 16.66 48.11
CA UNK D 94 -23.39 15.87 46.86
C UNK D 94 -24.52 14.80 46.85
N UNK D 95 -24.32 13.66 46.14
CA UNK D 95 -25.32 12.60 46.08
C UNK D 95 -25.34 11.82 47.40
N UNK D 96 -26.26 12.20 48.29
CA UNK D 96 -26.43 11.61 49.62
C UNK D 96 -27.30 10.35 49.65
N UNK D 97 -27.49 9.70 48.49
CA UNK D 97 -28.28 8.47 48.40
C UNK D 97 -27.51 7.25 48.92
N UNK D 98 -26.25 7.10 48.55
CA UNK D 98 -25.45 5.97 49.01
C UNK D 98 -24.74 6.31 50.31
N UNK D 99 -24.64 7.62 50.67
CA UNK D 99 -23.96 8.05 51.88
C UNK D 99 -24.65 7.53 53.15
N UNK D 100 -25.98 7.56 53.15
CA UNK D 100 -26.79 7.06 54.25
C UNK D 100 -27.07 5.56 54.08
N UNK D 101 -27.58 5.15 52.90
CA UNK D 101 -27.95 3.75 52.63
C UNK D 101 -26.76 2.81 52.69
N UNK D 102 -25.58 3.25 52.24
CA UNK D 102 -24.40 2.40 52.33
C UNK D 102 -24.02 2.27 53.79
N UNK D 103 -24.14 3.37 54.56
CA UNK D 103 -23.88 3.36 56.00
C UNK D 103 -24.80 2.35 56.67
N UNK D 104 -26.09 2.39 56.30
CA UNK D 104 -27.12 1.48 56.76
C UNK D 104 -26.71 0.05 56.45
N UNK D 105 -26.29 -0.20 55.20
CA UNK D 105 -25.88 -1.52 54.75
C UNK D 105 -24.78 -2.10 55.62
N UNK D 106 -23.72 -1.31 55.90
CA UNK D 106 -22.61 -1.76 56.75
C UNK D 106 -23.07 -2.00 58.17
N UNK D 107 -23.93 -1.09 58.67
CA UNK D 107 -24.53 -1.14 60.00
C UNK D 107 -25.25 -2.48 60.23
N UNK D 108 -26.06 -2.92 59.25
CA UNK D 108 -26.75 -4.20 59.35
C UNK D 108 -25.80 -5.39 59.13
N UNK D 109 -24.77 -5.25 58.25
CA UNK D 109 -23.77 -6.32 58.01
C UNK D 109 -23.02 -6.68 59.31
N UNK D 110 -22.64 -5.66 60.11
CA UNK D 110 -22.03 -5.83 61.42
C UNK D 110 -23.05 -6.38 62.44
N UNK D 111 -24.38 -6.15 62.24
CA UNK D 111 -25.37 -6.72 63.18
C UNK D 111 -25.58 -8.24 62.94
N UNK D 112 -25.65 -8.60 61.66
CA UNK D 112 -25.90 -9.97 61.22
C UNK D 112 -24.85 -10.99 61.59
N UNK D 113 -23.55 -10.69 61.37
CA UNK D 113 -22.49 -11.63 61.72
C UNK D 113 -22.63 -11.99 63.18
N UNK D 114 -22.73 -10.93 64.01
CA UNK D 114 -22.87 -11.00 65.45
C UNK D 114 -23.99 -11.95 65.84
N UNK D 115 -25.15 -11.80 65.20
CA UNK D 115 -26.28 -12.66 65.49
C UNK D 115 -26.07 -14.05 64.91
N UNK D 116 -25.22 -14.18 63.87
CA UNK D 116 -24.97 -15.48 63.26
C UNK D 116 -24.15 -16.43 64.14
N UNK D 117 -24.48 -17.76 64.03
CA UNK D 117 -23.88 -18.84 64.81
C UNK D 117 -22.57 -19.52 64.30
N UNK D 118 -22.61 -20.30 63.17
CA UNK D 118 -21.46 -21.07 62.65
C UNK D 118 -20.14 -20.36 62.18
N UNK D 119 -19.11 -21.19 61.94
CA UNK D 119 -17.78 -20.76 61.48
C UNK D 119 -17.81 -20.08 60.11
N UNK D 120 -18.29 -20.78 59.06
CA UNK D 120 -18.37 -20.31 57.67
C UNK D 120 -19.33 -19.15 57.48
N SER D 121 -20.38 -19.06 58.33
CA SER D 121 -21.42 -18.01 58.31
C SER D 121 -20.88 -16.65 58.77
N PHE D 122 -20.05 -16.66 59.81
CA PHE D 122 -19.42 -15.47 60.36
C PHE D 122 -18.46 -14.90 59.34
N TYR D 123 -17.91 -15.76 58.48
CA TYR D 123 -16.98 -15.30 57.47
C TYR D 123 -17.63 -14.55 56.31
N ILE D 124 -18.72 -15.07 55.73
CA ILE D 124 -19.40 -14.45 54.58
C ILE D 124 -19.83 -13.04 54.81
N LEU D 125 -20.56 -12.82 55.94
CA LEU D 125 -21.14 -11.56 56.39
C LEU D 125 -20.03 -10.53 56.68
N PHE D 126 -18.95 -11.01 57.29
CA PHE D 126 -17.80 -10.18 57.59
C PHE D 126 -17.22 -9.45 56.36
N GLU D 127 -17.08 -10.20 55.26
CA GLU D 127 -16.48 -9.75 54.02
C GLU D 127 -17.26 -8.70 53.23
N ALA D 128 -18.57 -8.62 53.43
CA ALA D 128 -19.45 -7.65 52.75
C ALA D 128 -19.20 -6.24 53.27
N THR D 129 -18.79 -6.12 54.54
CA THR D 129 -18.45 -4.87 55.15
C THR D 129 -17.37 -4.24 54.31
N LEU D 130 -16.46 -5.03 53.72
CA LEU D 130 -15.35 -4.52 52.90
C LEU D 130 -15.81 -3.63 51.76
N PRO D 131 -16.64 -4.10 50.78
CA PRO D 131 -17.10 -3.19 49.72
C PRO D 131 -17.84 -1.98 50.26
N LEU D 132 -18.52 -2.17 51.38
CA LEU D 132 -19.29 -1.11 52.01
C LEU D 132 -18.38 -0.04 52.54
N LEU D 133 -17.44 -0.42 53.40
CA LEU D 133 -16.46 0.47 54.01
C LEU D 133 -15.62 1.15 52.97
N PHE D 134 -15.03 0.38 52.03
CA PHE D 134 -14.20 0.88 50.94
C PHE D 134 -14.93 1.93 50.09
N ILE D 135 -16.09 1.57 49.53
CA ILE D 135 -16.82 2.49 48.66
C ILE D 135 -17.33 3.73 49.37
N LEU D 136 -17.77 3.58 50.62
CA LEU D 136 -18.22 4.75 51.37
C LEU D 136 -17.06 5.69 51.51
N ILE D 137 -15.93 5.19 52.02
CA ILE D 137 -14.71 5.95 52.23
C ILE D 137 -14.11 6.52 50.93
N HIS D 138 -14.21 5.82 49.80
CA HIS D 138 -13.66 6.33 48.53
C HIS D 138 -14.50 7.46 47.93
N ILE D 139 -15.81 7.31 47.98
CA ILE D 139 -16.73 8.27 47.43
C ILE D 139 -16.90 9.48 48.36
N TYR D 140 -17.35 9.23 49.60
CA TYR D 140 -17.64 10.27 50.58
C TYR D 140 -16.47 10.58 51.51
N GLY D 141 -15.33 9.96 51.23
CA GLY D 141 -14.15 10.13 52.06
C GLY D 141 -13.46 11.47 51.94
N SER D 142 -12.75 11.84 53.01
CA SER D 142 -11.97 13.07 53.10
C SER D 142 -10.51 12.91 52.60
N SER D 143 -10.00 13.98 51.93
CA SER D 143 -8.67 14.15 51.32
C SER D 143 -8.05 12.99 50.54
N ASP D 144 -7.52 11.97 51.24
CA ASP D 144 -6.85 10.80 50.64
C ASP D 144 -7.82 9.66 50.68
N SER D 145 -9.06 9.96 50.26
CA SER D 145 -10.17 9.02 50.22
C SER D 145 -9.80 7.75 49.50
N GLU D 146 -9.06 7.87 48.38
CA GLU D 146 -8.58 6.72 47.61
C GLU D 146 -7.66 5.89 48.47
N ARG D 147 -6.75 6.57 49.20
CA ARG D 147 -5.77 5.93 50.06
C ARG D 147 -6.49 5.25 51.24
N ALA D 148 -7.40 6.00 51.86
CA ALA D 148 -8.13 5.48 52.99
C ALA D 148 -9.06 4.38 52.57
N SER D 149 -9.53 4.39 51.30
CA SER D 149 -10.41 3.34 50.80
C SER D 149 -9.72 2.02 50.69
N PHE D 150 -8.72 1.96 49.86
CA PHE D 150 -8.01 0.71 49.64
C PHE D 150 -7.22 0.29 50.88
N TYR D 151 -6.90 1.28 51.77
CA TYR D 151 -6.24 0.97 53.03
C TYR D 151 -7.18 0.16 53.93
N VAL D 152 -8.51 0.37 53.79
CA VAL D 152 -9.53 -0.38 54.54
C VAL D 152 -9.64 -1.77 53.95
N LEU D 153 -9.89 -1.87 52.63
CA LEU D 153 -10.15 -3.10 51.88
C LEU D 153 -9.01 -4.09 51.89
N MET D 154 -7.78 -3.62 51.61
CA MET D 154 -6.60 -4.46 51.54
C MET D 154 -6.16 -4.97 52.88
N PHE D 155 -6.41 -4.18 53.93
CA PHE D 155 -6.05 -4.57 55.28
C PHE D 155 -7.12 -5.38 55.96
N THR D 156 -8.35 -5.24 55.48
CA THR D 156 -9.43 -6.05 56.03
C THR D 156 -9.40 -7.41 55.34
N LEU D 157 -9.03 -7.42 54.04
CA LEU D 157 -8.95 -8.61 53.21
C LEU D 157 -7.82 -9.47 53.59
N SER D 158 -6.62 -8.90 53.67
CA SER D 158 -5.43 -9.67 53.97
C SER D 158 -5.53 -10.40 55.31
N GLY D 159 -5.88 -9.65 56.36
CA GLY D 159 -6.02 -10.21 57.70
C GLY D 159 -6.96 -11.39 57.72
N SER D 160 -8.12 -11.17 57.09
CA SER D 160 -9.25 -12.07 56.90
C SER D 160 -8.90 -13.29 56.08
N LEU D 161 -8.01 -13.15 55.07
CA LEU D 161 -7.63 -14.30 54.27
C LEU D 161 -6.93 -15.40 55.06
N PHE D 162 -6.05 -15.05 55.99
CA PHE D 162 -5.38 -16.00 56.89
C PHE D 162 -6.41 -16.76 57.74
N MET D 163 -7.37 -15.99 58.30
CA MET D 163 -8.48 -16.51 59.09
C MET D 163 -9.28 -17.48 58.25
N LEU D 164 -9.61 -17.09 56.99
CA LEU D 164 -10.34 -17.94 56.05
C LEU D 164 -9.58 -19.23 55.78
N LEU D 165 -8.28 -19.14 55.45
CA LEU D 165 -7.42 -20.28 55.18
C LEU D 165 -7.43 -21.29 56.33
N SER D 166 -7.39 -20.78 57.58
CA SER D 166 -7.44 -21.61 58.78
C SER D 166 -8.84 -22.20 58.95
N ILE D 167 -9.89 -21.44 58.53
CA ILE D 167 -11.31 -21.84 58.61
C ILE D 167 -11.58 -23.06 57.76
N VAL D 168 -10.83 -23.22 56.68
CA VAL D 168 -10.96 -24.37 55.81
C VAL D 168 -10.12 -25.53 56.32
N VAL D 169 -9.10 -25.26 57.19
CA VAL D 169 -8.36 -26.34 57.87
C VAL D 169 -9.22 -26.77 59.08
N ILE D 170 -10.15 -25.89 59.47
CA ILE D 170 -11.11 -26.13 60.53
C ILE D 170 -12.22 -26.99 59.96
N SER D 171 -12.62 -26.75 58.69
CA SER D 171 -13.67 -27.53 58.03
C SER D 171 -13.18 -28.95 57.71
N UNK D 172 -12.02 -29.06 57.05
CA UNK D 172 -11.38 -30.31 56.66
C UNK D 172 -11.13 -31.32 57.79
N UNK D 173 -10.59 -30.86 58.92
CA UNK D 173 -10.28 -31.74 60.03
C UNK D 173 -11.33 -31.61 61.12
N UNK D 174 -12.61 -31.53 60.72
CA UNK D 174 -13.73 -31.45 61.67
C UNK D 174 -15.05 -31.80 61.07
N UNK D 175 -15.15 -31.81 59.74
CA UNK D 175 -16.37 -32.05 58.97
C UNK D 175 -17.51 -31.03 59.30
N UNK D 176 -18.04 -31.01 60.55
CA UNK D 176 -19.03 -30.02 60.97
C UNK D 176 -18.35 -28.67 61.18
N UNK D 177 -19.05 -27.58 60.83
CA UNK D 177 -18.55 -26.21 60.97
C UNK D 177 -19.29 -25.36 62.02
N UNK D 178 -20.20 -25.99 62.82
CA UNK D 178 -20.99 -25.32 63.86
C UNK D 178 -20.08 -24.77 64.96
N UNK D 179 -20.21 -23.46 65.26
CA UNK D 179 -19.34 -22.83 66.25
C UNK D 179 -19.59 -23.26 67.70
N UNK D 180 -20.40 -22.49 68.45
CA UNK D 180 -20.72 -22.76 69.85
C UNK D 180 -21.88 -23.76 69.97
N UNK D 181 -22.24 -24.39 68.85
CA UNK D 181 -23.30 -25.36 68.82
C UNK D 181 -22.64 -26.73 68.96
N UNK D 182 -21.81 -27.14 67.98
CA UNK D 182 -21.18 -28.46 68.03
C UNK D 182 -19.70 -28.33 68.36
N UNK D 183 -19.40 -27.78 69.55
CA UNK D 183 -18.02 -27.60 70.01
C UNK D 183 -17.38 -28.91 70.60
N UNK D 184 -16.81 -29.73 69.69
CA UNK D 184 -16.12 -31.01 69.93
C UNK D 184 -14.62 -30.76 69.90
N UNK D 185 -14.09 -30.32 71.06
CA UNK D 185 -12.69 -29.95 71.27
C UNK D 185 -11.73 -31.14 71.31
N VAL D 186 -11.69 -31.92 70.23
CA VAL D 186 -10.78 -33.05 70.21
C VAL D 186 -9.41 -32.68 69.65
N LEU D 187 -9.39 -31.81 68.64
CA LEU D 187 -8.20 -31.43 67.88
C LEU D 187 -6.80 -31.36 68.54
N SER D 188 -6.02 -32.43 68.28
CA SER D 188 -4.64 -32.72 68.71
C SER D 188 -4.06 -31.88 69.84
N LEU D 189 -4.03 -32.46 71.06
CA LEU D 189 -3.56 -31.79 72.28
C LEU D 189 -2.08 -31.34 72.28
N ASP D 190 -1.91 -30.02 72.05
CA ASP D 190 -0.68 -29.21 71.89
C ASP D 190 -0.17 -29.20 70.45
N LEU D 191 -0.41 -30.29 69.70
CA LEU D 191 0.02 -30.54 68.32
C LEU D 191 -0.80 -29.81 67.28
N GLN D 192 -2.10 -29.57 67.55
CA GLN D 192 -2.94 -28.84 66.60
C GLN D 192 -2.74 -27.35 66.57
N THR D 193 -1.98 -26.81 67.54
CA THR D 193 -1.57 -25.41 67.70
C THR D 193 -1.76 -24.54 66.46
N ILE D 194 -1.25 -25.01 65.32
CA ILE D 194 -1.26 -24.43 63.99
C ILE D 194 -2.51 -23.62 63.61
N ILE D 195 -3.74 -24.22 63.75
CA ILE D 195 -4.97 -23.53 63.30
C ILE D 195 -5.43 -22.26 64.04
N TRP D 196 -4.89 -22.01 65.23
CA TRP D 196 -5.14 -20.85 66.05
C TRP D 196 -4.47 -19.61 65.41
N LEU D 197 -3.30 -19.82 64.79
CA LEU D 197 -2.46 -18.81 64.14
C LEU D 197 -3.13 -17.97 63.02
N GLY D 198 -3.97 -18.60 62.17
CA GLY D 198 -4.70 -17.94 61.07
C GLY D 198 -5.80 -17.02 61.58
N LEU D 199 -6.53 -17.54 62.59
CA LEU D 199 -7.55 -16.81 63.32
C LEU D 199 -6.85 -15.70 64.12
N PHE D 200 -5.71 -15.96 64.80
CA PHE D 200 -5.06 -14.86 65.51
C PHE D 200 -4.50 -13.75 64.65
N ILE D 201 -3.97 -14.04 63.45
CA ILE D 201 -3.51 -12.95 62.56
C ILE D 201 -4.67 -12.02 62.14
N ALA D 202 -5.87 -12.57 61.85
CA ALA D 202 -7.03 -11.77 61.46
C ALA D 202 -7.45 -10.79 62.59
N ILE D 203 -7.51 -11.29 63.83
CA ILE D 203 -7.83 -10.61 65.10
C ILE D 203 -6.95 -9.35 65.29
N MET D 204 -5.62 -9.50 65.07
CA MET D 204 -4.61 -8.46 65.22
C MET D 204 -4.87 -7.25 64.32
N VAL D 205 -5.25 -7.49 63.07
CA VAL D 205 -5.57 -6.48 62.06
C VAL D 205 -6.90 -5.76 62.41
N LYS D 206 -7.90 -6.51 62.93
CA LYS D 206 -9.21 -5.98 63.29
C LYS D 206 -9.27 -5.29 64.63
N THR D 207 -8.64 -5.90 65.66
CA THR D 207 -8.58 -5.36 67.03
C THR D 207 -8.23 -3.86 67.11
N PRO D 208 -7.08 -3.35 66.61
CA PRO D 208 -5.92 -4.04 66.03
C PRO D 208 -4.91 -4.33 67.16
N LEU D 209 -3.68 -4.76 66.80
CA LEU D 209 -2.56 -5.01 67.73
C LEU D 209 -1.33 -4.41 67.15
N PHE D 210 -0.31 -4.15 68.00
CA PHE D 210 1.00 -3.55 67.71
C PHE D 210 1.51 -3.55 66.26
N PRO D 211 1.66 -4.71 65.57
CA PRO D 211 2.19 -4.65 64.21
C PRO D 211 1.12 -4.18 63.24
N ILE D 212 -0.16 -4.46 63.54
CA ILE D 212 -1.23 -4.10 62.63
C ILE D 212 -2.11 -2.92 63.06
N HIS D 213 -1.54 -1.96 63.79
CA HIS D 213 -2.34 -0.79 64.13
C HIS D 213 -2.19 0.27 63.05
N VAL D 214 -1.14 0.10 62.26
CA VAL D 214 -0.65 0.85 61.11
C VAL D 214 -1.77 1.55 60.36
N TRP D 215 -2.70 0.76 59.81
CA TRP D 215 -3.79 1.24 58.99
C TRP D 215 -4.85 2.01 59.71
N LEU D 216 -4.99 1.80 61.03
CA LEU D 216 -6.04 2.36 61.86
C LEU D 216 -6.29 3.84 61.71
N PRO D 217 -5.26 4.71 61.87
CA PRO D 217 -5.55 6.14 61.75
C PRO D 217 -5.99 6.51 60.35
N VAL D 218 -5.35 5.89 59.31
CA VAL D 218 -5.67 6.16 57.90
C VAL D 218 -7.06 5.76 57.55
N VAL D 219 -7.60 4.81 58.30
CA VAL D 219 -8.95 4.38 58.04
C VAL D 219 -9.96 5.21 58.81
N HIS D 220 -9.69 5.48 60.09
CA HIS D 220 -10.62 6.22 60.92
C HIS D 220 -10.57 7.71 60.74
N SER D 221 -9.37 8.25 60.48
CA SER D 221 -9.23 9.68 60.28
C SER D 221 -9.87 10.04 58.95
N GLU D 222 -9.35 9.46 57.85
CA GLU D 222 -9.90 9.74 56.53
C GLU D 222 -11.14 8.87 56.27
N SER D 223 -12.33 9.32 56.78
CA SER D 223 -13.66 8.67 56.67
C SER D 223 -14.83 9.49 57.23
N PRO D 224 -16.06 9.33 56.66
CA PRO D 224 -17.24 10.03 57.19
C PRO D 224 -17.58 9.71 58.65
N LEU D 225 -18.37 10.60 59.29
CA LEU D 225 -18.77 10.41 60.68
C LEU D 225 -19.55 9.14 60.89
N ALA D 226 -20.42 8.77 59.94
CA ALA D 226 -21.16 7.52 60.01
C ALA D 226 -20.15 6.35 60.12
N GLY D 227 -19.34 6.18 59.05
CA GLY D 227 -18.33 5.14 58.94
C GLY D 227 -17.39 5.06 60.14
N SER D 228 -16.79 6.20 60.51
CA SER D 228 -15.87 6.33 61.66
C SER D 228 -16.52 5.96 62.97
N MET D 229 -17.77 6.43 63.23
CA MET D 229 -18.52 6.05 64.45
C MET D 229 -18.68 4.50 64.46
N ILE D 230 -19.14 3.94 63.32
CA ILE D 230 -19.31 2.52 63.04
C ILE D 230 -18.00 1.75 63.20
N LEU D 231 -16.91 2.24 62.60
CA LEU D 231 -15.61 1.60 62.66
C LEU D 231 -15.14 1.42 64.13
N ALA D 232 -14.91 2.56 64.82
CA ALA D 232 -14.38 2.66 66.18
C ALA D 232 -15.17 1.95 67.27
N GLY D 233 -16.48 2.00 67.16
CA GLY D 233 -17.30 1.41 68.20
C GLY D 233 -17.61 -0.05 67.97
N LEU D 234 -17.95 -0.38 66.71
CA LEU D 234 -18.43 -1.72 66.37
C LEU D 234 -17.43 -2.72 65.89
N ILE D 235 -16.66 -2.38 64.85
CA ILE D 235 -15.71 -3.32 64.25
C ILE D 235 -14.58 -3.76 65.21
N LEU D 236 -13.96 -2.75 65.85
CA LEU D 236 -12.88 -2.95 66.81
C LEU D 236 -13.34 -3.84 67.94
N LYS D 237 -14.59 -3.69 68.35
CA LYS D 237 -15.22 -4.46 69.42
C LYS D 237 -15.56 -5.84 68.94
N LEU D 238 -16.04 -5.97 67.68
CA LEU D 238 -16.33 -7.30 67.18
C LEU D 238 -15.10 -8.17 67.09
N ALA D 239 -13.93 -7.54 66.89
CA ALA D 239 -12.66 -8.24 66.87
C ALA D 239 -12.41 -8.96 68.22
N LEU D 240 -12.83 -8.32 69.32
CA LEU D 240 -12.80 -8.85 70.67
C LEU D 240 -13.88 -9.93 70.86
N TYR D 241 -15.08 -9.75 70.28
CA TYR D 241 -16.17 -10.75 70.44
C TYR D 241 -15.79 -12.05 69.71
N ALA D 242 -15.27 -11.87 68.49
CA ALA D 242 -14.78 -12.92 67.63
C ALA D 242 -13.60 -13.62 68.31
N ILE D 243 -12.71 -12.89 69.04
CA ILE D 243 -11.55 -13.49 69.74
C ILE D 243 -12.01 -14.71 70.49
N LEU D 244 -12.88 -14.48 71.45
CA LEU D 244 -13.36 -15.52 72.33
C LEU D 244 -14.12 -16.59 71.62
N ARG D 245 -15.01 -16.16 70.75
CA ARG D 245 -15.85 -17.08 70.04
C ARG D 245 -15.20 -17.92 68.99
N LEU D 246 -14.05 -17.49 68.50
CA LEU D 246 -13.33 -18.24 67.50
C LEU D 246 -12.25 -19.05 68.16
N LEU D 247 -11.60 -18.50 69.18
CA LEU D 247 -10.49 -19.21 69.77
C LEU D 247 -10.87 -20.23 70.77
N LEU D 248 -11.54 -19.80 71.85
CA LEU D 248 -11.86 -20.67 72.95
C LEU D 248 -12.57 -21.95 72.57
N PRO D 249 -13.56 -21.95 71.65
CA PRO D 249 -14.18 -23.22 71.28
C PRO D 249 -13.19 -24.18 70.62
N LEU D 250 -12.28 -23.64 69.81
CA LEU D 250 -11.35 -24.51 69.12
C LEU D 250 -10.09 -24.82 69.86
N LEU D 251 -9.10 -23.91 69.78
CA LEU D 251 -7.78 -24.16 70.31
C LEU D 251 -7.54 -23.61 71.67
N CYS D 252 -8.28 -24.19 72.62
CA CYS D 252 -8.11 -23.90 74.03
C CYS D 252 -6.68 -24.32 74.47
N GLU D 253 -6.21 -25.48 73.95
CA GLU D 253 -4.88 -26.04 74.23
C GLU D 253 -3.76 -25.14 73.73
N ALA D 254 -3.83 -24.63 72.48
CA ALA D 254 -2.83 -23.71 71.94
C ALA D 254 -2.86 -22.41 72.72
N GLN D 255 -4.08 -21.90 73.04
CA GLN D 255 -4.31 -20.69 73.81
C GLN D 255 -3.46 -20.71 75.09
N ILE D 256 -3.39 -21.85 75.81
CA ILE D 256 -2.53 -21.92 77.01
C ILE D 256 -1.06 -21.56 76.74
N LEU D 257 -0.43 -22.20 75.75
CA LEU D 257 0.97 -21.87 75.46
C LEU D 257 1.14 -20.48 74.83
N TYR D 258 0.14 -20.07 74.06
CA TYR D 258 0.12 -18.82 73.31
C TYR D 258 -0.09 -17.62 74.14
N THR D 259 -0.80 -17.74 75.27
CA THR D 259 -1.14 -16.63 76.14
C THR D 259 0.01 -15.71 76.50
N PRO D 260 1.21 -16.19 76.93
CA PRO D 260 2.30 -15.23 77.22
C PRO D 260 2.61 -14.34 76.02
N MET D 261 2.56 -14.91 74.81
CA MET D 261 2.85 -14.20 73.56
C MET D 261 1.90 -13.04 73.32
N ILE D 262 0.61 -13.26 73.54
CA ILE D 262 -0.45 -12.25 73.32
C ILE D 262 -0.28 -11.10 74.34
N TYR D 263 0.15 -11.45 75.56
CA TYR D 263 0.38 -10.52 76.67
C TYR D 263 1.56 -9.63 76.39
N ILE D 264 2.58 -10.16 75.69
CA ILE D 264 3.69 -9.32 75.26
C ILE D 264 3.25 -8.45 74.10
N ILE D 265 2.47 -9.01 73.16
CA ILE D 265 1.92 -8.21 72.08
C ILE D 265 1.06 -7.08 72.69
N SER D 266 0.30 -7.38 73.76
CA SER D 266 -0.54 -6.40 74.47
C SER D 266 0.27 -5.24 75.10
N LEU D 267 1.38 -5.56 75.76
CA LEU D 267 2.21 -4.53 76.39
C LEU D 267 2.82 -3.59 75.35
N LEU D 268 3.37 -4.15 74.25
CA LEU D 268 3.92 -3.41 73.13
C LEU D 268 2.85 -2.53 72.50
N THR D 269 1.61 -3.07 72.29
CA THR D 269 0.49 -2.31 71.70
C THR D 269 0.24 -1.01 72.48
N ILE D 270 -0.05 -1.18 73.80
CA ILE D 270 -0.30 -0.14 74.82
C ILE D 270 0.83 0.89 74.71
N ILE D 271 2.06 0.40 74.55
CA ILE D 271 3.21 1.25 74.46
C ILE D 271 3.24 2.14 73.22
N LEU D 272 3.38 1.50 72.07
CA LEU D 272 3.53 2.19 70.81
C LEU D 272 2.44 3.15 70.55
N THR D 273 1.22 2.71 70.70
CA THR D 273 0.10 3.57 70.38
C THR D 273 0.03 4.78 71.21
N SER D 274 0.23 4.59 72.50
CA SER D 274 0.22 5.70 73.41
C SER D 274 1.34 6.66 73.09
N LEU D 275 2.50 6.13 72.76
CA LEU D 275 3.55 7.08 72.48
C LEU D 275 3.41 7.80 71.14
N ALA D 276 2.76 7.15 70.16
CA ALA D 276 2.51 7.74 68.85
C ALA D 276 1.54 8.89 68.96
N THR D 277 0.44 8.71 69.74
CA THR D 277 -0.59 9.72 69.97
C THR D 277 0.03 11.07 70.29
N LEU D 278 1.10 11.08 71.09
CA LEU D 278 1.77 12.32 71.45
C LEU D 278 2.19 13.09 70.21
N ARG D 279 2.78 12.42 69.21
CA ARG D 279 3.18 13.17 68.03
C ARG D 279 1.98 13.56 67.22
N GLN D 280 1.32 12.55 66.64
CA GLN D 280 0.18 12.60 65.74
C GLN D 280 -0.14 13.87 64.94
N ILE D 281 -0.28 15.05 65.59
CA ILE D 281 -0.60 16.36 64.98
C ILE D 281 -1.87 16.31 64.15
N ASP D 282 -2.91 15.60 64.64
CA ASP D 282 -4.20 15.42 63.99
C ASP D 282 -5.24 14.97 64.97
N LEU D 283 -6.27 15.81 65.09
CA LEU D 283 -7.40 15.55 65.97
C LEU D 283 -8.06 14.21 65.64
N LYS D 284 -8.39 14.00 64.36
CA LYS D 284 -9.01 12.75 63.95
C LYS D 284 -8.08 11.56 64.16
N VAL D 285 -6.76 11.73 63.91
CA VAL D 285 -5.81 10.64 64.11
C VAL D 285 -5.69 10.24 65.60
N ILE D 286 -5.51 11.24 66.49
CA ILE D 286 -5.36 11.04 67.95
C ILE D 286 -6.47 10.14 68.57
N ILE D 287 -7.71 10.29 68.08
CA ILE D 287 -8.90 9.57 68.51
C ILE D 287 -8.81 8.12 67.99
N ALA D 288 -8.33 8.00 66.75
CA ALA D 288 -8.17 6.72 66.09
C ALA D 288 -7.06 5.96 66.77
N TYR D 289 -6.01 6.68 67.24
CA TYR D 289 -4.89 6.07 67.96
C TYR D 289 -5.28 5.67 69.40
N SER D 290 -5.93 6.55 70.20
CA SER D 290 -6.39 6.24 71.58
C SER D 290 -7.32 5.02 71.65
N SER D 291 -8.04 4.79 70.54
CA SER D 291 -8.90 3.64 70.36
C SER D 291 -8.06 2.37 70.44
N ILE D 292 -6.97 2.23 69.65
CA ILE D 292 -6.10 1.06 69.73
C ILE D 292 -5.54 0.81 71.13
N SER D 293 -5.17 1.87 71.83
CA SER D 293 -4.61 1.72 73.17
C SER D 293 -5.61 1.15 74.18
N HIS D 294 -6.83 1.73 74.20
CA HIS D 294 -7.93 1.28 75.05
C HIS D 294 -8.27 -0.19 74.71
N MET D 295 -8.22 -0.50 73.41
CA MET D 295 -8.44 -1.83 72.85
C MET D 295 -7.43 -2.80 73.42
N GLY D 296 -6.16 -2.37 73.60
CA GLY D 296 -5.09 -3.17 74.17
C GLY D 296 -5.47 -3.79 75.50
N ILE D 297 -5.94 -2.97 76.45
CA ILE D 297 -6.41 -3.43 77.77
C ILE D 297 -7.53 -4.45 77.63
N ALA D 298 -8.50 -4.19 76.75
CA ALA D 298 -9.61 -5.11 76.50
C ALA D 298 -9.12 -6.48 75.99
N ILE D 299 -8.25 -6.47 74.95
CA ILE D 299 -7.65 -7.70 74.38
C ILE D 299 -6.95 -8.49 75.49
N LEU D 300 -6.26 -7.76 76.36
CA LEU D 300 -5.62 -8.36 77.52
C LEU D 300 -6.66 -9.08 78.39
N GLY D 301 -7.70 -8.36 78.83
CA GLY D 301 -8.79 -8.85 79.68
C GLY D 301 -9.49 -10.09 79.16
N VAL D 302 -9.80 -10.15 77.87
CA VAL D 302 -10.42 -11.30 77.23
C VAL D 302 -9.47 -12.50 77.24
N CYS D 303 -8.18 -12.24 76.98
CA CYS D 303 -7.21 -13.31 76.95
C CYS D 303 -6.82 -13.84 78.32
N SER D 304 -7.24 -13.15 79.38
CA SER D 304 -7.03 -13.49 80.78
C SER D 304 -7.65 -14.81 81.21
N ASN D 305 -8.54 -15.42 80.38
CA ASN D 305 -9.23 -16.70 80.68
C ASN D 305 -10.07 -16.70 81.99
N THR D 306 -10.08 -15.57 82.72
CA THR D 306 -10.79 -15.41 83.98
C THR D 306 -12.25 -14.98 83.80
N SER D 307 -12.94 -14.72 84.93
CA SER D 307 -14.35 -14.34 85.03
C SER D 307 -14.63 -13.05 84.28
N LEU D 308 -13.87 -12.02 84.65
CA LEU D 308 -13.79 -10.66 84.14
C LEU D 308 -13.53 -10.62 82.63
N GLY D 309 -13.17 -11.75 82.05
CA GLY D 309 -12.93 -11.87 80.62
C GLY D 309 -14.15 -11.64 79.75
N ILE D 310 -15.31 -11.24 80.34
CA ILE D 310 -16.57 -10.94 79.63
C ILE D 310 -17.32 -9.80 80.34
N UNK D 311 -17.46 -9.89 81.69
CA UNK D 311 -18.16 -8.90 82.50
C UNK D 311 -17.25 -7.75 82.97
N UNK D 312 -16.10 -7.56 82.30
CA UNK D 312 -15.14 -6.50 82.48
C UNK D 312 -14.53 -6.20 81.13
N UNK D 313 -13.91 -7.19 80.47
CA UNK D 313 -13.30 -6.95 79.16
C UNK D 313 -14.37 -6.62 78.11
N UNK D 314 -15.41 -7.46 78.06
CA UNK D 314 -16.50 -7.23 77.12
C UNK D 314 -17.28 -5.99 77.49
N UNK D 315 -17.39 -5.69 78.80
CA UNK D 315 -18.03 -4.47 79.30
C UNK D 315 -17.26 -3.23 78.83
N UNK D 316 -15.92 -3.32 78.76
CA UNK D 316 -15.06 -2.22 78.35
C UNK D 316 -15.24 -1.94 76.89
N UNK D 317 -15.45 -2.99 76.08
CA UNK D 317 -15.70 -2.84 74.65
C UNK D 317 -17.10 -2.25 74.46
N UNK D 318 -18.01 -2.58 75.39
CA UNK D 318 -19.35 -2.02 75.36
C UNK D 318 -19.29 -0.51 75.55
N UNK D 319 -18.71 -0.07 76.68
CA UNK D 319 -18.61 1.34 77.06
C UNK D 319 -17.83 2.18 76.06
N UNK D 320 -16.77 1.63 75.46
CA UNK D 320 -15.97 2.34 74.47
C UNK D 320 -16.69 2.55 73.15
N UNK D 321 -17.69 1.70 72.83
CA UNK D 321 -18.54 1.91 71.65
C UNK D 321 -19.61 2.98 72.00
N UNK D 322 -20.14 2.89 73.26
CA UNK D 322 -21.11 3.77 73.93
C UNK D 322 -20.47 5.14 74.32
N UNK D 323 -19.14 5.18 74.54
CA UNK D 323 -18.38 6.37 74.92
C UNK D 323 -17.55 6.98 73.79
N UNK D 324 -16.32 6.49 73.57
CA UNK D 324 -15.36 6.96 72.57
C UNK D 324 -15.86 7.25 71.15
N UNK D 325 -17.00 6.62 70.72
CA UNK D 325 -17.55 6.86 69.38
C UNK D 325 -17.98 8.32 69.25
N UNK D 326 -18.49 8.91 70.36
CA UNK D 326 -18.87 10.32 70.48
C UNK D 326 -17.63 11.25 70.44
N UNK D 327 -16.44 10.78 70.92
CA UNK D 327 -15.18 11.55 70.85
C UNK D 327 -14.77 11.74 69.37
N UNK D 328 -15.15 10.79 68.48
CA UNK D 328 -14.96 10.91 67.04
C UNK D 328 -15.98 11.95 66.51
N UNK D 329 -17.28 11.82 66.90
CA UNK D 329 -18.40 12.72 66.52
C UNK D 329 -18.07 14.17 66.78
N UNK D 330 -17.68 14.50 68.03
CA UNK D 330 -17.20 15.81 68.49
C UNK D 330 -15.92 16.26 67.71
N UNK D 331 -14.99 15.30 67.38
CA UNK D 331 -13.78 15.57 66.57
C UNK D 331 -14.16 15.85 65.11
N UNK D 332 -15.17 15.15 64.54
CA UNK D 332 -15.67 15.37 63.18
C UNK D 332 -16.48 16.69 63.09
N UNK D 333 -17.35 16.94 64.10
CA UNK D 333 -18.19 18.13 64.22
C UNK D 333 -17.40 19.43 64.18
N UNK D 334 -16.28 19.49 64.90
CA UNK D 334 -15.38 20.65 64.89
C UNK D 334 -14.72 20.65 63.52
N UNK D 335 -14.29 19.46 63.05
CA UNK D 335 -13.61 19.24 61.77
C UNK D 335 -14.49 19.58 60.56
N UNK D 336 -15.77 19.20 60.61
CA UNK D 336 -16.68 19.52 59.51
C UNK D 336 -17.19 20.97 59.53
N UNK D 337 -17.45 21.59 60.72
CA UNK D 337 -17.90 23.00 60.83
C UNK D 337 -16.79 23.98 60.39
N UNK D 338 -15.54 23.78 60.89
CA UNK D 338 -14.38 24.61 60.54
C UNK D 338 -13.90 24.32 59.11
N UNK D 339 -14.31 23.13 58.54
CA UNK D 339 -14.05 22.59 57.21
C UNK D 339 -12.61 22.27 56.96
N UNK D 340 -11.72 22.81 57.78
CA UNK D 340 -10.31 22.59 57.63
C UNK D 340 -10.00 21.16 57.98
N UNK D 341 -10.50 20.69 59.15
CA UNK D 341 -10.25 19.36 59.75
C UNK D 341 -8.75 19.14 59.96
N UNK D 342 -8.33 18.01 60.58
CA UNK D 342 -6.91 17.71 60.80
C UNK D 342 -6.18 18.84 61.56
N UNK D 343 -4.83 18.96 61.43
CA UNK D 343 -3.97 19.90 62.16
C UNK D 343 -4.22 19.76 63.70
N UNK D 344 -3.68 20.66 64.52
CA UNK D 344 -3.84 20.70 65.98
C UNK D 344 -3.66 22.15 66.42
N UNK D 345 -2.62 22.81 65.85
CA UNK D 345 -2.24 24.19 66.08
C UNK D 345 -3.31 25.19 65.66
N UNK D 346 -4.30 24.74 64.88
CA UNK D 346 -5.42 25.55 64.43
C UNK D 346 -6.52 25.58 65.47
N TYR D 347 -6.77 24.47 66.19
CA TYR D 347 -7.89 24.48 67.14
C TYR D 347 -7.52 24.99 68.51
N LYS D 348 -8.04 26.17 68.90
CA LYS D 348 -7.82 26.79 70.22
C LYS D 348 -8.88 27.80 70.59
N GLY D 349 -9.10 27.96 71.89
CA GLY D 349 -10.06 28.92 72.44
C GLY D 349 -11.48 28.68 71.98
N LEU D 350 -11.84 27.40 71.83
CA LEU D 350 -13.18 26.95 71.42
C LEU D 350 -14.23 27.36 72.46
N THR D 351 -13.96 27.11 73.77
CA THR D 351 -14.78 27.42 74.94
C THR D 351 -15.33 28.85 74.92
N THR D 352 -14.51 29.79 74.37
CA THR D 352 -14.84 31.22 74.33
C THR D 352 -16.06 31.51 73.47
N TYR D 353 -16.12 30.82 72.35
CA TYR D 353 -17.17 30.90 71.36
C TYR D 353 -18.22 29.81 71.66
N MET D 354 -17.81 28.52 71.81
CA MET D 354 -18.66 27.34 72.05
C MET D 354 -18.63 26.85 73.50
N PRO D 355 -19.59 27.24 74.36
CA PRO D 355 -19.54 26.76 75.76
C PRO D 355 -20.12 25.36 75.91
N GLN D 356 -21.09 25.01 75.04
CA GLN D 356 -21.78 23.72 75.02
C GLN D 356 -20.79 22.65 74.58
N LEU D 357 -20.12 22.89 73.46
CA LEU D 357 -19.11 21.98 72.96
C LEU D 357 -17.92 21.78 73.93
N ALA D 358 -17.53 22.83 74.68
CA ALA D 358 -16.39 22.83 75.62
C ALA D 358 -16.51 21.84 76.80
N THR D 359 -17.57 21.99 77.58
CA THR D 359 -17.87 21.15 78.75
C THR D 359 -18.02 19.67 78.35
N TYR D 360 -18.83 19.44 77.30
CA TYR D 360 -19.12 18.15 76.70
C TYR D 360 -17.82 17.43 76.39
N ILE D 361 -16.93 18.11 75.65
CA ILE D 361 -15.65 17.57 75.22
C ILE D 361 -14.81 17.20 76.41
N ILE D 362 -14.69 18.11 77.38
CA ILE D 362 -13.88 17.90 78.57
C ILE D 362 -14.32 16.69 79.36
N ILE D 363 -15.63 16.54 79.51
CA ILE D 363 -16.17 15.43 80.27
C ILE D 363 -16.09 14.10 79.58
N LEU D 364 -16.61 14.02 78.36
CA LEU D 364 -16.55 12.80 77.57
C LEU D 364 -15.09 12.34 77.53
N SER D 365 -14.15 13.29 77.35
CA SER D 365 -12.72 12.99 77.37
C SER D 365 -12.32 12.37 78.72
N PHE D 366 -12.80 12.97 79.82
CA PHE D 366 -12.55 12.45 81.15
C PHE D 366 -13.01 10.99 81.24
N ALA D 367 -14.21 10.69 80.69
CA ALA D 367 -14.78 9.33 80.65
C ALA D 367 -13.87 8.33 79.98
N ASN D 368 -13.31 8.70 78.79
CA ASN D 368 -12.41 7.92 77.91
C ASN D 368 -10.92 8.00 78.28
N ILE D 369 -10.63 8.46 79.48
CA ILE D 369 -9.35 8.48 80.17
C ILE D 369 -9.54 7.35 81.19
N GLY D 370 -10.78 7.20 81.67
CA GLY D 370 -11.18 6.19 82.64
C GLY D 370 -11.67 6.88 83.89
N THR D 371 -12.78 7.61 83.77
CA THR D 371 -13.31 8.34 84.91
C THR D 371 -13.88 7.40 85.99
N PRO D 372 -13.54 7.68 87.28
CA PRO D 372 -14.04 6.86 88.40
C PRO D 372 -15.43 6.26 88.38
N LEU D 373 -16.41 6.96 87.79
CA LEU D 373 -17.78 6.46 87.71
C LEU D 373 -18.27 6.24 86.29
N THR D 374 -17.35 5.77 85.41
CA THR D 374 -17.67 5.48 84.02
C THR D 374 -17.50 4.04 83.68
N GLY D 375 -18.29 3.64 82.68
CA GLY D 375 -18.32 2.30 82.13
C GLY D 375 -16.95 1.87 81.63
N ASN D 376 -16.26 2.81 80.94
CA ASN D 376 -14.94 2.60 80.38
C ASN D 376 -13.97 2.32 81.49
N PHE D 377 -14.06 3.08 82.59
CA PHE D 377 -13.19 2.89 83.73
C PHE D 377 -13.43 1.55 84.30
N THR D 378 -14.71 1.18 84.45
CA THR D 378 -15.10 -0.06 85.07
C THR D 378 -14.62 -1.27 84.31
N GLY D 379 -15.02 -1.35 83.06
CA GLY D 379 -14.65 -2.45 82.18
C GLY D 379 -13.14 -2.57 82.14
N GLU D 380 -12.49 -1.41 81.90
CA GLU D 380 -11.04 -1.36 81.86
C GLU D 380 -10.42 -1.77 83.16
N PHE D 381 -11.06 -1.46 84.29
CA PHE D 381 -10.43 -1.84 85.52
C PHE D 381 -10.45 -3.33 85.80
N LEU D 382 -11.63 -3.92 85.76
CA LEU D 382 -11.84 -5.30 86.08
C LEU D 382 -11.10 -6.32 85.21
N SER D 383 -10.68 -5.97 83.95
CA SER D 383 -9.93 -6.83 83.03
C SER D 383 -8.45 -6.87 83.42
N LEU D 384 -7.89 -5.66 83.49
CA LEU D 384 -6.54 -5.39 83.95
C LEU D 384 -6.36 -6.01 85.35
N GLN D 385 -7.44 -6.02 86.16
CA GLN D 385 -7.48 -6.66 87.48
C GLN D 385 -7.19 -8.15 87.33
N GLY D 386 -7.97 -8.85 86.51
CA GLY D 386 -7.77 -10.28 86.24
C GLY D 386 -6.50 -10.58 85.48
N GLY D 387 -6.07 -9.60 84.68
CA GLY D 387 -4.84 -9.64 83.90
C GLY D 387 -3.64 -9.78 84.81
N PHE D 388 -3.59 -8.97 85.90
CA PHE D 388 -2.52 -9.06 86.90
C PHE D 388 -2.36 -10.48 87.41
N ILE D 389 -3.47 -11.17 87.68
CA ILE D 389 -3.36 -12.54 88.15
C ILE D 389 -2.86 -13.49 87.06
N ARG D 390 -3.26 -13.31 85.78
CA ARG D 390 -2.78 -14.16 84.68
C ARG D 390 -1.25 -14.06 84.53
N ASN D 391 -0.71 -12.82 84.52
CA ASN D 391 0.72 -12.63 84.37
C ASN D 391 1.07 -11.33 85.04
N PRO D 392 1.54 -11.38 86.30
CA PRO D 392 1.82 -10.14 87.04
C PRO D 392 2.94 -9.31 86.47
N ILE D 393 3.99 -9.90 85.92
CA ILE D 393 5.10 -9.15 85.32
C ILE D 393 4.54 -8.24 84.22
N UNK D 394 3.83 -8.87 83.28
CA UNK D 394 3.20 -8.19 82.16
C UNK D 394 2.17 -7.15 82.62
N UNK D 395 1.25 -7.57 83.47
CA UNK D 395 0.23 -6.64 83.94
C UNK D 395 0.76 -5.51 84.78
N UNK D 396 1.85 -5.70 85.55
CA UNK D 396 2.40 -4.59 86.34
C UNK D 396 2.91 -3.53 85.40
N UNK D 397 3.76 -3.93 84.42
CA UNK D 397 4.31 -2.95 83.47
C UNK D 397 3.22 -2.29 82.63
N UNK D 398 2.06 -2.97 82.47
CA UNK D 398 0.87 -2.46 81.76
C UNK D 398 -0.26 -1.96 82.70
N UNK D 399 0.02 -1.63 83.97
CA UNK D 399 -0.98 -1.04 84.88
C UNK D 399 -0.85 0.51 84.81
N UNK D 400 0.33 0.98 84.34
CA UNK D 400 0.66 2.38 84.05
C UNK D 400 0.05 2.82 82.69
N UNK D 401 -0.83 1.96 82.14
CA UNK D 401 -1.57 2.13 80.88
C UNK D 401 -2.64 3.20 81.08
N UNK D 402 -3.02 3.45 82.36
CA UNK D 402 -3.96 4.49 82.73
C UNK D 402 -3.31 5.86 82.44
N UNK D 403 -2.01 6.05 82.81
CA UNK D 403 -1.25 7.29 82.59
C UNK D 403 -1.06 7.61 81.11
N UNK D 404 -0.50 6.65 80.34
CA UNK D 404 -0.22 6.74 78.90
C UNK D 404 -1.33 7.30 77.98
N UNK D 405 -2.53 6.68 77.97
CA UNK D 405 -3.69 7.11 77.16
C UNK D 405 -4.21 8.46 77.67
N UNK D 406 -4.33 8.60 79.02
CA UNK D 406 -4.79 9.80 79.75
C UNK D 406 -4.06 11.09 79.38
N UNK D 407 -2.69 11.09 79.45
CA UNK D 407 -1.79 12.21 79.13
C UNK D 407 -1.99 12.74 77.72
N UNK D 408 -1.98 11.84 76.72
CA UNK D 408 -2.23 12.14 75.31
C UNK D 408 -3.63 12.78 75.10
N UNK D 409 -4.70 12.26 75.78
CA UNK D 409 -6.08 12.77 75.73
C UNK D 409 -6.21 14.12 76.41
N UNK D 410 -5.86 14.18 77.72
CA UNK D 410 -5.87 15.38 78.56
C UNK D 410 -5.21 16.59 77.91
N UNK D 411 -4.15 16.39 77.07
CA UNK D 411 -3.49 17.50 76.38
C UNK D 411 -4.32 18.02 75.22
N UNK D 412 -4.76 17.11 74.31
CA UNK D 412 -5.58 17.43 73.12
C UNK D 412 -6.85 18.12 73.52
N UNK D 413 -7.43 17.74 74.67
CA UNK D 413 -8.64 18.37 75.19
C UNK D 413 -8.26 19.76 75.67
N UNK D 414 -7.22 19.84 76.53
CA UNK D 414 -6.71 21.07 77.11
C UNK D 414 -6.32 22.11 76.09
N UNK D 415 -5.83 21.68 74.91
CA UNK D 415 -5.40 22.59 73.86
C UNK D 415 -6.55 23.26 73.18
N UNK D 416 -7.53 22.47 72.73
CA UNK D 416 -8.75 22.90 72.10
C UNK D 416 -9.46 23.82 73.08
N UNK D 417 -9.52 23.40 74.36
CA UNK D 417 -10.06 24.18 75.46
C UNK D 417 -9.38 25.55 75.51
N UNK D 418 -8.04 25.54 75.61
CA UNK D 418 -7.21 26.72 75.73
C UNK D 418 -7.24 27.74 74.62
N UNK D 419 -6.86 28.99 75.01
CA UNK D 419 -6.61 30.23 74.23
C UNK D 419 -7.78 31.18 73.83
N UNK D 420 -7.53 32.18 72.94
CA UNK D 420 -8.55 33.14 72.50
C UNK D 420 -9.55 32.52 71.51
N UNK D 421 -12.45 38.74 72.59
CA UNK D 421 -13.77 39.21 72.16
C UNK D 421 -13.82 39.40 70.65
N UNK D 422 -13.68 38.28 69.92
CA UNK D 422 -13.74 38.22 68.47
C UNK D 422 -15.21 38.04 68.11
N UNK D 423 -15.95 39.18 68.12
CA UNK D 423 -17.39 39.31 67.86
C UNK D 423 -17.90 38.43 66.72
N UNK D 424 -19.10 37.87 66.93
CA UNK D 424 -19.84 36.87 66.15
C UNK D 424 -19.38 35.47 66.54
N UNK D 425 -18.04 35.25 66.53
CA UNK D 425 -17.30 34.04 66.89
C UNK D 425 -17.20 33.00 65.76
N UNK D 426 -18.25 32.88 64.93
CA UNK D 426 -18.41 31.92 63.82
C UNK D 426 -18.38 30.48 64.35
N UNK D 427 -19.07 30.24 65.48
CA UNK D 427 -19.13 28.96 66.18
C UNK D 427 -20.47 28.28 66.04
N UNK D 428 -21.50 28.77 66.80
CA UNK D 428 -22.86 28.23 66.93
C UNK D 428 -22.84 26.81 67.56
N UNK D 429 -22.36 26.76 68.82
CA UNK D 429 -22.17 25.58 69.70
C UNK D 429 -23.29 24.54 69.68
N UNK D 430 -22.90 23.25 69.69
CA UNK D 430 -23.74 22.04 69.71
C UNK D 430 -25.09 22.15 68.96
N UNK D 431 -25.06 21.83 67.65
CA UNK D 431 -26.20 21.85 66.73
C UNK D 431 -27.45 21.19 67.35
N UNK D 432 -28.66 21.74 67.06
CA UNK D 432 -30.00 21.36 67.57
C UNK D 432 -30.20 19.88 67.94
N UNK D 433 -30.64 19.05 66.96
CA UNK D 433 -30.85 17.60 67.10
C UNK D 433 -29.53 16.93 67.42
N UNK D 434 -28.48 17.23 66.61
CA UNK D 434 -27.12 16.76 66.79
C UNK D 434 -26.59 16.84 68.23
N UNK D 435 -27.13 17.72 69.08
CA UNK D 435 -26.65 17.77 70.47
C UNK D 435 -27.07 16.53 71.24
N PHE D 436 -28.28 16.04 70.94
CA PHE D 436 -28.87 14.86 71.57
C PHE D 436 -28.24 13.60 71.04
N ILE D 437 -27.59 13.68 69.85
CA ILE D 437 -26.75 12.61 69.28
C ILE D 437 -25.56 12.41 70.25
N MET D 438 -25.08 13.50 70.84
CA MET D 438 -23.96 13.44 71.77
C MET D 438 -24.42 13.00 73.15
N ASN D 439 -25.65 13.44 73.51
CA ASN D 439 -26.30 13.18 74.79
C ASN D 439 -26.67 11.74 75.02
N ILE D 440 -27.13 11.01 74.00
CA ILE D 440 -27.45 9.59 74.09
C ILE D 440 -26.18 8.77 74.42
N LEU D 441 -25.05 9.09 73.78
CA LEU D 441 -23.76 8.46 74.00
C LEU D 441 -23.26 8.85 75.40
N ILE D 442 -23.48 10.10 75.81
CA ILE D 442 -23.11 10.57 77.14
C ILE D 442 -23.91 9.84 78.26
N ILE D 443 -25.23 9.66 78.05
CA ILE D 443 -26.20 8.99 78.92
C ILE D 443 -25.92 7.48 79.02
N SER D 444 -25.49 6.83 77.93
CA SER D 444 -25.17 5.41 77.90
C SER D 444 -23.99 5.11 78.82
N THR D 445 -22.93 5.95 78.77
CA THR D 445 -21.72 5.89 79.63
C THR D 445 -22.11 6.12 81.08
N LEU D 446 -23.26 6.80 81.28
CA LEU D 446 -23.78 7.10 82.58
C LEU D 446 -24.58 5.92 83.07
N ILE D 447 -25.36 5.29 82.17
CA ILE D 447 -26.17 4.13 82.48
C ILE D 447 -25.26 3.01 82.93
N ILE D 448 -24.24 2.70 82.13
CA ILE D 448 -23.40 1.59 82.54
C ILE D 448 -22.40 2.01 83.60
N GLY D 449 -22.10 3.30 83.60
CA GLY D 449 -21.10 3.95 84.43
C GLY D 449 -21.26 3.83 85.91
N ILE D 450 -22.44 4.22 86.41
CA ILE D 450 -22.77 4.19 87.84
C ILE D 450 -22.91 2.79 88.41
N CYS D 451 -23.29 1.83 87.56
CA CYS D 451 -23.51 0.43 87.93
C CYS D 451 -23.42 -0.46 86.67
N PRO D 452 -23.12 -1.79 86.77
CA PRO D 452 -23.16 -2.64 85.58
C PRO D 452 -24.53 -2.55 84.92
N GLN D 453 -25.60 -2.90 85.66
CA GLN D 453 -27.01 -2.84 85.26
C GLN D 453 -27.35 -3.65 84.00
N ILE D 454 -26.37 -4.39 83.44
CA ILE D 454 -26.48 -5.19 82.21
C ILE D 454 -25.69 -6.54 82.33
N MET D 455 -24.87 -6.70 83.38
CA MET D 455 -24.06 -7.91 83.58
C MET D 455 -24.89 -9.14 84.01
N UNK D 456 -25.92 -8.92 84.87
CA UNK D 456 -26.82 -9.96 85.37
C UNK D 456 -27.60 -10.64 84.24
N UNK D 457 -27.60 -10.01 83.06
CA UNK D 457 -28.24 -10.50 81.85
C UNK D 457 -27.23 -11.35 81.05
N UNK D 458 -26.92 -10.95 79.79
CA UNK D 458 -26.02 -11.60 78.83
C UNK D 458 -24.62 -12.04 79.32
N UNK D 459 -23.94 -11.17 80.09
CA UNK D 459 -22.58 -11.43 80.59
C UNK D 459 -22.45 -12.58 81.61
N UNK D 460 -23.37 -12.66 82.60
CA UNK D 460 -23.41 -13.64 83.69
C UNK D 460 -23.08 -15.10 83.35
N UNK D 461 -23.28 -15.51 82.09
CA UNK D 461 -23.01 -16.86 81.62
C UNK D 461 -21.68 -16.94 80.88
N UNK D 462 -21.47 -16.04 79.87
CA UNK D 462 -20.25 -15.95 79.04
C UNK D 462 -18.97 -15.74 79.85
N UNK D 463 -19.12 -15.37 81.14
CA UNK D 463 -18.05 -15.16 82.11
C UNK D 463 -17.42 -16.49 82.56
N UNK D 464 -18.25 -17.55 82.72
CA UNK D 464 -17.81 -18.89 83.13
C UNK D 464 -17.95 -19.95 82.03
N UNK D 465 -18.82 -19.70 81.02
CA UNK D 465 -19.05 -20.59 79.87
C UNK D 465 -17.80 -20.65 79.00
N UNK D 466 -17.14 -19.49 78.84
CA UNK D 466 -15.91 -19.32 78.08
C UNK D 466 -14.65 -19.41 78.98
N UNK D 467 -14.55 -20.47 79.84
CA UNK D 467 -13.41 -20.69 80.76
C UNK D 467 -13.39 -22.05 81.49
N UNK D 468 -14.42 -22.33 82.35
CA UNK D 468 -14.55 -23.53 83.21
C UNK D 468 -15.13 -24.82 82.56
N UNK D 469 -16.40 -24.76 82.05
CA UNK D 469 -17.07 -25.87 81.35
C UNK D 469 -16.20 -26.28 80.15
N UNK D 470 -15.57 -25.26 79.53
CA UNK D 470 -14.63 -25.39 78.43
C UNK D 470 -13.33 -25.98 78.99
N UNK E 1 -27.05 11.57 109.25
CA UNK E 1 -27.83 11.07 108.12
C UNK E 1 -27.60 11.91 106.90
N UNK E 2 -27.59 11.27 105.69
CA UNK E 2 -27.37 11.81 104.33
C UNK E 2 -26.63 13.15 104.35
N UNK E 3 -25.53 13.18 105.15
CA UNK E 3 -24.68 14.35 105.34
C UNK E 3 -24.04 14.77 104.03
N UNK E 4 -23.69 13.79 103.17
CA UNK E 4 -23.12 14.03 101.86
C UNK E 4 -24.09 14.70 100.90
N UNK E 5 -25.39 14.37 100.98
CA UNK E 5 -26.40 14.91 100.07
C UNK E 5 -26.47 16.42 100.07
N UNK E 6 -26.46 17.02 101.28
CA UNK E 6 -26.48 18.46 101.48
C UNK E 6 -25.34 19.11 100.74
N UNK E 7 -24.18 18.45 100.70
CA UNK E 7 -23.03 18.94 99.99
C UNK E 7 -23.22 18.72 98.49
N UNK E 8 -23.79 17.59 98.08
CA UNK E 8 -23.97 17.22 96.67
C UNK E 8 -24.87 18.15 95.87
N UNK E 9 -26.03 18.52 96.44
CA UNK E 9 -27.05 19.32 95.77
C UNK E 9 -26.57 20.66 95.28
N UNK E 10 -25.92 21.44 96.14
CA UNK E 10 -25.37 22.74 95.77
C UNK E 10 -24.01 22.63 95.08
N UNK E 11 -23.80 21.57 94.32
CA UNK E 11 -22.59 21.39 93.54
C UNK E 11 -23.11 21.01 92.21
N UNK E 12 -24.00 20.04 92.23
CA UNK E 12 -24.72 19.57 91.08
C UNK E 12 -25.59 20.72 90.57
N UNK E 13 -26.20 21.50 91.50
CA UNK E 13 -27.02 22.64 91.11
C UNK E 13 -26.13 23.77 90.66
N UNK E 14 -25.05 24.04 91.39
CA UNK E 14 -24.10 25.06 91.00
C UNK E 14 -23.60 24.72 89.62
N UNK E 15 -23.27 23.43 89.37
CA UNK E 15 -22.82 22.98 88.06
C UNK E 15 -23.89 23.19 87.00
N UNK E 16 -25.18 23.07 87.35
CA UNK E 16 -26.23 23.33 86.36
C UNK E 16 -26.25 24.81 85.96
N UNK E 17 -26.16 25.70 86.95
CA UNK E 17 -26.23 27.14 86.69
C UNK E 17 -24.97 27.74 86.09
N UNK E 18 -23.81 27.16 86.43
CA UNK E 18 -22.47 27.51 85.95
C UNK E 18 -22.33 27.07 84.51
N UNK E 19 -22.76 25.81 84.21
CA UNK E 19 -22.69 25.26 82.86
C UNK E 19 -23.58 26.05 81.90
N UNK E 20 -24.79 26.46 82.30
CA UNK E 20 -25.63 27.28 81.44
C UNK E 20 -25.08 28.74 81.43
N UNK E 21 -24.13 29.02 80.52
CA UNK E 21 -23.44 30.31 80.24
C UNK E 21 -22.82 31.15 81.39
N UNK E 22 -22.12 32.22 80.99
CA UNK E 22 -21.41 33.17 81.86
C UNK E 22 -22.35 34.16 82.50
N UNK E 23 -22.03 34.58 83.73
CA UNK E 23 -22.79 35.56 84.49
C UNK E 23 -22.10 36.92 84.33
N UNK E 24 -20.86 36.91 83.75
CA UNK E 24 -19.97 38.05 83.49
C UNK E 24 -19.74 38.97 84.70
N UNK E 25 -26.88 38.79 86.87
CA UNK E 25 -26.13 38.78 88.13
C UNK E 25 -26.68 37.78 89.16
N UNK E 26 -28.02 37.69 89.26
CA UNK E 26 -28.75 36.85 90.22
C UNK E 26 -28.45 35.36 90.24
N UNK E 27 -28.29 34.70 89.08
CA UNK E 27 -27.97 33.28 89.07
C UNK E 27 -26.66 33.10 89.82
N UNK E 28 -25.72 34.02 89.61
CA UNK E 28 -24.46 34.03 90.32
C UNK E 28 -24.66 34.32 91.80
N UNK E 29 -25.58 35.24 92.12
CA UNK E 29 -25.87 35.61 93.51
C UNK E 29 -26.52 34.46 94.28
N UNK E 30 -27.52 33.82 93.65
CA UNK E 30 -28.21 32.66 94.21
C UNK E 30 -27.20 31.57 94.39
N UNK E 31 -26.51 31.17 93.31
CA UNK E 31 -25.53 30.09 93.33
C UNK E 31 -24.56 30.27 94.45
N UNK E 32 -23.88 31.42 94.50
CA UNK E 32 -22.91 31.74 95.54
C UNK E 32 -23.55 31.73 96.92
N UNK E 33 -24.85 32.09 96.99
CA UNK E 33 -25.57 32.14 98.25
C UNK E 33 -26.01 30.76 98.75
N UNK E 34 -26.45 29.88 97.82
CA UNK E 34 -26.88 28.53 98.16
C UNK E 34 -25.66 27.73 98.53
N UNK E 35 -24.52 27.94 97.82
CA UNK E 35 -23.25 27.29 98.14
C UNK E 35 -22.79 27.83 99.47
N UNK E 36 -23.02 29.13 99.75
CA UNK E 36 -22.62 29.74 101.00
C UNK E 36 -23.23 28.99 102.19
N UNK E 37 -24.58 28.90 102.22
CA UNK E 37 -25.22 28.13 103.24
C UNK E 37 -25.58 26.76 102.70
N UNK E 38 -24.53 25.98 102.45
CA UNK E 38 -24.57 24.56 102.14
C UNK E 38 -23.42 24.11 102.99
N UNK E 39 -22.26 24.74 102.76
CA UNK E 39 -21.04 24.61 103.51
C UNK E 39 -21.37 24.87 104.97
N UNK E 40 -21.89 26.06 105.28
CA UNK E 40 -22.30 26.47 106.62
C UNK E 40 -23.26 25.48 107.27
N UNK E 41 -24.43 25.30 106.65
CA UNK E 41 -25.53 24.50 107.16
C UNK E 41 -25.26 23.02 107.22
N UNK E 42 -24.22 22.56 106.51
CA UNK E 42 -23.84 21.15 106.55
C UNK E 42 -22.67 20.96 107.48
N UNK E 43 -21.90 22.03 107.74
CA UNK E 43 -20.79 21.98 108.68
C UNK E 43 -21.37 21.90 110.06
N UNK E 44 -22.58 22.47 110.22
CA UNK E 44 -23.32 22.42 111.47
C UNK E 44 -23.68 20.95 111.73
N UNK E 45 -24.04 20.20 110.67
CA UNK E 45 -24.36 18.79 110.77
C UNK E 45 -23.10 17.99 111.08
N UNK E 46 -21.99 18.27 110.38
CA UNK E 46 -20.72 17.55 110.58
C UNK E 46 -20.20 17.69 112.00
N UNK E 47 -20.18 18.94 112.53
CA UNK E 47 -19.72 19.20 113.89
C UNK E 47 -20.65 18.55 114.92
N UNK E 48 -21.93 18.40 114.56
CA UNK E 48 -22.92 17.77 115.43
C UNK E 48 -22.81 16.23 115.43
N UNK E 49 -21.78 15.68 114.75
CA UNK E 49 -21.54 14.23 114.74
C UNK E 49 -20.34 13.86 115.62
N UNK E 50 -20.09 14.68 116.67
CA UNK E 50 -19.03 14.55 117.67
C UNK E 50 -19.58 14.67 119.11
N UNK E 51 -20.49 15.66 119.35
CA UNK E 51 -21.15 15.97 120.64
C UNK E 51 -22.53 15.30 120.85
N UNK E 52 -22.89 14.38 119.93
CA UNK E 52 -24.13 13.60 119.96
C UNK E 52 -23.83 12.13 119.65
N UNK E 53 -22.73 11.91 118.91
CA UNK E 53 -22.25 10.59 118.52
C UNK E 53 -20.75 10.48 118.71
N UNK E 54 -20.30 9.39 119.32
CA UNK E 54 -18.88 9.10 119.59
C UNK E 54 -18.67 7.59 119.57
N UNK E 55 -17.52 7.18 118.96
CA UNK E 55 -17.00 5.81 118.74
C UNK E 55 -17.70 4.95 117.67
N UNK E 56 -19.01 4.69 117.81
CA UNK E 56 -19.82 3.92 116.87
C UNK E 56 -20.05 4.75 115.60
N UNK E 57 -19.78 4.17 114.42
CA UNK E 57 -19.88 4.86 113.13
C UNK E 57 -20.94 4.28 112.21
N UNK E 58 -21.89 5.13 111.77
CA UNK E 58 -22.98 4.71 110.92
C UNK E 58 -22.50 4.42 109.53
N UNK E 59 -22.86 3.24 109.03
CA UNK E 59 -22.55 2.82 107.67
C UNK E 59 -23.77 3.22 106.80
N UNK E 60 -23.54 3.92 105.69
CA UNK E 60 -24.60 4.38 104.79
C UNK E 60 -24.55 3.63 103.47
N UNK E 61 -25.19 2.45 103.47
CA UNK E 61 -25.29 1.55 102.33
C UNK E 61 -26.22 2.15 101.27
N UNK E 62 -25.96 1.85 99.98
CA UNK E 62 -26.76 2.33 98.85
C UNK E 62 -26.83 1.26 97.73
N UNK E 63 -26.61 1.65 96.44
CA UNK E 63 -26.66 0.77 95.27
C UNK E 63 -25.60 -0.35 95.33
N UNK E 64 -25.75 -1.37 94.48
CA UNK E 64 -24.81 -2.48 94.48
C UNK E 64 -24.12 -2.65 93.12
N UNK E 65 -22.81 -2.39 93.09
CA UNK E 65 -22.02 -2.50 91.87
C UNK E 65 -21.41 -3.89 91.69
N UNK E 66 -20.62 -4.05 90.61
CA UNK E 66 -19.97 -5.27 90.15
C UNK E 66 -19.90 -6.49 91.07
N UNK E 67 -20.73 -7.49 90.75
CA UNK E 67 -20.77 -8.74 91.47
C UNK E 67 -20.23 -9.85 90.57
N UNK E 68 -18.96 -10.20 90.81
CA UNK E 68 -18.26 -11.28 90.12
C UNK E 68 -17.77 -12.26 91.20
N UNK E 69 -17.11 -13.35 90.79
CA UNK E 69 -16.60 -14.35 91.73
C UNK E 69 -15.41 -13.77 92.46
N UNK E 70 -15.69 -13.26 93.68
CA UNK E 70 -14.80 -12.62 94.66
C UNK E 70 -15.27 -11.20 94.96
N LEU E 71 -15.95 -10.58 93.98
CA LEU E 71 -16.43 -9.20 94.07
C LEU E 71 -17.92 -9.04 94.40
N ASP E 72 -18.23 -7.92 95.08
CA ASP E 72 -19.54 -7.39 95.48
C ASP E 72 -19.31 -5.94 95.95
N ILE E 73 -18.94 -5.09 94.99
CA ILE E 73 -18.60 -3.70 95.24
C ILE E 73 -19.78 -2.75 95.55
N ASN E 74 -20.40 -2.95 96.73
CA ASN E 74 -21.50 -2.11 97.20
C ASN E 74 -21.02 -0.73 97.62
N TYR E 75 -21.96 0.23 97.70
CA TYR E 75 -21.71 1.62 98.11
C TYR E 75 -21.99 1.77 99.61
N ASN E 76 -21.14 1.12 100.42
CA ASN E 76 -21.25 1.18 101.88
C ASN E 76 -20.37 2.28 102.44
N PHE E 77 -20.96 3.45 102.58
CA PHE E 77 -20.28 4.62 103.07
C PHE E 77 -20.34 4.75 104.60
N GLU E 78 -19.21 4.57 105.30
CA GLU E 78 -19.16 4.70 106.77
C GLU E 78 -18.33 5.88 107.29
N ILE E 79 -18.94 6.66 108.18
CA ILE E 79 -18.29 7.81 108.81
C ILE E 79 -17.55 7.44 110.11
N ASP E 80 -16.39 6.77 109.95
CA ASP E 80 -15.46 6.35 111.02
C ASP E 80 -14.90 7.60 111.67
N ALA E 81 -14.39 7.56 112.92
CA ALA E 81 -13.89 8.77 113.59
C ALA E 81 -12.86 9.52 112.75
N LEU E 82 -11.92 8.80 112.15
CA LEU E 82 -10.89 9.33 111.27
C LEU E 82 -11.53 10.08 110.09
N THR E 83 -12.57 9.49 109.50
CA THR E 83 -13.28 10.09 108.39
C THR E 83 -13.99 11.33 108.85
N ILE E 84 -14.65 11.30 110.02
CA ILE E 84 -15.35 12.45 110.56
C ILE E 84 -14.39 13.61 110.65
N THR E 85 -13.17 13.32 111.14
CA THR E 85 -12.11 14.30 111.27
C THR E 85 -11.66 14.79 109.90
N MET E 86 -11.70 13.92 108.88
CA MET E 86 -11.33 14.29 107.51
C MET E 86 -12.36 15.29 106.95
N LEU E 87 -13.65 14.92 107.07
CA LEU E 87 -14.80 15.67 106.61
C LEU E 87 -14.84 16.98 107.31
N LEU E 88 -14.50 17.01 108.61
CA LEU E 88 -14.48 18.23 109.40
C LEU E 88 -13.64 19.25 108.65
N ALA E 89 -12.43 18.87 108.24
CA ALA E 89 -11.54 19.76 107.52
C ALA E 89 -12.11 20.13 106.18
N ILE E 90 -12.86 19.22 105.57
CA ILE E 90 -13.49 19.54 104.30
C ILE E 90 -14.48 20.66 104.53
N THR E 91 -15.18 20.61 105.65
CA THR E 91 -16.14 21.63 105.97
C THR E 91 -15.53 22.94 106.44
N THR E 92 -14.74 22.91 107.54
CA THR E 92 -14.12 24.09 108.17
C THR E 92 -13.23 24.88 107.24
N ILE E 93 -12.58 24.19 106.30
CA ILE E 93 -11.79 24.86 105.28
C ILE E 93 -12.78 25.52 104.29
N SER E 94 -13.61 24.73 103.57
CA SER E 94 -14.60 25.20 102.58
C SER E 94 -15.61 26.24 103.04
N SER E 95 -16.06 26.18 104.31
CA SER E 95 -17.04 27.13 104.88
C SER E 95 -16.45 28.53 104.88
N MET E 96 -15.18 28.63 105.30
CA MET E 96 -14.48 29.88 105.42
C MET E 96 -13.84 30.27 104.12
N VAL E 97 -13.47 29.28 103.32
CA VAL E 97 -12.92 29.52 102.01
C VAL E 97 -13.98 30.18 101.10
N HIS E 98 -15.25 29.76 101.20
CA HIS E 98 -16.37 30.30 100.40
C HIS E 98 -16.64 31.77 100.62
N ILE E 99 -16.70 32.21 101.88
CA ILE E 99 -16.99 33.60 102.20
C ILE E 99 -15.94 34.49 101.56
N TYR E 100 -14.69 34.11 101.78
CA TYR E 100 -13.53 34.77 101.21
C TYR E 100 -13.68 34.82 99.71
N SER E 101 -13.95 33.65 99.14
CA SER E 101 -14.10 33.44 97.71
C SER E 101 -15.10 34.39 97.13
N ILE E 102 -16.22 34.63 97.83
CA ILE E 102 -17.33 35.44 97.37
C ILE E 102 -16.99 36.66 96.52
N GLY E 103 -16.15 37.56 96.99
CA GLY E 103 -15.85 38.77 96.24
C GLY E 103 -14.92 38.56 95.08
N TYR E 104 -13.96 37.65 95.26
CA TYR E 104 -12.98 37.30 94.24
C TYR E 104 -13.75 36.79 93.02
N MET E 105 -14.53 35.76 93.27
CA MET E 105 -15.34 35.11 92.26
C MET E 105 -16.33 36.10 91.67
N GLU E 106 -16.82 37.06 92.48
CA GLU E 106 -17.76 38.07 92.00
C GLU E 106 -17.12 39.04 91.00
N THR E 107 -15.95 39.61 91.34
CA THR E 107 -15.25 40.51 90.42
C THR E 107 -15.05 39.75 89.11
N ASP E 108 -14.54 38.52 89.22
CA ASP E 108 -14.29 37.61 88.10
C ASP E 108 -15.57 37.33 87.24
N PRO E 109 -15.48 37.11 85.90
CA PRO E 109 -16.69 36.75 85.14
C PRO E 109 -17.03 35.27 85.32
N HIS E 110 -18.21 34.82 84.82
CA HIS E 110 -18.72 33.43 84.96
C HIS E 110 -19.25 33.13 86.36
N GLN E 111 -18.59 33.68 87.44
CA GLN E 111 -18.84 33.61 88.90
C GLN E 111 -19.31 32.25 89.34
N VAL E 112 -20.49 31.85 88.83
CA VAL E 112 -21.17 30.60 89.10
C VAL E 112 -20.25 29.44 88.86
N ARG E 113 -19.56 29.37 87.70
CA ARG E 113 -18.69 28.23 87.41
C ARG E 113 -17.59 28.06 88.44
N PHE E 114 -17.00 29.20 88.82
CA PHE E 114 -15.95 29.22 89.83
C PHE E 114 -16.50 28.75 91.14
N PHE E 115 -17.75 29.09 91.43
CA PHE E 115 -18.41 28.62 92.63
C PHE E 115 -18.77 27.15 92.59
N SER E 116 -19.05 26.61 91.38
CA SER E 116 -19.38 25.20 91.20
C SER E 116 -18.21 24.29 91.50
N LEU E 117 -17.05 24.57 90.90
CA LEU E 117 -15.85 23.74 91.13
C LEU E 117 -15.35 23.86 92.57
N LEU E 118 -15.62 25.01 93.23
CA LEU E 118 -15.35 25.25 94.64
C LEU E 118 -16.37 24.53 95.55
N SER E 119 -17.43 23.89 95.01
CA SER E 119 -18.45 23.17 95.80
C SER E 119 -18.51 21.69 95.44
N MET E 120 -17.94 21.34 94.29
CA MET E 120 -17.86 19.97 93.79
C MET E 120 -16.51 19.37 94.16
N PHE E 121 -15.54 20.22 94.55
CA PHE E 121 -14.23 19.76 95.00
C PHE E 121 -14.40 19.17 96.39
N THR E 122 -15.27 19.80 97.16
CA THR E 122 -15.67 19.43 98.52
C THR E 122 -16.44 18.12 98.49
N PHE E 123 -17.48 18.03 97.63
CA PHE E 123 -18.35 16.86 97.53
C PHE E 123 -17.62 15.63 97.09
N TRP E 124 -16.68 15.75 96.12
CA TRP E 124 -15.89 14.60 95.71
C TRP E 124 -15.06 14.16 96.87
N MET E 125 -14.50 15.14 97.60
CA MET E 125 -13.70 14.87 98.77
C MET E 125 -14.55 14.16 99.80
N ILE E 126 -15.83 14.53 99.87
CA ILE E 126 -16.79 13.96 100.81
C ILE E 126 -17.11 12.53 100.46
N ILE E 127 -17.27 12.26 99.16
CA ILE E 127 -17.49 10.92 98.64
C ILE E 127 -16.33 10.07 99.14
N LEU E 128 -15.10 10.61 99.00
CA LEU E 128 -13.90 9.91 99.47
C LEU E 128 -14.01 9.64 100.95
N VAL E 129 -14.37 10.66 101.75
CA VAL E 129 -14.46 10.56 103.21
C VAL E 129 -15.39 9.44 103.67
N THR E 130 -16.68 9.58 103.32
CA THR E 130 -17.72 8.62 103.68
C THR E 130 -17.36 7.23 103.18
N GLY E 131 -16.72 7.16 102.01
CA GLY E 131 -16.27 5.91 101.41
C GLY E 131 -15.36 5.07 102.28
N SER E 132 -15.97 4.13 103.03
CA SER E 132 -15.22 3.22 103.90
C SER E 132 -14.54 2.17 103.02
N ASN E 133 -15.31 1.61 102.04
CA ASN E 133 -14.83 0.61 101.10
C ASN E 133 -13.68 1.12 100.31
N TYR E 134 -12.76 0.22 99.94
CA TYR E 134 -11.60 0.63 99.17
C TYR E 134 -11.93 1.16 97.82
N PHE E 135 -12.86 0.52 97.07
CA PHE E 135 -13.25 1.00 95.73
C PHE E 135 -13.79 2.41 95.81
N VAL E 136 -14.54 2.71 96.88
CA VAL E 136 -15.03 4.06 97.01
C VAL E 136 -13.92 5.03 97.27
N LEU E 137 -12.97 4.63 98.12
CA LEU E 137 -11.79 5.43 98.35
C LEU E 137 -11.06 5.68 97.02
N PHE E 138 -10.96 4.67 96.14
CA PHE E 138 -10.30 4.76 94.84
C PHE E 138 -10.99 5.73 93.88
N VAL E 139 -12.33 5.71 93.81
CA VAL E 139 -13.13 6.61 92.97
C VAL E 139 -13.03 8.08 93.43
N GLY E 140 -13.21 8.32 94.74
CA GLY E 140 -13.17 9.67 95.30
C GLY E 140 -11.90 10.43 94.97
N TRP E 141 -10.79 9.67 94.90
CA TRP E 141 -9.37 9.97 94.67
C TRP E 141 -9.02 10.14 93.18
N GLU E 142 -9.84 9.56 92.32
CA GLU E 142 -9.72 9.63 90.87
C GLU E 142 -10.59 10.80 90.44
N PHE E 143 -11.55 11.18 91.31
CA PHE E 143 -12.41 12.34 91.16
C PHE E 143 -11.66 13.59 91.65
N ILE E 144 -10.42 13.42 92.20
CA ILE E 144 -9.56 14.54 92.64
C ILE E 144 -9.19 15.37 91.39
N GLY E 145 -8.52 14.72 90.44
CA GLY E 145 -8.06 15.27 89.17
C GLY E 145 -9.17 15.76 88.26
N VAL E 146 -10.43 15.41 88.61
CA VAL E 146 -11.66 15.82 87.94
C VAL E 146 -11.85 17.27 88.37
N THR E 147 -12.15 17.51 89.66
CA THR E 147 -12.27 18.89 90.12
C THR E 147 -10.94 19.62 90.21
N SER E 148 -9.84 18.92 90.59
CA SER E 148 -8.51 19.54 90.67
C SER E 148 -8.12 20.22 89.37
N TYR E 149 -8.17 19.51 88.23
CA TYR E 149 -7.79 20.10 86.94
C TYR E 149 -8.47 21.44 86.70
N LEU E 150 -9.78 21.41 86.78
CA LEU E 150 -10.74 22.45 86.45
C LEU E 150 -10.46 23.81 86.98
N LEU E 151 -10.46 23.95 88.30
CA LEU E 151 -10.18 25.22 89.00
C LEU E 151 -8.84 25.81 88.61
N ILE E 152 -7.82 24.96 88.50
CA ILE E 152 -6.50 25.43 88.13
C ILE E 152 -6.53 26.10 86.78
N SER E 153 -7.03 25.37 85.77
CA SER E 153 -7.18 25.81 84.40
C SER E 153 -8.40 26.71 84.21
N PHE E 154 -8.85 27.44 85.25
CA PHE E 154 -10.00 28.29 85.05
C PHE E 154 -9.57 29.49 84.21
N TRP E 155 -8.48 30.13 84.66
CA TRP E 155 -7.92 31.30 84.02
C TRP E 155 -7.36 30.99 82.62
N VAL E 156 -8.20 31.31 81.62
CA VAL E 156 -7.90 31.17 80.20
C VAL E 156 -6.70 32.08 79.82
N THR E 157 -6.66 33.34 80.35
CA THR E 157 -5.58 34.33 80.13
C THR E 157 -4.19 33.81 80.59
N ARG E 158 -4.15 32.69 81.39
CA ARG E 158 -2.94 32.07 81.91
C ARG E 158 -2.63 30.74 81.22
N LEU E 159 -2.11 30.90 80.00
CA LEU E 159 -1.67 29.84 79.10
C LEU E 159 -0.80 28.89 79.87
N GLN E 160 0.11 29.43 80.70
CA GLN E 160 1.01 28.64 81.53
C GLN E 160 0.24 27.85 82.59
N ALA E 161 -0.81 28.44 83.18
CA ALA E 161 -1.61 27.73 84.18
C ALA E 161 -2.39 26.57 83.58
N MET E 162 -2.65 26.62 82.26
CA MET E 162 -3.29 25.50 81.59
C MET E 162 -2.33 24.32 81.71
N LYS E 163 -1.03 24.59 81.46
CA LYS E 163 0.06 23.61 81.55
C LYS E 163 0.18 23.11 82.95
N SER E 164 0.19 24.03 83.93
CA SER E 164 0.30 23.66 85.33
C SER E 164 -0.84 22.75 85.77
N ALA E 165 -2.03 22.96 85.19
CA ALA E 165 -3.20 22.13 85.47
C ALA E 165 -2.97 20.74 84.96
N LEU E 166 -2.49 20.67 83.70
CA LEU E 166 -2.15 19.40 83.05
C LEU E 166 -1.11 18.71 83.91
N SER E 167 -0.05 19.46 84.33
CA SER E 167 1.06 19.02 85.15
C SER E 167 0.54 18.35 86.40
N ALA E 168 -0.34 19.02 87.14
CA ALA E 168 -0.90 18.47 88.36
C ALA E 168 -1.60 17.17 88.09
N VAL E 169 -2.48 17.18 87.08
CA VAL E 169 -3.25 15.99 86.76
C VAL E 169 -2.40 14.81 86.35
N LEU E 170 -1.45 15.04 85.42
CA LEU E 170 -0.43 14.08 84.95
C LEU E 170 0.28 13.51 86.16
N MET E 171 0.61 14.40 87.11
CA MET E 171 1.35 14.02 88.30
C MET E 171 0.55 13.09 89.19
N ASN E 172 -0.75 13.32 89.26
CA ASN E 172 -1.65 12.47 90.03
C ASN E 172 -1.87 11.16 89.30
N ARG E 173 -1.80 11.20 87.95
CA ARG E 173 -1.92 10.02 87.10
C ARG E 173 -0.79 9.04 87.35
N PHE E 174 0.45 9.53 87.59
CA PHE E 174 1.54 8.67 88.06
C PHE E 174 1.34 8.67 89.60
N GLY E 175 0.35 7.89 90.02
CA GLY E 175 -0.09 7.67 91.39
C GLY E 175 -1.43 6.98 91.23
N ASP E 176 -2.34 7.64 90.47
CA ASP E 176 -3.63 7.09 90.08
C ASP E 176 -3.40 5.81 89.27
N ALA E 177 -2.29 5.74 88.50
CA ALA E 177 -1.88 4.54 87.77
C ALA E 177 -1.39 3.47 88.77
N PHE E 178 -0.53 3.87 89.71
CA PHE E 178 -0.06 3.02 90.80
C PHE E 178 -1.17 2.57 91.75
N PHE E 179 -2.37 3.23 91.69
CA PHE E 179 -3.60 2.95 92.45
C PHE E 179 -4.43 1.84 91.73
N VAL E 180 -4.30 1.78 90.38
CA VAL E 180 -4.86 0.76 89.49
C VAL E 180 -3.98 -0.49 89.65
N LEU E 181 -2.62 -0.29 89.68
CA LEU E 181 -1.61 -1.31 89.98
C LEU E 181 -1.86 -1.81 91.41
N GLY E 182 -2.44 -0.92 92.24
CA GLY E 182 -2.84 -1.15 93.63
C GLY E 182 -4.09 -1.99 93.71
N LEU E 183 -5.25 -1.45 93.25
CA LEU E 183 -6.55 -2.12 93.23
C LEU E 183 -6.51 -3.60 92.81
N CYS E 184 -5.73 -3.93 91.77
CA CYS E 184 -5.60 -5.30 91.28
C CYS E 184 -4.94 -6.19 92.32
N VAL E 185 -3.73 -5.82 92.74
CA VAL E 185 -2.97 -6.58 93.74
C VAL E 185 -3.62 -6.48 95.13
N ILE E 186 -4.42 -5.42 95.34
CA ILE E 186 -5.16 -5.22 96.55
C ILE E 186 -6.32 -6.17 96.59
N ALA E 187 -6.89 -6.48 95.40
CA ALA E 187 -7.99 -7.43 95.30
C ALA E 187 -7.44 -8.85 95.39
N TYR E 188 -6.31 -9.13 94.74
CA TYR E 188 -5.68 -10.45 94.78
C TYR E 188 -5.22 -10.77 96.19
N VAL E 189 -5.00 -9.73 96.99
CA VAL E 189 -4.62 -9.90 98.40
C VAL E 189 -5.86 -10.03 99.31
N PHE E 190 -7.05 -9.61 98.84
CA PHE E 190 -8.23 -9.65 99.68
C PHE E 190 -9.42 -10.38 99.10
N GLY E 191 -9.72 -10.09 97.84
CA GLY E 191 -10.85 -10.63 97.11
C GLY E 191 -11.93 -9.58 96.95
N UNK E 192 -12.34 -8.97 98.07
CA UNK E 192 -13.38 -7.96 98.17
C UNK E 192 -12.93 -6.52 98.02
N UNK E 193 -11.64 -6.20 98.37
CA UNK E 193 -11.01 -4.85 98.39
C UNK E 193 -11.56 -3.91 99.47
N UNK E 194 -12.88 -3.94 99.71
CA UNK E 194 -13.62 -3.13 100.68
C UNK E 194 -13.06 -3.20 102.10
N UNK E 195 -13.49 -2.24 102.91
CA UNK E 195 -13.12 -2.05 104.32
C UNK E 195 -13.14 -3.27 105.26
N UNK E 196 -14.28 -3.58 105.95
CA UNK E 196 -14.44 -4.66 106.93
C UNK E 196 -13.49 -5.86 106.75
N UNK E 197 -13.70 -6.62 105.66
CA UNK E 197 -12.92 -7.79 105.31
C UNK E 197 -11.40 -7.58 105.22
N UNK E 198 -10.97 -6.37 104.83
CA UNK E 198 -9.56 -6.01 104.69
C UNK E 198 -8.83 -6.12 106.01
N UNK E 199 -9.51 -5.77 107.13
CA UNK E 199 -8.93 -5.82 108.47
C UNK E 199 -8.58 -7.24 108.87
N UNK E 200 -9.40 -8.23 108.49
CA UNK E 200 -9.10 -9.64 108.79
C UNK E 200 -8.36 -10.33 107.62
N UNK E 201 -7.01 -10.51 107.65
CA UNK E 201 -6.02 -10.16 108.67
C UNK E 201 -4.64 -9.90 108.01
N UNK E 202 -3.67 -9.36 108.78
CA UNK E 202 -2.30 -9.16 108.32
C UNK E 202 -1.62 -10.52 108.08
N UNK E 203 -1.95 -11.53 108.94
CA UNK E 203 -1.45 -12.92 108.87
C UNK E 203 -1.62 -13.47 107.46
N UNK E 204 -0.24 -13.73 103.91
CA UNK E 204 1.21 -13.87 103.81
C UNK E 204 1.77 -13.42 102.43
N THR E 205 2.64 -12.37 102.34
CA THR E 205 3.15 -11.37 103.31
C THR E 205 3.93 -10.31 102.50
N ASP E 206 4.66 -10.78 101.49
CA ASP E 206 5.44 -9.96 100.56
C ASP E 206 4.45 -9.19 99.69
N LEU E 207 3.39 -9.88 99.22
CA LEU E 207 2.31 -9.31 98.40
C LEU E 207 1.73 -8.12 99.13
N LEU E 208 1.65 -8.23 100.48
CA LEU E 208 1.23 -7.16 101.36
C LEU E 208 2.30 -6.05 101.35
N VAL E 209 3.60 -6.39 101.47
CA VAL E 209 4.67 -5.38 101.42
C VAL E 209 4.59 -4.55 100.09
N LEU E 210 4.31 -5.24 98.98
CA LEU E 210 4.15 -4.68 97.65
C LEU E 210 2.95 -3.78 97.66
N ILE E 211 1.86 -4.18 98.36
CA ILE E 211 0.66 -3.37 98.52
C ILE E 211 1.03 -2.05 99.20
N MET E 212 1.86 -2.08 100.28
CA MET E 212 2.28 -0.86 100.98
C MET E 212 3.16 0.09 100.17
N LEU E 213 4.07 -0.46 99.34
CA LEU E 213 4.92 0.37 98.47
C LEU E 213 4.07 0.87 97.27
N ALA E 214 3.19 -0.01 96.75
CA ALA E 214 2.30 0.34 95.64
C ALA E 214 1.23 1.35 96.03
N LEU E 215 0.91 1.48 97.33
CA LEU E 215 -0.09 2.44 97.79
C LEU E 215 0.55 3.75 98.16
N PHE E 216 1.70 3.71 98.85
CA PHE E 216 2.38 4.92 99.30
C PHE E 216 2.91 5.75 98.19
N ILE E 217 3.62 5.15 97.21
CA ILE E 217 4.12 5.87 96.05
C ILE E 217 2.94 6.22 95.11
N ALA E 218 1.77 5.57 95.34
CA ALA E 218 0.53 5.91 94.63
C ALA E 218 -0.13 7.06 95.36
N ALA E 219 -0.21 6.99 96.70
CA ALA E 219 -0.82 8.06 97.47
C ALA E 219 -0.02 9.34 97.47
N MET E 220 1.32 9.22 97.59
CA MET E 220 2.20 10.38 97.68
C MET E 220 2.32 11.33 96.47
N ALA E 221 1.59 11.06 95.34
CA ALA E 221 1.56 11.90 94.13
C ALA E 221 0.77 13.20 94.36
N LYS E 222 -0.33 13.13 95.16
CA LYS E 222 -1.14 14.30 95.54
C LYS E 222 -0.38 15.21 96.56
N SER E 223 0.34 14.59 97.52
CA SER E 223 1.11 15.26 98.57
C SER E 223 2.43 15.92 98.13
N ALA E 224 2.78 15.81 96.83
CA ALA E 224 3.99 16.36 96.19
C ALA E 224 5.32 16.04 96.88
N GLN E 225 5.78 14.80 96.70
CA GLN E 225 7.04 14.27 97.23
C GLN E 225 7.88 13.77 96.07
N PHE E 226 9.21 13.66 96.22
CA PHE E 226 10.15 13.15 95.19
C PHE E 226 9.68 11.83 94.50
N GLY E 227 9.76 11.71 93.17
CA GLY E 227 10.15 12.76 92.23
C GLY E 227 8.95 13.44 91.59
N LEU E 228 7.80 13.33 92.28
CA LEU E 228 6.50 13.91 91.94
C LEU E 228 6.32 15.21 92.74
N HIS E 229 7.39 15.74 93.34
CA HIS E 229 7.30 16.96 94.13
C HIS E 229 6.94 18.27 93.42
N ASN E 230 7.21 18.40 92.10
CA ASN E 230 6.92 19.63 91.33
C ASN E 230 5.46 20.13 91.41
N TRP E 231 4.52 19.19 91.49
CA TRP E 231 3.06 19.31 91.61
C TRP E 231 2.51 20.61 92.15
N LEU E 232 2.65 20.81 93.47
CA LEU E 232 2.04 21.86 94.28
C LEU E 232 2.17 23.27 93.83
N THR E 233 3.40 23.76 93.76
CA THR E 233 3.73 25.13 93.35
C THR E 233 3.16 25.39 91.97
N LEU E 234 3.29 24.37 91.10
CA LEU E 234 2.79 24.42 89.74
C LEU E 234 1.28 24.50 89.73
N ALA E 235 0.61 23.62 90.50
CA ALA E 235 -0.85 23.61 90.57
C ALA E 235 -1.45 24.90 91.13
N MET E 236 -0.80 25.49 92.15
CA MET E 236 -1.26 26.72 92.78
C MET E 236 -1.09 28.01 91.95
N GLU E 237 -0.38 28.00 90.82
CA GLU E 237 -0.20 29.19 89.96
C GLU E 237 -1.47 29.60 89.19
N GLY E 238 -2.50 29.94 89.95
CA GLY E 238 -3.80 30.37 89.44
C GLY E 238 -4.58 31.16 90.48
N PRO E 239 -5.86 30.78 90.74
CA PRO E 239 -6.68 31.53 91.71
C PRO E 239 -6.34 31.17 93.17
N THR E 240 -6.13 32.20 94.00
CA THR E 240 -5.75 32.06 95.41
C THR E 240 -6.78 31.52 96.42
N PRO E 241 -8.10 31.88 96.42
CA PRO E 241 -9.02 31.23 97.39
C PRO E 241 -9.03 29.71 97.16
N VAL E 242 -9.11 29.34 95.88
CA VAL E 242 -9.06 27.99 95.36
C VAL E 242 -7.81 27.30 95.88
N SER E 243 -6.67 28.01 95.86
CA SER E 243 -5.40 27.49 96.35
C SER E 243 -5.51 27.00 97.78
N SER E 244 -6.30 27.68 98.62
CA SER E 244 -6.51 27.24 100.01
C SER E 244 -7.21 25.88 100.07
N LEU E 245 -8.06 25.62 99.06
CA LEU E 245 -8.81 24.41 98.90
C LEU E 245 -7.94 23.29 98.34
N LEU E 246 -6.71 23.57 97.84
CA LEU E 246 -5.77 22.54 97.39
C LEU E 246 -5.21 21.79 98.63
N HIS E 247 -4.95 22.57 99.69
CA HIS E 247 -4.42 22.21 100.99
C HIS E 247 -5.44 21.57 101.94
N ALA E 248 -6.64 21.25 101.44
CA ALA E 248 -7.71 20.49 102.10
C ALA E 248 -7.71 19.10 101.46
N ALA E 249 -7.48 19.06 100.13
CA ALA E 249 -7.37 17.85 99.34
C ALA E 249 -6.12 17.10 99.73
N THR E 250 -4.99 17.81 99.82
CA THR E 250 -3.67 17.26 100.11
C THR E 250 -3.57 16.61 101.47
N UNK E 251 -4.13 17.29 102.48
CA UNK E 251 -4.15 16.85 103.86
C UNK E 251 -5.08 15.67 103.92
N UNK E 252 -6.15 15.70 103.15
CA UNK E 252 -7.04 14.55 103.18
C UNK E 252 -6.36 13.35 102.47
N UNK E 253 -5.67 13.67 101.38
CA UNK E 253 -4.93 12.72 100.56
C UNK E 253 -3.79 12.15 101.37
N UNK E 254 -3.34 12.92 102.36
CA UNK E 254 -2.29 12.49 103.28
C UNK E 254 -2.76 11.31 104.12
N UNK E 255 -4.06 11.26 104.49
CA UNK E 255 -4.62 10.19 105.31
C UNK E 255 -4.72 8.85 104.58
N UNK E 256 -4.93 8.86 103.24
CA UNK E 256 -5.02 7.71 102.33
C UNK E 256 -3.82 6.75 102.45
N UNK E 257 -2.64 7.25 102.90
CA UNK E 257 -1.44 6.45 103.18
C UNK E 257 -1.15 6.50 104.72
N UNK E 258 -1.86 5.75 105.61
CA UNK E 258 -2.90 4.72 105.42
C UNK E 258 -4.11 4.87 106.39
N UNK E 259 -5.19 4.08 106.20
CA UNK E 259 -6.40 4.15 107.02
C UNK E 259 -6.32 3.40 108.39
N UNK E 260 -7.35 2.62 108.77
CA UNK E 260 -7.34 1.83 110.01
C UNK E 260 -6.86 0.40 109.66
N UNK E 261 -7.59 -0.29 108.75
CA UNK E 261 -7.23 -1.61 108.21
C UNK E 261 -5.89 -1.49 107.45
N UNK E 262 -5.80 -0.51 106.54
CA UNK E 262 -4.62 -0.22 105.72
C UNK E 262 -3.42 0.06 106.61
N UNK E 263 -3.57 0.93 107.63
CA UNK E 263 -2.49 1.23 108.58
C UNK E 263 -2.06 0.01 109.38
N UNK E 264 -3.02 -0.86 109.77
CA UNK E 264 -2.71 -2.12 110.45
C UNK E 264 -1.76 -2.92 109.53
N UNK E 265 -2.13 -3.04 108.24
CA UNK E 265 -1.30 -3.72 107.24
C UNK E 265 0.06 -3.04 107.05
N UNK E 266 0.09 -1.68 107.08
CA UNK E 266 1.34 -0.92 106.96
C UNK E 266 2.29 -1.28 108.09
N UNK E 267 1.76 -1.38 109.32
CA UNK E 267 2.55 -1.77 110.47
C UNK E 267 3.02 -3.21 110.31
N UNK E 268 2.20 -4.09 109.69
CA UNK E 268 2.61 -5.47 109.43
C UNK E 268 3.82 -5.50 108.47
N UNK E 269 3.78 -4.65 107.41
CA UNK E 269 4.84 -4.41 106.41
C UNK E 269 5.69 -3.24 106.94
N UNK E 270 6.28 -3.51 108.12
CA UNK E 270 7.12 -2.61 108.89
C UNK E 270 8.26 -2.06 108.05
N UNK E 271 8.95 -2.89 107.24
CA UNK E 271 10.03 -2.44 106.35
C UNK E 271 9.54 -1.38 105.34
N UNK E 272 8.41 -1.68 104.67
CA UNK E 272 7.79 -0.74 103.70
C UNK E 272 7.39 0.58 104.37
N UNK E 273 6.83 0.50 105.60
CA UNK E 273 6.42 1.68 106.37
C UNK E 273 7.62 2.53 106.76
N UNK E 274 8.70 1.87 107.22
CA UNK E 274 9.95 2.56 107.59
C UNK E 274 10.52 3.29 106.39
N UNK E 275 10.71 2.58 105.26
CA UNK E 275 11.22 3.11 104.00
C UNK E 275 10.41 4.29 103.51
N UNK E 276 9.07 4.12 103.44
CA UNK E 276 8.14 5.16 103.03
C UNK E 276 8.31 6.40 103.90
N UNK E 277 8.20 6.21 105.24
CA UNK E 277 8.34 7.28 106.22
C UNK E 277 9.61 8.07 106.03
N UNK E 278 10.72 7.36 105.77
CA UNK E 278 12.04 7.95 105.62
C UNK E 278 12.26 8.68 104.30
N UNK E 279 11.76 8.13 103.17
CA UNK E 279 11.91 8.75 101.85
C UNK E 279 11.12 10.04 101.77
N UNK E 280 9.90 10.05 102.31
CA UNK E 280 9.05 11.24 102.32
C UNK E 280 9.48 12.24 103.41
N UNK E 281 10.29 11.78 104.38
CA UNK E 281 10.90 12.61 105.41
C UNK E 281 12.06 13.40 104.82
N UNK E 282 12.93 12.76 104.02
CA UNK E 282 14.10 13.37 103.40
C UNK E 282 13.81 14.44 102.35
N UNK E 283 12.75 14.25 101.55
CA UNK E 283 12.29 15.18 100.51
C UNK E 283 11.43 16.29 101.13
N UNK E 284 11.26 16.28 102.48
CA UNK E 284 10.53 17.28 103.25
C UNK E 284 11.45 18.38 103.74
N UNK E 285 12.75 18.09 104.00
CA UNK E 285 13.77 19.06 104.45
C UNK E 285 14.30 19.94 103.31
N UNK E 286 14.09 19.50 102.06
CA UNK E 286 14.45 20.22 100.83
C UNK E 286 13.26 21.10 100.44
N UNK E 287 12.05 20.75 100.92
CA UNK E 287 10.84 21.54 100.74
C UNK E 287 10.88 22.83 101.60
N UNK E 288 11.51 22.77 102.79
CA UNK E 288 11.64 23.89 103.72
C UNK E 288 12.66 24.92 103.22
N UNK E 289 13.86 24.42 102.84
CA UNK E 289 14.98 25.21 102.34
C UNK E 289 14.56 26.01 101.12
N UNK E 290 13.86 25.37 100.17
CA UNK E 290 13.40 26.00 98.93
C UNK E 290 12.46 27.17 99.21
N UNK E 291 11.76 27.16 100.36
CA UNK E 291 10.93 28.27 100.78
C UNK E 291 11.80 29.33 101.44
N UNK E 292 12.80 28.92 102.25
CA UNK E 292 13.71 29.86 102.89
C UNK E 292 14.47 30.68 101.83
N UNK E 293 14.98 30.01 100.78
CA UNK E 293 15.66 30.65 99.67
C UNK E 293 14.64 30.87 98.57
N UNK E 294 5.95 34.81 97.87
CA UNK E 294 5.27 34.40 99.11
C UNK E 294 4.43 33.17 98.89
N LYS E 295 3.51 33.20 97.91
CA LYS E 295 2.55 32.14 97.54
C LYS E 295 3.23 30.79 97.38
N ARG E 296 4.29 30.78 96.55
CA ARG E 296 5.08 29.58 96.26
C ARG E 296 5.72 29.14 97.52
N ILE E 297 6.13 30.10 98.37
CA ILE E 297 6.73 29.81 99.64
C ILE E 297 5.69 29.06 100.48
N ILE E 298 4.42 29.50 100.43
CA ILE E 298 3.37 28.81 101.17
C ILE E 298 3.24 27.36 100.72
N ALA E 299 3.18 27.15 99.42
CA ALA E 299 3.09 25.81 98.86
C ALA E 299 4.24 24.90 99.30
N LEU E 300 5.47 25.41 99.20
CA LEU E 300 6.66 24.66 99.59
C LEU E 300 6.72 24.44 101.07
N SER E 301 6.05 25.31 101.85
CA SER E 301 5.94 25.14 103.29
C SER E 301 5.13 23.90 103.52
N THR E 302 4.06 23.69 102.72
CA THR E 302 3.28 22.48 102.88
C THR E 302 4.02 21.22 102.65
N MET E 303 4.79 21.09 101.55
CA MET E 303 5.57 19.88 101.32
C MET E 303 6.53 19.54 102.49
N SER E 304 6.91 20.55 103.30
CA SER E 304 7.76 20.27 104.46
C SER E 304 6.97 19.65 105.63
N GLN E 305 5.77 20.21 105.89
CA GLN E 305 4.78 19.85 106.92
C GLN E 305 4.21 18.45 106.70
N LEU E 306 4.02 18.07 105.41
CA LEU E 306 3.48 16.77 104.96
C LEU E 306 4.54 15.69 105.13
N GLY E 307 5.80 16.10 104.99
CA GLY E 307 6.99 15.31 105.25
C GLY E 307 7.16 14.98 106.73
N MET E 308 6.61 15.82 107.64
CA MET E 308 6.60 15.60 109.10
C MET E 308 5.48 14.61 109.46
N MET E 309 4.28 14.87 108.89
CA MET E 309 3.10 14.03 109.07
C MET E 309 3.39 12.63 108.58
N THR E 310 4.22 12.52 107.51
CA THR E 310 4.63 11.24 106.95
C THR E 310 5.54 10.52 107.91
N ILE E 311 6.48 11.27 108.53
CA ILE E 311 7.36 10.62 109.50
C ILE E 311 6.55 10.05 110.62
N ALA E 312 5.50 10.74 111.01
CA ALA E 312 4.65 10.31 112.11
C ALA E 312 3.79 9.13 111.69
N ILE E 313 3.32 9.17 110.43
CA ILE E 313 2.51 8.10 109.92
C ILE E 313 3.32 6.83 109.85
N GLY E 314 4.50 6.95 109.25
CA GLY E 314 5.42 5.83 109.12
C GLY E 314 5.82 5.33 110.46
N LEU E 315 5.96 6.24 111.45
CA LEU E 315 6.33 5.89 112.80
C LEU E 315 5.21 5.16 113.53
N SER E 316 4.02 5.11 112.90
CA SER E 316 2.78 4.45 113.35
C SER E 316 1.79 5.35 114.00
N ALA E 317 2.24 6.41 114.70
CA ALA E 317 1.40 7.37 115.38
C ALA E 317 0.48 8.11 114.41
N TYR E 318 -0.53 7.38 113.91
CA TYR E 318 -1.56 7.87 112.99
C TYR E 318 -2.35 9.01 113.64
N ASN E 319 -2.70 8.81 114.94
CA ASN E 319 -3.38 9.82 115.75
C ASN E 319 -2.54 11.09 115.77
N LEU E 320 -1.19 10.96 115.74
CA LEU E 320 -0.33 12.13 115.65
C LEU E 320 -0.33 12.82 114.27
N ALA E 321 -0.25 12.06 113.15
CA ALA E 321 -0.32 12.61 111.79
C ALA E 321 -1.66 13.34 111.51
N LEU E 322 -2.78 12.90 112.13
CA LEU E 322 -4.07 13.55 111.96
C LEU E 322 -4.14 14.89 112.67
N PHE E 323 -3.64 14.94 113.91
CA PHE E 323 -3.59 16.17 114.69
C PHE E 323 -2.74 17.17 113.93
N HIS E 324 -1.62 16.68 113.37
CA HIS E 324 -0.79 17.57 112.59
C HIS E 324 -1.44 18.04 111.31
N LEU E 325 -2.15 17.14 110.61
CA LEU E 325 -2.91 17.44 109.40
C LEU E 325 -3.94 18.56 109.69
N LEU E 326 -4.76 18.43 110.75
CA LEU E 326 -5.77 19.45 111.13
C LEU E 326 -5.17 20.80 111.40
N GLY E 327 -4.14 20.86 112.28
CA GLY E 327 -3.43 22.09 112.58
C GLY E 327 -2.93 22.74 111.31
N HIS E 328 -2.41 21.92 110.38
CA HIS E 328 -1.95 22.37 109.07
C HIS E 328 -3.04 22.99 108.26
N ALA E 329 -4.13 22.25 108.00
CA ALA E 329 -5.29 22.73 107.26
C ALA E 329 -5.85 24.01 107.87
N PHE E 330 -5.73 24.17 109.19
CA PHE E 330 -6.19 25.37 109.84
C PHE E 330 -5.21 26.50 109.64
N PHE E 331 -3.98 26.29 110.10
CA PHE E 331 -3.03 27.38 109.99
C PHE E 331 -2.62 27.69 108.61
N LYS E 332 -2.56 26.69 107.74
CA LYS E 332 -2.18 26.96 106.36
C LYS E 332 -3.12 27.82 105.56
N ALA E 333 -4.42 27.70 105.79
CA ALA E 333 -5.41 28.50 105.06
C ALA E 333 -5.71 29.86 105.69
N LEU E 334 -5.26 30.04 106.94
CA LEU E 334 -5.35 31.32 107.64
C LEU E 334 -4.24 32.16 107.03
N LEU E 335 -3.21 31.50 106.50
CA LEU E 335 -2.08 32.14 105.85
C LEU E 335 -2.39 32.58 104.44
N PHE E 336 -3.28 31.87 103.72
CA PHE E 336 -3.68 32.31 102.39
C PHE E 336 -4.72 33.41 102.43
N MET E 337 -5.39 33.61 103.57
CA MET E 337 -6.36 34.69 103.73
C MET E 337 -5.68 35.76 104.58
N SER E 338 -4.61 36.36 104.03
CA SER E 338 -3.81 37.35 104.74
C SER E 338 -3.53 38.65 103.96
N ALA E 339 -2.48 39.40 104.38
CA ALA E 339 -2.03 40.68 103.83
C ALA E 339 -1.76 40.70 102.31
N GLY E 340 -0.65 40.08 101.90
CA GLY E 340 -0.22 40.00 100.51
C GLY E 340 -1.26 39.41 99.57
N SER E 341 -2.16 38.55 100.12
CA SER E 341 -3.25 37.85 99.45
C SER E 341 -4.53 38.69 99.23
N ILE E 342 -4.59 39.86 99.86
CA ILE E 342 -5.71 40.79 99.72
C ILE E 342 -5.19 42.08 99.13
N ILE E 343 -4.05 42.58 99.63
CA ILE E 343 -3.44 43.78 99.06
C ILE E 343 -2.96 43.51 97.63
N HIS E 344 -3.02 42.22 97.16
CA HIS E 344 -2.76 41.83 95.77
C HIS E 344 -4.02 42.21 94.95
N SER E 345 -5.18 42.31 95.63
CA SER E 345 -6.48 42.67 95.04
C SER E 345 -6.65 44.22 95.00
N ILE E 346 -5.77 44.96 95.74
CA ILE E 346 -5.71 46.44 95.85
C ILE E 346 -4.73 47.04 94.81
N LEU E 347 -3.43 46.70 94.90
CA LEU E 347 -2.40 47.13 93.97
C LEU E 347 -1.73 45.86 93.44
N UNK E 348 -0.87 45.98 92.40
CA UNK E 348 -0.17 44.86 91.74
C UNK E 348 0.94 44.17 92.59
N UNK E 349 0.59 43.85 93.85
CA UNK E 349 1.44 43.20 94.84
C UNK E 349 1.21 41.69 94.80
N UNK E 350 1.72 41.02 93.76
CA UNK E 350 1.58 39.57 93.54
C UNK E 350 2.36 38.72 94.56
N UNK E 351 2.81 37.49 94.19
CA UNK E 351 3.64 36.62 95.05
C UNK E 351 5.03 37.29 95.31
N UNK E 352 5.03 38.61 95.41
CA UNK E 352 6.18 39.45 95.64
C UNK E 352 6.03 40.06 97.03
N UNK E 353 5.94 39.21 98.08
CA UNK E 353 5.82 39.68 99.46
C UNK E 353 7.16 40.24 99.91
N UNK E 354 8.20 39.84 99.17
CA UNK E 354 9.58 40.29 99.31
C UNK E 354 9.79 41.61 98.55
N UNK E 355 9.15 41.76 97.38
CA UNK E 355 9.31 42.95 96.55
C UNK E 355 8.37 44.07 96.97
N UNK E 356 7.29 43.71 97.68
CA UNK E 356 6.28 44.65 98.17
C UNK E 356 6.87 45.77 99.04
N UNK E 357 6.08 46.86 99.16
CA UNK E 357 6.40 48.07 99.92
C UNK E 357 6.58 47.86 101.42
N UNK E 358 7.39 48.72 102.05
CA UNK E 358 7.63 48.75 103.47
C UNK E 358 6.44 49.51 104.03
N UNK E 359 5.44 48.77 104.60
CA UNK E 359 4.22 49.33 105.19
C UNK E 359 3.67 48.49 106.34
N UNK E 360 4.06 48.84 107.57
CA UNK E 360 3.62 48.13 108.77
C UNK E 360 2.16 48.39 109.05
N UNK E 361 1.79 49.68 109.05
CA UNK E 361 0.43 50.13 109.27
C UNK E 361 -0.32 50.13 107.92
N UNK E 362 -0.05 49.15 107.03
CA UNK E 362 -0.73 48.99 105.75
C UNK E 362 -2.23 48.76 106.02
N LEU E 363 -2.53 47.70 106.79
CA LEU E 363 -3.84 47.30 107.30
C LEU E 363 -3.56 46.64 108.67
N PRO E 364 -4.46 46.77 109.68
CA PRO E 364 -4.21 46.08 110.96
C PRO E 364 -4.46 44.58 110.85
N TYR E 365 -5.42 44.17 109.98
CA TYR E 365 -5.81 42.80 109.64
C TYR E 365 -4.62 42.11 108.98
N THR E 366 -3.80 42.85 108.22
CA THR E 366 -2.54 42.46 107.59
C THR E 366 -1.66 41.90 108.73
N TYR E 367 -1.58 42.64 109.86
CA TYR E 367 -0.78 42.23 110.99
C TYR E 367 -1.49 41.21 111.87
N ILE E 368 -2.81 41.39 112.14
CA ILE E 368 -3.64 40.55 113.04
C ILE E 368 -3.60 39.08 112.70
N CYS E 369 -4.08 38.77 111.48
CA CYS E 369 -4.18 37.42 110.97
C CYS E 369 -2.91 36.75 110.45
N ILE E 370 -2.07 37.45 109.63
CA ILE E 370 -0.82 36.86 109.11
C ILE E 370 0.14 36.32 110.19
N THR E 371 0.14 36.98 111.38
CA THR E 371 0.93 36.60 112.55
C THR E 371 0.37 35.30 113.17
N ILE E 372 -0.96 35.23 113.50
CA ILE E 372 -1.67 34.05 114.05
C ILE E 372 -1.19 32.78 113.38
N ALA E 373 -1.29 32.69 112.04
CA ALA E 373 -0.83 31.52 111.28
C ALA E 373 0.67 31.25 111.46
N SER E 374 1.53 32.23 111.10
CA SER E 374 2.99 32.10 111.20
C SER E 374 3.42 31.65 112.58
N LEU E 375 2.69 32.11 113.61
CA LEU E 375 2.95 31.72 114.99
C LEU E 375 2.63 30.24 115.24
N SER E 376 1.44 29.79 114.84
CA SER E 376 1.01 28.40 114.98
C SER E 376 1.98 27.46 114.29
N LEU E 377 2.43 27.83 113.08
CA LEU E 377 3.43 27.05 112.35
C LEU E 377 4.75 27.07 113.13
N MET E 378 5.19 28.26 113.62
CA MET E 378 6.43 28.41 114.39
C MET E 378 6.57 27.58 115.68
N ALA E 379 5.55 26.79 116.03
CA ALA E 379 5.50 25.86 117.18
C ALA E 379 5.52 26.56 118.53
N MET E 380 4.75 27.66 118.58
CA MET E 380 4.56 28.44 119.79
C MET E 380 4.01 27.56 120.92
N PRO E 381 4.46 27.79 122.18
CA PRO E 381 3.95 26.97 123.29
C PRO E 381 2.46 27.17 123.55
N GLY E 382 2.05 28.43 123.69
CA GLY E 382 0.66 28.79 123.96
C GLY E 382 -0.17 28.88 122.70
N LEU E 383 -0.04 27.87 121.81
CA LEU E 383 -0.76 27.73 120.55
C LEU E 383 -0.81 26.27 120.07
N THR E 384 -1.59 26.01 118.99
CA THR E 384 -1.73 24.72 118.29
C THR E 384 -0.35 24.25 117.85
N GLY E 385 0.60 25.18 117.81
CA GLY E 385 1.99 24.93 117.53
C GLY E 385 2.53 23.90 118.49
N TYR E 386 2.38 24.11 119.82
CA TYR E 386 2.87 23.10 120.75
C TYR E 386 2.12 21.77 120.71
N TYR E 387 0.77 21.79 120.54
CA TYR E 387 -0.05 20.56 120.53
C TYR E 387 0.09 19.68 119.25
N THR E 388 0.11 20.31 118.07
CA THR E 388 0.25 19.62 116.79
C THR E 388 1.74 19.34 116.49
N LYS E 389 2.52 20.41 116.24
CA LYS E 389 3.96 20.36 115.92
C LYS E 389 4.88 19.60 116.88
N ASP E 390 5.34 20.25 117.98
CA ASP E 390 6.30 19.79 119.00
C ASP E 390 6.01 18.44 119.70
N ILE E 391 4.80 17.87 119.46
CA ILE E 391 4.34 16.57 119.98
C ILE E 391 4.78 15.35 119.08
N ILE E 392 5.10 15.61 117.78
CA ILE E 392 5.61 14.63 116.80
C ILE E 392 7.02 14.06 117.23
N ILE E 393 7.81 14.93 117.89
CA ILE E 393 9.16 14.70 118.40
C ILE E 393 9.14 13.76 119.58
N GLU E 394 8.18 13.94 120.51
CA GLU E 394 8.06 13.08 121.68
C GLU E 394 7.80 11.64 121.29
N SER E 395 7.00 11.39 120.23
CA SER E 395 6.74 10.01 119.79
C SER E 395 7.95 9.35 119.04
N THR E 396 8.54 10.11 118.10
CA THR E 396 9.70 9.65 117.31
C THR E 396 10.86 9.23 118.20
N TYR E 397 11.32 10.13 119.09
CA TYR E 397 12.39 9.89 120.05
C TYR E 397 12.13 8.57 120.83
N GLY E 398 10.90 8.39 121.31
CA GLY E 398 10.46 7.21 122.05
C GLY E 398 10.66 5.96 121.24
N SER E 399 10.15 5.95 119.99
CA SER E 399 10.31 4.84 119.06
C SER E 399 11.80 4.54 118.77
N UNK E 400 12.66 5.60 118.80
CA UNK E 400 14.11 5.58 118.59
C UNK E 400 14.69 4.71 117.44
N UNK E 401 14.92 3.41 117.70
CA UNK E 401 15.49 2.39 116.79
C UNK E 401 16.78 2.87 116.08
N UNK E 402 16.64 3.71 115.04
CA UNK E 402 17.74 4.34 114.30
C UNK E 402 17.30 5.78 114.07
N UNK E 403 17.07 6.49 115.18
CA UNK E 403 16.59 7.87 115.19
C UNK E 403 17.47 8.89 114.45
N UNK E 404 16.82 9.73 113.63
CA UNK E 404 17.42 10.79 112.84
C UNK E 404 18.03 11.87 113.73
N UNK E 405 17.38 12.13 114.89
CA UNK E 405 17.72 13.13 115.91
C UNK E 405 17.64 14.54 115.35
N UNK E 406 18.73 16.10 111.59
CA UNK E 406 17.85 16.54 110.50
C UNK E 406 16.50 17.00 111.02
N ALA E 407 16.03 16.43 112.14
CA ALA E 407 14.78 16.84 112.76
C ALA E 407 14.96 18.29 113.17
N TYR E 408 16.15 18.62 113.71
CA TYR E 408 16.48 19.99 114.09
C TYR E 408 16.54 20.94 112.89
N LEU E 409 17.09 20.47 111.76
CA LEU E 409 17.17 21.31 110.56
C LEU E 409 15.78 21.58 110.06
N SER E 410 14.93 20.58 110.14
CA SER E 410 13.54 20.69 109.75
C SER E 410 12.86 21.76 110.59
N ALA E 411 12.91 21.65 111.92
CA ALA E 411 12.26 22.63 112.78
C ALA E 411 12.80 24.04 112.58
N VAL E 412 14.13 24.19 112.42
CA VAL E 412 14.77 25.48 112.18
C VAL E 412 14.32 26.09 110.86
N LEU E 413 14.51 25.37 109.76
CA LEU E 413 14.14 25.86 108.43
C LEU E 413 12.67 26.15 108.30
N THR E 414 11.82 25.48 109.10
CA THR E 414 10.38 25.71 109.09
C THR E 414 9.95 26.94 109.88
N CYS E 415 10.44 27.08 111.11
CA CYS E 415 10.04 28.17 112.00
C CYS E 415 10.82 29.52 111.88
N VAL E 416 11.28 29.82 110.65
CA VAL E 416 12.02 31.05 110.31
C VAL E 416 11.36 31.78 109.13
N TYR E 417 11.21 31.09 107.97
CA TYR E 417 10.59 31.64 106.75
C TYR E 417 9.24 32.31 106.98
N SER E 418 8.54 31.87 108.05
CA SER E 418 7.22 32.32 108.47
C SER E 418 7.21 33.81 108.72
N MET E 419 8.12 34.31 109.58
CA MET E 419 8.24 35.74 109.86
C MET E 419 8.78 36.51 108.67
N LYS E 420 9.67 35.87 107.89
CA LYS E 420 10.32 36.43 106.69
C LYS E 420 9.37 36.97 105.60
N ILE E 421 8.33 36.17 105.19
CA ILE E 421 7.35 36.55 104.14
C ILE E 421 6.45 37.76 104.50
N LEU E 422 6.22 37.97 105.79
CA LEU E 422 5.42 39.09 106.25
C LEU E 422 6.28 40.24 106.73
N TYR E 423 7.41 39.97 107.38
CA TYR E 423 8.31 41.04 107.81
C TYR E 423 9.16 41.64 106.69
N LEU E 424 8.75 41.36 105.46
CA LEU E 424 9.32 41.91 104.24
C LEU E 424 8.25 42.85 103.67
N THR E 425 7.11 42.92 104.39
CA THR E 425 5.97 43.78 104.10
C THR E 425 5.89 44.98 105.10
N PHE E 426 5.99 44.71 106.43
CA PHE E 426 5.90 45.71 107.50
C PHE E 426 7.01 46.74 107.51
N UNK E 427 8.26 46.28 107.63
CA UNK E 427 9.42 47.17 107.68
C UNK E 427 10.28 46.99 106.43
N UNK E 428 12.12 49.34 102.36
CA UNK E 428 12.23 48.86 100.97
C UNK E 428 10.88 48.95 100.22
N UNK E 429 10.27 50.14 100.27
CA UNK E 429 8.99 50.46 99.66
C UNK E 429 8.94 50.45 98.12
N UNK E 430 7.70 50.40 97.56
CA UNK E 430 7.39 50.37 96.13
C UNK E 430 5.95 50.87 95.87
N UNK E 431 5.78 51.81 94.90
CA UNK E 431 4.54 52.45 94.43
C UNK E 431 3.79 53.36 95.40
N UNK E 432 2.75 54.05 94.89
CA UNK E 432 1.88 54.97 95.61
C UNK E 432 0.81 54.15 96.35
N UNK E 433 1.24 53.54 97.45
CA UNK E 433 0.43 52.68 98.31
C UNK E 433 -0.92 53.24 98.78
N UNK E 434 -1.99 52.71 98.20
CA UNK E 434 -3.34 53.08 98.60
C UNK E 434 -3.78 52.20 99.76
N UNK E 435 -3.48 50.86 99.68
CA UNK E 435 -3.81 49.76 100.59
C UNK E 435 -5.08 49.95 101.41
N UNK E 436 -6.19 50.19 100.70
CA UNK E 436 -7.50 50.38 101.31
C UNK E 436 -8.17 49.03 101.48
N UNK E 437 -10.77 43.94 102.23
CA UNK E 437 -11.98 43.47 101.56
C UNK E 437 -13.04 43.07 102.59
N UNK E 438 -14.24 43.68 102.50
CA UNK E 438 -15.37 43.42 103.40
C UNK E 438 -15.71 41.96 103.40
N UNK E 439 -15.77 41.33 102.21
CA UNK E 439 -16.01 39.89 102.09
C UNK E 439 -15.01 39.05 102.88
N UNK E 440 -13.68 39.33 102.78
CA UNK E 440 -12.58 38.62 103.44
C UNK E 440 -12.44 38.87 104.95
N THR E 441 -12.96 40.01 105.45
CA THR E 441 -12.92 40.37 106.87
C THR E 441 -13.74 39.38 107.70
N LEU E 442 -14.84 38.89 107.10
CA LEU E 442 -15.78 37.93 107.67
C LEU E 442 -15.18 36.53 108.01
N PRO E 443 -14.62 35.70 107.08
CA PRO E 443 -14.04 34.41 107.52
C PRO E 443 -12.67 34.48 108.21
N MET E 444 -11.94 35.61 108.04
CA MET E 444 -10.62 35.81 108.64
C MET E 444 -10.56 35.33 110.08
N PHE E 445 -11.36 35.97 110.96
CA PHE E 445 -11.49 35.63 112.38
C PHE E 445 -11.97 34.19 112.65
N ILE E 446 -12.91 33.70 111.83
CA ILE E 446 -13.46 32.36 112.00
C ILE E 446 -12.38 31.30 111.93
N LEU E 447 -11.48 31.44 110.97
CA LEU E 447 -10.34 30.57 110.91
C LEU E 447 -9.34 30.88 112.01
N ALA E 448 -9.15 32.17 112.37
CA ALA E 448 -8.19 32.59 113.40
C ALA E 448 -8.28 31.84 114.74
N ILE E 449 -9.46 31.82 115.39
CA ILE E 449 -9.73 31.15 116.67
C ILE E 449 -9.51 29.62 116.71
N PHE E 450 -9.64 28.94 115.57
CA PHE E 450 -9.40 27.51 115.47
C PHE E 450 -7.91 27.17 115.65
N ALA E 451 -6.99 28.03 115.16
CA ALA E 451 -5.55 27.81 115.37
C ALA E 451 -5.11 28.15 116.81
N MET E 452 -5.52 29.34 117.29
CA MET E 452 -5.16 29.89 118.60
C MET E 452 -5.35 28.94 119.79
N PHE E 453 -6.62 28.60 120.10
CA PHE E 453 -6.93 27.77 121.27
C PHE E 453 -7.73 26.53 120.98
N ALA E 454 -8.19 26.36 119.74
CA ALA E 454 -8.86 25.12 119.39
C ALA E 454 -7.82 24.02 119.06
N GLY E 455 -6.52 24.35 119.11
CA GLY E 455 -5.41 23.41 118.95
C GLY E 455 -5.20 22.61 120.22
N TRP E 456 -5.12 23.29 121.38
CA TRP E 456 -5.00 22.63 122.69
C TRP E 456 -6.30 21.90 123.13
N UNK E 457 -7.49 22.56 122.95
CA UNK E 457 -8.84 22.10 123.32
C UNK E 457 -9.14 20.67 122.87
N UNK E 458 -9.04 20.40 121.55
CA UNK E 458 -9.19 19.06 121.01
C UNK E 458 -7.86 18.36 121.32
N UNK E 459 -7.97 17.33 122.15
CA UNK E 459 -6.89 16.50 122.64
C UNK E 459 -7.23 15.05 122.30
N UNK E 460 -6.42 14.10 122.80
CA UNK E 460 -6.59 12.66 122.52
C UNK E 460 -6.32 12.33 121.02
N UNK E 461 -5.05 12.26 120.55
CA UNK E 461 -3.73 12.49 121.19
C UNK E 461 -3.51 11.94 122.62
N UNK E 462 -3.44 10.59 122.75
CA UNK E 462 -3.19 9.79 123.96
C UNK E 462 -4.28 9.80 125.09
N UNK E 463 -4.83 8.63 125.46
CA UNK E 463 -4.51 7.31 124.92
C UNK E 463 -5.40 6.86 123.76
N UNK E 464 -6.72 6.68 124.02
CA UNK E 464 -7.74 6.23 123.05
C UNK E 464 -7.90 7.13 121.82
N UNK E 465 -7.68 6.55 120.65
CA UNK E 465 -7.77 7.24 119.36
C UNK E 465 -8.60 6.42 118.34
N UNK E 466 -8.28 6.55 117.03
CA UNK E 466 -8.92 5.82 115.92
C UNK E 466 -7.81 5.08 115.17
N UNK E 467 -7.24 4.05 115.82
CA UNK E 467 -6.16 3.21 115.31
C UNK E 467 -6.38 1.72 115.67
N UNK E 468 -5.81 0.80 114.86
CA UNK E 468 -5.95 -0.66 114.99
C UNK E 468 -4.88 -1.37 115.87
N UNK E 469 -3.89 -0.59 116.36
CA UNK E 469 -2.73 -0.95 117.19
C UNK E 469 -1.87 -2.06 116.60
N UNK E 470 -0.74 -1.67 115.97
CA UNK E 470 0.25 -2.52 115.29
C UNK E 470 0.68 -3.69 116.15
N UNK E 471 0.83 -3.36 117.44
CA UNK E 471 1.28 -4.10 118.61
C UNK E 471 2.34 -3.20 119.24
N UNK E 472 3.27 -2.64 118.39
CA UNK E 472 4.40 -1.82 118.82
C UNK E 472 4.97 -0.91 117.67
N UNK E 473 5.87 0.08 117.95
CA UNK E 473 6.37 0.48 119.27
C UNK E 473 5.25 1.14 120.03
N UNK E 474 4.43 1.99 119.33
CA UNK E 474 3.25 2.72 119.80
C UNK E 474 3.17 2.94 121.33
N UNK E 475 4.33 3.23 121.95
CA UNK E 475 4.49 3.44 123.39
C UNK E 475 5.75 4.25 123.66
N UNK E 476 5.97 4.57 124.96
CA UNK E 476 7.08 5.37 125.50
C UNK E 476 7.13 6.76 124.88
N UNK E 477 5.99 7.29 124.41
CA UNK E 477 5.94 8.63 123.83
C UNK E 477 6.28 9.63 124.92
N UNK E 478 5.68 9.45 126.10
CA UNK E 478 5.89 10.29 127.28
C UNK E 478 7.33 10.18 127.77
N UNK E 479 7.86 8.96 127.78
CA UNK E 479 9.21 8.62 128.23
C UNK E 479 10.22 8.68 127.06
N UNK E 480 11.55 8.63 127.29
CA UNK E 480 12.33 8.56 128.53
C UNK E 480 12.13 9.75 129.46
N UNK E 481 11.71 10.87 128.88
CA UNK E 481 11.62 12.24 129.38
C UNK E 481 12.96 12.93 128.94
N UNK E 482 13.85 12.13 128.30
CA UNK E 482 15.02 12.63 127.57
C UNK E 482 14.37 13.24 126.29
N UNK E 483 13.20 12.68 125.86
CA UNK E 483 12.38 13.16 124.76
C UNK E 483 11.81 14.54 125.13
N UNK E 484 11.31 14.70 126.39
CA UNK E 484 10.77 15.98 126.88
C UNK E 484 11.88 17.03 126.98
N UNK E 485 13.13 16.65 127.33
CA UNK E 485 14.27 17.57 127.38
C UNK E 485 14.64 17.98 125.92
N UNK E 486 14.55 17.03 124.97
CA UNK E 486 14.83 17.29 123.55
C UNK E 486 13.78 18.22 122.93
N UNK E 487 12.50 18.10 123.34
CA UNK E 487 11.38 18.94 122.89
C UNK E 487 11.64 20.39 123.25
N UNK E 488 12.07 20.70 124.50
CA UNK E 488 12.34 22.07 124.92
C UNK E 488 13.58 22.63 124.27
N UNK E 489 14.62 21.79 124.05
CA UNK E 489 15.82 22.25 123.35
C UNK E 489 15.37 22.67 121.93
N UNK E 490 14.47 21.88 121.33
CA UNK E 490 13.90 22.20 120.02
C UNK E 490 12.98 23.42 120.11
N UNK E 491 12.22 23.57 121.21
CA UNK E 491 11.31 24.70 121.40
C UNK E 491 12.08 26.00 121.55
N UNK E 492 13.15 25.98 122.35
CA UNK E 492 14.00 27.12 122.59
C UNK E 492 14.79 27.53 121.36
N UNK E 493 15.43 26.61 120.62
CA UNK E 493 16.22 26.95 119.42
C UNK E 493 15.38 27.60 118.32
N UNK E 494 14.14 27.10 118.13
CA UNK E 494 13.14 27.49 117.12
C UNK E 494 12.60 28.89 117.37
N UNK E 495 12.52 29.22 118.68
CA UNK E 495 12.22 30.50 119.31
C UNK E 495 13.47 31.40 119.17
N UNK E 496 14.69 30.88 119.53
CA UNK E 496 15.95 31.62 119.44
C UNK E 496 16.25 32.07 118.00
N UNK E 497 15.95 31.19 117.01
CA UNK E 497 16.12 31.44 115.56
C UNK E 497 15.07 32.41 114.96
N UNK E 498 13.92 32.58 115.64
CA UNK E 498 12.90 33.53 115.20
C UNK E 498 13.40 34.91 115.61
N UNK E 499 13.91 35.04 116.85
CA UNK E 499 14.49 36.26 117.37
C UNK E 499 15.74 36.61 116.55
N UNK E 500 16.45 35.59 116.04
CA UNK E 500 17.66 35.72 115.22
C UNK E 500 17.32 36.22 113.83
N UNK E 501 16.19 35.73 113.23
CA UNK E 501 15.68 36.18 111.94
C UNK E 501 15.25 37.65 112.04
N UNK E 502 14.35 38.03 112.99
CA UNK E 502 13.87 39.41 113.17
C UNK E 502 15.02 40.43 113.27
N UNK E 503 16.00 40.17 114.15
CA UNK E 503 17.17 41.04 114.35
C UNK E 503 17.91 41.37 113.05
N UNK E 504 18.08 40.35 112.19
CA UNK E 504 18.79 40.51 110.93
C UNK E 504 17.98 41.29 109.96
N UNK E 505 16.67 41.05 109.90
CA UNK E 505 15.73 41.78 109.08
C UNK E 505 15.84 43.26 109.42
N UNK E 506 15.98 43.61 110.70
CA UNK E 506 16.15 45.01 111.07
C UNK E 506 17.52 45.51 110.62
N UNK E 507 18.51 44.60 110.63
CA UNK E 507 19.89 44.92 110.29
C UNK E 507 20.16 45.14 108.82
N UNK E 508 19.70 44.25 107.90
CA UNK E 508 19.98 44.27 106.45
C UNK E 508 21.50 44.14 106.13
N UNK E 509 21.88 42.97 105.57
CA UNK E 509 23.29 42.63 105.35
C UNK E 509 23.74 42.42 103.90
N UNK E 510 22.86 42.72 102.91
CA UNK E 510 23.14 42.57 101.47
C UNK E 510 23.68 41.18 101.23
N UNK E 511 22.77 40.23 101.41
CA UNK E 511 23.00 38.79 101.29
C UNK E 511 23.66 38.41 99.97
N UNK E 512 23.35 39.15 98.89
CA UNK E 512 23.95 38.97 97.57
C UNK E 512 25.40 39.54 97.55
N UNK E 513 25.67 40.61 98.34
CA UNK E 513 27.02 41.16 98.44
C UNK E 513 27.93 40.24 99.29
N UNK E 514 27.37 39.61 100.37
CA UNK E 514 28.11 38.67 101.22
C UNK E 514 28.47 37.41 100.40
N UNK E 515 27.59 37.06 99.44
CA UNK E 515 27.69 35.94 98.52
C UNK E 515 28.84 36.02 97.53
N UNK E 516 29.18 37.26 97.06
CA UNK E 516 30.19 37.63 96.04
C UNK E 516 29.83 37.14 94.61
N UNK E 517 29.12 35.98 94.52
CA UNK E 517 28.50 35.28 93.40
C UNK E 517 28.35 33.82 93.69
N UNK E 518 29.43 33.16 94.15
CA UNK E 518 29.44 31.74 94.44
C UNK E 518 28.32 31.37 95.39
N UNK E 519 28.09 32.22 96.41
CA UNK E 519 27.04 31.96 97.37
C UNK E 519 25.67 32.46 96.92
N UNK E 520 25.61 33.34 95.92
CA UNK E 520 24.33 33.80 95.39
C UNK E 520 23.76 32.77 94.45
N UNK E 521 24.63 31.97 93.80
CA UNK E 521 24.21 30.88 92.92
C UNK E 521 23.96 29.62 93.74
N UNK E 522 24.34 29.66 95.02
CA UNK E 522 24.10 28.59 95.98
C UNK E 522 22.64 28.65 96.41
N UNK E 523 22.14 29.89 96.53
CA UNK E 523 20.78 30.32 96.89
C UNK E 523 19.86 30.47 95.67
N UNK E 524 20.36 30.19 94.46
CA UNK E 524 19.62 30.19 93.18
C UNK E 524 19.18 28.71 92.96
N UNK E 525 20.14 27.77 93.13
CA UNK E 525 19.90 26.34 93.03
C UNK E 525 18.96 25.86 94.14
N UNK E 526 19.35 26.03 95.43
CA UNK E 526 18.55 25.66 96.60
C UNK E 526 17.11 26.19 96.50
N UNK E 527 16.93 27.46 96.08
CA UNK E 527 15.61 28.04 95.89
C UNK E 527 14.81 27.30 94.79
N UNK E 528 15.46 26.96 93.65
CA UNK E 528 14.74 26.24 92.60
C UNK E 528 14.58 24.74 92.95
N UNK E 529 15.01 24.33 94.17
CA UNK E 529 15.02 22.95 94.67
C UNK E 529 15.83 22.11 93.68
N UNK E 530 16.96 22.71 93.23
CA UNK E 530 17.91 22.20 92.25
C UNK E 530 17.24 21.98 90.87
N UNK E 531 16.48 23.02 90.45
CA UNK E 531 15.66 23.13 89.23
C UNK E 531 14.74 21.93 89.09
N UNK E 532 14.08 21.59 90.21
CA UNK E 532 13.16 20.48 90.27
C UNK E 532 11.96 20.68 89.34
N UNK E 533 13.42 21.56 85.95
CA UNK E 533 14.27 21.24 84.81
C UNK E 533 14.50 19.75 84.73
N UNK E 534 14.91 19.12 85.83
CA UNK E 534 15.14 17.69 85.88
C UNK E 534 13.91 16.91 85.36
N UNK E 535 12.72 17.29 85.87
CA UNK E 535 11.45 16.70 85.51
C UNK E 535 11.15 16.85 84.03
N UNK E 536 11.43 18.03 83.47
CA UNK E 536 11.22 18.32 82.06
C UNK E 536 12.12 17.47 81.20
N UNK E 537 13.36 17.19 81.65
CA UNK E 537 14.27 16.32 80.91
C UNK E 537 13.65 14.93 80.84
N UNK E 538 13.00 14.50 81.92
CA UNK E 538 12.30 13.22 81.94
C UNK E 538 11.14 13.28 80.93
N UNK E 539 10.36 14.35 81.02
CA UNK E 539 9.19 14.53 80.18
C UNK E 539 9.57 14.67 78.72
N UNK E 540 10.47 15.62 78.40
CA UNK E 540 10.91 15.88 77.04
C UNK E 540 11.54 14.67 76.40
N GLY E 541 12.40 13.96 77.15
CA GLY E 541 13.03 12.74 76.68
C GLY E 541 12.00 11.77 76.13
N LEU E 542 10.93 11.55 76.91
CA LEU E 542 9.81 10.69 76.53
C LEU E 542 9.02 11.26 75.35
N VAL E 543 8.97 12.58 75.23
CA VAL E 543 8.22 13.20 74.14
C VAL E 543 8.94 12.91 72.81
N THR E 544 10.26 13.06 72.82
CA THR E 544 11.10 12.80 71.65
C THR E 544 11.07 11.33 71.31
N SER E 545 11.07 10.46 72.33
CA SER E 545 10.97 9.01 72.14
C SER E 545 9.64 8.69 71.44
N GLY E 546 8.56 9.32 71.91
CA GLY E 546 7.22 9.14 71.35
C GLY E 546 7.13 9.51 69.89
N ASN E 547 7.61 10.72 69.58
CA ASN E 547 7.68 11.23 68.22
C ASN E 547 8.50 10.25 67.35
N ILE E 548 9.61 9.74 67.94
CA ILE E 548 10.48 8.76 67.28
C ILE E 548 9.72 7.49 66.91
N ALA E 549 8.88 6.95 67.81
CA ALA E 549 8.09 5.74 67.55
C ALA E 549 6.93 6.00 66.62
N HIS E 550 6.56 7.27 66.39
CA HIS E 550 5.55 7.50 65.37
C HIS E 550 6.29 7.36 64.07
N HIS E 551 7.54 7.83 64.07
CA HIS E 551 8.40 7.70 62.92
C HIS E 551 8.90 6.28 62.76
N VAL E 552 8.87 5.50 63.86
CA VAL E 552 9.20 4.07 63.88
C VAL E 552 8.00 3.36 63.31
N ASP E 553 6.78 3.90 63.58
CA ASP E 553 5.54 3.34 63.07
C ASP E 553 5.44 3.61 61.57
N LYS E 554 5.97 4.75 61.15
CA LYS E 554 6.00 5.10 59.74
C LYS E 554 6.99 4.20 59.01
N GLY E 555 7.98 3.73 59.78
CA GLY E 555 9.03 2.80 59.35
C GLY E 555 8.44 1.46 58.99
N SER E 556 7.40 1.03 59.71
CA SER E 556 6.63 -0.20 59.49
C SER E 556 5.72 -0.04 58.24
N LEU E 557 5.19 1.20 58.02
CA LEU E 557 4.38 1.62 56.84
C LEU E 557 5.31 1.68 55.61
N TYR E 558 6.62 1.98 55.87
CA TYR E 558 7.65 1.98 54.84
C TYR E 558 7.88 0.56 54.37
N ARG E 559 7.67 -0.51 55.19
CA ARG E 559 7.83 -1.89 54.68
C ARG E 559 6.80 -2.19 53.59
N LEU E 560 5.54 -1.80 53.84
CA LEU E 560 4.43 -1.94 52.89
C LEU E 560 4.84 -1.30 51.56
N GLY E 561 5.48 -0.11 51.65
CA GLY E 561 6.01 0.68 50.54
C GLY E 561 6.92 -0.22 49.72
N PRO E 562 8.16 -0.55 50.20
CA PRO E 562 9.03 -1.50 49.49
C PRO E 562 8.43 -2.83 49.03
N VAL E 563 7.42 -3.41 49.71
CA VAL E 563 6.77 -4.61 49.18
C VAL E 563 5.92 -4.26 47.90
N GLY E 564 5.18 -3.15 47.95
CA GLY E 564 4.41 -2.65 46.80
C GLY E 564 5.34 -2.15 45.70
N ILE E 565 6.40 -1.42 46.09
CA ILE E 565 7.47 -0.92 45.22
C ILE E 565 8.19 -2.14 44.57
N UNK E 566 8.16 -3.32 45.26
CA UNK E 566 8.71 -4.58 44.79
C UNK E 566 7.85 -5.11 43.64
N UNK E 567 6.53 -5.30 43.88
CA UNK E 567 5.60 -5.72 42.83
C UNK E 567 5.71 -4.76 41.61
N UNK E 568 5.87 -3.44 41.86
CA UNK E 568 6.08 -2.41 40.83
C UNK E 568 7.33 -2.72 40.00
N UNK E 569 8.46 -3.07 40.66
CA UNK E 569 9.69 -3.46 39.97
C UNK E 569 9.45 -4.72 39.09
N UNK E 570 8.75 -5.74 39.63
CA UNK E 570 8.45 -6.97 38.90
C UNK E 570 7.59 -6.71 37.66
N UNK E 571 6.55 -5.86 37.81
CA UNK E 571 5.67 -5.45 36.70
C UNK E 571 6.45 -4.61 35.70
N UNK E 572 7.65 -4.07 36.06
CA UNK E 572 8.47 -3.36 35.10
C UNK E 572 8.93 -4.33 34.00
N UNK E 573 9.08 -5.63 34.33
CA UNK E 573 9.42 -6.67 33.37
C UNK E 573 8.11 -7.18 32.74
N UNK E 574 7.61 -6.47 31.69
CA UNK E 574 6.39 -6.77 30.92
C UNK E 574 6.30 -5.89 29.66
N UNK E 575 7.34 -6.00 28.81
CA UNK E 575 7.52 -5.24 27.56
C UNK E 575 6.56 -5.55 26.38
N UNK E 576 6.40 -4.57 25.46
CA UNK E 576 5.53 -4.67 24.29
C UNK E 576 6.17 -5.35 23.06
N UNK E 577 7.21 -4.74 22.43
CA UNK E 577 7.90 -5.30 21.25
C UNK E 577 9.41 -5.38 21.45
N UNK E 578 8.83 -8.29 16.12
CA UNK E 578 9.38 -9.65 16.16
C UNK E 578 10.90 -9.63 15.91
N UNK E 579 11.66 -9.37 17.00
CA UNK E 579 13.13 -9.29 16.97
C UNK E 579 13.79 -10.43 17.74
N UNK E 580 13.42 -10.61 19.02
CA UNK E 580 13.96 -11.66 19.90
C UNK E 580 12.89 -12.14 20.90
N MET E 581 11.65 -11.66 20.74
CA MET E 581 10.50 -11.98 21.60
C MET E 581 9.73 -13.23 21.13
N ASN E 582 9.30 -13.23 19.85
CA ASN E 582 8.51 -14.31 19.24
C ASN E 582 9.41 -15.44 18.82
N SER E 583 10.26 -15.16 17.84
CA SER E 583 11.20 -16.06 17.25
C SER E 583 12.40 -16.36 18.16
N MET E 584 12.13 -16.55 19.47
CA MET E 584 13.09 -16.83 20.55
C MET E 584 12.37 -16.80 21.87
N LEU E 585 12.50 -17.86 22.69
CA LEU E 585 11.94 -18.01 24.05
C LEU E 585 11.61 -19.47 24.32
N ILE E 586 10.63 -20.02 23.59
CA ILE E 586 10.12 -21.41 23.68
C ILE E 586 11.23 -22.41 23.92
N LEU E 587 12.33 -22.29 23.16
CA LEU E 587 13.49 -23.16 23.25
C LEU E 587 14.17 -23.07 24.59
N ILE E 588 14.29 -21.85 25.15
CA ILE E 588 14.93 -21.68 26.45
C ILE E 588 14.08 -22.28 27.58
N THR E 589 12.75 -22.06 27.56
CA THR E 589 11.81 -22.57 28.57
C THR E 589 11.89 -24.10 28.77
N ILE E 590 11.79 -24.87 27.66
CA ILE E 590 11.88 -26.34 27.66
C ILE E 590 13.23 -26.84 28.14
N VAL E 591 14.32 -26.30 27.58
CA VAL E 591 15.70 -26.66 27.95
C VAL E 591 15.97 -26.24 29.40
N SER E 592 15.27 -25.22 29.90
CA SER E 592 15.42 -24.84 31.28
C SER E 592 14.71 -25.85 32.16
N LEU E 593 13.45 -26.22 31.81
CA LEU E 593 12.62 -27.18 32.54
C LEU E 593 13.25 -28.56 32.63
N LEU E 594 13.91 -29.03 31.53
CA LEU E 594 14.62 -30.31 31.47
C LEU E 594 15.82 -30.26 32.41
N LEU E 595 16.49 -29.09 32.50
CA LEU E 595 17.62 -28.85 33.38
C LEU E 595 17.15 -28.97 34.83
N LEU E 596 15.96 -28.43 35.14
CA LEU E 596 15.38 -28.48 36.50
C LEU E 596 15.13 -29.87 37.14
N VAL E 597 15.47 -30.96 36.43
CA VAL E 597 15.40 -32.31 36.98
C VAL E 597 16.72 -32.55 37.74
N LEU E 598 17.78 -31.77 37.38
CA LEU E 598 19.15 -31.69 37.94
C LEU E 598 19.22 -32.16 39.37
N VAL E 599 18.46 -31.49 40.24
CA VAL E 599 18.35 -31.78 41.65
C VAL E 599 17.67 -33.17 41.78
N MET E 600 16.33 -33.25 41.52
CA MET E 600 15.51 -34.48 41.59
C MET E 600 16.26 -35.78 41.25
N ASN E 601 16.85 -35.86 40.03
CA ASN E 601 17.60 -37.03 39.57
C ASN E 601 18.85 -37.36 40.41
N VAL E 602 19.63 -36.33 40.84
CA VAL E 602 20.85 -36.53 41.64
C VAL E 602 20.79 -36.04 43.11
N ASN E 603 20.41 -34.77 43.33
CA ASN E 603 20.28 -34.23 44.69
C ASN E 603 18.83 -34.25 45.16
N PHE E 604 18.47 -33.35 46.11
CA PHE E 604 17.13 -33.25 46.70
C PHE E 604 16.95 -31.94 47.48
N ILE E 605 18.07 -31.19 47.64
CA ILE E 605 18.15 -29.95 48.42
C ILE E 605 18.34 -28.66 47.59
N ILE E 606 19.10 -28.72 46.46
CA ILE E 606 19.40 -27.56 45.59
C ILE E 606 18.21 -26.68 45.20
N VAL E 607 18.17 -25.48 45.80
CA VAL E 607 17.13 -24.46 45.62
C VAL E 607 17.57 -23.32 44.68
N ILE E 608 18.89 -23.24 44.38
CA ILE E 608 19.52 -22.21 43.52
C ILE E 608 18.84 -21.93 42.16
N PRO E 609 18.43 -22.94 41.34
CA PRO E 609 17.80 -22.62 40.06
C PRO E 609 16.38 -21.99 40.15
N VAL E 610 15.98 -21.65 41.38
CA VAL E 610 14.74 -20.95 41.70
C VAL E 610 15.10 -19.72 42.53
N LEU E 611 16.32 -19.70 43.09
CA LEU E 611 16.89 -18.54 43.78
C LEU E 611 17.40 -17.65 42.66
N ILE E 612 17.33 -18.17 41.42
CA ILE E 612 17.65 -17.49 40.17
C ILE E 612 16.44 -16.59 39.84
N SER E 613 15.23 -16.98 40.29
CA SER E 613 14.01 -16.20 40.07
C SER E 613 14.00 -14.95 40.94
N ILE E 614 14.15 -15.11 42.26
CA ILE E 614 14.18 -13.99 43.20
C ILE E 614 15.48 -13.17 43.15
N LEU E 615 16.09 -13.08 41.96
CA LEU E 615 17.29 -12.30 41.70
C LEU E 615 17.29 -11.79 40.28
N TYR E 616 17.19 -12.70 39.28
CA TYR E 616 17.14 -12.31 37.87
C TYR E 616 15.71 -11.98 37.44
N ILE E 617 14.74 -12.82 37.83
CA ILE E 617 13.34 -12.62 37.50
C ILE E 617 12.74 -11.64 38.56
N LEU E 618 13.42 -10.46 38.68
CA LEU E 618 13.16 -9.33 39.57
C LEU E 618 14.15 -8.18 39.25
N PHE E 619 15.47 -8.48 39.18
CA PHE E 619 16.51 -7.51 38.87
C PHE E 619 17.31 -7.82 37.59
N MET F 2 27.91 -60.13 2.86
CA MET F 2 27.41 -59.69 1.55
C MET F 2 26.59 -58.42 1.68
N TYR F 3 26.32 -57.73 0.54
CA TYR F 3 25.57 -56.49 0.42
C TYR F 3 25.97 -55.52 1.52
N LEU F 4 27.20 -54.97 1.44
CA LEU F 4 27.72 -54.02 2.44
C LEU F 4 27.10 -52.61 2.30
N THR F 5 26.87 -52.17 1.05
CA THR F 5 26.28 -50.86 0.76
C THR F 5 24.92 -50.70 1.47
N TYR F 6 24.10 -51.77 1.41
CA TYR F 6 22.82 -51.86 2.09
C TYR F 6 23.06 -51.62 3.59
N TYR F 7 24.08 -52.29 4.18
CA TYR F 7 24.42 -52.14 5.58
C TYR F 7 24.79 -50.71 5.96
N PHE F 8 25.57 -50.05 5.10
CA PHE F 8 26.02 -48.68 5.33
C PHE F 8 24.95 -47.60 5.08
N ILE F 9 23.76 -47.95 4.55
CA ILE F 9 22.67 -46.99 4.28
C ILE F 9 22.07 -46.22 5.50
N GLU F 10 22.87 -46.13 6.59
CA GLU F 10 22.74 -45.29 7.76
C GLU F 10 23.22 -43.95 7.20
N ILE F 11 23.70 -43.99 5.93
CA ILE F 11 24.10 -42.88 5.07
C ILE F 11 22.92 -41.92 4.96
N THR F 12 21.70 -42.44 5.19
CA THR F 12 20.49 -41.62 5.20
C THR F 12 20.65 -40.51 6.27
N ILE F 13 20.91 -40.89 7.55
CA ILE F 13 21.13 -39.92 8.64
C ILE F 13 22.21 -38.90 8.34
N PHE F 14 23.33 -39.37 7.80
CA PHE F 14 24.49 -38.54 7.43
C PHE F 14 24.03 -37.48 6.41
N LEU F 15 23.28 -37.91 5.41
CA LEU F 15 22.76 -37.04 4.36
C LEU F 15 21.79 -36.06 4.95
N ALA F 16 20.81 -36.58 5.71
CA ALA F 16 19.74 -35.81 6.34
C ALA F 16 20.30 -34.68 7.15
N ILE F 17 21.22 -34.96 8.07
CA ILE F 17 21.82 -33.93 8.90
C ILE F 17 22.40 -32.78 8.06
N LEU F 18 23.09 -33.18 7.00
CA LEU F 18 23.68 -32.25 6.04
C LEU F 18 22.60 -31.48 5.31
N CYS F 19 21.63 -32.19 4.68
CA CYS F 19 20.55 -31.59 3.90
C CYS F 19 19.76 -30.57 4.69
N THR F 20 19.57 -30.80 6.01
CA THR F 20 18.87 -29.83 6.89
C THR F 20 19.80 -28.72 7.32
N ILE F 21 21.11 -29.02 7.50
CA ILE F 21 22.06 -27.97 7.83
C ILE F 21 22.21 -27.01 6.61
N PHE F 22 21.88 -27.53 5.41
CA PHE F 22 21.81 -26.85 4.12
C PHE F 22 20.49 -26.09 3.93
N ILE F 23 19.37 -26.51 4.59
CA ILE F 23 18.11 -25.77 4.46
C ILE F 23 18.26 -24.44 5.22
N ILE F 24 19.03 -24.49 6.33
CA ILE F 24 19.35 -23.37 7.21
C ILE F 24 20.33 -22.41 6.50
N SER F 25 21.49 -22.95 6.07
CA SER F 25 22.57 -22.24 5.38
C SER F 25 22.10 -21.53 4.11
N ALA F 26 21.20 -22.18 3.32
CA ALA F 26 20.67 -21.63 2.08
C ALA F 26 20.03 -20.25 2.19
N LYS F 27 20.55 -19.34 1.32
CA LYS F 27 20.07 -17.98 1.11
C LYS F 27 19.72 -17.74 -0.41
N ASN F 28 18.42 -17.63 -0.76
CA ASN F 28 17.41 -17.59 0.27
C ASN F 28 16.30 -18.65 0.35
N PRO F 29 15.00 -18.35 0.18
CA PRO F 29 14.02 -19.37 0.48
C PRO F 29 13.92 -20.44 -0.55
N MET F 30 13.91 -20.11 -1.84
CA MET F 30 13.68 -21.07 -2.91
C MET F 30 14.58 -22.27 -2.83
N VAL F 31 15.88 -22.01 -2.62
CA VAL F 31 16.89 -23.06 -2.51
C VAL F 31 16.55 -23.91 -1.32
N SER F 32 16.09 -23.26 -0.23
CA SER F 32 15.71 -23.96 0.98
C SER F 32 14.47 -24.83 0.73
N ILE F 33 13.57 -24.41 -0.17
CA ILE F 33 12.37 -25.17 -0.51
C ILE F 33 12.80 -26.43 -1.21
N LEU F 34 13.67 -26.26 -2.20
CA LEU F 34 14.25 -27.35 -2.98
C LEU F 34 14.89 -28.31 -1.99
N TYR F 35 15.61 -27.75 -1.02
CA TYR F 35 16.22 -28.52 0.03
C TYR F 35 15.22 -29.35 0.84
N MET F 36 14.10 -28.75 1.24
CA MET F 36 13.04 -29.47 1.96
C MET F 36 12.52 -30.64 1.12
N ILE F 37 12.46 -30.46 -0.22
CA ILE F 37 12.04 -31.52 -1.13
C ILE F 37 13.04 -32.64 -1.06
N ALA F 38 14.33 -32.35 -1.28
CA ALA F 38 15.41 -33.36 -1.23
C ALA F 38 15.41 -34.08 0.14
N LEU F 39 15.27 -33.34 1.25
CA LEU F 39 15.22 -33.92 2.60
C LEU F 39 14.05 -34.88 2.75
N PHE F 40 12.92 -34.52 2.17
CA PHE F 40 11.75 -35.37 2.21
C PHE F 40 12.00 -36.57 1.32
N VAL F 41 12.73 -36.37 0.21
CA VAL F 41 13.07 -37.47 -0.69
C VAL F 41 13.97 -38.48 0.05
N ILE F 42 14.94 -38.00 0.87
CA ILE F 42 15.82 -38.83 1.69
C ILE F 42 14.97 -39.62 2.71
N ALA F 43 13.93 -38.96 3.24
CA ALA F 43 13.00 -39.59 4.16
C ALA F 43 12.33 -40.75 3.42
N ALA F 44 11.85 -40.52 2.18
CA ALA F 44 11.22 -41.54 1.33
C ALA F 44 12.16 -42.69 1.06
N MET F 45 13.43 -42.38 0.70
CA MET F 45 14.45 -43.39 0.47
C MET F 45 14.63 -44.21 1.76
N TYR F 46 14.41 -43.58 2.96
CA TYR F 46 14.49 -44.27 4.25
C TYR F 46 13.27 -45.13 4.50
N LEU F 47 12.21 -44.96 3.72
CA LEU F 47 11.03 -45.79 3.91
C LEU F 47 11.05 -47.06 3.06
N TYR F 48 12.18 -47.29 2.38
CA TYR F 48 12.51 -48.49 1.61
C TYR F 48 13.45 -49.25 2.54
N LEU F 49 13.72 -48.68 3.72
CA LEU F 49 14.57 -49.18 4.79
C LEU F 49 13.77 -49.31 6.09
N ILE F 54 6.12 -47.66 0.60
CA ILE F 54 4.76 -47.15 0.41
C ILE F 54 4.57 -45.83 1.12
N PHE F 55 5.21 -45.67 2.27
CA PHE F 55 5.12 -44.37 2.92
C PHE F 55 5.95 -43.36 2.13
N SER F 56 6.95 -43.86 1.35
CA SER F 56 7.74 -43.06 0.40
C SER F 56 6.78 -42.48 -0.67
N LEU F 57 6.01 -43.37 -1.35
CA LEU F 57 5.02 -43.06 -2.39
C LEU F 57 3.86 -42.15 -1.90
N LEU F 58 3.41 -42.33 -0.64
CA LEU F 58 2.40 -41.51 0.05
C LEU F 58 3.04 -40.13 0.31
N TYR F 59 4.25 -40.14 0.94
CA TYR F 59 5.07 -38.96 1.24
C TYR F 59 5.45 -38.16 0.01
N ILE F 60 5.87 -38.84 -1.07
CA ILE F 60 6.17 -38.23 -2.36
C ILE F 60 4.91 -37.64 -3.05
N MET F 61 3.76 -38.37 -3.07
CA MET F 61 2.51 -37.88 -3.68
C MET F 61 1.94 -36.66 -2.92
N ILE F 62 2.02 -36.66 -1.57
CA ILE F 62 1.44 -35.58 -0.77
C ILE F 62 2.41 -34.51 -0.33
N TYR F 63 3.39 -34.80 0.54
CA TYR F 63 4.32 -33.77 1.01
C TYR F 63 5.04 -33.02 -0.12
N ILE F 64 5.85 -33.73 -0.89
CA ILE F 64 6.58 -33.18 -2.03
C ILE F 64 5.60 -32.76 -3.14
N GLY F 65 4.54 -33.54 -3.28
CA GLY F 65 3.54 -33.38 -4.31
C GLY F 65 2.73 -32.12 -4.18
N ALA F 66 2.24 -31.87 -2.96
CA ALA F 66 1.39 -30.73 -2.77
C ALA F 66 1.97 -29.71 -1.90
N ILE F 67 2.36 -30.03 -0.65
CA ILE F 67 2.90 -29.06 0.30
C ILE F 67 4.03 -28.25 -0.31
N ALA F 68 5.04 -28.95 -0.77
CA ALA F 68 6.23 -28.36 -1.36
C ALA F 68 5.86 -27.48 -2.54
N VAL F 69 4.92 -27.96 -3.37
CA VAL F 69 4.39 -27.20 -4.50
C VAL F 69 3.75 -25.94 -3.96
N LEU F 70 3.06 -26.02 -2.82
CA LEU F 70 2.45 -24.82 -2.26
C LEU F 70 3.46 -23.80 -1.75
N PHE F 71 4.52 -24.27 -1.04
CA PHE F 71 5.64 -23.44 -0.58
C PHE F 71 6.39 -22.76 -1.74
N LEU F 72 6.54 -23.50 -2.86
CA LEU F 72 7.22 -22.94 -4.00
C LEU F 72 6.32 -21.99 -4.76
N PHE F 73 5.02 -22.28 -4.75
CA PHE F 73 4.05 -21.44 -5.45
C PHE F 73 3.77 -20.17 -4.65
N ILE F 74 3.92 -20.24 -3.31
CA ILE F 74 3.69 -19.08 -2.42
C ILE F 74 4.87 -18.14 -2.44
N ILE F 75 6.11 -18.68 -2.37
CA ILE F 75 7.30 -17.83 -2.38
C ILE F 75 7.42 -17.04 -3.67
N THR F 76 7.09 -17.67 -4.79
CA THR F 76 7.15 -17.04 -6.11
C THR F 76 5.99 -16.08 -6.31
N LEU F 77 4.91 -16.23 -5.50
CA LEU F 77 3.80 -15.31 -5.64
C LEU F 77 3.97 -14.11 -4.74
N LEU F 78 4.29 -14.37 -3.47
CA LEU F 78 4.48 -13.35 -2.43
C LEU F 78 5.94 -12.95 -2.33
N ASP F 79 6.23 -11.68 -2.65
CA ASP F 79 7.55 -11.07 -2.66
C ASP F 79 8.37 -11.29 -1.38
N ILE F 80 7.73 -11.07 -0.20
CA ILE F 80 8.25 -11.16 1.19
C ILE F 80 9.79 -10.98 1.36
N ASN F 81 10.57 -12.11 1.45
CA ASN F 81 12.04 -12.22 1.59
C ASN F 81 12.72 -11.51 2.78
N SER F 82 13.98 -11.91 3.07
CA SER F 82 14.90 -11.40 4.12
C SER F 82 16.26 -12.09 3.99
N THR F 83 17.30 -11.57 4.66
CA THR F 83 18.63 -12.16 4.62
C THR F 83 19.37 -11.94 5.94
N LYS F 88 24.04 -5.55 19.18
CA LYS F 88 22.98 -5.97 20.08
C LYS F 88 22.10 -4.78 20.49
N SER F 89 20.79 -4.87 20.22
CA SER F 89 19.85 -3.81 20.55
C SER F 89 18.97 -4.18 21.72
N ASN F 90 19.59 -4.26 22.91
CA ASN F 90 19.04 -4.60 24.22
C ASN F 90 18.14 -5.84 24.26
N ILE F 91 17.01 -5.83 23.54
CA ILE F 91 16.12 -6.98 23.47
C ILE F 91 16.81 -8.12 22.74
N ARG F 92 17.66 -7.81 21.75
CA ARG F 92 18.41 -8.80 20.98
C ARG F 92 19.48 -9.43 21.85
N ASP F 93 20.06 -8.65 22.76
CA ASP F 93 21.06 -9.10 23.72
C ASP F 93 20.39 -9.91 24.81
N LEU F 94 19.13 -9.61 25.10
CA LEU F 94 18.41 -10.25 26.18
C LEU F 94 18.29 -11.79 26.17
N PRO F 95 18.12 -12.50 25.01
CA PRO F 95 18.11 -13.97 25.05
C PRO F 95 19.46 -14.52 25.50
N LEU F 96 20.57 -13.98 24.99
CA LEU F 96 21.92 -14.43 25.35
C LEU F 96 22.19 -14.25 26.84
N VAL F 97 21.57 -13.22 27.44
CA VAL F 97 21.66 -12.95 28.87
C VAL F 97 21.11 -14.13 29.68
N LEU F 98 20.01 -14.70 29.21
CA LEU F 98 19.42 -15.86 29.85
C LEU F 98 20.26 -17.15 29.76
N ILE F 99 21.05 -17.32 28.68
CA ILE F 99 21.92 -18.50 28.54
C ILE F 99 23.14 -18.55 29.49
N SER F 100 23.71 -17.38 29.83
CA SER F 100 24.82 -17.28 30.79
C SER F 100 24.35 -17.69 32.19
N LEU F 101 23.02 -17.68 32.41
CA LEU F 101 22.42 -18.17 33.64
C LEU F 101 22.40 -19.71 33.58
N ILE F 102 22.20 -20.31 32.37
CA ILE F 102 22.21 -21.77 32.16
C ILE F 102 23.53 -22.38 32.69
N VAL F 103 24.67 -21.76 32.34
CA VAL F 103 26.01 -22.19 32.77
C VAL F 103 26.11 -22.11 34.28
N LEU F 104 25.58 -21.02 34.87
CA LEU F 104 25.63 -20.73 36.29
C LEU F 104 24.94 -21.77 37.10
N THR F 105 23.81 -22.30 36.63
CA THR F 105 23.11 -23.33 37.41
C THR F 105 24.01 -24.54 37.77
N ILE F 106 24.71 -25.00 36.74
CA ILE F 106 25.62 -26.11 36.81
C ILE F 106 26.82 -25.78 37.68
N SER F 107 27.42 -24.60 37.48
CA SER F 107 28.58 -24.10 38.23
C SER F 107 28.27 -24.00 39.71
N GLY F 108 27.02 -23.68 40.05
CA GLY F 108 26.52 -23.59 41.42
C GLY F 108 26.30 -24.97 42.00
N LEU F 109 25.87 -25.92 41.14
CA LEU F 109 25.61 -27.30 41.56
C LEU F 109 26.86 -28.11 41.93
N MET F 110 27.92 -28.07 41.08
CA MET F 110 29.18 -28.79 41.32
C MET F 110 29.80 -28.33 42.63
N ILE F 111 29.49 -27.08 43.02
CA ILE F 111 29.96 -26.47 44.26
C ILE F 111 29.02 -26.83 45.41
N TYR F 112 27.79 -27.23 45.08
CA TYR F 112 26.83 -27.68 46.08
C TYR F 112 27.17 -29.08 46.63
N SER F 113 27.41 -30.09 45.75
CA SER F 113 27.79 -31.48 46.11
C SER F 113 28.92 -31.52 47.14
N ASN F 114 29.78 -30.49 47.12
CA ASN F 114 30.88 -30.28 48.05
C ASN F 114 30.43 -29.95 49.50
N ASP F 115 29.12 -30.04 49.82
CA ASP F 115 28.53 -29.73 51.13
C ASP F 115 29.08 -30.57 52.28
N SER F 116 29.34 -31.86 52.02
CA SER F 116 29.94 -32.75 53.01
C SER F 116 31.24 -33.30 52.44
N ILE F 117 32.26 -32.44 52.36
CA ILE F 117 33.56 -32.76 51.78
C ILE F 117 34.59 -31.96 52.55
N LEU F 118 35.84 -32.41 52.50
CA LEU F 118 36.95 -31.76 53.17
C LEU F 118 37.54 -30.70 52.25
N THR F 145 -1.37 -58.94 0.50
CA THR F 145 -2.84 -58.93 0.48
C THR F 145 -3.47 -58.74 1.90
N LEU F 146 -3.73 -57.48 2.36
CA LEU F 146 -3.52 -56.20 1.66
C LEU F 146 -2.28 -55.42 2.07
N LEU F 147 -1.69 -54.76 1.08
CA LEU F 147 -0.44 -54.01 1.17
C LEU F 147 -0.51 -52.86 2.13
N THR F 148 -0.16 -53.15 3.40
CA THR F 148 -0.17 -52.25 4.56
C THR F 148 -1.57 -51.75 4.90
N THR F 149 -2.54 -51.89 3.96
CA THR F 149 -3.96 -51.51 4.03
C THR F 149 -4.23 -50.15 4.68
N ILE F 150 -4.44 -50.12 6.04
CA ILE F 150 -4.75 -48.95 6.89
C ILE F 150 -6.24 -48.65 6.94
N GLY F 151 -6.89 -48.95 5.82
CA GLY F 151 -8.31 -48.77 5.57
C GLY F 151 -9.15 -49.47 6.59
N ASN F 152 -8.73 -50.67 7.03
CA ASN F 152 -9.46 -51.44 8.00
C ASN F 152 -9.75 -50.61 9.24
N VAL F 153 -8.73 -50.06 9.87
CA VAL F 153 -8.97 -49.28 11.07
C VAL F 153 -9.47 -47.89 10.77
N LEU F 154 -9.07 -47.29 9.66
CA LEU F 154 -9.56 -45.93 9.41
C LEU F 154 -11.03 -45.83 9.09
N LEU F 155 -11.46 -46.55 8.09
CA LEU F 155 -12.84 -46.54 7.65
C LEU F 155 -13.72 -47.21 8.70
N THR F 156 -13.14 -48.14 9.50
CA THR F 156 -13.93 -48.94 10.44
C THR F 156 -13.94 -48.57 11.94
N ASN F 157 -12.89 -48.95 12.69
CA ASN F 157 -12.75 -48.72 14.13
C ASN F 157 -12.65 -47.24 14.40
N ASN F 158 -11.63 -46.59 13.79
CA ASN F 158 -11.39 -45.15 13.86
C ASN F 158 -12.22 -44.33 12.82
N ALA F 159 -13.48 -44.75 12.55
CA ALA F 159 -14.36 -44.03 11.65
C ALA F 159 -14.78 -42.72 12.28
N PHE F 160 -14.77 -42.63 13.66
CA PHE F 160 -15.07 -41.37 14.35
C PHE F 160 -14.03 -40.34 13.91
N ILE F 161 -12.77 -40.80 13.79
CA ILE F 161 -11.64 -40.00 13.34
C ILE F 161 -11.70 -39.70 11.87
N LEU F 162 -12.06 -40.69 11.02
CA LEU F 162 -12.20 -40.50 9.59
C LEU F 162 -13.24 -39.43 9.29
N LEU F 163 -14.39 -39.47 10.01
CA LEU F 163 -15.49 -38.50 9.92
C LEU F 163 -14.98 -37.09 10.35
N VAL F 164 -14.20 -37.03 11.45
CA VAL F 164 -13.61 -35.78 11.95
C VAL F 164 -12.56 -35.28 10.97
N LEU F 165 -11.88 -36.18 10.26
CA LEU F 165 -10.92 -35.78 9.26
C LEU F 165 -11.59 -35.19 8.01
N ALA F 166 -12.86 -35.58 7.71
CA ALA F 166 -13.64 -34.98 6.62
C ALA F 166 -14.02 -33.53 7.02
N ILE F 167 -14.35 -33.34 8.33
CA ILE F 167 -14.67 -32.07 8.98
C ILE F 167 -13.42 -31.19 9.12
N VAL F 168 -12.25 -31.79 9.41
CA VAL F 168 -11.01 -31.04 9.54
C VAL F 168 -10.56 -30.48 8.19
N LEU F 169 -10.76 -31.25 7.09
CA LEU F 169 -10.44 -30.83 5.73
C LEU F 169 -11.39 -29.68 5.31
N LEU F 170 -12.63 -29.70 5.84
CA LEU F 170 -13.67 -28.70 5.61
C LEU F 170 -13.12 -27.33 5.93
N LEU F 171 -12.64 -27.16 7.18
CA LEU F 171 -12.03 -25.95 7.71
C LEU F 171 -10.89 -25.47 6.80
N GLY F 172 -9.97 -26.39 6.48
CA GLY F 172 -8.79 -26.15 5.64
C GLY F 172 -9.05 -25.32 4.42
N ILE F 173 -10.12 -25.69 3.68
CA ILE F 173 -10.55 -24.99 2.47
C ILE F 173 -11.35 -23.76 2.85
N ILE F 174 -12.17 -23.86 3.91
CA ILE F 174 -13.01 -22.74 4.30
C ILE F 174 -12.27 -21.57 4.94
N GLY F 175 -11.38 -21.86 5.90
CA GLY F 175 -10.56 -20.86 6.57
C GLY F 175 -10.05 -19.77 5.64
N PRO F 176 -9.30 -20.09 4.56
CA PRO F 176 -8.81 -19.04 3.65
C PRO F 176 -9.88 -18.27 2.92
N ILE F 177 -10.93 -18.99 2.52
CA ILE F 177 -12.08 -18.47 1.81
C ILE F 177 -12.82 -17.43 2.68
N SER F 178 -12.40 -17.35 3.96
CA SER F 178 -12.88 -16.40 4.98
C SER F 178 -11.67 -15.63 5.60
N ILE F 179 -10.51 -15.68 4.92
CA ILE F 179 -9.30 -15.01 5.36
C ILE F 179 -8.71 -14.17 4.26
N THR F 180 -9.02 -14.50 2.99
CA THR F 180 -8.42 -13.82 1.84
C THR F 180 -9.40 -13.34 0.76
N MET F 181 -10.68 -13.76 0.89
CA MET F 181 -11.82 -13.51 0.00
C MET F 181 -12.07 -12.05 -0.42
N LYS F 182 -12.58 -11.19 0.52
CA LYS F 182 -12.99 -9.79 0.29
C LYS F 182 -14.04 -9.77 -0.84
N HIS F 183 -15.26 -10.22 -0.49
CA HIS F 183 -16.42 -10.36 -1.38
C HIS F 183 -17.47 -9.28 -1.12
N LYS F 184 -18.34 -8.99 -2.12
CA LYS F 184 -19.41 -8.00 -1.99
C LYS F 184 -20.79 -8.62 -2.23
N UNK G 1 -2.34 55.83 -75.41
CA UNK G 1 -2.51 54.39 -75.58
C UNK G 1 -3.93 54.04 -75.96
N UNK G 2 -4.10 52.97 -76.75
CA UNK G 2 -5.38 52.49 -77.19
C UNK G 2 -5.95 51.50 -76.20
N UNK G 3 -7.08 51.87 -75.60
CA UNK G 3 -7.78 51.04 -74.63
C UNK G 3 -8.50 49.90 -75.35
N UNK G 4 -7.97 48.67 -75.22
CA UNK G 4 -8.56 47.51 -75.87
C UNK G 4 -9.00 46.48 -74.86
N UNK G 5 -10.09 45.76 -75.15
CA UNK G 5 -10.65 44.74 -74.28
C UNK G 5 -10.37 43.38 -74.85
N UNK G 6 -9.79 42.51 -74.03
CA UNK G 6 -9.55 41.14 -74.44
C UNK G 6 -10.85 40.37 -74.16
N UNK G 7 -10.80 39.31 -73.33
CA UNK G 7 -11.95 38.47 -72.97
C UNK G 7 -12.91 39.26 -72.06
N UNK G 8 -12.80 39.13 -70.71
CA UNK G 8 -13.62 39.86 -69.76
C UNK G 8 -12.83 40.99 -69.10
N UNK G 9 -11.62 41.28 -69.64
CA UNK G 9 -10.74 42.30 -69.09
C UNK G 9 -10.32 43.37 -70.10
N UNK G 10 -9.90 44.54 -69.59
CA UNK G 10 -9.42 45.68 -70.37
C UNK G 10 -7.91 45.80 -70.27
N UNK G 11 -7.25 46.10 -71.40
CA UNK G 11 -5.80 46.20 -71.45
C UNK G 11 -5.30 47.46 -72.14
N UNK G 12 -4.23 48.06 -71.58
CA UNK G 12 -3.58 49.25 -72.14
C UNK G 12 -2.55 48.81 -73.15
N UNK G 13 -2.55 49.43 -74.35
CA UNK G 13 -1.64 49.12 -75.44
C UNK G 13 -1.48 50.29 -76.40
N UNK G 14 -0.22 50.63 -76.74
CA UNK G 14 0.13 51.67 -77.70
C UNK G 14 -0.46 51.32 -79.08
N UNK G 15 -0.86 52.34 -79.84
CA UNK G 15 -1.45 52.24 -81.18
C UNK G 15 -0.80 51.23 -82.15
N UNK G 16 0.53 51.31 -82.33
CA UNK G 16 1.28 50.42 -83.23
C UNK G 16 1.61 49.05 -82.58
N UNK G 17 0.55 48.32 -82.19
CA UNK G 17 0.65 47.03 -81.53
C UNK G 17 -0.19 45.93 -82.22
N UNK G 18 0.27 44.67 -82.05
CA UNK G 18 -0.35 43.45 -82.60
C UNK G 18 -1.46 42.88 -81.68
N UNK G 19 -2.61 42.46 -82.26
CA UNK G 19 -3.73 41.88 -81.49
C UNK G 19 -3.30 40.74 -80.55
N UNK G 20 -2.20 40.03 -80.88
CA UNK G 20 -1.58 38.95 -80.10
C UNK G 20 -0.88 39.50 -78.85
N UNK G 21 -0.17 40.66 -78.99
CA UNK G 21 0.51 41.35 -77.88
C UNK G 21 -0.53 41.93 -76.92
N UNK G 22 -1.66 42.44 -77.47
CA UNK G 22 -2.79 42.99 -76.71
C UNK G 22 -3.50 41.87 -75.96
N UNK G 23 -3.55 40.65 -76.55
CA UNK G 23 -4.16 39.46 -75.96
C UNK G 23 -3.25 38.94 -74.83
N UNK G 24 -1.92 38.85 -75.09
CA UNK G 24 -0.89 38.41 -74.13
C UNK G 24 -0.67 39.39 -72.97
N UNK G 25 -0.98 40.69 -73.18
CA UNK G 25 -0.85 41.76 -72.17
C UNK G 25 -1.83 41.54 -71.01
N UNK G 26 -3.05 41.06 -71.31
CA UNK G 26 -4.11 40.77 -70.34
C UNK G 26 -3.83 39.46 -69.56
N UNK G 27 -2.94 38.57 -70.12
CA UNK G 27 -2.45 37.25 -69.68
C UNK G 27 -3.05 36.00 -70.36
N UNK G 28 -3.06 36.00 -71.71
CA UNK G 28 -3.55 34.90 -72.53
C UNK G 28 -2.40 34.22 -73.29
N UNK G 29 -2.71 33.30 -74.23
CA UNK G 29 -1.71 32.59 -75.05
C UNK G 29 -2.18 32.44 -76.50
N UNK G 30 -1.22 32.26 -77.44
CA UNK G 30 -1.52 32.13 -78.87
C UNK G 30 -1.46 30.69 -79.39
N UNK G 31 -2.43 30.31 -80.25
CA UNK G 31 -2.53 28.99 -80.86
C UNK G 31 -1.67 28.97 -82.13
N UNK G 32 -0.52 28.29 -82.04
CA UNK G 32 0.53 28.14 -83.05
C UNK G 32 1.18 29.48 -83.43
N UNK G 33 2.42 29.71 -82.95
CA UNK G 33 3.16 30.95 -83.19
C UNK G 33 4.52 30.73 -83.82
N CYS G 34 4.79 31.43 -84.95
CA CYS G 34 6.07 31.41 -85.65
C CYS G 34 7.01 32.27 -84.81
N UNK G 35 6.48 33.40 -84.30
CA UNK G 35 7.04 34.41 -83.40
C UNK G 35 6.45 35.78 -83.75
N UNK G 36 5.83 36.42 -82.76
CA UNK G 36 5.20 37.74 -82.89
C UNK G 36 6.06 38.80 -82.20
N UNK G 37 6.91 38.39 -81.26
CA UNK G 37 7.81 39.27 -80.52
C UNK G 37 9.25 39.17 -81.07
N UNK G 38 9.93 40.33 -81.20
CA UNK G 38 11.32 40.53 -81.72
C UNK G 38 11.62 40.06 -83.16
N LEU G 39 10.61 39.52 -83.87
CA LEU G 39 10.75 39.04 -85.25
C LEU G 39 9.67 39.65 -86.12
N ALA G 40 9.94 39.79 -87.45
CA ALA G 40 9.00 40.38 -88.41
C ALA G 40 7.71 39.57 -88.53
N ILE G 41 6.60 40.20 -88.16
CA ILE G 41 5.30 39.54 -88.15
C ILE G 41 4.80 39.31 -89.55
N ALA G 42 4.47 38.05 -89.84
CA ALA G 42 3.92 37.62 -91.09
C ALA G 42 3.16 36.39 -90.72
N GLY G 43 1.84 36.52 -90.72
CA GLY G 43 0.94 35.40 -90.46
C GLY G 43 1.22 34.39 -91.55
N ASN G 44 1.95 33.31 -91.21
CA ASN G 44 2.36 32.28 -92.16
C ASN G 44 1.66 30.97 -91.90
N CYS G 45 1.68 30.49 -90.65
CA CYS G 45 1.04 29.25 -90.24
C CYS G 45 -0.47 29.41 -90.08
N UNK G 46 -0.93 30.63 -89.73
CA UNK G 46 -2.33 31.03 -89.50
C UNK G 46 -3.02 30.16 -88.44
N UNK G 47 -11.53 37.16 -81.95
CA UNK G 47 -12.69 36.84 -82.77
C UNK G 47 -13.71 37.98 -82.86
N UNK G 48 -13.61 39.00 -81.98
CA UNK G 48 -14.54 40.11 -81.99
C UNK G 48 -13.97 41.28 -82.76
N UNK G 49 -14.80 41.87 -83.60
CA UNK G 49 -14.41 43.03 -84.38
C UNK G 49 -14.95 44.26 -83.68
N UNK G 50 -14.26 45.40 -83.92
CA UNK G 50 -14.56 46.75 -83.40
C UNK G 50 -14.84 46.84 -81.90
N UNK G 51 -19.91 41.90 -84.48
CA UNK G 51 -18.53 41.48 -84.48
C UNK G 51 -18.35 40.13 -85.17
N UNK G 52 -18.20 40.14 -86.52
CA UNK G 52 -18.06 38.94 -87.36
C UNK G 52 -16.90 38.05 -86.91
N UNK G 53 -17.16 36.75 -86.75
CA UNK G 53 -16.16 35.77 -86.31
C UNK G 53 -15.43 35.16 -87.51
N UNK G 54 -14.78 36.03 -88.30
CA UNK G 54 -14.04 35.72 -89.52
C UNK G 54 -12.56 35.30 -89.25
N PRO G 55 -11.82 34.63 -90.18
CA PRO G 55 -10.42 34.23 -89.85
C PRO G 55 -9.31 35.29 -90.03
N VAL G 56 -8.69 35.68 -88.89
CA VAL G 56 -7.61 36.67 -88.80
C VAL G 56 -6.52 36.10 -87.87
N ALA G 57 -5.26 36.47 -88.15
CA ALA G 57 -4.09 36.12 -87.35
C ALA G 57 -3.81 37.30 -86.43
N SER G 58 -3.92 37.07 -85.11
CA SER G 58 -3.73 38.07 -84.07
C SER G 58 -2.36 38.78 -84.11
N CYS G 59 -1.31 38.08 -84.56
CA CYS G 59 0.01 38.69 -84.69
C CYS G 59 0.00 39.76 -85.79
N ALA G 60 -0.49 39.42 -87.01
CA ALA G 60 -0.53 40.33 -88.16
C ALA G 60 -1.63 41.38 -88.06
N UNK G 61 -2.50 41.26 -87.07
CA UNK G 61 -3.60 42.21 -86.94
C UNK G 61 -3.26 43.44 -86.13
N UNK G 62 -3.54 44.61 -86.70
CA UNK G 62 -3.33 45.88 -86.02
C UNK G 62 -4.39 46.10 -84.94
N UNK G 63 -4.03 46.81 -83.88
CA UNK G 63 -4.93 47.14 -82.78
C UNK G 63 -5.59 48.49 -83.02
N ALA G 64 -6.93 48.52 -82.94
CA ALA G 64 -7.75 49.72 -83.11
C ALA G 64 -8.38 50.16 -81.78
N PRO G 65 -8.64 51.49 -81.57
CA PRO G 65 -9.23 51.91 -80.29
C PRO G 65 -10.62 51.37 -80.05
N GLY G 66 -10.83 50.95 -78.82
CA GLY G 66 -12.08 50.35 -78.37
C GLY G 66 -12.41 49.09 -79.15
N MET G 67 -11.40 48.20 -79.36
CA MET G 67 -11.55 46.91 -80.05
C MET G 67 -11.67 45.81 -79.00
N VAL G 68 -12.47 44.78 -79.29
CA VAL G 68 -12.69 43.61 -78.43
C VAL G 68 -11.98 42.40 -79.07
N VAL G 69 -11.40 41.47 -78.26
CA VAL G 69 -10.67 40.26 -78.72
C VAL G 69 -11.14 39.01 -77.92
N UNK G 70 -11.85 38.05 -78.57
CA UNK G 70 -12.33 36.83 -77.92
C UNK G 70 -11.48 35.61 -78.25
N UNK G 71 -10.95 34.97 -77.20
CA UNK G 71 -10.06 33.80 -77.29
C UNK G 71 -10.67 32.59 -76.61
N UNK G 72 -11.58 32.84 -75.67
CA UNK G 72 -12.24 31.80 -74.91
C UNK G 72 -13.43 31.17 -75.64
N UNK G 73 -13.77 31.65 -76.85
CA UNK G 73 -14.93 31.12 -77.58
C UNK G 73 -14.79 29.65 -77.98
N UNK G 74 -15.90 28.87 -77.87
CA UNK G 74 -15.92 27.44 -78.22
C UNK G 74 -15.56 27.24 -79.71
N UNK G 75 -15.95 28.21 -80.55
CA UNK G 75 -15.65 28.27 -81.98
C UNK G 75 -14.14 28.42 -82.20
N UNK G 76 -13.49 29.34 -81.45
CA UNK G 76 -12.07 29.67 -81.54
C UNK G 76 -11.13 28.57 -80.99
N UNK G 77 -11.59 27.84 -79.94
CA UNK G 77 -10.89 26.71 -79.33
C UNK G 77 -10.94 25.55 -80.33
N UNK G 78 -12.11 25.31 -80.96
CA UNK G 78 -12.34 24.27 -82.00
C UNK G 78 -11.55 24.50 -83.30
N UNK G 79 -11.25 25.79 -83.65
CA UNK G 79 -10.47 26.20 -84.85
C UNK G 79 -8.95 26.12 -84.62
N UNK G 80 -8.46 26.41 -83.38
CA UNK G 80 -7.06 26.32 -82.93
C UNK G 80 -6.60 24.83 -83.09
N GLU G 81 -7.21 23.91 -82.31
CA GLU G 81 -7.04 22.45 -82.37
C GLU G 81 -7.14 21.93 -83.82
N ASN G 82 -8.13 22.40 -84.59
CA ASN G 82 -8.34 22.02 -85.98
C ASN G 82 -7.13 22.41 -86.82
N VAL G 83 -6.60 23.64 -86.58
CA VAL G 83 -5.46 24.20 -87.32
C VAL G 83 -4.13 23.62 -86.81
N MET G 84 -4.11 23.16 -85.56
CA MET G 84 -2.95 22.52 -84.95
C MET G 84 -2.80 21.09 -85.56
N GLU G 85 -3.93 20.37 -85.74
CA GLU G 85 -4.00 19.01 -86.33
C GLU G 85 -3.56 19.04 -87.80
N MET G 86 -3.91 20.12 -88.52
CA MET G 86 -3.61 20.30 -89.94
C MET G 86 -2.11 20.50 -90.14
N MET G 87 -1.49 21.16 -89.16
CA MET G 87 -0.06 21.44 -89.15
C MET G 87 0.73 20.13 -89.10
N LEU G 88 0.45 19.30 -88.09
CA LEU G 88 1.14 18.03 -87.92
C LEU G 88 0.82 16.97 -88.99
N ALA G 89 -0.24 17.17 -89.80
CA ALA G 89 -0.67 16.25 -90.86
C ALA G 89 0.36 16.13 -91.97
N ALA G 90 5.90 10.17 -88.40
CA ALA G 90 7.11 9.43 -88.06
C ALA G 90 8.20 10.35 -87.52
N ALA G 91 8.21 10.54 -86.19
CA ALA G 91 9.17 11.39 -85.48
C ALA G 91 9.29 10.96 -84.01
N CYS G 92 9.97 11.80 -83.18
CA CYS G 92 10.15 11.67 -81.72
C CYS G 92 11.26 10.73 -81.18
N ALA G 93 11.00 10.05 -80.02
CA ALA G 93 11.92 9.18 -79.28
C ALA G 93 13.27 9.85 -78.95
N ALA G 94 14.27 9.72 -79.84
CA ALA G 94 15.59 10.32 -79.61
C ALA G 94 15.60 11.82 -79.79
N CYS G 95 14.59 12.35 -80.52
CA CYS G 95 14.50 13.77 -80.80
C CYS G 95 14.18 14.62 -79.60
N ALA G 96 13.13 14.28 -78.83
CA ALA G 96 12.71 15.06 -77.67
C ALA G 96 13.72 15.10 -76.51
N ALA G 97 14.05 16.30 -75.91
CA ALA G 97 13.52 17.66 -76.14
C ALA G 97 11.97 17.86 -76.11
N GLY G 98 11.26 17.36 -75.08
CA GLY G 98 11.78 16.74 -73.87
C GLY G 98 12.41 17.75 -72.94
N GLY G 99 11.64 18.69 -72.39
CA GLY G 99 10.20 18.87 -72.60
C GLY G 99 9.81 20.29 -72.94
N ALA G 100 10.31 20.79 -74.10
CA ALA G 100 10.06 22.14 -74.63
C ALA G 100 9.27 22.13 -75.95
N CYS G 101 8.76 20.96 -76.36
CA CYS G 101 8.00 20.76 -77.60
C CYS G 101 6.69 21.56 -77.69
N UNK G 102 6.17 21.75 -78.92
CA UNK G 102 4.96 22.51 -79.27
C UNK G 102 3.69 22.26 -78.43
N UNK G 103 3.49 20.99 -77.98
CA UNK G 103 2.33 20.60 -77.18
C UNK G 103 2.70 20.47 -75.68
N UNK G 104 3.25 21.56 -75.10
CA UNK G 104 3.67 21.63 -73.69
C UNK G 104 3.61 23.06 -73.15
N UNK G 105 2.43 23.71 -73.26
CA UNK G 105 2.21 25.09 -72.81
C UNK G 105 0.78 25.35 -72.32
N UNK G 106 0.55 26.54 -71.70
CA UNK G 106 -0.72 27.05 -71.17
C UNK G 106 -1.41 26.10 -70.15
N UNK G 107 -2.72 25.82 -70.34
CA UNK G 107 -3.51 24.95 -69.46
C UNK G 107 -4.35 23.97 -70.28
N UNK G 108 -19.00 6.24 -80.02
CA UNK G 108 -18.63 7.34 -79.13
C UNK G 108 -17.13 7.67 -79.20
N UNK G 109 -16.27 6.66 -79.37
CA UNK G 109 -14.83 6.87 -79.45
C UNK G 109 -14.39 7.20 -80.88
N UNK G 110 -14.03 8.48 -81.10
CA UNK G 110 -13.57 8.94 -82.40
C UNK G 110 -12.10 8.59 -82.55
N UNK G 111 -11.60 8.63 -83.80
CA UNK G 111 -10.22 8.29 -84.14
C UNK G 111 -9.33 9.51 -84.48
N UNK G 112 -8.13 9.55 -83.88
CA UNK G 112 -7.17 10.63 -84.07
C UNK G 112 -6.36 10.37 -85.33
N UNK G 113 -6.35 11.37 -86.24
CA UNK G 113 -5.66 11.36 -87.54
C UNK G 113 -6.18 10.27 -88.48
N UNK G 114 -6.50 10.67 -89.72
CA UNK G 114 -7.06 9.81 -90.76
C UNK G 114 -6.02 9.23 -91.73
N UNK G 115 -4.87 9.92 -91.87
CA UNK G 115 -3.78 9.54 -92.78
C UNK G 115 -3.13 8.19 -92.42
N UNK G 116 -3.33 7.18 -93.30
CA UNK G 116 -2.82 5.82 -93.15
C UNK G 116 -1.71 5.55 -94.18
N UNK G 117 -1.46 6.52 -95.07
CA UNK G 117 -0.46 6.42 -96.13
C UNK G 117 0.99 6.61 -95.64
N UNK G 118 1.94 6.28 -96.53
CA UNK G 118 3.37 6.46 -96.29
C UNK G 118 3.67 7.96 -96.19
N UNK G 119 4.37 8.33 -95.11
CA UNK G 119 4.77 9.68 -94.72
C UNK G 119 5.68 10.41 -95.75
N UNK G 120 5.60 11.77 -95.79
CA UNK G 120 6.38 12.64 -96.70
C UNK G 120 7.87 12.72 -96.34
N UNK G 121 8.74 12.21 -97.26
CA UNK G 121 10.19 12.13 -97.08
C UNK G 121 10.97 13.24 -97.78
N UNK G 122 11.90 13.86 -97.05
CA UNK G 122 12.76 14.93 -97.54
C UNK G 122 14.21 14.68 -97.12
N UNK G 123 15.14 15.43 -97.71
CA UNK G 123 16.58 15.39 -97.46
C UNK G 123 16.88 15.52 -95.97
N UNK G 124 17.48 14.47 -95.40
CA UNK G 124 17.86 14.39 -94.00
C UNK G 124 19.35 14.74 -93.80
N UNK G 125 19.70 15.22 -92.58
CA UNK G 125 21.05 15.64 -92.16
C UNK G 125 21.83 16.51 -93.17
N UNK G 126 21.34 17.74 -93.39
CA UNK G 126 21.92 18.72 -94.31
C UNK G 126 22.46 19.87 -93.47
N UNK G 127 23.68 19.66 -92.94
CA UNK G 127 24.38 20.56 -92.05
C UNK G 127 24.49 21.98 -92.53
N UNK G 128 24.23 22.90 -91.62
CA UNK G 128 24.34 24.32 -91.89
C UNK G 128 25.76 24.74 -91.50
N UNK G 129 26.16 24.52 -90.24
CA UNK G 129 27.51 24.83 -89.76
C UNK G 129 27.94 23.76 -88.78
N UNK G 130 29.13 23.94 -88.18
CA UNK G 130 29.70 23.06 -87.18
C UNK G 130 28.86 23.04 -85.89
N UNK G 131 28.00 24.06 -85.70
CA UNK G 131 27.12 24.20 -84.55
C UNK G 131 25.64 23.92 -84.85
N UNK G 132 25.22 23.97 -86.14
CA UNK G 132 23.82 23.69 -86.54
C UNK G 132 23.59 22.52 -87.52
N UNK G 133 22.83 21.51 -87.09
CA UNK G 133 22.47 20.34 -87.88
C UNK G 133 20.95 20.25 -88.07
N UNK G 134 20.49 20.07 -89.32
CA UNK G 134 19.07 19.96 -89.67
C UNK G 134 18.56 18.51 -89.81
N UNK G 135 17.26 18.28 -89.47
CA UNK G 135 16.55 16.99 -89.60
C UNK G 135 15.50 17.09 -90.70
N UNK G 136 15.20 15.95 -91.37
CA UNK G 136 14.26 15.82 -92.49
C UNK G 136 12.86 16.35 -92.22
N UNK G 137 12.29 16.01 -91.05
CA UNK G 137 10.95 16.43 -90.62
C UNK G 137 10.86 16.31 -89.12
N CYS G 138 12.17 21.05 -92.08
CA CYS G 138 11.47 22.29 -91.76
C CYS G 138 9.97 22.18 -92.01
N ILE G 139 9.16 22.74 -91.09
CA ILE G 139 7.69 22.77 -91.17
C ILE G 139 7.20 24.07 -91.91
N HIS G 140 8.11 24.74 -92.69
CA HIS G 140 7.88 25.97 -93.48
C HIS G 140 7.40 27.11 -92.58
N CYS G 141 8.01 27.15 -91.39
CA CYS G 141 7.66 28.13 -90.37
C CYS G 141 8.33 29.47 -90.50
N THR G 142 9.69 29.51 -90.57
CA THR G 142 10.55 30.70 -90.66
C THR G 142 10.98 31.30 -89.31
N ARG G 143 11.66 30.51 -88.46
CA ARG G 143 12.22 31.12 -87.25
C ARG G 143 13.68 31.46 -87.55
N CYS G 144 14.51 30.43 -87.84
CA CYS G 144 15.93 30.59 -88.15
C CYS G 144 16.06 31.50 -89.35
N VAL G 145 15.27 31.22 -90.40
CA VAL G 145 15.27 32.03 -91.61
C VAL G 145 15.00 33.50 -91.27
N ARG G 146 13.89 33.76 -90.55
CA ARG G 146 13.47 35.10 -90.16
C ARG G 146 14.55 35.86 -89.37
N PHE G 147 15.27 35.16 -88.48
CA PHE G 147 16.36 35.71 -87.67
C PHE G 147 17.57 36.02 -88.57
N ALA G 148 17.92 35.10 -89.50
CA ALA G 148 19.07 35.20 -90.43
C ALA G 148 19.00 36.45 -91.31
N ASN G 149 17.79 36.77 -91.82
CA ASN G 149 17.52 37.96 -92.61
C ASN G 149 17.44 39.21 -91.70
N ASP G 150 16.68 39.14 -90.59
CA ASP G 150 16.51 40.29 -89.70
C ASP G 150 17.70 40.62 -88.78
N ILE G 151 18.09 39.69 -87.90
CA ILE G 151 19.11 39.97 -86.88
C ILE G 151 20.56 39.92 -87.33
N ALA G 152 20.93 38.79 -87.93
CA ALA G 152 22.28 38.59 -88.44
C ALA G 152 22.46 39.19 -89.85
N GLY G 153 21.36 39.34 -90.59
CA GLY G 153 21.35 39.94 -91.92
C GLY G 153 22.00 39.13 -93.03
N ALA G 154 22.32 37.85 -92.77
CA ALA G 154 22.96 36.95 -93.71
C ALA G 154 21.94 35.98 -94.30
N UNK G 155 21.17 36.48 -95.30
CA UNK G 155 20.15 35.68 -95.99
C UNK G 155 20.74 34.55 -96.89
N UNK G 156 21.29 33.51 -96.23
CA UNK G 156 21.91 32.32 -96.82
C UNK G 156 20.97 31.10 -96.72
N UNK G 157 19.97 31.21 -95.81
CA UNK G 157 18.94 30.19 -95.59
C UNK G 157 17.61 30.71 -96.10
N UNK G 158 16.93 29.90 -96.92
CA UNK G 158 15.61 30.14 -97.49
C UNK G 158 15.11 28.84 -98.12
N UNK G 159 13.83 28.80 -98.50
CA UNK G 159 13.23 27.64 -99.19
C UNK G 159 13.86 27.48 -100.57
N UNK G 160 13.81 26.27 -101.14
CA UNK G 160 14.41 26.01 -102.45
C UNK G 160 13.43 25.69 -103.57
N UNK G 161 13.04 24.40 -103.74
CA UNK G 161 12.10 23.94 -104.75
C UNK G 161 10.66 24.41 -104.47
N UNK G 162 9.72 24.07 -105.39
CA UNK G 162 8.30 24.42 -105.31
C UNK G 162 7.40 23.19 -105.16
N UNK G 163 6.14 23.43 -104.78
CA UNK G 163 5.12 22.40 -104.59
C UNK G 163 5.36 21.53 -103.37
N UNK G 164 5.23 20.20 -103.54
CA UNK G 164 5.47 19.22 -102.48
C UNK G 164 6.94 19.14 -102.14
N UNK G 165 7.79 19.34 -103.16
CA UNK G 165 9.25 19.28 -103.12
C UNK G 165 9.93 20.34 -102.28
N UNK G 166 9.23 21.43 -101.93
CA UNK G 166 9.76 22.56 -101.16
C UNK G 166 10.39 22.21 -99.80
N UNK G 167 11.63 22.65 -99.60
CA UNK G 167 12.43 22.42 -98.40
C UNK G 167 13.54 23.48 -98.33
N UNK G 168 14.43 23.39 -97.31
CA UNK G 168 15.53 24.33 -97.11
C UNK G 168 16.81 23.95 -97.89
N UNK G 169 17.48 24.95 -98.47
CA UNK G 169 18.70 24.78 -99.25
C UNK G 169 19.75 25.86 -99.05
N UNK G 170 20.92 25.45 -98.51
CA UNK G 170 22.05 26.34 -98.20
C UNK G 170 23.29 25.96 -99.01
N UNK G 171 23.85 26.95 -99.72
CA UNK G 171 25.05 26.78 -100.55
C UNK G 171 26.23 27.60 -100.01
N UNK G 172 27.38 26.93 -99.91
CA UNK G 172 28.65 27.46 -99.42
C UNK G 172 29.23 28.50 -100.41
N UNK G 173 29.66 29.73 -99.99
CA UNK G 173 29.73 30.39 -98.66
C UNK G 173 30.74 29.81 -97.64
N UNK G 174 31.62 28.84 -98.08
CA UNK G 174 32.65 28.12 -97.29
C UNK G 174 32.08 27.52 -95.95
N GLY G 175 31.04 26.71 -96.13
CA GLY G 175 30.18 26.14 -95.11
C GLY G 175 29.03 27.11 -95.02
N UNK G 176 28.35 27.24 -93.86
CA UNK G 176 27.32 28.30 -93.82
C UNK G 176 27.96 29.55 -93.26
N UNK G 177 27.85 30.66 -94.02
CA UNK G 177 28.42 31.97 -93.69
C UNK G 177 27.82 32.61 -92.42
N UNK G 178 26.55 32.23 -92.09
CA UNK G 178 25.72 32.66 -90.97
C UNK G 178 26.42 33.24 -89.75
N GLY G 179 26.12 34.50 -89.49
CA GLY G 179 26.62 35.19 -88.32
C GLY G 179 25.82 34.91 -87.06
N UNK G 180 24.94 33.87 -87.09
CA UNK G 180 24.07 33.40 -86.00
C UNK G 180 24.81 32.37 -85.13
N UNK G 181 26.02 32.75 -84.70
CA UNK G 181 26.92 31.92 -83.91
C UNK G 181 26.37 31.59 -82.55
N GLY G 182 25.69 30.45 -82.49
CA GLY G 182 25.14 29.91 -81.25
C GLY G 182 23.79 30.46 -80.89
N UNK G 183 23.39 31.60 -81.50
CA UNK G 183 22.08 32.18 -81.22
C UNK G 183 20.98 31.39 -81.94
N UNK G 184 21.29 30.78 -83.10
CA UNK G 184 20.37 29.99 -83.94
C UNK G 184 19.80 28.74 -83.26
N UNK G 185 20.63 27.97 -82.54
CA UNK G 185 20.23 26.77 -81.82
C UNK G 185 19.04 27.01 -80.87
N UNK G 186 19.11 28.05 -80.00
CA UNK G 186 18.04 28.43 -79.06
C UNK G 186 16.80 28.90 -79.83
N UNK G 187 17.02 29.45 -81.05
CA UNK G 187 15.96 29.98 -81.90
C UNK G 187 15.10 28.91 -82.59
N CYS G 188 15.75 27.97 -83.31
CA CYS G 188 15.05 26.88 -84.01
C CYS G 188 14.42 25.90 -83.03
N UNK G 189 13.09 25.76 -83.12
CA UNK G 189 12.30 24.86 -82.30
C UNK G 189 11.95 23.66 -83.17
N UNK G 190 11.16 22.70 -82.62
CA UNK G 190 10.71 21.46 -83.27
C UNK G 190 11.86 20.51 -83.71
N GLY G 191 12.90 20.42 -82.86
CA GLY G 191 14.06 19.56 -83.07
C GLY G 191 14.98 19.98 -84.20
N UNK G 192 20.48 21.32 -82.80
CA UNK G 192 21.79 21.69 -82.27
C UNK G 192 22.78 20.51 -82.35
N UNK G 193 24.04 20.80 -82.77
CA UNK G 193 25.14 19.83 -82.90
C UNK G 193 26.04 19.75 -81.64
N UNK G 194 26.31 20.90 -80.96
CA UNK G 194 27.14 20.98 -79.74
C UNK G 194 26.62 20.07 -78.62
N UNK G 195 25.29 20.06 -78.39
CA UNK G 195 24.63 19.24 -77.37
C UNK G 195 23.77 18.12 -78.00
N UNK G 196 24.17 17.57 -79.17
CA UNK G 196 23.45 16.52 -79.88
C UNK G 196 23.26 15.29 -79.01
N UNK G 197 22.06 14.69 -79.08
CA UNK G 197 21.59 13.52 -78.32
C UNK G 197 21.69 13.57 -76.78
N UNK G 198 22.88 13.89 -76.23
CA UNK G 198 23.15 13.98 -74.80
C UNK G 198 22.45 15.19 -74.20
N UNK G 199 16.26 14.84 -72.86
CA UNK G 199 17.43 15.05 -72.02
C UNK G 199 17.49 16.47 -71.39
N UNK G 200 16.86 17.46 -72.03
CA UNK G 200 16.79 18.84 -71.53
C UNK G 200 15.88 18.94 -70.30
N UNK G 201 14.86 18.05 -70.19
CA UNK G 201 13.90 18.00 -69.08
C UNK G 201 14.48 17.50 -67.74
N UNK G 202 15.64 16.81 -67.78
CA UNK G 202 16.35 16.29 -66.61
C UNK G 202 17.44 17.27 -66.12
N UNK G 203 17.72 18.36 -66.89
CA UNK G 203 18.75 19.35 -66.61
C UNK G 203 18.34 20.47 -65.68
N UNK G 204 18.96 20.50 -64.50
CA UNK G 204 18.73 21.54 -63.52
C UNK G 204 19.35 22.83 -64.05
N UNK G 205 18.62 23.93 -63.91
CA UNK G 205 19.03 25.25 -64.37
C UNK G 205 19.78 26.08 -63.32
N UNK G 206 20.81 26.81 -63.77
CA UNK G 206 21.61 27.72 -62.94
C UNK G 206 21.82 29.01 -63.73
N UNK G 207 21.12 30.10 -63.32
CA UNK G 207 21.21 31.36 -64.06
C UNK G 207 22.36 32.23 -63.59
N UNK G 208 23.30 32.53 -64.49
CA UNK G 208 24.45 33.41 -64.23
C UNK G 208 24.52 34.45 -65.33
N UNK G 209 25.59 39.99 -68.58
CA UNK G 209 24.82 39.28 -69.60
C UNK G 209 24.09 38.06 -69.00
N GLY G 210 22.81 37.94 -69.32
CA GLY G 210 21.96 36.84 -68.84
C GLY G 210 22.17 35.54 -69.59
N UNK G 211 22.61 34.52 -68.86
CA UNK G 211 22.85 33.19 -69.41
C UNK G 211 22.32 32.15 -68.44
N UNK G 212 21.91 30.96 -68.95
CA UNK G 212 21.42 29.85 -68.15
C UNK G 212 22.26 28.59 -68.37
N UNK G 213 23.08 28.25 -67.37
CA UNK G 213 23.93 27.07 -67.42
C UNK G 213 23.11 25.87 -66.94
N UNK G 214 22.75 24.93 -67.85
CA UNK G 214 21.98 23.73 -67.56
C UNK G 214 22.94 22.59 -67.19
N UNK G 215 22.89 22.17 -65.92
CA UNK G 215 23.76 21.16 -65.37
C UNK G 215 22.97 20.11 -64.64
N UNK G 216 23.25 18.85 -64.98
CA UNK G 216 22.68 17.68 -64.35
C UNK G 216 23.84 16.73 -64.09
N UNK G 217 24.14 16.51 -62.80
CA UNK G 217 25.21 15.63 -62.29
C UNK G 217 26.64 15.95 -62.80
N UNK G 218 27.12 17.20 -62.53
CA UNK G 218 28.44 17.74 -62.87
C UNK G 218 28.84 17.98 -64.35
N UNK G 219 27.94 17.68 -65.30
CA UNK G 219 28.18 17.87 -66.73
C UNK G 219 27.22 18.87 -67.32
N VAL G 220 27.78 19.88 -67.98
CA VAL G 220 27.05 20.98 -68.61
C VAL G 220 26.44 20.50 -69.93
N MET G 221 25.11 20.29 -69.93
CA MET G 221 24.33 19.82 -71.07
C MET G 221 24.04 20.92 -72.08
N UNK G 222 23.63 22.10 -71.61
CA UNK G 222 23.27 23.23 -72.47
C UNK G 222 23.79 24.56 -71.95
N UNK G 223 20.50 30.69 -72.68
CA UNK G 223 20.34 32.14 -72.85
C UNK G 223 19.21 32.72 -72.02
N UNK G 224 19.54 33.65 -71.12
CA UNK G 224 18.54 34.32 -70.30
C UNK G 224 18.28 35.71 -70.86
N UNK G 225 17.02 36.14 -70.77
CA UNK G 225 16.56 37.43 -71.26
C UNK G 225 16.67 38.56 -70.21
N UNK G 226 17.55 39.55 -70.50
CA UNK G 226 17.84 40.73 -69.68
C UNK G 226 18.02 41.96 -70.58
N UNK G 227 16.92 42.35 -71.26
CA UNK G 227 16.79 43.48 -72.21
C UNK G 227 17.65 44.74 -71.98
N UNK G 228 18.04 45.04 -70.71
CA UNK G 228 18.89 46.17 -70.33
C UNK G 228 20.26 46.09 -70.99
N UNK G 229 20.89 44.89 -70.98
CA UNK G 229 22.19 44.69 -71.60
C UNK G 229 22.04 43.63 -72.69
N UNK G 230 22.23 42.34 -72.36
CA UNK G 230 22.08 41.27 -73.33
C UNK G 230 20.61 40.94 -73.40
N UNK G 231 19.99 41.20 -74.55
CA UNK G 231 18.55 41.01 -74.72
C UNK G 231 18.17 39.52 -74.85
N UNK G 232 17.64 39.09 -76.00
CA UNK G 232 17.25 37.70 -76.21
C UNK G 232 18.26 36.94 -77.11
N UNK G 233 19.39 37.59 -77.43
CA UNK G 233 20.45 37.02 -78.27
C UNK G 233 21.63 36.58 -77.39
N UNK G 234 22.27 35.46 -77.77
CA UNK G 234 23.41 34.92 -77.04
C UNK G 234 24.75 35.33 -77.64
N UNK G 235 25.81 35.22 -76.85
CA UNK G 235 27.17 35.54 -77.24
C UNK G 235 27.94 34.26 -77.56
N UNK G 236 28.59 34.21 -78.75
CA UNK G 236 29.37 33.09 -79.29
C UNK G 236 30.26 32.36 -78.27
N UNK G 237 31.00 33.11 -77.42
CA UNK G 237 31.86 32.55 -76.38
C UNK G 237 31.03 31.79 -75.34
N UNK G 238 29.82 32.29 -75.02
CA UNK G 238 28.91 31.64 -74.08
C UNK G 238 28.20 30.38 -74.66
N UNK G 239 27.42 30.52 -75.76
CA UNK G 239 26.71 29.40 -76.37
C UNK G 239 27.65 28.33 -76.94
N UNK G 240 28.59 28.73 -77.82
CA UNK G 240 29.51 27.75 -78.41
C UNK G 240 30.63 27.42 -77.42
N UNK G 241 33.52 22.53 -74.01
CA UNK G 241 34.89 22.54 -73.50
C UNK G 241 34.92 22.56 -71.99
N UNK G 242 33.90 23.17 -71.37
CA UNK G 242 33.77 23.34 -69.94
C UNK G 242 33.49 22.05 -69.20
N UNK G 243 32.68 21.16 -69.79
CA UNK G 243 32.32 19.87 -69.22
C UNK G 243 33.08 18.76 -69.94
N UNK G 244 34.43 18.85 -69.97
CA UNK G 244 35.27 17.83 -70.61
C UNK G 244 36.61 17.60 -69.89
N UNK G 245 37.71 18.30 -70.29
CA UNK G 245 39.04 18.22 -69.69
C UNK G 245 39.52 19.62 -69.24
N UNK G 246 39.62 19.80 -67.92
CA UNK G 246 40.05 21.05 -67.29
C UNK G 246 41.08 20.74 -66.20
N UNK G 247 41.71 21.77 -65.61
CA UNK G 247 42.71 21.64 -64.55
C UNK G 247 42.07 21.30 -63.20
N UNK G 248 42.34 20.08 -62.75
CA UNK G 248 41.79 19.49 -61.53
C UNK G 248 42.73 19.42 -60.33
N UNK G 249 44.07 19.45 -60.56
CA UNK G 249 45.05 19.29 -59.50
C UNK G 249 46.11 20.40 -59.42
N UNK G 250 46.52 20.71 -58.17
CA UNK G 250 47.49 21.74 -57.82
C UNK G 250 48.91 21.27 -58.07
N UNK G 251 49.61 22.01 -58.94
CA UNK G 251 50.94 21.67 -59.39
C UNK G 251 52.08 22.45 -58.72
N UNK G 252 53.22 21.77 -58.50
CA UNK G 252 54.42 22.35 -57.90
C UNK G 252 55.70 21.99 -58.64
N UNK G 253 56.64 22.94 -58.68
CA UNK G 253 57.94 22.76 -59.32
C UNK G 253 58.85 21.87 -58.48
N UNK G 254 60.39 20.80 -63.42
CA UNK G 254 59.11 20.41 -63.99
C UNK G 254 57.97 20.45 -62.96
N UNK G 255 56.73 20.47 -63.45
CA UNK G 255 55.53 20.53 -62.63
C UNK G 255 54.93 19.15 -62.30
N UNK G 256 54.69 18.88 -61.00
CA UNK G 256 54.13 17.63 -60.48
C UNK G 256 52.85 17.84 -59.65
N UNK G 257 51.94 16.85 -59.67
CA UNK G 257 50.67 16.88 -58.92
C UNK G 257 50.91 16.78 -57.40
N UNK G 258 50.50 17.83 -56.66
CA UNK G 258 50.70 17.93 -55.21
C UNK G 258 49.44 18.43 -54.50
N UNK G 259 49.41 18.29 -53.16
CA UNK G 259 48.32 18.70 -52.27
C UNK G 259 48.28 20.24 -52.12
N UNK G 260 47.10 20.81 -51.76
CA UNK G 260 46.94 22.26 -51.57
C UNK G 260 47.77 22.80 -50.40
N UNK G 261 48.07 21.94 -49.40
CA UNK G 261 48.92 22.24 -48.24
C UNK G 261 50.38 22.35 -48.64
N UNK G 262 50.83 21.47 -49.55
CA UNK G 262 52.20 21.47 -50.05
C UNK G 262 52.41 22.62 -51.00
N UNK G 263 51.41 22.95 -51.83
CA UNK G 263 51.53 24.07 -52.76
C UNK G 263 51.63 25.38 -51.97
N UNK G 264 50.96 25.42 -50.80
CA UNK G 264 50.92 26.57 -49.92
C UNK G 264 52.29 26.89 -49.37
N UNK G 265 52.91 25.90 -48.70
CA UNK G 265 54.22 26.01 -48.06
C UNK G 265 55.26 26.43 -49.06
N UNK G 266 55.09 26.01 -50.32
CA UNK G 266 56.02 26.34 -51.38
C UNK G 266 55.79 27.74 -51.87
N UNK G 267 54.56 28.25 -51.78
CA UNK G 267 54.28 29.62 -52.17
C UNK G 267 54.85 30.55 -51.11
N UNK G 268 54.81 30.11 -49.84
CA UNK G 268 55.39 30.85 -48.73
C UNK G 268 56.88 30.90 -48.99
N UNK G 269 57.50 29.74 -49.27
CA UNK G 269 58.92 29.63 -49.58
C UNK G 269 59.28 30.54 -50.75
N UNK G 270 58.38 30.62 -51.74
CA UNK G 270 58.59 31.37 -52.97
C UNK G 270 58.58 32.87 -52.75
N UNK G 271 57.65 33.33 -51.91
CA UNK G 271 57.50 34.74 -51.60
C UNK G 271 58.51 35.17 -50.57
N UNK G 272 59.12 34.20 -49.85
CA UNK G 272 60.02 34.49 -48.74
C UNK G 272 61.23 35.34 -49.06
N UNK G 273 62.03 34.91 -50.02
CA UNK G 273 63.23 35.65 -50.40
C UNK G 273 62.95 36.74 -51.44
N UNK G 274 61.72 37.29 -51.47
CA UNK G 274 61.38 38.35 -52.42
C UNK G 274 61.12 39.72 -51.80
N UNK G 275 61.98 40.72 -52.12
CA UNK G 275 61.86 42.08 -51.63
C UNK G 275 60.75 42.81 -52.37
N UNK G 276 60.42 45.34 -54.62
CA UNK G 276 59.22 46.15 -54.78
C UNK G 276 58.44 45.85 -56.07
N UNK G 277 58.98 44.95 -56.91
CA UNK G 277 58.34 44.54 -58.16
C UNK G 277 57.40 43.36 -57.93
N UNK G 278 56.14 43.49 -58.44
CA UNK G 278 55.07 42.50 -58.34
C UNK G 278 54.01 42.75 -59.43
N GLY G 279 53.74 41.72 -60.22
CA GLY G 279 52.77 41.79 -61.31
C GLY G 279 51.41 41.21 -60.99
N UNK G 280 50.34 41.98 -61.26
CA UNK G 280 48.94 41.58 -61.04
C UNK G 280 48.18 41.52 -62.36
N UNK G 281 47.72 40.33 -62.75
CA UNK G 281 46.96 40.10 -63.98
C UNK G 281 45.71 39.30 -63.73
N UNK G 282 44.61 39.69 -64.38
CA UNK G 282 43.32 39.04 -64.28
C UNK G 282 42.96 38.29 -65.59
N UNK G 283 41.73 37.75 -65.65
CA UNK G 283 41.24 37.04 -66.84
C UNK G 283 40.12 37.86 -67.50
N UNK G 284 39.88 37.61 -68.81
CA UNK G 284 38.85 38.30 -69.63
C UNK G 284 37.39 38.27 -69.08
N UNK G 285 37.08 37.30 -68.16
CA UNK G 285 35.78 37.14 -67.50
C UNK G 285 35.93 36.81 -66.01
N UNK G 286 37.08 37.21 -65.39
CA UNK G 286 37.38 36.97 -63.98
C UNK G 286 36.51 37.79 -63.04
N UNK G 287 36.14 37.16 -61.91
CA UNK G 287 35.31 37.77 -60.88
C UNK G 287 35.95 39.04 -60.35
N UNK G 288 35.10 40.02 -59.99
CA UNK G 288 35.52 41.30 -59.43
C UNK G 288 36.01 41.12 -57.98
N UNK G 289 35.47 40.11 -57.25
CA UNK G 289 35.89 39.73 -55.89
C UNK G 289 37.35 39.23 -55.96
N UNK G 290 37.77 38.58 -57.08
CA UNK G 290 39.15 38.13 -57.26
C UNK G 290 40.11 39.31 -57.40
N UNK G 291 39.84 40.21 -58.37
CA UNK G 291 40.65 41.40 -58.66
C UNK G 291 40.78 42.27 -57.43
N UNK G 292 39.75 42.28 -56.59
CA UNK G 292 39.68 43.06 -55.38
C UNK G 292 40.59 42.42 -54.37
N UNK G 293 40.57 41.07 -54.31
CA UNK G 293 41.40 40.32 -53.38
C UNK G 293 42.85 40.38 -53.81
N UNK G 294 43.10 40.36 -55.12
CA UNK G 294 44.45 40.44 -55.64
C UNK G 294 45.01 41.82 -55.33
N UNK G 295 44.17 42.86 -55.49
CA UNK G 295 44.61 44.23 -55.25
C UNK G 295 44.82 44.54 -53.79
N UNK G 296 43.96 44.02 -52.91
CA UNK G 296 44.09 44.28 -51.48
C UNK G 296 45.26 43.51 -50.91
N UNK G 297 45.51 42.30 -51.44
CA UNK G 297 46.66 41.52 -51.02
C UNK G 297 47.92 42.25 -51.40
N UNK G 298 47.91 42.96 -52.55
CA UNK G 298 49.07 43.74 -52.99
C UNK G 298 49.53 44.74 -51.93
N UNK G 299 46.33 39.91 -68.79
CA UNK G 299 45.25 40.81 -69.14
C UNK G 299 45.61 42.28 -68.89
N UNK G 300 46.87 42.64 -69.16
CA UNK G 300 47.37 44.01 -69.01
C UNK G 300 48.43 44.35 -70.08
N UNK G 301 48.12 45.34 -70.94
CA UNK G 301 49.00 45.85 -72.00
C UNK G 301 49.27 47.34 -71.76
N UNK G 302 48.73 48.26 -72.59
CA UNK G 302 48.91 49.70 -72.40
C UNK G 302 47.79 50.22 -71.51
N UNK G 303 37.70 52.86 -65.40
CA UNK G 303 36.32 52.93 -64.90
C UNK G 303 36.00 54.22 -64.12
N UNK G 304 37.04 55.03 -63.79
CA UNK G 304 36.90 56.30 -63.06
C UNK G 304 36.17 57.40 -63.85
N UNK G 305 36.07 57.25 -65.20
CA UNK G 305 35.41 58.16 -66.11
C UNK G 305 34.23 57.46 -66.79
N UNK G 306 33.14 58.21 -67.03
CA UNK G 306 31.93 57.72 -67.70
C UNK G 306 32.23 57.46 -69.20
N UNK G 307 31.60 56.48 -69.91
CA UNK G 307 30.50 55.53 -69.67
C UNK G 307 29.12 56.00 -70.15
N UNK G 308 28.73 55.56 -71.36
CA UNK G 308 27.44 55.83 -72.02
C UNK G 308 26.65 54.53 -71.96
N UNK G 309 25.35 54.63 -71.62
CA UNK G 309 24.46 53.46 -71.47
C UNK G 309 24.12 52.70 -72.76
N UNK G 310 23.87 51.38 -72.65
CA UNK G 310 23.50 50.53 -73.77
C UNK G 310 22.24 51.01 -74.49
N UNK G 311 21.25 51.56 -73.74
CA UNK G 311 20.00 52.12 -74.26
C UNK G 311 20.23 53.54 -74.80
N UNK G 312 21.15 54.30 -74.14
CA UNK G 312 21.56 55.63 -74.58
C UNK G 312 22.07 55.50 -76.00
N UNK G 313 22.78 54.39 -76.30
CA UNK G 313 23.26 54.09 -77.64
C UNK G 313 22.12 53.74 -78.62
N UNK G 314 21.02 53.11 -78.15
CA UNK G 314 19.88 52.81 -79.02
C UNK G 314 19.09 54.06 -79.43
N UNK G 315 19.16 55.14 -78.59
CA UNK G 315 18.48 56.42 -78.77
C UNK G 315 19.45 57.52 -79.29
N UNK G 316 20.75 57.21 -79.34
CA UNK G 316 21.83 58.10 -79.76
C UNK G 316 21.68 58.74 -81.13
N UNK G 317 21.83 60.08 -81.19
CA UNK G 317 21.73 60.82 -82.44
C UNK G 317 22.77 60.33 -83.42
N UNK G 318 24.00 60.12 -82.92
CA UNK G 318 25.12 59.64 -83.71
C UNK G 318 25.97 58.70 -82.91
N UNK G 319 26.74 57.85 -83.61
CA UNK G 319 27.66 56.90 -82.98
C UNK G 319 28.99 56.83 -83.72
N UNK G 320 30.01 57.54 -83.20
CA UNK G 320 31.34 57.48 -83.80
C UNK G 320 32.02 56.24 -83.23
N UNK G 321 32.44 55.32 -84.11
CA UNK G 321 33.13 54.10 -83.68
C UNK G 321 34.54 54.09 -84.25
N UNK G 322 35.52 53.74 -83.38
CA UNK G 322 36.92 53.53 -83.70
C UNK G 322 37.23 52.12 -83.15
N UNK G 323 37.47 51.14 -84.06
CA UNK G 323 37.72 49.69 -83.90
C UNK G 323 36.42 48.82 -84.04
N UNK G 324 36.50 47.46 -83.79
CA UNK G 324 35.39 46.50 -83.98
C UNK G 324 34.70 45.89 -82.76
N UNK G 325 33.50 46.40 -82.47
CA UNK G 325 32.69 45.92 -81.36
C UNK G 325 32.31 44.47 -81.60
N UNK G 326 32.00 44.10 -82.87
CA UNK G 326 31.58 42.75 -83.26
C UNK G 326 32.63 41.73 -82.92
N UNK G 327 33.89 42.08 -83.12
CA UNK G 327 34.92 41.12 -82.76
C UNK G 327 35.32 41.25 -81.30
N UNK G 328 35.38 42.48 -80.76
CA UNK G 328 35.85 42.68 -79.39
C UNK G 328 34.91 42.28 -78.28
N UNK G 329 33.63 42.63 -78.40
CA UNK G 329 32.59 42.32 -77.42
C UNK G 329 31.32 42.03 -78.20
N UNK G 330 31.34 40.89 -78.92
CA UNK G 330 30.35 40.30 -79.83
C UNK G 330 28.86 40.60 -79.60
N UNK G 331 28.36 40.38 -78.35
CA UNK G 331 26.97 40.57 -77.93
C UNK G 331 26.46 42.01 -78.03
N UNK G 332 27.36 43.01 -77.89
CA UNK G 332 27.04 44.44 -77.98
C UNK G 332 26.55 44.89 -79.37
N UNK G 333 26.76 44.05 -80.41
CA UNK G 333 26.36 44.29 -81.79
C UNK G 333 24.86 43.99 -82.00
N UNK G 334 22.91 45.12 -84.75
CA UNK G 334 23.02 46.48 -85.27
C UNK G 334 21.97 46.83 -86.35
N UNK G 335 21.23 45.83 -86.86
CA UNK G 335 20.17 46.03 -87.86
C UNK G 335 19.03 46.80 -87.19
N UNK G 336 18.66 46.38 -85.96
CA UNK G 336 17.69 47.06 -85.11
C UNK G 336 18.16 48.48 -84.74
N UNK G 337 19.47 48.63 -84.43
CA UNK G 337 20.06 49.92 -84.05
C UNK G 337 19.87 50.98 -85.14
N UNK G 338 20.15 50.61 -86.41
CA UNK G 338 20.04 51.48 -87.59
C UNK G 338 18.63 51.94 -87.93
N UNK G 339 17.60 51.09 -87.77
CA UNK G 339 16.23 51.52 -88.03
C UNK G 339 15.64 52.39 -86.85
N UNK G 340 16.48 52.71 -85.80
CA UNK G 340 16.24 53.47 -84.52
C UNK G 340 15.41 52.77 -83.40
N UNK G 341 15.27 51.45 -83.52
CA UNK G 341 14.52 50.60 -82.60
C UNK G 341 15.11 50.53 -81.21
N UNK G 342 14.26 50.89 -80.25
CA UNK G 342 14.56 50.90 -78.83
C UNK G 342 13.30 50.56 -78.02
N UNK G 343 8.58 46.34 -77.90
CA UNK G 343 7.55 47.35 -77.69
C UNK G 343 6.70 47.55 -78.95
N UNK G 344 7.35 47.52 -80.15
CA UNK G 344 6.77 47.67 -81.50
C UNK G 344 6.83 46.31 -82.22
N UNK G 345 5.67 45.65 -82.33
CA UNK G 345 5.57 44.32 -82.91
C UNK G 345 5.06 44.39 -84.33
N UNK G 346 3.95 45.14 -84.53
CA UNK G 346 3.33 45.33 -85.84
C UNK G 346 4.23 46.16 -86.74
N UNK G 347 5.06 47.03 -86.14
CA UNK G 347 6.04 47.84 -86.88
C UNK G 347 7.13 46.88 -87.40
N UNK G 348 7.39 45.81 -86.64
CA UNK G 348 8.36 44.78 -87.01
C UNK G 348 7.80 43.86 -88.12
N UNK G 349 14.29 44.99 -95.36
CA UNK G 349 14.38 44.88 -93.91
C UNK G 349 14.89 46.18 -93.29
N UNK G 350 14.54 46.40 -91.99
CA UNK G 350 14.88 47.59 -91.18
C UNK G 350 14.50 48.92 -91.86
N UNK G 351 13.32 48.95 -92.52
CA UNK G 351 12.81 50.12 -93.24
C UNK G 351 12.40 51.27 -92.28
N UNK G 352 12.90 52.54 -92.45
CA UNK G 352 13.85 53.02 -93.46
C UNK G 352 15.22 53.20 -92.80
N UNK G 353 16.21 52.43 -93.28
CA UNK G 353 17.56 52.39 -92.71
C UNK G 353 18.33 53.68 -92.89
N UNK G 354 18.93 54.15 -91.79
CA UNK G 354 19.75 55.34 -91.74
C UNK G 354 21.22 54.96 -91.66
N UNK G 355 21.99 55.45 -92.63
CA UNK G 355 23.42 55.18 -92.76
C UNK G 355 24.26 56.29 -92.13
N UNK G 356 23.63 57.44 -91.83
CA UNK G 356 24.23 58.62 -91.20
C UNK G 356 24.29 58.46 -89.67
N UNK G 357 23.51 57.51 -89.14
CA UNK G 357 23.43 57.20 -87.72
C UNK G 357 24.78 56.78 -87.09
N UNK G 358 25.63 56.03 -87.83
CA UNK G 358 26.93 55.56 -87.30
C UNK G 358 28.09 55.69 -88.29
N UNK G 359 29.25 56.17 -87.79
CA UNK G 359 30.51 56.29 -88.53
C UNK G 359 31.50 55.27 -87.95
N UNK G 360 32.32 54.62 -88.81
CA UNK G 360 33.32 53.64 -88.37
C UNK G 360 34.73 54.09 -88.71
N UNK G 361 39.40 49.53 -95.29
CA UNK G 361 39.08 48.13 -95.00
C UNK G 361 38.87 47.90 -93.51
N UNK G 362 37.72 47.31 -93.20
CA UNK G 362 37.33 46.99 -91.83
C UNK G 362 37.04 45.49 -91.70
N UNK G 363 36.73 45.01 -90.48
CA UNK G 363 36.44 43.60 -90.24
C UNK G 363 35.25 43.04 -91.07
N UNK G 364 34.16 43.82 -91.23
CA UNK G 364 32.96 43.50 -92.02
C UNK G 364 32.99 44.38 -93.26
N UNK G 365 26.39 50.06 -94.94
CA UNK G 365 25.70 50.37 -93.68
C UNK G 365 26.23 51.66 -93.05
N UNK G 366 27.55 51.84 -92.97
CA UNK G 366 28.12 53.06 -92.41
C UNK G 366 28.50 53.99 -93.56
N UNK G 367 27.88 55.21 -93.62
CA UNK G 367 28.15 56.22 -94.67
C UNK G 367 29.62 56.65 -94.64
N UNK G 368 30.16 56.86 -93.41
CA UNK G 368 31.57 57.14 -93.12
C UNK G 368 32.10 55.84 -92.48
N UNK G 369 32.99 55.16 -93.20
CA UNK G 369 33.60 53.90 -92.80
C UNK G 369 34.99 53.82 -93.42
N UNK G 370 35.79 52.80 -93.00
CA UNK G 370 37.16 52.50 -93.43
C UNK G 370 38.16 53.61 -93.14
N UNK G 371 41.83 54.09 -92.03
CA UNK G 371 43.21 54.37 -91.68
C UNK G 371 44.06 53.09 -91.65
N UNK G 372 45.34 53.20 -91.99
CA UNK G 372 46.30 52.10 -92.01
C UNK G 372 47.04 51.99 -90.66
N UNK G 373 48.08 51.15 -90.58
CA UNK G 373 48.90 50.91 -89.38
C UNK G 373 49.67 52.14 -88.94
N UNK G 374 49.65 52.40 -87.61
CA UNK G 374 50.30 53.54 -86.91
C UNK G 374 49.87 54.92 -87.44
N UNK G 375 48.75 54.96 -88.17
CA UNK G 375 48.19 56.17 -88.77
C UNK G 375 46.93 56.67 -88.02
N UNK G 376 46.58 55.98 -86.92
CA UNK G 376 45.43 56.30 -86.05
C UNK G 376 45.48 57.74 -85.49
N UNK G 377 46.69 58.24 -85.11
CA UNK G 377 46.92 59.60 -84.58
C UNK G 377 46.54 60.72 -85.57
N UNK G 378 46.62 60.45 -86.90
CA UNK G 378 46.24 61.39 -87.95
C UNK G 378 44.72 61.37 -88.18
N UNK G 379 44.13 60.16 -88.20
CA UNK G 379 42.68 59.96 -88.36
C UNK G 379 41.91 60.50 -87.14
N UNK G 380 42.56 60.50 -85.95
CA UNK G 380 42.01 61.02 -84.70
C UNK G 380 42.06 62.55 -84.70
N UNK G 381 43.19 63.12 -85.15
CA UNK G 381 43.37 64.57 -85.25
C UNK G 381 42.42 65.18 -86.29
N UNK G 382 42.12 64.44 -87.38
CA UNK G 382 41.19 64.83 -88.44
C UNK G 382 39.75 64.81 -87.94
N UNK G 383 39.43 63.86 -87.04
CA UNK G 383 38.13 63.72 -86.43
C UNK G 383 38.00 64.72 -85.30
N UNK G 384 41.14 62.96 -93.42
CA UNK G 384 40.53 62.55 -94.68
C UNK G 384 39.10 63.11 -94.87
N UNK G 385 38.51 62.92 -96.08
CA UNK G 385 37.16 63.35 -96.44
C UNK G 385 36.09 62.70 -95.54
N UNK G 386 36.32 61.42 -95.15
CA UNK G 386 35.46 60.66 -94.24
C UNK G 386 35.58 61.15 -92.79
N UNK G 387 36.80 61.52 -92.35
CA UNK G 387 37.08 62.01 -90.99
C UNK G 387 36.66 63.47 -90.74
N UNK G 388 36.59 64.32 -91.79
CA UNK G 388 36.16 65.72 -91.71
C UNK G 388 34.62 65.73 -91.69
N UNK G 389 34.01 64.77 -92.43
CA UNK G 389 32.58 64.53 -92.52
C UNK G 389 32.09 63.94 -91.20
N UNK G 390 32.91 63.07 -90.59
CA UNK G 390 32.63 62.49 -89.28
C UNK G 390 32.69 63.59 -88.22
N UNK G 391 33.77 64.43 -88.21
CA UNK G 391 33.94 65.57 -87.30
C UNK G 391 32.79 66.54 -87.42
N UNK G 392 32.25 66.68 -88.64
CA UNK G 392 31.13 67.54 -88.96
C UNK G 392 29.84 66.88 -88.45
N UNK G 393 29.65 65.56 -88.67
CA UNK G 393 28.47 64.86 -88.15
C UNK G 393 28.43 65.02 -86.63
N UNK G 394 29.54 64.64 -85.97
CA UNK G 394 29.76 64.70 -84.53
C UNK G 394 29.30 66.01 -83.89
N UNK G 395 29.47 67.12 -84.60
CA UNK G 395 29.07 68.43 -84.10
C UNK G 395 27.57 68.66 -84.22
N UNK G 396 26.94 68.19 -85.33
CA UNK G 396 25.50 68.29 -85.50
C UNK G 396 24.85 67.43 -84.43
N UNK G 397 25.41 66.24 -84.13
CA UNK G 397 24.87 65.34 -83.12
C UNK G 397 24.71 65.98 -81.77
N UNK G 398 23.50 65.81 -81.26
CA UNK G 398 23.03 66.37 -80.00
C UNK G 398 23.27 65.39 -78.88
N UNK G 399 22.89 64.10 -79.08
CA UNK G 399 23.01 63.04 -78.09
C UNK G 399 23.88 61.91 -78.63
N UNK G 400 25.09 62.24 -79.08
CA UNK G 400 26.03 61.28 -79.65
C UNK G 400 26.76 60.40 -78.59
N UNK G 401 27.45 59.32 -79.07
CA UNK G 401 28.28 58.39 -78.30
C UNK G 401 29.58 58.11 -79.07
N UNK G 402 30.73 58.25 -78.40
CA UNK G 402 32.04 58.03 -78.99
C UNK G 402 32.68 56.75 -78.47
N UNK G 403 32.66 55.70 -79.28
CA UNK G 403 33.20 54.40 -78.91
C UNK G 403 34.67 54.24 -79.28
N UNK G 404 35.43 53.54 -78.42
CA UNK G 404 36.85 53.19 -78.61
C UNK G 404 37.02 51.73 -78.10
N UNK G 405 37.78 50.88 -78.83
CA UNK G 405 37.93 49.48 -78.42
C UNK G 405 39.35 49.05 -78.09
N UNK G 406 39.86 48.02 -78.81
CA UNK G 406 41.16 47.42 -78.59
C UNK G 406 42.30 48.28 -79.10
N UNK G 407 42.40 48.55 -80.43
CA UNK G 407 43.46 49.40 -81.02
C UNK G 407 43.66 50.68 -80.21
N UNK G 408 42.58 51.46 -80.06
CA UNK G 408 42.61 52.70 -79.31
C UNK G 408 43.19 52.43 -77.93
N UNK G 409 42.58 51.49 -77.18
CA UNK G 409 43.07 51.12 -75.86
C UNK G 409 44.49 50.58 -75.86
N UNK G 410 44.82 49.67 -76.79
CA UNK G 410 46.13 49.04 -76.81
C UNK G 410 47.27 49.99 -77.19
N UNK G 411 46.96 51.11 -77.85
CA UNK G 411 47.97 52.09 -78.24
C UNK G 411 47.89 53.36 -77.39
N UNK G 412 48.99 53.70 -76.74
CA UNK G 412 49.05 54.93 -75.94
C UNK G 412 49.17 56.13 -76.88
N UNK G 413 43.70 60.68 -76.55
CA UNK G 413 43.68 62.02 -75.95
C UNK G 413 42.91 63.02 -76.83
N UNK G 414 43.11 62.92 -78.16
CA UNK G 414 42.40 63.72 -79.15
C UNK G 414 40.95 63.24 -79.23
N UNK G 415 40.70 61.98 -78.81
CA UNK G 415 39.36 61.43 -78.74
C UNK G 415 38.66 62.15 -77.61
N UNK G 416 39.22 62.06 -76.37
CA UNK G 416 38.70 62.72 -75.16
C UNK G 416 38.64 64.24 -75.32
N UNK G 417 39.35 64.78 -76.31
CA UNK G 417 39.30 66.19 -76.64
C UNK G 417 37.90 66.52 -77.26
N UNK G 418 37.42 65.69 -78.24
CA UNK G 418 36.13 65.82 -78.93
C UNK G 418 34.93 65.47 -78.05
N UNK G 419 35.09 64.49 -77.12
CA UNK G 419 34.04 64.05 -76.19
C UNK G 419 33.80 65.04 -75.02
N UNK G 420 34.75 65.97 -74.78
CA UNK G 420 34.65 67.02 -73.75
C UNK G 420 34.05 68.30 -74.31
N UNK G 421 34.30 68.60 -75.61
CA UNK G 421 33.76 69.77 -76.31
C UNK G 421 32.21 69.74 -76.44
N UNK G 422 31.65 68.70 -77.08
CA UNK G 422 30.21 68.48 -77.21
C UNK G 422 29.86 67.40 -76.20
N UNK G 423 28.89 67.69 -75.29
CA UNK G 423 28.48 66.78 -74.22
C UNK G 423 28.13 65.34 -74.65
N UNK G 424 29.17 64.52 -74.77
CA UNK G 424 29.07 63.14 -75.21
C UNK G 424 29.91 62.22 -74.34
N UNK G 425 29.35 61.06 -73.98
CA UNK G 425 30.03 60.06 -73.14
C UNK G 425 30.77 59.00 -73.99
N UNK G 426 31.61 58.16 -73.36
CA UNK G 426 32.39 57.15 -74.07
C UNK G 426 32.01 55.70 -73.70
N UNK G 427 32.10 54.80 -74.69
CA UNK G 427 31.79 53.38 -74.50
C UNK G 427 32.95 52.49 -74.91
N UNK G 428 34.87 41.91 -67.73
CA UNK G 428 35.14 42.19 -66.32
C UNK G 428 36.36 43.11 -66.12
N UNK G 429 36.83 43.69 -67.23
CA UNK G 429 37.94 44.62 -67.27
C UNK G 429 37.56 45.90 -66.54
N UNK G 430 36.35 46.44 -66.82
CA UNK G 430 35.82 47.64 -66.17
C UNK G 430 35.88 47.45 -64.66
N UNK G 431 35.27 46.37 -64.17
CA UNK G 431 35.26 46.01 -62.76
C UNK G 431 36.67 46.00 -62.17
N UNK G 432 37.64 45.40 -62.89
CA UNK G 432 39.00 45.34 -62.38
C UNK G 432 39.67 46.73 -62.32
N UNK G 433 39.40 47.58 -63.31
CA UNK G 433 39.96 48.92 -63.35
C UNK G 433 39.36 49.78 -62.27
N UNK G 434 38.09 49.51 -61.92
CA UNK G 434 37.40 50.19 -60.85
C UNK G 434 38.08 49.80 -59.58
N UNK G 435 38.30 48.49 -59.41
CA UNK G 435 38.99 47.88 -58.28
C UNK G 435 40.39 48.49 -58.13
N UNK G 436 40.89 49.15 -59.20
CA UNK G 436 42.17 49.85 -59.33
C UNK G 436 43.36 48.91 -59.49
N UNK G 437 43.16 47.89 -60.33
CA UNK G 437 44.18 46.90 -60.67
C UNK G 437 44.82 47.28 -62.01
N UNK G 438 45.91 48.09 -61.94
CA UNK G 438 46.69 48.55 -63.09
C UNK G 438 48.17 48.80 -62.71
N UNK G 439 49.07 48.93 -63.72
CA UNK G 439 50.50 49.19 -63.48
C UNK G 439 50.74 50.65 -63.08
N UNK G 440 51.50 50.83 -61.98
CA UNK G 440 51.82 52.15 -61.41
C UNK G 440 53.23 52.68 -61.78
N UNK G 441 54.07 53.07 -60.79
CA UNK G 441 55.42 53.61 -61.01
C UNK G 441 56.53 52.62 -61.41
N UNK G 442 56.46 51.35 -60.93
CA UNK G 442 57.44 50.28 -61.22
C UNK G 442 57.80 50.20 -62.70
N UNK G 443 56.76 50.11 -63.59
CA UNK G 443 56.72 50.07 -65.08
C UNK G 443 55.70 49.03 -65.52
N UNK G 444 58.56 40.34 -67.48
CA UNK G 444 59.01 41.66 -67.06
C UNK G 444 59.23 41.80 -65.55
N UNK G 445 58.21 41.43 -64.73
CA UNK G 445 58.23 41.54 -63.27
C UNK G 445 59.13 40.50 -62.58
N UNK G 446 59.50 40.77 -61.32
CA UNK G 446 60.31 39.85 -60.51
C UNK G 446 59.41 38.73 -59.96
N UNK G 447 58.24 39.07 -59.36
CA UNK G 447 57.21 38.18 -58.81
C UNK G 447 55.88 38.51 -59.49
N UNK G 448 55.16 37.51 -60.01
CA UNK G 448 53.94 37.81 -60.73
C UNK G 448 52.83 36.83 -60.45
N UNK G 449 51.56 37.30 -60.59
CA UNK G 449 50.31 36.55 -60.44
C UNK G 449 49.52 36.69 -61.75
N UNK G 450 49.30 35.56 -62.46
CA UNK G 450 48.58 35.52 -63.74
C UNK G 450 47.28 34.73 -63.62
N UNK G 451 46.17 35.26 -64.19
CA UNK G 451 44.86 34.59 -64.20
C UNK G 451 44.44 34.32 -65.65
N UNK G 452 46.59 40.56 -72.05
CA UNK G 452 47.81 40.28 -72.78
C UNK G 452 48.67 39.18 -72.12
N UNK G 453 49.13 38.22 -72.95
CA UNK G 453 50.01 37.12 -72.56
C UNK G 453 51.45 37.47 -72.97
N UNK G 454 52.42 37.24 -72.07
CA UNK G 454 53.84 37.59 -72.23
C UNK G 454 54.79 36.39 -72.41
N UNK G 455 54.69 35.79 -73.61
CA UNK G 455 55.47 34.62 -74.01
C UNK G 455 56.95 34.95 -74.07
N UNK G 456 57.73 34.18 -73.28
CA UNK G 456 59.16 34.26 -73.00
C UNK G 456 59.44 35.32 -71.93
N UNK G 457 58.43 36.13 -71.53
CA UNK G 457 58.65 37.13 -70.49
C UNK G 457 58.61 36.57 -69.06
N UNK G 458 57.87 35.47 -68.84
CA UNK G 458 57.72 34.73 -67.58
C UNK G 458 58.97 33.88 -67.21
N UNK G 459 59.68 33.29 -68.21
CA UNK G 459 60.92 32.50 -68.01
C UNK G 459 62.06 33.44 -67.60
N UNK G 460 62.62 33.20 -66.38
CA UNK G 460 63.71 33.90 -65.63
C UNK G 460 63.25 34.49 -64.29
N UNK G 461 61.92 34.69 -64.10
CA UNK G 461 61.29 35.29 -62.92
C UNK G 461 61.48 34.52 -61.61
N UNK G 462 61.55 35.26 -60.48
CA UNK G 462 61.74 34.69 -59.14
C UNK G 462 60.58 33.78 -58.74
N UNK G 463 59.35 34.32 -58.68
CA UNK G 463 58.14 33.57 -58.30
C UNK G 463 56.96 33.85 -59.26
N UNK G 464 56.55 32.82 -60.00
CA UNK G 464 55.44 32.93 -60.94
C UNK G 464 54.31 31.98 -60.56
N UNK G 465 53.15 32.54 -60.16
CA UNK G 465 51.97 31.78 -59.75
C UNK G 465 50.79 32.01 -60.69
N UNK G 466 50.24 30.93 -61.28
CA UNK G 466 49.09 31.01 -62.18
C UNK G 466 47.87 30.32 -61.58
N UNK G 467 46.69 30.97 -61.70
CA UNK G 467 45.39 30.47 -61.23
C UNK G 467 44.55 30.13 -62.47
N UNK G 468 44.78 28.94 -63.01
CA UNK G 468 44.12 28.47 -64.23
C UNK G 468 42.78 27.75 -64.02
N UNK G 469 41.88 27.82 -65.03
CA UNK G 469 40.58 27.17 -65.06
C UNK G 469 40.63 26.01 -66.04
N UNK G 470 55.87 28.59 -61.62
CA UNK G 470 56.40 27.89 -60.46
C UNK G 470 55.31 27.19 -59.64
N UNK G 471 54.12 27.81 -59.53
CA UNK G 471 52.98 27.25 -58.79
C UNK G 471 51.66 27.46 -59.52
N UNK G 472 50.91 26.37 -59.71
CA UNK G 472 49.63 26.37 -60.42
C UNK G 472 48.49 26.02 -59.48
N UNK G 473 47.42 26.81 -59.54
CA UNK G 473 46.22 26.63 -58.71
C UNK G 473 44.97 26.49 -59.57
N UNK G 474 44.10 25.51 -59.24
CA UNK G 474 42.86 25.25 -59.97
C UNK G 474 41.76 26.22 -59.59
N UNK G 475 41.05 26.72 -60.60
CA UNK G 475 39.96 27.68 -60.44
C UNK G 475 38.74 27.20 -61.17
N UNK G 476 37.58 27.68 -60.69
CA UNK G 476 36.30 27.36 -61.27
C UNK G 476 36.05 28.39 -62.37
N UNK G 477 35.33 27.98 -63.43
CA UNK G 477 34.98 28.83 -64.58
C UNK G 477 33.94 29.88 -64.22
N UNK G 478 33.71 30.85 -65.11
CA UNK G 478 32.71 31.87 -64.82
C UNK G 478 31.31 31.23 -64.63
N UNK G 479 30.94 30.24 -65.47
CA UNK G 479 29.68 29.50 -65.43
C UNK G 479 29.40 28.85 -64.05
N UNK G 480 30.47 28.43 -63.32
CA UNK G 480 30.40 27.79 -62.00
C UNK G 480 30.79 28.73 -60.84
N UNK G 481 31.16 29.98 -61.16
CA UNK G 481 31.60 30.94 -60.15
C UNK G 481 30.49 31.69 -59.45
N UNK G 482 30.77 32.16 -58.21
CA UNK G 482 29.87 32.97 -57.38
C UNK G 482 30.53 34.31 -56.99
N UNK G 483 30.31 35.40 -57.79
CA UNK G 483 30.83 36.76 -57.58
C UNK G 483 30.26 37.81 -58.58
N UNK G 484 31.01 38.92 -58.83
CA UNK G 484 30.58 40.00 -59.71
C UNK G 484 31.31 40.01 -61.05
N UNK G 485 30.51 39.96 -62.11
CA UNK G 485 30.99 39.99 -63.49
C UNK G 485 30.10 40.90 -64.35
N UNK G 486 28.58 46.35 -67.16
CA UNK G 486 27.36 46.20 -66.36
C UNK G 486 27.44 44.95 -65.49
N UNK G 487 27.08 45.07 -64.19
CA UNK G 487 27.09 43.96 -63.23
C UNK G 487 25.78 43.14 -63.29
N UNK G 488 25.92 41.81 -63.53
CA UNK G 488 24.80 40.87 -63.65
C UNK G 488 24.72 39.87 -62.49
N UNK G 489 25.84 39.68 -61.74
CA UNK G 489 26.11 38.73 -60.64
C UNK G 489 26.14 37.29 -61.13
N UNK G 490 27.17 36.56 -60.69
CA UNK G 490 27.36 35.17 -61.08
C UNK G 490 26.90 34.18 -60.00
N UNK G 491 26.02 33.23 -60.41
CA UNK G 491 25.56 32.16 -59.51
C UNK G 491 26.24 30.85 -59.88
N UNK G 492 26.74 30.14 -58.85
CA UNK G 492 27.47 28.88 -59.02
C UNK G 492 26.64 27.77 -59.64
N UNK G 493 27.10 27.27 -60.81
CA UNK G 493 26.48 26.14 -61.49
C UNK G 493 27.05 24.88 -60.85
N UNK G 494 26.27 23.79 -60.82
CA UNK G 494 26.70 22.52 -60.24
C UNK G 494 27.69 21.76 -61.14
N UNK G 495 28.69 22.47 -61.66
CA UNK G 495 29.71 21.91 -62.53
C UNK G 495 30.83 21.30 -61.69
N UNK G 496 31.48 20.23 -62.22
CA UNK G 496 32.59 19.52 -61.59
C UNK G 496 33.88 20.32 -61.71
N UNK G 497 34.08 21.16 -60.70
CA UNK G 497 35.26 22.00 -60.62
C UNK G 497 36.50 21.21 -60.13
N UNK G 498 36.28 20.01 -59.51
CA UNK G 498 37.24 19.05 -58.90
C UNK G 498 37.77 19.49 -57.52
N UNK G 499 39.03 19.96 -57.40
CA UNK G 499 39.63 20.47 -56.16
C UNK G 499 39.73 22.02 -56.21
N UNK G 500 39.20 22.64 -57.28
CA UNK G 500 39.20 24.08 -57.59
C UNK G 500 38.51 25.02 -56.59
N UNK G 501 39.09 26.21 -56.41
CA UNK G 501 38.60 27.31 -55.57
C UNK G 501 39.00 28.61 -56.26
N UNK G 502 38.13 29.63 -56.21
CA UNK G 502 38.42 30.94 -56.83
C UNK G 502 39.69 31.57 -56.24
N UNK G 503 40.43 32.33 -57.07
CA UNK G 503 41.69 32.99 -56.71
C UNK G 503 41.62 33.94 -55.51
N UNK G 504 40.43 34.50 -55.24
CA UNK G 504 40.13 35.40 -54.13
C UNK G 504 40.25 34.69 -52.78
N UNK G 505 39.71 33.46 -52.71
CA UNK G 505 39.79 32.64 -51.51
C UNK G 505 41.20 32.07 -51.41
N UNK G 506 41.82 31.75 -52.55
CA UNK G 506 43.19 31.22 -52.61
C UNK G 506 44.21 32.18 -52.05
N UNK G 507 44.24 33.44 -52.56
CA UNK G 507 45.20 34.44 -52.09
C UNK G 507 44.92 34.78 -50.64
N UNK G 508 43.66 34.61 -50.23
CA UNK G 508 43.23 34.89 -48.87
C UNK G 508 43.92 33.97 -47.91
N UNK G 509 44.14 32.72 -48.31
CA UNK G 509 44.78 31.74 -47.44
C UNK G 509 46.29 31.56 -47.70
N UNK G 510 46.83 32.26 -48.71
CA UNK G 510 48.24 32.26 -49.09
C UNK G 510 48.97 33.27 -48.20
N UNK G 511 48.23 34.34 -47.87
CA UNK G 511 48.65 35.45 -47.01
C UNK G 511 48.84 34.99 -45.55
N UNK G 512 48.09 33.93 -45.10
CA UNK G 512 48.16 33.37 -43.74
C UNK G 512 49.52 32.75 -43.39
N UNK G 513 50.14 32.05 -44.37
CA UNK G 513 51.45 31.40 -44.27
C UNK G 513 52.60 32.43 -44.30
N UNK G 514 52.28 33.67 -44.68
CA UNK G 514 53.20 34.81 -44.77
C UNK G 514 53.08 35.81 -43.59
N UNK G 515 51.96 35.74 -42.82
CA UNK G 515 51.56 36.55 -41.64
C UNK G 515 50.44 37.57 -41.76
N UNK G 516 50.32 38.30 -42.90
CA UNK G 516 49.26 39.30 -43.10
C UNK G 516 47.90 38.62 -43.23
N UNK G 517 46.85 39.27 -42.68
CA UNK G 517 45.48 38.80 -42.76
C UNK G 517 44.81 39.66 -43.82
N UNK G 518 44.35 39.04 -44.91
CA UNK G 518 43.74 39.76 -46.02
C UNK G 518 42.31 40.25 -45.77
N UNK G 519 41.30 39.38 -45.88
CA UNK G 519 39.88 39.74 -45.69
C UNK G 519 39.47 39.65 -44.21
N UNK G 520 38.17 39.87 -43.91
CA UNK G 520 37.66 39.81 -42.54
C UNK G 520 37.56 38.37 -41.99
N UNK G 521 36.69 37.50 -42.55
CA UNK G 521 36.53 36.10 -42.14
C UNK G 521 36.06 35.22 -43.29
N UNK G 522 34.79 35.38 -43.72
CA UNK G 522 34.16 34.61 -44.79
C UNK G 522 33.96 35.44 -46.07
N UNK G 523 33.31 34.86 -47.11
CA UNK G 523 33.06 35.49 -48.40
C UNK G 523 32.00 36.60 -48.35
N UNK G 524 31.08 36.52 -47.37
CA UNK G 524 30.05 37.52 -47.13
C UNK G 524 30.63 38.78 -46.43
N UNK G 525 31.51 38.61 -45.41
CA UNK G 525 32.19 39.70 -44.70
C UNK G 525 33.24 40.37 -45.61
N UNK G 526 33.79 39.61 -46.57
CA UNK G 526 34.76 40.09 -47.56
C UNK G 526 34.07 40.91 -48.66
N UNK G 527 32.75 40.72 -48.85
CA UNK G 527 31.94 41.47 -49.79
C UNK G 527 31.53 42.78 -49.12
N UNK G 528 31.35 42.77 -47.77
CA UNK G 528 31.03 43.94 -46.96
C UNK G 528 32.29 44.81 -46.82
N UNK G 529 33.48 44.17 -46.80
CA UNK G 529 34.79 44.83 -46.71
C UNK G 529 35.10 45.47 -48.05
N UNK G 530 34.74 44.77 -49.15
CA UNK G 530 34.91 45.26 -50.52
C UNK G 530 34.08 46.54 -50.80
N UNK G 531 33.02 46.78 -50.00
CA UNK G 531 32.12 47.93 -50.10
C UNK G 531 32.78 49.24 -49.66
N UNK G 532 34.07 49.17 -49.29
CA UNK G 532 34.86 50.34 -48.96
C UNK G 532 35.23 51.06 -50.27
N UNK G 533 35.27 50.33 -51.40
CA UNK G 533 35.59 50.85 -52.73
C UNK G 533 34.34 51.31 -53.52
N UNK G 534 33.14 51.13 -52.93
CA UNK G 534 31.79 51.43 -53.45
C UNK G 534 31.51 50.98 -54.89
N UNK G 535 31.47 49.65 -55.11
CA UNK G 535 31.17 49.05 -56.42
C UNK G 535 29.70 49.13 -56.73
N UNK G 536 29.39 49.39 -58.01
CA UNK G 536 28.02 49.50 -58.52
C UNK G 536 27.25 48.21 -58.24
N UNK G 537 25.93 48.36 -57.99
CA UNK G 537 25.01 47.26 -57.69
C UNK G 537 24.51 46.55 -58.94
N UNK G 538 23.59 45.56 -58.77
CA UNK G 538 22.99 44.78 -59.85
C UNK G 538 22.31 45.73 -60.81
N UNK G 539 22.56 45.52 -62.12
CA UNK G 539 22.09 46.30 -63.29
C UNK G 539 22.86 47.60 -63.52
N UNK G 540 23.48 48.18 -62.47
CA UNK G 540 24.25 49.41 -62.63
C UNK G 540 25.58 49.13 -63.34
N UNK G 541 26.08 50.16 -64.07
CA UNK G 541 27.31 50.12 -64.83
C UNK G 541 28.51 50.60 -64.01
N UNK G 542 29.60 49.81 -64.08
CA UNK G 542 30.86 50.09 -63.36
C UNK G 542 31.88 50.83 -64.24
N UNK G 543 40.98 57.18 -67.04
CA UNK G 543 41.37 55.90 -67.63
C UNK G 543 42.85 55.91 -68.03
N UNK G 544 43.70 55.36 -67.16
CA UNK G 544 45.15 55.31 -67.36
C UNK G 544 45.78 54.14 -66.60
N UNK G 545 46.85 53.54 -67.17
CA UNK G 545 47.59 52.44 -66.55
C UNK G 545 49.09 52.72 -66.71
N UNK G 546 49.71 52.23 -67.80
CA UNK G 546 51.12 52.44 -68.15
C UNK G 546 51.32 52.32 -69.65
N UNK G 547 52.15 53.21 -70.23
CA UNK G 547 52.46 53.25 -71.66
C UNK G 547 53.69 52.40 -72.01
N UNK G 548 53.51 51.54 -73.02
CA UNK G 548 54.55 50.65 -73.56
C UNK G 548 54.65 50.76 -75.07
N UNK G 549 55.86 50.55 -75.63
CA UNK G 549 56.13 50.58 -77.06
C UNK G 549 55.66 49.27 -77.71
N UNK G 550 55.21 49.32 -78.97
CA UNK G 550 54.76 48.14 -79.71
C UNK G 550 55.75 47.87 -80.83
N UNK G 551 56.23 46.62 -80.95
CA UNK G 551 57.21 46.21 -81.95
C UNK G 551 56.52 45.56 -83.15
N UNK G 552 56.45 46.29 -84.25
CA UNK G 552 55.79 45.84 -85.47
C UNK G 552 56.64 44.84 -86.25
N UNK G 553 56.09 43.62 -86.36
CA UNK G 553 56.60 42.46 -87.08
C UNK G 553 55.36 41.59 -87.30
N UNK G 554 54.68 41.19 -86.19
CA UNK G 554 53.44 40.42 -86.22
C UNK G 554 52.34 41.22 -85.55
N UNK G 555 51.15 41.25 -86.16
CA UNK G 555 49.98 41.95 -85.63
C UNK G 555 48.97 40.95 -85.12
N UNK G 556 48.51 41.16 -83.88
CA UNK G 556 47.54 40.29 -83.25
C UNK G 556 46.13 40.82 -83.53
N UNK G 557 45.40 40.17 -84.45
CA UNK G 557 44.06 40.59 -84.84
C UNK G 557 42.98 40.24 -83.81
N UNK G 558 42.27 41.27 -83.31
CA UNK G 558 41.20 41.12 -82.33
C UNK G 558 40.08 40.30 -82.97
N UNK G 559 39.86 39.09 -82.42
CA UNK G 559 38.89 38.12 -82.94
C UNK G 559 37.82 37.72 -81.92
N UNK G 560 36.61 37.36 -82.43
CA UNK G 560 35.49 36.90 -81.61
C UNK G 560 35.88 35.57 -80.95
N UNK G 561 36.44 34.66 -81.75
CA UNK G 561 36.87 33.33 -81.32
C UNK G 561 38.02 33.38 -80.32
N UNK G 562 37.70 33.02 -79.06
CA UNK G 562 38.64 32.99 -77.92
C UNK G 562 39.28 31.62 -77.71
N UNK G 563 40.53 31.61 -77.19
CA UNK G 563 41.37 30.43 -76.95
C UNK G 563 40.73 29.32 -76.12
N UNK G 564 39.78 29.69 -75.26
CA UNK G 564 39.05 28.75 -74.44
C UNK G 564 37.85 28.11 -75.19
N UNK G 565 37.46 28.63 -76.38
CA UNK G 565 36.35 28.11 -77.21
C UNK G 565 36.74 27.04 -78.27
N UNK G 566 38.03 26.95 -78.66
CA UNK G 566 38.50 25.96 -79.65
C UNK G 566 38.56 24.53 -79.08
N UNK G 567 37.41 23.82 -79.12
CA UNK G 567 37.21 22.44 -78.66
C UNK G 567 36.00 21.86 -79.35
N UNK G 568 35.98 20.52 -79.53
CA UNK G 568 34.95 19.72 -80.19
C UNK G 568 34.72 20.17 -81.66
N UNK G 569 33.55 20.75 -82.03
CA UNK G 569 33.27 21.24 -83.39
C UNK G 569 33.82 22.65 -83.56
N UNK G 570 34.09 23.34 -82.42
CA UNK G 570 34.63 24.69 -82.43
C UNK G 570 36.16 24.66 -82.46
N UNK G 571 36.75 23.44 -82.42
CA UNK G 571 38.18 23.18 -82.48
C UNK G 571 38.83 23.67 -83.78
N UNK G 572 38.16 23.45 -84.94
CA UNK G 572 38.66 23.89 -86.26
C UNK G 572 38.16 25.29 -86.69
N UNK G 573 37.02 25.75 -86.15
CA UNK G 573 36.47 27.05 -86.49
C UNK G 573 37.17 28.20 -85.75
N UNK G 574 37.64 27.96 -84.50
CA UNK G 574 38.35 28.93 -83.64
C UNK G 574 39.88 28.77 -83.68
N UNK G 575 40.39 28.14 -84.77
CA UNK G 575 41.81 27.90 -84.98
C UNK G 575 42.58 29.18 -85.34
N UNK G 576 43.89 29.22 -85.00
CA UNK G 576 44.74 30.38 -85.26
C UNK G 576 45.12 30.54 -86.73
N UNK G 577 44.77 31.69 -87.30
CA UNK G 577 45.04 31.97 -88.69
C UNK G 577 46.01 33.12 -88.85
N UNK G 578 46.93 32.97 -89.81
CA UNK G 578 47.91 33.99 -90.16
C UNK G 578 47.61 34.54 -91.55
N UNK G 579 47.37 35.86 -91.63
CA UNK G 579 47.06 36.54 -92.88
C UNK G 579 48.21 37.45 -93.30
N UNK G 580 48.59 37.36 -94.58
CA UNK G 580 49.66 38.10 -95.22
C UNK G 580 49.29 38.24 -96.68
N UNK G 581 49.71 39.34 -97.33
CA UNK G 581 49.46 39.59 -98.75
C UNK G 581 50.23 38.62 -99.64
N UNK G 582 49.60 38.13 -100.73
CA UNK G 582 50.13 37.14 -101.68
C UNK G 582 51.62 37.22 -101.98
N UNK G 583 52.16 38.44 -102.17
CA UNK G 583 53.59 38.66 -102.38
C UNK G 583 54.40 38.30 -101.14
N UNK G 584 54.08 38.89 -99.95
CA UNK G 584 54.75 38.62 -98.66
C UNK G 584 54.53 37.20 -98.14
N UNK G 585 53.40 36.56 -98.54
CA UNK G 585 53.05 35.17 -98.20
C UNK G 585 53.92 34.20 -99.01
N UNK G 586 54.20 34.51 -100.29
CA UNK G 586 55.07 33.72 -101.17
C UNK G 586 56.53 33.81 -100.72
N UNK G 587 56.93 34.97 -100.13
CA UNK G 587 58.28 35.24 -99.61
C UNK G 587 58.58 34.40 -98.38
N UNK G 588 57.62 34.31 -97.49
CA UNK G 588 57.72 33.53 -96.26
C UNK G 588 57.20 32.08 -96.46
N UNK G 589 56.86 31.71 -97.72
CA UNK G 589 56.33 30.41 -98.19
C UNK G 589 55.05 29.92 -97.46
N UNK G 590 53.97 30.69 -97.56
CA UNK G 590 52.69 30.37 -96.94
C UNK G 590 51.70 29.93 -98.00
N UNK G 591 51.43 28.62 -98.05
CA UNK G 591 50.49 28.01 -98.97
C UNK G 591 49.05 28.33 -98.55
N UNK G 592 48.12 28.32 -99.52
CA UNK G 592 46.70 28.61 -99.32
C UNK G 592 45.96 27.89 -98.18
N UNK G 593 46.25 26.60 -97.91
CA UNK G 593 45.57 25.83 -96.85
C UNK G 593 46.54 25.14 -95.86
N UNK G 594 47.54 25.88 -95.33
CA UNK G 594 48.52 25.35 -94.38
C UNK G 594 48.40 25.94 -92.98
N UNK G 595 48.46 25.07 -91.95
CA UNK G 595 48.46 25.54 -90.56
C UNK G 595 49.92 25.87 -90.22
N UNK G 596 50.24 27.16 -90.09
CA UNK G 596 51.61 27.61 -89.86
C UNK G 596 51.95 27.82 -88.39
N UNK G 597 53.17 27.42 -88.01
CA UNK G 597 53.71 27.59 -86.67
C UNK G 597 54.14 29.05 -86.51
N UNK G 598 53.79 29.67 -85.37
CA UNK G 598 54.11 31.07 -85.08
C UNK G 598 54.79 31.21 -83.72
N UNK G 599 55.95 31.88 -83.71
CA UNK G 599 56.74 32.09 -82.50
C UNK G 599 56.42 33.42 -81.83
N UNK G 600 56.13 33.39 -80.53
CA UNK G 600 55.83 34.58 -79.73
C UNK G 600 56.95 34.86 -78.72
N UNK G 601 52.51 29.26 -81.27
CA UNK G 601 51.16 28.78 -81.55
C UNK G 601 50.95 28.48 -83.02
N UNK G 602 50.30 27.35 -83.31
CA UNK G 602 49.99 26.93 -84.67
C UNK G 602 48.69 27.59 -85.11
N UNK G 603 46.51 32.07 -94.69
CA UNK G 603 45.47 32.51 -95.62
C UNK G 603 45.89 33.80 -96.34
N UNK G 604 46.07 33.73 -97.67
CA UNK G 604 46.45 34.88 -98.48
C UNK G 604 45.25 35.81 -98.61
N UNK G 605 45.50 37.13 -98.49
CA UNK G 605 44.49 38.17 -98.60
C UNK G 605 45.10 39.38 -99.27
N UNK G 606 44.37 39.95 -100.23
CA UNK G 606 44.79 41.11 -101.00
C UNK G 606 44.31 42.44 -100.41
N UNK G 607 43.41 42.35 -99.42
CA UNK G 607 42.86 43.47 -98.66
C UNK G 607 43.75 43.82 -97.45
N UNK G 608 44.74 42.95 -97.16
CA UNK G 608 45.71 43.11 -96.07
C UNK G 608 47.02 43.69 -96.60
N UNK G 609 47.60 44.64 -95.84
CA UNK G 609 48.83 45.34 -96.19
C UNK G 609 50.05 44.43 -96.33
N UNK G 610 50.87 44.73 -97.34
CA UNK G 610 52.08 43.99 -97.63
C UNK G 610 53.10 44.17 -96.50
N UNK G 611 53.89 43.10 -96.26
CA UNK G 611 54.96 42.95 -95.25
C UNK G 611 54.47 42.72 -93.81
N UNK G 612 53.16 42.64 -93.62
CA UNK G 612 52.58 42.41 -92.30
C UNK G 612 51.97 41.01 -92.18
N UNK G 613 51.93 40.46 -90.93
CA UNK G 613 51.36 39.14 -90.61
C UNK G 613 50.30 39.21 -89.49
N UNK G 614 49.02 39.18 -89.91
CA UNK G 614 47.89 39.26 -89.01
C UNK G 614 47.55 37.90 -88.43
N UNK G 615 47.97 37.67 -87.18
CA UNK G 615 47.71 36.43 -86.45
C UNK G 615 46.44 36.60 -85.63
N UNK G 616 45.53 35.61 -85.72
CA UNK G 616 44.26 35.63 -85.00
C UNK G 616 44.49 35.57 -83.48
N UNK G 617 44.12 36.65 -82.77
CA UNK G 617 44.36 36.77 -81.33
C UNK G 617 43.20 36.27 -80.50
N UNK G 618 43.22 34.96 -80.29
CA UNK G 618 42.23 34.25 -79.50
C UNK G 618 42.49 34.48 -77.99
N UNK G 619 43.71 34.95 -77.62
CA UNK G 619 44.13 35.28 -76.26
C UNK G 619 43.77 36.75 -75.94
N UNK G 620 44.08 37.19 -74.70
CA UNK G 620 43.86 38.56 -74.22
C UNK G 620 44.86 39.57 -74.85
N UNK G 621 45.84 39.04 -75.59
CA UNK G 621 46.90 39.75 -76.30
C UNK G 621 46.44 40.53 -77.56
N UNK G 622 45.12 40.64 -77.81
CA UNK G 622 44.50 41.33 -78.95
C UNK G 622 44.90 42.82 -79.13
N UNK G 623 44.94 43.27 -80.41
CA UNK G 623 45.33 44.60 -80.92
C UNK G 623 46.76 45.09 -80.61
N UNK G 624 47.61 44.19 -80.12
CA UNK G 624 48.99 44.51 -79.79
C UNK G 624 49.96 44.08 -80.88
N UNK G 625 50.97 44.92 -81.18
CA UNK G 625 52.04 44.59 -82.13
C UNK G 625 53.20 43.95 -81.34
N UNK G 626 53.68 42.76 -81.77
CA UNK G 626 54.72 41.99 -81.07
C UNK G 626 55.83 41.54 -82.00
N UNK G 627 57.02 41.26 -81.43
CA UNK G 627 58.23 40.78 -82.13
C UNK G 627 58.07 39.29 -82.57
N UNK G 628 58.86 38.85 -83.58
CA UNK G 628 58.97 37.54 -84.24
C UNK G 628 59.22 37.78 -85.72
N UNK H 1 -20.26 44.60 -130.20
CA UNK H 1 -19.41 45.77 -130.02
C UNK H 1 -17.93 45.42 -129.76
N UNK H 2 -17.62 44.75 -128.61
CA UNK H 2 -16.24 44.36 -128.29
C UNK H 2 -15.67 43.29 -129.24
N UNK H 3 -16.53 42.44 -129.78
CA UNK H 3 -16.14 41.36 -130.67
C UNK H 3 -15.63 41.78 -132.05
N UNK H 4 -16.07 42.92 -132.60
CA UNK H 4 -15.77 43.35 -133.97
C UNK H 4 -14.35 43.29 -134.54
N UNK H 5 -13.34 43.83 -133.84
CA UNK H 5 -11.96 43.80 -134.35
C UNK H 5 -11.07 42.80 -133.61
N UNK H 6 -11.66 41.72 -133.06
CA UNK H 6 -10.94 40.67 -132.33
C UNK H 6 -10.12 39.74 -133.23
N UNK H 7 -8.96 40.24 -133.73
CA UNK H 7 -7.97 39.61 -134.66
C UNK H 7 -8.30 39.77 -136.13
N UNK H 8 -9.59 39.97 -136.44
CA UNK H 8 -10.08 40.10 -137.81
C UNK H 8 -9.36 41.21 -138.58
N UNK H 9 -9.16 41.00 -139.90
CA UNK H 9 -8.48 41.95 -140.79
C UNK H 9 -8.95 43.38 -140.52
N UNK H 10 -8.04 44.37 -140.67
CA UNK H 10 -8.24 45.79 -140.35
C UNK H 10 -8.33 46.02 -138.84
N UNK H 11 -7.50 45.29 -138.08
CA UNK H 11 -7.38 45.39 -136.63
C UNK H 11 -6.45 46.59 -136.33
N UNK H 12 -6.90 47.59 -135.56
CA UNK H 12 -8.22 47.75 -134.96
C UNK H 12 -8.95 48.94 -135.59
N UNK H 13 -8.58 49.27 -136.85
CA UNK H 13 -9.17 50.37 -137.63
C UNK H 13 -10.66 50.14 -137.82
N UNK H 14 -11.09 48.86 -137.89
CA UNK H 14 -12.48 48.45 -138.05
C UNK H 14 -13.31 48.88 -136.84
N UNK H 15 -12.70 48.90 -135.64
CA UNK H 15 -13.37 49.27 -134.40
C UNK H 15 -13.21 50.77 -134.07
N UNK H 16 -12.68 51.56 -135.03
CA UNK H 16 -12.40 53.00 -135.01
C UNK H 16 -11.10 53.32 -134.32
N UNK H 17 -10.23 52.30 -134.19
CA UNK H 17 -8.89 52.36 -133.62
C UNK H 17 -8.82 52.83 -132.15
N UNK H 18 -7.83 53.66 -131.77
CA UNK H 18 -7.64 54.16 -130.40
C UNK H 18 -8.41 55.44 -130.15
N UNK H 19 -9.58 55.57 -130.81
CA UNK H 19 -10.43 56.76 -130.71
C UNK H 19 -10.92 56.97 -129.29
N UNK H 20 -11.11 55.87 -128.58
CA UNK H 20 -11.61 55.84 -127.21
C UNK H 20 -10.71 56.54 -126.16
N UNK H 21 -9.44 56.14 -126.02
CA UNK H 21 -8.48 56.73 -125.07
C UNK H 21 -8.11 58.18 -125.43
N UNK H 22 -7.91 58.47 -126.74
CA UNK H 22 -7.61 59.79 -127.24
C UNK H 22 -8.64 60.83 -126.80
N UNK H 23 -9.95 60.52 -126.93
CA UNK H 23 -11.03 61.44 -126.57
C UNK H 23 -11.22 61.61 -125.08
N UNK H 24 -11.06 60.53 -124.32
CA UNK H 24 -11.27 60.53 -122.87
C UNK H 24 -10.20 61.27 -122.08
N UNK H 25 -8.98 61.35 -122.63
CA UNK H 25 -7.83 61.99 -121.96
C UNK H 25 -7.91 63.52 -122.01
N UNK H 26 -8.27 64.05 -123.17
CA UNK H 26 -8.42 65.47 -123.42
C UNK H 26 -9.71 66.01 -122.81
N UNK H 27 -10.83 65.24 -122.86
CA UNK H 27 -12.13 65.66 -122.36
C UNK H 27 -12.48 65.29 -120.90
N UNK H 28 -12.92 64.04 -120.65
CA UNK H 28 -13.33 63.59 -119.33
C UNK H 28 -12.22 63.68 -118.29
N UNK H 29 -12.58 64.11 -117.08
CA UNK H 29 -11.71 64.25 -115.92
C UNK H 29 -11.74 62.94 -115.10
N UNK H 30 -10.61 62.55 -114.48
CA UNK H 30 -10.40 61.31 -113.70
C UNK H 30 -11.49 60.95 -112.71
N UNK H 31 -12.22 61.96 -112.22
CA UNK H 31 -13.32 61.81 -111.29
C UNK H 31 -14.51 61.33 -112.06
N UNK H 32 -14.83 61.99 -113.19
CA UNK H 32 -15.93 61.59 -114.05
C UNK H 32 -15.60 60.27 -114.68
N UNK H 33 -14.29 59.99 -114.84
CA UNK H 33 -13.82 58.74 -115.42
C UNK H 33 -14.12 57.58 -114.50
N UNK H 34 -13.85 57.75 -113.19
CA UNK H 34 -14.18 56.71 -112.22
C UNK H 34 -15.69 56.67 -112.02
N UNK H 35 -16.36 57.82 -112.27
CA UNK H 35 -17.80 57.92 -112.12
C UNK H 35 -18.53 57.16 -113.21
N UNK H 36 -17.82 56.77 -114.28
CA UNK H 36 -18.39 56.00 -115.36
C UNK H 36 -18.20 54.51 -115.10
N UNK H 37 -17.18 54.17 -114.30
CA UNK H 37 -16.86 52.80 -113.94
C UNK H 37 -17.85 52.37 -112.87
N UNK H 38 -18.09 53.26 -111.89
CA UNK H 38 -19.02 53.06 -110.78
C UNK H 38 -20.47 53.06 -111.24
N UNK H 39 -20.79 53.87 -112.27
CA UNK H 39 -22.14 53.89 -112.83
C UNK H 39 -22.34 52.68 -113.73
N UNK H 40 -21.25 52.24 -114.43
CA UNK H 40 -21.25 51.08 -115.32
C UNK H 40 -21.60 49.71 -114.66
N UNK H 41 -21.58 49.65 -113.28
CA UNK H 41 -21.82 48.48 -112.39
C UNK H 41 -20.92 47.27 -112.70
N UNK H 42 -19.70 47.60 -113.15
CA UNK H 42 -18.66 46.69 -113.56
C UNK H 42 -18.02 45.93 -112.41
N UNK H 43 -18.52 44.72 -112.17
CA UNK H 43 -17.98 43.83 -111.16
C UNK H 43 -16.79 43.08 -111.79
N UNK H 44 -15.83 42.60 -110.97
CA UNK H 44 -14.60 41.91 -111.38
C UNK H 44 -14.80 40.85 -112.44
N UNK H 45 -14.10 41.01 -113.58
CA UNK H 45 -14.19 40.15 -114.77
C UNK H 45 -13.33 38.90 -114.67
N UNK H 46 -16.47 41.89 -107.08
CA UNK H 46 -16.08 43.17 -106.51
C UNK H 46 -16.44 44.33 -107.44
N PRO H 47 -16.96 45.48 -106.91
CA PRO H 47 -17.27 46.60 -107.80
C PRO H 47 -16.02 47.42 -108.13
N SER H 48 -15.49 47.21 -109.34
CA SER H 48 -14.31 47.90 -109.86
C SER H 48 -14.36 49.44 -109.81
N GLY H 49 -15.56 50.02 -109.94
CA GLY H 49 -15.80 51.46 -109.82
C GLY H 49 -15.50 51.91 -108.41
N LEU H 50 -16.08 51.18 -107.44
CA LEU H 50 -15.85 51.40 -106.02
C LEU H 50 -14.42 50.98 -105.63
N LYS H 51 -13.81 50.02 -106.36
CA LYS H 51 -12.45 49.54 -106.15
C LYS H 51 -11.42 50.66 -106.40
N TRP H 52 -11.68 51.47 -107.43
CA TRP H 52 -10.83 52.63 -107.71
C TRP H 52 -11.07 53.74 -106.70
N SER H 53 -12.28 53.78 -106.09
CA SER H 53 -12.65 54.77 -105.06
C SER H 53 -12.00 54.47 -103.69
N PHE H 54 -11.26 53.34 -103.59
CA PHE H 54 -10.54 52.86 -102.39
C PHE H 54 -9.05 53.25 -102.46
N MET H 55 -8.60 53.77 -103.62
CA MET H 55 -7.24 54.25 -103.86
C MET H 55 -6.97 55.47 -103.00
N UNK H 56 -5.75 55.58 -102.48
CA UNK H 56 -5.31 56.67 -101.62
C UNK H 56 -5.32 58.02 -102.32
N UNK H 57 -6.16 58.94 -101.81
CA UNK H 57 -6.35 60.29 -102.36
C UNK H 57 -5.02 61.08 -102.48
N UNK H 58 -4.46 61.53 -101.34
CA UNK H 58 -3.16 62.22 -101.29
C UNK H 58 -2.17 61.23 -100.66
N UNK H 59 -1.09 60.91 -101.41
CA UNK H 59 -0.06 59.97 -100.99
C UNK H 59 1.36 60.39 -101.41
N UNK H 60 2.39 59.74 -100.82
CA UNK H 60 3.80 60.00 -101.08
C UNK H 60 4.13 59.82 -102.56
N UNK H 61 3.67 58.71 -103.20
CA UNK H 61 3.97 58.44 -104.62
C UNK H 61 2.87 57.74 -105.42
N UNK H 62 2.84 58.03 -106.73
CA UNK H 62 1.89 57.43 -107.67
C UNK H 62 2.36 56.04 -108.06
N UNK H 63 1.41 55.16 -108.39
CA UNK H 63 1.71 53.79 -108.78
C UNK H 63 0.98 53.36 -110.05
N UNK H 64 -1.53 38.04 -114.45
CA UNK H 64 -2.02 37.43 -115.68
C UNK H 64 -1.42 36.05 -115.99
N UNK H 65 -0.36 35.64 -115.25
CA UNK H 65 0.29 34.34 -115.41
C UNK H 65 -0.61 33.29 -114.78
N UNK H 66 -1.42 32.61 -115.62
CA UNK H 66 -2.38 31.61 -115.18
C UNK H 66 -2.06 30.19 -115.66
N UNK H 67 -2.28 29.19 -114.77
CA UNK H 67 -2.09 27.76 -115.00
C UNK H 67 -3.42 26.97 -114.77
N UNK H 68 -4.56 27.70 -114.63
CA UNK H 68 -5.91 27.11 -114.42
C UNK H 68 -6.78 27.01 -115.69
N UNK H 69 -7.59 25.94 -115.78
CA UNK H 69 -8.49 25.69 -116.91
C UNK H 69 -9.62 26.70 -117.03
N UNK H 70 -8.62 35.78 -120.63
CA UNK H 70 -7.70 36.92 -120.73
C UNK H 70 -6.58 36.71 -121.76
N UNK H 71 -6.22 35.45 -122.03
CA UNK H 71 -5.14 35.08 -122.96
C UNK H 71 -5.36 35.58 -124.39
N UNK H 72 -6.63 35.52 -124.86
CA UNK H 72 -7.05 35.93 -126.20
C UNK H 72 -7.26 37.44 -126.35
N UNK H 73 -7.29 38.17 -125.19
CA UNK H 73 -7.42 39.62 -125.14
C UNK H 73 -6.06 40.31 -125.37
N MET H 74 -4.93 39.62 -125.08
CA MET H 74 -3.56 40.14 -125.30
C MET H 74 -3.04 39.75 -126.70
N ARG H 75 -3.47 38.56 -127.17
CA ARG H 75 -3.17 37.98 -128.47
C ARG H 75 -3.96 38.68 -129.58
N LYS H 76 -5.29 38.84 -129.38
CA LYS H 76 -6.19 39.39 -130.40
C LYS H 76 -6.55 40.88 -130.30
N ASP H 77 -6.95 41.37 -129.11
CA ASP H 77 -7.26 42.79 -128.92
C ASP H 77 -6.31 43.46 -127.91
N PRO H 78 -5.03 43.78 -128.26
CA PRO H 78 -4.13 44.40 -127.24
C PRO H 78 -4.38 45.89 -126.91
N HIS H 79 -4.60 46.75 -127.94
CA HIS H 79 -4.84 48.20 -127.85
C HIS H 79 -6.09 48.51 -127.03
N LYS H 80 -7.10 47.61 -127.11
CA LYS H 80 -8.33 47.71 -126.33
C LYS H 80 -7.99 47.68 -124.83
N LEU H 81 -7.13 46.71 -124.39
CA LEU H 81 -6.67 46.60 -122.98
C LEU H 81 -5.71 47.73 -122.61
N VAL H 82 -4.99 48.29 -123.61
CA VAL H 82 -4.04 49.40 -123.46
C VAL H 82 -4.80 50.71 -123.16
N GLU H 83 -5.95 50.91 -123.85
CA GLU H 83 -6.90 52.03 -123.69
C GLU H 83 -7.52 52.06 -122.29
N GLY H 84 -8.05 50.92 -121.80
CA GLY H 84 -8.61 50.76 -120.45
C GLY H 84 -7.56 50.97 -119.38
N CYS H 85 -6.32 50.50 -119.65
CA CYS H 85 -5.18 50.68 -118.73
C CYS H 85 -4.93 52.15 -118.56
N LEU H 86 -4.84 52.89 -119.68
CA LEU H 86 -4.65 54.35 -119.69
C LEU H 86 -5.71 55.05 -118.84
N LEU H 87 -6.97 54.60 -118.95
CA LEU H 87 -8.11 55.14 -118.20
C LEU H 87 -8.01 54.82 -116.71
N ALA H 88 -7.54 53.60 -116.39
CA ALA H 88 -7.38 53.15 -115.01
C ALA H 88 -6.29 53.94 -114.35
N GLY H 89 -5.19 54.13 -115.08
CA GLY H 89 -4.02 54.86 -114.62
C GLY H 89 -4.31 56.34 -114.56
N ARG H 90 -5.26 56.82 -115.36
CA ARG H 90 -5.64 58.22 -115.38
C ARG H 90 -6.54 58.54 -114.20
N ALA H 91 -7.62 57.77 -114.05
CA ALA H 91 -8.56 57.93 -112.94
C ALA H 91 -7.81 57.78 -111.63
N MET H 92 -6.99 56.73 -111.53
CA MET H 92 -6.20 56.44 -110.34
C MET H 92 -4.96 57.34 -110.17
N ASN H 93 -4.60 58.17 -111.18
CA ASN H 93 -3.40 59.03 -111.17
C ASN H 93 -2.12 58.17 -111.06
N ALA H 94 -2.07 57.05 -111.81
CA ALA H 94 -0.92 56.12 -111.81
C ALA H 94 0.14 56.55 -112.82
N THR H 95 1.33 56.93 -112.33
CA THR H 95 2.43 57.35 -113.20
C THR H 95 3.03 56.20 -113.99
N ALA H 96 3.25 55.05 -113.33
CA ALA H 96 3.82 53.85 -113.95
C ALA H 96 2.82 52.68 -113.90
N UNK H 97 3.02 51.70 -114.77
CA UNK H 97 2.20 50.49 -114.85
C UNK H 97 2.85 49.32 -115.55
N UNK H 98 2.62 48.08 -115.06
CA UNK H 98 3.19 46.84 -115.63
C UNK H 98 2.11 45.82 -115.95
N UNK H 99 2.25 45.15 -117.11
CA UNK H 99 1.35 44.10 -117.56
C UNK H 99 2.10 42.74 -117.54
N UNK H 100 2.03 42.04 -116.39
CA UNK H 100 2.70 40.74 -116.19
C UNK H 100 1.78 39.54 -116.52
N UNK H 101 4.43 31.21 -121.01
CA UNK H 101 3.97 30.14 -121.89
C UNK H 101 3.34 30.69 -123.19
N UNK H 102 2.60 31.81 -123.09
CA UNK H 102 1.97 32.46 -124.22
C UNK H 102 3.01 33.33 -124.92
N UNK H 103 3.42 32.92 -126.12
CA UNK H 103 4.42 33.63 -126.94
C UNK H 103 3.81 34.57 -128.00
N UNK H 104 2.62 34.23 -128.55
CA UNK H 104 1.88 35.08 -129.50
C UNK H 104 1.40 36.38 -128.79
N UNK H 105 0.81 36.27 -127.57
CA UNK H 105 0.36 37.41 -126.74
C UNK H 105 1.48 38.39 -126.40
N UNK H 106 2.69 37.84 -126.13
CA UNK H 106 3.90 38.59 -125.77
C UNK H 106 4.47 39.35 -126.96
N UNK H 107 4.37 38.77 -128.18
CA UNK H 107 4.85 39.44 -129.38
C UNK H 107 3.88 40.58 -129.70
N UNK H 108 2.55 40.31 -129.63
CA UNK H 108 1.46 41.29 -129.84
C UNK H 108 1.37 42.37 -128.73
N UNK H 109 2.06 42.16 -127.58
CA UNK H 109 2.08 43.10 -126.45
C UNK H 109 3.31 44.01 -126.54
N UNK H 110 4.46 43.44 -126.95
CA UNK H 110 5.71 44.18 -127.14
C UNK H 110 5.57 45.07 -128.37
N UNK H 111 4.82 44.59 -129.40
CA UNK H 111 4.51 45.35 -130.61
C UNK H 111 3.46 46.43 -130.34
N UNK H 112 2.46 46.16 -129.44
CA UNK H 112 1.43 47.15 -129.05
C UNK H 112 2.06 48.24 -128.19
N UNK H 113 3.09 47.88 -127.39
CA UNK H 113 3.84 48.82 -126.54
C UNK H 113 4.69 49.73 -127.43
N UNK H 114 5.18 49.20 -128.57
CA UNK H 114 5.98 49.91 -129.57
C UNK H 114 5.12 50.78 -130.50
N UNK H 115 3.87 50.38 -130.76
CA UNK H 115 2.91 51.12 -131.58
C UNK H 115 2.30 52.28 -130.80
N UNK H 116 2.07 52.08 -129.47
CA UNK H 116 1.54 53.11 -128.58
C UNK H 116 2.63 54.15 -128.27
N UNK H 117 3.93 53.74 -128.36
CA UNK H 117 5.08 54.62 -128.16
C UNK H 117 5.34 55.42 -129.43
N UNK H 118 4.99 54.84 -130.60
CA UNK H 118 5.13 55.47 -131.92
C UNK H 118 4.07 56.56 -132.12
N UNK H 119 2.81 56.29 -131.71
CA UNK H 119 1.65 57.19 -131.83
C UNK H 119 1.40 58.13 -130.61
N UNK H 120 2.34 58.13 -129.62
CA UNK H 120 2.36 58.94 -128.40
C UNK H 120 1.33 58.70 -127.28
N UNK H 121 0.90 57.43 -127.06
CA UNK H 121 -0.03 57.07 -125.97
C UNK H 121 0.77 56.90 -124.65
N UNK H 122 2.08 56.55 -124.77
CA UNK H 122 3.06 56.40 -123.70
C UNK H 122 4.26 57.24 -124.09
N UNK H 123 4.68 58.14 -123.17
CA UNK H 123 5.81 59.07 -123.33
C UNK H 123 5.97 59.94 -122.07
N UNK H 124 6.91 60.92 -122.12
CA UNK H 124 7.19 61.89 -121.06
C UNK H 124 5.95 62.73 -120.72
N UNK H 125 4.96 62.76 -121.64
CA UNK H 125 3.70 63.49 -121.47
C UNK H 125 2.57 62.89 -122.30
N UNK H 126 1.60 62.29 -121.61
CA UNK H 126 0.46 61.65 -122.23
C UNK H 126 -0.51 62.68 -122.81
N UNK H 127 -0.91 62.47 -124.07
CA UNK H 127 -1.87 63.22 -124.89
C UNK H 127 -1.89 64.73 -124.65
N UNK H 128 -0.68 65.33 -124.49
CA UNK H 128 -0.40 66.76 -124.27
C UNK H 128 -0.57 67.23 -122.82
N UNK H 129 -1.12 66.35 -121.96
CA UNK H 129 -1.31 66.63 -120.54
C UNK H 129 0.01 66.51 -119.79
N UNK H 130 0.14 67.28 -118.71
CA UNK H 130 1.30 67.36 -117.84
C UNK H 130 1.68 66.04 -117.19
N UNK H 131 0.71 65.13 -117.02
CA UNK H 131 1.00 63.83 -116.40
C UNK H 131 1.81 62.91 -117.30
N UNK H 132 2.73 62.15 -116.69
CA UNK H 132 3.59 61.16 -117.34
C UNK H 132 3.08 59.74 -117.11
N UNK H 133 3.17 58.88 -118.13
CA UNK H 133 2.71 57.49 -118.06
C UNK H 133 3.60 56.52 -118.86
N UNK H 134 4.21 55.55 -118.15
CA UNK H 134 5.09 54.53 -118.74
C UNK H 134 4.58 53.12 -118.46
N UNK H 135 4.53 52.28 -119.51
CA UNK H 135 4.05 50.90 -119.45
C UNK H 135 5.07 49.86 -119.93
N UNK H 136 5.04 48.66 -119.32
CA UNK H 136 5.90 47.53 -119.65
C UNK H 136 5.06 46.25 -119.71
N UNK H 137 4.99 45.64 -120.90
CA UNK H 137 4.22 44.41 -121.14
C UNK H 137 5.13 43.19 -121.23
N UNK H 138 2.97 31.15 -112.67
CA UNK H 138 2.62 30.44 -111.44
C UNK H 138 1.23 30.91 -110.92
N UNK H 139 0.41 29.95 -110.43
CA UNK H 139 -0.94 30.23 -109.93
C UNK H 139 -1.05 31.05 -108.64
N UNK H 140 -0.09 30.89 -107.70
CA UNK H 140 -0.04 31.61 -106.43
C UNK H 140 -0.01 33.13 -106.60
N UNK H 141 0.55 33.60 -107.73
CA UNK H 141 0.66 35.01 -108.12
C UNK H 141 -0.66 35.65 -108.61
N UNK H 142 -1.79 34.93 -108.54
CA UNK H 142 -3.13 35.42 -108.88
C UNK H 142 -3.71 36.07 -107.62
N UNK H 143 -3.22 35.66 -106.43
CA UNK H 143 -3.58 36.21 -105.14
C UNK H 143 -3.05 37.63 -105.15
N UNK H 144 -3.98 38.55 -104.95
CA UNK H 144 -3.79 40.00 -105.02
C UNK H 144 -2.56 40.47 -104.28
N UNK H 145 -2.29 39.88 -103.11
CA UNK H 145 -1.14 40.22 -102.28
C UNK H 145 0.13 39.44 -102.65
N UNK H 146 -0.01 38.25 -103.27
CA UNK H 146 1.14 37.46 -103.69
C UNK H 146 1.76 37.91 -105.02
N UNK H 147 0.96 38.56 -105.90
CA UNK H 147 1.35 39.14 -107.21
C UNK H 147 2.36 40.27 -107.00
N UNK H 148 2.13 41.12 -105.98
CA UNK H 148 3.00 42.22 -105.60
C UNK H 148 4.39 41.71 -105.27
N UNK H 149 4.49 40.79 -104.28
CA UNK H 149 5.76 40.18 -103.89
C UNK H 149 6.45 39.57 -105.12
N UNK H 150 5.66 38.99 -106.07
CA UNK H 150 6.14 38.38 -107.32
C UNK H 150 6.82 39.38 -108.28
N UNK H 151 6.22 40.57 -108.43
CA UNK H 151 6.78 41.61 -109.31
C UNK H 151 7.87 42.43 -108.62
N UNK H 152 7.63 42.85 -107.35
CA UNK H 152 8.57 43.63 -106.54
C UNK H 152 9.95 42.99 -106.27
N UNK H 153 10.18 41.70 -106.67
CA UNK H 153 11.43 40.91 -106.57
C UNK H 153 11.59 39.96 -105.39
N UNK H 154 10.47 39.50 -104.84
CA UNK H 154 10.49 38.58 -103.72
C UNK H 154 9.80 37.28 -104.17
N UNK H 155 9.84 36.25 -103.34
CA UNK H 155 9.19 34.97 -103.66
C UNK H 155 7.67 35.18 -103.65
N UNK H 156 6.96 34.63 -104.67
CA UNK H 156 5.50 34.81 -104.90
C UNK H 156 4.54 34.32 -103.78
N UNK H 157 4.90 34.67 -102.52
CA UNK H 157 4.19 34.33 -101.30
C UNK H 157 3.28 35.48 -100.85
N UNK H 158 2.04 35.13 -100.42
CA UNK H 158 1.09 36.13 -99.93
C UNK H 158 1.60 36.79 -98.64
N UNK H 159 1.37 38.11 -98.52
CA UNK H 159 1.80 38.93 -97.39
C UNK H 159 0.66 39.17 -96.34
N UNK H 160 0.89 40.04 -95.33
CA UNK H 160 -0.09 40.39 -94.30
C UNK H 160 -1.08 41.35 -94.92
N UNK H 161 -2.28 40.84 -95.19
CA UNK H 161 -3.37 41.54 -95.88
C UNK H 161 -4.08 42.62 -95.11
N UNK H 162 -3.82 42.78 -93.80
CA UNK H 162 -4.45 43.82 -92.97
C UNK H 162 -4.28 45.19 -93.64
N UNK H 163 -3.08 45.43 -94.22
CA UNK H 163 -2.77 46.64 -94.97
C UNK H 163 -3.12 46.32 -96.41
N UNK H 164 -4.09 47.04 -96.96
CA UNK H 164 -4.57 46.81 -98.32
C UNK H 164 -3.52 47.04 -99.43
N UNK H 165 -3.70 46.33 -100.57
CA UNK H 165 -2.84 46.43 -101.76
C UNK H 165 -2.95 47.81 -102.42
N UNK H 166 -4.20 48.33 -102.60
CA UNK H 166 -4.44 49.67 -103.13
C UNK H 166 -3.66 50.69 -102.31
N UNK H 167 -3.64 50.51 -100.99
CA UNK H 167 -2.90 51.34 -100.06
C UNK H 167 -1.40 51.11 -100.18
N UNK H 168 -0.92 49.85 -100.23
CA UNK H 168 0.50 49.50 -100.30
C UNK H 168 0.76 48.25 -101.13
N UNK H 169 1.51 48.38 -102.24
CA UNK H 169 1.81 47.24 -103.11
C UNK H 169 3.29 47.15 -103.59
N UNK H 170 3.55 47.11 -104.93
CA UNK H 170 4.87 47.00 -105.57
C UNK H 170 5.91 48.03 -105.08
N UNK H 171 6.83 47.55 -104.20
CA UNK H 171 7.89 48.32 -103.52
C UNK H 171 7.34 49.41 -102.59
N GLY H 172 6.12 49.17 -102.09
CA GLY H 172 5.39 50.05 -101.19
C GLY H 172 4.36 50.88 -101.91
N UNK H 173 4.58 51.13 -103.20
CA UNK H 173 3.70 51.95 -104.03
C UNK H 173 2.28 51.39 -104.19
N UNK H 174 1.31 52.29 -104.01
CA UNK H 174 -0.13 52.09 -104.03
C UNK H 174 -0.73 51.52 -105.33
N UNK H 175 -0.56 50.22 -105.60
CA UNK H 175 -1.13 49.63 -106.82
C UNK H 175 -2.57 49.18 -106.61
N UNK H 176 -6.12 46.60 -107.23
CA UNK H 176 -5.98 45.55 -108.23
C UNK H 176 -7.32 44.92 -108.62
N UNK H 177 -7.60 44.89 -109.93
CA UNK H 177 -8.83 44.33 -110.49
C UNK H 177 -8.47 43.26 -111.53
N UNK H 178 -9.48 42.67 -112.20
CA UNK H 178 -9.31 41.64 -113.25
C UNK H 178 -8.69 42.19 -114.55
N UNK H 179 -7.79 41.38 -115.19
CA UNK H 179 -7.06 41.71 -116.44
C UNK H 179 -7.99 42.18 -117.57
N UNK H 180 -9.14 41.50 -117.72
CA UNK H 180 -10.17 41.79 -118.71
C UNK H 180 -10.93 43.10 -118.36
N UNK H 181 -11.03 43.46 -117.06
CA UNK H 181 -11.74 44.67 -116.59
C UNK H 181 -11.01 45.99 -116.84
N UNK H 182 -15.71 49.90 -124.34
CA UNK H 182 -17.09 50.38 -124.34
C UNK H 182 -17.42 51.48 -123.31
N UNK H 183 -17.07 51.30 -122.01
CA UNK H 183 -17.30 52.29 -120.94
C UNK H 183 -16.46 53.55 -121.17
N UNK H 184 -15.25 53.37 -121.73
CA UNK H 184 -14.29 54.42 -122.08
C UNK H 184 -14.73 55.29 -123.25
N UNK H 185 -15.19 54.67 -124.36
CA UNK H 185 -15.60 55.34 -125.60
C UNK H 185 -16.88 56.13 -125.47
N UNK H 186 -17.96 55.52 -124.93
CA UNK H 186 -19.27 56.13 -124.74
C UNK H 186 -19.49 56.73 -123.33
N UNK H 187 -19.89 55.93 -122.30
CA UNK H 187 -20.11 56.39 -120.92
C UNK H 187 -20.36 55.23 -119.98
N UNK H 188 -21.57 55.15 -119.41
CA UNK H 188 -21.97 54.10 -118.50
C UNK H 188 -23.28 53.44 -118.94
N UNK H 189 -24.27 54.22 -119.46
CA UNK H 189 -25.59 53.74 -119.95
C UNK H 189 -25.47 52.56 -120.92
N UNK H 190 -24.48 52.60 -121.84
CA UNK H 190 -24.16 51.54 -122.81
C UNK H 190 -23.90 50.20 -122.08
N UNK H 191 -23.05 50.21 -121.03
CA UNK H 191 -22.70 49.03 -120.21
C UNK H 191 -23.84 48.46 -119.32
N UNK H 192 -24.62 49.33 -118.66
CA UNK H 192 -25.76 48.94 -117.83
C UNK H 192 -26.99 48.52 -118.68
N UNK H 193 -26.98 48.82 -120.02
CA UNK H 193 -28.06 48.49 -120.97
C UNK H 193 -28.11 46.99 -121.39
N UNK H 194 -27.22 46.17 -120.83
CA UNK H 194 -27.14 44.75 -121.13
C UNK H 194 -28.02 43.86 -120.23
N UNK H 195 -27.49 43.42 -119.07
CA UNK H 195 -28.15 42.50 -118.16
C UNK H 195 -29.13 43.09 -117.14
N UNK H 196 -29.26 42.41 -115.97
CA UNK H 196 -30.14 42.77 -114.86
C UNK H 196 -29.74 44.08 -114.15
N UNK H 197 -30.54 44.48 -113.14
CA UNK H 197 -30.31 45.70 -112.35
C UNK H 197 -29.03 45.60 -111.50
N UNK H 198 -28.69 44.38 -111.04
CA UNK H 198 -27.49 44.09 -110.24
C UNK H 198 -26.28 43.64 -111.05
N UNK H 199 -26.48 42.79 -112.09
CA UNK H 199 -25.40 42.31 -112.94
C UNK H 199 -25.40 43.13 -114.22
N UNK H 200 -24.34 43.91 -114.47
CA UNK H 200 -24.21 44.74 -115.67
C UNK H 200 -23.05 44.30 -116.59
N UNK H 201 -23.05 44.83 -117.85
CA UNK H 201 -22.13 44.57 -118.97
C UNK H 201 -22.36 43.21 -119.60
N UNK H 202 -16.10 17.76 -124.75
CA UNK H 202 -16.45 17.16 -126.03
C UNK H 202 -17.71 17.83 -126.63
N UNK H 203 -17.60 19.14 -126.90
CA UNK H 203 -18.65 19.96 -127.51
C UNK H 203 -18.28 20.13 -129.00
N UNK H 204 -19.30 20.34 -129.89
CA UNK H 204 -19.13 20.47 -131.35
C UNK H 204 -18.35 21.72 -131.77
N UNK H 205 -18.44 22.79 -130.97
CA UNK H 205 -17.75 24.05 -131.22
C UNK H 205 -17.42 24.83 -129.93
N UNK H 206 -16.49 24.30 -129.13
CA UNK H 206 -16.04 24.94 -127.89
C UNK H 206 -15.22 26.19 -128.26
N UNK H 207 -15.20 27.25 -127.39
CA UNK H 207 -14.48 28.52 -127.63
C UNK H 207 -14.74 29.61 -126.57
N UNK H 208 -14.48 30.86 -126.99
CA UNK H 208 -14.76 32.10 -126.29
C UNK H 208 -15.73 32.83 -127.22
N UNK H 209 -17.00 32.88 -126.79
CA UNK H 209 -18.09 33.53 -127.51
C UNK H 209 -18.51 34.73 -126.68
N UNK H 210 -18.60 35.89 -127.33
CA UNK H 210 -19.00 37.12 -126.67
C UNK H 210 -20.53 37.15 -126.50
N UNK H 211 -20.98 36.92 -125.25
CA UNK H 211 -22.38 36.90 -124.87
C UNK H 211 -22.59 37.86 -123.71
N UNK H 212 -23.72 38.59 -123.73
CA UNK H 212 -24.13 39.54 -122.70
C UNK H 212 -24.55 38.77 -121.44
N UNK H 213 -24.58 39.42 -120.26
CA UNK H 213 -24.96 38.73 -119.03
C UNK H 213 -26.46 38.42 -118.96
N UNK H 214 -26.80 37.19 -118.47
CA UNK H 214 -28.12 36.53 -118.35
C UNK H 214 -28.34 35.40 -119.42
N UNK H 215 -27.24 34.88 -120.01
CA UNK H 215 -27.27 33.81 -121.00
C UNK H 215 -27.27 32.44 -120.30
N UNK H 216 -28.33 31.66 -120.52
CA UNK H 216 -28.55 30.34 -119.94
C UNK H 216 -27.52 29.31 -120.41
N UNK H 217 -27.28 28.28 -119.60
CA UNK H 217 -26.32 27.20 -119.89
C UNK H 217 -26.68 26.34 -121.11
N UNK H 218 -27.98 26.23 -121.42
CA UNK H 218 -28.49 25.45 -122.56
C UNK H 218 -28.24 26.14 -123.89
N UNK H 219 -28.46 27.47 -123.95
CA UNK H 219 -28.26 28.25 -125.16
C UNK H 219 -26.77 28.37 -125.54
N UNK H 220 -25.87 28.27 -124.55
CA UNK H 220 -24.43 28.32 -124.80
C UNK H 220 -23.93 26.96 -125.28
N UNK H 221 -24.28 25.86 -124.59
CA UNK H 221 -23.90 24.52 -125.02
C UNK H 221 -24.59 24.10 -126.33
N UNK H 222 -25.88 24.44 -126.53
CA UNK H 222 -26.60 24.06 -127.76
C UNK H 222 -26.46 25.00 -128.95
N UNK H 223 -26.95 26.26 -128.87
CA UNK H 223 -26.91 27.22 -129.98
C UNK H 223 -25.51 27.73 -130.39
N UNK H 224 -24.70 28.24 -129.44
CA UNK H 224 -23.36 28.70 -129.78
C UNK H 224 -22.40 27.52 -129.99
N UNK H 225 -22.23 26.64 -128.99
CA UNK H 225 -21.32 25.48 -129.05
C UNK H 225 -21.76 24.24 -129.87
N UNK H 226 -22.90 24.32 -130.61
CA UNK H 226 -23.51 23.32 -131.50
C UNK H 226 -23.64 21.87 -130.97
N UNK H 227 -21.31 17.06 -128.48
CA UNK H 227 -21.10 15.75 -129.10
C UNK H 227 -21.40 14.60 -128.14
N UNK H 228 -20.92 14.72 -126.88
CA UNK H 228 -21.09 13.74 -125.80
C UNK H 228 -22.07 14.24 -124.71
N UNK H 229 -22.54 13.32 -123.84
CA UNK H 229 -23.46 13.60 -122.73
C UNK H 229 -22.67 14.05 -121.50
N UNK H 230 -22.87 15.31 -121.11
CA UNK H 230 -22.16 15.90 -119.99
C UNK H 230 -22.77 15.52 -118.65
N UNK H 231 -21.94 15.06 -117.72
CA UNK H 231 -22.39 14.72 -116.38
C UNK H 231 -22.55 15.96 -115.50
N UNK H 232 -21.69 17.00 -115.71
CA UNK H 232 -21.66 18.26 -114.94
C UNK H 232 -20.91 19.36 -115.70
N UNK H 233 -20.89 20.58 -115.14
CA UNK H 233 -20.18 21.73 -115.70
C UNK H 233 -19.65 22.71 -114.65
N UNK H 234 -18.33 22.97 -114.65
CA UNK H 234 -17.67 23.93 -113.76
C UNK H 234 -17.83 25.27 -114.47
N UNK H 235 -18.82 26.04 -114.02
CA UNK H 235 -19.27 27.31 -114.59
C UNK H 235 -18.28 28.47 -114.81
N UNK H 236 -17.61 28.95 -113.74
CA UNK H 236 -16.67 30.07 -113.87
C UNK H 236 -15.27 29.64 -114.36
N UNK H 237 -14.53 28.81 -113.57
CA UNK H 237 -13.17 28.35 -113.88
C UNK H 237 -12.90 26.94 -113.34
N UNK H 238 -11.62 26.62 -113.11
CA UNK H 238 -11.17 25.37 -112.52
C UNK H 238 -11.56 25.38 -111.04
N UNK H 239 -11.41 26.55 -110.41
CA UNK H 239 -11.71 26.80 -109.00
C UNK H 239 -13.21 26.81 -108.70
N UNK H 240 -14.06 26.79 -109.74
CA UNK H 240 -15.51 26.80 -109.62
C UNK H 240 -16.13 25.40 -109.34
N UNK H 241 -16.98 25.33 -108.29
CA UNK H 241 -17.72 24.15 -107.82
C UNK H 241 -18.56 23.53 -108.94
N UNK H 242 -18.28 22.26 -109.31
CA UNK H 242 -18.98 21.54 -110.38
C UNK H 242 -20.45 21.33 -110.04
N UNK H 243 -21.34 21.66 -111.00
CA UNK H 243 -22.79 21.57 -110.84
C UNK H 243 -23.39 20.59 -111.83
N UNK H 244 -24.30 19.75 -111.34
CA UNK H 244 -25.00 18.68 -112.04
C UNK H 244 -25.83 19.16 -113.24
N UNK H 245 -25.85 18.34 -114.30
CA UNK H 245 -26.59 18.61 -115.54
C UNK H 245 -28.10 18.24 -115.38
N UNK H 246 -28.92 19.22 -114.96
CA UNK H 246 -30.37 19.09 -114.74
C UNK H 246 -31.12 20.16 -115.54
N UNK H 247 -32.43 19.95 -115.81
CA UNK H 247 -33.29 20.91 -116.53
C UNK H 247 -33.43 22.22 -115.72
N UNK H 248 -33.42 22.09 -114.38
CA UNK H 248 -33.51 23.23 -113.45
C UNK H 248 -32.19 24.00 -113.36
N UNK H 249 -31.07 23.33 -113.69
CA UNK H 249 -29.72 23.91 -113.71
C UNK H 249 -29.42 24.53 -115.08
N UNK H 250 -29.77 23.84 -116.19
CA UNK H 250 -29.56 24.33 -117.57
C UNK H 250 -30.41 25.56 -117.91
N UNK H 251 -31.55 25.73 -117.21
CA UNK H 251 -32.42 26.88 -117.40
C UNK H 251 -32.02 28.07 -116.53
N UNK H 252 -30.98 27.90 -115.67
CA UNK H 252 -30.49 28.93 -114.75
C UNK H 252 -29.36 29.77 -115.37
N UNK H 253 -29.57 31.09 -115.39
CA UNK H 253 -28.68 32.12 -115.93
C UNK H 253 -27.39 32.24 -115.13
N UNK H 254 -26.24 32.26 -115.84
CA UNK H 254 -24.92 32.37 -115.24
C UNK H 254 -24.74 33.81 -114.79
N UNK H 255 -25.03 34.06 -113.51
CA UNK H 255 -24.97 35.40 -112.91
C UNK H 255 -24.18 35.46 -111.59
N UNK H 256 -24.17 36.62 -110.90
CA UNK H 256 -23.48 36.82 -109.61
C UNK H 256 -24.33 36.40 -108.39
N UNK H 257 -25.59 35.95 -108.61
CA UNK H 257 -26.54 35.50 -107.58
C UNK H 257 -27.13 34.08 -107.76
N UNK H 258 -27.87 33.82 -108.86
CA UNK H 258 -28.46 32.51 -109.16
C UNK H 258 -27.35 31.49 -109.18
N UNK H 259 -26.22 31.84 -109.80
CA UNK H 259 -25.05 30.96 -109.82
C UNK H 259 -24.57 30.79 -108.41
N UNK H 260 -24.50 31.88 -107.62
CA UNK H 260 -24.11 31.81 -106.21
C UNK H 260 -25.10 30.95 -105.40
N UNK H 261 -26.40 31.10 -105.68
CA UNK H 261 -27.48 30.35 -105.04
C UNK H 261 -27.35 28.84 -105.31
N UNK H 262 -27.01 28.46 -106.56
CA UNK H 262 -26.85 27.09 -107.04
C UNK H 262 -25.53 26.44 -106.63
N UNK H 263 -24.73 27.09 -105.74
CA UNK H 263 -23.44 26.64 -105.18
C UNK H 263 -22.20 26.90 -106.06
N UNK H 264 -22.41 27.53 -107.24
CA UNK H 264 -21.32 27.91 -108.15
C UNK H 264 -21.37 29.39 -108.51
N UNK H 265 -16.50 28.29 -119.12
CA UNK H 265 -17.20 27.07 -118.74
C UNK H 265 -16.54 25.81 -119.30
N UNK H 266 -16.63 24.72 -118.52
CA UNK H 266 -16.08 23.42 -118.88
C UNK H 266 -17.16 22.34 -118.73
N UNK H 267 -17.51 21.69 -119.83
CA UNK H 267 -18.53 20.64 -119.86
C UNK H 267 -17.86 19.31 -119.63
N UNK H 268 -18.16 18.67 -118.50
CA UNK H 268 -17.54 17.41 -118.13
C UNK H 268 -18.45 16.22 -118.42
N UNK H 269 -18.04 15.39 -119.38
CA UNK H 269 -18.80 14.21 -119.79
C UNK H 269 -18.81 13.07 -118.78
N UNK H 270 -19.83 12.22 -118.87
CA UNK H 270 -20.01 11.06 -117.99
C UNK H 270 -18.94 9.98 -118.17
N UNK H 271 -18.43 9.78 -119.40
CA UNK H 271 -17.39 8.80 -119.76
C UNK H 271 -16.14 8.87 -118.88
N UNK H 272 -15.54 10.06 -118.69
CA UNK H 272 -14.39 10.25 -117.80
C UNK H 272 -14.87 10.33 -116.35
N UNK H 273 -14.09 9.75 -115.44
CA UNK H 273 -14.42 9.73 -114.02
C UNK H 273 -14.23 11.11 -113.40
N UNK H 274 -15.32 11.63 -112.77
CA UNK H 274 -15.34 12.93 -112.07
C UNK H 274 -14.35 12.93 -110.90
N UNK H 275 -14.15 11.74 -110.27
CA UNK H 275 -13.16 11.50 -109.21
C UNK H 275 -11.76 11.76 -109.82
N UNK H 276 -11.41 11.05 -110.92
CA UNK H 276 -10.14 11.22 -111.63
C UNK H 276 -9.86 12.68 -111.99
N UNK H 277 -10.83 13.37 -112.61
CA UNK H 277 -10.72 14.78 -112.99
C UNK H 277 -10.35 15.63 -111.77
N UNK H 278 -10.98 15.31 -110.62
CA UNK H 278 -10.76 16.04 -109.38
C UNK H 278 -9.41 15.71 -108.81
N UNK H 279 -8.91 14.46 -109.00
CA UNK H 279 -7.56 14.09 -108.57
C UNK H 279 -6.63 15.02 -109.33
N UNK H 280 -6.71 15.05 -110.67
CA UNK H 280 -5.90 15.91 -111.51
C UNK H 280 -5.94 17.38 -111.02
N UNK H 281 -7.13 17.88 -110.72
CA UNK H 281 -7.36 19.23 -110.23
C UNK H 281 -6.62 19.50 -108.90
N UNK H 282 -6.91 18.65 -107.89
CA UNK H 282 -6.30 18.71 -106.56
C UNK H 282 -4.82 18.53 -106.70
N UNK H 283 -4.35 17.52 -107.46
CA UNK H 283 -2.93 17.31 -107.72
C UNK H 283 -2.29 18.53 -108.38
N UNK H 284 -2.96 19.18 -109.38
CA UNK H 284 -2.47 20.39 -110.09
C UNK H 284 -2.41 21.66 -109.23
N UNK H 285 -3.26 21.73 -108.19
CA UNK H 285 -3.23 22.88 -107.29
C UNK H 285 -2.25 22.63 -106.13
N UNK H 286 -1.88 21.36 -105.94
CA UNK H 286 -0.95 20.94 -104.90
C UNK H 286 0.48 21.23 -105.32
N UNK H 287 0.76 21.13 -106.62
CA UNK H 287 2.07 21.38 -107.23
C UNK H 287 2.36 22.89 -107.29
N UNK H 288 1.33 23.73 -107.09
CA UNK H 288 1.43 25.19 -107.15
C UNK H 288 1.52 25.92 -105.80
N UNK H 289 1.61 25.21 -104.65
CA UNK H 289 1.71 25.88 -103.36
C UNK H 289 3.08 26.47 -103.07
N CYS H 290 3.11 27.71 -102.56
CA CYS H 290 4.38 28.39 -102.28
C CYS H 290 5.09 27.70 -101.14
N GLY H 291 4.33 27.37 -100.10
CA GLY H 291 4.85 26.67 -98.94
C GLY H 291 4.76 27.40 -97.63
N GLN H 292 4.36 28.69 -97.64
CA GLN H 292 4.23 29.53 -96.44
C GLN H 292 3.18 29.03 -95.45
N CYS H 293 2.00 28.61 -95.96
CA CYS H 293 0.92 28.14 -95.10
C CYS H 293 1.04 26.67 -94.77
N THR H 294 1.05 26.38 -93.47
CA THR H 294 1.07 25.02 -92.94
C THR H 294 -0.23 24.37 -93.35
N PRO H 295 -1.41 25.05 -93.27
CA PRO H 295 -2.63 24.41 -93.78
C PRO H 295 -2.52 24.05 -95.25
N CYS H 296 -2.09 24.98 -96.11
CA CYS H 296 -2.05 24.72 -97.53
C CYS H 296 -0.98 23.74 -97.94
N ARG H 297 0.28 24.04 -97.62
CA ARG H 297 1.36 23.14 -98.02
C ARG H 297 1.26 21.79 -97.34
N GLU H 298 0.95 21.77 -96.05
CA GLU H 298 0.85 20.50 -95.35
C GLU H 298 -0.51 19.84 -95.50
N GLY H 299 -1.53 20.62 -95.79
CA GLY H 299 -2.86 20.08 -95.91
C GLY H 299 -3.20 19.66 -97.32
N THR H 300 -3.22 20.63 -98.23
CA THR H 300 -3.60 20.33 -99.62
C THR H 300 -2.61 19.41 -100.34
N THR H 301 -1.35 19.79 -100.29
CA THR H 301 -0.28 19.09 -100.99
C THR H 301 0.03 17.73 -100.40
N UNK H 302 -0.19 17.57 -99.10
CA UNK H 302 0.14 16.31 -98.46
C UNK H 302 -1.05 15.43 -98.21
N UNK H 303 -2.20 16.00 -97.84
CA UNK H 303 -3.36 15.18 -97.53
C UNK H 303 -4.36 15.09 -98.65
N UNK H 304 -4.87 16.24 -99.13
CA UNK H 304 -5.89 16.28 -100.17
C UNK H 304 -5.61 15.44 -101.43
N UNK H 305 -4.48 15.68 -102.11
CA UNK H 305 -4.08 14.94 -103.32
C UNK H 305 -3.98 13.40 -103.15
N UNK H 306 -3.32 12.90 -102.06
CA UNK H 306 -3.14 11.47 -101.75
C UNK H 306 -4.46 10.77 -101.39
N UNK H 307 -5.45 11.57 -100.91
CA UNK H 307 -6.80 11.14 -100.57
C UNK H 307 -7.52 10.85 -101.88
N UNK H 308 -7.45 11.82 -102.82
CA UNK H 308 -8.00 11.68 -104.16
C UNK H 308 -7.27 10.54 -104.85
N UNK H 309 -5.95 10.36 -104.56
CA UNK H 309 -5.12 9.28 -105.12
C UNK H 309 -5.60 7.93 -104.65
N UNK H 310 -5.84 7.73 -103.33
CA UNK H 310 -6.35 6.47 -102.81
C UNK H 310 -7.72 6.11 -103.43
N UNK H 311 -8.72 7.01 -103.29
CA UNK H 311 -10.06 6.83 -103.87
C UNK H 311 -10.00 6.55 -105.36
N UNK H 312 -9.26 7.39 -106.09
CA UNK H 312 -9.10 7.23 -107.53
C UNK H 312 -8.26 6.04 -107.88
N UNK H 313 -7.45 5.54 -106.95
CA UNK H 313 -6.64 4.39 -107.27
C UNK H 313 -7.46 3.14 -107.16
N UNK H 314 -8.21 2.95 -106.03
CA UNK H 314 -9.03 1.77 -105.71
C UNK H 314 -8.79 1.22 -104.28
N UNK H 315 -8.14 2.02 -103.42
CA UNK H 315 -7.83 1.63 -102.07
C UNK H 315 -8.58 2.55 -101.11
N UNK H 316 -12.40 3.76 -98.98
CA UNK H 316 -13.39 3.34 -98.00
C UNK H 316 -14.40 4.46 -97.65
N GLU H 317 -15.64 4.05 -97.35
CA GLU H 317 -16.77 4.90 -96.97
C GLU H 317 -16.40 5.98 -95.93
N ARG H 318 -15.83 5.53 -94.80
CA ARG H 318 -15.38 6.38 -93.69
C ARG H 318 -14.40 7.43 -94.19
N GLU H 319 -13.44 7.05 -95.06
CA GLU H 319 -12.44 7.94 -95.65
C GLU H 319 -13.11 8.84 -96.63
N ILE H 320 -14.14 8.34 -97.36
CA ILE H 320 -14.88 9.26 -98.22
C ILE H 320 -15.47 10.34 -97.34
N ASP H 321 -16.17 9.94 -96.27
CA ASP H 321 -16.72 10.86 -95.26
C ASP H 321 -15.61 11.61 -94.51
N MET H 322 -14.40 11.01 -94.41
CA MET H 322 -13.30 11.68 -93.70
C MET H 322 -12.67 12.73 -94.59
N LEU H 323 -12.62 12.47 -95.91
CA LEU H 323 -12.09 13.45 -96.86
C LEU H 323 -13.12 14.53 -97.14
N TYR H 324 -14.43 14.25 -96.99
CA TYR H 324 -15.44 15.29 -97.21
C TYR H 324 -15.39 16.35 -96.11
N GLU H 325 -15.00 15.93 -94.89
CA GLU H 325 -14.91 16.82 -93.74
C GLU H 325 -13.53 17.45 -93.51
N LEU H 326 -12.51 17.02 -94.27
CA LEU H 326 -11.20 17.66 -94.12
C LEU H 326 -11.11 19.00 -94.84
N THR H 327 -11.66 19.10 -96.07
CA THR H 327 -11.67 20.28 -96.94
C THR H 327 -12.00 21.54 -96.16
N LYS H 328 -13.01 21.39 -95.29
CA LYS H 328 -13.53 22.45 -94.44
C LYS H 328 -12.46 23.12 -93.58
N ASP H 329 -11.60 22.30 -92.95
CA ASP H 329 -10.50 22.79 -92.11
C ASP H 329 -9.52 23.70 -92.90
N ILE H 330 -9.20 23.31 -94.14
CA ILE H 330 -8.26 24.07 -94.97
C ILE H 330 -8.87 25.39 -95.38
N GLU H 331 -10.09 25.33 -95.94
CA GLU H 331 -10.81 26.46 -96.48
C GLU H 331 -10.82 27.64 -95.57
N GLY H 332 -11.16 27.44 -94.32
CA GLY H 332 -11.24 28.53 -93.36
C GLY H 332 -9.96 29.31 -93.19
N HIS H 333 -8.93 28.62 -92.71
CA HIS H 333 -7.67 29.30 -92.42
C HIS H 333 -6.50 28.93 -93.30
N THR H 334 -6.17 29.83 -94.25
CA THR H 334 -5.02 29.80 -95.16
C THR H 334 -4.71 31.27 -95.43
N ILE H 335 -3.41 31.62 -95.50
CA ILE H 335 -2.98 33.01 -95.76
C ILE H 335 -3.38 33.51 -97.16
N CYS H 336 -3.46 32.60 -98.14
CA CYS H 336 -3.89 32.92 -99.49
C CYS H 336 -4.96 31.95 -99.99
N ALA H 337 -5.65 32.34 -101.07
CA ALA H 337 -6.73 31.57 -101.68
C ALA H 337 -6.30 30.29 -102.41
N LEU H 338 -5.03 29.83 -102.30
CA LEU H 338 -4.60 28.59 -102.94
C LEU H 338 -5.15 27.33 -102.25
N GLY H 339 -5.75 27.55 -101.08
CA GLY H 339 -6.43 26.53 -100.30
C GLY H 339 -7.90 26.42 -100.63
N ASP H 340 -8.63 27.55 -100.53
CA ASP H 340 -10.07 27.65 -100.79
C ASP H 340 -10.45 27.25 -102.22
N ALA H 341 -9.70 27.76 -103.23
CA ALA H 341 -9.91 27.47 -104.63
C ALA H 341 -9.78 25.98 -104.93
N ALA H 342 -8.94 25.26 -104.16
CA ALA H 342 -8.72 23.81 -104.26
C ALA H 342 -9.75 22.98 -103.45
N ALA H 343 -10.27 23.55 -102.34
CA ALA H 343 -11.28 22.93 -101.48
C ALA H 343 -12.68 23.08 -102.06
N UNK H 344 -13.02 24.28 -102.63
CA UNK H 344 -14.33 24.60 -103.24
C UNK H 344 -14.93 23.63 -104.28
N UNK H 345 -14.09 23.05 -105.19
CA UNK H 345 -14.48 22.09 -106.25
C UNK H 345 -14.64 20.66 -105.72
N UNK H 346 -13.97 20.35 -104.59
CA UNK H 346 -14.00 19.06 -103.89
C UNK H 346 -15.09 19.01 -102.81
N UNK H 347 -15.43 20.19 -102.23
CA UNK H 347 -16.51 20.37 -101.24
C UNK H 347 -17.84 20.18 -101.96
N UNK H 348 -17.91 20.66 -103.23
CA UNK H 348 -19.07 20.54 -104.11
C UNK H 348 -19.06 19.21 -104.90
N UNK H 349 -17.88 18.53 -104.99
CA UNK H 349 -17.75 17.24 -105.68
C UNK H 349 -18.56 16.19 -104.93
N UNK H 350 -18.49 16.19 -103.60
CA UNK H 350 -19.23 15.27 -102.76
C UNK H 350 -20.59 15.85 -102.35
N UNK H 351 -20.79 17.18 -102.47
CA UNK H 351 -22.07 17.81 -102.15
C UNK H 351 -23.13 17.53 -103.23
N UNK H 352 -22.68 17.17 -104.46
CA UNK H 352 -23.56 16.88 -105.60
C UNK H 352 -23.32 15.49 -106.22
N UNK H 353 -22.06 15.06 -106.32
CA UNK H 353 -21.72 13.77 -106.93
C UNK H 353 -21.00 12.83 -105.95
N UNK H 354 -21.49 12.75 -104.68
CA UNK H 354 -20.96 11.88 -103.62
C UNK H 354 -20.94 10.41 -104.04
N UNK H 355 -21.88 10.03 -104.94
CA UNK H 355 -22.05 8.69 -105.51
C UNK H 355 -20.77 8.20 -106.21
N UNK H 356 -20.11 9.06 -107.02
CA UNK H 356 -18.88 8.76 -107.76
C UNK H 356 -17.69 8.47 -106.85
N UNK H 357 -17.52 9.24 -105.75
CA UNK H 357 -16.47 9.05 -104.76
C UNK H 357 -16.72 7.74 -104.00
N UNK H 358 -17.98 7.54 -103.52
CA UNK H 358 -18.43 6.35 -102.80
C UNK H 358 -18.33 5.08 -103.66
N UNK H 359 -18.63 5.17 -104.98
CA UNK H 359 -18.55 4.06 -105.94
C UNK H 359 -17.12 3.57 -106.10
N UNK H 360 -16.17 4.51 -106.29
CA UNK H 360 -14.73 4.26 -106.47
C UNK H 360 -14.11 3.53 -105.27
N UNK H 361 -14.52 3.87 -104.04
CA UNK H 361 -14.01 3.26 -102.82
C UNK H 361 -14.66 1.93 -102.46
N UNK H 362 -16.00 1.84 -102.56
CA UNK H 362 -16.76 0.64 -102.23
C UNK H 362 -16.46 -0.55 -103.15
N UNK H 363 -16.27 -0.29 -104.46
CA UNK H 363 -15.98 -1.34 -105.43
C UNK H 363 -14.49 -1.71 -105.53
N UNK H 364 -13.61 -0.94 -104.84
CA UNK H 364 -12.15 -1.10 -104.84
C UNK H 364 -11.59 -1.15 -106.28
N UNK H 365 -12.11 -0.23 -107.13
CA UNK H 365 -11.78 -0.03 -108.55
C UNK H 365 -12.20 1.37 -108.97
N UNK H 366 -11.27 2.17 -109.53
CA UNK H 366 -11.55 3.53 -109.96
C UNK H 366 -10.80 3.96 -111.23
N UNK H 367 -10.62 5.30 -111.43
CA UNK H 367 -9.98 6.01 -112.55
C UNK H 367 -9.85 5.23 -113.87
N UNK H 368 -10.78 5.51 -114.80
CA UNK H 368 -10.83 4.88 -116.13
C UNK H 368 -9.58 5.23 -116.94
N UNK H 369 -8.86 4.20 -117.44
CA UNK H 369 -7.63 4.38 -118.20
C UNK H 369 -7.83 4.13 -119.70
N UNK H 370 -8.07 5.21 -120.45
CA UNK H 370 -8.28 5.17 -121.91
C UNK H 370 -6.97 4.97 -122.66
N PHE I 61 4.46 -1.12 -14.55
CA PHE I 61 4.11 -2.51 -14.85
C PHE I 61 3.23 -2.58 -16.10
N THR I 62 3.87 -2.93 -17.22
CA THR I 62 3.23 -3.03 -18.54
C THR I 62 3.75 -4.23 -19.36
N ILE I 63 3.11 -4.52 -20.51
CA ILE I 63 3.45 -5.58 -21.45
C ILE I 63 3.63 -4.87 -22.77
N ASN I 64 4.86 -4.87 -23.26
CA ASN I 64 5.19 -4.21 -24.51
C ASN I 64 4.89 -5.21 -25.60
N PHE I 65 3.72 -5.10 -26.21
CA PHE I 65 3.23 -6.02 -27.24
C PHE I 65 4.01 -6.02 -28.57
N GLY I 66 4.51 -7.20 -28.94
CA GLY I 66 5.32 -7.43 -30.14
C GLY I 66 6.56 -8.21 -29.75
N PRO I 67 7.80 -7.72 -29.97
CA PRO I 67 8.20 -6.50 -30.69
C PRO I 67 8.39 -6.76 -32.20
N GLN I 68 8.00 -7.97 -32.67
CA GLN I 68 8.09 -8.43 -34.05
C GLN I 68 7.01 -9.46 -34.29
N HIS I 69 6.92 -10.50 -33.41
CA HIS I 69 5.94 -11.61 -33.50
C HIS I 69 4.87 -11.49 -32.39
N PRO I 70 3.83 -10.63 -32.59
CA PRO I 70 2.80 -10.50 -31.56
C PRO I 70 1.88 -11.71 -31.62
N ALA I 71 1.69 -12.23 -32.86
CA ALA I 71 0.93 -13.41 -33.24
C ALA I 71 1.00 -13.63 -34.76
N ALA I 72 1.55 -12.66 -35.54
CA ALA I 72 1.69 -12.77 -37.00
C ALA I 72 2.86 -11.93 -37.57
N HIS I 73 2.68 -10.60 -37.77
CA HIS I 73 3.73 -9.70 -38.29
C HIS I 73 3.60 -8.26 -37.71
N GLY I 74 3.15 -7.31 -38.52
CA GLY I 74 2.97 -5.92 -38.15
C GLY I 74 4.30 -5.26 -37.91
N VAL I 75 4.69 -5.20 -36.64
CA VAL I 75 5.90 -4.64 -36.04
C VAL I 75 5.57 -4.48 -34.54
N LEU I 76 4.60 -3.59 -34.25
CA LEU I 76 4.01 -3.26 -32.95
C LEU I 76 4.84 -2.78 -31.76
N ARG I 77 4.41 -1.65 -31.19
CA ARG I 77 4.91 -1.04 -29.95
C ARG I 77 3.67 -0.62 -29.16
N LEU I 78 2.79 -1.59 -28.95
CA LEU I 78 1.52 -1.45 -28.24
C LEU I 78 1.83 -1.64 -26.77
N ILE I 79 2.39 -0.58 -26.13
CA ILE I 79 2.73 -0.57 -24.71
C ILE I 79 1.45 -0.72 -23.85
N LEU I 80 1.05 -1.98 -23.67
CA LEU I 80 -0.16 -2.36 -22.94
C LEU I 80 0.09 -2.35 -21.44
N GLU I 81 -0.44 -1.33 -20.76
CA GLU I 81 -0.35 -1.25 -19.31
C GLU I 81 -1.30 -2.29 -18.75
N LEU I 82 -0.86 -3.09 -17.75
CA LEU I 82 -1.72 -4.13 -17.19
C LEU I 82 -1.70 -4.27 -15.68
N SER I 83 -2.74 -4.96 -15.16
CA SER I 83 -2.97 -5.32 -13.77
C SER I 83 -3.95 -6.49 -13.80
N GLY I 84 -3.46 -7.62 -14.30
CA GLY I 84 -4.25 -8.84 -14.43
C GLY I 84 -5.10 -8.81 -15.68
N GLU I 85 -6.20 -8.04 -15.63
CA GLU I 85 -7.11 -7.86 -16.76
C GLU I 85 -7.19 -6.38 -17.09
N UNK I 89 -5.37 -2.93 -19.35
CA UNK I 89 -5.89 -1.85 -18.52
C UNK I 89 -5.84 -0.49 -19.22
N UNK I 90 -4.68 -0.13 -19.83
CA UNK I 90 -4.48 1.12 -20.55
C UNK I 90 -3.55 0.91 -21.76
N UNK I 91 -4.15 0.80 -22.94
CA UNK I 91 -3.42 0.57 -24.18
C UNK I 91 -2.75 1.84 -24.70
N UNK I 92 -1.46 1.99 -24.40
CA UNK I 92 -0.65 3.14 -24.80
C UNK I 92 0.23 2.74 -25.99
N UNK I 93 -0.38 2.76 -27.17
CA UNK I 93 0.28 2.41 -28.42
C UNK I 93 1.34 3.43 -28.93
N UNK I 94 1.99 3.14 -30.09
CA UNK I 94 2.98 3.93 -30.82
C UNK I 94 3.08 3.34 -32.22
N UNK I 95 2.40 3.98 -33.16
CA UNK I 95 2.30 3.50 -34.52
C UNK I 95 3.44 3.85 -35.44
N UNK I 96 4.68 3.89 -34.92
CA UNK I 96 5.84 4.17 -35.75
C UNK I 96 6.47 2.87 -36.23
N GLY I 100 6.81 8.38 -44.43
CA GLY I 100 6.55 9.69 -45.03
C GLY I 100 6.01 9.57 -46.44
N THR I 101 5.07 8.62 -46.61
CA THR I 101 4.42 8.30 -47.87
C THR I 101 3.65 9.48 -48.37
N GLU I 102 3.08 10.26 -47.45
CA GLU I 102 2.30 11.47 -47.64
C GLU I 102 3.14 12.51 -48.37
N LYS I 103 4.42 12.52 -48.08
CA LYS I 103 5.34 13.44 -48.69
C LYS I 103 5.81 12.89 -50.00
N LEU I 104 6.16 11.61 -50.04
CA LEU I 104 6.66 11.00 -51.27
C LEU I 104 5.65 11.08 -52.38
N ILE I 105 4.37 10.99 -52.04
CA ILE I 105 3.30 11.06 -53.01
C ILE I 105 3.24 12.44 -53.66
N GLU I 106 3.46 13.52 -52.88
CA GLU I 106 3.51 14.90 -53.36
C GLU I 106 4.53 15.03 -54.51
N TYR I 107 5.75 14.49 -54.33
CA TYR I 107 6.84 14.54 -55.31
C TYR I 107 6.72 13.57 -56.50
N LYS I 108 5.60 12.83 -56.57
CA LYS I 108 5.31 11.82 -57.59
C LYS I 108 4.11 12.16 -58.49
N THR I 109 4.23 11.90 -59.81
CA THR I 109 3.14 12.14 -60.78
C THR I 109 1.91 11.28 -60.44
N TYR I 110 0.74 11.63 -61.00
CA TYR I 110 -0.46 10.85 -60.74
C TYR I 110 -0.31 9.37 -61.14
N MET I 111 0.29 9.10 -62.31
CA MET I 111 0.55 7.75 -62.80
C MET I 111 1.56 7.01 -61.89
N GLN I 112 2.60 7.73 -61.40
CA GLN I 112 3.68 7.23 -60.52
C GLN I 112 3.14 6.82 -59.15
N ALA I 113 2.12 7.54 -58.65
CA ALA I 113 1.51 7.23 -57.38
C ALA I 113 0.73 5.91 -57.43
N LEU I 114 0.42 5.36 -58.64
CA LEU I 114 -0.23 4.04 -58.75
C LEU I 114 0.68 2.97 -58.12
N PRO I 115 1.99 2.81 -58.52
CA PRO I 115 2.83 1.80 -57.86
C PRO I 115 2.95 2.00 -56.36
N TYR I 116 2.92 3.24 -55.89
CA TYR I 116 2.95 3.49 -54.46
C TYR I 116 1.65 3.07 -53.78
N PHE I 117 0.52 3.31 -54.43
CA PHE I 117 -0.79 3.03 -53.84
C PHE I 117 -1.05 1.64 -53.26
N ASP I 118 -0.74 0.60 -54.02
CA ASP I 118 -0.91 -0.79 -53.60
C ASP I 118 -0.04 -1.20 -52.40
N ARG I 119 1.05 -0.45 -52.14
CA ARG I 119 2.02 -0.66 -51.04
C ARG I 119 1.45 -0.50 -49.61
N LEU I 120 0.41 0.35 -49.43
CA LEU I 120 -0.21 0.61 -48.10
C LEU I 120 -0.88 -0.63 -47.50
N ASP I 121 -2.07 -1.01 -48.00
CA ASP I 121 -2.77 -2.21 -47.57
C ASP I 121 -2.46 -3.27 -48.64
N TYR I 122 -1.44 -4.07 -48.39
CA TYR I 122 -0.99 -5.10 -49.33
C TYR I 122 -1.98 -6.18 -49.72
N VAL I 123 -2.83 -6.62 -48.80
CA VAL I 123 -3.84 -7.67 -49.04
C VAL I 123 -5.03 -7.25 -49.91
N SER I 124 -5.56 -6.03 -49.65
CA SER I 124 -6.64 -5.39 -50.41
C SER I 124 -6.04 -4.13 -51.02
N MET I 125 -5.07 -4.35 -51.89
CA MET I 125 -4.32 -3.33 -52.63
C MET I 125 -5.16 -2.63 -53.69
N MET I 126 -6.08 -3.40 -54.29
CA MET I 126 -6.95 -2.96 -55.36
C MET I 126 -7.95 -1.99 -54.86
N THR I 127 -8.41 -2.13 -53.62
CA THR I 127 -9.29 -1.14 -53.00
C THR I 127 -8.55 0.20 -52.95
N ASN I 128 -7.22 0.14 -52.70
CA ASN I 128 -6.40 1.34 -52.65
C ASN I 128 -6.31 1.97 -54.04
N GLU I 129 -6.16 1.09 -55.06
CA GLU I 129 -5.99 1.46 -56.46
C GLU I 129 -7.24 2.16 -56.97
N GLN I 130 -8.40 1.51 -56.74
CA GLN I 130 -9.72 1.98 -57.15
C GLN I 130 -9.96 3.30 -56.51
N VAL I 131 -9.79 3.39 -55.19
CA VAL I 131 -10.04 4.64 -54.50
C VAL I 131 -9.28 5.83 -55.09
N PHE I 132 -7.97 5.64 -55.21
CA PHE I 132 -7.09 6.66 -55.71
C PHE I 132 -7.40 7.02 -57.12
N SER I 133 -7.61 5.98 -57.95
CA SER I 133 -7.86 6.15 -59.36
C SER I 133 -9.14 6.87 -59.53
N LEU I 134 -10.13 6.56 -58.69
CA LEU I 134 -11.45 7.17 -58.77
C LEU I 134 -11.40 8.63 -58.47
N ALA I 135 -10.78 8.99 -57.33
CA ALA I 135 -10.67 10.39 -56.91
C ALA I 135 -9.92 11.23 -57.93
N VAL I 136 -8.86 10.63 -58.51
CA VAL I 136 -8.11 11.29 -59.53
C VAL I 136 -8.97 11.46 -60.77
N GLU I 137 -9.84 10.47 -61.05
CA GLU I 137 -10.76 10.54 -62.18
C GLU I 137 -11.71 11.71 -61.97
N LYS I 138 -12.35 11.79 -60.78
CA LYS I 138 -13.29 12.86 -60.43
C LYS I 138 -12.66 14.23 -60.56
N LEU I 139 -11.45 14.40 -60.03
CA LEU I 139 -10.74 15.65 -60.13
C LEU I 139 -10.48 16.01 -61.58
N LEU I 140 -10.08 15.01 -62.37
CA LEU I 140 -9.79 15.26 -63.77
C LEU I 140 -11.01 15.33 -64.65
N ASN I 141 -12.05 14.59 -64.27
CA ASN I 141 -13.31 14.38 -64.98
C ASN I 141 -13.21 13.48 -66.20
N VAL I 142 -12.71 12.26 -65.97
CA VAL I 142 -12.57 11.22 -67.00
C VAL I 142 -13.73 10.23 -66.98
N LEU I 146 -17.16 0.79 -68.49
CA LEU I 146 -18.19 -0.25 -68.52
C LEU I 146 -17.60 -1.64 -68.43
N ARG I 147 -17.10 -2.19 -69.56
CA ARG I 147 -16.45 -3.49 -69.59
C ARG I 147 -15.15 -3.41 -68.81
N GLY I 148 -14.70 -2.18 -68.50
CA GLY I 148 -13.55 -1.81 -67.68
C GLY I 148 -14.02 -1.68 -66.23
N LYS I 149 -15.22 -1.08 -66.01
CA LYS I 149 -15.83 -0.88 -64.69
C LYS I 149 -16.28 -2.23 -64.07
N TYR I 150 -16.62 -3.23 -64.92
CA TYR I 150 -16.98 -4.61 -64.56
C TYR I 150 -15.74 -5.34 -64.08
N ILE I 151 -14.61 -5.14 -64.79
CA ILE I 151 -13.32 -5.70 -64.42
C ILE I 151 -12.93 -5.18 -63.03
N ARG I 152 -13.14 -3.86 -62.73
CA ARG I 152 -12.83 -3.30 -61.42
C ARG I 152 -13.69 -3.94 -60.33
N THR I 153 -15.03 -3.99 -60.51
CA THR I 153 -15.97 -4.60 -59.56
C THR I 153 -15.55 -6.05 -59.28
N MET I 154 -15.13 -6.77 -60.35
CA MET I 154 -14.64 -8.13 -60.24
C MET I 154 -13.35 -8.14 -59.44
N PHE I 155 -12.41 -7.23 -59.77
CA PHE I 155 -11.11 -7.19 -59.09
C PHE I 155 -11.13 -6.66 -57.67
N GLY I 156 -12.00 -5.68 -57.40
CA GLY I 156 -12.19 -5.10 -56.07
C GLY I 156 -12.71 -6.17 -55.13
N GLU I 157 -13.71 -6.93 -55.58
CA GLU I 157 -14.26 -8.04 -54.79
C GLU I 157 -13.30 -9.21 -54.66
N ILE I 158 -12.49 -9.50 -55.69
CA ILE I 158 -11.49 -10.56 -55.67
C ILE I 158 -10.41 -10.27 -54.61
N THR I 159 -10.04 -8.99 -54.51
CA THR I 159 -9.06 -8.45 -53.55
C THR I 159 -9.71 -8.34 -52.16
N ARG I 160 -11.06 -8.31 -52.13
CA ARG I 160 -11.84 -8.30 -50.89
C ARG I 160 -11.89 -9.73 -50.33
N VAL I 161 -11.96 -10.75 -51.22
CA VAL I 161 -11.95 -12.18 -50.88
C VAL I 161 -10.53 -12.51 -50.37
N LEU I 162 -9.49 -12.11 -51.11
CA LEU I 162 -8.10 -12.29 -50.70
C LEU I 162 -7.88 -11.63 -49.32
N ASN I 163 -8.36 -10.37 -49.13
CA ASN I 163 -8.23 -9.62 -47.86
C ASN I 163 -9.12 -10.15 -46.75
N HIS I 164 -10.29 -10.73 -47.08
CA HIS I 164 -11.14 -11.32 -46.06
C HIS I 164 -10.58 -12.67 -45.58
N LEU I 165 -10.04 -13.49 -46.52
CA LEU I 165 -9.40 -14.76 -46.22
C LEU I 165 -8.29 -14.56 -45.19
N MET I 166 -7.28 -13.74 -45.51
CA MET I 166 -6.14 -13.40 -44.66
C MET I 166 -6.55 -13.07 -43.21
N SER I 167 -7.58 -12.24 -43.04
CA SER I 167 -8.00 -11.73 -41.74
C SER I 167 -8.72 -12.74 -40.92
N VAL I 168 -9.59 -13.52 -41.54
CA VAL I 168 -10.35 -14.54 -40.83
C VAL I 168 -9.38 -15.59 -40.25
N CYS I 169 -8.44 -16.00 -41.07
CA CYS I 169 -7.44 -16.98 -40.75
C CYS I 169 -6.46 -16.48 -39.73
N SER I 170 -5.93 -15.26 -39.96
CA SER I 170 -4.99 -14.58 -39.08
C SER I 170 -5.52 -14.58 -37.68
N HIS I 171 -6.77 -14.12 -37.50
CA HIS I 171 -7.46 -14.08 -36.23
C HIS I 171 -7.76 -15.47 -35.69
N ALA I 172 -8.04 -16.43 -36.61
CA ALA I 172 -8.32 -17.81 -36.21
C ALA I 172 -7.03 -18.45 -35.69
N MET I 173 -5.89 -17.90 -36.12
CA MET I 173 -4.57 -18.36 -35.74
C MET I 173 -4.10 -17.72 -34.44
N ASP I 174 -4.28 -16.37 -34.33
CA ASP I 174 -3.86 -15.46 -33.26
C ASP I 174 -4.28 -15.97 -31.90
N VAL I 175 -5.57 -16.28 -31.73
CA VAL I 175 -6.04 -16.85 -30.47
C VAL I 175 -6.77 -18.07 -30.91
N GLY I 176 -6.15 -19.20 -30.66
CA GLY I 176 -6.63 -20.50 -31.11
C GLY I 176 -5.60 -21.22 -31.95
N ALA I 177 -6.07 -22.18 -32.82
CA ALA I 177 -5.21 -23.02 -33.68
C ALA I 177 -5.08 -22.68 -35.18
N LEU I 178 -3.96 -23.15 -35.76
CA LEU I 178 -3.50 -22.94 -37.12
C LEU I 178 -4.42 -23.34 -38.26
N THR I 179 -4.83 -24.62 -38.29
CA THR I 179 -5.66 -25.27 -39.32
C THR I 179 -6.42 -24.41 -40.31
N PRO I 180 -7.36 -23.52 -39.88
CA PRO I 180 -8.11 -22.71 -40.87
C PRO I 180 -7.23 -21.87 -41.79
N PHE I 181 -6.11 -21.35 -41.26
CA PHE I 181 -5.16 -20.54 -41.98
C PHE I 181 -4.64 -21.23 -43.19
N LEU I 182 -4.34 -22.53 -43.09
CA LEU I 182 -3.86 -23.23 -44.27
C LEU I 182 -4.88 -23.25 -45.36
N TRP I 183 -6.12 -23.53 -45.00
CA TRP I 183 -7.17 -23.57 -46.00
C TRP I 183 -7.40 -22.22 -46.64
N GLY I 184 -7.29 -21.17 -45.84
CA GLY I 184 -7.44 -19.80 -46.29
C GLY I 184 -6.51 -19.46 -47.45
N PHE I 185 -5.25 -19.86 -47.30
CA PHE I 185 -4.17 -19.69 -48.25
C PHE I 185 -4.33 -20.44 -49.54
N GLU I 186 -4.98 -21.62 -49.59
CA GLU I 186 -5.11 -22.30 -50.90
C GLU I 186 -5.94 -21.48 -51.91
N GLU I 187 -7.10 -20.98 -51.46
CA GLU I 187 -7.99 -20.14 -52.24
C GLU I 187 -7.32 -18.81 -52.55
N ARG I 188 -6.44 -18.34 -51.65
CA ARG I 188 -5.66 -17.13 -51.85
C ARG I 188 -4.71 -17.36 -53.03
N GLU I 189 -4.04 -18.52 -53.06
CA GLU I 189 -3.14 -18.93 -54.14
C GLU I 189 -3.82 -18.98 -55.52
N LYS I 190 -5.14 -19.18 -55.51
CA LYS I 190 -5.98 -19.18 -56.71
C LYS I 190 -6.20 -17.76 -57.18
N LEU I 191 -6.28 -16.78 -56.24
CA LEU I 191 -6.47 -15.34 -56.51
C LEU I 191 -5.15 -14.67 -56.92
N MET I 192 -4.05 -14.99 -56.23
CA MET I 192 -2.70 -14.52 -56.59
C MET I 192 -2.34 -15.01 -58.03
N GLU I 193 -2.82 -16.21 -58.40
CA GLU I 193 -2.66 -16.75 -59.75
C GLU I 193 -3.47 -15.87 -60.71
N PHE I 194 -4.69 -15.47 -60.32
CA PHE I 194 -5.54 -14.53 -61.08
C PHE I 194 -4.92 -13.11 -61.06
N TYR I 195 -4.00 -12.87 -60.09
CA TYR I 195 -3.24 -11.61 -59.92
C TYR I 195 -1.96 -11.59 -60.77
N GLU I 196 -1.23 -12.74 -60.89
CA GLU I 196 -0.04 -12.93 -61.76
C GLU I 196 -0.45 -12.93 -63.27
N ARG I 197 -1.61 -13.58 -63.59
CA ARG I 197 -2.19 -13.65 -64.93
C ARG I 197 -2.48 -12.27 -65.51
N VAL I 198 -3.06 -11.36 -64.70
CA VAL I 198 -3.36 -9.99 -65.16
C VAL I 198 -2.10 -9.12 -65.14
N SER I 199 -1.41 -9.07 -63.98
CA SER I 199 -0.19 -8.29 -63.75
C SER I 199 0.98 -9.24 -63.42
N TYR I 207 -2.38 -2.96 -62.25
CA TYR I 207 -3.45 -3.43 -63.11
C TYR I 207 -4.50 -2.36 -63.30
N VAL I 208 -4.85 -1.64 -62.22
CA VAL I 208 -5.81 -0.55 -62.30
C VAL I 208 -5.04 0.73 -62.67
N ARG I 209 -5.70 1.64 -63.40
CA ARG I 209 -5.14 2.93 -63.85
C ARG I 209 -6.14 4.09 -63.67
N PRO I 210 -5.67 5.34 -63.75
CA PRO I 210 -6.53 6.52 -63.64
C PRO I 210 -7.49 6.65 -64.83
N GLY I 211 -7.10 6.12 -66.00
CA GLY I 211 -7.94 6.08 -67.19
C GLY I 211 -8.90 4.90 -67.16
N GLY I 212 -8.37 3.77 -66.70
CA GLY I 212 -9.11 2.52 -66.54
C GLY I 212 -8.25 1.45 -65.92
N VAL I 213 -7.58 0.68 -66.78
CA VAL I 213 -6.70 -0.41 -66.39
C VAL I 213 -5.46 -0.46 -67.29
N SER I 214 -4.37 -1.07 -66.80
CA SER I 214 -3.11 -1.25 -67.54
C SER I 214 -3.32 -1.95 -68.91
N GLN I 215 -3.99 -3.14 -68.92
CA GLN I 215 -4.31 -3.95 -70.10
C GLN I 215 -5.53 -4.87 -69.88
N ASP I 216 -5.99 -5.54 -70.95
CA ASP I 216 -7.12 -6.46 -70.91
C ASP I 216 -6.74 -7.78 -70.21
N LEU I 217 -7.75 -8.52 -69.70
CA LEU I 217 -7.56 -9.76 -68.97
C LEU I 217 -6.95 -10.91 -69.82
N PRO I 218 -7.80 -11.80 -70.41
CA PRO I 218 -7.46 -12.98 -71.23
C PRO I 218 -8.72 -13.79 -71.56
N ALA I 219 -8.65 -14.68 -72.57
CA ALA I 219 -9.74 -15.58 -72.97
C ALA I 219 -9.98 -16.64 -71.88
N GLY I 220 -8.95 -16.86 -71.05
CA GLY I 220 -8.94 -17.78 -69.92
C GLY I 220 -9.37 -17.13 -68.61
N LEU I 221 -10.09 -15.99 -68.70
CA LEU I 221 -10.63 -15.26 -67.54
C LEU I 221 -12.00 -15.82 -67.09
N LEU I 222 -12.93 -16.01 -68.06
CA LEU I 222 -14.30 -16.49 -67.84
C LEU I 222 -14.39 -17.87 -67.19
N ASP I 223 -13.82 -18.89 -67.86
CA ASP I 223 -13.85 -20.30 -67.43
C ASP I 223 -13.02 -20.60 -66.18
N ASP I 224 -12.02 -19.75 -65.88
CA ASP I 224 -11.17 -19.92 -64.70
C ASP I 224 -11.81 -19.42 -63.41
N ILE I 225 -12.53 -18.29 -63.44
CA ILE I 225 -13.21 -17.77 -62.25
C ILE I 225 -14.29 -18.74 -61.76
N TYR I 226 -15.01 -19.40 -62.71
CA TYR I 226 -16.05 -20.38 -62.43
C TYR I 226 -15.49 -21.58 -61.67
N MET I 227 -14.29 -22.05 -62.06
CA MET I 227 -13.64 -23.18 -61.39
C MET I 227 -13.24 -22.80 -59.97
N TRP I 228 -12.96 -21.52 -59.75
CA TRP I 228 -12.63 -20.98 -58.44
C TRP I 228 -13.91 -20.71 -57.64
N ALA I 229 -14.95 -20.14 -58.30
CA ALA I 229 -16.26 -19.85 -57.71
C ALA I 229 -17.05 -21.13 -57.31
N THR I 230 -16.78 -22.29 -57.95
CA THR I 230 -17.42 -23.59 -57.64
C THR I 230 -16.74 -24.28 -56.43
N GLN I 231 -15.38 -24.34 -56.42
CA GLN I 231 -14.51 -24.90 -55.39
C GLN I 231 -14.14 -23.86 -54.32
N PHE I 232 -15.06 -22.92 -54.08
CA PHE I 232 -14.92 -21.92 -53.03
C PHE I 232 -16.09 -21.88 -52.06
N GLY I 233 -17.34 -21.84 -52.54
CA GLY I 233 -18.55 -21.83 -51.72
C GLY I 233 -18.64 -22.96 -50.70
N ASP I 234 -18.02 -24.12 -51.02
CA ASP I 234 -17.93 -25.28 -50.15
C ASP I 234 -16.85 -24.99 -49.12
N ARG I 235 -15.68 -24.58 -49.61
CA ARG I 235 -14.50 -24.26 -48.82
C ARG I 235 -14.77 -23.14 -47.85
N LEU I 236 -15.58 -22.17 -48.27
CA LEU I 236 -15.98 -21.07 -47.42
C LEU I 236 -16.81 -21.58 -46.27
N ASP I 237 -17.49 -22.70 -46.48
CA ASP I 237 -18.33 -23.24 -45.43
C ASP I 237 -17.61 -24.14 -44.40
N GLU I 238 -16.51 -24.86 -44.78
CA GLU I 238 -15.69 -25.69 -43.89
C GLU I 238 -15.03 -24.82 -42.82
N ILE I 239 -14.46 -23.66 -43.23
CA ILE I 239 -13.86 -22.68 -42.32
C ILE I 239 -14.97 -22.27 -41.31
N GLU I 240 -16.17 -21.90 -41.83
CA GLU I 240 -17.35 -21.53 -41.06
C GLU I 240 -17.83 -22.71 -40.19
N GLU I 241 -17.94 -23.95 -40.77
CA GLU I 241 -18.35 -25.19 -40.09
C GLU I 241 -17.62 -25.36 -38.77
N LEU I 242 -16.31 -25.05 -38.75
CA LEU I 242 -15.46 -25.11 -37.58
C LEU I 242 -15.69 -23.90 -36.66
N LEU I 243 -15.65 -22.67 -37.19
CA LEU I 243 -15.86 -21.50 -36.35
C LEU I 243 -17.26 -21.16 -35.86
N THR I 244 -18.33 -21.26 -36.70
CA THR I 244 -19.71 -20.94 -36.25
C THR I 244 -20.07 -21.68 -34.97
N ASP I 245 -19.76 -22.99 -34.92
CA ASP I 245 -19.97 -23.84 -33.76
C ASP I 245 -18.71 -23.72 -32.90
N ASN I 246 -18.34 -22.48 -32.56
CA ASN I 246 -17.17 -22.10 -31.79
C ASN I 246 -16.97 -22.84 -30.45
N ARG I 247 -15.85 -23.57 -30.35
CA ARG I 247 -15.48 -24.35 -29.16
C ARG I 247 -15.07 -23.40 -28.02
N ILE I 248 -13.79 -22.99 -27.94
CA ILE I 248 -13.33 -22.02 -26.95
C ILE I 248 -13.62 -20.64 -27.50
N TRP I 249 -13.55 -20.45 -28.83
CA TRP I 249 -13.79 -19.19 -29.54
C TRP I 249 -15.10 -18.47 -29.15
N LYS I 250 -16.14 -19.22 -28.75
CA LYS I 250 -17.41 -18.66 -28.28
C LYS I 250 -17.18 -17.99 -26.90
N LEU I 251 -16.59 -18.74 -25.95
CA LEU I 251 -16.24 -18.27 -24.61
C LEU I 251 -15.23 -17.10 -24.62
N ARG I 252 -14.33 -17.07 -25.62
CA ARG I 252 -13.28 -16.07 -25.78
C ARG I 252 -13.74 -14.80 -26.49
N THR I 253 -14.70 -14.90 -27.44
CA THR I 253 -15.15 -13.75 -28.24
C THR I 253 -16.45 -13.10 -27.87
N VAL I 254 -17.49 -13.90 -27.62
CA VAL I 254 -18.87 -13.47 -27.37
C VAL I 254 -19.07 -12.17 -26.58
N ASN I 255 -18.48 -12.02 -25.41
CA ASN I 255 -18.70 -10.76 -24.72
C ASN I 255 -17.63 -9.75 -25.00
N ILE I 256 -16.41 -10.25 -25.18
CA ILE I 256 -15.20 -9.48 -25.44
C ILE I 256 -15.33 -8.63 -26.69
N GLY I 257 -14.64 -7.49 -26.68
CA GLY I 257 -14.61 -6.57 -27.79
C GLY I 257 -15.82 -5.67 -27.80
N THR I 258 -15.98 -4.87 -26.74
CA THR I 258 -17.09 -3.93 -26.55
C THR I 258 -17.04 -2.79 -27.55
N VAL I 259 -18.05 -2.73 -28.41
CA VAL I 259 -18.18 -1.67 -29.39
C VAL I 259 -19.59 -1.12 -29.35
N THR I 260 -19.77 -0.02 -28.62
CA THR I 260 -21.08 0.64 -28.58
C THR I 260 -21.21 1.29 -29.95
N ALA I 261 -22.38 1.25 -30.55
CA ALA I 261 -22.59 1.82 -31.88
C ALA I 261 -22.42 3.36 -31.91
N GLN I 262 -22.95 4.06 -30.89
CA GLN I 262 -22.83 5.51 -30.68
C GLN I 262 -21.36 5.83 -30.52
N ASP I 263 -20.71 5.08 -29.60
CA ASP I 263 -19.31 5.35 -29.40
C ASP I 263 -18.42 4.95 -30.52
N ALA I 264 -18.85 3.98 -31.36
CA ALA I 264 -18.08 3.63 -32.54
C ALA I 264 -18.13 4.84 -33.46
N LEU I 265 -19.34 5.39 -33.69
CA LEU I 265 -19.50 6.58 -34.50
C LEU I 265 -18.69 7.77 -33.96
N ASN I 266 -18.61 7.87 -32.63
CA ASN I 266 -17.86 8.95 -31.98
C ASN I 266 -16.36 8.76 -32.13
N LEU I 267 -15.92 7.51 -32.18
CA LEU I 267 -14.51 7.20 -32.36
C LEU I 267 -14.15 7.09 -33.86
N GLY I 268 -15.16 7.27 -34.72
CA GLY I 268 -15.01 7.17 -36.17
C GLY I 268 -14.52 5.79 -36.58
N LEU I 269 -15.13 4.73 -36.00
CA LEU I 269 -14.77 3.34 -36.27
C LEU I 269 -15.37 2.90 -37.59
N SER I 270 -14.52 2.86 -38.62
CA SER I 270 -14.80 2.55 -40.02
C SER I 270 -15.89 1.54 -40.38
N GLY I 271 -15.69 0.27 -40.08
CA GLY I 271 -16.64 -0.79 -40.44
C GLY I 271 -16.38 -1.40 -41.81
N PRO I 272 -16.60 -2.73 -42.14
CA PRO I 272 -17.20 -3.89 -41.44
C PRO I 272 -17.06 -4.08 -39.95
N MET I 273 -16.19 -3.31 -39.32
CA MET I 273 -16.08 -3.31 -37.88
C MET I 273 -17.29 -2.57 -37.23
N LEU I 274 -17.90 -1.60 -37.93
CA LEU I 274 -19.04 -0.85 -37.44
C LEU I 274 -20.43 -1.52 -37.71
N ARG I 275 -20.57 -2.25 -38.83
CA ARG I 275 -21.83 -2.90 -39.24
C ARG I 275 -22.26 -4.15 -38.45
N GLY I 276 -21.29 -4.78 -37.78
CA GLY I 276 -21.53 -5.92 -36.91
C GLY I 276 -22.18 -5.44 -35.63
N SER I 277 -21.77 -4.24 -35.17
CA SER I 277 -22.30 -3.60 -33.97
C SER I 277 -23.76 -3.15 -34.08
N GLY I 278 -24.32 -3.23 -35.28
CA GLY I 278 -25.71 -2.86 -35.54
C GLY I 278 -25.97 -1.82 -36.60
N ILE I 279 -25.15 -0.75 -36.67
CA ILE I 279 -25.31 0.36 -37.63
C ILE I 279 -25.15 -0.07 -39.11
N PRO I 280 -26.11 0.25 -40.00
CA PRO I 280 -26.01 -0.22 -41.40
C PRO I 280 -25.54 0.80 -42.43
N PHE I 281 -24.34 1.37 -42.19
CA PHE I 281 -23.74 2.32 -43.12
C PHE I 281 -22.44 1.80 -43.71
N ASP I 282 -22.51 1.47 -45.01
CA ASP I 282 -21.42 0.97 -45.83
C ASP I 282 -21.37 1.81 -47.11
N ILE I 283 -20.16 2.28 -47.50
CA ILE I 283 -19.87 3.14 -48.66
C ILE I 283 -20.41 2.55 -49.99
N ARG I 284 -20.29 1.22 -50.15
CA ARG I 284 -20.77 0.47 -51.32
C ARG I 284 -22.28 0.68 -51.57
N LYS I 285 -23.06 0.97 -50.49
CA LYS I 285 -24.51 1.16 -50.51
C LYS I 285 -24.85 2.62 -50.37
N ASN I 286 -24.27 3.30 -49.38
CA ASN I 286 -24.54 4.70 -49.15
C ASN I 286 -24.08 5.51 -50.34
N ALA I 287 -22.88 5.24 -50.83
CA ALA I 287 -22.36 5.99 -51.95
C ALA I 287 -21.81 5.01 -52.98
N PRO I 288 -22.67 4.32 -53.77
CA PRO I 288 -22.14 3.35 -54.74
C PRO I 288 -21.26 3.90 -55.84
N TYR I 289 -20.13 3.22 -56.10
CA TYR I 289 -19.20 3.64 -57.14
C TYR I 289 -19.44 2.87 -58.44
N ASP I 290 -18.39 2.66 -59.25
CA ASP I 290 -18.46 1.99 -60.55
C ASP I 290 -18.96 0.56 -60.53
N ALA I 291 -20.02 0.28 -61.33
CA ALA I 291 -20.73 -1.00 -61.43
C ALA I 291 -21.29 -1.64 -60.15
N TYR I 292 -21.03 -1.10 -58.94
CA TYR I 292 -21.59 -1.64 -57.68
C TYR I 292 -23.12 -1.38 -57.53
N ASP I 293 -23.64 -0.38 -58.27
CA ASP I 293 -25.04 0.05 -58.28
C ASP I 293 -25.90 -1.01 -59.00
N LYS I 294 -25.38 -1.57 -60.09
CA LYS I 294 -26.03 -2.53 -60.98
C LYS I 294 -25.98 -4.00 -60.49
N VAL I 295 -25.23 -4.26 -59.42
CA VAL I 295 -25.04 -5.62 -58.89
C VAL I 295 -25.85 -5.88 -57.63
N ASP I 296 -26.50 -7.07 -57.58
CA ASP I 296 -27.37 -7.55 -56.51
C ASP I 296 -26.58 -8.12 -55.31
N PHE I 297 -26.56 -7.32 -54.23
CA PHE I 297 -25.86 -7.61 -52.98
C PHE I 297 -26.87 -7.75 -51.81
N ASP I 298 -26.58 -8.67 -50.87
CA ASP I 298 -27.46 -8.96 -49.73
C ASP I 298 -27.20 -8.11 -48.45
N VAL I 299 -28.14 -8.18 -47.49
CA VAL I 299 -28.12 -7.42 -46.23
C VAL I 299 -27.37 -8.19 -45.09
N PRO I 300 -26.03 -8.00 -44.92
CA PRO I 300 -25.35 -8.69 -43.80
C PRO I 300 -25.51 -7.92 -42.49
N VAL I 301 -26.09 -8.57 -41.47
CA VAL I 301 -26.31 -7.98 -40.14
C VAL I 301 -25.39 -8.61 -39.07
N MET I 303 -25.24 -8.56 -34.22
CA MET I 303 -26.32 -8.21 -33.30
C MET I 303 -25.79 -7.25 -32.23
N ASN I 304 -24.88 -7.75 -31.35
CA ASN I 304 -24.25 -6.97 -30.29
C ASN I 304 -22.76 -6.89 -30.56
N GLY I 305 -22.28 -5.66 -30.64
CA GLY I 305 -20.91 -5.28 -30.94
C GLY I 305 -19.85 -6.10 -30.24
N ASP I 306 -19.50 -7.23 -30.84
CA ASP I 306 -18.52 -8.15 -30.31
C ASP I 306 -17.64 -8.76 -31.40
N CYS I 307 -16.56 -9.38 -30.94
CA CYS I 307 -15.58 -10.05 -31.79
C CYS I 307 -16.24 -11.15 -32.62
N TYR I 308 -17.04 -12.00 -31.98
CA TYR I 308 -17.73 -13.12 -32.61
C TYR I 308 -18.62 -12.69 -33.76
N ASP I 309 -19.44 -11.66 -33.55
CA ASP I 309 -20.34 -11.19 -34.59
C ASP I 309 -19.64 -10.41 -35.67
N ARG I 310 -18.50 -9.77 -35.37
CA ARG I 310 -17.75 -9.09 -36.44
C ARG I 310 -17.09 -10.17 -37.27
N TYR I 311 -16.60 -11.22 -36.61
CA TYR I 311 -15.97 -12.36 -37.24
C TYR I 311 -16.91 -13.11 -38.17
N LEU I 312 -18.17 -13.30 -37.73
CA LEU I 312 -19.14 -14.01 -38.55
C LEU I 312 -19.71 -13.21 -39.73
N ILE I 313 -19.89 -11.88 -39.58
CA ILE I 313 -20.39 -11.03 -40.65
C ILE I 313 -19.47 -11.05 -41.86
N ARG I 314 -18.16 -11.09 -41.61
CA ARG I 314 -17.15 -11.16 -42.65
C ARG I 314 -17.17 -12.49 -43.39
N MET I 315 -17.68 -13.57 -42.73
CA MET I 315 -17.82 -14.89 -43.33
C MET I 315 -19.01 -14.89 -44.28
N ALA I 316 -20.08 -14.14 -43.95
CA ALA I 316 -21.23 -14.02 -44.81
C ALA I 316 -20.83 -13.14 -46.00
N GLU I 317 -20.07 -12.06 -45.73
CA GLU I 317 -19.54 -11.13 -46.72
C GLU I 317 -18.76 -11.87 -47.80
N PHE I 318 -18.08 -12.98 -47.44
CA PHE I 318 -17.29 -13.86 -48.32
C PHE I 318 -18.20 -14.47 -49.39
N ARG I 319 -19.34 -15.04 -48.97
CA ARG I 319 -20.31 -15.66 -49.87
C ARG I 319 -21.01 -14.66 -50.77
N GLN I 320 -21.38 -13.47 -50.24
CA GLN I 320 -22.01 -12.40 -51.03
C GLN I 320 -21.04 -11.83 -52.05
N SER I 321 -19.73 -11.72 -51.69
CA SER I 321 -18.66 -11.31 -52.61
C SER I 321 -18.58 -12.29 -53.77
N LEU I 322 -18.60 -13.61 -53.48
CA LEU I 322 -18.57 -14.72 -54.44
C LEU I 322 -19.78 -14.65 -55.39
N ARG I 323 -20.92 -14.14 -54.88
CA ARG I 323 -22.15 -13.97 -55.65
C ARG I 323 -22.06 -12.75 -56.55
N ILE I 324 -21.27 -11.74 -56.14
CA ILE I 324 -21.00 -10.55 -56.95
C ILE I 324 -20.07 -10.99 -58.08
N ILE I 325 -19.02 -11.77 -57.74
CA ILE I 325 -18.04 -12.33 -58.68
C ILE I 325 -18.75 -13.13 -59.79
N GLU I 326 -19.74 -13.96 -59.42
CA GLU I 326 -20.56 -14.76 -60.33
C GLU I 326 -21.42 -13.84 -61.19
N GLN I 327 -22.06 -12.85 -60.54
CA GLN I 327 -22.96 -11.91 -61.20
C GLN I 327 -22.21 -10.97 -62.14
N CYS I 328 -20.94 -10.69 -61.83
CA CYS I 328 -20.11 -9.82 -62.65
C CYS I 328 -19.39 -10.58 -63.79
N CYS I 329 -19.13 -11.90 -63.61
CA CYS I 329 -18.53 -12.78 -64.62
C CYS I 329 -19.53 -12.94 -65.75
N ASN I 330 -20.82 -13.07 -65.40
CA ASN I 330 -21.93 -13.19 -66.33
C ASN I 330 -22.09 -11.96 -67.22
N ASP I 331 -22.09 -10.75 -66.63
CA ASP I 331 -22.24 -9.46 -67.33
C ASP I 331 -20.94 -8.93 -67.96
N MET I 332 -20.14 -9.80 -68.60
CA MET I 332 -18.88 -9.38 -69.23
C MET I 332 -18.80 -9.57 -70.76
N PRO I 333 -19.15 -8.53 -71.55
CA PRO I 333 -19.05 -8.65 -73.01
C PRO I 333 -17.73 -8.03 -73.52
N ALA I 334 -17.66 -7.75 -74.83
CA ALA I 334 -16.48 -7.18 -75.47
C ALA I 334 -16.41 -5.66 -75.23
N GLY I 335 -15.29 -5.21 -74.71
CA GLY I 335 -15.12 -3.79 -74.43
C GLY I 335 -13.70 -3.29 -74.24
N ALA I 336 -13.57 -1.96 -74.29
CA ALA I 336 -12.33 -1.21 -74.11
C ALA I 336 -12.00 -1.12 -72.62
N VAL I 337 -10.72 -0.92 -72.30
CA VAL I 337 -10.29 -0.90 -70.90
C VAL I 337 -10.00 0.46 -70.23
N LYS I 338 -9.53 1.48 -70.97
CA LYS I 338 -9.24 2.79 -70.35
C LYS I 338 -9.78 3.98 -71.12
N VAL I 339 -10.07 5.10 -70.40
CA VAL I 339 -10.63 6.37 -70.92
C VAL I 339 -9.85 7.01 -72.09
N GLU I 340 -10.44 6.89 -73.29
CA GLU I 340 -9.95 7.37 -74.59
C GLU I 340 -9.34 8.79 -74.69
N ASP I 341 -9.60 9.65 -73.68
CA ASP I 341 -9.08 11.02 -73.64
C ASP I 341 -7.57 10.97 -73.48
N PHE I 342 -6.87 11.21 -74.59
CA PHE I 342 -5.42 11.19 -74.72
C PHE I 342 -4.62 11.87 -73.61
N LYS I 343 -5.16 12.98 -73.07
CA LYS I 343 -4.53 13.72 -71.98
C LYS I 343 -4.40 12.85 -70.72
N ILE I 344 -5.35 11.90 -70.53
CA ILE I 344 -5.42 10.92 -69.47
C ILE I 344 -5.13 9.54 -70.11
N ASN I 345 -5.00 8.47 -69.29
CA ASN I 345 -4.75 7.09 -69.75
C ASN I 345 -3.59 7.02 -70.79
N SER I 346 -3.73 6.17 -71.82
CA SER I 346 -2.86 5.92 -72.97
C SER I 346 -3.09 4.48 -73.44
N PRO I 347 -4.10 4.23 -74.31
CA PRO I 347 -4.33 2.87 -74.78
C PRO I 347 -3.88 2.58 -76.23
N PRO I 348 -2.76 3.10 -76.81
CA PRO I 348 -2.45 2.73 -78.19
C PRO I 348 -1.87 1.30 -78.30
N ARG I 349 -0.64 1.04 -77.78
CA ARG I 349 0.05 -0.27 -77.80
C ARG I 349 0.30 -0.86 -79.19
N ASN I 350 -0.70 -0.83 -80.08
CA ASN I 350 -0.63 -1.28 -81.47
C ASN I 350 -0.67 -0.04 -82.36
N LEU I 351 -1.25 1.07 -81.85
CA LEU I 351 -1.39 2.32 -82.57
C LEU I 351 -0.13 3.18 -82.57
N MET I 352 0.90 2.77 -81.80
CA MET I 352 2.17 3.49 -81.77
C MET I 352 2.85 3.52 -83.14
N LYS I 353 2.48 2.59 -84.02
CA LYS I 353 3.05 2.44 -85.34
C LYS I 353 2.36 3.26 -86.44
N GLU I 354 1.13 3.76 -86.20
CA GLU I 354 0.34 4.50 -87.19
C GLU I 354 0.09 5.95 -86.85
N ASP I 355 0.01 6.33 -85.55
CA ASP I 355 -0.30 7.72 -85.19
C ASP I 355 0.87 8.56 -84.68
N MET I 356 0.94 9.85 -85.07
CA MET I 356 1.95 10.76 -84.56
C MET I 356 1.54 11.38 -83.22
N GLU I 357 0.24 11.67 -83.07
CA GLU I 357 -0.31 12.24 -81.84
C GLU I 357 -0.19 11.27 -80.69
N ALA I 358 -0.11 9.97 -81.00
CA ALA I 358 0.02 8.93 -79.99
C ALA I 358 1.42 8.81 -79.39
N LEU I 359 2.51 9.11 -80.16
CA LEU I 359 3.91 9.08 -79.67
C LEU I 359 4.21 10.39 -78.94
N ILE I 360 3.87 11.57 -79.55
CA ILE I 360 4.03 12.89 -78.91
C ILE I 360 3.33 12.79 -77.57
N HIS I 361 2.12 12.18 -77.58
CA HIS I 361 1.39 11.94 -76.36
C HIS I 361 2.05 10.91 -75.48
N HIS I 362 2.42 9.72 -76.01
CA HIS I 362 3.07 8.64 -75.22
C HIS I 362 4.29 9.11 -74.42
N PHE I 363 5.21 9.82 -75.10
CA PHE I 363 6.46 10.39 -74.58
C PHE I 363 6.19 11.38 -73.47
N LEU I 364 5.25 12.29 -73.73
CA LEU I 364 4.83 13.37 -72.83
C LEU I 364 4.17 12.90 -71.52
N LEU I 365 3.27 11.89 -71.61
CA LEU I 365 2.56 11.26 -70.49
C LEU I 365 3.51 10.53 -69.55
N TYR I 366 4.57 9.92 -70.13
CA TYR I 366 5.57 9.17 -69.40
C TYR I 366 6.73 10.05 -68.96
N THR I 367 6.86 11.25 -69.51
CA THR I 367 7.92 12.14 -69.04
C THR I 367 7.31 13.08 -68.02
N LYS I 368 6.55 14.09 -68.50
CA LYS I 368 5.88 15.13 -67.74
C LYS I 368 4.61 14.64 -67.05
N GLY I 369 3.71 14.02 -67.81
CA GLY I 369 2.43 13.55 -67.31
C GLY I 369 1.32 14.56 -67.59
N TYR I 370 0.25 14.55 -66.79
CA TYR I 370 -0.89 15.47 -66.96
C TYR I 370 -1.15 16.34 -65.73
N SER I 371 -1.52 17.62 -65.98
CA SER I 371 -1.84 18.60 -64.94
C SER I 371 -3.36 18.70 -64.74
N VAL I 372 -3.81 18.26 -63.56
CA VAL I 372 -5.23 18.29 -63.20
C VAL I 372 -5.67 19.69 -62.83
N PRO I 373 -6.99 19.90 -62.75
CA PRO I 373 -7.56 21.19 -62.40
C PRO I 373 -7.24 21.60 -60.97
N PRO I 374 -7.07 22.91 -60.75
CA PRO I 374 -6.78 23.49 -59.44
C PRO I 374 -8.00 23.35 -58.54
N GLY I 375 -7.88 22.50 -57.51
CA GLY I 375 -8.96 22.25 -56.58
C GLY I 375 -8.81 21.00 -55.76
N GLU I 376 -9.67 20.87 -54.72
CA GLU I 376 -9.69 19.74 -53.78
C GLU I 376 -10.72 18.67 -54.16
N THR I 377 -10.41 17.39 -53.82
CA THR I 377 -11.25 16.22 -54.09
C THR I 377 -11.02 15.09 -53.05
N TYR I 378 -12.10 14.35 -52.69
CA TYR I 378 -12.05 13.23 -51.74
C TYR I 378 -13.18 12.25 -52.01
N THR I 379 -12.83 11.13 -52.59
CA THR I 379 -13.80 10.11 -52.95
C THR I 379 -13.54 8.91 -52.08
N ALA I 380 -14.54 8.49 -51.27
CA ALA I 380 -14.40 7.32 -50.37
C ALA I 380 -14.82 6.02 -51.04
N ILE I 381 -14.12 4.91 -50.72
CA ILE I 381 -14.38 3.57 -51.23
C ILE I 381 -14.24 2.57 -50.11
N GLU I 382 -15.19 1.64 -50.02
CA GLU I 382 -15.11 0.62 -48.97
C GLU I 382 -14.11 -0.48 -49.26
N ALA I 383 -13.17 -0.59 -48.34
CA ALA I 383 -12.15 -1.61 -48.37
C ALA I 383 -12.66 -2.65 -47.40
N PRO I 384 -12.10 -3.89 -47.40
CA PRO I 384 -12.52 -4.87 -46.39
C PRO I 384 -11.91 -4.57 -45.00
N LYS I 385 -10.89 -3.66 -44.93
CA LYS I 385 -10.21 -3.19 -43.72
C LYS I 385 -10.75 -1.84 -43.16
N GLY I 386 -11.88 -1.37 -43.73
CA GLY I 386 -12.60 -0.18 -43.29
C GLY I 386 -12.93 0.83 -44.36
N GLU I 387 -12.72 2.11 -44.02
CA GLU I 387 -12.99 3.30 -44.85
C GLU I 387 -11.74 3.83 -45.56
N MET I 388 -11.67 3.63 -46.90
CA MET I 388 -10.59 4.13 -47.75
C MET I 388 -11.05 5.35 -48.50
N GLY I 389 -10.26 6.40 -48.40
CA GLY I 389 -10.51 7.68 -49.03
C GLY I 389 -9.22 8.42 -49.34
N VAL I 390 -9.15 9.04 -50.52
CA VAL I 390 -7.97 9.79 -50.91
C VAL I 390 -8.34 11.27 -50.91
N TYR I 391 -7.67 12.06 -50.08
CA TYR I 391 -7.88 13.49 -50.05
C TYR I 391 -6.77 14.14 -50.91
N VAL I 392 -7.06 14.36 -52.21
CA VAL I 392 -6.11 14.89 -53.18
C VAL I 392 -6.31 16.35 -53.53
N VAL I 393 -5.39 17.19 -53.07
CA VAL I 393 -5.39 18.61 -53.39
C VAL I 393 -4.50 18.75 -54.62
N SER I 394 -5.02 19.33 -55.70
CA SER I 394 -4.27 19.52 -56.94
C SER I 394 -4.04 21.00 -57.20
N ASP I 395 -2.77 21.38 -57.40
CA ASP I 395 -2.38 22.76 -57.69
C ASP I 395 -1.96 22.87 -59.15
N GLY I 396 -2.75 22.25 -60.02
CA GLY I 396 -2.53 22.24 -61.47
C GLY I 396 -1.17 21.74 -61.89
N SER I 397 -0.57 20.86 -61.08
CA SER I 397 0.75 20.29 -61.33
C SER I 397 0.64 18.88 -61.89
N GLU I 398 1.77 18.33 -62.39
CA GLU I 398 1.87 16.98 -62.94
C GLU I 398 1.65 15.96 -61.82
N ARG I 399 1.97 16.36 -60.58
CA ARG I 399 1.84 15.60 -59.35
C ARG I 399 0.72 16.19 -58.48
N PRO I 400 0.20 15.42 -57.50
CA PRO I 400 -0.82 15.91 -56.58
C PRO I 400 -0.14 16.82 -55.55
N TYR I 401 -0.71 18.03 -55.31
CA TYR I 401 -0.14 19.02 -54.37
C TYR I 401 0.02 18.48 -52.96
N LYS I 402 -0.93 17.62 -52.50
CA LYS I 402 -0.95 16.90 -51.22
C LYS I 402 -1.97 15.77 -51.27
N CYS I 403 -1.48 14.55 -51.07
CA CYS I 403 -2.31 13.34 -51.09
C CYS I 403 -2.37 12.72 -49.70
N LYS I 404 -3.46 13.00 -48.97
CA LYS I 404 -3.67 12.44 -47.63
C LYS I 404 -4.64 11.29 -47.74
N ILE I 405 -4.16 10.09 -47.40
CA ILE I 405 -4.96 8.88 -47.47
C ILE I 405 -5.65 8.66 -46.15
N ARG I 406 -6.99 8.68 -46.15
CA ARG I 406 -7.82 8.44 -44.98
C ARG I 406 -7.63 6.97 -44.62
N ALA I 407 -6.79 6.73 -43.60
CA ALA I 407 -6.39 5.40 -43.12
C ALA I 407 -7.46 4.68 -42.29
N PRO I 408 -8.01 3.60 -42.87
CA PRO I 408 -9.05 2.76 -42.26
C PRO I 408 -8.52 2.09 -41.00
N GLY I 409 -7.30 1.51 -41.08
CA GLY I 409 -6.63 0.85 -39.97
C GLY I 409 -6.17 1.81 -38.85
N PHE I 410 -5.91 3.10 -39.18
CA PHE I 410 -5.51 4.09 -38.18
C PHE I 410 -6.75 4.54 -37.40
N ALA I 411 -7.88 4.72 -38.13
CA ALA I 411 -9.18 5.15 -37.58
C ALA I 411 -9.73 4.11 -36.62
N HIS I 412 -9.64 2.83 -37.02
CA HIS I 412 -10.11 1.70 -36.24
C HIS I 412 -9.28 1.54 -34.94
N LEU I 413 -7.94 1.77 -35.02
CA LEU I 413 -7.01 1.64 -33.90
C LEU I 413 -7.17 2.65 -32.76
N GLY I 414 -7.82 3.81 -33.03
CA GLY I 414 -8.05 4.84 -32.01
C GLY I 414 -9.10 4.40 -30.98
N ALA I 415 -9.84 3.32 -31.33
CA ALA I 415 -10.89 2.71 -30.51
C ALA I 415 -10.38 1.49 -29.72
N PHE I 416 -9.08 1.17 -29.82
CA PHE I 416 -8.45 0.05 -29.10
C PHE I 416 -8.29 0.35 -27.62
N ASP I 417 -7.79 1.54 -27.28
CA ASP I 417 -7.61 1.98 -25.89
C ASP I 417 -8.94 2.00 -25.14
N HIS I 418 -10.07 2.11 -25.87
CA HIS I 418 -11.43 2.12 -25.34
C HIS I 418 -12.05 0.71 -25.36
N ILE I 419 -11.96 -0.01 -26.50
CA ILE I 419 -12.51 -1.36 -26.66
C ILE I 419 -11.83 -2.43 -25.79
N ALA I 420 -10.48 -2.40 -25.71
CA ALA I 420 -9.68 -3.35 -24.94
C ALA I 420 -9.43 -2.92 -23.49
N ARG I 421 -10.04 -1.81 -23.06
CA ARG I 421 -9.89 -1.29 -21.70
C ARG I 421 -10.58 -2.23 -20.71
N GLY I 422 -9.79 -2.86 -19.85
CA GLY I 422 -10.27 -3.81 -18.85
C GLY I 422 -10.36 -5.25 -19.33
N HIS I 423 -10.06 -5.49 -20.61
CA HIS I 423 -10.09 -6.82 -21.21
C HIS I 423 -8.85 -7.63 -20.86
N PHE I 424 -8.90 -8.95 -21.10
CA PHE I 424 -7.79 -9.87 -20.83
C PHE I 424 -6.59 -9.66 -21.75
N LEU I 425 -5.43 -10.17 -21.32
CA LEU I 425 -4.19 -10.14 -22.09
C LEU I 425 -4.25 -11.12 -23.27
N PRO I 426 -4.66 -12.42 -23.11
CA PRO I 426 -4.76 -13.29 -24.30
C PRO I 426 -5.86 -12.80 -25.23
N ASP I 427 -6.92 -12.22 -24.67
CA ASP I 427 -8.01 -11.64 -25.43
C ASP I 427 -7.59 -10.33 -26.10
N ALA I 428 -6.55 -9.63 -25.56
CA ALA I 428 -6.01 -8.39 -26.14
C ALA I 428 -5.40 -8.64 -27.51
N VAL I 429 -5.10 -9.91 -27.82
CA VAL I 429 -4.57 -10.36 -29.11
C VAL I 429 -5.76 -10.58 -30.05
N ALA I 430 -6.84 -11.19 -29.52
CA ALA I 430 -8.08 -11.48 -30.24
C ALA I 430 -8.82 -10.20 -30.60
N ILE I 431 -8.79 -9.20 -29.68
CA ILE I 431 -9.40 -7.89 -29.86
C ILE I 431 -8.73 -7.09 -30.99
N ILE I 432 -7.45 -7.41 -31.29
CA ILE I 432 -6.63 -6.79 -32.31
C ILE I 432 -6.85 -7.41 -33.71
N GLY I 433 -7.03 -8.72 -33.77
CA GLY I 433 -7.30 -9.44 -35.01
C GLY I 433 -8.67 -9.14 -35.56
N THR I 434 -9.64 -8.88 -34.66
CA THR I 434 -11.03 -8.55 -34.97
C THR I 434 -11.18 -7.18 -35.59
N MET I 435 -10.24 -6.27 -35.28
CA MET I 435 -10.20 -4.90 -35.80
C MET I 435 -9.83 -4.87 -37.27
N ASP I 436 -9.22 -5.95 -37.78
CA ASP I 436 -8.77 -6.15 -39.16
C ASP I 436 -7.72 -5.09 -39.54
N LEU I 437 -6.57 -5.12 -38.84
CA LEU I 437 -5.49 -4.16 -39.01
C LEU I 437 -4.33 -4.69 -39.89
N VAL I 438 -3.62 -3.75 -40.54
CA VAL I 438 -2.42 -3.91 -41.36
C VAL I 438 -1.62 -2.63 -41.11
N PHE I 439 -0.37 -2.76 -40.63
CA PHE I 439 0.45 -1.60 -40.30
C PHE I 439 0.80 -0.69 -41.47
N GLY I 440 0.93 -1.25 -42.67
CA GLY I 440 1.25 -0.50 -43.88
C GLY I 440 0.25 0.57 -44.22
N GLU I 441 -1.03 0.35 -43.87
CA GLU I 441 -2.17 1.24 -44.09
C GLU I 441 -2.20 2.33 -42.98
N VAL I 442 -2.01 1.91 -41.71
CA VAL I 442 -2.01 2.78 -40.54
C VAL I 442 -0.98 3.91 -40.66
N ASP I 443 0.33 3.56 -40.69
CA ASP I 443 1.44 4.52 -40.81
C ASP I 443 1.49 5.17 -42.19
N UNK J 1 43.80 1.57 -50.46
CA UNK J 1 42.86 0.82 -49.65
C UNK J 1 43.60 0.07 -48.54
N UNK J 2 43.23 0.34 -47.27
CA UNK J 2 43.84 -0.27 -46.08
C UNK J 2 43.47 -1.74 -45.95
N UNK J 3 44.48 -2.64 -45.96
CA UNK J 3 44.23 -4.07 -45.86
C UNK J 3 44.19 -4.56 -44.44
N UNK J 4 43.52 -5.70 -44.22
CA UNK J 4 43.42 -6.35 -42.93
C UNK J 4 44.30 -7.59 -43.02
N UNK J 5 45.30 -7.67 -42.14
CA UNK J 5 46.21 -8.81 -42.13
C UNK J 5 45.91 -9.70 -40.95
N UNK J 6 45.89 -11.02 -41.23
CA UNK J 6 45.60 -12.18 -40.37
C UNK J 6 44.26 -12.24 -39.65
N UNK J 7 43.46 -13.26 -40.02
CA UNK J 7 42.11 -13.52 -39.50
C UNK J 7 42.02 -14.44 -38.28
N UNK J 8 43.11 -14.52 -37.51
CA UNK J 8 43.12 -15.25 -36.26
C UNK J 8 42.53 -14.27 -35.24
N UNK J 9 42.81 -12.95 -35.42
CA UNK J 9 42.27 -11.87 -34.58
C UNK J 9 41.47 -10.86 -35.44
N UNK J 10 40.24 -10.52 -34.98
CA UNK J 10 39.30 -9.60 -35.63
C UNK J 10 39.28 -8.22 -34.96
N UNK J 11 40.15 -8.01 -33.97
CA UNK J 11 40.33 -6.76 -33.22
C UNK J 11 40.70 -5.56 -34.14
N UNK J 12 41.23 -5.86 -35.35
CA UNK J 12 41.58 -4.89 -36.38
C UNK J 12 40.34 -4.25 -37.01
N UNK J 13 39.12 -4.84 -36.84
CA UNK J 13 37.87 -4.29 -37.39
C UNK J 13 37.62 -2.85 -36.88
N UNK J 14 38.07 -2.54 -35.65
CA UNK J 14 38.00 -1.20 -35.05
C UNK J 14 38.94 -0.23 -35.78
N UNK J 15 40.16 -0.69 -36.16
CA UNK J 15 41.11 0.10 -36.94
C UNK J 15 40.63 0.19 -38.40
N UNK J 16 39.86 -0.82 -38.87
CA UNK J 16 39.30 -0.85 -40.21
C UNK J 16 38.04 -0.01 -40.33
N UNK J 17 37.28 0.13 -39.21
CA UNK J 17 36.05 0.95 -39.17
C UNK J 17 36.43 2.42 -39.31
N UNK J 18 37.69 2.79 -38.99
CA UNK J 18 38.15 4.17 -39.11
C UNK J 18 38.44 4.49 -40.59
N UNK J 19 39.05 3.55 -41.33
CA UNK J 19 39.27 3.70 -42.77
C UNK J 19 37.90 3.74 -43.48
N UNK J 20 36.95 2.89 -43.01
CA UNK J 20 35.59 2.79 -43.56
C UNK J 20 34.87 4.14 -43.62
N UNK J 21 35.13 5.02 -42.63
CA UNK J 21 34.52 6.35 -42.56
C UNK J 21 35.12 7.33 -43.57
N UNK J 22 36.18 6.92 -44.29
CA UNK J 22 36.85 7.76 -45.27
C UNK J 22 36.22 7.66 -46.67
N UNK J 23 34.87 7.70 -46.74
CA UNK J 23 34.00 7.64 -47.93
C UNK J 23 34.35 6.57 -48.96
N UNK J 24 38.12 3.20 -48.16
CA UNK J 24 38.13 1.81 -48.63
C UNK J 24 39.08 0.95 -47.81
N UNK J 25 38.60 -0.21 -47.36
CA UNK J 25 39.40 -1.13 -46.57
C UNK J 25 39.28 -2.56 -47.09
N UNK J 26 40.42 -3.17 -47.48
CA UNK J 26 40.50 -4.55 -47.97
C UNK J 26 40.61 -5.50 -46.78
N UNK J 27 40.00 -6.70 -46.87
CA UNK J 27 40.06 -7.61 -45.74
C UNK J 27 40.24 -9.09 -46.07
N UNK J 28 41.27 -9.70 -45.47
CA UNK J 28 41.58 -11.11 -45.64
C UNK J 28 40.90 -11.88 -44.52
N UNK J 29 40.16 -12.96 -44.86
CA UNK J 29 39.45 -13.83 -43.92
C UNK J 29 40.11 -15.22 -43.73
N UNK J 30 39.60 -16.03 -42.78
CA UNK J 30 40.11 -17.37 -42.49
C UNK J 30 39.11 -18.46 -42.92
N UNK J 31 35.37 -3.48 -48.45
CA UNK J 31 35.31 -4.70 -49.26
C UNK J 31 36.11 -5.86 -48.63
N UNK J 32 35.40 -6.75 -47.89
CA UNK J 32 35.97 -7.92 -47.20
C UNK J 32 35.89 -9.20 -48.04
N UNK J 33 37.04 -9.86 -48.23
CA UNK J 33 37.15 -11.09 -49.04
C UNK J 33 37.90 -12.23 -48.31
N UNK J 34 39.09 -12.67 -48.83
CA UNK J 34 39.94 -13.75 -48.28
C UNK J 34 41.33 -13.80 -48.91
N UNK J 35 42.35 -14.10 -48.08
CA UNK J 35 43.78 -14.25 -48.41
C UNK J 35 44.51 -14.97 -47.25
N UNK J 36 44.91 -16.24 -47.48
CA UNK J 36 45.55 -17.12 -46.50
C UNK J 36 46.95 -16.73 -46.07
N UNK J 37 47.24 -16.93 -44.77
CA UNK J 37 48.54 -16.64 -44.14
C UNK J 37 49.55 -17.73 -44.52
N UNK J 38 49.04 -18.93 -44.83
CA UNK J 38 49.86 -20.08 -45.24
C UNK J 38 50.58 -19.82 -46.57
N UNK J 39 49.87 -19.20 -47.56
CA UNK J 39 50.42 -18.88 -48.89
C UNK J 39 49.67 -17.73 -49.58
N UNK J 40 50.44 -16.87 -50.29
CA UNK J 40 49.92 -15.74 -51.06
C UNK J 40 49.81 -16.16 -52.54
N UNK J 41 48.97 -17.19 -52.79
CA UNK J 41 48.71 -17.76 -54.12
C UNK J 41 47.51 -17.08 -54.82
N UNK J 42 47.05 -15.95 -54.28
CA UNK J 42 45.94 -15.12 -54.78
C UNK J 42 46.02 -13.68 -54.27
N UNK J 43 46.83 -13.43 -53.21
CA UNK J 43 47.02 -12.13 -52.55
C UNK J 43 47.53 -10.97 -53.45
N UNK J 44 47.84 -11.24 -54.74
CA UNK J 44 48.31 -10.23 -55.72
C UNK J 44 47.35 -9.02 -55.75
N UNK J 45 46.03 -9.28 -55.75
CA UNK J 45 45.00 -8.24 -55.70
C UNK J 45 44.91 -7.57 -54.31
N UNK J 46 45.03 -8.36 -53.21
CA UNK J 46 44.97 -7.85 -51.84
C UNK J 46 46.18 -6.97 -51.49
N UNK J 47 47.39 -7.49 -51.72
CA UNK J 47 48.67 -6.84 -51.44
C UNK J 47 48.87 -5.49 -52.13
N UNK J 48 48.34 -5.33 -53.36
CA UNK J 48 48.49 -4.12 -54.16
C UNK J 48 47.55 -3.02 -53.75
N UNK J 49 48.16 -1.86 -53.48
CA UNK J 49 47.59 -0.63 -52.94
C UNK J 49 47.10 -0.88 -51.52
N UNK J 50 47.81 -1.73 -50.75
CA UNK J 50 47.49 -1.98 -49.34
C UNK J 50 48.34 -0.99 -48.55
N UNK J 51 48.03 0.32 -48.71
CA UNK J 51 48.73 1.46 -48.14
C UNK J 51 49.15 1.30 -46.68
N UNK J 52 48.21 1.06 -45.79
CA UNK J 52 48.52 0.86 -44.39
C UNK J 52 47.92 -0.47 -43.99
N UNK J 53 48.51 -1.57 -44.50
CA UNK J 53 48.05 -2.93 -44.18
C UNK J 53 48.14 -3.26 -42.67
N UNK J 54 46.97 -3.47 -42.07
CA UNK J 54 46.82 -3.74 -40.64
C UNK J 54 47.23 -5.17 -40.23
N UNK J 55 48.54 -5.32 -39.97
CA UNK J 55 49.13 -6.57 -39.56
C UNK J 55 48.67 -7.04 -38.17
N UNK J 56 48.42 -8.35 -38.04
CA UNK J 56 47.99 -8.98 -36.79
C UNK J 56 48.53 -10.43 -36.69
N UNK J 57 48.48 -11.01 -35.47
CA UNK J 57 48.94 -12.37 -35.23
C UNK J 57 48.07 -13.40 -35.96
N UNK J 58 59.17 -14.23 -24.15
CA UNK J 58 60.48 -14.27 -24.79
C UNK J 58 60.35 -14.66 -26.26
N UNK J 59 59.41 -15.57 -26.58
CA UNK J 59 59.14 -15.98 -27.95
C UNK J 59 58.56 -14.80 -28.75
N UNK J 60 57.56 -14.09 -28.19
CA UNK J 60 56.94 -12.92 -28.81
C UNK J 60 57.98 -11.82 -29.06
N UNK J 61 58.89 -11.61 -28.09
CA UNK J 61 59.95 -10.62 -28.15
C UNK J 61 60.89 -10.90 -29.32
N UNK J 62 61.31 -12.16 -29.48
CA UNK J 62 62.21 -12.56 -30.56
C UNK J 62 61.56 -12.36 -31.94
N UNK J 63 60.29 -12.78 -32.11
CA UNK J 63 59.57 -12.59 -33.37
C UNK J 63 59.45 -11.09 -33.68
N UNK J 64 59.26 -10.28 -32.63
CA UNK J 64 59.13 -8.82 -32.70
C UNK J 64 60.43 -8.19 -33.21
N UNK J 65 61.60 -8.72 -32.79
CA UNK J 65 62.90 -8.27 -33.28
C UNK J 65 63.09 -8.67 -34.76
N UNK J 66 62.60 -9.87 -35.15
CA UNK J 66 62.66 -10.34 -36.53
C UNK J 66 61.89 -9.38 -37.41
N UNK J 67 60.64 -9.07 -37.02
CA UNK J 67 59.79 -8.13 -37.73
C UNK J 67 60.47 -6.74 -37.90
N UNK J 68 61.19 -6.26 -36.86
CA UNK J 68 61.87 -4.96 -36.78
C UNK J 68 62.78 -4.57 -37.94
N UNK J 69 63.51 -5.54 -38.53
CA UNK J 69 64.42 -5.25 -39.65
C UNK J 69 63.69 -5.12 -41.01
N UNK J 70 62.71 -4.19 -41.08
CA UNK J 70 61.93 -3.91 -42.29
C UNK J 70 62.59 -2.83 -43.17
N UNK J 71 62.24 -2.80 -44.46
CA UNK J 71 62.77 -1.83 -45.42
C UNK J 71 62.02 -0.47 -45.38
N UNK J 72 62.56 0.55 -46.12
CA UNK J 72 62.04 1.92 -46.25
C UNK J 72 61.75 2.60 -44.91
N UNK J 73 60.47 2.66 -44.49
CA UNK J 73 60.06 3.19 -43.21
C UNK J 73 59.44 2.03 -42.42
N UNK J 74 59.87 1.82 -41.17
CA UNK J 74 59.34 0.76 -40.31
C UNK J 74 58.73 1.38 -39.06
N UNK J 75 57.40 1.30 -38.94
CA UNK J 75 56.71 1.82 -37.78
C UNK J 75 56.13 0.67 -36.99
N UNK J 76 56.39 0.65 -35.66
CA UNK J 76 55.91 -0.41 -34.79
C UNK J 76 54.94 0.12 -33.76
N UNK J 77 53.66 -0.15 -33.96
CA UNK J 77 52.59 0.30 -33.09
C UNK J 77 52.60 -0.44 -31.74
N UNK J 78 67.41 2.44 -36.86
CA UNK J 78 66.48 1.83 -35.91
C UNK J 78 65.01 2.28 -36.14
N UNK J 79 64.05 1.49 -35.63
CA UNK J 79 62.62 1.75 -35.77
C UNK J 79 62.00 2.44 -34.54
N UNK J 80 60.83 3.06 -34.72
CA UNK J 80 60.06 3.73 -33.67
C UNK J 80 59.07 2.77 -33.05
N UNK J 81 58.68 3.02 -31.79
CA UNK J 81 57.67 2.22 -31.09
C UNK J 81 56.68 3.10 -30.35
N UNK J 82 55.42 3.09 -30.83
CA UNK J 82 54.33 3.88 -30.24
C UNK J 82 53.88 3.32 -28.90
N UNK J 83 53.90 4.17 -27.87
CA UNK J 83 53.49 3.82 -26.52
C UNK J 83 52.24 4.65 -26.21
N UNK J 84 51.08 3.99 -26.18
CA UNK J 84 49.79 4.65 -25.95
C UNK J 84 49.16 4.37 -24.58
N UNK J 85 48.26 5.25 -24.14
CA UNK J 85 47.55 5.12 -22.86
C UNK J 85 46.03 5.00 -23.06
N UNK J 86 45.52 12.77 -24.92
CA UNK J 86 44.33 11.98 -24.64
C UNK J 86 44.65 10.60 -24.10
N UNK J 87 43.82 10.12 -23.17
CA UNK J 87 43.97 8.79 -22.57
C UNK J 87 42.64 8.28 -22.04
N UNK J 88 42.44 6.95 -22.15
CA UNK J 88 41.23 6.28 -21.70
C UNK J 88 41.19 6.16 -20.17
N UNK J 89 39.98 6.25 -19.60
CA UNK J 89 39.75 6.13 -18.16
C UNK J 89 39.58 4.64 -17.80
N UNK J 90 40.41 4.15 -16.86
CA UNK J 90 40.46 2.75 -16.43
C UNK J 90 39.26 2.11 -15.67
N UNK J 91 38.61 2.78 -14.67
CA UNK J 91 37.49 2.19 -13.90
C UNK J 91 36.07 2.35 -14.48
N UNK J 92 35.68 3.58 -14.91
CA UNK J 92 34.37 3.88 -15.48
C UNK J 92 34.10 3.09 -16.75
N UNK J 93 35.15 2.79 -17.54
CA UNK J 93 35.03 2.02 -18.79
C UNK J 93 34.60 0.60 -18.50
N UNK J 94 35.13 0.02 -17.41
CA UNK J 94 34.80 -1.34 -17.00
C UNK J 94 33.33 -1.43 -16.65
N UNK J 95 32.77 -0.36 -16.05
CA UNK J 95 31.36 -0.30 -15.69
C UNK J 95 30.51 -0.17 -16.95
N UNK J 96 52.49 -5.71 -13.98
CA UNK J 96 52.70 -7.14 -13.80
C UNK J 96 52.52 -7.60 -12.35
N UNK J 97 53.00 -6.81 -11.37
CA UNK J 97 52.89 -7.13 -9.94
C UNK J 97 51.90 -6.18 -9.24
N UNK J 98 52.22 -4.86 -9.22
CA UNK J 98 51.37 -3.83 -8.62
C UNK J 98 50.20 -3.48 -9.53
N UNK J 99 50.36 -3.69 -10.86
CA UNK J 99 49.32 -3.46 -11.86
C UNK J 99 48.23 -4.52 -11.67
N UNK J 100 48.62 -5.72 -11.22
CA UNK J 100 47.72 -6.83 -10.90
C UNK J 100 47.04 -6.52 -9.58
N UNK J 101 47.68 -5.70 -8.72
CA UNK J 101 47.14 -5.24 -7.43
C UNK J 101 46.34 -3.92 -7.62
N UNK J 102 45.91 -3.65 -8.87
CA UNK J 102 45.13 -2.48 -9.28
C UNK J 102 44.04 -2.85 -10.31
N UNK J 103 44.38 -3.73 -11.29
CA UNK J 103 43.46 -4.20 -12.33
C UNK J 103 42.55 -5.33 -11.86
N UNK J 104 43.10 -6.33 -11.13
CA UNK J 104 42.34 -7.46 -10.62
C UNK J 104 41.37 -7.04 -9.52
N UNK J 105 41.75 -6.04 -8.71
CA UNK J 105 40.91 -5.49 -7.65
C UNK J 105 39.83 -4.56 -8.22
N UNK J 106 39.96 -4.15 -9.51
CA UNK J 106 39.03 -3.26 -10.22
C UNK J 106 37.75 -3.95 -10.75
N UNK J 107 37.75 -5.29 -10.81
CA UNK J 107 36.60 -6.08 -11.25
C UNK J 107 35.55 -6.18 -10.14
N UNK J 108 36.00 -6.15 -8.86
CA UNK J 108 35.15 -6.20 -7.66
C UNK J 108 34.34 -4.91 -7.47
N UNK J 109 34.80 -3.80 -8.08
CA UNK J 109 34.14 -2.48 -8.05
C UNK J 109 32.81 -2.54 -8.80
N UNK J 110 32.66 -3.55 -9.68
CA UNK J 110 31.45 -3.83 -10.46
C UNK J 110 30.65 -4.96 -9.79
N UNK J 111 31.21 -5.59 -8.73
CA UNK J 111 30.57 -6.69 -8.00
C UNK J 111 29.72 -6.22 -6.82
N UNK J 112 28.47 -5.76 -7.14
CA UNK J 112 27.43 -5.28 -6.22
C UNK J 112 26.14 -5.10 -7.03
N UNK J 113 25.13 -5.98 -6.80
CA UNK J 113 23.85 -5.94 -7.53
C UNK J 113 22.65 -6.48 -6.73
N UNK J 114 22.78 -7.70 -6.14
CA UNK J 114 21.72 -8.35 -5.38
C UNK J 114 22.13 -8.62 -3.92
N UNK J 115 47.94 11.00 -40.15
CA UNK J 115 47.19 11.08 -41.41
C UNK J 115 46.53 9.74 -41.76
N UNK J 116 47.31 8.64 -41.69
CA UNK J 116 46.85 7.28 -41.97
C UNK J 116 47.28 6.34 -40.84
N UNK J 117 48.50 6.55 -40.30
CA UNK J 117 49.04 5.77 -39.19
C UNK J 117 48.37 6.21 -37.89
N UNK J 118 48.01 7.51 -37.80
CA UNK J 118 47.35 8.13 -36.65
C UNK J 118 45.92 7.57 -36.46
N UNK J 119 45.25 7.18 -37.56
CA UNK J 119 43.90 6.60 -37.53
C UNK J 119 43.92 5.21 -36.89
N UNK J 120 45.00 4.44 -37.13
CA UNK J 120 45.19 3.11 -36.53
C UNK J 120 45.63 3.25 -35.05
N UNK J 121 46.17 4.44 -34.70
CA UNK J 121 46.64 4.78 -33.34
C UNK J 121 45.46 5.15 -32.44
N UNK J 122 44.38 5.72 -33.01
CA UNK J 122 43.16 6.11 -32.29
C UNK J 122 42.37 4.89 -31.80
N UNK J 123 42.46 3.76 -32.52
CA UNK J 123 41.79 2.50 -32.18
C UNK J 123 42.55 1.73 -31.08
N UNK J 124 43.76 2.21 -30.72
CA UNK J 124 44.60 1.64 -29.66
C UNK J 124 44.53 2.51 -28.39
N UNK J 125 43.89 3.71 -28.48
CA UNK J 125 43.68 4.66 -27.38
C UNK J 125 42.46 4.27 -26.50
N UNK J 126 41.65 3.31 -26.99
CA UNK J 126 40.45 2.77 -26.35
C UNK J 126 40.55 1.23 -26.12
N UNK J 127 41.53 0.58 -26.76
CA UNK J 127 41.79 -0.87 -26.68
C UNK J 127 42.65 -1.28 -25.47
N UNK J 128 43.42 -0.32 -24.92
CA UNK J 128 44.30 -0.53 -23.76
C UNK J 128 43.46 -0.81 -22.51
N UNK J 129 42.54 0.13 -22.17
CA UNK J 129 41.64 0.00 -21.02
C UNK J 129 40.21 -0.28 -21.47
N UNK J 130 43.89 -18.45 -40.49
CA UNK J 130 45.11 -18.15 -39.76
C UNK J 130 45.30 -19.02 -38.50
N UNK J 131 44.22 -19.73 -38.07
CA UNK J 131 44.22 -20.63 -36.91
C UNK J 131 44.48 -22.09 -37.29
N UNK J 132 43.75 -22.62 -38.30
CA UNK J 132 43.89 -23.98 -38.81
C UNK J 132 45.18 -24.16 -39.65
N UNK J 133 45.85 -23.04 -40.00
CA UNK J 133 47.09 -22.97 -40.78
C UNK J 133 48.16 -22.07 -40.12
N UNK J 134 48.27 -22.16 -38.77
CA UNK J 134 49.25 -21.42 -37.96
C UNK J 134 50.69 -22.03 -37.93
N UNK J 135 50.90 -23.38 -38.02
CA UNK J 135 49.93 -24.46 -38.14
C UNK J 135 49.36 -24.84 -36.77
N UNK J 136 50.24 -25.26 -35.84
CA UNK J 136 49.87 -25.64 -34.48
C UNK J 136 49.71 -24.39 -33.58
N UNK J 137 49.43 -24.60 -32.27
CA UNK J 137 49.23 -23.56 -31.25
C UNK J 137 50.39 -22.55 -31.19
N UNK J 138 51.63 -23.01 -31.44
CA UNK J 138 52.82 -22.17 -31.42
C UNK J 138 53.74 -22.45 -32.62
N UNK J 139 54.16 -21.37 -33.31
CA UNK J 139 55.04 -21.43 -34.47
C UNK J 139 55.94 -20.18 -34.54
N UNK J 140 55.34 -18.97 -34.34
CA UNK J 140 55.98 -17.63 -34.38
C UNK J 140 56.64 -17.28 -35.73
N UNK J 141 56.73 -18.27 -36.65
CA UNK J 141 57.29 -18.20 -38.00
C UNK J 141 56.55 -17.18 -38.89
N UNK J 142 55.39 -16.68 -38.39
CA UNK J 142 54.51 -15.69 -39.00
C UNK J 142 55.27 -14.48 -39.56
N UNK J 143 56.41 -14.10 -38.92
CA UNK J 143 57.27 -12.99 -39.35
C UNK J 143 57.84 -13.36 -40.73
N UNK J 144 57.08 -13.01 -41.79
CA UNK J 144 57.41 -13.31 -43.17
C UNK J 144 56.93 -12.21 -44.13
N UNK J 145 55.92 -12.50 -44.98
CA UNK J 145 55.36 -11.58 -45.98
C UNK J 145 54.68 -10.32 -45.39
N UNK J 146 55.00 -9.99 -44.13
CA UNK J 146 54.52 -8.80 -43.43
C UNK J 146 55.42 -7.60 -43.79
N UNK J 147 56.74 -7.83 -43.84
CA UNK J 147 57.79 -6.84 -44.19
C UNK J 147 58.57 -7.30 -45.43
N UNK J 148 58.32 -8.54 -45.90
CA UNK J 148 58.93 -9.11 -47.09
C UNK J 148 58.14 -8.74 -48.34
N UNK J 149 56.80 -8.81 -48.29
CA UNK J 149 55.91 -8.50 -49.43
C UNK J 149 55.57 -7.00 -49.55
N UNK J 150 55.30 -6.33 -48.41
CA UNK J 150 54.95 -4.90 -48.35
C UNK J 150 56.07 -3.98 -48.84
N UNK J 151 57.33 -4.41 -48.69
CA UNK J 151 58.53 -3.69 -49.13
C UNK J 151 58.67 -3.76 -50.66
N UNK J 152 58.45 -4.95 -51.25
CA UNK J 152 58.49 -5.19 -52.70
C UNK J 152 57.32 -4.46 -53.36
N UNK J 153 56.17 -4.39 -52.64
CA UNK J 153 54.95 -3.70 -53.07
C UNK J 153 55.04 -2.18 -52.80
N UNK J 154 54.09 -1.40 -53.35
CA UNK J 154 54.04 0.05 -53.21
C UNK J 154 53.72 0.50 -51.77
N UNK J 155 52.41 0.57 -51.41
CA UNK J 155 51.90 0.98 -50.10
C UNK J 155 52.33 2.39 -49.61
N UNK J 156 51.99 2.76 -48.34
CA UNK J 156 52.32 4.04 -47.70
C UNK J 156 53.13 3.88 -46.41
N UNK J 157 52.80 2.85 -45.59
CA UNK J 157 53.43 2.48 -44.31
C UNK J 157 52.86 1.14 -43.79
N UNK J 158 53.19 0.76 -42.54
CA UNK J 158 52.69 -0.48 -41.93
C UNK J 158 52.61 -0.39 -40.39
N UNK J 159 51.67 -1.15 -39.78
CA UNK J 159 51.48 -1.25 -38.33
C UNK J 159 52.16 -2.55 -37.86
N UNK J 160 53.10 -2.44 -36.90
CA UNK J 160 53.84 -3.62 -36.42
C UNK J 160 53.61 -3.94 -34.94
N UNK J 161 53.54 -5.25 -34.64
CA UNK J 161 53.32 -5.80 -33.30
C UNK J 161 54.51 -5.61 -32.35
N UNK J 162 54.22 -5.10 -31.14
CA UNK J 162 55.18 -4.82 -30.07
C UNK J 162 55.12 -5.86 -28.94
N UNK J 163 56.30 -6.30 -28.43
CA UNK J 163 56.43 -7.27 -27.35
C UNK J 163 57.69 -7.06 -26.50
N UNK J 164 41.68 -6.53 -20.20
CA UNK J 164 40.58 -5.71 -20.71
C UNK J 164 39.48 -6.56 -21.36
N UNK J 165 39.80 -7.27 -22.47
CA UNK J 165 38.88 -8.14 -23.23
C UNK J 165 38.75 -9.54 -22.62
N UNK J 166 39.84 -10.05 -22.02
CA UNK J 166 39.87 -11.33 -21.31
C UNK J 166 39.39 -11.13 -19.86
N UNK J 167 39.70 -9.93 -19.28
CA UNK J 167 39.30 -9.50 -17.94
C UNK J 167 37.78 -9.37 -17.84
N UNK J 168 37.13 -9.05 -18.97
CA UNK J 168 35.68 -8.92 -19.12
C UNK J 168 34.99 -10.29 -19.02
N UNK J 169 35.62 -11.32 -19.60
CA UNK J 169 35.12 -12.70 -19.57
C UNK J 169 35.54 -13.40 -18.28
N UNK J 170 36.57 -12.85 -17.59
CA UNK J 170 37.15 -13.38 -16.34
C UNK J 170 36.24 -13.34 -15.11
N UNK J 171 35.19 -12.48 -15.10
CA UNK J 171 34.23 -12.33 -13.99
C UNK J 171 33.43 -13.60 -13.74
N UNK J 172 32.87 -14.20 -14.82
CA UNK J 172 32.11 -15.46 -14.76
C UNK J 172 33.06 -16.66 -14.91
N UNK J 173 34.31 -16.49 -14.43
CA UNK J 173 35.38 -17.48 -14.44
C UNK J 173 36.11 -17.47 -13.08
N UNK J 174 36.68 -16.31 -12.69
CA UNK J 174 37.41 -16.11 -11.44
C UNK J 174 37.40 -14.63 -11.03
N UNK J 175 50.91 -18.77 -6.71
CA UNK J 175 51.97 -18.53 -7.70
C UNK J 175 51.80 -19.43 -8.92
N UNK J 176 51.76 -20.77 -8.72
CA UNK J 176 51.59 -21.83 -9.73
C UNK J 176 52.57 -21.76 -10.92
N UNK J 177 53.88 -21.65 -10.61
CA UNK J 177 54.97 -21.55 -11.59
C UNK J 177 55.17 -22.79 -12.45
N UNK J 178 54.92 -23.99 -11.91
CA UNK J 178 55.11 -25.25 -12.64
C UNK J 178 53.85 -26.10 -12.78
N UNK J 179 53.08 -26.27 -11.67
CA UNK J 179 51.86 -27.09 -11.62
C UNK J 179 50.83 -26.75 -12.71
N UNK J 180 50.48 -25.45 -12.83
CA UNK J 180 49.53 -24.97 -13.84
C UNK J 180 50.21 -24.95 -15.21
N UNK J 181 51.54 -24.72 -15.24
CA UNK J 181 52.36 -24.69 -16.45
C UNK J 181 52.56 -26.11 -17.02
N UNK J 182 51.49 -26.66 -17.62
CA UNK J 182 51.39 -27.98 -18.25
C UNK J 182 50.10 -28.08 -19.08
N UNK J 183 48.96 -27.65 -18.47
CA UNK J 183 47.63 -27.67 -19.07
C UNK J 183 47.38 -26.50 -20.05
N UNK J 184 48.33 -25.55 -20.14
CA UNK J 184 48.25 -24.38 -21.00
C UNK J 184 47.99 -24.69 -22.49
N UNK J 185 49.04 -25.11 -23.25
CA UNK J 185 48.96 -25.41 -24.68
C UNK J 185 48.21 -26.72 -24.99
N UNK J 186 48.08 -27.62 -23.99
CA UNK J 186 47.39 -28.91 -24.10
C UNK J 186 45.89 -28.81 -24.41
N UNK J 187 45.30 -27.61 -24.21
CA UNK J 187 43.88 -27.33 -24.44
C UNK J 187 43.51 -27.29 -25.92
N UNK J 188 44.24 -26.49 -26.73
CA UNK J 188 44.03 -26.29 -28.18
C UNK J 188 44.12 -27.56 -29.05
N UNK J 189 44.70 -28.66 -28.52
CA UNK J 189 44.87 -29.94 -29.21
C UNK J 189 43.56 -30.71 -29.38
N UNK J 190 42.68 -30.70 -28.35
CA UNK J 190 41.40 -31.39 -28.39
C UNK J 190 40.21 -30.44 -28.30
N UNK J 191 40.23 -29.49 -27.33
CA UNK J 191 39.15 -28.52 -27.10
C UNK J 191 39.17 -27.32 -28.06
N UNK J 192 40.27 -27.17 -28.85
CA UNK J 192 40.54 -26.14 -29.86
C UNK J 192 40.70 -24.71 -29.35
N UNK J 193 41.83 -24.07 -29.72
CA UNK J 193 42.26 -22.70 -29.40
C UNK J 193 42.16 -22.34 -27.91
N UNK J 194 40.94 -22.03 -27.43
CA UNK J 194 40.65 -21.65 -26.05
C UNK J 194 39.25 -22.17 -25.62
N UNK J 195 38.71 -23.18 -26.34
CA UNK J 195 37.40 -23.84 -26.14
C UNK J 195 36.23 -22.87 -26.06
N UNK K 1 -27.21 17.42 -56.60
CA UNK K 1 -27.17 17.65 -58.04
C UNK K 1 -27.39 19.09 -58.55
N UNK K 2 -28.32 19.95 -58.01
CA UNK K 2 -29.27 19.93 -56.88
C UNK K 2 -28.71 20.05 -55.45
N UNK K 3 -27.38 20.10 -55.33
CA UNK K 3 -26.67 20.23 -54.05
C UNK K 3 -26.40 21.70 -53.68
N HIS K 4 -26.94 22.63 -54.49
CA HIS K 4 -26.77 24.07 -54.27
C HIS K 4 -27.72 24.55 -53.16
N GLN K 5 -28.97 24.04 -53.15
CA GLN K 5 -30.04 24.39 -52.20
C GLN K 5 -29.61 24.04 -50.80
N TYR K 6 -28.98 22.88 -50.65
CA TYR K 6 -28.47 22.40 -49.37
C TYR K 6 -27.19 23.11 -48.95
N ALA K 7 -26.53 23.82 -49.88
CA ALA K 7 -25.31 24.57 -49.61
C ALA K 7 -25.57 26.07 -49.45
N LYS K 8 -26.82 26.46 -49.61
CA LYS K 8 -27.26 27.82 -49.39
C LYS K 8 -27.93 27.82 -48.00
N TYR K 9 -28.89 26.89 -47.80
CA TYR K 9 -29.66 26.71 -46.57
C TYR K 9 -28.75 26.58 -45.35
N ILE K 10 -27.63 25.87 -45.49
CA ILE K 10 -26.68 25.70 -44.38
C ILE K 10 -25.87 26.97 -44.05
N MET K 11 -25.36 27.70 -45.06
CA MET K 11 -24.63 28.94 -44.82
C MET K 11 -25.45 30.00 -44.08
N ALA K 12 -26.68 30.29 -44.57
CA ALA K 12 -27.58 31.28 -43.99
C ALA K 12 -27.88 31.11 -42.51
N ALA K 13 -27.97 29.86 -42.02
CA ALA K 13 -28.23 29.57 -40.61
C ALA K 13 -26.99 29.68 -39.72
N LEU K 14 -25.78 29.62 -40.31
CA LEU K 14 -24.52 29.70 -39.58
C LEU K 14 -24.23 31.11 -39.10
N PRO K 15 -23.71 31.25 -37.85
CA PRO K 15 -23.39 32.59 -37.34
C PRO K 15 -22.38 33.35 -38.20
N LYS K 16 -21.07 33.09 -38.06
CA LYS K 16 -20.06 33.78 -38.86
C LYS K 16 -19.10 32.82 -39.49
N TYR K 17 -19.66 31.94 -40.34
CA TYR K 17 -18.84 30.93 -40.99
C TYR K 17 -18.97 30.88 -42.50
N ILE K 18 -17.83 31.06 -43.18
CA ILE K 18 -17.73 31.06 -44.63
C ILE K 18 -17.82 29.62 -45.15
N GLN K 19 -18.44 29.43 -46.34
CA GLN K 19 -18.68 28.12 -46.97
C GLN K 19 -17.86 27.81 -48.26
N GLY K 20 -18.32 26.85 -49.08
CA GLY K 20 -17.66 26.43 -50.33
C GLY K 20 -18.13 25.13 -50.95
N PHE K 21 -18.48 25.18 -52.23
CA PHE K 21 -18.94 24.04 -53.00
C PHE K 21 -17.74 23.18 -53.43
N SER K 22 -17.99 21.90 -53.78
CA SER K 22 -16.93 20.96 -54.17
C SER K 22 -16.73 20.75 -55.67
N UNK K 23 -15.68 19.98 -56.04
CA UNK K 23 -15.28 19.65 -57.41
C UNK K 23 -16.12 18.55 -58.04
N UNK K 24 -16.81 17.74 -57.23
CA UNK K 24 -17.65 16.66 -57.73
C UNK K 24 -19.12 16.99 -57.47
N UNK K 25 -19.39 17.58 -56.27
CA UNK K 25 -20.66 18.05 -55.66
C UNK K 25 -20.75 17.69 -54.18
N UNK K 26 -20.29 18.62 -53.31
CA UNK K 26 -20.31 18.54 -51.84
C UNK K 26 -20.03 19.93 -51.24
N UNK K 27 -19.98 20.03 -49.89
CA UNK K 27 -19.75 21.30 -49.18
C UNK K 27 -18.43 21.34 -48.42
N UNK K 28 -17.96 22.55 -48.01
CA UNK K 28 -16.73 22.78 -47.24
C UNK K 28 -16.80 24.12 -46.48
N UNK K 29 -17.17 24.05 -45.21
CA UNK K 29 -17.34 25.23 -44.38
C UNK K 29 -16.04 25.68 -43.73
N UNK K 30 -15.48 26.80 -44.22
CA UNK K 30 -14.23 27.37 -43.70
C UNK K 30 -14.39 27.91 -42.27
N UNK K 31 -13.32 27.75 -41.47
CA UNK K 31 -13.28 28.13 -40.05
C UNK K 31 -12.99 29.60 -39.73
N UNK K 32 -13.00 29.90 -38.41
CA UNK K 32 -12.63 31.11 -37.68
C UNK K 32 -11.83 30.57 -36.49
N UNK K 33 -11.27 31.46 -35.64
CA UNK K 33 -10.44 31.08 -34.50
C UNK K 33 -11.07 30.07 -33.54
N UNK K 34 -12.33 30.31 -33.13
CA UNK K 34 -13.05 29.43 -32.22
C UNK K 34 -14.14 28.64 -32.96
N UNK K 35 -13.77 28.00 -34.08
CA UNK K 35 -14.71 27.21 -34.87
C UNK K 35 -15.17 25.95 -34.19
N UNK K 36 -14.37 25.43 -33.23
CA UNK K 36 -14.64 24.23 -32.47
C UNK K 36 -16.06 24.19 -31.90
N UNK K 37 -16.58 25.33 -31.38
CA UNK K 37 -17.93 25.40 -30.82
C UNK K 37 -19.01 25.29 -31.90
N UNK K 38 -18.72 25.85 -33.07
CA UNK K 38 -19.63 25.85 -34.20
C UNK K 38 -19.60 24.52 -34.93
N UNK K 39 -18.40 23.90 -35.03
CA UNK K 39 -18.15 22.60 -35.63
C UNK K 39 -18.79 21.52 -34.74
N UNK K 40 -18.74 21.72 -33.40
CA UNK K 40 -19.40 20.82 -32.43
C UNK K 40 -20.92 20.84 -32.65
N UNK K 41 -21.46 22.03 -33.00
CA UNK K 41 -22.88 22.28 -33.28
C UNK K 41 -23.33 21.71 -34.64
N UNK K 42 -22.44 21.73 -35.65
CA UNK K 42 -22.63 21.22 -37.01
C UNK K 42 -22.79 19.68 -36.95
N UNK K 43 -21.98 19.05 -36.08
CA UNK K 43 -22.00 17.62 -35.81
C UNK K 43 -23.19 17.29 -34.92
N UNK K 44 -23.64 18.26 -34.12
CA UNK K 44 -24.82 18.11 -33.29
C UNK K 44 -26.10 18.28 -34.14
N UNK K 45 -25.99 19.01 -35.27
CA UNK K 45 -27.14 19.28 -36.15
C UNK K 45 -27.73 18.02 -36.80
N UNK K 46 -27.29 17.64 -38.03
CA UNK K 46 -27.79 16.46 -38.73
C UNK K 46 -26.70 15.39 -38.85
N UNK K 47 -25.45 15.83 -39.12
CA UNK K 47 -24.27 14.97 -39.27
C UNK K 47 -23.92 14.23 -37.98
N UNK K 48 -23.19 13.12 -38.11
CA UNK K 48 -22.70 12.28 -37.03
C UNK K 48 -21.25 11.92 -37.37
N UNK K 49 -20.79 10.71 -36.99
CA UNK K 49 -19.50 10.05 -37.21
C UNK K 49 -18.35 10.77 -37.94
N UNK K 50 -17.17 10.81 -37.29
CA UNK K 50 -15.98 11.37 -37.92
C UNK K 50 -15.51 10.36 -38.97
N UNK K 51 -15.62 10.73 -40.26
CA UNK K 51 -15.28 9.87 -41.39
C UNK K 51 -13.77 9.75 -41.77
N UNK K 52 -13.21 10.73 -42.51
CA UNK K 52 -11.82 10.76 -42.96
C UNK K 52 -10.95 11.54 -41.98
N UNK K 53 -9.67 11.73 -42.35
CA UNK K 53 -8.67 12.43 -41.56
C UNK K 53 -9.00 13.86 -41.22
N UNK K 54 -8.54 14.27 -40.04
CA UNK K 54 -8.68 15.61 -39.52
C UNK K 54 -7.29 16.25 -39.49
N UNK K 55 -7.05 17.19 -40.44
CA UNK K 55 -5.86 17.98 -40.75
C UNK K 55 -4.83 17.46 -41.72
N UNK K 56 -4.56 18.29 -42.73
CA UNK K 56 -3.59 18.09 -43.80
C UNK K 56 -2.67 19.32 -43.88
N UNK K 57 -2.27 19.71 -45.12
CA UNK K 57 -1.42 20.85 -45.55
C UNK K 57 -0.76 21.69 -44.45
N UNK K 58 -3.71 31.10 -44.92
CA UNK K 58 -2.84 30.28 -44.09
C UNK K 58 -2.33 29.07 -44.86
N UNK K 59 -1.06 28.72 -44.60
CA UNK K 59 -0.31 27.65 -45.27
C UNK K 59 -0.98 26.29 -45.17
N UNK K 60 -1.74 26.07 -44.08
CA UNK K 60 -2.45 24.82 -43.85
C UNK K 60 -3.98 24.93 -43.96
N UNK K 61 -4.60 24.09 -44.86
CA UNK K 61 -6.06 23.99 -45.07
C UNK K 61 -6.51 22.55 -44.76
N UNK K 62 -7.09 22.36 -43.57
CA UNK K 62 -7.53 21.07 -43.02
C UNK K 62 -9.02 20.87 -43.17
N UNK K 63 -9.45 19.74 -43.75
CA UNK K 63 -10.87 19.43 -43.89
C UNK K 63 -11.23 18.12 -43.18
N UNK K 64 -12.25 18.17 -42.29
CA UNK K 64 -12.74 17.03 -41.51
C UNK K 64 -14.09 16.61 -42.07
N UNK K 65 -14.32 15.29 -42.15
CA UNK K 65 -15.58 14.77 -42.69
C UNK K 65 -16.48 14.15 -41.63
N UNK K 66 -17.73 14.63 -41.58
CA UNK K 66 -18.77 14.15 -40.69
C UNK K 66 -19.88 13.53 -41.54
N UNK K 67 -20.09 12.22 -41.39
CA UNK K 67 -21.13 11.50 -42.11
C UNK K 67 -22.25 11.09 -41.17
N UNK K 68 -23.49 11.00 -41.68
CA UNK K 68 -24.64 10.62 -40.86
C UNK K 68 -25.07 9.17 -41.10
N UNK K 69 -27.33 14.45 -49.97
CA UNK K 69 -26.51 13.85 -51.01
C UNK K 69 -27.39 13.11 -52.05
N UNK K 70 -26.99 11.90 -52.47
CA UNK K 70 -27.74 11.12 -53.47
C UNK K 70 -29.07 10.56 -52.94
N UNK K 71 -29.13 9.31 -52.42
CA UNK K 71 -30.36 8.69 -51.89
C UNK K 71 -30.09 7.95 -50.57
N UNK K 72 -29.11 8.44 -49.77
CA UNK K 72 -28.74 7.84 -48.47
C UNK K 72 -28.19 8.80 -47.38
N UNK K 73 -26.96 8.57 -46.89
CA UNK K 73 -26.32 9.35 -45.83
C UNK K 73 -25.63 10.63 -46.25
N UNK K 74 -25.85 11.69 -45.47
CA UNK K 74 -25.28 13.02 -45.73
C UNK K 74 -23.87 13.18 -45.15
N UNK K 75 -22.93 13.60 -46.01
CA UNK K 75 -21.54 13.86 -45.67
C UNK K 75 -21.19 15.33 -45.94
N UNK K 76 -20.57 16.01 -44.94
CA UNK K 76 -20.19 17.43 -45.05
C UNK K 76 -18.79 17.70 -44.52
N UNK K 77 -17.99 18.49 -45.26
CA UNK K 77 -16.62 18.83 -44.89
C UNK K 77 -16.52 20.13 -44.09
N UNK K 78 -15.72 20.10 -43.03
CA UNK K 78 -15.50 21.23 -42.13
C UNK K 78 -14.07 21.75 -42.25
N UNK K 79 -13.90 22.76 -43.12
CA UNK K 79 -12.59 23.39 -43.36
C UNK K 79 -12.12 24.24 -42.17
N UNK K 80 -10.82 24.15 -41.83
CA UNK K 80 -10.24 24.88 -40.69
C UNK K 80 -8.97 25.66 -40.99
N UNK K 81 -9.01 26.99 -40.85
CA UNK K 81 -7.84 27.82 -41.09
C UNK K 81 -6.77 27.64 -40.02
N UNK K 82 -5.53 27.34 -40.47
CA UNK K 82 -4.39 27.09 -39.59
C UNK K 82 -3.06 27.63 -40.14
N UNK K 83 -2.45 28.58 -39.42
CA UNK K 83 -0.98 28.74 -39.48
C UNK K 83 -0.30 28.39 -38.15
N UNK K 84 0.72 27.51 -38.17
CA UNK K 84 1.48 27.05 -36.98
C UNK K 84 2.37 28.10 -36.32
N UNK K 85 2.82 29.08 -37.12
CA UNK K 85 3.69 30.18 -36.68
C UNK K 85 2.95 31.22 -35.79
N UNK K 86 1.88 30.77 -35.07
CA UNK K 86 1.02 31.53 -34.13
C UNK K 86 -0.12 30.71 -33.52
N THR K 87 -1.14 30.37 -34.33
CA THR K 87 -2.40 29.71 -33.92
C THR K 87 -2.39 28.27 -33.38
N PRO K 88 -2.64 28.09 -32.06
CA PRO K 88 -2.80 26.74 -31.52
C PRO K 88 -4.21 26.26 -31.88
N VAL K 89 -4.32 25.74 -33.09
CA VAL K 89 -5.55 25.32 -33.74
C VAL K 89 -6.36 24.20 -33.04
N PRO K 90 -7.68 24.42 -32.78
CA PRO K 90 -8.51 23.43 -32.04
C PRO K 90 -8.76 22.04 -32.61
N SER K 91 -8.77 21.08 -31.68
CA SER K 91 -9.01 19.68 -31.92
C SER K 91 -10.50 19.34 -31.72
N ILE K 92 -10.97 18.29 -32.42
CA ILE K 92 -12.35 17.83 -32.34
C ILE K 92 -12.48 16.62 -31.42
N THR K 93 -11.51 16.44 -30.53
CA THR K 93 -11.45 15.35 -29.56
C THR K 93 -12.63 15.33 -28.59
N CYS K 94 -13.10 16.52 -28.14
CA CYS K 94 -14.26 16.69 -27.26
C CYS K 94 -15.54 16.31 -27.97
N LEU K 95 -15.54 16.48 -29.28
CA LEU K 95 -16.66 16.10 -30.13
C LEU K 95 -16.47 14.63 -30.57
N TYR K 96 -15.39 14.33 -31.30
CA TYR K 96 -15.07 12.98 -31.76
C TYR K 96 -13.69 12.56 -31.26
N GLU K 97 -13.64 11.50 -30.44
CA GLU K 97 -12.36 10.98 -29.95
C GLU K 97 -11.61 10.28 -31.10
N GLY K 98 -12.28 10.17 -32.25
CA GLY K 98 -11.77 9.62 -33.50
C GLY K 98 -10.73 10.52 -34.12
N ALA K 99 -10.85 11.84 -33.83
CA ALA K 99 -9.96 12.91 -34.25
C ALA K 99 -8.59 12.84 -33.55
N ASN K 100 -8.47 12.09 -32.43
CA ASN K 100 -7.22 11.93 -31.69
C ASN K 100 -6.04 11.43 -32.54
N TRP K 101 -6.17 10.21 -33.11
CA TRP K 101 -5.16 9.54 -33.94
C TRP K 101 -4.94 10.21 -35.31
N PHE K 102 -6.00 10.83 -35.86
CA PHE K 102 -5.92 11.58 -37.11
C PHE K 102 -5.20 12.92 -36.88
N GLU K 103 -5.45 13.59 -35.72
CA GLU K 103 -4.84 14.89 -35.38
C GLU K 103 -3.45 14.77 -34.77
N ARG K 104 -3.14 13.66 -34.07
CA ARG K 104 -1.81 13.46 -33.51
C ARG K 104 -0.83 13.17 -34.66
N GLU K 105 -1.36 12.65 -35.78
CA GLU K 105 -0.64 12.37 -37.03
C GLU K 105 -0.39 13.71 -37.76
N ALA K 106 -1.42 14.59 -37.80
CA ALA K 106 -1.37 15.90 -38.41
C ALA K 106 -0.43 16.85 -37.65
N TYR K 107 -0.28 16.64 -36.33
CA TYR K 107 0.61 17.42 -35.46
C TYR K 107 2.07 17.03 -35.68
N ASP K 108 2.30 15.72 -35.89
CA ASP K 108 3.63 15.15 -36.09
C ASP K 108 4.18 15.45 -37.49
N MET K 109 3.37 15.23 -38.54
CA MET K 109 3.78 15.44 -39.94
C MET K 109 3.71 16.89 -40.41
N TYR K 110 2.95 17.77 -39.71
CA TYR K 110 2.82 19.17 -40.10
C TYR K 110 3.23 20.21 -39.07
N GLY K 111 3.25 19.82 -37.79
CA GLY K 111 3.60 20.74 -36.70
C GLY K 111 2.44 21.58 -36.23
N VAL K 112 1.23 21.27 -36.73
CA VAL K 112 -0.02 21.96 -36.39
C VAL K 112 -0.38 21.60 -34.95
N PHE K 113 -0.19 22.55 -34.04
CA PHE K 113 -0.44 22.40 -32.60
C PHE K 113 -1.95 22.36 -32.33
N PHE K 114 -2.43 21.27 -31.70
CA PHE K 114 -3.84 21.11 -31.38
C PHE K 114 -4.22 21.60 -29.99
N GLU K 115 -5.35 22.34 -29.88
CA GLU K 115 -5.84 22.93 -28.63
C GLU K 115 -6.21 21.91 -27.53
N GLY K 116 -7.48 21.50 -27.45
CA GLY K 116 -7.97 20.57 -26.43
C GLY K 116 -7.62 19.11 -26.59
N HIS K 117 -6.45 18.82 -27.19
CA HIS K 117 -5.98 17.46 -27.45
C HIS K 117 -5.53 16.73 -26.18
N PRO K 118 -6.00 15.48 -25.97
CA PRO K 118 -5.62 14.74 -24.76
C PRO K 118 -4.14 14.37 -24.67
N ASP K 119 -3.46 14.09 -25.81
CA ASP K 119 -2.03 13.74 -25.82
C ASP K 119 -1.29 14.18 -27.11
N LEU K 120 -0.67 15.38 -27.06
CA LEU K 120 0.08 15.89 -28.19
C LEU K 120 1.46 15.26 -28.19
N ARG K 121 1.60 14.21 -29.01
CA ARG K 121 2.83 13.44 -29.17
C ARG K 121 3.03 13.13 -30.67
N ARG K 122 4.05 12.34 -31.00
CA ARG K 122 4.39 11.98 -32.37
C ARG K 122 3.88 10.57 -32.71
N ILE K 123 3.40 10.38 -33.96
CA ILE K 123 2.91 9.07 -34.41
C ILE K 123 3.96 8.37 -35.28
N MET K 124 4.38 9.00 -36.39
CA MET K 124 5.36 8.42 -37.32
C MET K 124 6.81 8.73 -36.99
N THR K 125 7.11 10.00 -36.69
CA THR K 125 8.48 10.42 -36.43
C THR K 125 9.01 10.01 -35.06
N ASP K 126 10.33 9.74 -35.00
CA ASP K 126 11.13 9.35 -33.84
C ASP K 126 10.86 10.29 -32.65
N TYR K 127 10.76 9.73 -31.44
CA TYR K 127 10.50 10.40 -30.15
C TYR K 127 10.97 11.87 -30.05
N GLY K 128 12.24 12.12 -30.39
CA GLY K 128 12.87 13.43 -30.33
C GLY K 128 13.38 13.95 -31.66
N PHE K 129 12.79 13.46 -32.76
CA PHE K 129 13.09 13.87 -34.14
C PHE K 129 12.77 15.34 -34.30
N GLU K 130 13.60 16.08 -35.02
CA GLU K 130 13.35 17.49 -35.26
C GLU K 130 12.88 17.67 -36.70
N GLY K 131 11.65 18.12 -36.86
CA GLY K 131 11.06 18.33 -38.17
C GLY K 131 9.70 17.71 -38.34
N HIS K 132 8.96 18.15 -39.37
CA HIS K 132 7.63 17.67 -39.70
C HIS K 132 7.53 17.51 -41.24
N PRO K 133 7.50 16.27 -41.75
CA PRO K 133 7.41 16.10 -43.21
C PRO K 133 5.99 16.11 -43.74
N UNK L 1 24.31 34.48 -123.70
CA UNK L 1 23.62 35.42 -124.59
C UNK L 1 23.79 36.88 -124.19
N UNK L 2 23.94 37.15 -122.87
CA UNK L 2 24.13 38.50 -122.33
C UNK L 2 25.46 39.13 -122.75
N UNK L 3 26.44 38.30 -123.19
CA UNK L 3 27.75 38.71 -123.70
C UNK L 3 27.62 39.42 -125.06
N UNK L 4 27.07 38.72 -126.08
CA UNK L 4 26.87 39.19 -127.47
C UNK L 4 25.74 40.21 -127.62
N UNK L 5 24.68 40.09 -126.79
CA UNK L 5 23.58 41.04 -126.79
C UNK L 5 23.53 41.83 -125.45
N UNK L 6 24.62 42.55 -125.14
CA UNK L 6 24.80 43.36 -123.92
C UNK L 6 24.02 44.68 -123.95
N UNK L 7 23.82 45.26 -125.16
CA UNK L 7 23.05 46.47 -125.41
C UNK L 7 21.55 46.13 -125.40
N UNK L 8 21.18 44.97 -125.98
CA UNK L 8 19.80 44.47 -126.03
C UNK L 8 19.29 44.14 -124.63
N UNK L 9 20.12 43.49 -123.79
CA UNK L 9 19.78 43.16 -122.41
C UNK L 9 19.70 44.40 -121.49
N UNK L 10 20.49 45.47 -121.77
CA UNK L 10 20.45 46.70 -120.97
C UNK L 10 19.20 47.47 -121.36
N UNK L 11 19.01 47.68 -122.68
CA UNK L 11 17.85 48.38 -123.24
C UNK L 11 16.54 47.76 -122.77
N UNK L 12 16.45 46.42 -122.78
CA UNK L 12 15.26 45.67 -122.39
C UNK L 12 15.07 45.50 -120.87
N UNK L 13 16.08 45.89 -120.06
CA UNK L 13 15.98 45.83 -118.60
C UNK L 13 15.36 47.15 -118.10
N UNK L 14 14.03 47.25 -118.12
CA UNK L 14 13.32 48.45 -117.71
C UNK L 14 12.88 48.24 -116.28
N UNK L 15 13.70 48.72 -115.33
CA UNK L 15 13.41 48.61 -113.90
C UNK L 15 12.48 49.73 -113.43
N UNK L 16 11.57 49.42 -112.48
CA UNK L 16 10.63 50.38 -111.93
C UNK L 16 11.18 51.00 -110.64
N UNK L 17 11.11 52.35 -110.49
CA UNK L 17 11.60 53.12 -109.34
C UNK L 17 12.86 52.52 -108.67
N UNK L 18 13.89 52.25 -109.50
CA UNK L 18 15.16 51.61 -109.13
C UNK L 18 14.98 50.22 -108.46
N UNK L 19 14.04 49.39 -108.96
CA UNK L 19 13.86 48.04 -108.45
C UNK L 19 14.57 47.11 -109.41
N UNK L 20 15.89 46.98 -109.21
CA UNK L 20 16.80 46.16 -110.02
C UNK L 20 16.37 44.70 -110.05
N UNK L 21 16.08 44.11 -108.88
CA UNK L 21 15.69 42.71 -108.76
C UNK L 21 14.39 42.28 -109.50
N UNK L 22 13.61 43.24 -110.04
CA UNK L 22 12.41 42.95 -110.85
C UNK L 22 12.80 42.38 -112.22
N UNK L 23 14.07 42.62 -112.61
CA UNK L 23 14.71 42.15 -113.84
C UNK L 23 15.04 40.65 -113.79
N UNK L 24 14.97 40.03 -112.61
CA UNK L 24 15.22 38.61 -112.40
C UNK L 24 14.31 37.68 -113.20
N MET L 25 13.13 38.18 -113.59
CA MET L 25 12.12 37.48 -114.40
C MET L 25 12.48 37.44 -115.88
N UNK L 26 12.88 38.60 -116.45
CA UNK L 26 13.31 38.74 -117.85
C UNK L 26 14.74 38.18 -118.08
N UNK L 27 15.58 38.08 -117.02
CA UNK L 27 16.94 37.52 -117.09
C UNK L 27 16.88 35.98 -117.12
N UNK L 28 15.99 35.36 -116.31
CA UNK L 28 15.77 33.91 -116.25
C UNK L 28 15.10 33.41 -117.55
N UNK L 29 14.10 34.17 -118.07
CA UNK L 29 13.39 33.85 -119.31
C UNK L 29 14.26 34.00 -120.57
N UNK L 30 15.32 34.85 -120.52
CA UNK L 30 16.26 35.06 -121.61
C UNK L 30 17.18 33.82 -121.75
N UNK L 31 17.84 33.39 -120.64
CA UNK L 31 18.77 32.26 -120.54
C UNK L 31 18.14 30.90 -120.84
N UNK L 32 16.81 30.75 -120.62
CA UNK L 32 16.07 29.49 -120.85
C UNK L 32 15.68 29.33 -122.32
N UNK L 33 15.45 30.46 -122.99
CA UNK L 33 15.06 30.49 -124.40
C UNK L 33 16.26 30.22 -125.33
N UNK L 34 17.35 30.96 -125.06
CA UNK L 34 18.61 30.95 -125.78
C UNK L 34 19.36 29.64 -125.63
N UNK L 35 19.42 29.08 -124.42
CA UNK L 35 20.17 27.86 -124.14
C UNK L 35 19.41 26.56 -123.77
N UNK L 36 18.05 26.59 -123.67
CA UNK L 36 17.14 25.50 -123.27
C UNK L 36 16.87 25.39 -121.74
N UNK L 37 17.94 25.41 -120.89
CA UNK L 37 17.86 25.37 -119.42
C UNK L 37 19.06 26.09 -118.79
N UNK L 38 18.97 26.41 -117.48
CA UNK L 38 20.04 27.07 -116.74
C UNK L 38 21.23 26.15 -116.50
N UNK L 39 22.42 26.66 -116.79
CA UNK L 39 23.70 25.95 -116.62
C UNK L 39 24.04 25.80 -115.13
N UNK L 40 24.80 24.74 -114.79
CA UNK L 40 25.26 24.39 -113.43
C UNK L 40 25.90 25.54 -112.63
N UNK L 41 26.59 26.49 -113.33
CA UNK L 41 27.25 27.68 -112.77
C UNK L 41 26.26 28.66 -112.15
N UNK L 42 25.02 28.73 -112.71
CA UNK L 42 23.93 29.59 -112.24
C UNK L 42 23.32 29.07 -110.94
N UNK L 43 23.37 27.75 -110.71
CA UNK L 43 22.88 27.10 -109.51
C UNK L 43 23.93 27.16 -108.40
N UNK L 44 22.44 37.55 -110.35
CA UNK L 44 22.17 37.95 -108.98
C UNK L 44 22.98 39.17 -108.53
N UNK L 45 24.23 39.31 -108.99
CA UNK L 45 25.07 40.46 -108.63
C UNK L 45 24.63 41.74 -109.35
N UNK L 46 24.15 41.61 -110.60
CA UNK L 46 23.66 42.73 -111.41
C UNK L 46 22.35 43.25 -110.85
N UNK L 47 21.47 42.32 -110.40
CA UNK L 47 20.16 42.62 -109.86
C UNK L 47 20.22 43.02 -108.37
N UNK L 48 21.45 43.09 -107.80
CA UNK L 48 21.80 43.45 -106.40
C UNK L 48 21.12 42.69 -105.23
N UNK L 49 21.02 41.36 -105.35
CA UNK L 49 20.44 40.48 -104.33
C UNK L 49 21.41 39.35 -103.97
N UNK L 50 21.01 38.48 -103.03
CA UNK L 50 21.77 37.32 -102.59
C UNK L 50 21.42 36.09 -103.44
N UNK L 51 22.38 35.17 -103.60
CA UNK L 51 22.22 33.96 -104.40
C UNK L 51 21.15 33.01 -103.85
N UNK L 52 21.04 32.89 -102.51
CA UNK L 52 20.04 32.06 -101.85
C UNK L 52 18.62 32.55 -102.15
N UNK L 53 18.39 33.90 -102.16
CA UNK L 53 17.09 34.52 -102.46
C UNK L 53 16.69 34.31 -103.91
N UNK L 54 17.63 34.44 -104.84
CA UNK L 54 17.39 34.25 -106.26
C UNK L 54 17.09 32.75 -106.52
N UNK L 55 17.91 31.87 -105.92
CA UNK L 55 17.76 30.42 -106.02
C UNK L 55 16.39 29.99 -105.52
N UNK L 56 15.96 30.60 -104.39
CA UNK L 56 14.67 30.35 -103.75
C UNK L 56 13.57 30.61 -104.76
N UNK L 57 13.79 31.67 -105.55
CA UNK L 57 12.85 32.15 -106.55
C UNK L 57 12.88 31.29 -107.80
N UNK L 58 14.07 31.14 -108.42
CA UNK L 58 14.26 30.31 -109.61
C UNK L 58 13.78 28.86 -109.48
N UNK L 59 14.12 28.16 -108.37
CA UNK L 59 13.69 26.77 -108.15
C UNK L 59 12.26 26.73 -107.63
N UNK L 60 18.08 21.45 -115.58
CA UNK L 60 18.66 20.36 -116.37
C UNK L 60 18.46 20.57 -117.87
N UNK L 61 19.53 20.31 -118.65
CA UNK L 61 19.58 20.46 -120.10
C UNK L 61 18.54 19.64 -120.89
N UNK L 62 17.86 20.32 -121.85
CA UNK L 62 16.81 19.75 -122.71
C UNK L 62 17.25 19.59 -124.16
N UNK L 63 16.68 18.59 -124.83
CA UNK L 63 16.94 18.30 -126.23
C UNK L 63 16.29 19.33 -127.17
N UNK L 64 16.75 19.36 -128.43
CA UNK L 64 16.33 20.27 -129.50
C UNK L 64 14.82 20.29 -129.78
N CYS L 65 0.46 18.53 -121.84
CA CYS L 65 -0.58 18.93 -120.89
C CYS L 65 -1.48 17.77 -120.46
N THR L 66 -1.53 17.52 -119.15
CA THR L 66 -2.32 16.43 -118.55
C THR L 66 -3.63 16.91 -118.00
N THR L 67 -3.82 18.24 -117.97
CA THR L 67 -5.00 18.85 -117.40
C THR L 67 -6.30 18.43 -118.04
N THR L 68 -7.31 18.28 -117.18
CA THR L 68 -8.68 17.89 -117.44
C THR L 68 -9.23 18.15 -118.85
N PRO L 69 -9.44 19.41 -119.32
CA PRO L 69 -9.98 19.59 -120.69
C PRO L 69 -9.17 18.88 -121.78
N CYS L 70 -7.83 18.88 -121.70
CA CYS L 70 -6.96 18.17 -122.65
C CYS L 70 -7.13 16.65 -122.54
N GLN L 71 -7.18 16.10 -121.31
CA GLN L 71 -7.42 14.68 -121.00
C GLN L 71 -8.79 14.28 -121.60
N LEU L 72 -9.83 15.13 -121.39
CA LEU L 72 -11.17 14.93 -121.93
C LEU L 72 -11.19 15.04 -123.47
N CYS L 73 -10.21 15.76 -124.06
CA CYS L 73 -9.98 15.88 -125.50
C CYS L 73 -9.11 14.70 -126.00
N GLY L 74 -8.59 13.90 -125.08
CA GLY L 74 -7.80 12.71 -125.38
C GLY L 74 -6.34 12.69 -124.97
N SER L 75 -5.85 13.71 -124.21
CA SER L 75 -4.44 13.83 -123.78
C SER L 75 -3.82 12.58 -123.17
N ASP L 76 -4.61 11.79 -122.45
CA ASP L 76 -4.10 10.55 -121.86
C ASP L 76 -3.46 9.66 -122.96
N GLY L 77 -4.27 9.30 -123.97
CA GLY L 77 -3.85 8.48 -125.10
C GLY L 77 -2.66 9.05 -125.82
N ILE L 78 -2.73 10.35 -126.15
CA ILE L 78 -1.69 11.12 -126.86
C ILE L 78 -0.39 11.03 -126.08
N MET L 79 -0.46 11.33 -124.79
CA MET L 79 0.65 11.30 -123.87
C MET L 79 1.30 9.90 -123.82
N GLU L 80 0.49 8.86 -123.53
CA GLU L 80 0.87 7.44 -123.44
C GLU L 80 1.65 6.95 -124.67
N ALA L 81 1.18 7.33 -125.89
CA ALA L 81 1.77 6.98 -127.19
C ALA L 81 3.07 7.75 -127.49
N VAL L 82 3.07 9.10 -127.33
CA VAL L 82 4.24 9.98 -127.53
C VAL L 82 5.41 9.61 -126.58
N GLN L 83 5.13 9.44 -125.28
CA GLN L 83 6.11 9.04 -124.27
C GLN L 83 6.68 7.61 -124.42
N UNK L 84 5.92 6.66 -124.98
CA UNK L 84 6.37 5.27 -125.14
C UNK L 84 7.13 4.98 -126.47
N UNK L 85 6.78 5.70 -127.56
CA UNK L 85 7.45 5.51 -128.86
C UNK L 85 8.91 5.97 -128.79
N UNK L 86 9.16 7.23 -128.33
CA UNK L 86 10.50 7.80 -128.17
C UNK L 86 11.27 7.12 -127.02
N GLY L 87 10.55 6.72 -125.96
CA GLY L 87 11.14 6.09 -124.78
C GLY L 87 11.88 7.08 -123.90
N UNK L 88 11.53 8.37 -124.05
CA UNK L 88 12.16 9.47 -123.32
C UNK L 88 11.31 9.94 -122.15
N GLY L 89 11.95 10.03 -120.98
CA GLY L 89 11.34 10.49 -119.74
C GLY L 89 11.40 11.99 -119.56
N UNK L 90 10.88 12.47 -118.42
CA UNK L 90 10.90 13.89 -118.12
C UNK L 90 12.32 14.40 -117.87
N GLY L 91 13.19 13.52 -117.37
CA GLY L 91 14.55 13.90 -117.04
C GLY L 91 15.55 13.86 -118.17
N UNK L 92 15.64 12.71 -118.84
CA UNK L 92 16.59 12.46 -119.92
C UNK L 92 16.13 12.95 -121.28
N UNK L 93 16.99 12.84 -122.30
CA UNK L 93 16.71 13.22 -123.69
C UNK L 93 16.63 11.96 -124.53
N UNK L 94 15.73 11.95 -125.52
CA UNK L 94 15.49 10.82 -126.41
C UNK L 94 16.73 10.44 -127.20
N UNK L 95 16.78 9.17 -127.65
CA UNK L 95 17.83 8.61 -128.51
C UNK L 95 18.00 9.40 -129.83
N UNK L 96 16.93 10.08 -130.32
CA UNK L 96 16.92 10.94 -131.52
C UNK L 96 17.71 12.24 -131.25
N GLY L 97 17.76 12.64 -129.98
CA GLY L 97 18.48 13.81 -129.50
C GLY L 97 17.71 15.11 -129.54
N UNK L 98 16.43 15.04 -130.00
CA UNK L 98 15.52 16.18 -130.15
C UNK L 98 14.35 16.25 -129.12
N UNK L 99 14.04 15.14 -128.43
CA UNK L 99 12.96 15.11 -127.46
C UNK L 99 13.42 15.00 -126.00
N UNK L 100 13.14 16.04 -125.21
CA UNK L 100 13.45 16.12 -123.78
C UNK L 100 12.55 15.14 -122.98
N UNK L 101 4.94 15.31 -117.27
CA UNK L 101 3.60 15.88 -117.18
C UNK L 101 3.64 17.40 -117.25
N UNK L 102 2.65 18.00 -117.94
CA UNK L 102 2.49 19.44 -118.10
C UNK L 102 1.10 19.91 -117.65
N UNK L 103 1.03 21.08 -117.01
CA UNK L 103 -0.22 21.67 -116.53
C UNK L 103 -0.96 22.41 -117.66
N CYS L 104 -2.12 22.99 -117.34
CA CYS L 104 -2.99 23.74 -118.26
C CYS L 104 -2.29 24.92 -118.88
N UNK L 105 -2.33 24.96 -120.21
CA UNK L 105 -1.72 26.00 -121.03
C UNK L 105 -2.71 27.13 -121.31
N GLY L 106 -4.00 26.84 -121.16
CA GLY L 106 -5.05 27.82 -121.37
C GLY L 106 -5.73 27.78 -122.71
N ALA L 107 -5.46 26.73 -123.55
CA ALA L 107 -6.12 26.52 -124.86
C ALA L 107 -6.90 25.22 -124.79
N CYS L 108 -8.07 25.30 -124.16
CA CYS L 108 -8.91 24.13 -123.92
C CYS L 108 -9.80 23.82 -125.09
N UNK L 109 -10.12 24.84 -125.90
CA UNK L 109 -10.94 24.68 -127.09
C UNK L 109 -10.18 23.82 -128.14
N UNK L 110 -8.84 23.95 -128.17
CA UNK L 110 -7.94 23.20 -129.05
C UNK L 110 -7.23 22.15 -128.18
N UNK L 111 5.81 27.55 -124.89
CA UNK L 111 6.96 28.36 -124.53
C UNK L 111 7.84 28.64 -125.75
N UNK L 112 8.19 27.57 -126.52
CA UNK L 112 9.02 27.62 -127.73
C UNK L 112 8.30 27.04 -128.95
N UNK L 113 7.86 25.76 -128.87
CA UNK L 113 7.18 25.05 -129.96
C UNK L 113 5.69 25.38 -130.02
N UNK L 114 5.11 25.43 -131.25
CA UNK L 114 3.69 25.71 -131.50
C UNK L 114 2.81 24.52 -131.14
N UNK L 115 1.62 24.81 -130.56
CA UNK L 115 0.61 23.90 -130.06
C UNK L 115 0.08 22.85 -131.03
N UNK L 116 -0.15 21.62 -130.52
CA UNK L 116 -0.67 20.45 -131.23
C UNK L 116 -2.20 20.32 -131.02
N UNK L 117 -2.93 21.24 -131.66
CA UNK L 117 -4.39 21.35 -131.60
C UNK L 117 -5.11 20.09 -132.07
N UNK L 118 -6.26 19.81 -131.41
CA UNK L 118 -7.17 18.68 -131.64
C UNK L 118 -6.40 17.38 -131.97
N UNK L 119 -5.56 16.99 -131.00
CA UNK L 119 -4.71 15.80 -131.12
C UNK L 119 -5.46 14.44 -131.18
N UNK L 120 -5.82 14.07 -132.41
CA UNK L 120 -6.47 12.81 -132.77
C UNK L 120 -5.36 11.78 -133.04
N UNK L 121 -5.70 10.46 -133.19
CA UNK L 121 -4.72 9.39 -133.46
C UNK L 121 -3.81 9.68 -134.67
N UNK L 122 -4.39 10.27 -135.74
CA UNK L 122 -3.68 10.69 -136.95
C UNK L 122 -2.92 12.00 -136.74
N UNK L 123 -3.51 12.95 -135.98
CA UNK L 123 -2.91 14.26 -135.65
C UNK L 123 -1.73 14.15 -134.68
N UNK L 124 -1.73 13.11 -133.81
CA UNK L 124 -0.63 12.85 -132.88
C UNK L 124 0.57 12.28 -133.65
N UNK L 125 0.33 11.30 -134.56
CA UNK L 125 1.34 10.66 -135.41
C UNK L 125 1.90 11.51 -136.58
N UNK L 126 1.08 12.40 -137.20
CA UNK L 126 1.54 13.30 -138.27
C UNK L 126 2.43 14.38 -137.66
N UNK L 127 2.14 14.79 -136.39
CA UNK L 127 2.92 15.78 -135.63
C UNK L 127 4.25 15.19 -135.18
N UNK L 128 4.26 13.88 -134.84
CA UNK L 128 5.43 13.12 -134.41
C UNK L 128 6.44 12.92 -135.56
N UNK L 129 5.94 12.44 -136.74
CA UNK L 129 6.74 12.19 -137.96
C UNK L 129 7.32 13.49 -138.55
N GLY L 130 6.56 14.58 -138.42
CA GLY L 130 6.97 15.90 -138.86
C GLY L 130 8.09 16.43 -138.00
N UNK L 131 7.93 16.31 -136.66
CA UNK L 131 8.93 16.71 -135.66
C UNK L 131 10.16 15.79 -135.71
N UNK L 132 9.96 14.51 -136.14
CA UNK L 132 11.02 13.49 -136.30
C UNK L 132 12.02 13.85 -137.41
N UNK L 133 11.55 14.64 -138.41
CA UNK L 133 12.34 15.15 -139.53
C UNK L 133 12.96 16.52 -139.19
N GLY L 134 12.77 16.94 -137.93
CA GLY L 134 13.27 18.20 -137.39
C GLY L 134 12.61 19.44 -137.94
N UNK L 135 11.36 19.30 -138.46
CA UNK L 135 10.60 20.43 -139.01
C UNK L 135 10.19 21.40 -137.90
N UNK L 136 10.51 22.70 -138.09
CA UNK L 136 10.21 23.76 -137.12
C UNK L 136 8.69 23.93 -136.97
N UNK L 137 8.21 23.92 -135.70
CA UNK L 137 6.79 24.00 -135.29
C UNK L 137 5.98 25.21 -135.84
N UNK L 138 6.66 26.36 -136.08
CA UNK L 138 6.06 27.58 -136.62
C UNK L 138 5.54 27.36 -138.06
N UNK L 139 6.01 26.28 -138.72
CA UNK L 139 5.63 25.84 -140.06
C UNK L 139 5.65 24.29 -140.15
N UNK L 140 4.58 23.66 -139.63
CA UNK L 140 4.42 22.21 -139.63
C UNK L 140 3.16 21.81 -140.41
N UNK L 141 3.15 20.60 -140.98
CA UNK L 141 2.01 20.10 -141.76
C UNK L 141 0.99 19.35 -140.91
N UNK L 142 -0.26 19.87 -140.89
CA UNK L 142 -1.39 19.30 -140.14
C UNK L 142 -2.67 19.43 -140.95
N UNK L 143 -3.20 18.29 -141.43
CA UNK L 143 -4.43 18.20 -142.23
C UNK L 143 -5.66 18.57 -141.39
N GLY L 144 -6.68 19.11 -142.05
CA GLY L 144 -7.92 19.54 -141.42
C GLY L 144 -7.89 21.00 -140.97
N UNK L 145 -9.07 21.56 -140.68
CA UNK L 145 -9.22 22.97 -140.26
C UNK L 145 -9.14 23.14 -138.75
N UNK L 146 -8.31 24.08 -138.30
CA UNK L 146 -8.18 24.39 -136.89
C UNK L 146 -8.52 25.86 -136.63
N UNK L 147 -9.72 26.12 -136.14
CA UNK L 147 -10.18 27.49 -135.90
C UNK L 147 -9.28 28.22 -134.91
N UNK L 148 -9.60 29.50 -134.66
CA UNK L 148 -8.84 30.33 -133.74
C UNK L 148 -9.36 30.21 -132.32
N UNK L 149 -9.67 31.34 -131.71
CA UNK L 149 -10.20 31.35 -130.34
C UNK L 149 -11.31 30.31 -130.27
N UNK L 150 -11.93 30.04 -131.44
CA UNK L 150 -13.03 29.09 -131.68
C UNK L 150 -12.62 27.97 -132.63
N UNK L 151 -13.16 26.75 -132.45
CA UNK L 151 -12.87 25.61 -133.34
C UNK L 151 -14.14 24.83 -133.73
N UNK L 152 -14.49 24.85 -135.03
CA UNK L 152 -15.68 24.16 -135.56
C UNK L 152 -15.31 22.76 -136.07
N UNK L 153 -15.84 21.72 -135.40
CA UNK L 153 -15.60 20.32 -135.74
C UNK L 153 -16.73 19.78 -136.61
N UNK L 154 -16.37 19.00 -137.66
CA UNK L 154 -17.32 18.41 -138.60
C UNK L 154 -17.00 16.94 -138.89
N UNK M 1 -32.82 -34.00 -21.43
CA UNK M 1 -31.55 -33.99 -22.14
C UNK M 1 -31.03 -32.58 -22.42
N UNK M 2 -29.71 -32.45 -22.59
CA UNK M 2 -29.04 -31.18 -22.89
C UNK M 2 -27.73 -31.26 -23.71
N UNK M 3 -26.65 -31.99 -23.31
CA UNK M 3 -26.36 -32.83 -22.13
C UNK M 3 -24.85 -32.79 -21.87
N UNK M 4 -24.43 -32.84 -20.59
CA UNK M 4 -23.03 -32.78 -20.14
C UNK M 4 -22.07 -33.88 -20.68
N UNK M 5 -22.31 -34.37 -21.89
CA UNK M 5 -21.50 -35.34 -22.61
C UNK M 5 -21.87 -35.05 -24.06
N UNK M 6 -23.19 -35.17 -24.40
CA UNK M 6 -23.74 -34.88 -25.72
C UNK M 6 -23.36 -33.48 -26.19
N PHE M 7 -23.50 -32.46 -25.32
CA PHE M 7 -23.12 -31.11 -25.69
C PHE M 7 -21.60 -30.92 -25.82
N LEU M 8 -20.80 -31.59 -24.95
CA LEU M 8 -19.32 -31.59 -24.97
C LEU M 8 -18.76 -32.35 -26.20
N LEU M 9 -19.60 -33.17 -26.90
CA LEU M 9 -19.21 -33.89 -28.10
C LEU M 9 -19.59 -33.15 -29.38
N ALA M 10 -20.91 -33.10 -29.73
CA ALA M 10 -21.58 -32.50 -30.91
C ALA M 10 -20.81 -31.48 -31.74
N GLU M 11 -20.40 -30.37 -31.11
CA GLU M 11 -19.66 -29.29 -31.78
C GLU M 11 -18.28 -29.72 -32.28
N MET M 12 -17.44 -30.21 -31.36
CA MET M 12 -16.06 -30.63 -31.64
C MET M 12 -15.95 -31.97 -32.38
N PHE M 13 -16.89 -32.90 -32.12
CA PHE M 13 -16.91 -34.20 -32.79
C PHE M 13 -17.22 -34.05 -34.28
N ARG M 14 -18.01 -33.00 -34.63
CA ARG M 14 -18.33 -32.64 -36.02
C ARG M 14 -17.05 -32.10 -36.69
N GLY M 15 -16.34 -31.21 -35.99
CA GLY M 15 -15.09 -30.60 -36.42
C GLY M 15 -13.98 -31.61 -36.66
N LEU M 16 -13.95 -32.67 -35.83
CA LEU M 16 -12.98 -33.76 -35.92
C LEU M 16 -13.32 -34.68 -37.10
N TYR M 17 -14.61 -34.80 -37.45
CA TYR M 17 -15.04 -35.61 -38.59
C TYR M 17 -14.83 -34.86 -39.91
N UNK M 18 -15.05 -33.53 -39.93
CA UNK M 18 -14.88 -32.66 -41.10
C UNK M 18 -13.42 -32.66 -41.57
N UNK M 19 -12.47 -32.52 -40.62
CA UNK M 19 -11.03 -32.57 -40.89
C UNK M 19 -10.69 -33.96 -41.45
N UNK M 20 -10.66 -34.08 -42.79
CA UNK M 20 -10.49 -35.36 -43.47
C UNK M 20 -9.49 -35.33 -44.63
N UNK M 21 -9.76 -36.14 -45.69
CA UNK M 21 -8.98 -36.36 -46.91
C UNK M 21 -7.69 -37.15 -46.70
N UNK M 22 12.19 -24.99 -54.81
CA UNK M 22 12.93 -25.27 -56.03
C UNK M 22 11.94 -25.62 -57.13
N UNK M 23 12.00 -26.86 -57.63
CA UNK M 23 11.10 -27.38 -58.63
C UNK M 23 10.18 -28.41 -58.00
N UNK M 24 9.96 -28.36 -56.66
CA UNK M 24 9.14 -29.30 -55.87
C UNK M 24 7.79 -29.63 -56.49
N UNK M 25 7.06 -28.61 -56.95
CA UNK M 25 5.75 -28.73 -57.59
C UNK M 25 5.79 -28.00 -58.94
N UNK M 26 6.80 -27.13 -59.12
CA UNK M 26 7.13 -26.31 -60.30
C UNK M 26 5.99 -25.39 -60.82
N UNK M 27 5.83 -24.27 -60.09
CA UNK M 27 4.79 -23.27 -60.37
C UNK M 27 4.91 -22.66 -61.76
N UNK M 28 3.82 -22.76 -62.53
CA UNK M 28 3.72 -22.27 -63.90
C UNK M 28 3.43 -20.76 -63.93
N UNK M 29 4.28 -20.03 -64.63
CA UNK M 29 4.20 -18.58 -64.72
C UNK M 29 3.40 -18.06 -65.90
N UNK M 30 2.67 -16.96 -65.68
CA UNK M 30 1.83 -16.27 -66.67
C UNK M 30 2.67 -15.47 -67.65
N UNK M 31 2.11 -15.23 -68.85
CA UNK M 31 2.69 -14.45 -69.94
C UNK M 31 3.21 -13.10 -69.51
N UNK M 32 2.37 -12.26 -68.87
CA UNK M 32 2.78 -10.94 -68.39
C UNK M 32 3.46 -11.02 -66.98
N UNK M 33 4.65 -11.68 -66.89
CA UNK M 33 5.42 -11.84 -65.64
C UNK M 33 6.42 -10.71 -65.37
N UNK M 34 6.21 -10.00 -64.25
CA UNK M 34 7.02 -8.87 -63.80
C UNK M 34 8.23 -9.30 -62.97
N UNK M 35 9.30 -9.76 -63.64
CA UNK M 35 10.51 -10.18 -62.94
C UNK M 35 11.76 -9.51 -63.52
N UNK M 36 12.91 -10.22 -63.46
CA UNK M 36 14.24 -9.86 -63.93
C UNK M 36 14.24 -8.99 -65.21
N UNK M 37 14.50 -7.68 -65.08
CA UNK M 37 14.50 -6.78 -66.22
C UNK M 37 15.67 -6.99 -67.22
N UNK M 38 15.35 -7.01 -68.53
CA UNK M 38 16.32 -7.14 -69.62
C UNK M 38 16.07 -6.10 -70.72
N UNK M 39 17.15 -5.72 -71.44
CA UNK M 39 17.12 -4.78 -72.56
C UNK M 39 16.95 -5.52 -73.89
N UNK M 40 19.72 -3.27 -82.23
CA UNK M 40 19.65 -2.40 -81.05
C UNK M 40 18.24 -1.83 -80.80
N UNK M 41 17.74 -1.99 -79.58
CA UNK M 41 16.42 -1.48 -79.17
C UNK M 41 16.51 -0.17 -78.35
N CYS M 42 17.73 0.26 -77.97
CA CYS M 42 17.91 1.46 -77.18
C CYS M 42 18.25 2.67 -78.01
N ILE M 43 17.31 3.62 -78.01
CA ILE M 43 17.40 4.89 -78.74
C ILE M 43 17.93 6.08 -77.91
N ALA M 44 18.29 5.84 -76.62
CA ALA M 44 18.79 6.83 -75.63
C ALA M 44 17.73 7.74 -75.01
N CYS M 45 16.45 7.54 -75.37
CA CYS M 45 15.38 8.37 -74.80
C CYS M 45 15.19 8.11 -73.32
N LYS M 46 14.87 9.14 -72.59
CA LYS M 46 14.67 8.99 -71.16
C LYS M 46 13.19 8.76 -70.91
N LEU M 47 12.61 7.75 -71.59
CA LEU M 47 11.19 7.43 -71.44
C LEU M 47 10.95 6.54 -70.22
N CYS M 48 11.83 5.56 -70.04
CA CYS M 48 11.84 4.64 -68.91
C CYS M 48 12.31 5.41 -67.66
N GLU M 49 13.37 6.22 -67.82
CA GLU M 49 13.96 7.03 -66.77
C GLU M 49 13.09 8.15 -66.17
N ALA M 50 12.68 9.19 -66.95
CA ALA M 50 11.90 10.35 -66.47
C ALA M 50 10.73 10.02 -65.56
N ILE M 51 9.95 8.98 -65.89
CA ILE M 51 8.84 8.57 -65.03
C ILE M 51 9.37 7.60 -63.98
N CYS M 52 8.91 6.32 -63.96
CA CYS M 52 9.31 5.27 -63.02
C CYS M 52 9.20 5.66 -61.55
N PRO M 53 8.54 4.83 -60.71
CA PRO M 53 8.49 5.16 -59.27
C PRO M 53 9.84 5.21 -58.51
N ALA M 54 10.90 4.51 -59.02
CA ALA M 54 12.23 4.42 -58.39
C ALA M 54 13.36 4.88 -59.34
N LEU M 55 14.55 4.28 -59.19
CA LEU M 55 15.67 4.59 -60.08
C LEU M 55 15.56 3.70 -61.31
N ALA M 56 15.17 4.30 -62.45
CA ALA M 56 15.01 3.61 -63.75
C ALA M 56 16.23 3.82 -64.60
N UNK M 57 17.41 3.48 -64.07
CA UNK M 57 18.69 3.59 -64.74
C UNK M 57 19.08 5.01 -65.09
N UNK M 58 20.06 5.55 -64.36
CA UNK M 58 20.62 6.88 -64.59
C UNK M 58 21.29 6.89 -65.97
N UNK M 59 20.47 7.21 -66.98
CA UNK M 59 20.86 7.17 -68.37
C UNK M 59 21.55 8.41 -68.90
N UNK M 60 22.84 8.27 -69.22
CA UNK M 60 23.63 9.32 -69.85
C UNK M 60 23.62 8.97 -71.32
N UNK M 61 23.27 9.93 -72.16
CA UNK M 61 23.17 9.73 -73.60
C UNK M 61 24.46 10.11 -74.33
N UNK M 62 24.65 9.61 -75.59
CA UNK M 62 25.81 9.87 -76.45
C UNK M 62 25.52 9.64 -77.94
N UNK M 63 26.28 10.32 -78.83
CA UNK M 63 26.15 10.17 -80.28
C UNK M 63 27.11 9.09 -80.77
N UNK M 64 26.60 8.22 -81.67
CA UNK M 64 27.36 7.12 -82.26
C UNK M 64 27.53 7.31 -83.76
N UNK M 65 28.79 7.20 -84.23
CA UNK M 65 29.14 7.37 -85.63
C UNK M 65 29.55 6.05 -86.27
N UNK M 66 21.13 8.03 -82.07
CA UNK M 66 21.32 8.18 -80.63
C UNK M 66 21.13 6.84 -79.91
N UNK M 67 22.06 6.53 -78.98
CA UNK M 67 22.08 5.33 -78.15
C UNK M 67 22.57 5.71 -76.76
N THR M 68 22.18 4.94 -75.74
CA THR M 68 22.61 5.18 -74.37
C THR M 68 24.09 4.91 -74.25
N THR M 69 24.81 5.73 -73.49
CA THR M 69 26.23 5.50 -73.24
C THR M 69 26.36 4.87 -71.86
N LYS M 70 25.39 5.17 -70.98
CA LYS M 70 25.32 4.64 -69.63
C LYS M 70 23.90 4.21 -69.32
N TYR M 71 23.74 3.07 -68.63
CA TYR M 71 22.46 2.51 -68.24
C TYR M 71 22.71 1.60 -67.02
N ASP M 72 22.08 1.90 -65.85
CA ASP M 72 22.26 1.13 -64.61
C ASP M 72 20.96 0.96 -63.85
N ILE M 73 20.31 -0.20 -63.94
CA ILE M 73 19.08 -0.39 -63.20
C ILE M 73 19.38 -0.96 -61.83
N ASP M 74 19.02 -0.20 -60.80
CA ASP M 74 19.21 -0.68 -59.43
C ASP M 74 18.00 -1.51 -59.03
N MET M 75 18.17 -2.84 -58.97
CA MET M 75 17.13 -3.82 -58.63
C MET M 75 16.77 -3.75 -57.16
N THR M 76 17.71 -3.23 -56.37
CA THR M 76 17.59 -2.97 -54.95
C THR M 76 16.68 -1.77 -54.76
N LYS M 77 16.81 -0.75 -55.61
CA LYS M 77 15.95 0.41 -55.51
C LYS M 77 14.62 0.17 -56.21
N CYS M 78 14.65 -0.60 -57.32
CA CYS M 78 13.53 -0.98 -58.19
C CYS M 78 12.30 -1.61 -57.51
N ILE M 79 11.12 -0.99 -57.70
CA ILE M 79 9.84 -1.42 -57.14
C ILE M 79 9.14 -2.44 -58.06
N TYR M 80 9.77 -2.80 -59.21
CA TYR M 80 9.24 -3.73 -60.23
C TYR M 80 7.77 -3.53 -60.61
N CYS M 81 7.48 -2.81 -61.70
CA CYS M 81 6.09 -2.63 -62.10
C CYS M 81 5.61 -3.38 -63.37
N GLY M 82 6.23 -3.20 -64.54
CA GLY M 82 7.36 -2.30 -64.82
C GLY M 82 6.95 -1.20 -65.76
N TYR M 83 6.85 0.03 -65.22
CA TYR M 83 6.50 1.23 -65.98
C TYR M 83 7.57 1.59 -67.01
N CYS M 84 8.76 0.99 -66.86
CA CYS M 84 9.90 1.13 -67.77
C CYS M 84 9.56 0.47 -69.11
N GLN M 85 9.08 -0.78 -69.06
CA GLN M 85 8.67 -1.54 -70.24
C GLN M 85 7.41 -0.90 -70.85
N GLU M 86 6.49 -0.40 -70.02
CA GLU M 86 5.25 0.27 -70.44
C GLU M 86 5.54 1.56 -71.24
N SER M 87 6.53 2.35 -70.78
CA SER M 87 6.94 3.63 -71.36
C SER M 87 7.90 3.53 -72.53
N CYS M 88 8.74 2.47 -72.58
CA CYS M 88 9.81 2.29 -73.58
C CYS M 88 9.87 3.21 -74.83
N PRO M 89 9.06 3.08 -75.91
CA PRO M 89 8.01 2.10 -76.20
C PRO M 89 8.49 0.97 -77.11
N VAL M 90 9.74 1.09 -77.56
CA VAL M 90 10.47 0.24 -78.51
C VAL M 90 10.23 -1.26 -78.40
N ASP M 91 10.30 -1.78 -77.19
CA ASP M 91 10.40 -3.21 -76.93
C ASP M 91 11.77 -3.51 -76.32
N ALA M 92 12.49 -2.45 -75.97
CA ALA M 92 13.83 -2.56 -75.40
C ALA M 92 13.78 -3.11 -73.99
N ILE M 93 13.33 -2.28 -73.04
CA ILE M 93 13.26 -2.75 -71.65
C ILE M 93 12.09 -3.72 -71.46
N VAL M 94 12.41 -5.01 -71.42
CA VAL M 94 11.39 -6.04 -71.26
C VAL M 94 11.64 -6.88 -70.02
N GLU M 95 10.69 -6.84 -69.07
CA GLU M 95 10.78 -7.61 -67.86
C GLU M 95 10.66 -9.08 -68.24
N THR M 96 11.49 -9.92 -67.64
CA THR M 96 11.53 -11.34 -68.02
C THR M 96 10.80 -12.31 -67.05
N PRO M 97 10.84 -13.65 -67.24
CA PRO M 97 10.11 -14.53 -66.33
C PRO M 97 10.89 -15.05 -65.11
N ASN M 98 12.23 -15.20 -65.21
CA ASN M 98 13.12 -15.76 -64.16
C ASN M 98 13.12 -15.06 -62.83
N VAL M 99 13.03 -15.85 -61.76
CA VAL M 99 13.04 -15.35 -60.38
C VAL M 99 14.30 -15.78 -59.63
N GLU M 100 15.13 -16.62 -60.28
CA GLU M 100 16.37 -17.10 -59.69
C GLU M 100 17.45 -16.01 -59.84
N TYR M 101 17.34 -14.96 -59.01
CA TYR M 101 18.25 -13.82 -59.04
C TYR M 101 18.99 -13.58 -57.72
N ALA M 102 18.68 -14.35 -56.65
CA ALA M 102 19.32 -14.19 -55.34
C ALA M 102 20.84 -14.28 -55.42
N THR M 103 21.53 -13.30 -54.80
CA THR M 103 23.00 -13.19 -54.77
C THR M 103 23.48 -12.88 -53.36
N GLU M 104 24.75 -13.14 -53.08
CA GLU M 104 25.40 -12.92 -51.78
C GLU M 104 25.84 -11.48 -51.54
N THR M 105 26.19 -10.75 -52.61
CA THR M 105 26.69 -9.38 -52.55
C THR M 105 25.63 -8.35 -52.98
N UNK M 106 25.55 -7.21 -52.26
CA UNK M 106 24.64 -6.10 -52.54
C UNK M 106 25.01 -5.37 -53.83
N UNK M 107 26.31 -5.01 -53.99
CA UNK M 107 26.85 -4.32 -55.16
C UNK M 107 26.57 -5.09 -56.44
N UNK M 108 26.50 -6.43 -56.32
CA UNK M 108 26.19 -7.36 -57.40
C UNK M 108 24.73 -7.25 -57.85
N UNK M 109 23.82 -6.73 -57.00
CA UNK M 109 22.41 -6.61 -57.36
C UNK M 109 22.07 -5.32 -58.14
N UNK M 110 23.06 -4.39 -58.28
CA UNK M 110 22.91 -3.14 -59.03
C UNK M 110 23.39 -3.37 -60.48
N UNK M 111 22.47 -3.87 -61.35
CA UNK M 111 22.72 -4.23 -62.76
C UNK M 111 23.08 -3.08 -63.71
N UNK M 112 24.09 -3.33 -64.58
CA UNK M 112 24.61 -2.42 -65.61
C UNK M 112 24.09 -2.81 -67.00
N UNK M 113 24.34 -1.95 -68.01
CA UNK M 113 23.90 -2.13 -69.40
C UNK M 113 24.24 -3.49 -70.00
N UNK M 114 25.52 -3.92 -69.90
CA UNK M 114 26.00 -5.20 -70.41
C UNK M 114 25.26 -6.38 -69.75
N UNK M 115 25.06 -6.31 -68.42
CA UNK M 115 24.36 -7.34 -67.67
C UNK M 115 22.86 -7.36 -67.97
N UNK M 116 22.41 -6.55 -68.96
CA UNK M 116 21.00 -6.44 -69.34
C UNK M 116 20.63 -6.97 -70.74
N UNK M 117 21.63 -7.37 -71.57
CA UNK M 117 21.38 -7.88 -72.92
C UNK M 117 20.47 -9.13 -72.92
N UNK M 118 19.59 -9.23 -73.94
CA UNK M 118 18.59 -10.30 -74.16
C UNK M 118 19.08 -11.71 -73.80
N UNK M 119 20.30 -12.06 -74.28
CA UNK M 119 20.96 -13.34 -74.05
C UNK M 119 21.20 -13.66 -72.57
N UNK M 120 21.53 -12.63 -71.76
CA UNK M 120 21.83 -12.76 -70.33
C UNK M 120 20.69 -13.34 -69.50
N UNK M 121 21.03 -14.31 -68.62
CA UNK M 121 20.15 -15.02 -67.69
C UNK M 121 20.71 -14.96 -66.26
N UNK M 122 8.46 -23.23 -63.67
CA UNK M 122 8.71 -23.48 -65.08
C UNK M 122 8.02 -22.42 -65.94
N UNK M 123 8.77 -21.79 -66.87
CA UNK M 123 8.31 -20.71 -67.76
C UNK M 123 7.65 -21.22 -69.06
N UNK M 124 6.46 -20.65 -69.40
CA UNK M 124 5.57 -20.95 -70.54
C UNK M 124 6.23 -21.52 -71.80
N UNK M 125 4.42 -16.51 -76.39
CA UNK M 125 3.38 -16.42 -77.41
C UNK M 125 2.44 -15.21 -77.19
N UNK M 126 1.78 -15.13 -76.01
CA UNK M 126 0.85 -14.04 -75.62
C UNK M 126 1.62 -12.86 -74.98
N UNK M 127 2.96 -12.98 -74.93
CA UNK M 127 3.94 -12.01 -74.40
C UNK M 127 5.36 -12.21 -75.00
N UNK M 128 5.65 -13.42 -75.57
CA UNK M 128 6.92 -13.87 -76.19
C UNK M 128 8.10 -14.02 -75.21
N UNK M 129 8.76 -15.19 -75.29
CA UNK M 129 9.90 -15.54 -74.42
C UNK M 129 11.25 -15.04 -74.98
N UNK M 130 12.07 -15.95 -75.58
CA UNK M 130 13.39 -15.73 -76.20
C UNK M 130 14.57 -15.29 -75.32
N UNK M 131 14.31 -14.51 -74.25
CA UNK M 131 15.33 -13.98 -73.34
C UNK M 131 16.16 -15.06 -72.60
N UNK M 132 15.49 -15.87 -71.75
CA UNK M 132 16.13 -16.95 -70.97
C UNK M 132 15.23 -18.19 -70.83
N UNK M 133 15.81 -19.38 -71.11
CA UNK M 133 15.18 -20.70 -71.10
C UNK M 133 16.27 -21.79 -71.03
N UNK M 134 16.03 -23.03 -70.49
CA UNK M 134 14.90 -23.73 -69.83
C UNK M 134 13.44 -23.19 -69.83
N UNK M 135 12.66 -23.56 -70.86
CA UNK M 135 11.26 -23.16 -70.97
C UNK M 135 10.35 -24.35 -71.19
N UNK M 136 9.37 -24.52 -70.30
CA UNK M 136 8.33 -25.56 -70.28
C UNK M 136 7.27 -25.20 -69.24
N UNK M 137 6.04 -25.74 -69.38
CA UNK M 137 4.89 -25.53 -68.47
C UNK M 137 4.60 -24.07 -68.14
N LYS N 25 38.93 -22.92 -53.73
CA LYS N 25 39.77 -23.05 -52.54
C LYS N 25 40.56 -24.38 -52.54
N PRO N 26 40.82 -24.97 -51.37
CA PRO N 26 41.54 -26.24 -51.23
C PRO N 26 40.68 -27.40 -51.71
N ASN N 27 41.32 -28.49 -52.22
CA ASN N 27 40.64 -29.68 -52.73
C ASN N 27 41.24 -30.95 -52.10
N SER N 28 40.35 -31.89 -51.65
CA SER N 28 40.66 -33.15 -50.98
C SER N 28 41.85 -33.09 -49.99
N ALA N 29 41.88 -32.03 -49.16
CA ALA N 29 42.93 -31.72 -48.18
C ALA N 29 42.96 -32.70 -46.98
N VAL N 30 44.15 -32.80 -46.30
CA VAL N 30 44.52 -33.67 -45.15
C VAL N 30 45.10 -35.05 -45.58
N ASP N 31 45.30 -36.00 -44.64
CA ASP N 31 45.88 -37.32 -44.95
C ASP N 31 44.87 -38.26 -45.63
N TYR N 32 43.64 -38.29 -45.09
CA TYR N 32 42.52 -39.05 -45.62
C TYR N 32 41.30 -38.13 -45.62
N THR N 33 40.65 -38.02 -46.77
CA THR N 33 39.48 -37.16 -47.02
C THR N 33 38.34 -37.19 -45.98
N LEU N 34 38.59 -36.60 -44.81
CA LEU N 34 37.65 -36.55 -43.69
C LEU N 34 38.00 -35.37 -42.77
N THR N 35 37.45 -34.14 -42.95
CA THR N 35 36.46 -33.57 -43.89
C THR N 35 35.02 -34.04 -43.74
N THR N 36 34.81 -35.33 -43.46
CA THR N 36 33.50 -35.95 -43.30
C THR N 36 32.69 -35.35 -42.16
N LEU N 37 33.29 -35.24 -40.97
CA LEU N 37 32.65 -34.72 -39.76
C LEU N 37 32.05 -33.34 -39.89
N ASP N 38 32.78 -32.37 -40.49
CA ASP N 38 32.30 -30.99 -40.68
C ASP N 38 31.09 -30.94 -41.60
N ALA N 39 31.19 -31.61 -42.77
CA ALA N 39 30.15 -31.69 -43.80
C ALA N 39 28.90 -32.41 -43.32
N VAL N 40 29.04 -33.42 -42.42
CA VAL N 40 27.95 -34.19 -41.81
C VAL N 40 27.00 -33.23 -41.07
N ALA N 41 27.58 -32.37 -40.20
CA ALA N 41 26.85 -31.38 -39.41
C ALA N 41 26.33 -30.26 -40.31
N ASN N 42 27.12 -29.83 -41.31
CA ASN N 42 26.76 -28.77 -42.25
C ASN N 42 25.58 -29.13 -43.14
N TRP N 43 25.54 -30.40 -43.60
CA TRP N 43 24.45 -30.97 -44.40
C TRP N 43 23.23 -31.00 -43.49
N ALA N 44 23.40 -31.55 -42.28
CA ALA N 44 22.36 -31.55 -41.26
C ALA N 44 21.92 -30.11 -41.00
N ARG N 45 22.84 -29.14 -40.93
CA ARG N 45 22.48 -27.75 -40.70
C ARG N 45 21.67 -27.12 -41.80
N GLN N 46 22.19 -27.16 -43.04
CA GLN N 46 21.55 -26.51 -44.18
C GLN N 46 20.08 -26.84 -44.49
N GLY N 47 19.72 -28.11 -44.28
CA GLY N 47 18.38 -28.63 -44.54
C GLY N 47 17.44 -28.54 -43.36
N SER N 48 17.97 -28.43 -42.14
CA SER N 48 17.21 -28.33 -40.90
C SER N 48 17.23 -26.89 -40.35
N PHE N 49 17.89 -25.98 -41.09
CA PHE N 49 18.07 -24.56 -40.82
C PHE N 49 16.84 -23.94 -40.15
N TRP N 50 17.06 -23.20 -39.08
CA TRP N 50 15.97 -22.60 -38.31
C TRP N 50 15.75 -21.12 -38.63
N PRO N 51 14.67 -20.76 -39.36
CA PRO N 51 14.47 -19.35 -39.70
C PRO N 51 13.66 -18.54 -38.66
N VAL N 52 14.18 -17.35 -38.36
CA VAL N 52 13.54 -16.36 -37.49
C VAL N 52 12.92 -15.25 -38.35
N THR N 53 11.59 -15.28 -38.38
CA THR N 53 10.82 -14.37 -39.19
C THR N 53 10.74 -12.99 -38.63
N PHE N 54 11.26 -12.06 -39.42
CA PHE N 54 11.23 -10.64 -39.14
C PHE N 54 10.35 -9.88 -40.14
N GLY N 55 9.04 -10.09 -40.03
CA GLY N 55 7.99 -9.51 -40.87
C GLY N 55 7.75 -8.03 -40.65
N LEU N 56 7.85 -7.24 -41.72
CA LEU N 56 7.66 -5.79 -41.68
C LEU N 56 6.46 -5.32 -42.50
N ALA N 57 6.49 -5.35 -43.85
CA ALA N 57 5.35 -4.94 -44.68
C ALA N 57 4.87 -6.06 -45.61
N CYS N 58 4.70 -5.79 -46.92
CA CYS N 58 4.22 -6.74 -47.93
C CYS N 58 5.03 -8.03 -48.01
N CYS N 59 6.36 -7.91 -47.87
CA CYS N 59 7.31 -9.02 -47.93
C CYS N 59 6.98 -10.11 -46.93
N ALA N 60 6.42 -9.75 -45.77
CA ALA N 60 6.02 -10.69 -44.73
C ALA N 60 4.83 -11.50 -45.24
N VAL N 61 4.01 -10.89 -46.13
CA VAL N 61 2.83 -11.52 -46.71
C VAL N 61 3.21 -12.60 -47.77
N GLU N 62 4.26 -12.30 -48.55
CA GLU N 62 4.83 -13.28 -49.50
C GLU N 62 5.55 -14.39 -48.70
N MET N 63 6.25 -14.01 -47.62
CA MET N 63 6.91 -14.97 -46.74
C MET N 63 5.93 -15.93 -46.09
N MET N 64 4.65 -15.54 -45.99
CA MET N 64 3.69 -16.49 -45.47
C MET N 64 3.25 -17.52 -46.53
N HIS N 65 3.12 -17.11 -47.81
CA HIS N 65 2.89 -17.99 -48.96
C HIS N 65 4.01 -19.06 -48.91
N VAL N 66 5.22 -18.61 -48.53
CA VAL N 66 6.39 -19.47 -48.37
C VAL N 66 6.11 -20.61 -47.40
N SER N 67 5.60 -20.33 -46.19
CA SER N 67 5.25 -21.39 -45.21
C SER N 67 4.18 -22.33 -45.76
N ALA N 68 3.19 -21.82 -46.52
CA ALA N 68 2.15 -22.67 -47.11
C ALA N 68 2.81 -23.69 -48.04
N PRO N 69 3.89 -23.27 -48.71
CA PRO N 69 4.68 -24.10 -49.62
C PRO N 69 5.90 -24.78 -48.92
N ARG N 70 6.09 -24.64 -47.57
CA ARG N 70 7.25 -25.23 -46.86
C ARG N 70 7.07 -26.64 -46.29
N TYR N 71 8.12 -27.47 -46.42
CA TYR N 71 8.12 -28.86 -45.97
C TYR N 71 9.29 -29.23 -45.06
N ASP N 72 10.52 -28.94 -45.51
CA ASP N 72 11.76 -29.21 -44.78
C ASP N 72 12.27 -27.94 -44.11
N GLN N 73 11.99 -26.79 -44.75
CA GLN N 73 12.33 -25.44 -44.30
C GLN N 73 11.63 -25.13 -42.99
N ASP N 74 10.43 -25.71 -42.79
CA ASP N 74 9.54 -25.54 -41.63
C ASP N 74 10.24 -25.57 -40.27
N ARG N 75 10.13 -24.43 -39.56
CA ARG N 75 10.66 -24.18 -38.23
C ARG N 75 9.97 -22.97 -37.59
N ILE N 78 9.73 -18.35 -37.90
CA ILE N 78 8.38 -18.45 -37.36
C ILE N 78 8.45 -19.12 -35.99
N ILE N 79 7.76 -18.52 -34.98
CA ILE N 79 7.70 -18.96 -33.57
C ILE N 79 9.06 -19.03 -32.87
N PHE N 80 10.07 -19.71 -33.49
CA PHE N 80 11.45 -19.73 -33.02
C PHE N 80 11.97 -18.31 -33.21
N ARG N 81 11.18 -17.54 -33.96
CA ARG N 81 11.31 -16.14 -34.28
C ARG N 81 10.92 -15.31 -33.07
N ALA N 82 9.92 -15.78 -32.28
CA ALA N 82 9.44 -15.04 -31.10
C ALA N 82 10.41 -14.89 -29.92
N SER N 83 11.27 -15.88 -29.59
CA SER N 83 12.19 -15.72 -28.45
C SER N 83 13.26 -14.61 -28.46
N PRO N 84 14.24 -14.43 -29.39
CA PRO N 84 14.58 -15.13 -30.65
C PRO N 84 15.76 -16.11 -30.60
N ARG N 85 16.26 -16.38 -29.39
CA ARG N 85 17.43 -17.21 -29.09
C ARG N 85 17.36 -18.67 -29.56
N GLN N 86 16.26 -19.09 -30.20
CA GLN N 86 16.05 -20.48 -30.62
C GLN N 86 16.35 -20.75 -32.09
N SER N 87 16.45 -19.68 -32.92
CA SER N 87 16.67 -19.79 -34.37
C SER N 87 17.97 -19.23 -34.90
N ASP N 88 18.39 -19.74 -36.07
CA ASP N 88 19.64 -19.38 -36.71
C ASP N 88 19.51 -18.46 -37.94
N ILE N 89 18.43 -18.59 -38.74
CA ILE N 89 18.29 -17.80 -39.96
C ILE N 89 17.36 -16.58 -39.84
N MET N 90 17.93 -15.37 -39.88
CA MET N 90 17.17 -14.13 -39.73
C MET N 90 16.66 -13.57 -41.04
N ILE N 91 15.36 -13.71 -41.25
CA ILE N 91 14.74 -13.26 -42.47
C ILE N 91 14.05 -11.95 -42.22
N VAL N 92 14.64 -10.90 -42.76
CA VAL N 92 14.17 -9.53 -42.70
C VAL N 92 13.30 -9.29 -43.94
N ALA N 93 11.99 -9.27 -43.72
CA ALA N 93 11.05 -9.12 -44.80
C ALA N 93 10.16 -7.87 -44.68
N GLY N 94 10.46 -6.87 -45.51
CA GLY N 94 9.72 -5.62 -45.55
C GLY N 94 10.56 -4.38 -45.32
N THR N 95 9.87 -3.25 -45.14
CA THR N 95 10.50 -1.95 -44.91
C THR N 95 11.04 -1.76 -43.50
N LEU N 96 12.31 -1.40 -43.43
CA LEU N 96 12.98 -1.13 -42.18
C LEU N 96 12.97 0.37 -41.91
N THR N 97 12.07 0.79 -41.03
CA THR N 97 11.93 2.20 -40.64
C THR N 97 13.15 2.56 -39.79
N ASN N 98 13.60 3.83 -39.85
CA ASN N 98 14.76 4.32 -39.10
C ASN N 98 14.62 4.19 -37.57
N LYS N 99 13.36 4.20 -37.10
CA LYS N 99 12.95 4.01 -35.72
C LYS N 99 13.04 2.51 -35.38
N MET N 100 12.71 1.64 -36.36
CA MET N 100 12.78 0.18 -36.19
C MET N 100 14.23 -0.28 -36.13
N ALA N 101 15.15 0.50 -36.70
CA ALA N 101 16.57 0.20 -36.76
C ALA N 101 17.28 -0.22 -35.47
N PRO N 102 17.14 0.46 -34.31
CA PRO N 102 17.81 -0.05 -33.10
C PRO N 102 17.20 -1.36 -32.56
N VAL N 103 15.89 -1.67 -32.81
CA VAL N 103 15.20 -2.91 -32.35
C VAL N 103 15.70 -4.15 -33.12
N LEU N 104 15.80 -4.05 -34.47
CA LEU N 104 16.30 -5.08 -35.39
C LEU N 104 17.75 -5.46 -35.04
N ARG N 105 18.52 -4.48 -34.55
CA ARG N 105 19.89 -4.64 -34.10
C ARG N 105 19.93 -5.55 -32.87
N GLN N 106 19.08 -5.29 -31.85
CA GLN N 106 19.02 -6.06 -30.60
C GLN N 106 18.47 -7.47 -30.71
N VAL N 107 17.62 -7.74 -31.72
CA VAL N 107 17.05 -9.07 -31.98
C VAL N 107 18.13 -9.97 -32.59
N TYR N 108 18.90 -9.47 -33.57
CA TYR N 108 20.04 -10.18 -34.19
C TYR N 108 21.13 -10.47 -33.13
N ASP N 109 21.38 -9.51 -32.20
CA ASP N 109 22.34 -9.68 -31.10
C ASP N 109 21.81 -10.67 -30.06
N GLN N 110 20.47 -10.69 -29.84
CA GLN N 110 19.77 -11.62 -28.94
C GLN N 110 19.48 -12.98 -29.58
N MET N 111 20.08 -13.22 -30.74
CA MET N 111 20.00 -14.49 -31.44
C MET N 111 21.24 -15.31 -31.06
N PRO N 112 21.22 -16.67 -31.18
CA PRO N 112 22.44 -17.45 -30.84
C PRO N 112 23.58 -17.28 -31.87
N GLU N 113 24.82 -17.62 -31.46
CA GLU N 113 26.03 -17.45 -32.26
C GLU N 113 26.07 -17.96 -33.72
N PRO N 114 25.82 -19.26 -34.09
CA PRO N 114 25.81 -19.59 -35.52
C PRO N 114 24.50 -19.07 -36.12
N ARG N 115 24.51 -17.80 -36.58
CA ARG N 115 23.37 -17.06 -37.12
C ARG N 115 23.62 -16.54 -38.52
N TRP N 116 22.60 -16.62 -39.39
CA TRP N 116 22.62 -16.15 -40.78
C TRP N 116 21.49 -15.15 -41.03
N VAL N 117 21.68 -14.20 -41.98
CA VAL N 117 20.71 -13.14 -42.28
C VAL N 117 20.31 -13.08 -43.78
N ILE N 118 18.99 -13.18 -44.05
CA ILE N 118 18.37 -13.08 -45.38
C ILE N 118 17.59 -11.75 -45.54
N SER N 119 18.05 -10.91 -46.47
CA SER N 119 17.45 -9.62 -46.78
C SER N 119 16.44 -9.82 -47.89
N MET N 120 15.15 -9.81 -47.52
CA MET N 120 14.03 -9.98 -48.43
C MET N 120 13.43 -8.62 -48.81
N GLY N 121 13.32 -8.37 -50.10
CA GLY N 121 12.70 -7.13 -50.55
C GLY N 121 13.60 -5.98 -50.89
N SER N 122 13.16 -5.20 -51.89
CA SER N 122 13.83 -4.01 -52.39
C SER N 122 14.15 -3.06 -51.24
N CYS N 123 13.22 -2.93 -50.27
CA CYS N 123 13.34 -2.09 -49.08
C CYS N 123 14.46 -2.56 -48.17
N ALA N 124 14.56 -3.88 -47.94
CA ALA N 124 15.59 -4.42 -47.04
C ALA N 124 16.92 -4.54 -47.73
N ASN N 125 16.88 -4.59 -49.07
CA ASN N 125 18.09 -4.66 -49.88
C ASN N 125 18.68 -3.28 -50.06
N GLY N 126 17.89 -2.37 -50.62
CA GLY N 126 18.30 -1.02 -50.93
C GLY N 126 17.14 -0.08 -51.19
N HIS N 131 11.47 1.79 -52.98
CA HIS N 131 10.96 3.11 -52.61
C HIS N 131 11.78 3.76 -51.48
N PHE N 132 12.90 4.40 -51.86
CA PHE N 132 13.79 5.07 -50.90
C PHE N 132 13.16 6.38 -50.41
N SER N 133 12.94 6.46 -49.08
CA SER N 133 12.30 7.58 -48.41
C SER N 133 13.19 8.26 -47.34
N TYR N 134 12.60 9.20 -46.56
CA TYR N 134 13.27 9.94 -45.48
C TYR N 134 12.93 9.37 -44.09
N SER N 135 12.08 8.32 -44.06
CA SER N 135 11.61 7.66 -42.85
C SER N 135 12.11 6.21 -42.73
N VAL N 136 12.70 5.68 -43.83
CA VAL N 136 13.22 4.32 -43.88
C VAL N 136 14.74 4.23 -44.11
N VAL N 137 15.35 3.17 -43.56
CA VAL N 137 16.78 2.90 -43.74
C VAL N 137 16.99 2.50 -45.20
N ARG N 138 18.02 3.09 -45.83
CA ARG N 138 18.35 2.90 -47.24
C ARG N 138 18.77 1.47 -47.58
N GLY N 139 19.18 0.68 -46.56
CA GLY N 139 19.62 -0.72 -46.70
C GLY N 139 19.69 -1.41 -45.31
N CYS N 140 19.28 -2.71 -45.20
CA CYS N 140 19.30 -3.50 -43.94
C CYS N 140 20.71 -3.92 -43.48
N ASP N 141 21.63 -4.00 -44.44
CA ASP N 141 23.06 -4.32 -44.27
C ASP N 141 23.80 -3.29 -43.43
N ARG N 142 23.23 -2.07 -43.35
CA ARG N 142 23.74 -0.92 -42.61
C ARG N 142 23.75 -1.19 -41.09
N ILE N 143 22.75 -1.94 -40.58
CA ILE N 143 22.61 -2.28 -39.17
C ILE N 143 23.09 -3.72 -38.86
N VAL N 144 22.63 -4.69 -39.65
CA VAL N 144 22.96 -6.08 -39.44
C VAL N 144 23.65 -6.64 -40.69
N PRO N 145 24.71 -7.46 -40.53
CA PRO N 145 25.38 -8.05 -41.71
C PRO N 145 24.46 -9.03 -42.45
N VAL N 146 24.36 -8.87 -43.79
CA VAL N 146 23.49 -9.67 -44.66
C VAL N 146 24.22 -10.80 -45.40
N ASP N 147 23.73 -12.04 -45.24
CA ASP N 147 24.31 -13.20 -45.92
C ASP N 147 23.77 -13.36 -47.33
N VAL N 148 22.44 -13.34 -47.53
CA VAL N 148 21.82 -13.47 -48.85
C VAL N 148 20.75 -12.37 -49.09
N TYR N 149 20.77 -11.75 -50.30
CA TYR N 149 19.88 -10.68 -50.77
C TYR N 149 18.86 -11.22 -51.79
N VAL N 150 17.57 -10.91 -51.58
CA VAL N 150 16.51 -11.35 -52.47
C VAL N 150 15.69 -10.16 -53.02
N PRO N 151 16.05 -9.64 -54.22
CA PRO N 151 15.28 -8.52 -54.79
C PRO N 151 13.90 -8.93 -55.31
N GLY N 152 13.03 -7.93 -55.46
CA GLY N 152 11.64 -8.09 -55.88
C GLY N 152 10.75 -7.17 -55.08
N CYS N 153 9.51 -6.94 -55.50
CA CYS N 153 8.70 -6.04 -54.70
C CYS N 153 7.23 -6.42 -54.47
N PRO N 154 6.90 -7.49 -53.68
CA PRO N 154 7.79 -8.46 -52.99
C PRO N 154 8.29 -9.59 -53.90
N PRO N 155 9.45 -10.23 -53.60
CA PRO N 155 9.93 -11.31 -54.48
C PRO N 155 9.00 -12.51 -54.37
N THR N 156 8.88 -13.32 -55.46
CA THR N 156 8.03 -14.51 -55.44
C THR N 156 8.50 -15.50 -54.36
N SER N 157 7.58 -16.31 -53.80
CA SER N 157 7.87 -17.30 -52.76
C SER N 157 9.07 -18.20 -53.14
N GLU N 158 9.07 -18.69 -54.40
CA GLU N 158 10.11 -19.54 -55.01
C GLU N 158 11.47 -18.86 -55.07
N ALA N 159 11.50 -17.52 -55.18
CA ALA N 159 12.73 -16.72 -55.19
C ALA N 159 13.30 -16.70 -53.77
N LEU N 160 12.42 -16.70 -52.73
CA LEU N 160 12.87 -16.77 -51.34
C LEU N 160 13.38 -18.18 -51.07
N MET N 161 12.73 -19.19 -51.70
CA MET N 161 13.16 -20.58 -51.63
C MET N 161 14.55 -20.65 -52.28
N TYR N 162 14.75 -19.95 -53.43
CA TYR N 162 16.03 -19.86 -54.13
C TYR N 162 17.08 -19.18 -53.25
N GLY N 163 16.66 -18.22 -52.43
CA GLY N 163 17.51 -17.52 -51.47
C GLY N 163 17.82 -18.41 -50.29
N VAL N 164 16.86 -19.28 -49.96
CA VAL N 164 16.96 -20.28 -48.91
C VAL N 164 17.99 -21.33 -49.37
N PHE N 165 17.95 -21.69 -50.68
CA PHE N 165 18.93 -22.62 -51.28
C PHE N 165 20.28 -21.94 -51.43
N GLN N 166 20.28 -20.59 -51.58
CA GLN N 166 21.49 -19.75 -51.68
C GLN N 166 22.15 -19.66 -50.32
N LEU N 167 21.36 -19.84 -49.26
CA LEU N 167 21.82 -19.90 -47.89
C LEU N 167 22.20 -21.36 -47.60
N GLN N 168 21.43 -22.35 -48.14
CA GLN N 168 21.68 -23.79 -47.99
C GLN N 168 23.06 -24.17 -48.55
N ARG N 169 23.32 -23.82 -49.83
CA ARG N 169 24.58 -24.07 -50.53
C ARG N 169 25.74 -23.26 -49.92
N LYS N 170 25.42 -22.18 -49.17
CA LYS N 170 26.38 -21.31 -48.48
C LYS N 170 26.85 -21.98 -47.18
N MET N 171 25.90 -22.54 -46.39
CA MET N 171 26.17 -23.26 -45.14
C MET N 171 27.03 -24.49 -45.42
N ARG N 172 26.87 -25.07 -46.62
CA ARG N 172 27.57 -26.23 -47.16
C ARG N 172 29.00 -25.85 -47.60
N ASN N 173 29.34 -24.57 -47.49
CA ASN N 173 30.65 -24.09 -47.91
C ASN N 173 30.74 -23.99 -49.43
N THR N 174 29.61 -24.18 -50.08
CA THR N 174 29.51 -24.18 -51.54
C THR N 174 29.85 -22.84 -52.20
N LYS N 175 29.43 -21.76 -51.56
CA LYS N 175 29.42 -20.44 -52.19
C LYS N 175 30.79 -19.90 -52.64
N ILE N 176 30.78 -19.28 -53.81
CA ILE N 176 31.93 -18.56 -54.40
C ILE N 176 31.51 -17.68 -55.61
N THR N 177 32.42 -17.48 -56.59
CA THR N 177 32.18 -16.67 -57.79
C THR N 177 31.56 -17.50 -58.90
N MET O 1 13.94 -43.96 13.76
CA MET O 1 13.72 -43.11 14.93
C MET O 1 14.92 -42.32 15.32
N PHE O 2 16.12 -42.81 15.00
CA PHE O 2 17.35 -42.09 15.29
C PHE O 2 17.40 -40.83 14.39
N ILE O 3 17.08 -41.07 13.10
CA ILE O 3 17.08 -40.09 12.02
C ILE O 3 16.10 -38.99 12.25
N GLY O 4 14.86 -39.40 12.48
CA GLY O 4 13.74 -38.52 12.72
C GLY O 4 13.98 -37.65 13.92
N THR O 5 14.58 -38.21 15.00
CA THR O 5 14.91 -37.44 16.21
C THR O 5 15.91 -36.35 15.91
N ILE O 6 16.96 -36.67 15.15
CA ILE O 6 17.98 -35.70 14.77
C ILE O 6 17.36 -34.58 13.92
N ILE O 7 16.50 -34.97 12.99
CA ILE O 7 15.83 -34.05 12.09
C ILE O 7 14.97 -33.11 12.91
N LEU O 8 14.21 -33.64 13.88
CA LEU O 8 13.35 -32.86 14.77
C LEU O 8 14.20 -31.83 15.46
N VAL O 9 15.33 -32.26 16.05
CA VAL O 9 16.24 -31.38 16.76
C VAL O 9 16.68 -30.22 15.92
N LEU O 10 17.18 -30.52 14.72
CA LEU O 10 17.67 -29.52 13.77
C LEU O 10 16.58 -28.51 13.47
N SER O 11 15.40 -29.03 13.18
CA SER O 11 14.25 -28.24 12.86
C SER O 11 13.94 -27.30 13.99
N PHE O 12 14.00 -27.80 15.23
CA PHE O 12 13.76 -26.97 16.39
C PHE O 12 14.80 -25.88 16.56
N LEU O 13 16.06 -26.22 16.34
CA LEU O 13 17.16 -25.28 16.44
C LEU O 13 16.93 -24.13 15.45
N GLY O 14 16.63 -24.49 14.20
CA GLY O 14 16.40 -23.52 13.16
C GLY O 14 15.19 -22.67 13.48
N PHE O 15 14.21 -23.23 14.22
CA PHE O 15 13.06 -22.47 14.66
C PHE O 15 13.54 -21.37 15.60
N VAL O 16 14.39 -21.70 16.61
CA VAL O 16 14.90 -20.65 17.51
C VAL O 16 16.22 -21.00 18.16
N PHE O 17 17.38 -20.44 17.79
CA PHE O 17 17.75 -19.41 16.82
C PHE O 17 16.88 -19.26 15.55
N ASN O 18 16.07 -18.18 15.50
CA ASN O 18 15.17 -17.81 14.40
C ASN O 18 15.89 -17.54 13.10
N ARG O 19 17.12 -17.00 13.23
CA ARG O 19 18.02 -16.58 12.17
C ARG O 19 17.41 -15.31 11.49
N ARG O 20 16.69 -14.48 12.30
CA ARG O 20 15.99 -13.24 11.89
C ARG O 20 14.91 -13.45 10.84
N ASN O 21 15.25 -14.17 9.77
CA ASN O 21 14.46 -14.44 8.56
C ASN O 21 12.91 -14.42 8.56
N ILE O 22 12.16 -15.23 9.38
CA ILE O 22 10.67 -15.30 9.46
C ILE O 22 10.00 -16.08 8.29
N ILE O 23 10.69 -16.20 7.16
CA ILE O 23 10.27 -16.88 5.94
C ILE O 23 10.44 -18.42 5.98
N LEU O 24 11.58 -18.87 6.51
CA LEU O 24 12.03 -20.25 6.66
C LEU O 24 11.13 -21.10 7.53
N ALA O 25 10.60 -20.48 8.58
CA ALA O 25 9.83 -21.09 9.65
C ALA O 25 8.85 -22.16 9.28
N PHE O 26 8.01 -21.92 8.27
CA PHE O 26 6.96 -22.86 7.88
C PHE O 26 7.55 -24.12 7.30
N ILE O 27 8.64 -23.94 6.54
CA ILE O 27 9.36 -25.05 5.96
C ILE O 27 9.86 -25.86 7.11
N CYS O 28 10.54 -25.21 8.07
CA CYS O 28 11.11 -25.85 9.24
C CYS O 28 10.09 -26.66 9.98
N LEU O 29 8.91 -26.11 10.18
CA LEU O 29 7.86 -26.82 10.89
C LEU O 29 7.43 -28.07 10.16
N GLU O 30 7.19 -27.94 8.84
CA GLU O 30 6.81 -29.08 8.01
C GLU O 30 7.84 -30.19 8.12
N THR O 31 9.13 -29.80 8.13
CA THR O 31 10.23 -30.72 8.30
C THR O 31 10.10 -31.44 9.63
N MET O 32 9.84 -30.71 10.71
CA MET O 32 9.69 -31.27 12.04
C MET O 32 8.63 -32.35 12.04
N LEU O 33 7.47 -32.06 11.42
CA LEU O 33 6.35 -33.00 11.34
C LEU O 33 6.77 -34.29 10.63
N LEU O 34 7.52 -34.14 9.54
CA LEU O 34 8.05 -35.27 8.78
C LEU O 34 8.92 -36.12 9.70
N GLY O 35 9.88 -35.48 10.38
CA GLY O 35 10.80 -36.15 11.28
C GLY O 35 10.10 -37.06 12.27
N ILE O 36 9.05 -36.52 12.92
CA ILE O 36 8.28 -37.26 13.89
C ILE O 36 7.61 -38.45 13.26
N ASN O 37 7.05 -38.23 12.06
CA ASN O 37 6.39 -39.28 11.35
C ASN O 37 7.34 -40.40 11.14
N LEU O 38 8.61 -40.09 10.79
CA LEU O 38 9.64 -41.11 10.63
C LEU O 38 9.83 -41.90 11.90
N ILE O 39 9.97 -41.22 13.05
CA ILE O 39 10.16 -41.91 14.32
C ILE O 39 9.07 -42.92 14.60
N LEU O 40 7.82 -42.49 14.45
CA LEU O 40 6.65 -43.32 14.68
C LEU O 40 6.63 -44.48 13.74
N LEU O 41 6.89 -44.24 12.44
CA LEU O 41 6.87 -45.32 11.48
C LEU O 41 7.82 -46.41 11.92
N ARG O 42 9.07 -46.07 12.30
CA ARG O 42 9.98 -47.12 12.77
C ARG O 42 9.41 -47.88 13.97
N ASN O 43 8.77 -47.15 14.87
CA ASN O 43 8.19 -47.75 16.05
C ASN O 43 7.04 -48.67 15.70
N SER O 44 6.16 -48.27 14.74
CA SER O 44 5.02 -49.05 14.25
C SER O 44 5.54 -50.37 13.74
N VAL O 45 6.54 -50.33 12.84
CA VAL O 45 7.17 -51.52 12.25
C VAL O 45 7.79 -52.39 13.34
N LEU O 46 8.32 -51.75 14.39
CA LEU O 46 8.93 -52.47 15.50
C LEU O 46 7.86 -53.24 16.27
N PHE O 47 6.73 -52.60 16.48
CA PHE O 47 5.58 -53.13 17.20
C PHE O 47 4.81 -54.13 16.38
N ASP O 48 4.49 -53.80 15.11
CA ASP O 48 3.65 -54.52 14.15
C ASP O 48 2.18 -54.04 14.10
N ASP O 49 1.59 -54.17 12.89
CA ASP O 49 0.21 -53.84 12.49
C ASP O 49 -0.28 -52.37 12.76
N ILE O 50 -1.57 -52.04 12.34
CA ILE O 50 -2.21 -50.71 12.37
C ILE O 50 -2.33 -50.03 13.74
N SER O 51 -1.16 -49.77 14.33
CA SER O 51 -1.00 -49.13 15.62
C SER O 51 -0.53 -47.69 15.47
N GLY O 52 0.56 -47.51 14.76
CA GLY O 52 1.16 -46.21 14.56
C GLY O 52 0.99 -45.70 13.15
N SER O 53 0.78 -46.61 12.20
CA SER O 53 0.61 -46.35 10.77
C SER O 53 -0.57 -45.41 10.48
N LEU O 54 -1.60 -45.56 11.29
CA LEU O 54 -2.80 -44.78 11.16
C LEU O 54 -2.57 -43.39 11.68
N PHE O 55 -2.04 -43.27 12.91
CA PHE O 55 -1.74 -41.97 13.47
C PHE O 55 -0.81 -41.24 12.52
N ALA O 56 0.17 -41.99 11.97
CA ALA O 56 1.10 -41.50 10.97
C ALA O 56 0.32 -40.83 9.83
N ILE O 57 -0.59 -41.58 9.21
CA ILE O 57 -1.41 -41.09 8.12
C ILE O 57 -2.20 -39.85 8.50
N VAL O 58 -2.65 -39.80 9.75
CA VAL O 58 -3.44 -38.70 10.29
C VAL O 58 -2.60 -37.47 10.30
N ILE O 59 -1.41 -37.56 10.94
CA ILE O 59 -0.50 -36.44 11.01
C ILE O 59 -0.26 -35.97 9.62
N ILE O 60 -0.11 -36.88 8.65
CA ILE O 60 0.05 -36.47 7.26
C ILE O 60 -1.12 -35.57 6.78
N ILE O 61 -2.35 -36.06 7.00
CA ILE O 61 -3.55 -35.32 6.60
C ILE O 61 -3.55 -33.93 7.27
N LEU O 62 -3.34 -33.96 8.57
CA LEU O 62 -3.26 -32.83 9.47
C LEU O 62 -2.15 -31.89 9.03
N ALA O 63 -0.97 -32.42 8.65
CA ALA O 63 0.17 -31.65 8.17
C ALA O 63 -0.28 -30.87 6.95
N GLY O 64 -0.97 -31.53 6.02
CA GLY O 64 -1.53 -30.90 4.84
C GLY O 64 -2.39 -29.70 5.19
N VAL O 65 -3.32 -29.91 6.14
CA VAL O 65 -4.20 -28.87 6.65
C VAL O 65 -3.40 -27.69 7.21
N GLU O 66 -2.41 -27.95 8.09
CA GLU O 66 -1.52 -26.95 8.70
C GLU O 66 -0.86 -26.10 7.62
N SER O 67 -0.33 -26.72 6.54
CA SER O 67 0.33 -25.99 5.44
C SER O 67 -0.68 -25.14 4.70
N ALA O 68 -1.93 -25.60 4.65
CA ALA O 68 -2.96 -24.83 3.97
C ALA O 68 -3.24 -23.57 4.77
N ILE O 69 -3.48 -23.79 6.07
CA ILE O 69 -3.76 -22.76 7.06
C ILE O 69 -2.65 -21.74 7.10
N GLY O 70 -1.41 -22.19 7.21
CA GLY O 70 -0.25 -21.31 7.20
C GLY O 70 -0.13 -20.50 5.93
N LEU O 71 -0.30 -21.15 4.77
CA LEU O 71 -0.16 -20.46 3.50
C LEU O 71 -1.24 -19.41 3.23
N SER O 72 -2.46 -19.68 3.69
CA SER O 72 -3.54 -18.70 3.59
C SER O 72 -3.29 -17.60 4.60
N LEU O 73 -2.67 -17.93 5.74
CA LEU O 73 -2.33 -16.91 6.72
C LEU O 73 -1.34 -15.93 6.11
N LEU O 74 -0.34 -16.42 5.37
CA LEU O 74 0.62 -15.57 4.70
C LEU O 74 -0.05 -14.72 3.65
N VAL O 75 -0.88 -15.35 2.78
CA VAL O 75 -1.62 -14.63 1.74
C VAL O 75 -2.43 -13.48 2.35
N SER O 76 -3.09 -13.73 3.52
CA SER O 76 -3.88 -12.72 4.26
C SER O 76 -2.98 -11.60 4.73
N TYR O 77 -1.85 -11.92 5.40
CA TYR O 77 -0.88 -10.91 5.82
C TYR O 77 -0.31 -10.46 4.46
N TYR O 78 0.49 -9.42 4.40
CA TYR O 78 1.02 -9.03 3.09
C TYR O 78 -0.06 -8.48 2.16
N ARG O 79 -0.86 -7.54 2.71
CA ARG O 79 -1.92 -6.78 2.03
C ARG O 79 -1.33 -6.01 0.82
N LEU O 80 -1.97 -6.11 -0.38
CA LEU O 80 -1.48 -5.49 -1.62
C LEU O 80 -1.90 -4.04 -1.92
N ARG O 81 -0.98 -3.27 -2.58
CA ARG O 81 -1.06 -1.84 -2.95
C ARG O 81 -0.74 -0.89 -1.78
N GLY O 82 -0.37 0.36 -2.09
CA GLY O 82 0.00 1.34 -1.07
C GLY O 82 -1.01 2.41 -0.71
N VAL O 83 -2.20 2.00 -0.21
CA VAL O 83 -3.27 2.91 0.27
C VAL O 83 -3.27 2.96 1.80
N ILE O 84 -3.34 4.19 2.37
CA ILE O 84 -3.28 4.48 3.81
C ILE O 84 -4.66 4.74 4.40
N ASN O 85 -4.84 4.30 5.65
CA ASN O 85 -6.08 4.45 6.41
C ASN O 85 -6.21 5.92 6.92
N SER O 86 -5.73 6.19 8.15
CA SER O 86 -5.71 7.41 8.98
C SER O 86 -5.59 6.95 10.45
N TYR O 87 -4.85 7.71 11.28
CA TYR O 87 -4.57 7.44 12.70
C TYR O 87 -5.63 6.66 13.51
N GLY O 88 -5.41 5.35 13.60
CA GLY O 88 -6.27 4.42 14.32
C GLY O 88 -5.46 3.31 15.02
N ILE O 89 -4.33 2.89 14.43
CA ILE O 89 -3.48 1.86 15.01
C ILE O 89 -2.64 2.43 16.14
N UNK P 1 0.24 -57.74 16.83
CA UNK P 1 1.54 -57.17 17.20
C UNK P 1 2.26 -58.15 18.15
N UNK P 2 1.95 -58.03 19.45
CA UNK P 2 2.40 -58.86 20.56
C UNK P 2 1.09 -59.31 21.28
N UNK P 3 -0.05 -59.20 20.53
CA UNK P 3 -1.44 -59.49 20.89
C UNK P 3 -1.62 -60.62 21.87
N UNK P 4 -0.73 -61.63 21.82
CA UNK P 4 -0.72 -62.78 22.69
C UNK P 4 -0.24 -62.39 24.09
N UNK P 5 1.04 -61.96 24.24
CA UNK P 5 1.59 -61.54 25.53
C UNK P 5 0.66 -60.60 26.30
N UNK P 6 -0.02 -59.71 25.57
CA UNK P 6 -0.96 -58.74 26.12
C UNK P 6 -2.28 -59.38 26.50
N UNK P 7 -2.76 -60.35 25.70
CA UNK P 7 -4.06 -60.99 25.93
C UNK P 7 -4.22 -61.50 27.36
N UNK P 8 -3.22 -62.24 27.88
CA UNK P 8 -3.25 -62.77 29.25
C UNK P 8 -2.83 -61.70 30.26
N UNK P 9 -2.24 -60.58 29.77
CA UNK P 9 -1.81 -59.46 30.59
C UNK P 9 -2.98 -58.55 30.97
N UNK P 10 -4.08 -58.62 30.18
CA UNK P 10 -5.34 -57.89 30.40
C UNK P 10 -6.27 -58.77 31.25
N UNK P 11 -6.15 -60.11 31.11
CA UNK P 11 -6.91 -61.10 31.86
C UNK P 11 -6.46 -61.05 33.33
N UNK P 12 -5.13 -60.91 33.55
CA UNK P 12 -4.53 -60.78 34.89
C UNK P 12 -5.13 -59.57 35.57
N UNK P 13 -5.45 -58.51 34.78
CA UNK P 13 -6.08 -57.28 35.28
C UNK P 13 -7.56 -57.53 35.56
N UNK P 14 -8.31 -58.12 34.60
CA UNK P 14 -9.74 -58.40 34.76
C UNK P 14 -10.05 -58.97 36.14
N UNK P 15 -9.33 -60.04 36.53
CA UNK P 15 -9.48 -60.69 37.82
C UNK P 15 -8.87 -59.89 38.99
N UNK P 16 -7.83 -59.08 38.73
CA UNK P 16 -7.18 -58.28 39.78
C UNK P 16 -7.79 -56.87 39.89
N UNK P 17 -7.73 -56.09 38.79
CA UNK P 17 -8.27 -54.73 38.69
C UNK P 17 -9.78 -54.79 38.44
N UNK P 18 -6.98 -52.29 44.67
CA UNK P 18 -7.84 -53.10 43.80
C UNK P 18 -8.29 -54.51 44.32
N UNK P 19 -7.40 -55.44 44.79
CA UNK P 19 -5.94 -55.37 44.88
C UNK P 19 -5.32 -56.03 43.65
N UNK P 20 -4.63 -55.21 42.83
CA UNK P 20 -3.97 -55.59 41.57
C UNK P 20 -2.77 -56.50 41.81
N UNK P 21 -1.53 -55.95 41.84
CA UNK P 21 -0.26 -56.66 42.05
C UNK P 21 -0.04 -57.86 41.10
N UNK P 22 -0.91 -58.00 40.07
CA UNK P 22 -0.85 -59.05 39.04
C UNK P 22 0.31 -58.73 38.07
N UNK P 23 0.95 -57.56 38.27
CA UNK P 23 2.10 -57.04 37.52
C UNK P 23 3.37 -57.91 37.71
N UNK P 24 3.36 -59.02 36.99
CA UNK P 24 4.39 -60.06 36.89
C UNK P 24 3.98 -60.80 35.63
N UNK P 25 2.66 -61.07 35.50
CA UNK P 25 2.00 -61.70 34.34
C UNK P 25 1.50 -60.57 33.44
N UNK P 26 1.46 -59.34 33.98
CA UNK P 26 1.03 -58.15 33.27
C UNK P 26 2.26 -57.44 32.68
N UNK P 27 2.45 -56.11 32.94
CA UNK P 27 3.57 -55.30 32.44
C UNK P 27 4.90 -56.05 32.33
N UNK P 28 5.20 -56.95 33.30
CA UNK P 28 6.44 -57.73 33.28
C UNK P 28 6.54 -58.68 32.09
N UNK P 29 5.41 -59.28 31.67
CA UNK P 29 5.38 -60.16 30.51
C UNK P 29 5.55 -59.33 29.23
N UNK P 30 5.26 -58.02 29.31
CA UNK P 30 5.40 -57.09 28.19
C UNK P 30 6.75 -56.29 28.20
N UNK P 31 7.72 -56.69 29.08
CA UNK P 31 9.05 -56.07 29.19
C UNK P 31 10.06 -56.68 28.20
N UNK P 32 9.87 -57.98 27.90
CA UNK P 32 10.67 -58.74 26.95
C UNK P 32 9.96 -58.72 25.59
N UNK P 33 8.71 -58.15 25.53
CA UNK P 33 7.89 -58.02 24.31
C UNK P 33 8.21 -56.74 23.55
N UNK P 34 9.05 -55.89 24.17
CA UNK P 34 9.67 -54.69 23.61
C UNK P 34 11.21 -55.01 23.58
N UNK P 35 11.52 -56.36 23.45
CA UNK P 35 12.79 -57.11 23.36
C UNK P 35 14.06 -56.54 24.01
N UNK P 36 13.92 -55.87 25.19
CA UNK P 36 15.02 -55.26 25.96
C UNK P 36 15.50 -56.11 27.16
N UNK P 37 14.63 -57.03 27.66
CA UNK P 37 14.92 -57.92 28.78
C UNK P 37 15.74 -59.14 28.33
N UNK P 38 15.50 -59.62 27.08
CA UNK P 38 16.24 -60.72 26.43
C UNK P 38 17.56 -60.12 26.02
N UNK P 39 17.54 -58.82 25.59
CA UNK P 39 18.71 -58.01 25.24
C UNK P 39 19.52 -57.91 26.52
N UNK P 40 18.83 -57.88 27.67
CA UNK P 40 19.46 -57.93 28.97
C UNK P 40 19.81 -59.41 29.24
N UNK P 41 20.58 -60.02 28.29
CA UNK P 41 21.14 -61.37 28.24
C UNK P 41 21.74 -61.64 26.85
N UNK P 42 20.89 -61.93 25.84
CA UNK P 42 21.27 -62.27 24.45
C UNK P 42 22.41 -61.48 23.84
N UNK P 43 22.35 -60.14 23.88
CA UNK P 43 23.41 -59.31 23.31
C UNK P 43 24.56 -59.07 24.32
N UNK P 44 24.44 -59.59 25.56
CA UNK P 44 25.42 -59.43 26.64
C UNK P 44 26.36 -60.64 26.85
N UNK P 45 26.06 -61.81 26.22
CA UNK P 45 26.87 -63.05 26.32
C UNK P 45 28.22 -62.94 25.58
N UNK P 46 28.50 -61.76 25.02
CA UNK P 46 29.75 -61.46 24.30
C UNK P 46 30.89 -61.35 25.30
N UNK P 47 30.65 -60.73 26.47
CA UNK P 47 31.62 -60.53 27.57
C UNK P 47 32.32 -61.82 28.02
N UNK P 48 31.83 -62.97 27.54
CA UNK P 48 32.37 -64.31 27.79
C UNK P 48 32.86 -64.91 26.48
N UNK P 49 32.05 -64.79 25.39
CA UNK P 49 32.38 -65.30 24.06
C UNK P 49 33.58 -64.52 23.52
N UNK P 50 33.46 -63.17 23.44
CA UNK P 50 34.55 -62.28 23.03
C UNK P 50 35.38 -61.96 24.28
N UNK P 51 35.93 -63.03 24.91
CA UNK P 51 36.76 -63.01 26.13
C UNK P 51 37.57 -64.33 26.19
N UNK P 52 37.68 -64.96 27.39
CA UNK P 52 38.40 -66.23 27.61
C UNK P 52 37.70 -67.40 26.90
N UNK P 53 37.64 -67.28 25.56
CA UNK P 53 37.02 -68.19 24.62
C UNK P 53 37.71 -69.57 24.60
N UNK P 54 39.04 -69.60 24.84
CA UNK P 54 39.89 -70.79 24.87
C UNK P 54 39.21 -72.05 25.44
N UNK P 55 38.59 -72.82 24.52
CA UNK P 55 37.85 -74.06 24.76
C UNK P 55 37.87 -75.05 23.54
N UNK P 56 37.80 -74.59 22.26
CA UNK P 56 37.68 -73.22 21.74
C UNK P 56 36.55 -73.15 20.70
N UNK P 57 36.58 -74.04 19.71
CA UNK P 57 35.59 -74.09 18.63
C UNK P 57 34.59 -75.23 18.83
N UNK Q 1 -22.54 -32.91 18.93
CA UNK Q 1 -21.95 -32.90 20.27
C UNK Q 1 -23.02 -32.99 21.37
N UNK Q 2 -23.65 -31.87 21.80
CA UNK Q 2 -24.66 -31.86 22.88
C UNK Q 2 -25.71 -32.96 22.80
N UNK Q 3 -26.39 -33.09 21.66
CA UNK Q 3 -27.41 -34.13 21.45
C UNK Q 3 -26.86 -35.36 20.72
N UNK Q 4 -25.53 -35.36 20.50
CA UNK Q 4 -24.81 -36.50 19.93
C UNK Q 4 -24.25 -37.27 21.14
N UNK Q 5 -23.33 -36.65 21.91
CA UNK Q 5 -22.68 -37.16 23.15
C UNK Q 5 -23.66 -37.91 24.05
N UNK Q 6 -24.89 -37.39 24.14
CA UNK Q 6 -25.96 -37.98 24.93
C UNK Q 6 -26.35 -39.35 24.33
N UNK Q 7 -27.37 -39.40 23.46
CA UNK Q 7 -27.91 -40.61 22.83
C UNK Q 7 -26.87 -41.55 22.32
N UNK Q 8 -25.73 -41.05 21.87
CA UNK Q 8 -24.69 -41.95 21.43
C UNK Q 8 -24.03 -42.57 22.65
N UNK Q 9 -23.80 -43.90 22.63
CA UNK Q 9 -24.05 -44.78 21.49
C UNK Q 9 -24.74 -46.08 21.88
N UNK Q 10 -25.99 -46.33 21.42
CA UNK Q 10 -26.78 -45.42 20.54
C UNK Q 10 -28.28 -45.23 20.93
N UNK Q 11 -28.63 -45.54 22.23
CA UNK Q 11 -29.95 -45.51 22.91
C UNK Q 11 -30.73 -46.84 22.78
N UNK Q 12 -30.52 -47.56 21.65
CA UNK Q 12 -31.08 -48.89 21.29
C UNK Q 12 -29.93 -49.76 20.78
N UNK Q 13 -29.24 -49.30 19.71
CA UNK Q 13 -28.06 -49.93 19.10
C UNK Q 13 -26.81 -49.42 19.88
N UNK Q 14 -25.60 -49.42 19.24
CA UNK Q 14 -24.33 -48.92 19.82
C UNK Q 14 -23.15 -48.82 18.85
N UNK Q 15 -22.34 -47.74 18.99
CA UNK Q 15 -21.10 -47.54 18.25
C UNK Q 15 -20.08 -48.38 19.01
N UNK Q 16 -18.94 -48.75 18.38
CA UNK Q 16 -17.93 -49.69 18.94
C UNK Q 16 -18.51 -51.11 18.83
N UNK Q 17 -19.85 -51.21 18.95
CA UNK Q 17 -20.61 -52.43 18.79
C UNK Q 17 -20.85 -52.59 17.30
N UNK Q 18 -20.96 -51.45 16.60
CA UNK Q 18 -21.11 -51.39 15.15
C UNK Q 18 -19.94 -52.16 14.49
N UNK Q 19 -18.71 -51.81 14.93
CA UNK Q 19 -17.44 -52.39 14.50
C UNK Q 19 -17.40 -53.86 14.82
N UNK Q 20 -17.71 -54.25 16.09
CA UNK Q 20 -17.71 -55.65 16.54
C UNK Q 20 -18.83 -56.47 15.92
N UNK Q 21 -19.81 -55.81 15.30
CA UNK Q 21 -20.86 -56.50 14.56
C UNK Q 21 -20.33 -56.68 13.14
N UNK Q 22 -19.62 -55.64 12.64
CA UNK Q 22 -18.95 -55.67 11.34
C UNK Q 22 -17.73 -56.59 11.38
N UNK Q 23 -17.52 -57.30 12.53
CA UNK Q 23 -16.45 -58.26 12.77
C UNK Q 23 -16.98 -59.64 12.46
N UNK Q 24 -18.30 -59.85 12.73
CA UNK Q 24 -19.04 -61.05 12.38
C UNK Q 24 -19.33 -60.88 10.87
N UNK Q 25 -19.06 -59.65 10.35
CA UNK Q 25 -19.18 -59.16 8.96
C UNK Q 25 -20.53 -59.43 8.30
N UNK Q 26 -21.59 -59.52 9.14
CA UNK Q 26 -22.96 -59.78 8.70
C UNK Q 26 -23.52 -58.55 8.00
N UNK Q 27 -24.25 -58.78 6.90
CA UNK Q 27 -24.89 -57.71 6.15
C UNK Q 27 -26.20 -57.45 6.90
N UNK Q 28 -26.30 -56.28 7.57
CA UNK Q 28 -27.43 -55.90 8.41
C UNK Q 28 -27.72 -54.38 8.39
N UNK Q 29 -28.41 -53.90 9.44
CA UNK Q 29 -28.81 -52.50 9.63
C UNK Q 29 -28.62 -52.06 11.11
N UNK Q 30 -28.96 -50.77 11.41
CA UNK Q 30 -28.95 -50.19 12.75
C UNK Q 30 -30.40 -50.32 13.35
N UNK Q 31 -30.67 -49.72 14.54
CA UNK Q 31 -31.96 -49.83 15.22
C UNK Q 31 -33.19 -49.29 14.44
N UNK Q 32 -33.63 -48.03 14.70
CA UNK Q 32 -34.79 -47.28 14.18
C UNK Q 32 -36.01 -47.25 15.16
N UNK Q 33 -36.00 -46.25 16.08
CA UNK Q 33 -36.99 -46.02 17.14
C UNK Q 33 -38.15 -45.07 16.74
N UNK Q 34 -38.32 -43.98 17.53
CA UNK Q 34 -39.34 -42.92 17.44
C UNK Q 34 -40.82 -43.39 17.58
N UNK Q 35 -41.53 -42.88 18.64
CA UNK Q 35 -42.94 -43.17 19.02
C UNK Q 35 -43.44 -42.22 20.15
N UNK Q 36 -44.75 -41.84 20.12
CA UNK Q 36 -45.56 -40.96 21.03
C UNK Q 36 -44.86 -40.17 22.15
N UNK Q 37 -43.96 -40.85 22.90
CA UNK Q 37 -43.10 -40.33 23.97
C UNK Q 37 -42.11 -39.36 23.31
N UNK Q 38 -41.68 -39.75 22.10
CA UNK Q 38 -40.81 -39.01 21.21
C UNK Q 38 -41.60 -37.78 20.68
N UNK Q 39 -42.72 -38.03 19.93
CA UNK Q 39 -43.59 -37.02 19.31
C UNK Q 39 -44.02 -35.93 20.29
N UNK Q 40 -44.23 -36.32 21.59
CA UNK Q 40 -44.64 -35.48 22.73
C UNK Q 40 -43.95 -34.09 22.81
N UNK Q 41 -42.62 -34.05 22.53
CA UNK Q 41 -41.80 -32.82 22.54
C UNK Q 41 -41.19 -32.54 21.17
N UNK Q 42 -41.05 -33.58 20.32
CA UNK Q 42 -40.55 -33.49 18.94
C UNK Q 42 -41.52 -32.66 18.10
N UNK Q 43 -42.72 -32.43 18.65
CA UNK Q 43 -43.74 -31.61 18.03
C UNK Q 43 -43.36 -30.11 18.14
N UNK Q 44 -42.87 -29.69 19.34
CA UNK Q 44 -42.49 -28.30 19.65
C UNK Q 44 -41.29 -27.76 18.86
N UNK Q 45 -40.44 -28.65 18.29
CA UNK Q 45 -39.25 -28.28 17.52
C UNK Q 45 -39.55 -27.63 16.17
N UNK Q 46 -40.43 -28.25 15.36
CA UNK Q 46 -40.89 -27.72 14.07
C UNK Q 46 -41.89 -26.57 14.35
N UNK Q 47 -41.45 -25.65 15.26
CA UNK Q 47 -42.12 -24.47 15.81
C UNK Q 47 -41.17 -23.73 16.74
N UNK Q 48 -40.11 -24.39 17.23
CA UNK Q 48 -39.16 -23.81 18.18
C UNK Q 48 -38.38 -22.58 17.64
N UNK Q 49 -37.24 -22.80 16.94
CA UNK Q 49 -36.35 -21.76 16.38
C UNK Q 49 -37.07 -20.71 15.51
N UNK Q 50 -38.18 -21.10 14.86
CA UNK Q 50 -39.01 -20.24 14.03
C UNK Q 50 -39.58 -19.13 14.88
N UNK Q 51 -40.36 -19.51 15.91
CA UNK Q 51 -40.98 -18.60 16.86
C UNK Q 51 -39.97 -18.13 17.90
N UNK Q 52 -38.67 -18.33 17.61
CA UNK Q 52 -37.58 -17.89 18.46
C UNK Q 52 -36.80 -16.80 17.74
N UNK Q 53 -36.60 -16.97 16.41
CA UNK Q 53 -35.92 -15.97 15.60
C UNK Q 53 -36.78 -14.72 15.66
N UNK Q 54 -38.08 -14.89 15.35
CA UNK Q 54 -39.09 -13.84 15.35
C UNK Q 54 -39.50 -13.39 16.75
N UNK Q 55 -39.09 -14.12 17.83
CA UNK Q 55 -39.42 -13.76 19.23
C UNK Q 55 -38.81 -12.44 19.68
N UNK Q 56 -38.28 -11.70 18.68
CA UNK Q 56 -37.64 -10.38 18.63
C UNK Q 56 -36.77 -10.44 17.36
N UNK Q 57 -37.25 -9.83 16.25
CA UNK Q 57 -36.57 -9.76 14.95
C UNK Q 57 -36.98 -8.52 14.18
N UNK R 1 -35.85 -5.73 16.91
CA UNK R 1 -34.91 -5.07 16.00
C UNK R 1 -34.04 -6.10 15.23
N UNK R 2 -34.02 -6.06 13.86
CA UNK R 2 -34.73 -5.11 13.00
C UNK R 2 -36.09 -5.63 12.48
N UNK R 3 -37.17 -4.81 12.67
CA UNK R 3 -38.60 -4.97 12.30
C UNK R 3 -39.09 -6.25 11.58
N UNK R 4 -38.48 -6.56 10.41
CA UNK R 4 -38.78 -7.69 9.51
C UNK R 4 -38.92 -9.09 10.14
N UNK R 5 -39.86 -9.90 9.59
CA UNK R 5 -40.17 -11.27 10.01
C UNK R 5 -38.97 -12.17 9.68
N UNK R 6 -38.76 -12.50 8.37
CA UNK R 6 -37.69 -13.31 7.77
C UNK R 6 -38.11 -13.80 6.38
N UNK R 7 -39.15 -14.70 6.35
CA UNK R 7 -39.74 -15.35 5.17
C UNK R 7 -38.73 -16.14 4.34
N UNK R 8 -38.99 -17.46 4.17
CA UNK R 8 -38.13 -18.45 3.49
C UNK R 8 -36.81 -18.68 4.27
N UNK R 9 -36.37 -17.68 5.08
CA UNK R 9 -35.25 -17.73 6.01
C UNK R 9 -35.82 -18.38 7.27
N UNK R 10 -37.16 -18.33 7.40
CA UNK R 10 -37.93 -18.96 8.45
C UNK R 10 -38.18 -20.43 8.05
N UNK R 11 -38.11 -20.76 6.73
CA UNK R 11 -38.27 -22.12 6.20
C UNK R 11 -37.04 -22.95 6.59
N UNK R 12 -35.85 -22.30 6.65
CA UNK R 12 -34.59 -22.88 7.08
C UNK R 12 -34.64 -22.98 8.61
N UNK R 13 -35.40 -22.08 9.27
CA UNK R 13 -35.63 -22.06 10.71
C UNK R 13 -36.91 -22.86 11.09
N UNK R 14 -37.32 -23.79 10.20
CA UNK R 14 -38.45 -24.72 10.31
C UNK R 14 -37.94 -26.12 9.97
N UNK R 15 -36.92 -26.20 9.08
CA UNK R 15 -36.25 -27.43 8.62
C UNK R 15 -35.15 -27.82 9.63
N UNK R 16 -34.35 -26.83 10.08
CA UNK R 16 -33.29 -27.02 11.08
C UNK R 16 -33.93 -26.88 12.45
N UNK R 17 -35.19 -26.40 12.50
CA UNK R 17 -35.93 -26.30 13.75
C UNK R 17 -36.52 -27.67 14.13
N UNK R 18 -37.05 -28.45 13.13
CA UNK R 18 -37.60 -29.81 13.30
C UNK R 18 -36.46 -30.81 13.50
N UNK R 19 -35.21 -30.33 13.57
CA UNK R 19 -33.96 -31.08 13.76
C UNK R 19 -33.53 -31.17 15.23
N UNK R 20 -33.92 -30.16 16.04
CA UNK R 20 -33.67 -30.16 17.48
C UNK R 20 -34.55 -31.25 18.08
N UNK R 21 -35.56 -31.71 17.29
CA UNK R 21 -36.59 -32.71 17.58
C UNK R 21 -36.20 -34.19 17.56
N UNK R 22 -35.52 -34.67 16.49
CA UNK R 22 -35.09 -36.07 16.42
C UNK R 22 -34.05 -36.23 17.54
N UNK R 23 -33.38 -35.10 17.85
CA UNK R 23 -32.41 -34.91 18.93
C UNK R 23 -33.16 -34.63 20.27
N UNK R 24 -34.42 -35.10 20.35
CA UNK R 24 -35.34 -35.05 21.49
C UNK R 24 -36.26 -36.27 21.39
N UNK R 25 -36.31 -36.90 20.19
CA UNK R 25 -37.10 -38.09 19.90
C UNK R 25 -36.22 -39.32 20.12
N UNK R 26 -35.17 -39.49 19.28
CA UNK R 26 -34.21 -40.59 19.41
C UNK R 26 -33.33 -40.30 20.63
N UNK R 27 -33.33 -39.03 21.09
CA UNK R 27 -32.62 -38.57 22.27
C UNK R 27 -33.48 -38.72 23.53
N UNK R 28 -34.67 -39.32 23.36
CA UNK R 28 -35.60 -39.67 24.45
C UNK R 28 -35.90 -41.17 24.26
N UNK R 29 -34.84 -42.00 24.40
CA UNK R 29 -34.88 -43.46 24.26
C UNK R 29 -33.89 -44.14 25.21
N UNK R 30 -34.36 -45.18 25.90
CA UNK R 30 -33.60 -45.99 26.88
C UNK R 30 -34.24 -47.37 27.06
N UNK R 31 -33.71 -48.20 27.99
CA UNK R 31 -34.24 -49.55 28.25
C UNK R 31 -33.91 -50.12 29.65
N UNK R 32 -34.19 -51.45 29.82
CA UNK R 32 -33.95 -52.36 30.94
C UNK R 32 -34.78 -52.31 32.24
N UNK R 33 -34.35 -51.56 33.28
CA UNK R 33 -35.01 -51.56 34.60
C UNK R 33 -36.20 -50.61 34.88
N UNK R 34 -35.98 -49.51 35.66
CA UNK R 34 -36.98 -48.55 36.13
C UNK R 34 -37.66 -47.65 35.06
N UNK R 35 -37.87 -46.33 35.39
CA UNK R 35 -38.48 -45.25 34.56
C UNK R 35 -39.89 -45.56 34.02
N UNK R 36 -40.29 -44.86 32.95
CA UNK R 36 -41.60 -45.02 32.29
C UNK R 36 -41.51 -46.05 31.13
N UNK R 37 -40.40 -46.83 31.08
CA UNK R 37 -40.10 -47.88 30.08
C UNK R 37 -41.17 -48.97 29.99
N UNK R 38 -42.05 -49.02 31.02
CA UNK R 38 -43.16 -49.93 31.23
C UNK R 38 -43.90 -50.46 29.97
N UNK R 39 -44.93 -49.73 29.47
CA UNK R 39 -45.73 -50.14 28.30
C UNK R 39 -44.88 -50.35 27.05
N UNK R 40 -43.74 -49.64 26.96
CA UNK R 40 -42.80 -49.76 25.87
C UNK R 40 -42.07 -51.10 25.94
N UNK R 41 -41.78 -51.58 27.17
CA UNK R 41 -41.13 -52.86 27.41
C UNK R 41 -42.14 -54.01 27.48
N UNK R 42 -43.43 -53.68 27.73
CA UNK R 42 -44.56 -54.62 27.79
C UNK R 42 -44.96 -55.12 26.38
N UNK R 43 -44.33 -54.53 25.34
CA UNK R 43 -44.50 -54.85 23.92
C UNK R 43 -43.14 -55.05 23.25
N UNK R 44 -42.04 -54.64 23.92
CA UNK R 44 -40.69 -54.84 23.42
C UNK R 44 -40.28 -56.26 23.73
N UNK R 45 -40.79 -56.81 24.85
CA UNK R 45 -40.55 -58.18 25.29
C UNK R 45 -41.66 -59.12 24.83
N UNK R 46 -42.74 -58.56 24.22
CA UNK R 46 -43.89 -59.30 23.69
C UNK R 46 -43.84 -59.49 22.17
N UNK R 47 -43.44 -58.44 21.42
CA UNK R 47 -43.31 -58.52 19.96
C UNK R 47 -42.09 -59.36 19.59
N UNK R 48 -41.02 -59.28 20.42
CA UNK R 48 -39.78 -60.04 20.23
C UNK R 48 -40.05 -61.51 20.58
N UNK R 49 -40.98 -61.77 21.54
CA UNK R 49 -41.37 -63.12 21.92
C UNK R 49 -42.33 -63.66 20.86
N UNK R 50 -43.14 -62.75 20.26
CA UNK R 50 -44.07 -63.04 19.15
C UNK R 50 -43.24 -63.46 17.93
N UNK R 51 -42.00 -62.92 17.83
CA UNK R 51 -41.03 -63.27 16.80
C UNK R 51 -40.38 -64.61 17.23
N UNK R 52 -41.25 -65.63 17.27
CA UNK R 52 -40.97 -67.01 17.62
C UNK R 52 -40.88 -67.81 16.30
N UNK R 53 -41.75 -67.47 15.32
CA UNK R 53 -41.81 -68.10 13.99
C UNK R 53 -40.45 -68.03 13.25
N UNK R 54 -40.04 -66.83 12.77
CA UNK R 54 -38.75 -66.64 12.09
C UNK R 54 -37.62 -66.42 13.10
N UNK S 1 -29.98 -48.84 52.48
CA UNK S 1 -29.94 -47.72 53.42
C UNK S 1 -29.75 -46.36 52.71
N UNK S 2 -28.58 -46.16 52.05
CA UNK S 2 -28.24 -44.92 51.34
C UNK S 2 -28.97 -44.84 50.01
N UNK S 3 -29.03 -45.96 49.28
CA UNK S 3 -29.66 -46.12 47.97
C UNK S 3 -31.05 -45.50 47.94
N UNK S 4 -31.92 -45.88 48.89
CA UNK S 4 -33.28 -45.36 49.00
C UNK S 4 -33.29 -43.83 49.19
N UNK S 5 -32.41 -43.29 50.05
CA UNK S 5 -32.37 -41.84 50.28
C UNK S 5 -31.76 -41.06 49.12
N UNK S 6 -30.48 -41.29 48.78
CA UNK S 6 -29.73 -40.60 47.73
C UNK S 6 -30.36 -40.68 46.35
N UNK S 7 -30.69 -41.88 45.89
CA UNK S 7 -31.31 -42.03 44.57
C UNK S 7 -32.82 -41.71 44.62
N UNK S 8 -33.15 -40.54 45.22
CA UNK S 8 -34.49 -39.96 45.39
C UNK S 8 -34.33 -38.46 45.68
N UNK S 9 -33.55 -38.10 46.73
CA UNK S 9 -33.25 -36.73 47.14
C UNK S 9 -32.52 -36.01 46.03
N UNK S 10 -31.73 -36.76 45.23
CA UNK S 10 -30.98 -36.24 44.08
C UNK S 10 -31.94 -36.03 42.91
N UNK S 11 -32.88 -37.00 42.71
CA UNK S 11 -33.91 -36.95 41.67
C UNK S 11 -34.89 -35.83 42.00
N UNK S 12 -35.09 -35.54 43.32
CA UNK S 12 -35.94 -34.44 43.80
C UNK S 12 -35.17 -33.10 43.76
N UNK S 13 -33.81 -33.13 43.93
CA UNK S 13 -32.96 -31.93 43.89
C UNK S 13 -32.97 -31.31 42.49
N UNK S 14 -33.21 -32.13 41.45
CA UNK S 14 -33.29 -31.68 40.06
C UNK S 14 -34.65 -31.05 39.83
N UNK S 15 -35.71 -31.61 40.44
CA UNK S 15 -37.10 -31.13 40.31
C UNK S 15 -37.31 -29.71 40.85
N UNK S 16 -36.41 -29.26 41.76
CA UNK S 16 -36.40 -27.91 42.33
C UNK S 16 -35.60 -26.97 41.38
N UNK S 17 -34.82 -27.57 40.46
CA UNK S 17 -34.09 -26.87 39.42
C UNK S 17 -34.97 -26.81 38.16
N UNK S 18 -36.29 -27.02 38.35
CA UNK S 18 -37.40 -26.95 37.38
C UNK S 18 -38.37 -25.87 37.91
N UNK S 19 -38.06 -25.44 39.14
CA UNK S 19 -38.68 -24.40 39.92
C UNK S 19 -37.66 -23.27 39.98
N UNK S 20 -36.46 -23.55 39.42
CA UNK S 20 -35.34 -22.62 39.23
C UNK S 20 -35.18 -22.38 37.69
N UNK S 21 -36.11 -22.98 36.91
CA UNK S 21 -36.27 -22.86 35.46
C UNK S 21 -37.57 -22.12 35.24
N UNK S 22 -38.43 -22.19 36.27
CA UNK S 22 -39.74 -21.53 36.38
C UNK S 22 -39.53 -20.13 36.95
N UNK S 23 -38.49 -19.98 37.80
CA UNK S 23 -38.05 -18.74 38.41
C UNK S 23 -37.13 -18.01 37.42
N UNK S 24 -36.57 -18.77 36.48
CA UNK S 24 -35.70 -18.28 35.42
C UNK S 24 -36.59 -17.62 34.36
N UNK S 25 -37.62 -18.36 33.89
CA UNK S 25 -38.61 -17.92 32.90
C UNK S 25 -39.77 -17.14 33.57
N UNK S 26 -39.44 -16.41 34.66
CA UNK S 26 -40.36 -15.56 35.42
C UNK S 26 -40.26 -14.10 34.95
N UNK S 27 -39.25 -13.78 34.13
CA UNK S 27 -39.05 -12.46 33.54
C UNK S 27 -40.11 -12.17 32.45
N UNK S 28 -40.70 -13.24 31.87
CA UNK S 28 -41.75 -13.24 30.83
C UNK S 28 -42.97 -12.40 31.21
N UNK S 29 -43.23 -12.26 32.51
CA UNK S 29 -44.34 -11.48 33.03
C UNK S 29 -43.88 -10.37 33.97
N UNK S 30 -42.78 -10.57 34.74
CA UNK S 30 -42.24 -9.58 35.69
C UNK S 30 -41.72 -8.27 35.06
N UNK S 31 -41.55 -8.27 33.72
CA UNK S 31 -41.09 -7.12 32.94
C UNK S 31 -41.39 -7.26 31.43
N UNK S 32 -41.56 -8.51 30.92
CA UNK S 32 -41.81 -8.73 29.47
C UNK S 32 -43.20 -8.35 28.98
N UNK S 33 -43.37 -7.03 28.88
CA UNK S 33 -44.49 -6.18 28.46
C UNK S 33 -44.05 -4.74 28.77
N UNK S 34 -43.51 -4.51 30.00
CA UNK S 34 -43.02 -3.22 30.53
C UNK S 34 -41.84 -2.64 29.76
N UNK S 35 -41.86 -1.29 29.58
CA UNK S 35 -40.88 -0.47 28.86
C UNK S 35 -39.80 0.14 29.75
N UNK S 36 -40.16 0.39 31.03
CA UNK S 36 -39.29 0.97 32.06
C UNK S 36 -39.87 0.70 33.44
N UNK S 37 -38.99 0.47 34.42
CA UNK S 37 -39.37 0.23 35.82
C UNK S 37 -39.01 1.47 36.64
N UNK S 38 -37.89 2.10 36.27
CA UNK S 38 -37.34 3.30 36.86
C UNK S 38 -36.76 4.20 35.75
N UNK S 39 -36.07 3.59 34.75
CA UNK S 39 -35.45 4.33 33.67
C UNK S 39 -35.44 3.59 32.32
N UNK S 40 -34.76 4.20 31.34
CA UNK S 40 -34.52 3.71 29.98
C UNK S 40 -33.00 3.79 29.62
N UNK S 41 -32.15 3.54 30.63
CA UNK S 41 -30.69 3.52 30.49
C UNK S 41 -30.17 2.05 30.69
N UNK S 42 -29.00 1.85 31.33
CA UNK S 42 -28.41 0.53 31.58
C UNK S 42 -28.98 -0.09 32.83
N UNK S 43 -29.49 0.77 33.75
CA UNK S 43 -30.14 0.41 34.99
C UNK S 43 -31.52 -0.13 34.70
N UNK S 44 -32.10 0.23 33.54
CA UNK S 44 -33.40 -0.21 33.08
C UNK S 44 -33.50 -1.73 33.15
N UNK S 45 -32.51 -2.44 32.56
CA UNK S 45 -32.46 -3.91 32.60
C UNK S 45 -32.04 -4.34 34.00
N UNK S 46 -30.95 -3.75 34.52
CA UNK S 46 -30.39 -4.04 35.83
C UNK S 46 -31.27 -3.70 37.04
N UNK S 47 -32.58 -3.44 36.82
CA UNK S 47 -33.54 -3.19 37.90
C UNK S 47 -34.69 -4.14 37.74
N UNK S 48 -35.08 -4.44 36.47
CA UNK S 48 -36.18 -5.37 36.14
C UNK S 48 -35.68 -6.80 35.98
N UNK S 49 -34.66 -7.00 35.11
CA UNK S 49 -34.05 -8.31 34.86
C UNK S 49 -33.26 -8.77 36.08
N UNK S 50 -32.95 -7.83 36.98
CA UNK S 50 -32.29 -8.06 38.25
C UNK S 50 -33.35 -8.38 39.32
N UNK S 51 -34.58 -8.67 38.87
CA UNK S 51 -35.71 -9.07 39.68
C UNK S 51 -36.49 -10.08 38.82
N UNK S 52 -35.82 -11.21 38.52
CA UNK S 52 -36.35 -12.28 37.67
C UNK S 52 -35.65 -13.62 37.98
N UNK S 53 -34.77 -14.11 37.04
CA UNK S 53 -33.97 -15.34 37.15
C UNK S 53 -32.97 -15.28 38.32
N UNK S 54 -33.31 -14.48 39.35
CA UNK S 54 -32.56 -14.19 40.57
C UNK S 54 -33.53 -13.76 41.69
N UNK S 55 -34.51 -12.90 41.34
CA UNK S 55 -35.47 -12.38 42.30
C UNK S 55 -36.90 -12.40 41.79
N UNK S 56 -37.41 -13.62 41.64
CA UNK S 56 -38.77 -14.04 41.28
C UNK S 56 -38.83 -15.47 41.82
N UNK S 57 -37.64 -15.98 42.17
CA UNK S 57 -37.38 -17.29 42.75
C UNK S 57 -37.90 -17.29 44.18
N UNK S 58 -39.16 -17.73 44.31
CA UNK S 58 -39.89 -17.85 45.58
C UNK S 58 -40.16 -19.36 45.96
N UNK S 59 -39.31 -20.28 45.44
CA UNK S 59 -39.44 -21.71 45.68
C UNK S 59 -38.13 -22.49 45.56
N UNK S 60 -37.99 -23.51 46.40
CA UNK S 60 -36.91 -24.51 46.53
C UNK S 60 -37.44 -25.53 47.56
N UNK S 61 -37.93 -25.02 48.71
CA UNK S 61 -38.59 -25.72 49.82
C UNK S 61 -40.11 -25.48 49.66
N UNK S 62 -40.48 -24.37 48.98
CA UNK S 62 -41.85 -23.96 48.68
C UNK S 62 -42.45 -24.84 47.58
N UNK S 63 -41.72 -25.02 46.46
CA UNK S 63 -42.15 -25.86 45.33
C UNK S 63 -40.98 -26.64 44.74
N UNK T 1 -48.36 -15.65 78.57
CA UNK T 1 -48.09 -14.26 78.91
C UNK T 1 -47.00 -14.11 79.98
N UNK T 2 -46.06 -13.13 79.80
CA UNK T 2 -44.97 -12.87 80.77
C UNK T 2 -44.78 -11.39 81.15
N UNK T 3 -43.74 -10.71 80.60
CA UNK T 3 -43.33 -9.31 80.84
C UNK T 3 -43.33 -8.89 82.34
N UNK T 4 -44.52 -8.64 82.93
CA UNK T 4 -44.78 -8.30 84.34
C UNK T 4 -43.85 -7.26 85.00
N UNK T 5 -43.81 -7.26 86.36
CA UNK T 5 -42.99 -6.41 87.23
C UNK T 5 -42.84 -7.10 88.62
N UNK T 6 -43.84 -6.94 89.52
CA UNK T 6 -43.88 -7.57 90.85
C UNK T 6 -45.01 -8.60 90.88
N UNK T 7 -44.77 -9.77 91.54
CA UNK T 7 -45.74 -10.88 91.66
C UNK T 7 -46.32 -11.01 93.09
N UNK T 8 -46.21 -9.92 93.90
CA UNK T 8 -46.68 -9.83 95.29
C UNK T 8 -47.01 -8.39 95.77
N UNK T 9 -45.96 -7.55 95.97
CA UNK T 9 -46.08 -6.19 96.48
C UNK T 9 -45.87 -5.09 95.43
N UNK T 10 -45.64 -3.83 95.89
CA UNK T 10 -45.45 -2.64 95.05
C UNK T 10 -43.99 -2.34 94.69
N UNK T 11 -43.63 -2.72 93.44
CA UNK T 11 -42.33 -2.51 92.81
C UNK T 11 -42.48 -1.47 91.68
N UNK T 12 -43.67 -0.85 91.62
CA UNK T 12 -43.99 0.21 90.68
C UNK T 12 -43.24 1.43 91.15
N UNK T 13 -42.93 1.50 92.48
CA UNK T 13 -42.21 2.57 93.18
C UNK T 13 -40.97 3.06 92.44
N UNK T 14 -40.10 2.12 91.99
CA UNK T 14 -38.88 2.44 91.23
C UNK T 14 -39.24 2.73 89.76
N UNK T 15 -40.03 1.83 89.12
CA UNK T 15 -40.51 1.95 87.72
C UNK T 15 -41.28 3.24 87.50
N UNK T 16 -41.42 4.05 88.56
CA UNK T 16 -42.05 5.36 88.57
C UNK T 16 -41.08 6.40 89.13
N UNK T 17 -40.21 6.03 90.12
CA UNK T 17 -39.21 6.93 90.70
C UNK T 17 -38.14 7.38 89.69
N UNK T 18 -37.73 6.47 88.78
CA UNK T 18 -36.75 6.73 87.73
C UNK T 18 -37.45 7.37 86.56
N UNK T 19 -38.76 7.14 86.48
CA UNK T 19 -39.62 7.79 85.50
C UNK T 19 -39.97 9.17 86.09
N UNK T 20 -39.64 9.39 87.38
CA UNK T 20 -39.83 10.66 88.08
C UNK T 20 -38.49 11.39 88.13
N UNK T 21 -37.57 11.03 87.22
CA UNK T 21 -36.25 11.61 87.09
C UNK T 21 -36.15 12.09 85.66
N UNK T 22 -35.50 11.33 84.77
CA UNK T 22 -35.39 11.72 83.36
C UNK T 22 -36.78 11.92 82.77
N UNK T 23 -37.72 11.02 83.07
CA UNK T 23 -39.07 11.14 82.57
C UNK T 23 -39.95 12.12 83.34
N UNK T 24 -39.57 12.50 84.59
CA UNK T 24 -40.32 13.49 85.39
C UNK T 24 -39.58 14.23 86.53
N UNK T 25 -38.45 14.91 86.18
CA UNK T 25 -37.58 15.76 87.03
C UNK T 25 -36.47 16.34 86.17
N UNK T 26 -35.80 15.45 85.41
CA UNK T 26 -34.76 15.84 84.49
C UNK T 26 -35.44 16.11 83.14
N UNK T 27 -36.76 16.41 83.19
CA UNK T 27 -37.59 16.78 82.05
C UNK T 27 -37.47 18.30 81.75
N UNK T 28 -36.66 19.02 82.58
CA UNK T 28 -36.36 20.46 82.50
C UNK T 28 -35.78 20.82 81.13
N UNK T 29 -36.67 21.25 80.20
CA UNK T 29 -36.47 21.66 78.80
C UNK T 29 -35.04 21.91 78.37
N UNK U 1 -26.59 -28.18 95.08
CA UNK U 1 -26.22 -27.99 96.48
C UNK U 1 -24.79 -28.47 96.84
N UNK U 2 -24.13 -27.76 97.78
CA UNK U 2 -22.77 -28.04 98.24
C UNK U 2 -22.63 -28.10 99.78
N UNK U 3 -21.54 -28.74 100.25
CA UNK U 3 -21.20 -28.92 101.66
C UNK U 3 -19.90 -28.17 102.01
N UNK U 4 -19.64 -27.97 103.31
CA UNK U 4 -18.49 -27.25 103.86
C UNK U 4 -17.10 -27.71 103.39
N UNK U 5 -16.12 -26.78 103.47
CA UNK U 5 -14.71 -26.94 103.12
C UNK U 5 -13.81 -26.61 104.33
N UNK U 6 -14.29 -25.70 105.20
CA UNK U 6 -13.63 -25.29 106.44
C UNK U 6 -14.59 -25.58 107.63
N UNK U 7 -14.99 -26.86 107.77
CA UNK U 7 -15.92 -27.40 108.78
C UNK U 7 -15.44 -27.21 110.24
N UNK U 8 -14.12 -27.31 110.47
CA UNK U 8 -13.51 -27.13 111.78
C UNK U 8 -13.61 -25.67 112.20
N UNK U 9 -13.32 -24.75 111.25
CA UNK U 9 -13.39 -23.30 111.43
C UNK U 9 -14.84 -22.84 111.57
N UNK U 10 -15.78 -23.59 110.94
CA UNK U 10 -17.24 -23.37 110.98
C UNK U 10 -17.80 -23.58 112.39
N UNK U 11 -17.12 -24.41 113.21
CA UNK U 11 -17.49 -24.69 114.61
C UNK U 11 -17.04 -23.51 115.51
N UNK U 12 -17.42 -22.27 115.11
CA UNK U 12 -17.07 -21.01 115.78
C UNK U 12 -18.05 -19.87 115.51
N UNK U 13 -18.73 -19.88 114.35
CA UNK U 13 -19.69 -18.84 113.97
C UNK U 13 -20.85 -18.71 114.96
N UNK U 14 -21.05 -19.74 115.80
CA UNK U 14 -22.07 -19.76 116.85
C UNK U 14 -21.65 -18.89 118.06
N UNK U 15 -20.33 -18.65 118.21
CA UNK U 15 -19.78 -17.80 119.26
C UNK U 15 -19.88 -16.33 118.81
N UNK U 16 -19.80 -16.10 117.47
CA UNK U 16 -19.95 -14.78 116.84
C UNK U 16 -21.44 -14.39 116.68
N UNK U 17 -22.37 -15.16 117.35
CA UNK U 17 -23.83 -14.96 117.39
C UNK U 17 -24.21 -14.08 118.59
N UNK U 18 -23.39 -14.13 119.66
CA UNK U 18 -23.50 -13.33 120.88
C UNK U 18 -23.15 -11.88 120.55
N UNK U 19 -22.25 -11.70 119.55
CA UNK U 19 -21.70 -10.44 119.03
C UNK U 19 -22.69 -9.54 118.29
N UNK U 20 -23.56 -10.12 117.44
CA UNK U 20 -24.54 -9.40 116.64
C UNK U 20 -25.49 -8.53 117.50
N UNK U 21 -25.66 -7.21 117.21
CA UNK U 21 -25.03 -6.47 116.10
C UNK U 21 -24.56 -5.07 116.53
N UNK U 22 -23.36 -4.99 117.14
CA UNK U 22 -22.71 -3.77 117.63
C UNK U 22 -22.56 -2.69 116.53
N UNK U 23 -22.75 -1.41 116.91
CA UNK U 23 -22.72 -0.23 116.03
C UNK U 23 -21.34 0.18 115.49
N UNK U 24 -21.13 0.29 114.14
CA UNK U 24 -22.00 0.06 112.96
C UNK U 24 -23.38 0.78 112.84
N UNK U 25 -24.45 0.25 113.49
CA UNK U 25 -25.81 0.80 113.49
C UNK U 25 -26.54 0.83 112.13
N UNK U 26 -27.85 1.18 112.16
CA UNK U 26 -28.81 1.27 111.06
C UNK U 26 -28.36 1.97 109.76
N UNK U 27 -29.08 1.70 108.65
CA UNK U 27 -28.80 2.28 107.35
C UNK U 27 -29.96 3.13 106.80
N UNK U 28 -31.01 2.49 106.20
CA UNK U 28 -32.22 3.02 105.52
C UNK U 28 -32.81 4.41 105.84
N UNK U 29 -31.93 5.44 105.81
CA UNK U 29 -32.23 6.86 105.94
C UNK U 29 -32.22 7.44 104.50
N UNK U 30 -32.76 6.62 103.55
CA UNK U 30 -32.91 6.88 102.12
C UNK U 30 -34.33 7.41 101.86
N UNK U 31 -35.21 7.26 102.88
CA UNK U 31 -36.56 7.78 102.93
C UNK U 31 -36.43 9.29 103.15
N UNK U 32 -35.60 9.68 104.14
CA UNK U 32 -35.28 11.07 104.50
C UNK U 32 -34.30 11.71 103.50
N UNK U 33 -33.50 10.88 102.78
CA UNK U 33 -32.53 11.34 101.77
C UNK U 33 -33.21 11.78 100.48
N UNK U 34 -34.48 11.36 100.26
CA UNK U 34 -35.32 11.75 99.12
C UNK U 34 -36.25 12.87 99.59
N UNK U 35 -36.20 13.18 100.91
CA UNK U 35 -36.96 14.21 101.62
C UNK U 35 -36.11 15.49 101.89
N UNK U 36 -34.78 15.31 101.97
CA UNK U 36 -33.79 16.39 102.12
C UNK U 36 -33.38 16.83 100.70
N UNK U 37 -33.67 15.96 99.71
CA UNK U 37 -33.42 16.12 98.27
C UNK U 37 -34.51 16.95 97.62
N UNK U 38 -35.62 17.19 98.33
CA UNK U 38 -36.71 18.01 97.86
C UNK U 38 -36.52 19.48 98.33
N UNK U 39 -35.92 19.66 99.53
CA UNK U 39 -35.61 20.95 100.17
C UNK U 39 -34.80 21.89 99.27
N UNK U 40 -33.79 21.34 98.58
CA UNK U 40 -32.93 22.06 97.65
C UNK U 40 -33.75 22.57 96.47
N UNK U 41 -34.58 21.68 95.87
CA UNK U 41 -35.46 21.99 94.73
C UNK U 41 -36.46 23.06 95.10
N UNK U 42 -36.86 23.08 96.39
CA UNK U 42 -37.79 24.07 96.92
C UNK U 42 -37.05 25.40 97.10
N UNK U 43 -35.79 25.35 97.59
CA UNK U 43 -34.93 26.52 97.78
C UNK U 43 -34.54 27.07 96.43
N UNK U 44 -34.44 26.18 95.42
CA UNK U 44 -34.12 26.49 94.03
C UNK U 44 -35.23 27.32 93.39
N UNK U 45 -36.51 26.94 93.65
CA UNK U 45 -37.71 27.61 93.13
C UNK U 45 -37.81 29.08 93.55
N UNK U 46 -37.31 29.40 94.76
CA UNK U 46 -37.23 30.74 95.33
C UNK U 46 -36.07 31.48 94.68
N UNK U 47 -34.96 30.77 94.44
CA UNK U 47 -33.76 31.30 93.80
C UNK U 47 -33.94 31.32 92.27
N UNK U 48 -35.08 30.79 91.76
CA UNK U 48 -35.45 30.73 90.34
C UNK U 48 -36.12 32.02 89.86
N UNK U 49 -37.05 32.57 90.68
CA UNK U 49 -37.80 33.81 90.44
C UNK U 49 -36.91 35.06 90.59
N UNK U 50 -36.60 35.71 89.44
CA UNK U 50 -35.74 36.89 89.27
C UNK U 50 -34.33 36.70 89.83
N UNK V 1 -27.21 -30.67 -33.26
CA UNK V 1 -28.67 -30.54 -33.33
C UNK V 1 -29.35 -31.89 -33.56
N UNK V 2 -28.79 -32.69 -34.50
CA UNK V 2 -29.28 -34.03 -34.84
C UNK V 2 -28.21 -35.08 -34.50
N UNK V 3 -26.91 -34.66 -34.52
CA UNK V 3 -25.73 -35.48 -34.20
C UNK V 3 -25.84 -36.06 -32.79
N UNK V 4 -26.18 -35.20 -31.81
CA UNK V 4 -26.33 -35.60 -30.43
C UNK V 4 -27.81 -35.68 -29.99
N UNK V 5 -28.68 -36.26 -30.85
CA UNK V 5 -30.12 -36.42 -30.57
C UNK V 5 -30.38 -37.45 -29.42
N UNK V 6 -30.51 -38.75 -29.75
CA UNK V 6 -30.71 -39.82 -28.76
C UNK V 6 -29.42 -40.66 -28.68
N UNK V 7 -28.27 -39.98 -28.86
CA UNK V 7 -26.94 -40.58 -28.76
C UNK V 7 -26.67 -40.75 -27.26
N UNK V 8 -27.09 -39.73 -26.45
CA UNK V 8 -26.98 -39.73 -25.00
C UNK V 8 -28.04 -40.67 -24.41
N UNK V 9 -28.40 -41.71 -25.21
CA UNK V 9 -29.34 -42.78 -24.90
C UNK V 9 -28.63 -44.13 -25.16
N UNK V 10 -27.96 -44.27 -26.32
CA UNK V 10 -27.18 -45.46 -26.66
C UNK V 10 -25.81 -45.37 -25.97
N UNK V 11 -25.38 -44.13 -25.62
CA UNK V 11 -24.15 -43.83 -24.89
C UNK V 11 -24.45 -44.05 -23.39
N UNK V 12 -25.75 -43.89 -22.99
CA UNK V 12 -26.27 -44.14 -21.63
C UNK V 12 -26.60 -45.63 -21.48
N UNK V 13 -26.64 -46.34 -22.62
CA UNK V 13 -26.85 -47.77 -22.74
C UNK V 13 -25.52 -48.50 -22.93
N UNK V 14 -24.51 -47.88 -23.61
CA UNK V 14 -23.16 -48.46 -23.84
C UNK V 14 -22.43 -48.64 -22.51
N UNK V 15 -22.62 -47.66 -21.59
CA UNK V 15 -22.07 -47.63 -20.23
C UNK V 15 -23.00 -48.38 -19.23
N UNK V 16 -24.14 -48.94 -19.73
CA UNK V 16 -25.11 -49.75 -18.98
C UNK V 16 -24.97 -51.24 -19.34
N UNK V 17 -24.62 -51.53 -20.62
CA UNK V 17 -24.37 -52.87 -21.16
C UNK V 17 -23.04 -53.35 -20.61
N UNK V 18 -22.50 -52.59 -19.65
CA UNK V 18 -21.30 -52.85 -18.90
C UNK V 18 -21.71 -53.66 -17.65
N UNK V 19 -22.40 -54.78 -17.91
CA UNK V 19 -22.91 -55.77 -16.96
C UNK V 19 -22.18 -57.10 -17.23
N UNK V 20 -21.09 -57.04 -18.01
CA UNK V 20 -20.22 -58.16 -18.37
C UNK V 20 -19.26 -58.38 -17.21
N UNK V 21 -18.50 -57.32 -16.85
CA UNK V 21 -17.52 -57.30 -15.77
C UNK V 21 -18.17 -56.89 -14.44
N UNK V 22 -19.04 -55.84 -14.45
CA UNK V 22 -19.75 -55.33 -13.28
C UNK V 22 -20.49 -56.44 -12.53
N UNK V 23 -20.71 -57.57 -13.22
CA UNK V 23 -21.35 -58.76 -12.69
C UNK V 23 -20.34 -59.93 -12.62
N UNK V 24 -19.21 -59.84 -13.35
CA UNK V 24 -18.20 -60.90 -13.33
C UNK V 24 -16.82 -60.46 -12.81
N UNK V 25 -16.08 -59.62 -13.57
CA UNK V 25 -14.72 -59.16 -13.19
C UNK V 25 -14.72 -58.31 -11.91
N UNK V 26 -15.85 -57.66 -11.61
CA UNK V 26 -16.07 -56.86 -10.42
C UNK V 26 -16.72 -57.75 -9.33
N UNK V 27 -17.08 -59.02 -9.68
CA UNK V 27 -17.71 -59.97 -8.76
C UNK V 27 -17.09 -61.38 -8.81
N UNK V 28 -17.53 -62.23 -9.78
CA UNK V 28 -17.09 -63.62 -9.97
C UNK V 28 -15.57 -63.82 -9.85
N UNK V 29 -14.78 -62.78 -10.14
CA UNK V 29 -13.33 -62.79 -10.04
C UNK V 29 -12.87 -62.94 -8.57
N UNK V 30 -13.54 -62.24 -7.63
CA UNK V 30 -13.23 -62.31 -6.20
C UNK V 30 -13.72 -63.62 -5.55
N UNK V 31 -14.88 -64.13 -6.00
CA UNK V 31 -15.44 -65.40 -5.50
C UNK V 31 -14.57 -66.56 -5.98
N UNK V 32 -13.80 -66.35 -7.07
CA UNK V 32 -12.87 -67.34 -7.61
C UNK V 32 -11.64 -67.33 -6.73
N UNK V 33 -11.33 -66.17 -6.10
CA UNK V 33 -10.18 -66.03 -5.21
C UNK V 33 -10.36 -66.82 -3.91
N UNK V 34 -11.58 -67.34 -3.64
CA UNK V 34 -11.92 -68.16 -2.48
C UNK V 34 -11.12 -69.45 -2.48
N UNK V 35 -10.94 -70.06 -3.68
CA UNK V 35 -10.14 -71.27 -3.86
C UNK V 35 -8.73 -70.95 -3.34
N UNK V 36 -8.19 -69.80 -3.74
CA UNK V 36 -6.88 -69.32 -3.30
C UNK V 36 -6.93 -68.78 -1.88
N UNK V 37 -8.14 -68.51 -1.36
CA UNK V 37 -8.26 -68.01 0.00
C UNK V 37 -8.35 -69.16 1.00
N UNK V 38 -9.28 -70.14 0.82
CA UNK V 38 -9.46 -71.27 1.75
C UNK V 38 -8.30 -72.29 1.71
N UNK V 39 -7.87 -72.68 0.49
CA UNK V 39 -6.78 -73.62 0.32
C UNK V 39 -5.41 -72.94 0.36
N UNK V 40 -5.05 -72.37 1.53
CA UNK V 40 -3.79 -71.66 1.71
C UNK V 40 -3.25 -71.76 3.12
N UNK V 41 -5.93 -74.20 4.09
CA UNK V 41 -5.20 -75.46 4.07
C UNK V 41 -3.68 -75.24 4.33
N UNK V 42 -3.39 -74.63 5.49
CA UNK V 42 -2.04 -74.27 5.97
C UNK V 42 -1.24 -75.47 6.50
N UNK V 43 -1.76 -76.17 7.53
CA UNK V 43 -1.25 -77.34 8.24
C UNK V 43 0.21 -77.74 8.00
N UNK V 44 0.54 -78.21 6.77
CA UNK V 44 1.88 -78.64 6.35
C UNK V 44 2.89 -77.50 6.43
N UNK V 45 2.56 -76.33 5.82
CA UNK V 45 3.40 -75.13 5.83
C UNK V 45 3.41 -74.48 7.23
N UNK V 46 2.40 -74.80 8.06
CA UNK V 46 2.28 -74.25 9.40
C UNK V 46 3.23 -74.94 10.37
N UNK V 47 3.21 -76.29 10.36
CA UNK V 47 3.92 -77.19 11.27
C UNK V 47 5.41 -77.34 11.10
N UNK V 48 5.93 -77.22 9.89
CA UNK V 48 7.36 -77.40 9.66
C UNK V 48 8.15 -76.34 10.42
N UNK V 49 7.83 -75.04 10.19
CA UNK V 49 8.50 -73.88 10.81
C UNK V 49 8.44 -73.88 12.35
N UNK V 50 7.39 -74.49 12.93
CA UNK V 50 7.28 -74.60 14.39
C UNK V 50 8.26 -75.68 14.84
N UNK V 51 8.34 -76.79 14.07
CA UNK V 51 9.24 -77.90 14.35
C UNK V 51 10.67 -77.50 14.04
N UNK V 52 10.86 -76.75 12.94
CA UNK V 52 12.17 -76.27 12.57
C UNK V 52 12.59 -75.23 13.62
N UNK V 53 11.63 -74.42 14.15
CA UNK V 53 11.92 -73.46 15.22
C UNK V 53 12.32 -74.24 16.44
N UNK V 54 11.59 -75.35 16.75
CA UNK V 54 11.83 -76.26 17.88
C UNK V 54 13.23 -76.86 17.79
N UNK V 55 13.70 -77.17 16.56
CA UNK V 55 15.05 -77.72 16.34
C UNK V 55 16.10 -76.62 16.39
N UNK V 56 15.88 -75.52 15.63
CA UNK V 56 16.79 -74.37 15.51
C UNK V 56 16.99 -73.60 16.81
N UNK V 57 15.89 -73.20 17.48
CA UNK V 57 15.96 -72.45 18.74
C UNK V 57 16.62 -73.21 19.87
N UNK V 58 16.47 -74.56 19.89
CA UNK V 58 17.02 -75.47 20.92
C UNK V 58 18.54 -75.61 20.86
N UNK V 59 19.09 -75.87 19.67
CA UNK V 59 20.53 -76.00 19.48
C UNK V 59 21.24 -74.64 19.50
N UNK V 60 20.48 -73.53 19.45
CA UNK V 60 21.00 -72.16 19.53
C UNK V 60 21.27 -71.87 21.01
N UNK V 61 20.42 -72.44 21.89
CA UNK V 61 20.59 -72.34 23.34
C UNK V 61 21.74 -73.28 23.64
N UNK V 62 21.62 -74.55 23.18
CA UNK V 62 22.63 -75.60 23.34
C UNK V 62 24.00 -75.20 22.79
N UNK V 63 24.04 -74.29 21.78
CA UNK V 63 25.29 -73.80 21.20
C UNK V 63 26.03 -72.98 22.24
N UNK V 64 25.29 -72.13 22.99
CA UNK V 64 25.82 -71.25 24.04
C UNK V 64 25.86 -71.93 25.40
N UNK V 65 25.05 -73.00 25.58
CA UNK V 65 24.94 -73.78 26.82
C UNK V 65 26.23 -74.50 27.13
N UNK V 66 27.05 -74.72 26.10
CA UNK V 66 28.37 -75.36 26.19
C UNK V 66 29.46 -74.28 26.39
N UNK V 67 29.28 -73.10 25.73
CA UNK V 67 30.19 -71.94 25.74
C UNK V 67 30.38 -71.33 27.15
N UNK V 68 29.28 -71.12 27.87
CA UNK V 68 29.30 -70.55 29.21
C UNK V 68 29.90 -71.51 30.26
N UNK V 69 30.92 -71.01 30.98
CA UNK V 69 31.65 -71.66 32.07
C UNK V 69 31.83 -70.65 33.21
N UNK V 70 31.48 -71.04 34.46
CA UNK V 70 31.52 -70.21 35.67
C UNK V 70 30.68 -68.93 35.58
N UNK W 1 -0.39 -42.31 -47.76
CA UNK W 1 -0.06 -41.45 -46.63
C UNK W 1 1.24 -41.86 -45.90
N UNK W 2 1.53 -41.26 -44.71
CA UNK W 2 2.71 -41.57 -43.89
C UNK W 2 2.30 -42.42 -42.68
N UNK W 3 3.03 -43.54 -42.47
CA UNK W 3 2.80 -44.52 -41.41
C UNK W 3 3.70 -44.34 -40.17
N UNK W 4 3.17 -44.76 -38.99
CA UNK W 4 3.82 -44.70 -37.67
C UNK W 4 4.66 -45.95 -37.42
N UNK W 5 5.64 -46.18 -38.32
CA UNK W 5 6.56 -47.30 -38.31
C UNK W 5 7.31 -47.36 -36.99
N UNK W 6 8.28 -46.44 -36.76
CA UNK W 6 9.09 -46.34 -35.54
C UNK W 6 8.24 -46.22 -34.26
N UNK W 7 6.96 -45.85 -34.41
CA UNK W 7 6.07 -45.78 -33.26
C UNK W 7 5.58 -47.20 -32.96
N UNK W 8 4.68 -47.75 -33.82
CA UNK W 8 4.09 -49.09 -33.65
C UNK W 8 5.08 -50.23 -33.77
N UNK W 9 5.75 -50.37 -34.94
CA UNK W 9 6.72 -51.44 -35.22
C UNK W 9 7.87 -51.56 -34.23
N UNK W 10 8.30 -50.42 -33.65
CA UNK W 10 9.37 -50.44 -32.66
C UNK W 10 8.78 -50.89 -31.34
N UNK W 11 7.58 -50.38 -30.96
CA UNK W 11 6.90 -50.75 -29.71
C UNK W 11 6.53 -52.23 -29.67
N UNK W 12 6.09 -52.80 -30.81
CA UNK W 12 5.74 -54.22 -30.93
C UNK W 12 6.98 -55.07 -30.72
N UNK W 13 8.09 -54.66 -31.33
CA UNK W 13 9.37 -55.35 -31.25
C UNK W 13 10.15 -55.04 -29.96
N UNK W 14 9.77 -53.97 -29.24
CA UNK W 14 10.41 -53.56 -27.99
C UNK W 14 10.14 -54.61 -26.92
N UNK W 15 8.91 -55.14 -26.93
CA UNK W 15 8.45 -56.16 -25.99
C UNK W 15 8.57 -57.58 -26.56
N UNK W 16 8.89 -57.70 -27.87
CA UNK W 16 9.06 -58.98 -28.59
C UNK W 16 10.07 -59.86 -27.87
N UNK W 17 11.29 -59.30 -27.69
CA UNK W 17 12.40 -59.97 -27.02
C UNK W 17 12.28 -59.80 -25.51
N UNK W 18 11.64 -58.70 -25.01
CA UNK W 18 11.47 -58.44 -23.58
C UNK W 18 10.49 -59.43 -22.94
N UNK W 19 9.35 -59.71 -23.61
CA UNK W 19 8.37 -60.68 -23.13
C UNK W 19 8.93 -62.10 -23.29
N UNK W 20 10.09 -62.20 -23.98
CA UNK W 20 10.89 -63.40 -24.21
C UNK W 20 12.05 -63.37 -23.23
N UNK W 21 12.63 -62.17 -22.94
CA UNK W 21 13.74 -61.99 -22.00
C UNK W 21 13.33 -62.28 -20.52
N UNK W 22 12.15 -62.87 -20.33
CA UNK W 22 11.62 -63.30 -19.05
C UNK W 22 11.49 -64.84 -19.12
N UNK W 23 10.99 -65.36 -20.27
CA UNK W 23 10.85 -66.79 -20.55
C UNK W 23 12.21 -67.40 -20.98
N UNK W 24 13.19 -66.54 -21.29
CA UNK W 24 14.55 -66.93 -21.65
C UNK W 24 15.45 -66.65 -20.45
N UNK W 25 14.91 -65.89 -19.46
CA UNK W 25 15.58 -65.61 -18.18
C UNK W 25 15.26 -66.79 -17.31
N UNK W 26 14.11 -67.48 -17.60
CA UNK W 26 13.55 -68.70 -17.00
C UNK W 26 12.25 -69.08 -17.76
N UNK W 27 12.20 -70.28 -18.38
CA UNK W 27 11.03 -70.73 -19.14
C UNK W 27 9.85 -71.11 -18.25
N UNK W 28 8.74 -70.33 -18.34
CA UNK W 28 7.47 -70.46 -17.62
C UNK W 28 6.43 -69.46 -18.16
N UNK W 29 0.16 -67.10 -11.19
CA UNK W 29 0.93 -66.43 -10.14
C UNK W 29 1.03 -64.91 -10.35
N UNK W 30 1.60 -64.48 -11.50
CA UNK W 30 1.79 -63.09 -11.95
C UNK W 30 2.32 -62.04 -10.94
N UNK W 31 1.40 -61.37 -10.20
CA UNK W 31 1.67 -60.30 -9.24
C UNK W 31 2.45 -60.66 -7.96
N UNK W 32 2.46 -61.96 -7.55
CA UNK W 32 3.13 -62.50 -6.33
C UNK W 32 2.74 -61.70 -5.09
N UNK W 33 3.48 -60.60 -4.80
CA UNK W 33 3.31 -59.58 -3.76
C UNK W 33 2.81 -59.94 -2.33
N UNK W 34 2.61 -61.23 -2.02
CA UNK W 34 2.13 -61.67 -0.70
C UNK W 34 3.07 -62.68 -0.06
N UNK W 35 3.17 -62.63 1.28
CA UNK W 35 4.00 -63.54 2.08
C UNK W 35 3.82 -65.01 1.69
N UNK W 36 2.56 -65.42 1.33
CA UNK W 36 2.20 -66.77 0.89
C UNK W 36 2.96 -67.14 -0.37
N UNK W 37 3.00 -66.22 -1.38
CA UNK W 37 3.71 -66.41 -2.65
C UNK W 37 5.22 -66.10 -2.50
N UNK W 38 5.58 -65.30 -1.47
CA UNK W 38 6.97 -64.91 -1.16
C UNK W 38 7.73 -66.07 -0.56
N UNK W 39 7.11 -66.80 0.38
CA UNK W 39 7.71 -67.93 1.05
C UNK W 39 7.93 -69.13 0.13
N UNK W 40 6.97 -69.41 -0.78
CA UNK W 40 7.04 -70.52 -1.75
C UNK W 40 8.13 -70.33 -2.81
N UNK W 41 8.64 -69.09 -2.97
CA UNK W 41 9.72 -68.78 -3.89
C UNK W 41 11.07 -69.06 -3.20
N UNK W 42 11.13 -68.89 -1.85
CA UNK W 42 12.30 -69.12 -1.00
C UNK W 42 12.52 -70.60 -0.69
N UNK W 43 11.45 -71.44 -0.71
CA UNK W 43 11.50 -72.89 -0.47
C UNK W 43 12.40 -73.57 -1.53
N UNK W 44 12.15 -73.26 -2.83
CA UNK W 44 12.92 -73.68 -4.01
C UNK W 44 13.30 -75.17 -4.10
N UNK W 45 14.36 -75.49 -4.92
CA UNK W 45 14.90 -76.83 -5.16
C UNK W 45 15.39 -77.53 -3.87
N UNK W 46 15.56 -76.74 -2.77
CA UNK W 46 15.99 -77.18 -1.45
C UNK W 46 14.94 -78.08 -0.80
N UNK X 1 -7.37 -66.97 12.78
CA UNK X 1 -6.43 -65.97 12.27
C UNK X 1 -6.88 -65.34 10.94
N UNK X 2 -7.48 -66.14 10.03
CA UNK X 2 -7.94 -65.65 8.73
C UNK X 2 -9.31 -66.16 8.27
N UNK X 3 -10.13 -65.23 7.73
CA UNK X 3 -11.47 -65.48 7.16
C UNK X 3 -11.28 -65.85 5.69
N UNK X 4 -11.89 -66.97 5.24
CA UNK X 4 -11.75 -67.48 3.87
C UNK X 4 -12.94 -68.35 3.46
N UNK X 5 -12.99 -69.61 3.95
CA UNK X 5 -14.08 -70.57 3.69
C UNK X 5 -15.40 -70.11 4.37
N UNK X 6 -15.28 -69.19 5.36
CA UNK X 6 -16.38 -68.52 6.07
C UNK X 6 -16.67 -67.22 5.31
N UNK X 7 -15.60 -66.55 4.81
CA UNK X 7 -15.67 -65.33 4.02
C UNK X 7 -16.15 -65.65 2.58
N UNK X 8 -16.75 -66.85 2.41
CA UNK X 8 -17.34 -67.35 1.18
C UNK X 8 -18.83 -67.01 1.21
N UNK X 9 -19.39 -66.89 2.43
CA UNK X 9 -20.77 -66.48 2.64
C UNK X 9 -20.84 -64.99 2.36
N UNK X 10 -19.74 -64.29 2.69
CA UNK X 10 -19.51 -62.84 2.57
C UNK X 10 -19.91 -62.16 1.22
N UNK X 11 -19.03 -62.19 0.18
CA UNK X 11 -19.30 -61.59 -1.12
C UNK X 11 -20.43 -62.31 -1.92
N UNK X 12 -21.28 -63.08 -1.20
CA UNK X 12 -22.43 -63.85 -1.71
C UNK X 12 -23.76 -63.38 -1.11
N UNK X 13 -24.76 -63.17 -1.98
CA UNK X 13 -26.12 -62.73 -1.63
C UNK X 13 -27.12 -63.27 -2.67
N UNK X 14 -27.10 -62.69 -3.90
CA UNK X 14 -27.86 -63.07 -5.10
C UNK X 14 -29.41 -63.25 -4.99
N UNK X 15 -30.24 -62.88 -6.01
CA UNK X 15 -30.02 -62.23 -7.33
C UNK X 15 -31.36 -61.90 -8.01
N UNK X 16 -32.33 -62.84 -7.88
CA UNK X 16 -33.67 -62.78 -8.48
C UNK X 16 -34.64 -61.94 -7.68
N UNK X 17 -35.03 -62.41 -6.50
CA UNK X 17 -35.97 -61.70 -5.63
C UNK X 17 -35.53 -61.80 -4.18
N UNK X 18 -35.02 -62.99 -3.77
CA UNK X 18 -34.56 -63.30 -2.41
C UNK X 18 -33.58 -62.24 -1.88
N UNK X 19 -32.54 -61.95 -2.67
CA UNK X 19 -31.56 -60.92 -2.34
C UNK X 19 -31.33 -60.11 -3.59
N UNK X 20 -32.33 -59.29 -3.95
CA UNK X 20 -32.29 -58.42 -5.14
C UNK X 20 -32.95 -57.07 -4.90
N UNK X 21 -34.27 -57.08 -4.64
CA UNK X 21 -35.07 -55.87 -4.42
C UNK X 21 -34.69 -55.08 -3.14
N UNK X 22 -33.93 -55.70 -2.22
CA UNK X 22 -33.46 -55.11 -0.95
C UNK X 22 -32.54 -53.88 -1.14
N UNK X 23 -31.95 -53.73 -2.35
CA UNK X 23 -31.06 -52.64 -2.71
C UNK X 23 -31.77 -51.53 -3.54
N UNK X 24 -33.09 -51.37 -3.31
CA UNK X 24 -33.92 -50.39 -3.99
C UNK X 24 -33.68 -48.99 -3.40
N UNK X 25 -34.73 -48.30 -2.88
CA UNK X 25 -34.71 -46.96 -2.27
C UNK X 25 -33.89 -46.90 -0.96
N UNK X 26 -32.82 -47.70 -0.90
CA UNK X 26 -31.83 -47.82 0.17
C UNK X 26 -30.52 -47.24 -0.40
N UNK X 27 -30.05 -47.82 -1.52
CA UNK X 27 -28.85 -47.44 -2.27
C UNK X 27 -29.23 -46.59 -3.49
N UNK X 28 -30.53 -46.63 -3.90
CA UNK X 28 -31.03 -45.82 -5.02
C UNK X 28 -31.08 -44.38 -4.56
N UNK X 29 -31.37 -44.15 -3.26
CA UNK X 29 -31.38 -42.83 -2.64
C UNK X 29 -29.92 -42.43 -2.31
N UNK X 30 -28.96 -43.14 -2.93
CA UNK X 30 -27.53 -42.92 -2.87
C UNK X 30 -27.01 -42.90 -4.32
N UNK X 31 -27.85 -43.29 -5.28
CA UNK X 31 -27.53 -43.25 -6.71
C UNK X 31 -27.84 -41.84 -7.22
N UNK X 32 -28.91 -41.20 -6.69
CA UNK X 32 -29.34 -39.84 -7.02
C UNK X 32 -28.44 -38.76 -6.39
N UNK X 33 -27.29 -39.21 -5.84
CA UNK X 33 -26.21 -38.40 -5.28
C UNK X 33 -25.26 -38.11 -6.45
N UNK X 34 -25.32 -38.94 -7.53
CA UNK X 34 -24.59 -38.77 -8.78
C UNK X 34 -25.43 -38.03 -9.80
N UNK X 35 -26.73 -37.88 -9.51
CA UNK X 35 -27.66 -37.15 -10.36
C UNK X 35 -27.38 -35.66 -10.17
N UNK X 36 -28.01 -35.03 -9.16
CA UNK X 36 -27.88 -33.61 -8.82
C UNK X 36 -26.46 -33.06 -8.84
N UNK X 37 -25.52 -33.72 -8.12
CA UNK X 37 -24.10 -33.30 -8.05
C UNK X 37 -23.39 -33.34 -9.42
N UNK X 38 -23.84 -34.25 -10.32
CA UNK X 38 -23.33 -34.37 -11.67
C UNK X 38 -24.31 -33.77 -12.71
N UNK X 39 -25.45 -33.20 -12.23
CA UNK X 39 -26.47 -32.51 -13.05
C UNK X 39 -26.25 -31.01 -12.94
N UNK X 40 -26.13 -30.50 -11.70
CA UNK X 40 -25.88 -29.08 -11.46
C UNK X 40 -24.40 -28.79 -11.71
N UNK X 41 -24.10 -28.22 -12.88
CA UNK X 41 -22.75 -27.84 -13.31
C UNK X 41 -22.67 -26.30 -13.42
N UNK X 42 -23.66 -25.70 -14.13
CA UNK X 42 -23.83 -24.25 -14.36
C UNK X 42 -25.31 -23.85 -14.60
N UNK X 43 -26.10 -24.72 -15.27
CA UNK X 43 -27.51 -24.46 -15.56
C UNK X 43 -28.35 -25.74 -15.58
N UNK X 44 -29.39 -25.78 -14.73
CA UNK X 44 -30.36 -26.87 -14.59
C UNK X 44 -31.70 -26.26 -14.16
N UNK X 45 -32.65 -26.13 -15.10
CA UNK X 45 -33.96 -25.52 -14.85
C UNK X 45 -34.82 -26.30 -13.84
N UNK X 46 -35.25 -25.61 -12.76
CA UNK X 46 -36.05 -26.16 -11.66
C UNK X 46 -37.48 -26.49 -12.07
N UNK X 47 -37.97 -27.63 -11.59
CA UNK X 47 -39.32 -28.14 -11.89
C UNK X 47 -40.31 -28.09 -10.71
N UNK X 48 -39.95 -27.43 -9.59
CA UNK X 48 -40.83 -27.35 -8.41
C UNK X 48 -41.29 -25.91 -8.07
N UNK X 49 -40.85 -25.36 -6.91
CA UNK X 49 -41.16 -24.02 -6.40
C UNK X 49 -39.87 -23.27 -5.98
N UNK X 50 -40.00 -21.97 -5.62
CA UNK X 50 -38.92 -21.07 -5.19
C UNK X 50 -37.95 -21.66 -4.15
N UNK X 51 -36.64 -21.37 -4.32
CA UNK X 51 -35.54 -21.84 -3.46
C UNK X 51 -35.62 -21.26 -2.06
N UNK Y 1 -14.41 -46.37 43.47
CA UNK Y 1 -14.34 -47.05 44.76
C UNK Y 1 -14.22 -46.10 45.98
N UNK Y 2 -13.90 -44.80 45.77
CA UNK Y 2 -13.74 -43.78 46.82
C UNK Y 2 -14.99 -42.89 47.00
N UNK Y 3 -16.05 -43.49 47.60
CA UNK Y 3 -17.35 -42.84 47.85
C UNK Y 3 -17.70 -42.72 49.35
N UNK Y 4 -16.67 -42.71 50.23
CA UNK Y 4 -16.82 -42.60 51.68
C UNK Y 4 -16.80 -41.15 52.14
N UNK Y 5 -16.12 -40.28 51.37
CA UNK Y 5 -16.05 -38.85 51.64
C UNK Y 5 -17.43 -38.24 51.45
N UNK Y 6 -18.21 -38.84 50.52
CA UNK Y 6 -19.60 -38.47 50.22
C UNK Y 6 -20.50 -38.85 51.40
N UNK Y 7 -20.09 -39.89 52.16
CA UNK Y 7 -20.83 -40.38 53.30
C UNK Y 7 -20.53 -39.61 54.58
N UNK Y 8 -19.25 -39.50 54.99
CA UNK Y 8 -18.82 -38.81 56.21
C UNK Y 8 -19.17 -37.32 56.25
N UNK Y 9 -19.03 -36.63 55.11
CA UNK Y 9 -19.37 -35.20 55.01
C UNK Y 9 -20.89 -35.02 54.87
N UNK Y 10 -21.65 -36.08 55.22
CA UNK Y 10 -23.11 -36.16 55.23
C UNK Y 10 -23.57 -37.00 56.44
N UNK Y 11 -22.61 -37.38 57.32
CA UNK Y 11 -22.78 -38.17 58.57
C UNK Y 11 -22.11 -37.52 59.79
N UNK Y 12 -20.90 -36.91 59.59
CA UNK Y 12 -20.10 -36.15 60.57
C UNK Y 12 -20.33 -34.66 60.32
N UNK Y 13 -21.20 -34.39 59.33
CA UNK Y 13 -21.75 -33.10 58.91
C UNK Y 13 -23.31 -33.23 58.89
N UNK Y 14 -23.81 -34.13 59.77
CA UNK Y 14 -25.21 -34.45 60.07
C UNK Y 14 -25.34 -34.57 61.59
N UNK Y 15 -24.19 -34.77 62.27
CA UNK Y 15 -24.03 -34.86 63.72
C UNK Y 15 -24.27 -33.49 64.35
N UNK Y 16 -24.08 -32.42 63.54
CA UNK Y 16 -24.30 -31.02 63.89
C UNK Y 16 -25.71 -30.61 63.50
N UNK Y 17 -26.21 -31.18 62.39
CA UNK Y 17 -27.58 -30.97 61.94
C UNK Y 17 -28.47 -31.58 63.02
N UNK Y 18 -27.96 -32.63 63.70
CA UNK Y 18 -28.66 -33.24 64.80
C UNK Y 18 -28.45 -32.36 66.04
N UNK Y 19 -27.18 -31.93 66.29
CA UNK Y 19 -26.84 -31.10 67.45
C UNK Y 19 -27.66 -29.82 67.55
N UNK Y 20 -27.95 -29.18 66.41
CA UNK Y 20 -28.74 -27.95 66.35
C UNK Y 20 -30.25 -28.23 66.23
N UNK Y 21 -30.64 -29.51 66.19
CA UNK Y 21 -32.03 -29.94 66.16
C UNK Y 21 -32.39 -30.36 67.58
N UNK Y 22 -31.36 -30.50 68.42
CA UNK Y 22 -31.45 -30.84 69.81
C UNK Y 22 -31.19 -29.59 70.65
N UNK Y 23 -30.35 -28.68 70.15
CA UNK Y 23 -30.08 -27.43 70.86
C UNK Y 23 -31.42 -26.69 71.07
N UNK Y 24 -32.29 -26.67 70.02
CA UNK Y 24 -33.62 -26.03 70.01
C UNK Y 24 -34.74 -26.87 70.67
N UNK Y 25 -34.35 -27.96 71.35
CA UNK Y 25 -35.25 -28.84 72.10
C UNK Y 25 -34.88 -28.68 73.57
N UNK Y 26 -33.65 -28.22 73.82
CA UNK Y 26 -33.10 -27.91 75.12
C UNK Y 26 -33.53 -26.48 75.41
N UNK Y 27 -33.50 -25.63 74.36
CA UNK Y 27 -33.93 -24.23 74.39
C UNK Y 27 -35.46 -24.15 74.38
N UNK Y 28 -36.13 -25.30 74.14
CA UNK Y 28 -37.59 -25.45 74.13
C UNK Y 28 -38.07 -25.98 75.49
N UNK Y 29 -37.25 -26.87 76.11
CA UNK Y 29 -37.55 -27.44 77.44
C UNK Y 29 -37.27 -26.40 78.56
N UNK Y 30 -36.71 -25.23 78.18
CA UNK Y 30 -36.40 -24.11 79.08
C UNK Y 30 -36.86 -22.79 78.47
N UNK Z 1 -9.45 -33.39 98.17
CA UNK Z 1 -9.04 -32.51 97.07
C UNK Z 1 -9.85 -31.20 97.07
N UNK Z 2 -9.93 -30.55 95.89
CA UNK Z 2 -10.68 -29.32 95.63
C UNK Z 2 -11.01 -29.27 94.13
N UNK Z 3 -9.98 -29.35 93.25
CA UNK Z 3 -10.11 -29.35 91.79
C UNK Z 3 -9.87 -30.79 91.25
N UNK Z 4 -8.76 -31.01 90.51
CA UNK Z 4 -8.40 -32.32 89.93
C UNK Z 4 -6.87 -32.50 89.97
N UNK Z 5 -6.28 -33.24 88.99
CA UNK Z 5 -4.84 -33.43 88.88
C UNK Z 5 -4.20 -32.13 88.35
N UNK Z 6 -4.99 -31.34 87.57
CA UNK Z 6 -4.65 -30.05 86.95
C UNK Z 6 -4.28 -28.99 88.00
N UNK Z 7 -3.14 -28.29 87.79
CA UNK Z 7 -2.59 -27.25 88.68
C UNK Z 7 -3.36 -25.91 88.61
N UNK Z 8 -3.20 -25.04 89.65
CA UNK Z 8 -3.82 -23.71 89.80
C UNK Z 8 -3.62 -22.75 88.60
N UNK Z 9 -2.62 -23.04 87.75
CA UNK Z 9 -2.27 -22.33 86.52
C UNK Z 9 -2.10 -23.35 85.38
N UNK Z 10 -2.25 -24.67 85.71
CA UNK Z 10 -2.08 -25.88 84.89
C UNK Z 10 -0.67 -25.97 84.28
N UNK Z 11 0.18 -26.88 84.84
CA UNK Z 11 1.58 -27.10 84.46
C UNK Z 11 1.89 -27.51 82.99
N UNK Z 12 2.62 -26.63 82.26
CA UNK Z 12 3.08 -26.76 80.87
C UNK Z 12 1.97 -27.08 79.83
N UNK Z 13 2.38 -27.56 78.64
CA UNK Z 13 1.48 -27.90 77.54
C UNK Z 13 0.90 -29.30 77.74
N UNK Z 14 1.20 -30.24 76.83
CA UNK Z 14 0.72 -31.63 76.88
C UNK Z 14 1.18 -32.39 78.14
N UNK Z 15 2.18 -31.84 78.87
CA UNK Z 15 2.73 -32.41 80.11
C UNK Z 15 1.61 -32.72 81.13
N UNK Z 16 0.67 -31.79 81.29
CA UNK Z 16 -0.47 -32.00 82.16
C UNK Z 16 -1.60 -32.59 81.35
N UNK Z 17 -1.86 -32.04 80.13
CA UNK Z 17 -2.93 -32.44 79.21
C UNK Z 17 -3.04 -33.94 78.94
N UNK Z 18 -1.91 -34.61 78.63
CA UNK Z 18 -1.88 -36.05 78.39
C UNK Z 18 -2.26 -36.76 79.68
N UNK Z 19 -1.60 -36.38 80.78
CA UNK Z 19 -1.83 -36.92 82.11
C UNK Z 19 -3.26 -36.64 82.61
N UNK Z 20 -3.58 -35.37 82.96
CA UNK Z 20 -4.89 -34.95 83.48
C UNK Z 20 -5.96 -34.86 82.37
N UNK Z 21 -6.19 -36.00 81.69
CA UNK Z 21 -7.19 -36.18 80.63
C UNK Z 21 -8.30 -37.12 81.18
N UNK Z 22 -9.09 -36.61 82.17
CA UNK Z 22 -10.18 -37.32 82.87
C UNK Z 22 -9.72 -38.71 83.28
N UNK Z 23 -8.52 -38.78 83.89
CA UNK Z 23 -7.85 -40.01 84.31
C UNK Z 23 -8.67 -40.84 85.30
N UNK Z 24 -9.23 -40.18 86.36
CA UNK Z 24 -10.06 -40.78 87.42
C UNK Z 24 -10.94 -39.74 88.13
N UNK Z 25 -10.95 -39.77 89.49
CA UNK Z 25 -11.70 -38.90 90.41
C UNK Z 25 -13.24 -38.95 90.30
N UNK Z 26 -13.82 -38.41 89.21
CA UNK Z 26 -15.28 -38.37 89.01
C UNK Z 26 -15.67 -38.44 87.54
N UNK Z 27 -15.78 -37.24 86.86
CA UNK Z 27 -16.15 -36.98 85.44
C UNK Z 27 -17.64 -37.18 85.09
N UNK Z 28 -18.11 -36.54 83.99
CA UNK Z 28 -19.50 -36.61 83.53
C UNK Z 28 -19.90 -38.01 83.04
N UNK Z 29 -21.20 -38.32 83.19
CA UNK Z 29 -21.82 -39.59 82.80
C UNK Z 29 -22.43 -39.48 81.40
N UNK Z 30 -22.78 -38.26 80.97
CA UNK Z 30 -23.41 -37.88 79.70
C UNK Z 30 -22.67 -38.32 78.41
N UNK Z 31 -23.35 -38.18 77.25
CA UNK Z 31 -22.83 -38.54 75.94
C UNK Z 31 -22.70 -37.29 75.03
N UNK Z 32 -23.31 -37.32 73.83
CA UNK Z 32 -23.30 -36.24 72.86
C UNK Z 32 -24.71 -36.03 72.30
N UNK Z 33 -25.69 -35.93 73.21
CA UNK Z 33 -27.10 -35.68 72.95
C UNK Z 33 -27.39 -34.31 73.56
N UNK Z 34 -26.94 -33.25 72.85
CA UNK Z 34 -26.98 -31.83 73.23
C UNK Z 34 -27.68 -31.46 74.55
N UNK Z 35 -29.00 -31.73 74.70
CA UNK Z 35 -29.78 -31.43 75.91
C UNK Z 35 -29.17 -32.04 77.18
N UNK Z 36 -28.65 -33.28 77.09
CA UNK Z 36 -27.99 -34.00 78.17
C UNK Z 36 -26.57 -33.45 78.36
N UNK Z 37 -25.93 -33.05 77.24
CA UNK Z 37 -24.59 -32.47 77.27
C UNK Z 37 -24.68 -31.04 77.76
N UNK Z 38 -25.81 -30.37 77.50
CA UNK Z 38 -26.05 -28.99 77.88
C UNK Z 38 -26.12 -28.83 79.38
N UNK Z 39 -27.03 -29.56 80.04
CA UNK Z 39 -27.18 -29.48 81.49
C UNK Z 39 -25.88 -29.87 82.17
N UNK Z 40 -25.05 -30.68 81.48
CA UNK Z 40 -23.75 -31.13 81.96
C UNK Z 40 -22.77 -30.00 82.09
N UNK Z 41 -22.81 -29.01 81.16
CA UNK Z 41 -21.95 -27.81 81.15
C UNK Z 41 -22.42 -26.78 82.19
N UNK Z 42 -23.77 -26.57 82.26
CA UNK Z 42 -24.42 -25.65 83.18
C UNK Z 42 -24.32 -26.17 84.62
N UNK Z 43 -24.28 -27.52 84.79
CA UNK Z 43 -24.13 -28.19 86.09
C UNK Z 43 -22.83 -27.78 86.78
N UNK Z 44 -21.72 -27.67 86.04
CA UNK Z 44 -20.43 -27.25 86.57
C UNK Z 44 -20.48 -25.76 86.90
N UNK Z 45 -20.90 -24.93 85.92
CA UNK Z 45 -21.00 -23.48 86.05
C UNK Z 45 -21.87 -23.07 87.24
N UNK Z 46 -23.16 -23.47 87.26
CA UNK Z 46 -24.10 -23.12 88.32
C UNK Z 46 -23.66 -23.53 89.72
N UNK Z 47 -23.09 -24.73 89.88
CA UNK Z 47 -22.68 -25.28 91.18
C UNK Z 47 -21.47 -24.63 91.83
N UNK Z 48 -20.60 -23.97 91.04
CA UNK Z 48 -19.42 -23.28 91.58
C UNK Z 48 -19.84 -21.99 92.28
N UNK Z 49 -21.02 -21.46 91.88
CA UNK Z 49 -21.66 -20.26 92.43
C UNK Z 49 -22.39 -20.63 93.72
N UNK Z 50 -22.89 -21.87 93.83
CA UNK Z 50 -23.55 -22.43 95.01
C UNK Z 50 -22.51 -22.60 96.14
N UNK Z 51 -21.21 -22.68 95.75
CA UNK Z 51 -20.01 -22.79 96.61
C UNK Z 51 -19.29 -21.44 96.74
N UNK Z 52 -19.39 -20.57 95.69
CA UNK Z 52 -18.82 -19.21 95.73
C UNK Z 52 -19.62 -18.41 96.72
N UNK Z 53 -20.97 -18.53 96.69
CA UNK Z 53 -21.86 -17.86 97.62
C UNK Z 53 -21.64 -18.43 99.02
N UNK Z 54 -21.38 -19.74 99.13
CA UNK Z 54 -21.09 -20.38 100.41
C UNK Z 54 -19.79 -19.81 100.97
N UNK Z 55 -18.78 -19.61 100.09
CA UNK Z 55 -17.50 -19.01 100.45
C UNK Z 55 -17.77 -17.57 100.87
N UNK Z 56 -18.63 -16.86 100.13
CA UNK Z 56 -19.04 -15.49 100.42
C UNK Z 56 -19.88 -15.41 101.68
N UNK Z 57 -20.67 -16.48 101.99
CA UNK Z 57 -21.49 -16.52 103.21
C UNK Z 57 -20.58 -16.52 104.43
N UNK Z 58 -19.41 -17.19 104.30
CA UNK Z 58 -18.37 -17.27 105.32
C UNK Z 58 -17.52 -16.00 105.28
N UNK Z 59 -17.32 -15.42 104.09
CA UNK Z 59 -16.54 -14.20 103.92
C UNK Z 59 -17.30 -13.06 104.54
N UNK Z 60 -18.57 -12.89 104.16
CA UNK Z 60 -19.45 -11.84 104.68
C UNK Z 60 -19.76 -12.03 106.16
N UNK Z 61 -19.60 -13.26 106.67
CA UNK Z 61 -19.85 -13.54 108.08
C UNK Z 61 -18.65 -13.22 108.99
N UNK Z 62 -17.44 -12.97 108.43
CA UNK Z 62 -16.24 -12.69 109.24
C UNK Z 62 -15.17 -11.77 108.60
N UNK Z 63 -15.32 -10.42 108.54
CA UNK Z 63 -16.43 -9.52 108.89
C UNK Z 63 -17.24 -9.83 110.15
N UNK Z 64 -16.57 -9.79 111.30
CA UNK Z 64 -17.21 -10.05 112.60
C UNK Z 64 -17.96 -8.78 113.07
N UNK Z 65 -17.61 -8.21 114.26
CA UNK Z 65 -18.22 -7.01 114.84
C UNK Z 65 -17.25 -6.34 115.84
N UNK Z 66 -16.06 -5.95 115.34
CA UNK Z 66 -14.97 -5.29 116.09
C UNK Z 66 -14.47 -6.08 117.33
N UNK Z 67 -13.96 -5.37 118.37
CA UNK Z 67 -13.43 -5.90 119.64
C UNK Z 67 -12.27 -6.90 119.46
N UNK Z 68 -11.07 -6.37 119.12
CA UNK Z 68 -9.81 -7.11 118.87
C UNK Z 68 -9.81 -7.98 117.58
N UNK Z 69 -8.67 -8.67 117.28
CA UNK Z 69 -8.51 -9.51 116.10
C UNK Z 69 -8.41 -11.00 116.48
N UNK AA 1 -12.18 -18.97 112.62
CA UNK AA 1 -11.73 -17.60 112.36
C UNK AA 1 -11.59 -17.29 110.85
N UNK AA 2 -10.93 -16.15 110.52
CA UNK AA 2 -10.71 -15.70 109.14
C UNK AA 2 -9.48 -16.35 108.48
N UNK AA 3 -8.45 -16.72 109.28
CA UNK AA 3 -7.19 -17.34 108.85
C UNK AA 3 -7.38 -18.61 108.01
N UNK AA 4 -8.32 -19.47 108.43
CA UNK AA 4 -8.66 -20.71 107.74
C UNK AA 4 -9.50 -20.41 106.50
N UNK AA 5 -10.41 -19.41 106.59
CA UNK AA 5 -11.27 -18.98 105.49
C UNK AA 5 -10.46 -18.51 104.25
N UNK AA 6 -9.13 -18.30 104.42
CA UNK AA 6 -8.20 -17.93 103.33
C UNK AA 6 -8.02 -19.17 102.43
N UNK AA 7 -8.09 -20.37 103.05
CA UNK AA 7 -7.97 -21.67 102.39
C UNK AA 7 -9.36 -22.15 101.89
N UNK AA 8 -10.32 -21.21 101.74
CA UNK AA 8 -11.67 -21.47 101.26
C UNK AA 8 -12.03 -20.53 100.11
N UNK AA 9 -11.52 -19.29 100.14
CA UNK AA 9 -11.77 -18.28 99.12
C UNK AA 9 -11.20 -18.70 97.76
N UNK AA 10 -9.90 -19.02 97.71
CA UNK AA 10 -9.27 -19.47 96.48
C UNK AA 10 -9.70 -20.90 96.20
N UNK AA 11 -9.80 -21.72 97.24
CA UNK AA 11 -10.16 -23.13 97.13
C UNK AA 11 -11.64 -23.33 96.81
N UNK AA 12 -12.52 -23.60 97.83
CA UNK AA 12 -13.96 -23.88 97.74
C UNK AA 12 -14.71 -23.14 96.62
N UNK AA 13 -14.29 -21.89 96.34
CA UNK AA 13 -14.83 -21.06 95.26
C UNK AA 13 -13.82 -21.09 94.10
N UNK AA 14 -14.21 -21.72 92.96
CA UNK AA 14 -13.36 -21.87 91.75
C UNK AA 14 -14.14 -21.67 90.43
N UNK AA 15 -14.07 -20.44 89.86
CA UNK AA 15 -14.74 -20.06 88.61
C UNK AA 15 -13.86 -20.34 87.39
N UNK BA 1 9.44 -87.52 -6.33
CA UNK BA 1 9.54 -86.17 -5.77
C UNK BA 1 9.07 -85.09 -6.76
N UNK BA 2 7.75 -85.07 -7.03
CA UNK BA 2 7.13 -84.08 -7.89
C UNK BA 2 6.98 -82.82 -7.04
N UNK BA 3 8.12 -82.11 -6.88
CA UNK BA 3 8.34 -80.89 -6.09
C UNK BA 3 7.09 -80.10 -5.66
N UNK BA 4 6.90 -79.95 -4.33
CA UNK BA 4 5.77 -79.21 -3.72
C UNK BA 4 5.70 -77.71 -4.12
N UNK BA 5 6.82 -77.15 -4.68
CA UNK BA 5 7.05 -75.77 -5.16
C UNK BA 5 5.82 -74.87 -5.07
N UNK BA 6 4.81 -75.16 -5.90
CA UNK BA 6 3.50 -74.54 -5.96
C UNK BA 6 2.56 -75.64 -6.44
N UNK BA 7 3.12 -76.88 -6.63
CA UNK BA 7 2.39 -78.08 -7.03
C UNK BA 7 1.55 -78.55 -5.85
N UNK BA 8 1.96 -78.16 -4.63
CA UNK BA 8 1.24 -78.45 -3.39
C UNK BA 8 -0.03 -77.58 -3.30
N UNK BA 9 -0.12 -76.47 -4.09
CA UNK BA 9 -1.30 -75.58 -4.15
C UNK BA 9 -2.44 -76.32 -4.83
N UNK BA 10 -2.08 -77.19 -5.79
CA UNK BA 10 -2.99 -78.06 -6.53
C UNK BA 10 -3.40 -79.20 -5.59
N UNK BA 11 -2.39 -79.91 -5.04
CA UNK BA 11 -2.56 -81.03 -4.11
C UNK BA 11 -3.24 -80.62 -2.81
N UNK BA 12 -3.24 -79.30 -2.47
CA UNK BA 12 -3.87 -78.72 -1.27
C UNK BA 12 -5.34 -79.14 -1.17
N UNK BA 13 -6.00 -79.25 -2.33
CA UNK BA 13 -7.40 -79.68 -2.46
C UNK BA 13 -7.56 -81.19 -2.18
N UNK BA 14 -6.61 -82.00 -2.64
CA UNK BA 14 -6.63 -83.45 -2.43
C UNK BA 14 -6.04 -83.82 -1.07
N UNK BA 15 -5.17 -82.95 -0.52
CA UNK BA 15 -4.54 -83.11 0.78
C UNK BA 15 -5.42 -82.48 1.86
N UNK BA 16 -6.66 -82.06 1.50
CA UNK BA 16 -7.64 -81.42 2.40
C UNK BA 16 -8.45 -82.41 3.23
N UNK BA 17 -8.77 -83.57 2.64
CA UNK BA 17 -9.53 -84.63 3.31
C UNK BA 17 -8.71 -85.37 4.36
N UNK BA 18 -7.53 -85.91 3.98
CA UNK BA 18 -6.64 -86.64 4.87
C UNK BA 18 -5.89 -85.66 5.79
N UNK BA 19 -6.66 -84.98 6.66
CA UNK BA 19 -6.20 -83.99 7.63
C UNK BA 19 -6.99 -84.11 8.93
N UNK BA 20 -8.34 -84.09 8.83
CA UNK BA 20 -9.26 -84.16 9.96
C UNK BA 20 -8.87 -83.10 11.01
N UNK BA 21 -9.06 -81.80 10.62
CA UNK BA 21 -8.77 -80.55 11.36
C UNK BA 21 -7.41 -80.46 12.08
N UNK BA 22 -6.43 -81.30 11.64
CA UNK BA 22 -5.07 -81.33 12.18
C UNK BA 22 -4.20 -80.32 11.41
N UNK BA 23 -3.39 -79.47 12.12
CA UNK BA 23 -3.16 -79.42 13.58
C UNK BA 23 -3.92 -78.26 14.30
N UNK BA 24 -4.70 -78.63 15.34
CA UNK BA 24 -5.51 -77.72 16.15
C UNK BA 24 -4.88 -77.44 17.53
N UNK BA 25 -3.53 -77.33 17.54
CA UNK BA 25 -2.70 -77.09 18.72
C UNK BA 25 -3.01 -75.77 19.42
N UNK BA 26 -2.82 -75.74 20.77
CA UNK BA 26 -3.03 -74.59 21.66
C UNK BA 26 -1.85 -73.62 21.65
N UNK CA 1 -3.12 -90.05 -10.02
CA UNK CA 1 -3.50 -91.41 -10.39
C UNK CA 1 -2.76 -92.52 -9.59
N UNK CA 2 -1.40 -92.51 -9.59
CA UNK CA 2 -0.56 -93.48 -8.88
C UNK CA 2 0.40 -92.79 -7.88
N UNK CA 3 1.45 -92.09 -8.39
CA UNK CA 3 2.43 -91.32 -7.60
C UNK CA 3 1.75 -90.17 -6.85
N UNK CA 4 0.55 -89.79 -7.31
CA UNK CA 4 -0.28 -88.77 -6.70
C UNK CA 4 -0.84 -89.36 -5.40
N UNK CA 5 -1.37 -90.61 -5.45
CA UNK CA 5 -1.91 -91.33 -4.29
C UNK CA 5 -0.76 -91.74 -3.35
N UNK CA 6 0.40 -91.08 -3.55
CA UNK CA 6 1.65 -91.19 -2.82
C UNK CA 6 2.16 -89.80 -2.45
N UNK CA 7 2.27 -88.85 -3.43
CA UNK CA 7 2.71 -87.46 -3.22
C UNK CA 7 1.68 -86.64 -2.39
N UNK CA 8 0.50 -87.25 -2.17
CA UNK CA 8 -0.62 -86.76 -1.36
C UNK CA 8 -0.73 -87.62 -0.09
N UNK CA 9 -0.21 -88.87 -0.14
CA UNK CA 9 -0.20 -89.78 1.01
C UNK CA 9 0.93 -89.40 1.97
N UNK CA 10 2.08 -88.96 1.41
CA UNK CA 10 3.23 -88.51 2.19
C UNK CA 10 2.95 -87.14 2.81
N UNK CA 11 1.96 -86.41 2.25
CA UNK CA 11 1.52 -85.09 2.71
C UNK CA 11 0.77 -85.20 4.03
N UNK CA 12 -0.18 -86.15 4.12
CA UNK CA 12 -0.95 -86.40 5.34
C UNK CA 12 0.02 -86.88 6.42
N UNK CA 13 0.93 -87.80 6.05
CA UNK CA 13 1.97 -88.36 6.94
C UNK CA 13 3.08 -87.34 7.29
N UNK CA 14 2.94 -86.08 6.81
CA UNK CA 14 3.85 -84.97 7.10
C UNK CA 14 3.12 -83.91 7.93
N UNK CA 15 1.78 -83.82 7.75
CA UNK CA 15 0.87 -82.90 8.45
C UNK CA 15 0.35 -83.47 9.78
N UNK CA 16 0.45 -84.81 9.94
CA UNK CA 16 0.01 -85.53 11.13
C UNK CA 16 1.16 -86.03 11.98
N UNK CA 17 2.32 -86.36 11.35
CA UNK CA 17 3.53 -86.80 12.08
C UNK CA 17 4.00 -85.60 12.86
N UNK CA 18 3.69 -84.43 12.31
CA UNK CA 18 3.96 -83.17 12.93
C UNK CA 18 2.87 -82.84 13.98
N UNK CA 19 1.65 -83.49 13.92
CA UNK CA 19 0.57 -83.29 14.92
C UNK CA 19 1.06 -83.65 16.30
N UNK CA 20 2.28 -84.20 16.30
CA UNK CA 20 3.11 -84.56 17.43
C UNK CA 20 4.44 -83.80 17.19
N UNK CA 21 4.52 -82.58 17.73
CA UNK CA 21 5.70 -81.70 17.66
C UNK CA 21 5.75 -80.79 18.90
N UNK CA 22 4.57 -80.19 19.29
CA UNK CA 22 4.35 -79.27 20.44
C UNK CA 22 5.34 -78.10 20.52
N UNK DA 1 0.84 -85.18 -12.52
CA UNK DA 1 -0.29 -84.44 -13.08
C UNK DA 1 0.17 -83.37 -14.08
N UNK DA 2 -0.75 -82.96 -14.98
CA UNK DA 2 -0.55 -81.94 -16.03
C UNK DA 2 -0.60 -80.54 -15.42
N UNK DA 3 -1.50 -80.33 -14.43
CA UNK DA 3 -1.64 -79.10 -13.67
C UNK DA 3 -0.41 -78.90 -12.76
N UNK DA 4 0.25 -80.02 -12.37
CA UNK DA 4 1.49 -80.05 -11.57
C UNK DA 4 2.71 -79.56 -12.40
N UNK DA 5 2.40 -78.81 -13.49
CA UNK DA 5 3.29 -78.21 -14.47
C UNK DA 5 2.65 -76.95 -15.05
N UNK DA 6 1.31 -77.02 -15.37
CA UNK DA 6 0.49 -75.95 -15.96
C UNK DA 6 0.36 -74.72 -15.07
N UNK DA 7 1.48 -74.38 -14.45
CA UNK DA 7 1.71 -73.25 -13.59
C UNK DA 7 2.31 -72.12 -14.47
N UNK DA 8 2.36 -72.36 -15.80
CA UNK DA 8 2.84 -71.41 -16.80
C UNK DA 8 1.88 -70.20 -16.95
N UNK DA 9 0.73 -70.23 -16.23
CA UNK DA 9 -0.30 -69.19 -16.18
C UNK DA 9 -0.46 -68.64 -14.75
N UNK EA 1 -5.67 -69.81 -15.38
CA UNK EA 1 -6.94 -70.35 -15.87
C UNK EA 1 -7.06 -71.86 -15.54
N UNK EA 2 -6.60 -72.74 -16.47
CA UNK EA 2 -6.56 -74.21 -16.42
C UNK EA 2 -7.84 -75.02 -16.14
N UNK EA 3 -8.13 -75.99 -17.04
CA UNK EA 3 -9.23 -76.96 -16.98
C UNK EA 3 -8.62 -78.39 -17.03
N UNK EA 4 -7.31 -78.46 -17.38
CA UNK EA 4 -6.48 -79.68 -17.40
C UNK EA 4 -6.24 -80.16 -15.96
N UNK EA 5 -6.67 -79.32 -15.01
CA UNK EA 5 -6.67 -79.56 -13.58
C UNK EA 5 -7.94 -80.37 -13.27
N UNK EA 6 -9.09 -80.03 -13.91
CA UNK EA 6 -10.36 -80.76 -13.72
C UNK EA 6 -10.24 -82.23 -14.15
N UNK EA 7 -9.44 -82.49 -15.20
CA UNK EA 7 -9.17 -83.83 -15.74
C UNK EA 7 -8.23 -84.65 -14.83
N UNK EA 8 -7.27 -83.98 -14.14
CA UNK EA 8 -6.31 -84.62 -13.22
C UNK EA 8 -6.83 -84.71 -11.77
N UNK EA 9 -8.06 -84.22 -11.54
CA UNK EA 9 -8.75 -84.28 -10.25
C UNK EA 9 -9.83 -85.35 -10.36
N UNK EA 10 -10.22 -85.70 -11.60
CA UNK EA 10 -11.23 -86.72 -11.93
C UNK EA 10 -10.72 -88.15 -11.75
N UNK EA 11 -9.40 -88.38 -11.92
CA UNK EA 11 -8.77 -89.69 -11.71
C UNK EA 11 -8.60 -89.91 -10.21
N UNK EA 12 -8.53 -88.80 -9.43
CA UNK EA 12 -8.40 -88.79 -7.99
C UNK EA 12 -9.72 -89.14 -7.28
N UNK EA 13 -10.88 -89.02 -7.98
CA UNK EA 13 -12.21 -89.39 -7.45
C UNK EA 13 -12.32 -90.92 -7.32
N UNK EA 14 -11.29 -91.63 -7.84
CA UNK EA 14 -11.05 -93.07 -7.84
C UNK EA 14 -9.63 -93.34 -7.27
N UNK EA 15 -9.34 -92.70 -6.10
CA UNK EA 15 -8.09 -92.77 -5.30
C UNK EA 15 -8.29 -92.20 -3.86
N UNK EA 16 -8.95 -91.02 -3.74
CA UNK EA 16 -9.23 -90.33 -2.47
C UNK EA 16 -10.55 -89.53 -2.53
N UNK FA 1 -14.09 -88.98 -19.97
CA UNK FA 1 -13.43 -90.16 -19.40
C UNK FA 1 -12.76 -91.03 -20.46
N UNK FA 2 -13.39 -91.20 -21.64
CA UNK FA 2 -12.85 -92.00 -22.76
C UNK FA 2 -12.37 -91.07 -23.89
N UNK FA 3 -13.30 -90.65 -24.77
CA UNK FA 3 -13.04 -89.73 -25.87
C UNK FA 3 -13.11 -88.30 -25.35
N UNK FA 4 -13.88 -88.10 -24.26
CA UNK FA 4 -14.04 -86.84 -23.55
C UNK FA 4 -12.71 -86.49 -22.89
N UNK FA 5 -12.02 -87.52 -22.35
CA UNK FA 5 -10.69 -87.39 -21.73
C UNK FA 5 -9.69 -87.04 -22.82
N UNK FA 6 -9.79 -87.69 -23.99
CA UNK FA 6 -8.94 -87.43 -25.15
C UNK FA 6 -9.14 -85.98 -25.59
N UNK FA 7 -10.42 -85.55 -25.70
CA UNK FA 7 -10.83 -84.19 -26.05
C UNK FA 7 -10.29 -83.15 -25.06
N UNK FA 8 -10.23 -83.50 -23.76
CA UNK FA 8 -9.74 -82.62 -22.71
C UNK FA 8 -8.20 -82.63 -22.61
N UNK FA 9 -7.56 -83.80 -22.82
CA UNK FA 9 -6.10 -83.96 -22.75
C UNK FA 9 -5.38 -83.24 -23.89
N UNK FA 10 -5.85 -83.42 -25.14
CA UNK FA 10 -5.29 -82.84 -26.37
C UNK FA 10 -5.02 -81.34 -26.31
N UNK FA 11 -5.97 -80.57 -25.74
CA UNK FA 11 -5.90 -79.11 -25.64
C UNK FA 11 -4.71 -78.56 -24.82
N UNK FA 12 -4.14 -79.37 -23.88
CA UNK FA 12 -3.03 -79.07 -22.96
C UNK FA 12 -2.08 -77.89 -23.30
N UNK FA 13 -1.14 -78.11 -24.24
CA UNK FA 13 -0.16 -77.12 -24.67
C UNK FA 13 -0.65 -76.31 -25.87
N UNK GA 1 19.08 -85.79 3.60
CA UNK GA 1 19.68 -84.52 3.22
C UNK GA 1 19.19 -84.03 1.86
N UNK GA 2 18.73 -84.96 0.98
CA UNK GA 2 18.23 -84.69 -0.38
C UNK GA 2 16.76 -84.26 -0.36
N UNK GA 3 15.86 -85.14 0.15
CA UNK GA 3 14.44 -84.85 0.33
C UNK GA 3 14.36 -84.01 1.60
N UNK GA 4 15.49 -83.97 2.34
CA UNK GA 4 15.72 -83.24 3.59
C UNK GA 4 16.63 -82.00 3.42
N UNK GA 5 16.59 -81.37 2.22
CA UNK GA 5 17.29 -80.11 1.94
C UNK GA 5 16.28 -79.00 2.30
N UNK GA 6 15.05 -79.45 2.63
CA UNK GA 6 13.91 -78.70 3.15
C UNK GA 6 13.91 -78.91 4.68
N UNK GA 7 14.90 -79.72 5.18
CA UNK GA 7 15.17 -80.06 6.58
C UNK GA 7 16.68 -79.90 6.97
N UNK GA 8 17.44 -79.16 6.12
CA UNK GA 8 18.87 -78.86 6.30
C UNK GA 8 19.14 -77.34 6.21
N UNK GA 9 18.61 -76.66 5.16
CA UNK GA 9 18.79 -75.23 4.90
C UNK GA 9 17.51 -74.38 5.05
N UNK GA 10 16.33 -75.02 5.13
CA UNK GA 10 15.03 -74.35 5.31
C UNK GA 10 14.86 -73.69 6.68
N UNK GA 11 15.55 -74.22 7.72
CA UNK GA 11 15.54 -73.67 9.07
C UNK GA 11 16.49 -72.46 9.15
N UNK GA 12 17.52 -72.42 8.26
CA UNK GA 12 18.50 -71.33 8.13
C UNK GA 12 17.80 -70.17 7.36
N UNK GA 13 16.49 -70.05 7.63
CA UNK GA 13 15.47 -69.13 7.14
C UNK GA 13 14.21 -69.40 8.01
N UNK GA 14 14.33 -69.12 9.34
CA UNK GA 14 13.28 -69.31 10.35
C UNK GA 14 12.34 -68.06 10.46
N UNK GA 15 11.12 -68.25 11.04
CA UNK GA 15 10.04 -67.28 11.25
C UNK GA 15 9.16 -67.03 10.01
N UNK GA 16 7.91 -67.53 10.06
CA UNK GA 16 6.89 -67.42 9.01
C UNK GA 16 5.48 -67.32 9.63
N UNK GA 17 4.69 -66.31 9.20
CA UNK GA 17 3.35 -66.01 9.70
C UNK GA 17 2.28 -67.14 9.67
N UNK GA 18 1.55 -67.33 8.54
CA UNK GA 18 0.51 -68.35 8.38
C UNK GA 18 0.70 -69.19 7.12
N UNK HA 1 14.35 -86.78 19.50
CA UNK HA 1 15.59 -86.24 20.08
C UNK HA 1 16.33 -85.35 19.05
N UNK HA 2 15.77 -84.15 18.77
CA UNK HA 2 16.25 -83.17 17.78
C UNK HA 2 17.44 -82.29 18.21
N UNK HA 3 18.22 -81.84 17.18
CA UNK HA 3 19.42 -80.97 17.21
C UNK HA 3 19.86 -80.66 15.76
N UNK HA 4 20.38 -79.43 15.50
CA UNK HA 4 20.79 -79.03 14.14
C UNK HA 4 21.95 -77.98 14.06
N UNK HA 5 22.22 -77.45 12.83
CA UNK HA 5 23.21 -76.42 12.45
C UNK HA 5 24.67 -76.66 12.87
N UNK HA 6 25.31 -75.72 13.61
CA UNK HA 6 26.70 -75.79 14.09
C UNK HA 6 26.79 -76.13 15.59
N UNK HA 7 27.64 -77.10 15.95
CA UNK HA 7 27.85 -77.54 17.33
C UNK HA 7 29.07 -76.87 17.92
N UNK HA 8 28.87 -76.12 19.02
CA UNK HA 8 29.93 -75.38 19.70
C UNK HA 8 30.56 -76.16 20.86
N UNK HA 9 31.90 -76.17 20.89
CA UNK HA 9 32.72 -76.85 21.91
C UNK HA 9 34.08 -76.15 22.03
N UNK IA 1 -5.71 28.25 55.14
CA UNK IA 1 -4.35 28.48 55.60
C UNK IA 1 -3.33 27.62 54.85
N UNK IA 2 -2.21 28.25 54.43
CA UNK IA 2 -1.09 27.67 53.67
C UNK IA 2 0.22 27.66 54.49
N UNK IA 3 0.23 28.33 55.66
CA UNK IA 3 1.39 28.39 56.55
C UNK IA 3 1.53 27.05 57.32
N UNK IA 4 0.46 26.66 58.03
CA UNK IA 4 0.37 25.42 58.78
C UNK IA 4 0.33 24.23 57.82
N UNK IA 5 -0.38 24.38 56.68
CA UNK IA 5 -0.56 23.37 55.62
C UNK IA 5 0.74 22.82 55.02
N UNK IA 6 1.88 23.41 55.42
CA UNK IA 6 3.20 22.97 54.98
C UNK IA 6 3.57 21.76 55.83
N UNK IA 7 3.47 21.87 57.18
CA UNK IA 7 3.74 20.79 58.13
C UNK IA 7 2.63 19.76 58.09
N UNK IA 8 1.62 19.98 57.22
CA UNK IA 8 0.51 19.05 57.05
C UNK IA 8 1.00 17.89 56.19
N UNK IA 9 1.11 18.06 54.86
CA UNK IA 9 1.61 17.00 53.96
C UNK IA 9 3.11 16.67 54.19
N UNK IA 10 3.74 17.30 55.21
CA UNK IA 10 5.11 17.05 55.65
C UNK IA 10 5.08 16.30 57.00
N UNK IA 11 3.89 15.77 57.36
CA UNK IA 11 3.58 14.93 58.53
C UNK IA 11 2.88 13.64 58.03
N UNK IA 12 2.26 13.72 56.82
CA UNK IA 12 1.66 12.60 56.08
C UNK IA 12 2.87 12.04 55.30
N UNK IA 13 3.98 11.90 56.05
CA UNK IA 13 5.32 11.45 55.71
C UNK IA 13 6.14 11.38 57.04
N UNK IA 14 7.12 10.46 57.22
CA UNK IA 14 7.71 9.43 56.35
C UNK IA 14 6.96 9.00 55.09
N UNK IA 15 5.95 8.11 55.20
CA UNK IA 15 5.19 7.58 54.06
C UNK IA 15 6.13 6.89 53.05
N UNK IA 16 7.12 7.65 52.52
CA UNK IA 16 8.14 7.20 51.59
C UNK IA 16 9.56 7.27 52.21
N UNK IA 17 9.81 8.28 53.08
CA UNK IA 17 11.11 8.54 53.72
C UNK IA 17 11.68 7.36 54.50
N UNK IA 18 13.00 7.13 54.32
CA UNK IA 18 13.81 6.09 54.96
C UNK IA 18 14.38 6.56 56.30
N UNK IA 19 14.98 5.64 57.08
CA UNK IA 19 15.54 5.95 58.40
C UNK IA 19 17.06 5.77 58.53
N UNK IA 20 17.63 6.42 59.56
CA UNK IA 20 19.03 6.40 60.00
C UNK IA 20 19.09 5.65 61.36
N UNK IA 21 17.89 5.29 61.89
CA UNK IA 21 17.61 4.58 63.14
C UNK IA 21 17.77 3.05 62.96
N UNK IA 22 18.24 2.24 63.94
CA UNK IA 22 18.60 2.43 65.36
C UNK IA 22 17.42 2.15 66.28
N UNK IA 23 16.28 2.80 65.99
CA UNK IA 23 15.03 2.64 66.71
C UNK IA 23 14.28 1.42 66.18
N UNK IA 24 14.42 1.12 64.87
CA UNK IA 24 13.84 -0.07 64.26
C UNK IA 24 14.46 -1.29 64.91
N UNK IA 25 15.79 -1.23 65.17
CA UNK IA 25 16.55 -2.26 65.87
C UNK IA 25 16.16 -2.22 67.33
N UNK IA 26 15.72 -1.04 67.85
CA UNK IA 26 15.27 -0.88 69.23
C UNK IA 26 13.81 -1.35 69.41
N UNK IA 27 13.16 -1.82 68.32
CA UNK IA 27 11.80 -2.40 68.35
C UNK IA 27 11.93 -3.93 68.53
N UNK IA 28 12.98 -4.54 67.92
CA UNK IA 28 13.27 -5.96 68.02
C UNK IA 28 13.92 -6.25 69.36
N UNK IA 29 15.08 -5.61 69.62
CA UNK IA 29 15.87 -5.74 70.85
C UNK IA 29 15.06 -5.52 72.13
N UNK IA 30 14.20 -4.48 72.14
CA UNK IA 30 13.37 -4.19 73.31
C UNK IA 30 12.31 -5.26 73.52
N UNK IA 31 11.58 -5.67 72.45
CA UNK IA 31 10.52 -6.69 72.49
C UNK IA 31 10.96 -8.00 73.14
N UNK IA 32 12.27 -8.34 73.05
CA UNK IA 32 12.86 -9.54 73.63
C UNK IA 32 12.90 -9.50 75.16
N UNK IA 33 13.48 -8.43 75.77
CA UNK IA 33 13.57 -8.25 77.23
C UNK IA 33 12.21 -8.39 77.89
N UNK IA 34 11.18 -7.96 77.17
CA UNK IA 34 9.81 -8.04 77.60
C UNK IA 34 9.25 -9.43 77.28
N UNK IA 35 9.53 -10.00 76.07
CA UNK IA 35 9.06 -11.33 75.64
C UNK IA 35 9.45 -12.49 76.59
N UNK IA 36 10.69 -12.42 77.13
CA UNK IA 36 11.20 -13.40 78.08
C UNK IA 36 10.48 -13.20 79.41
N UNK IA 37 10.40 -11.92 79.89
CA UNK IA 37 9.69 -11.53 81.11
C UNK IA 37 8.23 -11.93 80.99
N UNK IA 38 7.82 -12.31 79.78
CA UNK IA 38 6.49 -12.79 79.48
C UNK IA 38 6.47 -14.31 79.54
N UNK IA 39 7.30 -14.97 78.72
CA UNK IA 39 7.38 -16.42 78.65
C UNK IA 39 7.82 -17.12 79.95
N UNK IA 40 9.02 -16.78 80.49
CA UNK IA 40 9.55 -17.37 81.73
C UNK IA 40 8.77 -16.84 82.94
N UNK IA 41 8.19 -17.77 83.74
CA UNK IA 41 7.34 -17.55 84.93
C UNK IA 41 6.02 -16.77 84.58
N UNK IA 42 4.80 -17.38 84.65
CA UNK IA 42 4.36 -18.71 85.14
C UNK IA 42 4.50 -18.84 86.65
N UNK IA 43 4.19 -17.72 87.37
CA UNK IA 43 4.22 -17.53 88.83
C UNK IA 43 5.52 -18.00 89.51
N UNK IA 44 5.47 -18.27 90.83
CA UNK IA 44 6.60 -18.76 91.62
C UNK IA 44 6.48 -20.26 91.81
N UNK IA 45 5.37 -20.84 91.27
CA UNK IA 45 4.95 -22.25 91.34
C UNK IA 45 4.71 -22.65 92.82
N UNK IA 46 4.87 -21.67 93.72
CA UNK IA 46 4.73 -21.73 95.17
C UNK IA 46 4.35 -20.35 95.71
N UNK IA 47 4.18 -20.24 97.06
CA UNK IA 47 3.83 -19.02 97.77
C UNK IA 47 4.90 -17.94 97.62
N UNK JA 1 14.50 -45.39 29.77
CA UNK JA 1 13.96 -46.18 28.67
C UNK JA 1 13.85 -45.35 27.38
N UNK JA 2 12.69 -45.42 26.67
CA UNK JA 2 12.41 -44.70 25.41
C UNK JA 2 12.65 -43.18 25.49
N UNK JA 3 12.50 -42.59 26.70
CA UNK JA 3 12.74 -41.17 26.96
C UNK JA 3 14.11 -41.02 27.60
N UNK JA 4 15.15 -41.15 26.76
CA UNK JA 4 16.56 -41.02 27.12
C UNK JA 4 17.30 -40.19 26.05
N UNK JA 5 16.62 -39.93 24.92
CA UNK JA 5 17.14 -39.14 23.79
C UNK JA 5 17.06 -37.62 24.05
N UNK JA 6 16.26 -37.17 25.07
CA UNK JA 6 16.15 -35.75 25.46
C UNK JA 6 17.44 -35.28 26.16
N UNK JA 7 18.14 -36.22 26.85
CA UNK JA 7 19.43 -36.03 27.53
C UNK JA 7 20.56 -36.16 26.46
N UNK JA 8 20.14 -36.23 25.18
CA UNK JA 8 20.95 -36.29 23.98
C UNK JA 8 20.44 -35.19 23.02
N UNK JA 9 19.25 -34.63 23.33
CA UNK JA 9 18.63 -33.55 22.59
C UNK JA 9 19.01 -32.21 23.22
N UNK JA 10 18.96 -32.13 24.57
CA UNK JA 10 19.33 -30.94 25.34
C UNK JA 10 20.84 -30.77 25.31
N UNK JA 11 21.58 -31.90 25.20
CA UNK JA 11 23.03 -31.94 25.11
C UNK JA 11 23.50 -31.21 23.85
N UNK JA 12 22.80 -31.44 22.72
CA UNK JA 12 23.07 -30.81 21.43
C UNK JA 12 22.48 -29.40 21.34
N UNK JA 13 21.39 -29.14 22.11
CA UNK JA 13 20.67 -27.86 22.16
C UNK JA 13 21.27 -26.83 23.14
N UNK JA 14 22.11 -27.28 24.08
CA UNK JA 14 22.80 -26.41 25.03
C UNK JA 14 24.10 -25.91 24.39
N UNK JA 15 24.70 -26.76 23.55
CA UNK JA 15 25.92 -26.46 22.79
C UNK JA 15 25.61 -25.68 21.51
N UNK JA 16 24.31 -25.38 21.29
CA UNK JA 16 23.78 -24.63 20.17
C UNK JA 16 23.26 -23.29 20.67
N UNK JA 17 22.68 -23.27 21.88
CA UNK JA 17 22.17 -22.07 22.53
C UNK JA 17 23.30 -21.28 23.21
N UNK JA 18 24.56 -21.79 23.13
CA UNK JA 18 25.77 -21.16 23.68
C UNK JA 18 26.38 -20.19 22.66
N UNK JA 19 26.28 -20.52 21.36
CA UNK JA 19 26.81 -19.74 20.24
C UNK JA 19 25.85 -18.64 19.76
N UNK JA 20 26.34 -17.78 18.81
CA UNK JA 20 25.68 -16.65 18.12
C UNK JA 20 25.17 -15.51 19.00
N UNK JA 21 25.58 -14.27 18.64
CA UNK JA 21 25.29 -12.97 19.29
C UNK JA 21 25.86 -12.82 20.72
N UNK JA 22 26.23 -13.95 21.34
CA UNK JA 22 26.84 -14.03 22.68
C UNK JA 22 28.39 -14.05 22.60
N UNK JA 23 28.98 -13.45 21.53
CA UNK JA 23 30.44 -13.36 21.37
C UNK JA 23 31.00 -12.60 22.58
N UNK JA 24 30.33 -11.47 22.93
CA UNK JA 24 30.63 -10.62 24.07
C UNK JA 24 29.55 -10.72 25.17
N UNK JA 25 28.29 -11.08 24.79
CA UNK JA 25 27.16 -11.22 25.72
C UNK JA 25 27.26 -12.41 26.70
N UNK JA 26 28.10 -13.43 26.38
CA UNK JA 26 28.34 -14.56 27.28
C UNK JA 26 29.43 -14.14 28.27
N UNK JA 27 29.97 -12.92 28.08
CA UNK JA 27 30.98 -12.30 28.91
C UNK JA 27 30.42 -11.04 29.58
N UNK JA 28 29.33 -10.44 29.00
CA UNK JA 28 28.66 -9.23 29.50
C UNK JA 28 27.15 -9.42 29.84
N UNK JA 29 26.87 -9.88 31.09
CA UNK JA 29 25.55 -10.12 31.68
C UNK JA 29 25.77 -10.42 33.18
N UNK JA 30 25.27 -11.59 33.70
CA UNK JA 30 25.44 -12.02 35.10
C UNK JA 30 25.24 -13.52 35.42
N UNK JA 31 26.34 -14.29 35.36
CA UNK JA 31 26.39 -15.71 35.71
C UNK JA 31 26.84 -15.75 37.18
N UNK JA 32 27.87 -14.95 37.53
CA UNK JA 32 28.47 -14.79 38.87
C UNK JA 32 27.44 -14.53 39.95
N UNK JA 33 26.43 -13.67 39.64
CA UNK JA 33 25.32 -13.35 40.52
C UNK JA 33 24.49 -14.65 40.69
N UNK JA 34 24.81 -15.42 41.78
CA UNK JA 34 24.30 -16.72 42.24
C UNK JA 34 25.23 -17.92 41.94
N UNK JA 35 26.26 -17.74 41.07
CA UNK JA 35 27.21 -18.82 40.76
C UNK JA 35 28.19 -19.02 41.91
N UNK JA 36 28.86 -17.93 42.35
CA UNK JA 36 29.80 -17.89 43.47
C UNK JA 36 29.12 -17.30 44.72
N UNK JA 37 27.79 -17.13 44.63
CA UNK JA 37 26.95 -16.61 45.70
C UNK JA 37 26.02 -17.71 46.24
N UNK JA 38 25.02 -18.16 45.43
CA UNK JA 38 24.05 -19.19 45.83
C UNK JA 38 24.67 -20.55 46.18
N UNK JA 39 25.75 -20.94 45.47
CA UNK JA 39 26.48 -22.19 45.69
C UNK JA 39 26.94 -22.27 47.12
N UNK JA 40 27.58 -21.21 47.61
CA UNK JA 40 28.03 -21.14 48.98
C UNK JA 40 26.87 -20.94 49.97
N UNK JA 41 25.80 -20.23 49.53
CA UNK JA 41 24.63 -19.83 50.33
C UNK JA 41 23.90 -20.88 51.19
N UNK JA 42 22.66 -21.30 50.78
CA UNK JA 42 21.81 -22.23 51.53
C UNK JA 42 22.52 -23.51 51.96
N UNK JA 43 23.59 -23.88 51.21
CA UNK JA 43 24.47 -25.05 51.40
C UNK JA 43 25.09 -25.12 52.80
N UNK JA 44 25.30 -23.94 53.44
CA UNK JA 44 25.89 -23.76 54.78
C UNK JA 44 25.27 -24.64 55.88
N UNK JA 45 23.94 -24.87 55.82
CA UNK JA 45 23.13 -25.67 56.74
C UNK JA 45 23.57 -27.13 56.84
N UNK JA 46 23.68 -27.63 58.09
CA UNK JA 46 24.07 -29.00 58.50
C UNK JA 46 23.78 -29.15 59.98
N UNK JA 47 24.14 -28.12 60.77
CA UNK JA 47 23.92 -28.05 62.21
C UNK JA 47 22.69 -27.20 62.50
N UNK KA 1 14.16 -27.55 63.62
CA UNK KA 1 13.64 -28.49 62.63
C UNK KA 1 13.80 -27.92 61.20
N UNK KA 2 12.88 -27.01 60.81
CA UNK KA 2 12.88 -26.32 59.52
C UNK KA 2 13.61 -24.97 59.66
N UNK KA 3 14.24 -24.75 60.85
CA UNK KA 3 15.03 -23.58 61.23
C UNK KA 3 16.28 -23.47 60.36
N UNK KA 4 16.68 -24.60 59.73
CA UNK KA 4 17.80 -24.69 58.82
C UNK KA 4 17.58 -23.74 57.64
N UNK KA 5 16.35 -23.70 57.08
CA UNK KA 5 16.01 -22.80 56.00
C UNK KA 5 16.04 -21.36 56.50
N UNK KA 6 15.56 -21.11 57.76
CA UNK KA 6 15.60 -19.79 58.40
C UNK KA 6 17.06 -19.33 58.65
N UNK KA 7 18.00 -20.30 58.72
CA UNK KA 7 19.43 -20.06 58.88
C UNK KA 7 20.12 -20.04 57.49
N UNK KA 8 19.51 -20.69 56.47
CA UNK KA 8 20.00 -20.69 55.09
C UNK KA 8 19.57 -19.37 54.43
N UNK KA 9 18.52 -18.77 54.99
CA UNK KA 9 17.90 -17.52 54.62
C UNK KA 9 18.92 -16.39 54.74
N UNK KA 10 19.53 -16.25 55.95
CA UNK KA 10 20.59 -15.29 56.27
C UNK KA 10 21.78 -15.51 55.36
N UNK KA 11 22.01 -16.76 54.91
CA UNK KA 11 23.08 -17.14 54.00
C UNK KA 11 22.80 -16.63 52.59
N UNK KA 12 21.56 -16.80 52.10
CA UNK KA 12 21.16 -16.30 50.78
C UNK KA 12 21.05 -14.78 50.83
N UNK KA 13 20.73 -14.26 52.03
CA UNK KA 13 20.52 -12.87 52.38
C UNK KA 13 21.76 -11.98 52.33
N UNK KA 14 22.80 -12.31 53.13
CA UNK KA 14 24.07 -11.57 53.16
C UNK KA 14 24.76 -11.62 51.80
N UNK KA 15 24.56 -12.74 51.06
CA UNK KA 15 25.07 -12.95 49.71
C UNK KA 15 24.13 -12.35 48.65
N UNK KA 16 23.88 -11.04 48.80
CA UNK KA 16 23.06 -10.20 47.93
C UNK KA 16 23.61 -8.77 48.11
N UNK KA 17 24.89 -8.57 47.67
CA UNK KA 17 25.66 -7.33 47.77
C UNK KA 17 25.02 -6.16 47.04
N UNK KA 18 25.14 -6.12 45.70
CA UNK KA 18 24.59 -5.09 44.82
C UNK KA 18 24.79 -3.64 45.35
N UNK KA 19 23.77 -3.05 46.02
CA UNK KA 19 23.80 -1.70 46.61
C UNK KA 19 24.81 -1.61 47.74
N UNK KA 20 24.97 -2.73 48.49
CA UNK KA 20 25.88 -2.91 49.64
C UNK KA 20 25.59 -1.95 50.82
N UNK KA 21 24.35 -1.41 50.88
CA UNK KA 21 23.91 -0.49 51.92
C UNK KA 21 22.80 -1.11 52.77
N UNK KA 22 21.53 -0.96 52.34
CA UNK KA 22 20.38 -1.53 53.02
C UNK KA 22 20.25 -2.97 52.55
N UNK KA 23 20.49 -3.22 51.24
CA UNK KA 23 20.46 -4.52 50.54
C UNK KA 23 21.10 -5.71 51.30
N UNK KA 24 22.15 -5.44 52.10
CA UNK KA 24 22.83 -6.44 52.92
C UNK KA 24 22.02 -6.69 54.20
N UNK KA 25 21.55 -5.61 54.87
CA UNK KA 25 20.75 -5.69 56.11
C UNK KA 25 19.31 -6.11 55.84
N UNK KA 26 18.71 -5.62 54.73
CA UNK KA 26 17.33 -5.86 54.30
C UNK KA 26 17.05 -7.32 53.96
N UNK KA 27 17.66 -7.84 52.86
CA UNK KA 27 17.50 -9.22 52.42
C UNK KA 27 17.83 -10.17 53.57
N UNK KA 28 18.82 -9.80 54.43
CA UNK KA 28 19.23 -10.55 55.61
C UNK KA 28 18.09 -10.83 56.60
N UNK KA 29 16.95 -10.15 56.42
CA UNK KA 29 15.76 -10.33 57.26
C UNK KA 29 14.57 -10.77 56.41
N UNK KA 30 14.44 -10.22 55.18
CA UNK KA 30 13.36 -10.57 54.27
C UNK KA 30 13.48 -12.02 53.77
N UNK KA 31 14.70 -12.44 53.32
CA UNK KA 31 14.94 -13.82 52.89
C UNK KA 31 14.86 -14.73 54.10
N UNK KA 32 15.19 -14.19 55.30
CA UNK KA 32 15.12 -14.86 56.62
C UNK KA 32 13.68 -14.99 57.12
N UNK KA 33 12.77 -15.09 56.16
CA UNK KA 33 11.34 -15.23 56.29
C UNK KA 33 10.86 -15.93 55.03
N UNK KA 34 11.45 -15.60 53.85
CA UNK KA 34 11.14 -16.19 52.55
C UNK KA 34 11.47 -17.69 52.53
N UNK KA 35 12.46 -18.09 53.35
CA UNK KA 35 12.86 -19.48 53.51
C UNK KA 35 12.04 -20.14 54.62
N UNK KA 36 11.84 -19.44 55.76
CA UNK KA 36 11.03 -19.93 56.89
C UNK KA 36 9.57 -20.18 56.53
N UNK KA 37 9.01 -19.38 55.59
CA UNK KA 37 7.64 -19.58 55.12
C UNK KA 37 7.61 -20.80 54.18
N UNK KA 38 8.71 -21.02 53.42
CA UNK KA 38 8.87 -22.18 52.53
C UNK KA 38 9.20 -23.40 53.38
N UNK KA 39 9.81 -23.17 54.57
CA UNK KA 39 10.21 -24.19 55.54
C UNK KA 39 9.02 -24.80 56.26
N UNK KA 40 7.96 -23.99 56.49
CA UNK KA 40 6.70 -24.41 57.10
C UNK KA 40 6.14 -25.56 56.27
N UNK KA 41 6.61 -25.68 55.02
CA UNK KA 41 6.30 -26.76 54.09
C UNK KA 41 7.59 -27.50 53.59
N UNK KA 42 8.12 -27.13 52.39
CA UNK KA 42 9.28 -27.70 51.68
C UNK KA 42 8.99 -29.09 51.08
N UNK KA 43 8.67 -30.11 51.92
CA UNK KA 43 8.33 -31.51 51.53
C UNK KA 43 7.52 -32.24 52.63
N UNK KA 44 6.48 -33.08 52.30
CA UNK KA 44 5.97 -33.43 50.96
C UNK KA 44 4.42 -33.46 50.82
N UNK KA 45 3.76 -34.61 51.14
CA UNK KA 45 2.31 -34.76 51.01
C UNK KA 45 1.66 -35.87 51.88
N UNK KA 46 1.05 -35.46 53.02
CA UNK KA 46 0.33 -36.30 54.00
C UNK KA 46 -0.52 -35.46 55.00
N UNK KA 47 -1.85 -35.39 54.72
CA UNK KA 47 -2.89 -34.71 55.52
C UNK KA 47 -4.28 -35.25 55.12
N UNK KA 48 -4.30 -36.13 54.09
CA UNK KA 48 -5.45 -36.83 53.52
C UNK KA 48 -5.28 -38.31 53.84
N UNK LA 1 23.36 8.35 111.69
CA UNK LA 1 23.77 7.14 110.99
C UNK LA 1 23.81 7.32 109.46
N UNK LA 2 22.64 7.63 108.83
CA UNK LA 2 22.46 7.82 107.39
C UNK LA 2 22.73 9.25 106.85
N UNK LA 3 23.96 9.46 106.33
CA UNK LA 3 24.43 10.73 105.76
C UNK LA 3 24.29 10.74 104.23
N UNK LA 4 23.76 9.65 103.66
CA UNK LA 4 23.57 9.45 102.24
C UNK LA 4 22.60 10.45 101.63
N UNK LA 5 21.34 10.49 102.13
CA UNK LA 5 20.28 11.42 101.68
C UNK LA 5 20.58 12.87 102.10
N UNK LA 6 21.56 13.02 103.04
CA UNK LA 6 22.06 14.30 103.52
C UNK LA 6 23.04 14.85 102.45
N UNK LA 7 23.89 13.96 101.90
CA UNK LA 7 24.85 14.28 100.84
C UNK LA 7 24.12 14.35 99.49
N UNK LA 8 23.22 13.36 99.23
CA UNK LA 8 22.38 13.24 98.02
C UNK LA 8 21.51 14.46 97.82
N UNK LA 9 21.24 15.23 98.91
CA UNK LA 9 20.46 16.48 98.90
C UNK LA 9 21.13 17.55 97.99
N UNK LA 10 22.31 17.19 97.43
CA UNK LA 10 23.14 17.96 96.51
C UNK LA 10 23.88 17.02 95.53
N UNK LA 11 24.34 15.83 96.01
CA UNK LA 11 25.06 14.84 95.18
C UNK LA 11 24.16 14.23 94.12
N UNK LA 12 22.91 13.93 94.49
CA UNK LA 12 21.90 13.35 93.60
C UNK LA 12 20.88 14.40 93.16
N UNK LA 13 20.36 15.21 94.10
CA UNK LA 13 19.36 16.26 93.83
C UNK LA 13 19.91 17.27 92.82
N UNK LA 14 21.13 17.79 93.07
CA UNK LA 14 21.79 18.72 92.16
C UNK LA 14 22.80 17.96 91.28
N UNK LA 15 22.30 16.88 90.62
CA UNK LA 15 23.05 16.05 89.67
C UNK LA 15 23.33 16.89 88.42
N UNK LA 16 22.31 17.67 87.98
CA UNK LA 16 22.39 18.56 86.83
C UNK LA 16 22.66 20.01 87.28
N UNK LA 17 23.51 20.18 88.32
CA UNK LA 17 23.93 21.44 88.96
C UNK LA 17 24.18 22.66 88.03
N UNK LA 18 24.42 22.40 86.72
CA UNK LA 18 24.62 23.41 85.69
C UNK LA 18 23.71 23.08 84.50
N UNK LA 19 23.49 21.77 84.26
CA UNK LA 19 22.65 21.25 83.18
C UNK LA 19 21.16 21.49 83.40
N UNK LA 20 20.78 21.90 84.63
CA UNK LA 20 19.40 22.23 85.05
C UNK LA 20 19.20 23.75 85.21
N UNK LA 21 20.17 24.45 85.85
CA UNK LA 21 20.17 25.90 86.06
C UNK LA 21 20.91 26.57 84.89
N UNK LA 22 20.49 26.23 83.66
CA UNK LA 22 21.05 26.72 82.42
C UNK LA 22 20.32 27.99 81.94
N UNK LA 23 19.04 27.86 81.50
CA UNK LA 23 18.22 28.98 81.03
C UNK LA 23 17.80 29.83 82.22
N UNK LA 24 17.64 29.19 83.39
CA UNK LA 24 17.28 29.82 84.66
C UNK LA 24 18.38 30.76 85.19
N UNK LA 25 19.65 30.52 84.78
CA UNK LA 25 20.80 31.34 85.18
C UNK LA 25 20.69 32.79 84.66
N UNK LA 26 20.62 33.80 85.56
CA UNK LA 26 20.63 33.68 87.03
C UNK LA 26 19.59 34.60 87.71
N UNK LA 27 19.08 35.62 86.96
CA UNK LA 27 18.11 36.61 87.42
C UNK LA 27 16.66 36.28 87.02
N UNK LA 28 15.68 36.58 87.91
CA UNK LA 28 14.23 36.39 87.74
C UNK LA 28 13.42 37.69 87.97
N UNK LA 29 13.11 38.04 89.25
CA UNK LA 29 12.39 39.24 89.77
C UNK LA 29 11.37 39.94 88.82
N UNK LA 30 11.16 41.27 88.98
CA UNK LA 30 10.28 42.15 88.19
C UNK LA 30 8.77 41.75 88.06
N UNK LA 31 8.02 42.48 87.20
CA UNK LA 31 6.60 42.27 86.90
C UNK LA 31 6.46 41.82 85.42
N UNK LA 32 7.23 40.77 85.04
CA UNK LA 32 7.34 40.19 83.69
C UNK LA 32 6.17 39.29 83.23
N UNK LA 33 5.70 39.55 81.99
CA UNK LA 33 4.57 38.91 81.30
C UNK LA 33 3.21 39.19 81.98
N UNK LA 34 2.66 38.25 82.81
CA UNK LA 34 1.36 38.38 83.50
C UNK LA 34 1.29 37.73 84.91
N UNK LA 35 2.40 37.12 85.38
CA UNK LA 35 2.54 36.44 86.67
C UNK LA 35 2.21 37.33 87.88
N UNK MA 1 12.74 16.99 130.92
CA UNK MA 1 12.86 17.60 132.25
C UNK MA 1 11.48 17.94 132.87
N UNK MA 2 11.08 19.24 132.88
CA UNK MA 2 9.79 19.72 133.43
C UNK MA 2 9.30 21.00 132.75
N UNK MA 3 8.00 21.05 132.41
CA UNK MA 3 7.34 22.20 131.79
C UNK MA 3 6.07 22.58 132.56
N UNK MA 4 5.89 23.89 132.80
CA UNK MA 4 4.75 24.45 133.53
C UNK MA 4 3.58 24.82 132.57
N UNK MA 5 3.13 23.83 131.75
CA UNK MA 5 2.03 23.96 130.78
C UNK MA 5 0.66 24.19 131.46
N UNK MA 6 -0.40 24.49 130.64
CA UNK MA 6 -1.79 24.78 131.05
C UNK MA 6 -1.95 26.05 131.90
N UNK MA 7 -0.89 26.42 132.65
CA UNK MA 7 -0.80 27.63 133.45
C UNK MA 7 -0.26 28.74 132.52
N UNK MA 8 0.84 28.43 131.78
CA UNK MA 8 1.53 29.32 130.85
C UNK MA 8 0.67 29.66 129.64
N UNK MA 9 -0.24 28.76 129.24
CA UNK MA 9 -1.15 28.92 128.10
C UNK MA 9 -2.05 30.15 128.21
N UNK MA 10 -2.26 30.64 129.46
CA UNK MA 10 -3.10 31.79 129.77
C UNK MA 10 -2.53 33.15 129.30
N UNK MA 11 -1.25 33.45 129.62
CA UNK MA 11 -0.59 34.72 129.23
C UNK MA 11 -0.36 34.84 127.72
N UNK MA 12 -0.38 33.69 127.01
CA UNK MA 12 -0.25 33.56 125.56
C UNK MA 12 -1.61 33.85 124.92
N UNK MA 13 -2.70 33.57 125.67
CA UNK MA 13 -4.06 33.85 125.27
C UNK MA 13 -4.40 35.29 125.64
N UNK MA 14 -3.66 35.86 126.62
CA UNK MA 14 -3.80 37.23 127.09
C UNK MA 14 -3.49 38.25 125.97
N UNK MA 15 -2.80 37.80 124.89
CA UNK MA 15 -2.47 38.59 123.69
C UNK MA 15 -3.27 38.10 122.47
N UNK MA 16 -3.78 36.85 122.55
CA UNK MA 16 -4.61 36.23 121.52
C UNK MA 16 -6.03 36.77 121.60
N UNK MA 17 -6.45 37.15 122.82
CA UNK MA 17 -7.75 37.79 123.05
C UNK MA 17 -7.63 39.23 122.51
N UNK MA 18 -6.41 39.81 122.61
CA UNK MA 18 -6.05 41.13 122.11
C UNK MA 18 -6.02 41.16 120.58
N UNK MA 19 -6.12 39.98 119.93
CA UNK MA 19 -6.18 39.87 118.47
C UNK MA 19 -7.57 40.33 117.99
N UNK MA 20 -8.59 40.21 118.86
CA UNK MA 20 -9.94 40.70 118.61
C UNK MA 20 -10.00 42.22 118.90
N UNK MA 21 -8.99 42.73 119.65
CA UNK MA 21 -8.85 44.14 120.07
C UNK MA 21 -8.03 44.99 119.07
N UNK MA 22 -8.37 44.88 117.79
CA UNK MA 22 -7.79 45.61 116.65
C UNK MA 22 -8.73 45.52 115.45
N UNK MA 23 -9.68 44.57 115.50
CA UNK MA 23 -10.69 44.30 114.47
C UNK MA 23 -11.69 45.44 114.21
N UNK MA 24 -11.77 46.42 115.13
CA UNK MA 24 -12.68 47.58 115.02
C UNK MA 24 -12.18 48.56 113.96
N UNK MA 25 -10.92 49.04 114.11
CA UNK MA 25 -10.29 49.97 113.18
C UNK MA 25 -9.92 49.28 111.88
N UNK NA 1 -7.42 37.87 145.84
CA UNK NA 1 -6.31 36.93 145.90
C UNK NA 1 -6.70 35.54 145.42
N UNK NA 2 -7.95 35.10 145.73
CA UNK NA 2 -8.50 33.80 145.33
C UNK NA 2 -8.63 33.69 143.82
N UNK NA 3 -8.92 34.83 143.16
CA UNK NA 3 -9.08 34.98 141.70
C UNK NA 3 -8.41 36.27 141.18
N UNK NA 4 -8.18 37.26 142.08
CA UNK NA 4 -7.55 38.56 141.79
C UNK NA 4 -6.03 38.45 141.53
N UNK NA 5 -5.64 37.39 140.82
CA UNK NA 5 -4.29 37.06 140.40
C UNK NA 5 -4.34 36.81 138.90
N UNK NA 6 -5.53 36.48 138.38
CA UNK NA 6 -5.78 36.26 136.96
C UNK NA 6 -5.82 37.62 136.26
N UNK NA 7 -6.19 38.68 137.02
CA UNK NA 7 -6.32 40.08 136.60
C UNK NA 7 -5.13 40.61 135.78
N UNK NA 8 -3.89 40.22 136.14
CA UNK NA 8 -2.66 40.64 135.47
C UNK NA 8 -2.65 40.22 134.00
N UNK NA 9 -3.16 39.01 133.69
CA UNK NA 9 -3.27 38.49 132.33
C UNK NA 9 -4.34 39.26 131.56
N UNK NA 10 -5.41 39.67 132.25
CA UNK NA 10 -6.52 40.44 131.69
C UNK NA 10 -6.09 41.88 131.38
N UNK NA 11 -5.17 42.42 132.21
CA UNK NA 11 -4.62 43.76 132.03
C UNK NA 11 -3.63 43.78 130.84
N UNK NA 12 -2.96 42.63 130.59
CA UNK NA 12 -1.99 42.43 129.52
C UNK NA 12 -2.56 42.62 128.11
N UNK NA 13 -3.90 42.81 127.99
CA UNK NA 13 -4.64 43.03 126.74
C UNK NA 13 -4.16 44.28 125.98
N UNK NA 14 -3.47 45.19 126.70
CA UNK NA 14 -2.90 46.44 126.19
C UNK NA 14 -1.66 46.20 125.27
N UNK NA 15 -1.22 44.93 125.15
CA UNK NA 15 -0.09 44.47 124.33
C UNK NA 15 -0.40 43.15 123.62
N UNK OA 1 -13.87 21.50 129.77
CA UNK OA 1 -12.74 21.56 128.85
C UNK OA 1 -11.80 20.36 128.99
N UNK OA 2 -11.61 19.88 130.24
CA UNK OA 2 -10.75 18.75 130.58
C UNK OA 2 -11.22 17.98 131.83
N UNK OA 3 -10.76 16.71 131.94
CA UNK OA 3 -11.04 15.77 133.02
C UNK OA 3 -9.78 15.52 133.89
N UNK OA 4 -9.97 14.85 135.04
CA UNK OA 4 -8.90 14.53 135.97
C UNK OA 4 -8.42 13.07 135.88
N UNK OA 5 -9.20 12.21 135.18
CA UNK OA 5 -8.91 10.77 134.98
C UNK OA 5 -7.53 10.51 134.31
N UNK OA 6 -6.88 11.59 133.81
CA UNK OA 6 -5.57 11.57 133.17
C UNK OA 6 -4.48 11.12 134.15
N UNK OA 7 -4.31 11.86 135.27
CA UNK OA 7 -3.32 11.61 136.33
C UNK OA 7 -3.37 10.21 136.93
N UNK OA 8 -4.58 9.59 136.97
CA UNK OA 8 -4.81 8.24 137.48
C UNK OA 8 -3.89 7.18 136.84
N UNK OA 9 -3.64 7.29 135.53
CA UNK OA 9 -2.79 6.37 134.79
C UNK OA 9 -1.45 7.01 134.40
N UNK OA 10 -1.47 8.22 133.78
CA UNK OA 10 -0.30 8.98 133.28
C UNK OA 10 0.86 9.08 134.26
N UNK OA 11 0.55 9.31 135.56
CA UNK OA 11 1.53 9.43 136.63
C UNK OA 11 2.01 8.06 137.15
N UNK OA 12 1.09 7.08 137.26
CA UNK OA 12 1.37 5.74 137.78
C UNK OA 12 2.10 4.82 136.79
N UNK OA 13 1.78 4.92 135.48
CA UNK OA 13 2.37 4.10 134.43
C UNK OA 13 3.83 4.47 134.14
N UNK OA 14 4.15 5.77 133.97
CA UNK OA 14 5.51 6.28 133.71
C UNK OA 14 6.50 5.91 134.84
N UNK OA 15 6.04 5.98 136.11
CA UNK OA 15 6.83 5.62 137.29
C UNK OA 15 7.06 4.12 137.28
N UNK OA 16 6.01 3.34 136.88
CA UNK OA 16 6.04 1.90 136.73
C UNK OA 16 6.80 1.48 135.46
N UNK OA 17 6.94 2.39 134.47
CA UNK OA 17 7.67 2.14 133.23
C UNK OA 17 9.17 2.23 133.49
N UNK OA 18 9.59 3.26 134.25
CA UNK OA 18 10.97 3.47 134.64
C UNK OA 18 11.45 2.34 135.55
N UNK OA 19 10.64 1.98 136.59
CA UNK OA 19 10.92 0.93 137.58
C UNK OA 19 11.23 -0.46 137.01
N UNK OA 20 10.46 -0.91 136.01
CA UNK OA 20 10.65 -2.21 135.36
C UNK OA 20 11.78 -2.18 134.32
N UNK OA 21 12.05 -0.99 133.73
CA UNK OA 21 13.10 -0.79 132.72
C UNK OA 21 14.48 -0.48 133.30
N UNK OA 22 14.54 0.23 134.46
CA UNK OA 22 15.79 0.57 135.15
C UNK OA 22 16.45 -0.67 135.78
N UNK OA 23 15.64 -1.69 136.13
CA UNK OA 23 16.12 -2.98 136.66
C UNK OA 23 16.69 -3.84 135.51
N UNK OA 24 16.69 -3.28 134.27
CA UNK OA 24 17.18 -3.86 133.01
C UNK OA 24 18.21 -2.95 132.32
N UNK OA 25 18.07 -1.61 132.46
CA UNK OA 25 18.96 -0.61 131.84
C UNK OA 25 20.38 -0.73 132.34
N UNK OA 26 20.56 -0.77 133.67
CA UNK OA 26 21.86 -0.87 134.32
C UNK OA 26 22.53 -2.23 134.16
N UNK OA 27 21.77 -3.33 134.39
CA UNK OA 27 22.22 -4.72 134.31
C UNK OA 27 22.88 -5.08 132.97
N UNK OA 28 22.17 -4.81 131.84
CA UNK OA 28 22.65 -5.06 130.48
C UNK OA 28 23.87 -4.20 130.16
N UNK OA 29 23.92 -2.96 130.69
CA UNK OA 29 25.02 -2.01 130.52
C UNK OA 29 26.27 -2.49 131.28
N UNK OA 30 26.05 -3.14 132.42
CA UNK OA 30 27.11 -3.72 133.23
C UNK OA 30 27.57 -5.01 132.57
N UNK OA 31 26.62 -5.76 131.94
CA UNK OA 31 26.87 -7.02 131.24
C UNK OA 31 27.62 -6.84 129.90
N UNK OA 32 27.28 -5.75 129.14
CA UNK OA 32 27.89 -5.38 127.85
C UNK OA 32 29.40 -5.19 128.01
N UNK OA 33 29.82 -4.68 129.17
CA UNK OA 33 31.22 -4.49 129.52
C UNK OA 33 31.50 -5.13 130.91
N UNK OA 34 31.22 -6.45 131.03
CA UNK OA 34 31.46 -7.23 132.26
C UNK OA 34 32.84 -7.87 132.16
N UNK OA 35 32.95 -9.01 131.46
CA UNK OA 35 34.20 -9.71 131.19
C UNK OA 35 34.36 -9.73 129.66
N UNK OA 36 33.45 -9.01 128.96
CA UNK OA 36 33.38 -8.86 127.51
C UNK OA 36 33.88 -7.48 127.07
N UNK PA 1 -1.89 0.21 136.93
CA UNK PA 1 -1.22 1.16 136.05
C UNK PA 1 -1.50 0.84 134.57
N UNK PA 2 -1.36 -0.45 134.18
CA UNK PA 2 -1.60 -0.93 132.82
C UNK PA 2 -3.11 -1.05 132.53
N UNK PA 3 -3.85 -1.69 133.47
CA UNK PA 3 -5.30 -1.94 133.38
C UNK PA 3 -6.18 -0.77 133.84
N UNK PA 4 -5.59 0.18 134.61
CA UNK PA 4 -6.28 1.38 135.10
C UNK PA 4 -6.72 2.27 133.94
N UNK PA 5 -6.10 2.05 132.76
CA UNK PA 5 -6.34 2.74 131.48
C UNK PA 5 -7.67 2.32 130.79
N UNK PA 6 -8.56 1.63 131.53
CA UNK PA 6 -9.85 1.15 131.04
C UNK PA 6 -10.97 2.05 131.57
N UNK PA 7 -11.03 2.20 132.92
CA UNK PA 7 -12.01 3.02 133.61
C UNK PA 7 -11.72 4.49 133.36
N UNK PA 8 -10.42 4.85 133.36
CA UNK PA 8 -9.94 6.21 133.10
C UNK PA 8 -10.19 6.62 131.65
N UNK PA 9 -10.22 5.64 130.73
CA UNK PA 9 -10.49 5.85 129.32
C UNK PA 9 -11.99 5.97 129.09
N UNK PA 10 -12.80 5.10 129.77
CA UNK PA 10 -14.26 5.11 129.68
C UNK PA 10 -14.87 6.42 130.24
N UNK PA 11 -14.18 7.03 131.25
CA UNK PA 11 -14.56 8.30 131.90
C UNK PA 11 -14.34 9.50 130.97
N UNK PA 12 -13.28 9.45 130.13
CA UNK PA 12 -12.93 10.49 129.15
C UNK PA 12 -14.02 10.59 128.08
N UNK PA 13 -14.75 9.47 127.88
CA UNK PA 13 -15.85 9.32 126.93
C UNK PA 13 -17.19 9.75 127.52
N UNK PA 14 -17.24 9.98 128.85
CA UNK PA 14 -18.47 10.36 129.55
C UNK PA 14 -18.94 11.81 129.37
N UNK PA 15 -18.11 12.81 129.73
CA UNK PA 15 -18.45 14.24 129.62
C UNK PA 15 -17.92 14.89 128.33
N UNK PA 16 -18.80 14.96 127.30
CA UNK PA 16 -18.55 15.54 125.97
C UNK PA 16 -19.87 15.82 125.24
N UNK QA 1 -5.82 56.90 87.54
CA UNK QA 1 -4.62 57.60 87.06
C UNK QA 1 -4.90 58.36 85.76
N UNK QA 2 -5.12 59.70 85.87
CA UNK QA 2 -5.41 60.59 84.74
C UNK QA 2 -4.11 61.00 84.02
N UNK QA 3 -4.22 61.64 82.84
CA UNK QA 3 -3.08 62.11 82.05
C UNK QA 3 -2.29 63.19 82.83
N UNK QA 4 -3.02 64.12 83.49
CA UNK QA 4 -2.47 65.22 84.30
C UNK QA 4 -1.81 64.70 85.59
N UNK QA 5 -2.33 63.59 86.15
CA UNK QA 5 -1.79 62.96 87.34
C UNK QA 5 -0.45 62.29 87.02
N UNK QA 6 -0.32 61.75 85.78
CA UNK QA 6 0.90 61.09 85.29
C UNK QA 6 2.04 62.08 85.17
N UNK QA 7 1.75 63.30 84.67
CA UNK QA 7 2.71 64.40 84.52
C UNK QA 7 3.19 64.85 85.89
N UNK QA 8 2.28 64.85 86.89
CA UNK QA 8 2.54 65.24 88.28
C UNK QA 8 3.52 64.26 88.92
N UNK QA 9 3.36 62.94 88.65
CA UNK QA 9 4.25 61.88 89.15
C UNK QA 9 5.57 61.96 88.41
N UNK QA 10 5.53 62.22 87.08
CA UNK QA 10 6.72 62.36 86.24
C UNK QA 10 7.57 63.51 86.76
N UNK QA 11 6.93 64.66 87.06
CA UNK QA 11 7.57 65.85 87.60
C UNK QA 11 8.10 65.64 89.02
N UNK QA 12 7.27 65.09 89.93
CA UNK QA 12 7.65 64.86 91.32
C UNK QA 12 8.81 63.87 91.45
N UNK QA 13 8.74 62.75 90.72
CA UNK QA 13 9.78 61.72 90.76
C UNK QA 13 10.97 62.04 89.83
N UNK QA 14 10.90 63.16 89.07
CA UNK QA 14 11.96 63.58 88.14
C UNK QA 14 13.27 63.90 88.87
N UNK QA 15 13.17 64.35 90.13
CA UNK QA 15 14.29 64.73 91.00
C UNK QA 15 15.42 63.68 91.08
N UNK QA 16 15.08 62.35 91.14
CA UNK QA 16 15.99 61.18 91.22
C UNK QA 16 17.15 61.36 92.24
N UNK QA 17 18.24 62.01 91.79
CA UNK QA 17 19.41 62.41 92.56
C UNK QA 17 19.58 63.93 92.28
N UNK QA 18 19.91 64.74 93.32
CA UNK QA 18 20.07 66.20 93.23
C UNK QA 18 20.60 66.78 91.91
N UNK QA 19 21.48 66.04 91.20
CA UNK QA 19 22.06 66.43 89.89
C UNK QA 19 21.01 66.46 88.77
N UNK QA 20 19.92 65.66 88.91
CA UNK QA 20 18.80 65.57 87.98
C UNK QA 20 17.74 66.59 88.40
N UNK QA 21 17.55 67.62 87.53
CA UNK QA 21 16.64 68.78 87.65
C UNK QA 21 17.18 69.88 88.57
N UNK QA 22 17.53 71.04 87.99
CA UNK QA 22 18.02 72.21 88.71
C UNK QA 22 16.84 73.12 89.10
N UNK QA 23 15.70 72.47 89.49
CA UNK QA 23 14.41 73.05 89.90
C UNK QA 23 13.67 73.85 88.82
N UNK QA 24 14.21 75.03 88.43
CA UNK QA 24 13.62 75.96 87.44
C UNK QA 24 13.36 75.40 86.04
N UNK QA 25 14.25 74.51 85.55
CA UNK QA 25 14.16 73.94 84.21
C UNK QA 25 12.91 73.10 83.86
N UNK QA 26 12.72 71.92 84.52
CA UNK QA 26 11.64 70.93 84.31
C UNK QA 26 10.19 71.43 84.14
N UNK QA 27 9.76 71.66 82.88
CA UNK QA 27 8.43 72.15 82.50
C UNK QA 27 7.93 71.52 81.17
N UNK QA 28 6.82 72.06 80.60
CA UNK QA 28 6.13 71.66 79.36
C UNK QA 28 6.89 70.78 78.33
N UNK QA 29 7.78 71.39 77.52
CA UNK QA 29 8.57 70.67 76.51
C UNK QA 29 10.03 70.59 76.99
N UNK QA 30 10.33 69.57 77.83
CA UNK QA 30 11.67 69.37 78.39
C UNK QA 30 12.43 68.16 77.82
N UNK QA 31 13.38 68.45 76.90
CA UNK QA 31 14.22 67.43 76.27
C UNK QA 31 15.55 67.33 76.99
N UNK QA 32 15.99 66.09 77.32
CA UNK QA 32 17.28 65.82 77.98
C UNK QA 32 18.40 65.65 76.92
N UNK QA 33 18.19 66.29 75.74
CA UNK QA 33 19.09 66.31 74.60
C UNK QA 33 19.33 67.77 74.15
N UNK QA 34 18.47 68.30 73.24
CA UNK QA 34 18.58 69.67 72.70
C UNK QA 34 18.31 70.75 73.76
N UNK QA 35 17.27 70.55 74.60
CA UNK QA 35 16.92 71.49 75.66
C UNK QA 35 17.88 71.43 76.87
N UNK QA 36 18.48 70.24 77.14
CA UNK QA 36 19.45 70.06 78.23
C UNK QA 36 20.79 69.49 77.70
N UNK QA 37 20.95 68.14 77.67
CA UNK QA 37 22.08 67.27 77.24
C UNK QA 37 22.65 66.35 78.36
N UNK QA 38 21.73 65.73 79.14
CA UNK QA 38 22.05 64.80 80.23
C UNK QA 38 22.63 63.48 79.71
N UNK QA 39 23.66 62.96 80.41
CA UNK QA 39 24.43 61.75 80.11
C UNK QA 39 23.64 60.41 79.99
N UNK QA 40 24.37 59.30 79.67
CA UNK QA 40 23.85 57.94 79.54
C UNK QA 40 23.34 57.39 80.88
N UNK QA 41 24.12 57.60 81.98
CA UNK QA 41 23.80 57.21 83.36
C UNK QA 41 22.56 57.98 83.88
N UNK QA 42 22.43 59.26 83.46
CA UNK QA 42 21.31 60.13 83.77
C UNK QA 42 20.07 59.69 82.96
N UNK QA 43 20.29 59.26 81.70
CA UNK QA 43 19.23 58.75 80.82
C UNK QA 43 18.71 57.43 81.39
N UNK QA 44 19.63 56.59 81.93
CA UNK QA 44 19.33 55.31 82.57
C UNK QA 44 18.58 55.50 83.88
N UNK QA 45 18.98 56.52 84.68
CA UNK QA 45 18.32 56.85 85.94
C UNK QA 45 16.86 57.27 85.70
N UNK QA 46 16.63 58.13 84.69
CA UNK QA 46 15.31 58.66 84.30
C UNK QA 46 14.34 57.57 83.85
N UNK QA 47 14.84 56.58 83.07
CA UNK QA 47 14.05 55.47 82.55
C UNK QA 47 13.72 54.44 83.64
N UNK QA 48 14.71 54.02 84.44
CA UNK QA 48 14.56 53.02 85.50
C UNK QA 48 13.84 53.54 86.76
N UNK QA 49 13.75 54.89 86.92
CA UNK QA 49 13.05 55.50 88.06
C UNK QA 49 11.55 55.70 87.79
N UNK QA 50 11.08 55.30 86.60
CA UNK QA 50 9.68 55.37 86.19
C UNK QA 50 9.04 53.97 86.14
N UNK QA 51 9.75 52.99 85.49
CA UNK QA 51 9.34 51.59 85.29
C UNK QA 51 8.92 50.81 86.55
N UNK QA 52 9.57 51.10 87.69
CA UNK QA 52 9.29 50.47 88.98
C UNK QA 52 8.23 51.26 89.73
N UNK QA 53 8.16 52.58 89.46
CA UNK QA 53 7.21 53.50 90.09
C UNK QA 53 5.75 53.17 89.72
N UNK QA 54 5.41 53.24 88.41
CA UNK QA 54 4.06 52.95 87.89
C UNK QA 54 3.71 51.45 87.84
N UNK QA 55 4.76 50.59 87.71
CA UNK QA 55 4.81 49.11 87.60
C UNK QA 55 4.77 48.65 86.14
N UNK QA 56 4.11 49.44 85.26
CA UNK QA 56 4.02 49.18 83.83
C UNK QA 56 5.36 49.51 83.17
N UNK QA 57 6.16 48.46 82.90
CA UNK QA 57 7.50 48.54 82.32
C UNK QA 57 7.53 48.43 80.79
N UNK QA 58 8.68 48.79 80.17
CA UNK QA 58 8.94 48.74 78.72
C UNK QA 58 10.42 48.46 78.44
N UNK QA 59 10.71 47.63 77.39
CA UNK QA 59 12.06 47.21 76.98
C UNK QA 59 12.81 48.24 76.08
N UNK QA 60 14.02 47.87 75.58
CA UNK QA 60 14.93 48.68 74.76
C UNK QA 60 14.44 49.12 73.36
N UNK QA 61 13.29 48.61 72.88
CA UNK QA 61 12.72 48.94 71.56
C UNK QA 61 11.75 50.14 71.60
N UNK QA 62 11.16 50.39 72.77
CA UNK QA 62 10.21 51.47 72.99
C UNK QA 62 10.76 52.53 73.96
N UNK QA 63 11.69 52.14 74.86
CA UNK QA 63 12.32 53.04 75.84
C UNK QA 63 13.02 54.22 75.17
N UNK QA 64 13.70 53.94 74.04
CA UNK QA 64 14.40 54.90 73.21
C UNK QA 64 13.41 55.91 72.56
N UNK QA 65 12.23 55.43 72.10
CA UNK QA 65 11.16 56.24 71.49
C UNK QA 65 10.57 57.26 72.47
N UNK QA 66 10.44 56.86 73.78
CA UNK QA 66 9.97 57.69 74.88
C UNK QA 66 11.09 58.69 75.20
N UNK QA 67 11.06 59.85 74.50
CA UNK QA 67 12.07 60.90 74.62
C UNK QA 67 11.68 62.07 75.55
N UNK QA 68 10.78 62.96 75.10
CA UNK QA 68 10.35 64.15 75.84
C UNK QA 68 9.17 63.89 76.79
N UNK QA 69 8.71 64.98 77.46
CA UNK QA 69 7.57 64.98 78.38
C UNK QA 69 6.31 64.62 77.58
N UNK QA 70 6.15 65.21 76.38
CA UNK QA 70 5.02 64.95 75.47
C UNK QA 70 5.07 63.52 74.92
N UNK QA 71 6.30 63.01 74.63
CA UNK QA 71 6.52 61.65 74.12
C UNK QA 71 6.16 60.61 75.20
N UNK QA 72 6.38 60.96 76.49
CA UNK QA 72 6.07 60.13 77.66
C UNK QA 72 4.56 60.15 77.98
N UNK QA 73 3.88 61.30 77.74
CA UNK QA 73 2.45 61.53 77.96
C UNK QA 73 1.55 61.02 76.82
N UNK QA 74 2.09 60.95 75.57
CA UNK QA 74 1.37 60.40 74.41
C UNK QA 74 1.42 58.86 74.49
N UNK QA 75 2.31 58.33 75.38
CA UNK QA 75 2.52 56.91 75.69
C UNK QA 75 1.77 56.49 76.97
N UNK QA 76 2.29 56.82 78.18
CA UNK QA 76 1.66 56.47 79.45
C UNK QA 76 0.58 57.48 79.85
N UNK RA 1 18.16 46.34 98.86
CA UNK RA 1 17.17 46.86 99.80
C UNK RA 1 17.58 48.20 100.46
N UNK RA 2 18.91 48.49 100.55
CA UNK RA 2 19.46 49.70 101.17
C UNK RA 2 19.95 50.79 100.19
N UNK RA 3 21.25 50.75 99.77
CA UNK RA 3 21.86 51.74 98.87
C UNK RA 3 22.06 51.21 97.45
N UNK RA 4 20.95 50.99 96.74
CA UNK RA 4 20.93 50.47 95.38
C UNK RA 4 20.89 51.61 94.34
N UNK RA 5 19.98 52.60 94.53
CA UNK RA 5 19.81 53.75 93.64
C UNK RA 5 21.10 54.53 93.43
N UNK RA 6 21.94 54.61 94.49
CA UNK RA 6 23.23 55.30 94.50
C UNK RA 6 24.39 54.45 93.92
N UNK RA 7 24.48 53.15 94.29
CA UNK RA 7 25.53 52.23 93.82
C UNK RA 7 25.50 51.99 92.30
N UNK RA 8 24.31 52.16 91.68
CA UNK RA 8 24.03 51.96 90.25
C UNK RA 8 24.86 52.86 89.29
N UNK RA 9 24.62 54.18 89.32
CA UNK RA 9 25.31 55.17 88.49
C UNK RA 9 26.77 55.39 88.93
N UNK RA 10 27.11 54.93 90.16
CA UNK RA 10 28.43 55.03 90.78
C UNK RA 10 29.47 54.13 90.10
N UNK RA 11 29.15 52.82 89.96
CA UNK RA 11 30.02 51.85 89.29
C UNK RA 11 30.11 52.17 87.79
N UNK RA 12 28.99 52.73 87.25
CA UNK RA 12 28.82 53.16 85.85
C UNK RA 12 29.49 54.52 85.58
N UNK RA 13 30.79 54.61 85.96
CA UNK RA 13 31.65 55.78 85.80
C UNK RA 13 33.12 55.42 86.01
N UNK RA 14 33.39 54.55 87.02
CA UNK RA 14 34.71 54.07 87.46
C UNK RA 14 35.72 53.82 86.33
N UNK RA 15 35.31 53.04 85.31
CA UNK RA 15 36.16 52.71 84.15
C UNK RA 15 35.55 53.19 82.81
N UNK RA 16 34.75 54.29 82.84
CA UNK RA 16 34.09 54.88 81.65
C UNK RA 16 35.02 55.88 80.92
N UNK RA 17 35.94 55.34 80.09
CA UNK RA 17 36.95 56.08 79.30
C UNK RA 17 37.40 55.23 78.10
N UNK RA 18 34.07 57.45 76.69
CA UNK RA 18 33.93 57.56 75.24
C UNK RA 18 33.21 56.36 74.62
N UNK RA 19 32.21 56.64 73.75
CA UNK RA 19 31.38 55.65 73.04
C UNK RA 19 30.75 56.21 71.75
N UNK RA 20 30.44 55.29 70.80
CA UNK RA 20 29.80 55.61 69.52
C UNK RA 20 28.48 54.83 69.37
N UNK RA 21 28.48 53.52 69.71
CA UNK RA 21 27.29 52.66 69.63
C UNK RA 21 26.42 52.87 70.86
N UNK RA 22 25.08 52.90 70.67
CA UNK RA 22 24.07 53.09 71.71
C UNK RA 22 23.60 51.78 72.40
N UNK RA 23 24.57 50.87 72.66
CA UNK RA 23 24.35 49.57 73.29
C UNK RA 23 24.85 49.51 74.74
N UNK RA 24 25.50 50.57 75.23
CA UNK RA 24 26.00 50.66 76.61
C UNK RA 24 24.86 50.96 77.61
N UNK RA 25 23.71 51.43 77.08
CA UNK RA 25 22.50 51.74 77.85
C UNK RA 25 21.82 50.46 78.36
N UNK RA 26 21.71 49.43 77.49
CA UNK RA 26 21.13 48.12 77.84
C UNK RA 26 22.03 47.34 78.80
N UNK RA 27 23.35 47.63 78.78
CA UNK RA 27 24.37 47.04 79.65
C UNK RA 27 24.24 47.64 81.05
N UNK RA 28 23.65 48.86 81.14
CA UNK RA 28 23.40 49.55 82.40
C UNK RA 28 22.19 48.93 83.12
N UNK RA 29 21.24 48.36 82.35
CA UNK RA 29 20.06 47.69 82.90
C UNK RA 29 20.42 46.30 83.48
N UNK RA 30 21.48 45.65 82.94
CA UNK RA 30 21.98 44.32 83.33
C UNK RA 30 22.61 44.26 84.73
N UNK RA 31 23.51 45.21 85.04
CA UNK RA 31 24.18 45.27 86.35
C UNK RA 31 23.17 45.73 87.41
N UNK RA 32 22.35 46.76 87.08
CA UNK RA 32 21.33 47.32 87.96
C UNK RA 32 20.13 46.40 88.19
N UNK RA 33 19.97 45.36 87.35
CA UNK RA 33 18.87 44.38 87.42
C UNK RA 33 18.61 43.82 88.82
N UNK RA 34 19.66 43.61 89.65
CA UNK RA 34 19.55 43.07 91.01
C UNK RA 34 18.93 44.07 92.01
N UNK RA 35 18.21 43.54 93.03
CA UNK RA 35 17.56 44.34 94.08
C UNK RA 35 18.10 44.08 95.49
N UNK RA 36 17.85 42.87 96.05
CA UNK RA 36 18.31 42.49 97.40
C UNK RA 36 18.55 40.97 97.49
N UNK SA 1 41.04 45.86 69.69
CA UNK SA 1 42.45 46.03 70.08
C UNK SA 1 42.60 46.71 71.44
N UNK SA 2 41.87 47.82 71.66
CA UNK SA 2 41.88 48.60 72.90
C UNK SA 2 40.46 48.70 73.47
N UNK SA 3 39.49 49.06 72.62
CA UNK SA 3 38.09 49.17 73.00
C UNK SA 3 37.33 47.89 72.69
N UNK SA 4 37.64 47.26 71.53
CA UNK SA 4 37.02 46.01 71.03
C UNK SA 4 37.29 44.83 71.96
N UNK SA 5 38.51 44.76 72.53
CA UNK SA 5 38.96 43.72 73.47
C UNK SA 5 38.24 43.83 74.82
N UNK SA 6 37.65 45.00 75.10
CA UNK SA 6 36.90 45.28 76.33
C UNK SA 6 35.39 45.47 76.04
N UNK SA 7 35.03 45.55 74.74
CA UNK SA 7 33.65 45.73 74.25
C UNK SA 7 32.77 44.51 74.55
N UNK SA 8 33.24 43.28 74.22
CA UNK SA 8 32.52 42.03 74.44
C UNK SA 8 32.45 41.66 75.94
N UNK SA 9 33.41 42.19 76.75
CA UNK SA 9 33.54 41.98 78.20
C UNK SA 9 32.41 42.57 79.04
N UNK SA 10 31.80 43.67 78.57
CA UNK SA 10 30.69 44.37 79.25
C UNK SA 10 29.42 43.50 79.35
N UNK SA 11 29.14 42.69 78.31
CA UNK SA 11 27.98 41.79 78.25
C UNK SA 11 28.29 40.41 78.87
N UNK SA 12 29.57 40.19 79.24
CA UNK SA 12 30.03 38.93 79.86
C UNK SA 12 30.32 39.06 81.35
N UNK SA 13 30.85 40.22 81.80
CA UNK SA 13 31.15 40.48 83.22
C UNK SA 13 29.86 40.60 84.04
N UNK SA 14 28.82 41.25 83.46
CA UNK SA 14 27.49 41.47 84.07
C UNK SA 14 26.73 40.16 84.25
N UNK SA 15 26.77 39.28 83.23
CA UNK SA 15 26.09 37.98 83.27
C UNK SA 15 26.89 37.02 84.15
N UNK SA 16 26.54 36.99 85.45
CA UNK SA 16 27.18 36.15 86.48
C UNK SA 16 26.23 35.83 87.65
N UNK SA 17 26.30 36.61 88.75
CA UNK SA 17 25.47 36.46 89.96
C UNK SA 17 24.02 36.86 89.70
N UNK TA 1 -34.40 -16.02 114.64
CA UNK TA 1 -35.70 -15.35 114.54
C UNK TA 1 -36.86 -16.35 114.44
N UNK TA 2 -36.68 -17.43 113.65
CA UNK TA 2 -37.65 -18.50 113.39
C UNK TA 2 -37.66 -19.55 114.52
N UNK TA 3 -38.36 -20.69 114.31
CA UNK TA 3 -38.48 -21.79 115.26
C UNK TA 3 -38.01 -23.15 114.73
N UNK TA 4 -38.42 -23.50 113.47
CA UNK TA 4 -38.08 -24.77 112.83
C UNK TA 4 -36.78 -24.67 112.05
N UNK TA 5 -35.84 -25.59 112.34
CA UNK TA 5 -34.52 -25.66 111.71
C UNK TA 5 -33.96 -27.08 111.73
N UNK TA 6 -33.57 -27.60 110.55
CA UNK TA 6 -33.00 -28.95 110.37
C UNK TA 6 -31.62 -28.88 109.72
N UNK TA 7 -30.58 -29.37 110.42
CA UNK TA 7 -29.19 -29.40 109.95
C UNK TA 7 -29.08 -30.34 108.77
N UNK TA 8 -28.31 -29.92 107.74
CA UNK TA 8 -28.06 -30.64 106.48
C UNK TA 8 -29.32 -30.95 105.63
N UNK TA 9 -30.45 -30.27 105.91
CA UNK TA 9 -31.68 -30.49 105.16
C UNK TA 9 -32.34 -29.18 104.75
N UNK TA 10 -32.75 -28.36 105.75
CA UNK TA 10 -33.43 -27.06 105.60
C UNK TA 10 -32.56 -26.03 104.90
N UNK TA 11 -31.22 -26.24 104.94
CA UNK TA 11 -30.22 -25.40 104.32
C UNK TA 11 -30.27 -25.48 102.78
N UNK TA 12 -31.24 -24.75 102.20
CA UNK TA 12 -31.50 -24.61 100.77
C UNK TA 12 -31.25 -23.16 100.35
N UNK TA 13 -30.79 -22.30 101.29
CA UNK TA 13 -30.45 -20.90 101.08
C UNK TA 13 -29.09 -20.86 100.39
N UNK TA 14 -28.28 -21.92 100.63
CA UNK TA 14 -26.98 -22.12 100.00
C UNK TA 14 -27.22 -22.67 98.60
N UNK TA 15 -28.48 -23.06 98.30
CA UNK TA 15 -28.95 -23.57 97.01
C UNK TA 15 -29.87 -22.55 96.31
N UNK TA 16 -30.50 -21.62 97.07
CA UNK TA 16 -31.38 -20.56 96.53
C UNK TA 16 -30.55 -19.61 95.69
N UNK TA 17 -29.28 -19.43 96.09
CA UNK TA 17 -28.28 -18.62 95.42
C UNK TA 17 -28.03 -19.13 94.00
N UNK TA 18 -28.25 -20.46 93.75
CA UNK TA 18 -28.12 -21.06 92.41
C UNK TA 18 -29.34 -20.69 91.54
N UNK TA 19 -29.75 -19.41 91.69
CA UNK TA 19 -30.80 -18.69 90.99
C UNK TA 19 -30.49 -17.17 91.10
N UNK TA 20 -29.90 -16.72 92.25
CA UNK TA 20 -29.53 -15.31 92.49
C UNK TA 20 -28.32 -14.89 91.64
N UNK TA 21 -27.12 -15.37 92.00
CA UNK TA 21 -25.89 -15.10 91.26
C UNK TA 21 -25.79 -16.02 90.02
N UNK TA 22 -26.92 -16.15 89.29
CA UNK TA 22 -27.08 -16.93 88.08
C UNK TA 22 -27.61 -15.99 87.01
N UNK TA 23 -28.68 -15.20 87.36
CA UNK TA 23 -29.39 -14.15 86.57
C UNK TA 23 -30.61 -13.60 87.34
N UNK TA 24 -30.42 -13.21 88.61
CA UNK TA 24 -31.48 -12.68 89.48
C UNK TA 24 -32.15 -11.41 88.97
N UNK TA 25 -31.34 -10.43 88.50
CA UNK TA 25 -31.81 -9.14 87.99
C UNK TA 25 -32.14 -9.19 86.49
N UNK TA 26 -31.35 -8.53 85.59
CA UNK TA 26 -31.59 -8.41 84.14
C UNK TA 26 -32.94 -7.70 83.90
N UNK TA 27 -33.66 -7.43 85.00
CA UNK TA 27 -34.96 -6.78 85.12
C UNK TA 27 -34.75 -5.26 85.07
N UNK TA 28 -33.71 -4.76 85.78
CA UNK TA 28 -33.32 -3.35 85.77
C UNK TA 28 -32.94 -3.04 84.33
N UNK TA 29 -32.24 -4.00 83.66
CA UNK TA 29 -31.87 -3.94 82.25
C UNK TA 29 -33.13 -3.98 81.39
N UNK TA 30 -33.99 -5.01 81.61
CA UNK TA 30 -35.27 -5.21 80.90
C UNK TA 30 -36.18 -3.99 80.93
N UNK TA 31 -35.90 -3.05 81.85
CA UNK TA 31 -36.63 -1.80 82.06
C UNK TA 31 -35.85 -0.59 81.57
N UNK TA 32 -34.60 -0.38 82.07
CA UNK TA 32 -33.75 0.75 81.67
C UNK TA 32 -33.46 0.69 80.21
N UNK TA 33 -33.20 -0.52 79.69
CA UNK TA 33 -32.93 -0.74 78.28
C UNK TA 33 -34.23 -0.93 77.46
N UNK TA 34 -35.42 -0.74 78.10
CA UNK TA 34 -36.76 -0.84 77.47
C UNK TA 34 -37.57 0.46 77.56
N UNK TA 35 -37.12 1.36 78.45
CA UNK TA 35 -37.67 2.70 78.64
C UNK TA 35 -36.79 3.66 77.82
N UNK TA 36 -35.63 3.14 77.32
CA UNK TA 36 -34.67 3.82 76.46
C UNK TA 36 -35.09 3.59 75.03
N UNK TA 37 -35.78 2.47 74.80
CA UNK TA 37 -36.30 2.03 73.52
C UNK TA 37 -37.38 2.95 72.96
N UNK TA 38 -38.37 3.31 73.80
CA UNK TA 38 -39.49 4.17 73.44
C UNK TA 38 -39.10 5.64 73.53
N UNK TA 39 -38.11 5.96 74.40
CA UNK TA 39 -37.55 7.31 74.57
C UNK TA 39 -36.76 7.68 73.32
N UNK TA 40 -36.13 6.68 72.69
CA UNK TA 40 -35.42 6.85 71.44
C UNK TA 40 -36.42 6.79 70.29
N UNK TA 41 -37.56 6.06 70.45
CA UNK TA 41 -38.62 5.99 69.43
C UNK TA 41 -39.42 7.31 69.38
N UNK TA 42 -39.40 8.08 70.49
CA UNK TA 42 -40.01 9.41 70.64
C UNK TA 42 -39.02 10.48 70.15
N UNK TA 43 -37.72 10.09 70.00
CA UNK TA 43 -36.58 10.90 69.55
C UNK TA 43 -36.35 10.75 68.04
N UNK TA 44 -36.68 9.60 67.46
CA UNK TA 44 -36.59 9.36 66.03
C UNK TA 44 -37.94 9.70 65.36
N UNK TA 45 -38.82 10.40 66.12
CA UNK TA 45 -40.13 10.91 65.72
C UNK TA 45 -40.11 12.44 65.69
N UNK TA 46 -39.27 13.04 66.56
CA UNK TA 46 -39.09 14.48 66.72
C UNK TA 46 -37.98 15.06 65.84
N UNK TA 47 -36.79 14.41 65.82
CA UNK TA 47 -35.61 14.83 65.04
C UNK TA 47 -35.81 14.64 63.54
N UNK TA 48 -36.86 13.91 63.15
CA UNK TA 48 -37.26 13.66 61.76
C UNK TA 48 -37.46 14.98 60.99
N UNK TA 49 -38.04 16.01 61.65
CA UNK TA 49 -38.25 17.32 61.04
C UNK TA 49 -37.02 18.23 61.26
N UNK TA 50 -36.51 18.27 62.50
CA UNK TA 50 -35.35 19.05 62.99
C UNK TA 50 -35.41 20.57 62.68
N UNK TA 51 -36.28 21.34 63.38
CA UNK TA 51 -37.21 20.90 64.43
C UNK TA 51 -38.67 21.04 64.00
N UNK TA 52 -39.03 22.18 63.34
CA UNK TA 52 -40.36 22.50 62.82
C UNK TA 52 -40.35 23.69 61.83
N UNK TA 53 -39.64 24.80 62.18
CA UNK TA 53 -39.50 26.07 61.45
C UNK TA 53 -39.56 26.05 59.90
N UNK TA 54 -40.80 25.97 59.33
CA UNK TA 54 -41.10 25.94 57.88
C UNK TA 54 -42.50 26.54 57.55
N UNK TA 55 -42.63 27.30 56.42
CA UNK TA 55 -43.88 27.98 56.01
C UNK TA 55 -44.44 27.72 54.59
N UNK TA 56 -43.86 28.36 53.52
CA UNK TA 56 -44.29 28.23 52.12
C UNK TA 56 -44.23 26.78 51.60
N UNK TA 57 -43.28 25.99 52.14
CA UNK TA 57 -43.08 24.57 51.85
C UNK TA 57 -43.51 23.77 53.07
N UNK TA 58 -44.81 23.85 53.40
CA UNK TA 58 -45.45 23.18 54.55
C UNK TA 58 -46.97 23.02 54.33
N UNK TA 59 -47.53 23.76 53.35
CA UNK TA 59 -48.95 23.74 53.00
C UNK TA 59 -49.37 22.42 52.35
N UNK TA 60 -48.65 21.98 51.28
CA UNK TA 60 -48.88 20.75 50.50
C UNK TA 60 -49.24 19.53 51.35
N UNK TA 61 -48.60 19.40 52.53
CA UNK TA 61 -48.79 18.40 53.57
C UNK TA 61 -49.27 16.98 53.12
N UNK TA 62 -48.44 16.29 52.28
CA UNK TA 62 -48.62 14.92 51.73
C UNK TA 62 -49.87 14.62 50.87
N UNK TA 63 -50.71 15.64 50.61
CA UNK TA 63 -51.94 15.58 49.80
C UNK TA 63 -52.25 17.00 49.30
N UNK TA 64 -51.94 17.27 48.04
CA UNK TA 64 -52.16 18.60 47.47
C UNK TA 64 -52.85 18.57 46.11
N UNK TA 65 -53.55 19.67 45.77
CA UNK TA 65 -54.29 19.88 44.53
C UNK TA 65 -53.36 19.97 43.31
N UNK TA 66 -53.93 19.76 42.10
CA UNK TA 66 -53.24 19.82 40.80
C UNK TA 66 -52.59 21.17 40.49
N UNK TA 67 -53.08 22.25 41.15
CA UNK TA 67 -52.58 23.61 40.98
C UNK TA 67 -51.20 23.83 41.63
N UNK TA 68 -50.53 22.74 42.07
CA UNK TA 68 -49.23 22.76 42.73
C UNK TA 68 -48.04 23.17 41.84
N UNK TA 69 -47.55 22.27 40.96
CA UNK TA 69 -46.39 22.48 40.08
C UNK TA 69 -46.69 23.26 38.80
N UNK TA 70 -47.92 23.13 38.24
CA UNK TA 70 -48.37 23.80 37.01
C UNK TA 70 -48.24 25.32 37.11
N UNK TA 71 -48.40 25.85 38.34
CA UNK TA 71 -48.27 27.26 38.69
C UNK TA 71 -46.85 27.57 39.16
N UNK TA 72 -46.20 26.62 39.90
CA UNK TA 72 -44.85 26.76 40.43
C UNK TA 72 -43.78 26.90 39.33
N UNK TA 73 -43.83 26.02 38.29
CA UNK TA 73 -42.91 26.03 37.15
C UNK TA 73 -43.12 27.26 36.27
N UNK TA 74 -44.40 27.66 36.08
CA UNK TA 74 -44.80 28.83 35.29
C UNK TA 74 -44.40 30.12 35.99
N UNK TA 75 -44.36 30.11 37.34
CA UNK TA 75 -43.96 31.26 38.16
C UNK TA 75 -42.43 31.41 38.08
N UNK TA 76 -41.69 30.29 38.25
CA UNK TA 76 -40.22 30.24 38.21
C UNK TA 76 -39.66 30.62 36.83
N UNK UA 1 -41.77 37.42 55.12
CA UNK UA 1 -42.33 38.46 55.98
C UNK UA 1 -41.99 38.20 57.46
N UNK UA 2 -41.22 39.15 58.08
CA UNK UA 2 -40.76 39.19 59.49
C UNK UA 2 -39.72 38.15 59.96
N UNK UA 3 -38.89 38.54 60.98
CA UNK UA 3 -37.83 37.77 61.67
C UNK UA 3 -36.89 36.94 60.76
N UNK UA 4 -36.35 35.80 61.28
CA UNK UA 4 -35.43 34.84 60.64
C UNK UA 4 -34.07 35.41 60.18
N UNK UA 5 -33.07 34.53 59.94
CA UNK UA 5 -31.70 34.88 59.53
C UNK UA 5 -31.58 35.68 58.20
N UNK UA 6 -32.73 35.93 57.51
CA UNK UA 6 -32.89 36.68 56.25
C UNK UA 6 -32.12 36.12 55.04
N UNK UA 7 -30.78 36.26 55.01
CA UNK UA 7 -29.89 35.79 53.93
C UNK UA 7 -29.68 34.28 53.91
N UNK UA 8 -29.62 33.65 55.11
CA UNK UA 8 -29.44 32.21 55.27
C UNK UA 8 -30.75 31.51 54.87
N UNK UA 9 -31.90 32.04 55.34
CA UNK UA 9 -33.23 31.52 55.04
C UNK UA 9 -33.65 31.79 53.58
N UNK UA 10 -33.09 32.87 52.95
CA UNK UA 10 -33.33 33.36 51.58
C UNK UA 10 -33.42 32.32 50.44
N UNK UA 11 -32.75 31.16 50.61
CA UNK UA 11 -32.75 30.06 49.65
C UNK UA 11 -33.09 28.75 50.34
N UNK UA 12 -32.99 28.73 51.70
CA UNK UA 12 -33.26 27.58 52.56
C UNK UA 12 -34.63 26.97 52.29
N UNK UA 13 -35.65 27.83 52.13
CA UNK UA 13 -36.99 27.37 51.84
C UNK UA 13 -37.14 27.05 50.35
N UNK UA 14 -36.62 27.93 49.46
CA UNK UA 14 -36.68 27.80 48.00
C UNK UA 14 -36.43 26.38 47.44
N UNK UA 15 -35.31 25.73 47.84
CA UNK UA 15 -34.96 24.38 47.41
C UNK UA 15 -35.91 23.34 47.99
N UNK UA 16 -36.38 23.54 49.25
CA UNK UA 16 -37.33 22.65 49.94
C UNK UA 16 -38.74 22.86 49.35
N UNK UA 17 -38.95 24.02 48.69
CA UNK UA 17 -40.19 24.41 48.02
C UNK UA 17 -40.18 23.96 46.56
N UNK UA 18 -38.98 23.82 45.96
CA UNK UA 18 -38.83 23.36 44.58
C UNK UA 18 -39.03 21.82 44.51
N UNK UA 19 -38.46 21.08 45.48
CA UNK UA 19 -38.56 19.62 45.54
C UNK UA 19 -39.96 19.17 45.91
N UNK UA 20 -40.56 19.80 46.94
CA UNK UA 20 -41.91 19.47 47.39
C UNK UA 20 -43.02 20.01 46.46
N UNK UA 21 -42.66 20.37 45.21
CA UNK UA 21 -43.60 20.86 44.19
C UNK UA 21 -43.27 20.24 42.83
N UNK UA 22 -42.12 20.64 42.23
CA UNK UA 22 -41.64 20.16 40.92
C UNK UA 22 -41.18 18.69 40.94
N UNK UA 23 -40.55 18.25 42.05
CA UNK UA 23 -40.14 16.86 42.20
C UNK UA 23 -41.30 16.06 42.83
N UNK UA 24 -42.27 16.78 43.47
CA UNK UA 24 -43.46 16.17 44.07
C UNK UA 24 -44.58 15.98 43.04
N UNK UA 25 -44.43 16.61 41.87
CA UNK UA 25 -45.38 16.50 40.76
C UNK UA 25 -45.29 15.12 40.10
N UNK UA 26 -44.04 14.58 39.98
CA UNK UA 26 -43.72 13.28 39.38
C UNK UA 26 -44.43 12.09 40.03
N UNK UA 27 -44.73 12.18 41.35
CA UNK UA 27 -45.39 11.17 42.19
C UNK UA 27 -46.67 10.49 41.61
N UNK UA 28 -47.67 11.30 41.19
CA UNK UA 28 -48.98 10.88 40.67
C UNK UA 28 -48.99 9.89 39.48
N UNK UA 29 -47.88 9.86 38.69
CA UNK UA 29 -47.66 9.06 37.48
C UNK UA 29 -48.16 7.59 37.45
N UNK UA 30 -48.20 6.92 38.63
CA UNK UA 30 -48.60 5.51 38.86
C UNK UA 30 -47.59 4.48 38.38
N UNK UA 31 -47.39 3.41 39.17
CA UNK UA 31 -46.46 2.34 38.86
C UNK UA 31 -46.96 1.39 37.74
N UNK UA 32 -48.30 1.26 37.60
CA UNK UA 32 -49.01 0.41 36.62
C UNK UA 32 -48.51 -1.04 36.58
N UNK VA 1 -33.62 29.89 39.46
CA UNK VA 1 -33.72 31.16 40.18
C UNK VA 1 -33.62 30.97 41.71
N UNK VA 2 -33.50 29.71 42.17
CA UNK VA 2 -33.44 29.26 43.58
C UNK VA 2 -32.39 29.94 44.47
N UNK VA 3 -31.11 29.94 44.05
CA UNK VA 3 -30.02 30.58 44.78
C UNK VA 3 -29.64 31.90 44.08
N UNK VA 4 -30.43 32.29 43.06
CA UNK VA 4 -30.27 33.52 42.30
C UNK VA 4 -31.03 34.67 42.95
N UNK VA 5 -32.25 34.42 43.46
CA UNK VA 5 -33.09 35.40 44.14
C UNK VA 5 -32.52 35.80 45.52
N UNK VA 6 -31.80 34.86 46.18
CA UNK VA 6 -31.13 35.07 47.46
C UNK VA 6 -29.95 36.03 47.28
N UNK VA 7 -29.15 35.83 46.20
CA UNK VA 7 -28.02 36.70 45.85
C UNK VA 7 -28.50 38.07 45.35
N UNK VA 8 -29.73 38.12 44.77
CA UNK VA 8 -30.38 39.36 44.33
C UNK VA 8 -30.85 40.11 45.58
N UNK VA 9 -31.08 39.37 46.69
CA UNK VA 9 -31.47 39.87 48.00
C UNK VA 9 -30.24 40.16 48.88
N UNK VA 10 -29.05 39.66 48.47
CA UNK VA 10 -27.80 39.89 49.18
C UNK VA 10 -27.30 41.30 48.85
N UNK VA 11 -26.95 41.56 47.57
CA UNK VA 11 -26.45 42.84 47.05
C UNK VA 11 -27.01 43.12 45.65
N UNK WA 1 -55.39 11.48 54.29
CA UNK WA 1 -54.33 12.42 53.91
C UNK WA 1 -53.12 11.69 53.29
N UNK WA 2 -52.61 10.65 53.96
CA UNK WA 2 -51.49 9.84 53.49
C UNK WA 2 -51.92 8.83 52.42
N UNK WA 3 -53.20 8.89 52.00
CA UNK WA 3 -53.77 8.04 50.94
C UNK WA 3 -53.26 8.55 49.59
N UNK WA 4 -53.01 9.88 49.47
CA UNK WA 4 -52.46 10.55 48.29
C UNK WA 4 -50.98 10.21 48.22
N UNK WA 5 -50.38 10.02 49.42
CA UNK WA 5 -49.01 9.57 49.58
C UNK WA 5 -48.98 8.06 49.26
N UNK WA 6 -50.10 7.33 49.53
CA UNK WA 6 -50.30 5.90 49.23
C UNK WA 6 -50.78 5.72 47.76
N UNK WA 7 -50.63 6.78 46.97
CA UNK WA 7 -50.92 6.85 45.55
C UNK WA 7 -49.62 7.25 44.82
N UNK WA 8 -48.51 7.42 45.59
CA UNK WA 8 -47.17 7.78 45.12
C UNK WA 8 -46.24 6.56 45.13
N UNK XA 1 -13.89 18.17 36.22
CA UNK XA 1 -13.19 17.23 35.33
C UNK XA 1 -14.20 16.27 34.69
N UNK XA 2 -14.61 15.22 35.43
CA UNK XA 2 -15.64 14.27 35.00
C UNK XA 2 -16.99 15.00 35.04
N UNK XA 3 -17.01 16.18 35.73
CA UNK XA 3 -18.11 17.14 35.90
C UNK XA 3 -18.45 17.81 34.56
N UNK XA 4 -17.42 17.97 33.70
CA UNK XA 4 -17.53 18.52 32.36
C UNK XA 4 -17.84 17.38 31.38
N UNK XA 5 -17.30 16.17 31.65
CA UNK XA 5 -17.55 14.98 30.83
C UNK XA 5 -19.05 14.66 30.92
N UNK XA 6 -19.61 14.73 32.16
CA UNK XA 6 -21.01 14.50 32.49
C UNK XA 6 -21.93 15.68 32.16
N UNK XA 7 -21.35 16.89 31.83
CA UNK XA 7 -22.09 18.11 31.46
C UNK XA 7 -22.90 17.89 30.16
N UNK XA 8 -22.51 16.86 29.38
CA UNK XA 8 -23.17 16.40 28.17
C UNK XA 8 -23.99 15.13 28.49
N UNK XA 9 -23.51 14.29 29.47
CA UNK XA 9 -24.14 13.04 29.92
C UNK XA 9 -25.53 13.23 30.53
N UNK XA 10 -26.54 13.18 29.63
CA UNK XA 10 -28.00 13.34 29.75
C UNK XA 10 -28.57 13.63 28.34
N UNK XA 11 -27.78 14.39 27.52
CA UNK XA 11 -28.10 14.84 26.16
C UNK XA 11 -27.33 14.15 24.99
N UNK XA 12 -27.57 12.82 24.82
CA UNK XA 12 -27.03 11.93 23.76
C UNK XA 12 -27.59 10.46 23.88
N UNK XA 13 -28.93 10.30 23.84
CA UNK XA 13 -29.60 9.00 23.94
C UNK XA 13 -30.03 8.45 22.57
N UNK YA 1 -11.67 28.20 57.77
CA UNK YA 1 -12.61 28.60 56.73
C UNK YA 1 -13.79 29.49 57.25
N UNK YA 2 -14.75 29.85 56.36
CA UNK YA 2 -15.94 30.67 56.64
C UNK YA 2 -16.95 30.62 55.48
N UNK YA 3 -18.11 31.32 55.61
CA UNK YA 3 -19.21 31.44 54.64
C UNK YA 3 -19.92 30.12 54.26
N UNK YA 4 -21.21 30.22 53.85
CA UNK YA 4 -22.07 29.05 53.54
C UNK YA 4 -22.42 28.79 52.07
N UNK YA 5 -21.87 27.70 51.53
CA UNK YA 5 -22.16 27.23 50.17
C UNK YA 5 -23.45 26.43 50.21
N UNK YA 6 -24.17 26.39 49.07
CA UNK YA 6 -25.47 25.71 48.98
C UNK YA 6 -25.41 24.24 48.60
N UNK YA 7 -24.55 23.86 47.62
CA UNK YA 7 -24.44 22.48 47.14
C UNK YA 7 -23.02 21.99 46.82
N UNK YA 8 -22.92 20.76 46.25
CA UNK YA 8 -21.71 20.08 45.79
C UNK YA 8 -21.98 19.34 44.45
N UNK YA 9 -23.07 19.75 43.76
CA UNK YA 9 -23.50 19.22 42.45
C UNK YA 9 -22.69 19.94 41.36
N UNK YA 10 -22.14 19.18 40.38
CA UNK YA 10 -21.32 19.75 39.29
C UNK YA 10 -21.70 19.25 37.87
N UNK YA 11 -22.71 19.92 37.25
CA UNK YA 11 -23.27 19.62 35.93
C UNK YA 11 -22.66 20.50 34.82
N UNK ZA 1 22.05 19.28 10.33
CA UNK ZA 1 21.47 20.03 9.21
C UNK ZA 1 22.44 21.10 8.68
N UNK ZA 2 23.08 21.89 9.58
CA UNK ZA 2 24.04 22.95 9.22
C UNK ZA 2 25.29 22.39 8.54
N UNK ZA 3 25.76 21.21 9.01
CA UNK ZA 3 26.92 20.51 8.45
C UNK ZA 3 26.54 19.62 7.25
N UNK ZA 4 25.41 19.96 6.59
CA UNK ZA 4 24.86 19.29 5.41
C UNK ZA 4 24.28 20.32 4.44
N UNK ZA 5 23.84 21.48 4.94
CA UNK ZA 5 23.29 22.58 4.17
C UNK ZA 5 24.36 23.36 3.38
N UNK ZA 6 25.64 22.97 3.51
CA UNK ZA 6 26.77 23.62 2.84
C UNK ZA 6 27.73 22.66 2.13
N UNK ZA 7 28.00 21.46 2.72
CA UNK ZA 7 28.91 20.45 2.18
C UNK ZA 7 28.64 20.12 0.69
N UNK ZA 8 27.48 19.53 0.39
CA UNK ZA 8 27.07 19.20 -0.98
C UNK ZA 8 26.01 20.22 -1.42
N UNK ZA 9 26.31 21.52 -1.21
CA UNK ZA 9 25.42 22.64 -1.55
C UNK ZA 9 26.20 23.91 -1.94
N UNK ZA 10 27.30 24.20 -1.23
CA UNK ZA 10 28.14 25.38 -1.49
C UNK ZA 10 29.40 25.03 -2.32
N UNK ZA 11 29.45 23.78 -2.84
CA UNK ZA 11 30.55 23.29 -3.66
C UNK ZA 11 30.68 24.05 -4.98
N UNK ZA 12 29.54 24.41 -5.60
CA UNK ZA 12 29.47 25.15 -6.86
C UNK ZA 12 30.04 26.56 -6.75
N UNK ZA 13 29.80 27.24 -5.60
CA UNK ZA 13 30.27 28.60 -5.33
C UNK ZA 13 31.77 28.67 -5.08
N UNK AB 1 32.93 31.54 -0.15
CA UNK AB 1 33.24 30.59 0.91
C UNK AB 1 32.61 31.01 2.25
N UNK AB 2 32.85 32.27 2.67
CA UNK AB 2 32.31 32.81 3.92
C UNK AB 2 30.83 33.23 3.74
N UNK AB 3 30.01 32.28 3.27
CA UNK AB 3 28.59 32.47 3.01
C UNK AB 3 27.72 31.81 4.08
N UNK AB 4 28.10 30.59 4.53
CA UNK AB 4 27.37 29.84 5.55
C UNK AB 4 27.42 30.50 6.91
N UNK AB 5 26.24 30.63 7.55
CA UNK AB 5 26.04 31.22 8.88
C UNK AB 5 24.77 30.63 9.52
N UNK AB 6 24.52 30.97 10.81
CA UNK AB 6 23.37 30.50 11.60
C UNK AB 6 22.00 30.82 10.98
N UNK AB 7 21.88 31.97 10.28
CA UNK AB 7 20.64 32.41 9.66
C UNK AB 7 20.66 32.44 8.13
N UNK AB 8 21.86 32.62 7.53
CA UNK AB 8 22.11 32.71 6.08
C UNK AB 8 21.27 31.78 5.19
N UNK AB 9 20.61 32.37 4.19
CA UNK AB 9 19.73 31.68 3.25
C UNK AB 9 20.17 31.91 1.80
N UNK AB 10 19.91 30.92 0.92
CA UNK AB 10 20.24 30.99 -0.51
C UNK AB 10 19.16 31.72 -1.32
N UNK AB 11 19.12 33.06 -1.18
CA UNK AB 11 18.15 33.92 -1.87
C UNK AB 11 18.72 35.30 -2.25
N UNK AB 12 19.06 36.15 -1.24
CA UNK AB 12 19.61 37.49 -1.43
C UNK AB 12 21.07 37.64 -0.99
N UNK AB 13 21.40 37.15 0.24
CA UNK AB 13 22.76 37.19 0.79
C UNK AB 13 23.66 36.22 0.00
N UNK AB 14 23.07 35.10 -0.46
CA UNK AB 14 23.71 34.06 -1.28
C UNK AB 14 22.88 33.96 -2.59
N UNK AB 15 22.88 35.06 -3.36
CA UNK AB 15 22.14 35.23 -4.61
C UNK AB 15 22.51 34.26 -5.72
N UNK AB 16 21.49 33.80 -6.47
CA UNK AB 16 21.58 32.87 -7.60
C UNK AB 16 20.40 33.12 -8.55
N UNK AB 17 20.60 32.84 -9.86
CA UNK AB 17 19.58 33.03 -10.91
C UNK AB 17 18.49 31.94 -10.94
N UNK AB 18 17.56 32.03 -11.92
CA UNK AB 18 16.42 31.12 -12.15
C UNK AB 18 16.79 29.64 -12.24
N UNK AB 19 18.00 29.32 -12.76
CA UNK AB 19 18.48 27.95 -12.91
C UNK AB 19 19.11 27.41 -11.63
N UNK AB 20 20.13 28.11 -11.11
CA UNK AB 20 20.92 27.75 -9.94
C UNK AB 20 20.16 27.61 -8.61
N UNK AB 21 19.46 28.69 -8.18
CA UNK AB 21 18.72 28.79 -6.91
C UNK AB 21 17.82 27.59 -6.58
N UNK AB 22 17.03 27.13 -7.56
CA UNK AB 22 16.13 25.97 -7.41
C UNK AB 22 16.89 24.66 -7.50
N UNK AB 23 17.98 24.63 -8.30
CA UNK AB 23 18.83 23.45 -8.48
C UNK AB 23 19.64 23.19 -7.23
N UNK AB 24 19.96 24.25 -6.46
CA UNK AB 24 20.70 24.16 -5.20
C UNK AB 24 19.91 23.39 -4.14
N UNK AB 25 18.57 23.28 -4.32
CA UNK AB 25 17.63 22.57 -3.43
C UNK AB 25 17.52 21.09 -3.75
N UNK AB 26 17.74 20.72 -5.03
CA UNK AB 26 17.68 19.33 -5.50
C UNK AB 26 18.73 18.46 -4.79
N UNK AB 27 19.93 19.04 -4.51
CA UNK AB 27 21.05 18.40 -3.82
C UNK AB 27 20.75 18.12 -2.35
N UNK AB 28 19.83 18.89 -1.74
CA UNK AB 28 19.43 18.73 -0.35
C UNK AB 28 18.49 17.53 -0.21
N UNK AB 29 17.44 17.46 -1.06
CA UNK AB 29 16.43 16.38 -1.08
C UNK AB 29 17.04 15.02 -1.43
N UNK AB 30 18.07 15.02 -2.32
CA UNK AB 30 18.81 13.83 -2.76
C UNK AB 30 19.83 13.36 -1.70
N UNK AB 31 20.08 14.19 -0.67
CA UNK AB 31 20.97 13.89 0.46
C UNK AB 31 20.13 13.52 1.69
N UNK AB 32 18.88 14.02 1.75
CA UNK AB 32 17.93 13.79 2.84
C UNK AB 32 16.93 12.66 2.53
N UNK AB 33 16.95 12.14 1.29
CA UNK AB 33 16.06 11.08 0.76
C UNK AB 33 14.58 11.52 0.77
N UNK AB 34 14.29 12.61 0.03
CA UNK AB 34 12.96 13.20 -0.11
C UNK AB 34 12.54 13.41 -1.57
N UNK AB 35 11.28 13.83 -1.80
CA UNK AB 35 10.70 14.10 -3.13
C UNK AB 35 9.80 15.35 -3.07
N UNK AB 36 10.44 16.56 -3.02
CA UNK AB 36 9.79 17.87 -2.92
C UNK AB 36 9.03 18.32 -4.16
N UNK AB 37 7.86 18.95 -3.94
CA UNK AB 37 6.98 19.47 -5.00
C UNK AB 37 7.43 20.89 -5.42
N UNK AB 38 6.93 21.37 -6.58
CA UNK AB 38 7.24 22.69 -7.15
C UNK AB 38 6.77 23.84 -6.27
N UNK AB 39 5.70 23.61 -5.48
CA UNK AB 39 5.11 24.57 -4.54
C UNK AB 39 5.93 24.70 -3.24
N UNK AB 40 7.05 23.94 -3.13
CA UNK AB 40 7.96 23.95 -1.97
C UNK AB 40 9.43 23.72 -2.41
N UNK AB 41 9.93 24.59 -3.30
CA UNK AB 41 11.30 24.55 -3.85
C UNK AB 41 11.81 25.92 -4.36
N UNK AB 42 10.97 26.64 -5.15
CA UNK AB 42 11.29 27.94 -5.75
C UNK AB 42 11.52 29.09 -4.76
N UNK AB 43 10.73 29.15 -3.69
CA UNK AB 43 10.83 30.19 -2.65
C UNK AB 43 11.66 29.75 -1.43
N UNK AB 44 11.90 28.43 -1.29
CA UNK AB 44 12.65 27.83 -0.18
C UNK AB 44 14.13 28.20 -0.18
N UNK AB 45 14.62 28.74 0.94
CA UNK AB 45 16.01 29.18 1.10
C UNK AB 45 16.48 29.11 2.56
N UNK AB 46 15.55 29.36 3.50
CA UNK AB 46 15.74 29.41 4.96
C UNK AB 46 16.59 28.31 5.61
N UNK AB 47 17.22 28.63 6.76
CA UNK AB 47 18.06 27.72 7.54
C UNK AB 47 17.28 27.10 8.71
N UNK AB 48 16.46 27.91 9.41
CA UNK AB 48 15.66 27.48 10.56
C UNK AB 48 14.17 27.22 10.20
N UNK AB 49 13.89 27.00 8.90
CA UNK AB 49 12.53 26.74 8.40
C UNK AB 49 12.48 25.75 7.23
N UNK AB 50 13.33 25.95 6.20
CA UNK AB 50 13.37 25.09 5.02
C UNK AB 50 14.07 23.74 5.27
N UNK AB 51 14.91 23.67 6.32
CA UNK AB 51 15.66 22.47 6.71
C UNK AB 51 14.75 21.27 7.07
N UNK AB 52 13.54 21.54 7.60
CA UNK AB 52 12.56 20.53 7.99
C UNK AB 52 11.25 20.69 7.19
N UNK AB 53 11.37 20.89 5.87
CA UNK AB 53 10.26 21.10 4.92
C UNK AB 53 9.29 19.90 4.78
N UNK AB 54 8.21 20.11 3.98
CA UNK AB 54 7.14 19.16 3.68
C UNK AB 54 6.42 18.63 4.95
N UNK AB 55 6.94 17.55 5.57
CA UNK AB 55 6.36 16.97 6.79
C UNK AB 55 7.37 16.16 7.60
N UNK AB 56 7.73 14.95 7.10
CA UNK AB 56 8.64 14.02 7.77
C UNK AB 56 10.12 14.41 7.59
N UNK AB 57 10.67 15.13 8.60
CA UNK AB 57 12.07 15.60 8.66
C UNK AB 57 12.45 15.99 10.10
N UNK AB 58 12.53 14.99 10.99
CA UNK AB 58 12.88 15.17 12.40
C UNK AB 58 13.62 13.94 12.92
N UNK BB 1 -18.26 -13.03 -75.23
CA UNK BB 1 -17.78 -14.22 -75.92
C UNK BB 1 -18.89 -15.25 -76.08
N UNK BB 2 -19.50 -15.69 -74.94
CA UNK BB 2 -20.59 -16.68 -74.83
C UNK BB 2 -20.30 -18.07 -75.42
N UNK BB 3 -21.30 -18.99 -75.34
CA UNK BB 3 -21.27 -20.38 -75.80
C UNK BB 3 -20.08 -21.18 -75.24
N UNK BB 4 -20.27 -21.73 -74.02
CA UNK BB 4 -19.27 -22.51 -73.27
C UNK BB 4 -18.67 -23.64 -74.11
N UNK BB 5 -19.49 -24.68 -74.43
CA UNK BB 5 -19.15 -25.86 -75.25
C UNK BB 5 -17.78 -26.55 -74.98
N UNK BB 6 -17.13 -26.20 -73.85
CA UNK BB 6 -15.82 -26.73 -73.41
C UNK BB 6 -15.64 -26.58 -71.90
N UNK BB 7 -16.32 -25.58 -71.30
CA UNK BB 7 -16.25 -25.28 -69.86
C UNK BB 7 -16.96 -26.33 -69.01
N UNK BB 8 -18.22 -26.63 -69.32
CA UNK BB 8 -19.03 -27.61 -68.59
C UNK BB 8 -18.86 -29.04 -69.12
N UNK BB 9 -18.12 -29.21 -70.23
CA UNK BB 9 -17.88 -30.49 -70.89
C UNK BB 9 -17.02 -31.46 -70.05
N UNK BB 10 -15.80 -31.04 -69.67
CA UNK BB 10 -14.85 -31.84 -68.89
C UNK BB 10 -15.36 -32.22 -67.50
N UNK BB 11 -16.14 -31.31 -66.87
CA UNK BB 11 -16.75 -31.52 -65.55
C UNK BB 11 -17.79 -32.63 -65.62
N UNK BB 12 -18.58 -32.67 -66.71
CA UNK BB 12 -19.59 -33.69 -66.97
C UNK BB 12 -18.92 -35.01 -67.35
N UNK BB 13 -17.72 -34.94 -67.95
CA UNK BB 13 -16.92 -36.10 -68.33
C UNK BB 13 -16.24 -36.71 -67.10
N UNK BB 14 -15.86 -35.86 -66.11
CA UNK BB 14 -15.21 -36.27 -64.86
C UNK BB 14 -16.17 -37.03 -63.93
N UNK BB 15 -17.48 -36.74 -64.03
CA UNK BB 15 -18.53 -37.36 -63.24
C UNK BB 15 -19.00 -38.72 -63.82
N UNK BB 16 -19.94 -39.40 -63.13
CA UNK BB 16 -20.49 -40.69 -63.54
C UNK BB 16 -21.99 -40.74 -63.27
N UNK CB 1 32.61 11.27 -60.52
CA UNK CB 1 33.15 12.20 -61.50
C UNK CB 1 34.12 11.50 -62.45
N UNK CB 2 35.18 10.87 -61.89
CA UNK CB 2 36.21 10.15 -62.63
C UNK CB 2 36.89 9.10 -61.74
N UNK CB 3 38.25 9.15 -61.61
CA UNK CB 3 39.14 8.27 -60.84
C UNK CB 3 39.24 6.83 -61.33
N UNK CB 4 40.46 6.25 -61.26
CA UNK CB 4 40.74 4.88 -61.67
C UNK CB 4 41.30 4.04 -60.52
N UNK CB 5 40.44 3.17 -59.97
CA UNK CB 5 40.72 2.25 -58.85
C UNK CB 5 39.70 1.11 -58.88
N UNK CB 6 38.50 1.39 -59.42
CA UNK CB 6 37.41 0.43 -59.57
C UNK CB 6 37.76 -0.56 -60.67
N UNK CB 7 38.32 -0.07 -61.81
CA UNK CB 7 38.75 -0.88 -62.95
C UNK CB 7 40.22 -1.31 -62.77
N UNK CB 8 40.47 -2.02 -61.66
CA UNK CB 8 41.77 -2.58 -61.23
C UNK CB 8 41.50 -3.70 -60.22
N UNK CB 9 40.59 -3.44 -59.25
CA UNK CB 9 40.16 -4.39 -58.23
C UNK CB 9 38.84 -5.04 -58.66
N UNK CB 10 38.37 -4.70 -59.89
CA UNK CB 10 37.16 -5.24 -60.54
C UNK CB 10 37.28 -6.76 -60.66
N UNK CB 11 38.52 -7.25 -60.82
CA UNK CB 11 38.87 -8.65 -60.88
C UNK CB 11 39.62 -9.02 -59.59
N UNK CB 12 39.15 -10.10 -58.96
CA UNK CB 12 39.64 -10.75 -57.73
C UNK CB 12 38.78 -12.01 -57.68
N UNK CB 13 39.17 -12.99 -58.53
CA UNK CB 13 38.51 -14.25 -58.87
C UNK CB 13 37.56 -13.98 -60.05
N UNK CB 14 37.14 -15.03 -60.79
CA UNK CB 14 36.31 -15.01 -62.00
C UNK CB 14 37.10 -14.48 -63.21
N UNK CB 15 37.38 -15.39 -64.16
CA UNK CB 15 38.15 -15.09 -65.37
C UNK CB 15 37.46 -15.61 -66.65
N UNK CB 16 36.19 -16.07 -66.52
CA UNK CB 16 35.38 -16.59 -67.61
C UNK CB 16 34.27 -15.62 -68.05
N UNK CB 17 34.01 -14.57 -67.24
CA UNK CB 17 33.00 -13.52 -67.43
C UNK CB 17 31.55 -14.03 -67.53
N UNK CB 18 31.24 -14.85 -68.56
CA UNK CB 18 29.94 -15.46 -68.82
C UNK CB 18 30.10 -16.65 -69.77
N UNK DB 1 17.96 0.82 -17.12
CA UNK DB 1 19.32 0.85 -17.66
C UNK DB 1 19.34 0.58 -19.19
N UNK DB 2 19.53 1.61 -20.07
CA UNK DB 2 19.75 3.03 -19.77
C UNK DB 2 18.53 3.70 -19.17
N UNK DB 3 18.73 4.38 -18.03
CA UNK DB 3 17.67 5.07 -17.29
C UNK DB 3 18.15 6.36 -16.60
N UNK DB 4 17.26 7.37 -16.55
CA UNK DB 4 17.51 8.66 -15.93
C UNK DB 4 17.39 8.54 -14.41
N UNK DB 5 18.46 8.92 -13.69
CA UNK DB 5 18.52 8.84 -12.24
C UNK DB 5 17.63 9.86 -11.53
N UNK DB 6 17.76 11.17 -11.86
CA UNK DB 6 16.97 12.24 -11.23
C UNK DB 6 16.62 13.41 -12.18
N UNK DB 7 16.03 13.06 -13.34
CA UNK DB 7 15.61 14.01 -14.39
C UNK DB 7 14.44 14.95 -14.00
N UNK DB 8 13.81 14.67 -12.83
CA UNK DB 8 12.66 15.37 -12.23
C UNK DB 8 12.70 16.92 -12.27
N UNK DB 9 13.89 17.50 -12.12
CA UNK DB 9 14.21 18.93 -12.04
C UNK DB 9 13.27 20.03 -12.64
N UNK DB 10 13.07 20.05 -13.97
CA UNK DB 10 12.30 21.08 -14.68
C UNK DB 10 10.77 21.20 -14.47
N UNK DB 11 10.24 20.72 -13.33
CA UNK DB 11 8.81 20.82 -13.01
C UNK DB 11 8.32 22.27 -12.85
N UNK DB 12 9.13 23.15 -12.22
CA UNK DB 12 8.83 24.57 -11.98
C UNK DB 12 8.96 25.39 -13.26
N UNK DB 13 9.92 25.01 -14.13
CA UNK DB 13 10.19 25.62 -15.43
C UNK DB 13 8.99 25.44 -16.35
N UNK DB 14 8.31 24.26 -16.27
CA UNK DB 14 7.12 23.92 -17.06
C UNK DB 14 5.91 24.77 -16.62
N UNK DB 15 5.81 25.05 -15.29
CA UNK DB 15 4.73 25.87 -14.69
C UNK DB 15 4.87 27.34 -15.10
N UNK DB 16 6.12 27.85 -15.15
CA UNK DB 16 6.46 29.23 -15.54
C UNK DB 16 6.35 29.43 -17.06
N UNK DB 17 6.66 28.37 -17.86
CA UNK DB 17 6.58 28.37 -19.32
C UNK DB 17 5.13 28.47 -19.77
N UNK DB 18 4.22 27.68 -19.11
CA UNK DB 18 2.77 27.67 -19.36
C UNK DB 18 2.24 29.12 -19.28
N UNK DB 19 2.61 29.84 -18.19
CA UNK DB 19 2.32 31.25 -17.91
C UNK DB 19 0.84 31.63 -17.69
N UNK DB 20 0.50 32.57 -16.75
CA UNK DB 20 1.29 33.37 -15.80
C UNK DB 20 2.26 34.46 -16.33
N UNK DB 21 3.57 34.12 -16.52
CA UNK DB 21 4.66 34.98 -17.00
C UNK DB 21 4.30 35.93 -18.14
N UNK DB 22 3.73 35.40 -19.25
CA UNK DB 22 3.31 36.19 -20.42
C UNK DB 22 2.19 35.50 -21.22
N UNK DB 23 2.39 34.21 -21.57
CA UNK DB 23 1.46 33.38 -22.35
C UNK DB 23 0.06 33.28 -21.74
N UNK DB 24 -0.97 33.45 -22.59
CA UNK DB 24 -2.39 33.42 -22.21
C UNK DB 24 -3.08 32.11 -22.61
N UNK DB 25 -3.02 31.74 -23.92
CA UNK DB 25 -3.64 30.52 -24.46
C UNK DB 25 -2.64 29.35 -24.68
N UNK DB 26 -1.33 29.66 -24.80
CA UNK DB 26 -0.28 28.65 -24.97
C UNK DB 26 0.12 28.12 -23.58
N UNK DB 27 -0.83 27.38 -22.95
CA UNK DB 27 -0.71 26.76 -21.63
C UNK DB 27 -1.72 25.63 -21.51
N UNK DB 28 -3.02 25.98 -21.53
CA UNK DB 28 -4.17 25.08 -21.39
C UNK DB 28 -4.22 23.97 -22.45
N UNK DB 29 -3.61 24.20 -23.61
CA UNK DB 29 -3.61 23.26 -24.72
C UNK DB 29 -2.68 22.06 -24.49
N UNK DB 30 -1.43 22.33 -24.08
CA UNK DB 30 -0.43 21.31 -23.83
C UNK DB 30 -0.60 20.64 -22.45
N UNK DB 31 -1.46 21.24 -21.57
CA UNK DB 31 -1.76 20.77 -20.21
C UNK DB 31 -2.38 19.36 -20.16
N UNK DB 32 -3.23 19.03 -21.17
CA UNK DB 32 -3.88 17.72 -21.29
C UNK DB 32 -2.85 16.66 -21.68
N UNK DB 33 -1.89 17.03 -22.57
CA UNK DB 33 -0.78 16.18 -23.05
C UNK DB 33 0.19 15.79 -21.92
N UNK DB 34 0.56 16.77 -21.06
CA UNK DB 34 1.45 16.64 -19.89
C UNK DB 34 0.89 15.68 -18.83
N UNK DB 35 -0.46 15.62 -18.71
CA UNK DB 35 -1.19 14.74 -17.78
C UNK DB 35 -1.02 13.26 -18.12
N UNK DB 36 -0.69 12.94 -19.39
CA UNK DB 36 -0.47 11.57 -19.88
C UNK DB 36 0.96 11.08 -19.63
N UNK DB 37 1.93 12.01 -19.62
CA UNK DB 37 3.35 11.73 -19.43
C UNK DB 37 3.76 11.57 -17.96
N UNK DB 38 2.99 12.14 -17.02
CA UNK DB 38 3.30 12.09 -15.59
C UNK DB 38 2.96 10.75 -14.90
N UNK DB 39 1.69 10.29 -14.99
CA UNK DB 39 1.23 9.04 -14.34
C UNK DB 39 0.72 7.99 -15.33
N UNK EB 1 18.80 3.63 -26.51
CA UNK EB 1 20.06 3.59 -27.25
C UNK EB 1 20.22 4.84 -28.13
N UNK EB 2 19.15 5.21 -28.89
CA UNK EB 2 19.14 6.40 -29.73
C UNK EB 2 19.03 7.64 -28.83
N UNK EB 3 18.54 7.43 -27.58
CA UNK EB 3 18.35 8.41 -26.50
C UNK EB 3 19.65 9.14 -26.18
N UNK EB 4 20.81 8.48 -26.44
CA UNK EB 4 22.16 8.98 -26.24
C UNK EB 4 22.47 10.21 -27.10
N UNK EB 5 21.57 10.55 -28.06
CA UNK EB 5 21.69 11.70 -28.95
C UNK EB 5 22.02 12.96 -28.16
N UNK EB 6 21.22 13.23 -27.10
CA UNK EB 6 21.36 14.39 -26.20
C UNK EB 6 22.64 14.39 -25.36
N UNK EB 7 23.32 13.22 -25.29
CA UNK EB 7 24.56 13.06 -24.54
C UNK EB 7 25.74 12.81 -25.50
N UNK EB 8 26.08 13.85 -26.30
CA UNK EB 8 27.18 13.78 -27.28
C UNK EB 8 28.53 14.21 -26.69
N UNK EB 9 29.41 13.22 -26.46
CA UNK EB 9 30.75 13.42 -25.92
C UNK EB 9 31.77 12.57 -26.67
N UNK FB 1 34.17 15.37 -9.31
CA UNK FB 1 33.35 14.16 -9.42
C UNK FB 1 32.31 14.26 -10.55
N UNK FB 2 32.39 13.35 -11.54
CA UNK FB 2 31.48 13.29 -12.69
C UNK FB 2 31.31 11.84 -13.16
N UNK FB 3 30.03 11.39 -13.29
CA UNK FB 3 29.60 10.04 -13.73
C UNK FB 3 28.11 10.08 -14.14
N UNK FB 4 27.28 10.72 -13.28
CA UNK FB 4 25.84 10.96 -13.42
C UNK FB 4 25.64 12.47 -13.20
N UNK FB 5 26.51 13.08 -12.37
CA UNK FB 5 26.58 14.50 -12.02
C UNK FB 5 26.88 15.36 -13.24
N UNK FB 6 27.67 14.81 -14.20
CA UNK FB 6 28.02 15.48 -15.44
C UNK FB 6 26.75 15.66 -16.30
N UNK FB 7 25.98 14.56 -16.46
CA UNK FB 7 24.72 14.54 -17.21
C UNK FB 7 23.51 14.77 -16.30
N UNK FB 8 23.69 15.58 -15.23
CA UNK FB 8 22.63 15.92 -14.28
C UNK FB 8 22.06 17.31 -14.58
N UNK FB 9 22.94 18.26 -14.93
CA UNK FB 9 22.56 19.63 -15.27
C UNK FB 9 22.66 19.85 -16.78
N UNK FB 10 23.51 19.05 -17.45
CA UNK FB 10 23.76 19.08 -18.90
C UNK FB 10 22.52 18.92 -19.75
N UNK FB 11 21.54 18.11 -19.30
CA UNK FB 11 20.27 17.89 -19.99
C UNK FB 11 19.42 19.18 -19.95
N UNK FB 12 19.49 19.92 -18.83
CA UNK FB 12 18.78 21.20 -18.65
C UNK FB 12 19.54 22.32 -19.36
N UNK FB 13 20.89 22.26 -19.33
CA UNK FB 13 21.79 23.21 -19.97
C UNK FB 13 21.61 23.18 -21.48
N UNK FB 14 21.43 21.96 -22.05
CA UNK FB 14 21.20 21.75 -23.49
C UNK FB 14 19.86 22.33 -23.91
N UNK FB 15 18.85 22.28 -23.02
CA UNK FB 15 17.52 22.80 -23.26
C UNK FB 15 17.42 24.33 -23.00
N UNK FB 16 18.48 24.93 -22.40
CA UNK FB 16 18.54 26.37 -22.09
C UNK FB 16 18.80 27.25 -23.32
N UNK FB 17 17.71 27.71 -23.96
CA UNK FB 17 17.74 28.56 -25.15
C UNK FB 17 17.55 30.02 -24.74
N UNK FB 18 16.35 30.39 -24.23
CA UNK FB 18 15.93 31.71 -23.74
C UNK FB 18 16.15 32.94 -24.64
N UNK FB 19 15.04 33.63 -24.99
CA UNK FB 19 15.04 34.85 -25.81
C UNK FB 19 13.86 35.75 -25.45
N UNK FB 20 12.66 35.51 -26.06
CA UNK FB 20 11.39 36.23 -25.87
C UNK FB 20 10.25 35.52 -26.65
N UNK FB 21 9.20 36.30 -27.04
CA UNK FB 21 7.97 35.97 -27.77
C UNK FB 21 6.73 35.47 -26.97
N UNK FB 22 6.55 34.17 -26.61
CA UNK FB 22 7.36 32.98 -26.89
C UNK FB 22 6.48 31.98 -27.65
N UNK FB 23 6.12 32.34 -28.89
CA UNK FB 23 5.25 31.56 -29.77
C UNK FB 23 5.85 30.28 -30.39
N UNK FB 24 6.99 29.79 -29.84
CA UNK FB 24 7.67 28.57 -30.33
C UNK FB 24 8.40 27.75 -29.26
N UNK FB 25 8.84 28.39 -28.14
CA UNK FB 25 9.55 27.73 -27.04
C UNK FB 25 8.60 27.40 -25.88
N UNK FB 26 7.58 28.26 -25.65
CA UNK FB 26 6.54 28.04 -24.64
C UNK FB 26 5.43 27.23 -25.28
N UNK FB 27 5.14 27.50 -26.57
CA UNK FB 27 4.16 26.80 -27.40
C UNK FB 27 4.67 25.42 -27.84
N UNK FB 28 5.88 25.05 -27.37
CA UNK FB 28 6.59 23.77 -27.56
C UNK FB 28 7.68 23.64 -26.47
N UNK FB 29 7.24 23.36 -25.23
CA UNK FB 29 8.12 23.26 -24.07
C UNK FB 29 8.55 21.85 -23.63
N UNK FB 30 7.69 21.12 -22.88
CA UNK FB 30 7.95 19.79 -22.32
C UNK FB 30 8.07 18.59 -23.28
N UNK FB 31 8.93 18.73 -24.31
CA UNK FB 31 9.24 17.68 -25.28
C UNK FB 31 10.33 16.75 -24.69
N UNK FB 32 10.96 17.20 -23.59
CA UNK FB 32 12.00 16.52 -22.84
C UNK FB 32 11.48 15.22 -22.25
N UNK FB 33 10.52 15.29 -21.32
CA UNK FB 33 9.92 14.11 -20.67
C UNK FB 33 9.17 13.22 -21.67
N UNK FB 34 8.64 13.82 -22.75
CA UNK FB 34 7.94 13.10 -23.82
C UNK FB 34 8.94 12.12 -24.47
N UNK FB 35 10.14 12.63 -24.85
CA UNK FB 35 11.22 11.87 -25.46
C UNK FB 35 11.94 10.93 -24.47
N UNK FB 36 11.95 11.30 -23.17
CA UNK FB 36 12.58 10.53 -22.09
C UNK FB 36 11.64 9.48 -21.45
N UNK FB 37 11.34 9.58 -20.12
CA UNK FB 37 10.51 8.63 -19.36
C UNK FB 37 9.02 8.56 -19.76
N UNK FB 38 8.54 7.44 -20.35
CA UNK FB 38 9.29 6.22 -20.69
C UNK FB 38 8.65 5.58 -21.93
N UNK FB 39 9.39 5.55 -23.05
CA UNK FB 39 8.92 4.97 -24.32
C UNK FB 39 10.10 4.57 -25.21
N UNK FB 40 10.39 5.35 -26.26
CA UNK FB 40 11.49 5.09 -27.18
C UNK FB 40 12.77 5.79 -26.70
N UNK GB 1 20.32 37.35 -51.67
CA UNK GB 1 19.80 36.31 -50.80
C UNK GB 1 18.30 36.46 -50.57
N UNK GB 2 17.85 37.63 -50.08
CA UNK GB 2 16.43 37.93 -49.83
C UNK GB 2 15.68 38.16 -51.16
N UNK GB 3 16.16 39.12 -51.99
CA UNK GB 3 15.58 39.46 -53.29
C UNK GB 3 15.97 38.46 -54.41
N UNK GB 4 16.57 37.32 -54.02
CA UNK GB 4 16.99 36.22 -54.88
C UNK GB 4 15.88 35.17 -55.00
N UNK GB 5 14.98 35.15 -54.00
CA UNK GB 5 13.84 34.24 -53.90
C UNK GB 5 12.84 34.39 -55.06
N UNK GB 6 12.69 35.62 -55.60
CA UNK GB 6 11.76 35.97 -56.68
C UNK GB 6 12.03 35.32 -58.04
N UNK GB 7 13.22 34.71 -58.24
CA UNK GB 7 13.65 34.07 -59.49
C UNK GB 7 12.71 32.95 -59.97
N UNK GB 8 12.43 31.96 -59.08
CA UNK GB 8 11.55 30.81 -59.35
C UNK GB 8 10.25 30.91 -58.57
N UNK HB 1 3.03 41.39 -57.57
CA UNK HB 1 2.11 40.26 -57.52
C UNK HB 1 2.82 38.89 -57.53
N UNK HB 2 4.00 38.80 -58.22
CA UNK HB 2 4.82 37.59 -58.36
C UNK HB 2 5.38 37.08 -57.02
N UNK HB 3 6.49 37.68 -56.51
CA UNK HB 3 7.15 37.34 -55.23
C UNK HB 3 6.21 37.40 -54.03
N UNK HB 4 5.04 38.05 -54.21
CA UNK HB 4 3.97 38.22 -53.24
C UNK HB 4 3.38 36.89 -52.74
N UNK HB 5 3.46 35.83 -53.57
CA UNK HB 5 2.98 34.50 -53.21
C UNK HB 5 3.87 33.82 -52.12
N UNK HB 6 5.06 34.40 -51.82
CA UNK HB 6 6.02 33.94 -50.78
C UNK HB 6 6.84 35.13 -50.18
N UNK HB 7 8.16 35.22 -50.47
CA UNK HB 7 9.11 36.26 -50.02
C UNK HB 7 9.33 36.45 -48.50
N UNK HB 8 8.26 36.33 -47.70
CA UNK HB 8 8.30 36.53 -46.24
C UNK HB 8 8.55 35.23 -45.44
N UNK HB 9 8.37 34.04 -46.09
CA UNK HB 9 8.56 32.72 -45.46
C UNK HB 9 9.98 32.51 -44.95
N UNK HB 10 10.95 33.15 -45.60
CA UNK HB 10 12.36 33.09 -45.25
C UNK HB 10 12.67 33.95 -44.02
N UNK HB 11 11.89 35.03 -43.78
CA UNK HB 11 12.07 35.95 -42.65
C UNK HB 11 11.97 35.31 -41.25
N UNK HB 12 11.36 34.11 -41.15
CA UNK HB 12 11.21 33.35 -39.90
C UNK HB 12 12.53 32.72 -39.41
N UNK HB 13 13.62 32.83 -40.20
CA UNK HB 13 14.94 32.31 -39.83
C UNK HB 13 15.56 33.21 -38.75
N UNK HB 14 15.31 34.55 -38.84
CA UNK HB 14 15.83 35.55 -37.90
C UNK HB 14 15.13 35.57 -36.53
N UNK HB 15 13.87 36.09 -36.48
CA UNK HB 15 13.06 36.22 -35.26
C UNK HB 15 12.67 34.89 -34.57
N UNK HB 16 12.02 33.97 -35.33
CA UNK HB 16 11.54 32.67 -34.85
C UNK HB 16 12.64 31.60 -34.85
N UNK HB 17 12.27 30.33 -34.56
CA UNK HB 17 13.19 29.21 -34.51
C UNK HB 17 12.67 27.98 -35.28
N UNK HB 18 12.59 26.79 -34.62
CA UNK HB 18 12.18 25.51 -35.19
C UNK HB 18 10.71 25.45 -35.65
N UNK IB 1 -24.67 32.52 -30.71
CA UNK IB 1 -23.64 32.93 -29.76
C UNK IB 1 -24.12 32.72 -28.31
N UNK IB 2 -23.27 32.07 -27.46
CA UNK IB 2 -23.49 31.71 -26.03
C UNK IB 2 -24.63 30.71 -25.80
N UNK IB 3 -25.82 30.99 -26.37
CA UNK IB 3 -27.00 30.14 -26.37
C UNK IB 3 -26.96 29.23 -27.62
N UNK IB 4 -25.77 29.16 -28.26
CA UNK IB 4 -25.47 28.37 -29.46
C UNK IB 4 -25.49 26.88 -29.13
N UNK IB 5 -24.76 26.48 -28.06
CA UNK IB 5 -24.69 25.10 -27.57
C UNK IB 5 -26.00 24.73 -26.89
N UNK IB 6 -26.63 25.73 -26.23
CA UNK IB 6 -27.91 25.61 -25.55
C UNK IB 6 -29.03 25.36 -26.56
N UNK IB 7 -28.86 25.83 -27.82
CA UNK IB 7 -29.83 25.64 -28.91
C UNK IB 7 -29.94 24.14 -29.29
N UNK IB 8 -28.79 23.49 -29.57
CA UNK IB 8 -28.73 22.06 -29.93
C UNK IB 8 -28.45 21.16 -28.71
N UNK IB 9 -28.70 21.68 -27.48
CA UNK IB 9 -28.52 20.93 -26.23
C UNK IB 9 -29.62 19.88 -26.07
N UNK IB 10 -30.88 20.34 -25.91
CA UNK IB 10 -32.05 19.48 -25.80
C UNK IB 10 -32.35 18.79 -27.14
N UNK IB 11 -31.94 19.41 -28.29
CA UNK IB 11 -32.10 18.90 -29.68
C UNK IB 11 -31.23 17.67 -29.93
N UNK IB 12 -30.00 17.66 -29.39
CA UNK IB 12 -29.09 16.53 -29.47
C UNK IB 12 -29.68 15.45 -28.59
N UNK IB 13 -30.28 15.87 -27.45
CA UNK IB 13 -30.96 14.98 -26.51
C UNK IB 13 -32.25 14.47 -27.14
N UNK IB 14 -32.91 15.31 -27.95
CA UNK IB 14 -34.13 14.95 -28.67
C UNK IB 14 -33.77 13.95 -29.76
N UNK IB 15 -32.63 14.19 -30.48
CA UNK IB 15 -32.11 13.31 -31.52
C UNK IB 15 -31.82 11.89 -30.96
N UNK IB 16 -31.46 11.78 -29.66
CA UNK IB 16 -31.22 10.51 -28.98
C UNK IB 16 -32.56 9.76 -28.82
N UNK IB 17 -33.64 10.50 -28.50
CA UNK IB 17 -34.98 9.95 -28.33
C UNK IB 17 -35.64 9.74 -29.69
N UNK IB 18 -35.38 10.64 -30.66
CA UNK IB 18 -35.91 10.61 -32.03
C UNK IB 18 -35.30 9.46 -32.88
N UNK IB 19 -34.76 8.43 -32.20
CA UNK IB 19 -34.18 7.24 -32.81
C UNK IB 19 -34.99 6.00 -32.40
N UNK IB 20 -35.31 5.86 -31.11
CA UNK IB 20 -36.08 4.72 -30.59
C UNK IB 20 -37.56 5.07 -30.51
N UNK JB 1 -28.00 3.27 -20.69
CA UNK JB 1 -28.95 2.20 -20.96
C UNK JB 1 -28.29 0.99 -21.67
N UNK JB 2 -28.15 -0.15 -20.95
CA UNK JB 2 -27.58 -1.41 -21.44
C UNK JB 2 -28.52 -2.03 -22.47
N UNK JB 3 -29.83 -1.91 -22.22
CA UNK JB 3 -30.93 -2.33 -23.09
C UNK JB 3 -31.48 -1.01 -23.75
N UNK JB 4 -32.78 -0.95 -24.12
CA UNK JB 4 -33.35 0.25 -24.74
C UNK JB 4 -34.84 0.51 -24.44
N UNK JB 5 -35.74 -0.36 -24.97
CA UNK JB 5 -37.21 -0.32 -24.91
C UNK JB 5 -37.88 -0.05 -23.55
N UNK JB 6 -39.20 0.31 -23.59
CA UNK JB 6 -40.14 0.68 -22.50
C UNK JB 6 -39.91 2.11 -22.01
N UNK JB 7 -38.73 2.66 -22.35
CA UNK JB 7 -38.30 4.02 -22.07
C UNK JB 7 -38.80 4.95 -23.17
N UNK JB 8 -39.21 4.38 -24.32
CA UNK JB 8 -39.75 5.08 -25.50
C UNK JB 8 -41.30 5.22 -25.47
N UNK JB 9 -41.99 4.15 -24.96
CA UNK JB 9 -43.46 4.10 -24.78
C UNK JB 9 -43.83 5.15 -23.73
N UNK JB 10 -42.92 5.37 -22.77
CA UNK JB 10 -42.98 6.36 -21.71
C UNK JB 10 -42.42 7.68 -22.25
N UNK JB 11 -41.44 7.61 -23.19
CA UNK JB 11 -40.79 8.78 -23.81
C UNK JB 11 -41.71 9.69 -24.61
N UNK JB 12 -43.03 9.42 -24.58
CA UNK JB 12 -44.04 10.28 -25.19
C UNK JB 12 -43.95 11.62 -24.42
N UNK JB 13 -43.66 11.53 -23.11
CA UNK JB 13 -43.44 12.63 -22.17
C UNK JB 13 -42.02 13.22 -22.33
N UNK JB 14 -41.03 12.41 -22.78
CA UNK JB 14 -39.65 12.83 -22.99
C UNK JB 14 -39.49 13.56 -24.33
N UNK JB 15 -40.43 13.29 -25.26
CA UNK JB 15 -40.50 13.96 -26.55
C UNK JB 15 -41.04 15.38 -26.29
N UNK JB 16 -41.58 15.60 -25.07
CA UNK JB 16 -42.13 16.85 -24.57
C UNK JB 16 -41.53 17.26 -23.20
N UNK JB 17 -40.35 16.72 -22.84
CA UNK JB 17 -39.63 17.02 -21.59
C UNK JB 17 -39.27 18.50 -21.48
N UNK JB 18 -38.99 19.13 -22.65
CA UNK JB 18 -38.67 20.54 -22.89
C UNK JB 18 -38.85 20.82 -24.39
N UNK JB 19 -38.71 19.76 -25.21
CA UNK JB 19 -38.85 19.77 -26.67
C UNK JB 19 -40.30 19.99 -27.09
N UNK KB 1 -37.04 29.12 -20.77
CA UNK KB 1 -35.83 28.30 -20.95
C UNK KB 1 -35.85 27.57 -22.31
N UNK KB 2 -36.94 26.82 -22.60
CA UNK KB 2 -37.12 26.07 -23.84
C UNK KB 2 -38.07 26.86 -24.79
N UNK KB 3 -37.94 28.21 -24.77
CA UNK KB 3 -38.68 29.21 -25.55
C UNK KB 3 -37.99 30.59 -25.47
N UNK KB 4 -37.63 31.01 -24.25
CA UNK KB 4 -36.98 32.30 -23.94
C UNK KB 4 -35.55 32.37 -24.48
N UNK KB 5 -34.88 31.22 -24.63
CA UNK KB 5 -33.51 31.12 -25.13
C UNK KB 5 -33.47 31.42 -26.63
N UNK KB 6 -34.37 30.78 -27.39
CA UNK KB 6 -34.49 30.97 -28.83
C UNK KB 6 -35.67 31.93 -29.12
N UNK KB 7 -35.63 33.12 -28.48
CA UNK KB 7 -36.67 34.16 -28.61
C UNK KB 7 -36.19 35.44 -29.33
N UNK KB 8 -34.91 35.47 -29.78
CA UNK KB 8 -34.34 36.63 -30.48
C UNK KB 8 -33.47 36.23 -31.69
N UNK KB 9 -32.38 35.46 -31.46
CA UNK KB 9 -31.41 35.01 -32.46
C UNK KB 9 -31.98 34.01 -33.48
N UNK LB 1 -50.95 10.65 -26.72
CA UNK LB 1 -51.50 11.43 -27.84
C UNK LB 1 -50.41 12.22 -28.62
N UNK LB 2 -50.82 12.90 -29.73
CA UNK LB 2 -50.00 13.73 -30.64
C UNK LB 2 -48.68 13.10 -31.09
N UNK LB 3 -48.77 12.13 -32.01
CA UNK LB 3 -47.61 11.42 -32.54
C UNK LB 3 -46.79 12.30 -33.52
N UNK LB 4 -47.10 12.26 -34.85
CA UNK LB 4 -46.42 13.04 -35.90
C UNK LB 4 -46.54 14.56 -35.68
N UNK LB 5 -47.53 14.97 -34.86
CA UNK LB 5 -47.81 16.34 -34.45
C UNK LB 5 -46.62 16.90 -33.68
N UNK LB 6 -45.83 16.02 -33.04
CA UNK LB 6 -44.63 16.36 -32.30
C UNK LB 6 -43.35 16.06 -33.12
N UNK LB 7 -43.53 15.42 -34.30
CA UNK LB 7 -42.44 15.08 -35.19
C UNK LB 7 -42.18 16.20 -36.21
N UNK LB 8 -43.22 16.66 -36.94
CA UNK LB 8 -43.11 17.72 -37.96
C UNK LB 8 -42.95 19.13 -37.38
N UNK LB 9 -43.49 19.33 -36.16
CA UNK LB 9 -43.42 20.61 -35.41
C UNK LB 9 -42.06 20.81 -34.78
N UNK LB 10 -41.36 19.71 -34.44
CA UNK LB 10 -40.01 19.73 -33.84
C UNK LB 10 -39.00 20.44 -34.76
N UNK LB 11 -39.29 20.46 -36.08
CA UNK LB 11 -38.49 21.11 -37.12
C UNK LB 11 -38.53 22.62 -36.92
N UNK LB 12 -39.72 23.14 -36.54
CA UNK LB 12 -39.93 24.56 -36.23
C UNK LB 12 -39.24 24.88 -34.89
N UNK LB 13 -39.13 23.87 -34.00
CA UNK LB 13 -38.44 24.02 -32.72
C UNK LB 13 -36.91 23.92 -32.94
N UNK LB 14 -36.47 23.41 -34.12
CA UNK LB 14 -35.06 23.24 -34.48
C UNK LB 14 -34.52 24.30 -35.49
N UNK LB 15 -35.00 24.27 -36.76
CA UNK LB 15 -34.54 25.19 -37.81
C UNK LB 15 -35.13 26.60 -37.70
N UNK LB 16 -36.42 26.74 -37.32
CA UNK LB 16 -37.07 28.04 -37.15
C UNK LB 16 -36.52 28.76 -35.91
N UNK LB 17 -35.98 27.97 -34.95
CA UNK LB 17 -35.31 28.48 -33.75
C UNK LB 17 -34.02 29.20 -34.17
N UNK LB 18 -33.44 28.77 -35.32
CA UNK LB 18 -32.26 29.35 -35.93
C UNK LB 18 -32.70 30.38 -36.97
N UNK LB 19 -33.31 31.47 -36.48
CA UNK LB 19 -33.79 32.57 -37.30
C UNK LB 19 -32.70 33.63 -37.48
N UNK MB 1 -20.23 43.89 -41.39
CA UNK MB 1 -20.92 43.27 -40.26
C UNK MB 1 -22.25 43.97 -39.92
N UNK MB 2 -22.32 45.32 -40.14
CA UNK MB 2 -23.50 46.15 -39.87
C UNK MB 2 -24.62 45.86 -40.87
N UNK MB 3 -24.25 45.64 -42.16
CA UNK MB 3 -25.17 45.31 -43.25
C UNK MB 3 -25.66 43.85 -43.17
N UNK MB 4 -24.91 42.99 -42.46
CA UNK MB 4 -25.21 41.55 -42.24
C UNK MB 4 -26.14 41.34 -41.05
N UNK MB 5 -26.03 42.20 -40.01
CA UNK MB 5 -26.86 42.16 -38.81
C UNK MB 5 -28.30 42.63 -39.12
N UNK MB 6 -28.47 43.53 -40.13
CA UNK MB 6 -29.75 44.07 -40.59
C UNK MB 6 -30.28 43.37 -41.85
N UNK MB 7 -29.46 42.47 -42.45
CA UNK MB 7 -29.74 41.66 -43.66
C UNK MB 7 -31.08 40.92 -43.65
N UNK MB 8 -31.53 40.44 -42.47
CA UNK MB 8 -32.80 39.74 -42.31
C UNK MB 8 -33.96 40.74 -42.33
N UNK MB 9 -34.71 40.77 -43.46
CA UNK MB 9 -35.84 41.68 -43.70
C UNK MB 9 -36.80 41.18 -44.80
N UNK MB 10 -36.68 41.74 -46.04
CA UNK MB 10 -37.49 41.50 -47.24
C UNK MB 10 -37.68 40.04 -47.69
N UNK MB 11 -36.59 39.22 -47.69
CA UNK MB 11 -36.60 37.81 -48.12
C UNK MB 11 -37.45 36.94 -47.19
N UNK MB 12 -37.14 36.98 -45.87
CA UNK MB 12 -37.88 36.25 -44.84
C UNK MB 12 -39.29 36.83 -44.66
N UNK MB 13 -39.52 38.09 -45.09
CA UNK MB 13 -40.81 38.79 -45.01
C UNK MB 13 -41.90 38.16 -45.90
N UNK MB 14 -41.54 37.19 -46.78
CA UNK MB 14 -42.47 36.49 -47.67
C UNK MB 14 -41.99 35.07 -48.00
N UNK MB 15 -40.70 34.93 -48.35
CA UNK MB 15 -40.09 33.65 -48.69
C UNK MB 15 -39.12 33.19 -47.59
N UNK MB 16 -39.69 32.78 -46.44
CA UNK MB 16 -38.96 32.28 -45.28
C UNK MB 16 -38.98 30.76 -45.26
N UNK MB 17 -40.13 30.15 -45.62
CA UNK MB 17 -40.35 28.69 -45.64
C UNK MB 17 -39.39 27.95 -46.61
N UNK MB 18 -38.16 27.61 -46.10
CA UNK MB 18 -37.11 26.92 -46.83
C UNK MB 18 -37.25 25.40 -46.77
N UNK NB 1 -17.96 38.04 -46.36
CA UNK NB 1 -18.05 37.00 -47.38
C UNK NB 1 -19.20 36.01 -47.11
N UNK NB 2 -19.52 35.80 -45.81
CA UNK NB 2 -20.59 34.89 -45.35
C UNK NB 2 -22.00 35.44 -45.66
N UNK NB 3 -22.10 36.78 -45.86
CA UNK NB 3 -23.32 37.50 -46.19
C UNK NB 3 -23.04 38.57 -47.25
N UNK NB 4 -21.77 39.02 -47.37
CA UNK NB 4 -21.32 40.03 -48.33
C UNK NB 4 -21.48 39.56 -49.79
N UNK NB 5 -21.27 38.25 -50.04
CA UNK NB 5 -21.39 37.59 -51.35
C UNK NB 5 -22.65 36.71 -51.42
N UNK NB 6 -23.21 36.35 -50.25
CA UNK NB 6 -24.41 35.52 -50.12
C UNK NB 6 -25.73 36.34 -50.17
N UNK NB 7 -25.62 37.68 -50.27
CA UNK NB 7 -26.75 38.61 -50.33
C UNK NB 7 -27.73 38.33 -51.48
N UNK NB 8 -27.21 37.88 -52.66
CA UNK NB 8 -27.86 37.55 -53.94
C UNK NB 8 -29.41 37.36 -54.03
N UNK NB 9 -30.05 36.95 -52.91
CA UNK NB 9 -31.49 36.76 -52.80
C UNK NB 9 -32.21 38.09 -52.54
N UNK NB 10 -32.10 39.04 -53.50
CA UNK NB 10 -32.71 40.37 -53.45
C UNK NB 10 -33.60 40.60 -54.68
N UNK NB 11 -33.14 40.13 -55.86
CA UNK NB 11 -33.84 40.25 -57.14
C UNK NB 11 -33.75 38.93 -57.93
N UNK NB 12 -32.62 38.21 -57.80
CA UNK NB 12 -32.35 36.92 -58.45
C UNK NB 12 -33.29 35.83 -57.91
N UNK NB 13 -33.61 35.89 -56.60
CA UNK NB 13 -34.54 34.99 -55.93
C UNK NB 13 -35.97 35.40 -56.31
N UNK NB 14 -36.14 36.70 -56.64
CA UNK NB 14 -37.40 37.33 -57.05
C UNK NB 14 -37.64 37.23 -58.59
N UNK NB 15 -37.00 36.24 -59.24
CA UNK NB 15 -37.11 35.97 -60.67
C UNK NB 15 -36.93 34.48 -61.02
N UNK NB 16 -36.05 33.76 -60.28
CA UNK NB 16 -35.76 32.34 -60.50
C UNK NB 16 -36.96 31.46 -60.16
N UNK OB 1 -31.03 47.96 -65.62
CA UNK OB 1 -31.48 48.33 -64.27
C UNK OB 1 -30.88 47.42 -63.18
N UNK OB 2 -29.69 46.84 -63.45
CA UNK OB 2 -29.00 45.92 -62.54
C UNK OB 2 -27.66 46.42 -61.99
N UNK OB 3 -27.04 47.44 -62.64
CA UNK OB 3 -25.74 48.02 -62.27
C UNK OB 3 -25.64 48.65 -60.85
N UNK OB 4 -26.65 48.42 -59.99
CA UNK OB 4 -26.70 48.91 -58.61
C UNK OB 4 -26.34 47.82 -57.56
N UNK OB 5 -25.76 46.67 -58.01
CA UNK OB 5 -25.31 45.55 -57.17
C UNK OB 5 -23.96 45.85 -56.48
N UNK OB 6 -23.18 46.81 -57.04
CA UNK OB 6 -21.89 47.30 -56.51
C UNK OB 6 -22.12 48.10 -55.21
N UNK OB 7 -23.27 48.80 -55.12
CA UNK OB 7 -23.73 49.60 -53.98
C UNK OB 7 -24.32 48.66 -52.92
N UNK OB 8 -24.57 47.39 -53.31
CA UNK OB 8 -25.06 46.31 -52.46
C UNK OB 8 -23.85 45.48 -52.01
N UNK OB 9 -22.87 45.26 -52.92
CA UNK OB 9 -21.65 44.52 -52.63
C UNK OB 9 -20.45 45.47 -52.57
FE1 FES PB . 2.25 32.04 -87.18
FE2 FES PB . 0.91 34.42 -85.64
S1 FES PB . 0.19 32.73 -86.81
S2 FES PB . 2.96 33.74 -85.99
FE1 SF4 QB . 8.84 17.37 -81.11
FE2 SF4 QB . 10.97 16.13 -81.61
FE3 SF4 QB . 8.76 14.93 -81.78
FE4 SF4 QB . 8.60 16.73 -83.53
S1 SF4 QB . 10.11 15.28 -83.34
S2 SF4 QB . 7.21 16.36 -81.99
S3 SF4 QB . 10.19 17.81 -82.63
S4 SF4 QB . 9.63 15.74 -80.04
FE1 SF4 RB . 13.48 27.23 -89.38
FE2 SF4 RB . 11.02 27.07 -88.81
FE3 SF4 RB . 12.08 25.28 -90.20
FE4 SF4 RB . 13.33 25.14 -87.99
S1 SF4 RB . 11.23 25.02 -88.31
S2 SF4 RB . 14.16 25.30 -89.92
S3 SF4 RB . 12.65 27.09 -87.46
S4 SF4 RB . 11.86 27.31 -90.73
FE1 SF4 SB . -0.92 30.34 -100.80
FE2 SF4 SB . -1.01 27.85 -100.46
FE3 SF4 SB . -0.35 29.34 -98.55
FE4 SF4 SB . 1.47 29.73 -100.23
S1 SF4 SB . 0.85 27.86 -99.44
S2 SF4 SB . 0.29 31.21 -99.30
S3 SF4 SB . 0.27 28.90 -101.77
S4 SF4 SB . -2.22 29.29 -99.52
FE1 FES TB . -6.44 23.82 -120.55
FE2 FES TB . -4.56 21.54 -121.44
S1 FES TB . -4.63 23.70 -121.80
S2 FES TB . -6.37 21.67 -120.20
FE1 SF4 UB . 11.04 1.44 -62.18
FE2 SF4 UB . 12.08 -0.82 -61.76
FE3 SF4 UB . 11.15 -0.27 -64.04
FE4 SF4 UB . 9.15 -0.20 -62.51
S1 SF4 UB . 10.50 -1.81 -62.78
S2 SF4 UB . 9.74 1.30 -63.85
S3 SF4 UB . 10.39 0.01 -60.80
S4 SF4 UB . 12.78 0.66 -63.08
FE1 SF4 VB . 13.33 2.22 -73.99
FE2 SF4 VB . 15.84 2.29 -74.28
FE3 SF4 VB . 14.76 3.53 -72.35
FE4 SF4 VB . 13.83 4.65 -74.39
S1 SF4 VB . 15.88 4.38 -73.91
S2 SF4 VB . 12.73 3.86 -72.79
S3 SF4 VB . 14.37 3.01 -75.63
S4 SF4 VB . 14.77 1.44 -72.68
FE1 SF4 WB . 9.20 -3.13 -49.54
FE2 SF4 WB . 8.91 -5.59 -49.10
FE3 SF4 WB . 6.89 -4.16 -49.65
FE4 SF4 WB . 8.32 -4.02 -51.72
S1 SF4 WB . 7.61 -5.77 -50.77
S2 SF4 WB . 7.53 -2.41 -50.61
S3 SF4 WB . 10.02 -4.68 -50.66
S4 SF4 WB . 8.14 -3.99 -47.96
#